data_6DRC
#
_entry.id   6DRC
#
_cell.length_a   1
_cell.length_b   1
_cell.length_c   1
_cell.angle_alpha   90
_cell.angle_beta   90
_cell.angle_gamma   90
#
_symmetry.space_group_name_H-M   'P 1'
#
loop_
_entity.id
_entity.type
_entity.pdbx_description
1 polymer 'Inositol 1,4,5-trisphosphate receptor type 3'
2 non-polymer 'ZINC ION'
3 non-polymer D-MYO-INOSITOL-1,4,5-TRIPHOSPHATE
4 non-polymer 'CALCIUM ION'
#
_entity_poly.entity_id   1
_entity_poly.type   'polypeptide(L)'
_entity_poly.pdbx_seq_one_letter_code
;MSEMSSFLHIGDIVSLYAEGSVNGFISTLGLVDDRCVVEPAAGDLDNPPKKFRDCLFKVCPMNRYSAQKQYWKAKQTKQD
KEKIADVVLLQKLQHAAQMEQKQNDTENKKVHGDVVKYGSVIQLLHMKSNKYLTVNKRLPALLEKNAMRVTLDATGNEGS
WLFIQPFWKLRSNGDNVVVGDKVILNPVNAGQPLHASNYELSDNAGCKEVNSVNCNTSWKINLFMQFRDHLEEVLKGGDV
VRLFHAEQEKFLTCDEYKGKLQVFLRTTLRQSATSATSSNALWEVEVVHHDPCRGGAGHWNGLYRFKHLATGNYLAAEEN
PSYKGDASDPKAAGMGAQGRTGRRNAGEKIKYCLVAVPHGNDIASLFELDPTTLQKTDSFVPRNSYVRLRHLCTNTWIQS
TNVPIDIEEERPIRLMLGTCPTKEDKEAFAIVSVPVSEIRDLDFANDASSMLASAVEKLNEGFISQNDRRFVIQLLEDLV
FFVSDVPNNGQNVLDIMVTKPNRERQKLMREQNILKQVFGILKAPFREKGGEGPLVRLEELSDQKNAPYQHMFRLCYRVL
RHSQEDYRKNQEHIAKQFGMMQSQIGYDILAEDTITALLHNNRKLLEKHITKTEVETFVSLVRKNREPRFLDYLSDLCVS
NHIAIPVTQELICKCVLDPKNSDILIRTELRPVKEMAQSHEYLSIEYSEEEVWLTWTDKNNEHHEKSVRQLAQEARAGNA
HDENVLSYYRYQLKLFARMCLDRQYLAIDEISQQLGVDLIFLCMADEMLPFDLRASFCHLMLHVHVDRDPQELVTPVKFA
RLWTEIPTAITIKDYDSNLNASRDDKKNKFANTMEFVEDYLNNVVSEAVPFANEEKNKLTFEVVSLAHNLIYFGFYSFSE
LLRLTRTLLGIIDCVQGPPAMLQAYEDPGGKNVRRSIQGVGHMMSTMVLSRKQSVFSAPSLSAGASAAEPLDRSKFEENE
DIVVMETKLKILEILQFILNVRLDYRISYLLSVFKKEFVEVFPMQDSGADGTAPAFDSTTANMNLDRIGEQAEAMFGVGK
TSSMLEVDDEGGRMFLRVLIHLTMHDYAPLVSGALQLLFKHFSQRQEAMHTFKQVQLLISAQDVENYKVIKSELDRLRTM
VEKSELWVDKKGSGKGEEVEAGAAKDKKERPTDEEGFLHPPGEKSSENYQIVKGILERLNKMCGVGEQMRKKQQRLLKNM
DAHKVMLDLLQIPYDKGDAKMMEILRYTHQFLQKFCAGNPGNQALLHKHLHLFLTPGLLEAETMQHIFLNNYQLCSEISE
PVLQHFVHLLATHGRHVQYLDFLHTVIKAEGKYVKKCQDMIMTELTNAGDDVVVFYNDKASLAHLLDMMKAARDGVEDHS
PLMYHISLVDLLAACAEGKNVYTEIKCTSLLPLEDVVSVVTHEDCITEVKMAYVNFVNHCYVDTEVEMKEIYTSNHIWTL
FENFTLDMARVCSKREKRVADPTLEKYVLSVVLDTINAFFSSPFSENSTSLQTHQTIVVQLLQSTTRLLECPWLQQQHKG
SVEACIRTLAMVAKGRAILLPMDLDAHISSMLSSGASCAAAAQRNASSYKATTRAFPRVTPTANQWDYKNIIEKLQDIIT
ALEERLKPLVQAELSVLVDVLHWPELLFLEGSEAYQRCESGGFLSKLIQHTKDLMESEEKLCIKVLRTLQQMLLKKTKYG
DRGNQLRKMLLQNYLQNRKSTSRGDLPDPIGTGLDPDWSAIAATQCRLDKEGATKLVCDLITSTKNEKIFQESIGLAIHL
LDGGNTEIQKSFHNLMMSDKKSERFFKVLHDRMKRAQQETKSTVAVNMNDLGSQPHEDREPVDPTTKGRVASFSIPGSSS
RYSLGPSLRRGHEVSERVQSSEMGTSVLIMQPILRFLQLLCENHNRDLQNFLRCQNNKTNYNLVCETLQFLDIMCGSTTG
GLGLLGLYINEDNVGLVIQTLETLTEYCQGPCHENQTCIVTHESNGIDIITALILNDISPLCKYRMDLVLQLKDNASKLL
LALMESRHDSENAERILISLRPQELVDVIKKAYLQEEERENSEVSPREVGHNIYILALQLSRHNKQLQHLLKPVKRIQEE
EAEGISSMLSLNNKQLSQMLKSSAPAQEEEEDPLAYYENHTSQIEIVRQDRSMEQIVFPVPGICQFLTEETKHRLFTTTE
QDEQGSKVSDFFDQSSFLHNEMEWQRKLRSMPLIYWFSRRMTLWGSISFNLAVFINIIIAFFYPYMEGASTGVLDSPLIS
LLFWILICFSIAALFTKRYSIRPLIVALILRSIYYLGIGPTLNILGALNLTNKIVFVVSFVGNRGTFIRGYKAMVMDMEF
LYHVGYILTSVLGLFAHELFYSILLFDLIYREETLFNVIKSVTRNGRSILLTALLALILVYLFSIVGFLFLKDDFILEVD
RLPNNHSTASPLGMPHGAAAFVDTCSGDKMDCVSGLSVPEVLEEDRELDSTERACDTLLMCIVTVMNHGLRNGGGVGDIL
RKPSKDESLFPARVVYDLLFFFIVIIIVLNLIFGVIIDTFADLRSEKQKKEEILKTTCFICGLERDKFDNKTVSFEEHIK
LEHNMWNYLYFIVLVRVKNKTDYTGPESYVAQMIKNKNLDWFPRMRAMSLVSNEGEGEQNEIRILQDKLNSTMKLVSHLT
AQLNELKEQMTEQRKRRQRLGFVDVQNCISR
;
_entity_poly.pdbx_strand_id   A,B,C,D
#
loop_
_chem_comp.id
_chem_comp.type
_chem_comp.name
_chem_comp.formula
CA non-polymer 'CALCIUM ION' 'Ca 2'
I3P non-polymer D-MYO-INOSITOL-1,4,5-TRIPHOSPHATE 'C6 H15 O15 P3'
ZN non-polymer 'ZINC ION' 'Zn 2'
#
# COMPACT_ATOMS: atom_id res chain seq x y z
N SER A 5 40.07 -33.81 11.85
CA SER A 5 41.24 -33.25 11.20
C SER A 5 40.99 -31.80 10.79
N SER A 6 42.06 -31.12 10.38
CA SER A 6 41.97 -29.72 9.99
C SER A 6 43.15 -29.39 9.09
N PHE A 7 42.95 -28.40 8.21
CA PHE A 7 43.98 -27.99 7.27
C PHE A 7 45.00 -27.10 7.98
N LEU A 8 46.27 -27.27 7.61
CA LEU A 8 47.32 -26.40 8.11
C LEU A 8 47.30 -25.08 7.35
N HIS A 9 47.70 -24.01 8.04
CA HIS A 9 47.74 -22.68 7.48
C HIS A 9 48.98 -21.96 7.97
N ILE A 10 49.33 -20.88 7.26
CA ILE A 10 50.49 -20.08 7.63
C ILE A 10 50.27 -19.45 9.00
N GLY A 11 51.33 -19.41 9.81
CA GLY A 11 51.27 -18.83 11.13
C GLY A 11 50.88 -19.78 12.23
N ASP A 12 50.31 -20.94 11.90
CA ASP A 12 49.90 -21.89 12.92
C ASP A 12 51.11 -22.50 13.62
N ILE A 13 51.01 -22.63 14.93
CA ILE A 13 52.04 -23.26 15.75
C ILE A 13 51.69 -24.74 15.91
N VAL A 14 52.69 -25.60 15.79
CA VAL A 14 52.51 -27.05 15.82
C VAL A 14 53.66 -27.65 16.64
N SER A 15 53.60 -28.97 16.81
CA SER A 15 54.61 -29.72 17.56
C SER A 15 55.06 -30.90 16.70
N LEU A 16 56.19 -30.75 16.03
CA LEU A 16 56.70 -31.81 15.17
C LEU A 16 57.15 -33.00 16.00
N TYR A 17 56.89 -34.20 15.48
CA TYR A 17 57.19 -35.45 16.17
C TYR A 17 57.82 -36.43 15.19
N ALA A 18 59.05 -36.85 15.48
CA ALA A 18 59.75 -37.80 14.64
C ALA A 18 59.32 -39.23 14.94
N GLU A 19 59.40 -40.09 13.92
CA GLU A 19 59.15 -41.51 14.09
C GLU A 19 60.06 -42.29 13.15
N GLY A 20 60.61 -43.39 13.65
CA GLY A 20 61.57 -44.18 12.91
C GLY A 20 62.53 -44.89 13.84
N SER A 21 63.83 -44.69 13.62
CA SER A 21 64.83 -45.21 14.55
C SER A 21 64.72 -44.55 15.91
N VAL A 22 64.21 -43.31 15.97
CA VAL A 22 64.16 -42.52 17.19
C VAL A 22 62.78 -41.88 17.27
N ASN A 23 62.00 -42.25 18.28
CA ASN A 23 60.68 -41.68 18.53
C ASN A 23 60.82 -40.56 19.56
N GLY A 24 60.34 -39.37 19.23
CA GLY A 24 60.38 -38.27 20.17
C GLY A 24 60.19 -36.94 19.48
N PHE A 25 60.01 -35.91 20.31
CA PHE A 25 59.84 -34.54 19.85
C PHE A 25 61.20 -33.84 19.73
N ILE A 26 61.19 -32.67 19.11
CA ILE A 26 62.38 -31.84 19.02
C ILE A 26 62.62 -31.16 20.36
N SER A 27 63.90 -31.01 20.72
CA SER A 27 64.28 -30.32 21.94
C SER A 27 65.48 -29.43 21.67
N THR A 28 65.67 -28.45 22.53
CA THR A 28 66.74 -27.46 22.42
C THR A 28 67.56 -27.46 23.70
N LEU A 29 68.56 -26.59 23.77
CA LEU A 29 69.43 -26.45 24.93
C LEU A 29 69.66 -24.98 25.24
N GLY A 30 68.60 -24.19 25.23
CA GLY A 30 68.67 -22.80 25.63
C GLY A 30 69.12 -21.87 24.52
N LEU A 31 69.45 -20.64 24.93
CA LEU A 31 69.86 -19.60 24.01
C LEU A 31 71.36 -19.59 23.76
N VAL A 32 72.15 -20.10 24.70
CA VAL A 32 73.60 -20.20 24.50
C VAL A 32 73.90 -21.15 23.35
N ASP A 33 73.31 -22.34 23.38
CA ASP A 33 73.50 -23.35 22.35
C ASP A 33 72.37 -23.25 21.34
N ASP A 34 72.71 -23.35 20.05
CA ASP A 34 71.75 -23.27 18.96
C ASP A 34 71.50 -24.61 18.28
N ARG A 35 71.94 -25.72 18.87
CA ARG A 35 71.74 -27.03 18.29
C ARG A 35 70.33 -27.55 18.60
N CYS A 36 69.94 -28.60 17.88
CA CYS A 36 68.65 -29.25 18.05
C CYS A 36 68.87 -30.73 18.32
N VAL A 37 68.11 -31.27 19.27
CA VAL A 37 68.22 -32.66 19.71
C VAL A 37 66.83 -33.23 19.90
N VAL A 38 66.78 -34.51 20.29
CA VAL A 38 65.54 -35.25 20.50
C VAL A 38 65.60 -35.86 21.89
N GLU A 39 64.42 -36.03 22.51
CA GLU A 39 64.29 -36.58 23.86
C GLU A 39 63.31 -37.74 23.83
N PRO A 40 63.76 -38.96 23.45
CA PRO A 40 62.84 -40.09 23.41
C PRO A 40 62.32 -40.52 24.77
N ALA A 41 63.00 -40.17 25.87
CA ALA A 41 62.56 -40.58 27.19
C ALA A 41 61.20 -39.98 27.52
N ALA A 42 61.09 -38.65 27.43
CA ALA A 42 59.85 -37.95 27.72
C ALA A 42 59.02 -37.66 26.47
N GLY A 43 59.59 -37.81 25.27
CA GLY A 43 58.86 -37.55 24.05
C GLY A 43 57.85 -38.63 23.71
N ASP A 44 56.57 -38.30 23.80
CA ASP A 44 55.52 -39.26 23.49
C ASP A 44 54.21 -38.51 23.31
N LEU A 45 53.30 -39.10 22.54
CA LEU A 45 51.99 -38.48 22.30
C LEU A 45 51.24 -38.30 23.63
N ASP A 46 51.04 -39.40 24.35
CA ASP A 46 50.61 -39.30 25.74
C ASP A 46 51.75 -38.75 26.59
N ASN A 47 51.43 -38.48 27.88
CA ASN A 47 52.30 -37.97 28.95
C ASN A 47 53.41 -37.05 28.44
N PRO A 48 53.07 -35.92 27.84
CA PRO A 48 54.07 -35.11 27.14
C PRO A 48 55.11 -34.58 28.11
N PRO A 49 56.25 -34.10 27.60
CA PRO A 49 57.30 -33.62 28.51
C PRO A 49 56.86 -32.39 29.27
N LYS A 50 57.43 -32.23 30.47
CA LYS A 50 57.07 -31.10 31.31
C LYS A 50 57.58 -29.79 30.72
N LYS A 51 58.62 -29.85 29.89
CA LYS A 51 59.04 -28.72 29.06
C LYS A 51 58.39 -28.79 27.68
N PHE A 52 57.07 -28.94 27.65
CA PHE A 52 56.35 -29.02 26.38
C PHE A 52 56.37 -27.68 25.64
N ARG A 53 56.51 -26.58 26.38
CA ARG A 53 56.52 -25.26 25.76
C ARG A 53 57.71 -25.07 24.83
N ASP A 54 58.78 -25.84 25.00
CA ASP A 54 59.95 -25.75 24.13
C ASP A 54 59.70 -26.40 22.77
N CYS A 55 58.76 -27.33 22.67
CA CYS A 55 58.54 -28.09 21.44
C CYS A 55 57.65 -27.37 20.43
N LEU A 56 57.39 -26.08 20.62
CA LEU A 56 56.52 -25.33 19.72
C LEU A 56 57.33 -24.76 18.55
N PHE A 57 56.74 -24.79 17.37
CA PHE A 57 57.36 -24.27 16.16
C PHE A 57 56.29 -23.61 15.31
N LYS A 58 56.60 -22.42 14.79
CA LYS A 58 55.66 -21.62 14.01
C LYS A 58 56.10 -21.63 12.55
N VAL A 59 55.20 -22.08 11.67
CA VAL A 59 55.44 -22.00 10.23
C VAL A 59 55.39 -20.52 9.81
N CYS A 60 56.17 -20.19 8.78
CA CYS A 60 56.25 -18.84 8.25
C CYS A 60 56.43 -18.94 6.75
N PRO A 61 56.03 -17.91 6.00
CA PRO A 61 56.07 -18.00 4.54
C PRO A 61 57.47 -17.69 3.99
N MET A 62 57.57 -17.73 2.66
CA MET A 62 58.83 -17.50 1.96
C MET A 62 59.13 -16.01 1.96
N ASN A 63 60.07 -15.58 2.80
CA ASN A 63 60.60 -14.22 2.76
C ASN A 63 61.73 -14.17 1.74
N ARG A 64 62.46 -13.06 1.70
CA ARG A 64 63.60 -12.88 0.80
C ARG A 64 64.83 -12.48 1.61
N TYR A 65 65.99 -12.94 1.16
CA TYR A 65 67.26 -12.68 1.84
C TYR A 65 68.34 -12.36 0.80
N SER A 66 67.99 -11.52 -0.18
CA SER A 66 68.93 -11.14 -1.22
C SER A 66 69.84 -10.00 -0.78
N ALA A 67 69.25 -8.85 -0.44
CA ALA A 67 70.05 -7.66 -0.15
C ALA A 67 70.86 -7.82 1.13
N GLN A 68 70.38 -8.60 2.09
CA GLN A 68 71.13 -8.80 3.33
C GLN A 68 72.42 -9.57 3.06
N LYS A 69 72.35 -10.61 2.24
CA LYS A 69 73.54 -11.37 1.88
C LYS A 69 74.55 -10.51 1.13
N GLN A 70 74.07 -9.54 0.34
CA GLN A 70 74.98 -8.66 -0.38
C GLN A 70 75.79 -7.80 0.59
N TYR A 71 75.18 -7.39 1.70
CA TYR A 71 75.89 -6.62 2.70
C TYR A 71 76.69 -7.49 3.66
N TRP A 72 76.26 -8.74 3.87
CA TRP A 72 77.01 -9.65 4.73
C TRP A 72 78.36 -10.00 4.13
N LYS A 73 78.45 -10.03 2.80
CA LYS A 73 79.75 -10.21 2.15
C LYS A 73 80.58 -8.93 2.17
N ALA A 74 79.96 -7.77 2.38
CA ALA A 74 80.68 -6.50 2.30
C ALA A 74 81.50 -6.23 3.55
N LYS A 75 80.87 -6.24 4.72
CA LYS A 75 81.59 -5.89 5.95
C LYS A 75 82.57 -6.96 6.40
N GLN A 76 82.57 -8.13 5.76
CA GLN A 76 83.57 -9.16 6.08
C GLN A 76 84.97 -8.66 5.75
N THR A 77 85.19 -8.26 4.49
CA THR A 77 86.52 -7.86 4.02
C THR A 77 86.78 -6.42 4.46
N LYS A 78 87.71 -6.25 5.40
CA LYS A 78 88.26 -4.97 5.83
C LYS A 78 87.28 -4.11 6.63
N GLN A 79 86.03 -4.52 6.77
CA GLN A 79 84.97 -3.66 7.32
C GLN A 79 84.92 -2.33 6.58
N ALA A 85 87.72 0.49 -0.23
CA ALA A 85 86.51 0.73 0.53
C ALA A 85 85.91 2.08 0.16
N ASP A 86 84.57 2.16 0.22
CA ASP A 86 83.84 3.39 -0.09
C ASP A 86 82.74 3.55 0.94
N VAL A 87 82.80 4.64 1.72
CA VAL A 87 81.79 4.89 2.74
C VAL A 87 80.42 5.09 2.10
N VAL A 88 80.39 5.63 0.87
CA VAL A 88 79.11 5.83 0.18
C VAL A 88 78.49 4.49 -0.19
N LEU A 89 79.31 3.47 -0.47
CA LEU A 89 78.78 2.14 -0.76
C LEU A 89 78.07 1.56 0.45
N LEU A 90 78.74 1.55 1.60
CA LEU A 90 78.17 0.89 2.78
C LEU A 90 76.92 1.60 3.27
N GLN A 91 76.77 2.90 2.99
CA GLN A 91 75.55 3.60 3.34
C GLN A 91 74.37 3.14 2.49
N LYS A 92 74.61 2.81 1.23
CA LYS A 92 73.52 2.41 0.35
C LYS A 92 73.03 0.99 0.64
N LEU A 93 73.92 0.09 1.04
CA LEU A 93 73.51 -1.27 1.36
C LEU A 93 72.63 -1.32 2.61
N GLN A 94 72.72 -0.32 3.49
CA GLN A 94 71.78 -0.22 4.60
C GLN A 94 70.36 0.00 4.09
N HIS A 95 70.20 0.93 3.14
CA HIS A 95 68.87 1.22 2.61
C HIS A 95 68.29 0.01 1.89
N ALA A 96 69.12 -0.72 1.15
CA ALA A 96 68.64 -1.89 0.44
C ALA A 96 68.36 -3.05 1.39
N ALA A 97 69.10 -3.14 2.50
CA ALA A 97 68.97 -4.23 3.45
C ALA A 97 67.93 -3.95 4.53
N GLN A 98 67.89 -2.72 5.05
CA GLN A 98 66.99 -2.41 6.16
C GLN A 98 65.53 -2.41 5.69
N MET A 99 65.25 -1.85 4.52
CA MET A 99 63.87 -1.75 4.06
C MET A 99 63.30 -3.11 3.70
N GLU A 100 64.12 -4.02 3.17
CA GLU A 100 63.63 -5.36 2.85
C GLU A 100 63.24 -6.13 4.11
N GLN A 101 63.86 -5.81 5.26
CA GLN A 101 63.42 -6.39 6.52
C GLN A 101 62.03 -5.93 6.90
N LYS A 102 61.59 -4.76 6.41
CA LYS A 102 60.22 -4.30 6.60
C LYS A 102 59.30 -4.79 5.49
N GLN A 103 59.84 -5.03 4.29
CA GLN A 103 59.01 -5.47 3.17
C GLN A 103 58.58 -6.93 3.33
N ASN A 104 59.50 -7.79 3.78
CA ASN A 104 59.17 -9.20 3.92
C ASN A 104 58.16 -9.43 5.04
N ASP A 105 58.19 -8.61 6.10
CA ASP A 105 57.17 -8.69 7.12
C ASP A 105 55.81 -8.25 6.58
N THR A 106 55.80 -7.19 5.75
CA THR A 106 54.58 -6.81 5.05
C THR A 106 54.11 -7.94 4.13
N GLU A 107 55.06 -8.57 3.43
CA GLU A 107 54.74 -9.76 2.64
C GLU A 107 54.29 -10.90 3.55
N ASN A 108 54.92 -11.03 4.73
CA ASN A 108 54.51 -12.06 5.68
C ASN A 108 53.10 -11.80 6.18
N LYS A 109 52.80 -10.55 6.55
CA LYS A 109 51.46 -10.20 7.02
C LYS A 109 50.41 -10.47 5.95
N LYS A 110 50.75 -10.28 4.68
CA LYS A 110 49.83 -10.59 3.60
C LYS A 110 49.58 -12.09 3.50
N VAL A 111 50.64 -12.89 3.67
CA VAL A 111 50.52 -14.34 3.59
C VAL A 111 50.14 -14.98 4.93
N HIS A 112 50.26 -14.24 6.03
CA HIS A 112 49.97 -14.78 7.36
C HIS A 112 48.52 -15.24 7.45
N GLY A 113 48.34 -16.53 7.70
CA GLY A 113 47.02 -17.13 7.84
C GLY A 113 46.48 -17.82 6.60
N ASP A 114 47.27 -17.93 5.53
CA ASP A 114 46.81 -18.52 4.29
C ASP A 114 47.14 -20.01 4.24
N VAL A 115 46.72 -20.66 3.15
CA VAL A 115 46.81 -22.11 3.03
C VAL A 115 48.25 -22.53 2.80
N VAL A 116 48.61 -23.71 3.32
CA VAL A 116 49.88 -24.37 3.03
C VAL A 116 49.61 -25.44 2.00
N LYS A 117 50.59 -25.67 1.12
CA LYS A 117 50.49 -26.66 0.06
C LYS A 117 51.78 -27.48 -0.01
N TYR A 118 51.63 -28.76 -0.35
CA TYR A 118 52.77 -29.64 -0.48
C TYR A 118 53.62 -29.22 -1.67
N GLY A 119 54.93 -29.18 -1.48
CA GLY A 119 55.86 -28.78 -2.51
C GLY A 119 56.23 -27.31 -2.49
N SER A 120 55.48 -26.48 -1.77
CA SER A 120 55.77 -25.05 -1.69
C SER A 120 56.87 -24.78 -0.68
N VAL A 121 57.28 -23.51 -0.63
CA VAL A 121 58.33 -23.07 0.29
C VAL A 121 57.68 -22.63 1.60
N ILE A 122 58.24 -23.07 2.72
CA ILE A 122 57.77 -22.71 4.05
C ILE A 122 58.98 -22.26 4.88
N GLN A 123 58.72 -21.95 6.15
CA GLN A 123 59.76 -21.47 7.03
C GLN A 123 59.32 -21.65 8.48
N LEU A 124 60.15 -22.31 9.29
CA LEU A 124 59.83 -22.61 10.67
C LEU A 124 60.52 -21.63 11.60
N LEU A 125 59.83 -21.30 12.70
CA LEU A 125 60.34 -20.36 13.70
C LEU A 125 60.12 -20.95 15.09
N HIS A 126 61.13 -20.78 15.95
CA HIS A 126 61.07 -21.23 17.33
C HIS A 126 60.63 -20.05 18.21
N MET A 127 59.49 -20.20 18.87
CA MET A 127 58.87 -19.06 19.55
C MET A 127 59.70 -18.59 20.74
N LYS A 128 60.05 -19.51 21.64
CA LYS A 128 60.77 -19.15 22.85
C LYS A 128 62.12 -18.51 22.55
N SER A 129 62.73 -18.87 21.40
CA SER A 129 64.02 -18.33 21.00
C SER A 129 63.92 -17.25 19.94
N ASN A 130 62.86 -17.27 19.13
CA ASN A 130 62.71 -16.35 18.01
C ASN A 130 63.88 -16.47 17.04
N LYS A 131 64.14 -17.71 16.61
CA LYS A 131 65.25 -18.02 15.72
C LYS A 131 64.79 -19.06 14.70
N TYR A 132 64.90 -18.72 13.43
CA TYR A 132 64.46 -19.62 12.36
C TYR A 132 65.40 -20.81 12.24
N LEU A 133 64.89 -21.88 11.62
CA LEU A 133 65.69 -23.07 11.38
C LEU A 133 66.67 -22.83 10.22
N THR A 134 67.79 -23.55 10.26
CA THR A 134 68.86 -23.34 9.29
C THR A 134 69.65 -24.63 9.14
N VAL A 135 70.13 -24.86 7.91
CA VAL A 135 70.98 -26.00 7.57
C VAL A 135 72.17 -25.45 6.80
N ASN A 136 73.33 -25.38 7.45
CA ASN A 136 74.53 -24.86 6.82
C ASN A 136 75.11 -25.87 5.84
N LYS A 137 75.79 -25.35 4.81
CA LYS A 137 76.31 -26.17 3.72
C LYS A 137 77.83 -26.10 3.57
N ARG A 138 78.48 -25.08 4.13
CA ARG A 138 79.88 -24.82 3.82
C ARG A 138 80.85 -25.66 4.65
N LEU A 139 80.40 -26.26 5.75
CA LEU A 139 81.28 -27.03 6.61
C LEU A 139 80.49 -28.14 7.29
N PRO A 140 81.18 -29.22 7.76
CA PRO A 140 80.44 -30.33 8.37
C PRO A 140 80.14 -30.14 9.86
N ALA A 141 79.52 -31.13 10.49
CA ALA A 141 78.99 -31.02 11.84
C ALA A 141 80.00 -31.54 12.86
N LEU A 142 79.54 -31.70 14.10
CA LEU A 142 80.40 -32.04 15.24
C LEU A 142 80.61 -33.54 15.40
N LEU A 143 79.55 -34.35 15.32
CA LEU A 143 79.67 -35.77 15.64
C LEU A 143 80.26 -36.56 14.47
N GLU A 144 79.56 -36.59 13.34
CA GLU A 144 80.04 -37.24 12.12
C GLU A 144 80.48 -36.16 11.14
N LYS A 145 81.66 -36.34 10.55
CA LYS A 145 82.39 -35.25 9.93
C LYS A 145 82.27 -35.19 8.41
N ASN A 146 81.56 -36.14 7.80
CA ASN A 146 81.27 -36.08 6.36
C ASN A 146 80.12 -35.12 6.04
N ALA A 147 79.69 -34.30 6.98
CA ALA A 147 78.26 -34.14 7.18
C ALA A 147 77.87 -32.77 7.71
N MET A 148 76.96 -32.10 7.00
CA MET A 148 76.47 -30.76 7.36
C MET A 148 75.87 -30.75 8.77
N ARG A 149 75.67 -29.55 9.30
CA ARG A 149 75.05 -29.35 10.61
C ARG A 149 73.76 -28.56 10.46
N VAL A 150 72.95 -28.62 11.52
CA VAL A 150 71.71 -27.85 11.66
C VAL A 150 71.97 -26.76 12.68
N THR A 151 71.48 -25.54 12.39
CA THR A 151 71.71 -24.39 13.25
C THR A 151 70.42 -23.60 13.37
N LEU A 152 70.38 -22.71 14.36
CA LEU A 152 69.29 -21.76 14.57
C LEU A 152 69.85 -20.36 14.42
N ASP A 153 69.16 -19.52 13.66
CA ASP A 153 69.57 -18.14 13.41
C ASP A 153 68.38 -17.22 13.60
N ALA A 154 68.67 -15.99 14.04
CA ALA A 154 67.62 -15.03 14.34
C ALA A 154 66.92 -14.57 13.05
N THR A 155 67.68 -13.95 12.15
CA THR A 155 67.09 -13.46 10.91
C THR A 155 66.91 -14.56 9.87
N GLY A 156 67.70 -15.62 9.94
CA GLY A 156 67.61 -16.70 8.97
C GLY A 156 68.48 -16.44 7.75
N ASN A 157 68.28 -17.29 6.76
CA ASN A 157 69.02 -17.20 5.50
C ASN A 157 68.25 -17.98 4.43
N GLU A 158 68.86 -18.12 3.25
CA GLU A 158 68.23 -18.86 2.17
C GLU A 158 68.05 -20.33 2.53
N GLY A 159 68.93 -20.87 3.38
CA GLY A 159 68.81 -22.26 3.80
C GLY A 159 67.61 -22.54 4.68
N SER A 160 67.04 -21.50 5.30
CA SER A 160 65.87 -21.68 6.17
C SER A 160 64.65 -22.15 5.39
N TRP A 161 64.61 -21.93 4.08
CA TRP A 161 63.50 -22.39 3.26
C TRP A 161 63.44 -23.92 3.30
N LEU A 162 62.23 -24.45 3.09
CA LEU A 162 62.01 -25.90 3.17
C LEU A 162 60.94 -26.29 2.16
N PHE A 163 61.29 -27.15 1.21
CA PHE A 163 60.31 -27.84 0.38
C PHE A 163 59.56 -28.84 1.25
N ILE A 164 58.34 -28.51 1.64
CA ILE A 164 57.49 -29.45 2.37
C ILE A 164 56.89 -30.44 1.39
N GLN A 165 56.89 -31.71 1.78
CA GLN A 165 56.36 -32.79 0.94
C GLN A 165 55.74 -33.84 1.84
N PRO A 166 54.89 -34.72 1.30
CA PRO A 166 54.31 -35.78 2.11
C PRO A 166 55.20 -37.02 2.12
N PHE A 167 54.83 -37.98 2.96
CA PHE A 167 55.52 -39.27 3.05
C PHE A 167 54.70 -40.41 2.45
N TRP A 168 53.43 -40.48 2.79
CA TRP A 168 52.57 -41.51 2.22
C TRP A 168 52.25 -41.20 0.77
N LYS A 169 51.94 -42.25 0.00
CA LYS A 169 51.61 -42.14 -1.41
C LYS A 169 50.11 -41.95 -1.64
N LEU A 170 49.35 -41.58 -0.61
CA LEU A 170 47.91 -41.39 -0.76
C LEU A 170 47.56 -40.03 -1.38
N ARG A 171 48.51 -39.10 -1.46
CA ARG A 171 48.29 -37.81 -2.10
C ARG A 171 49.57 -37.42 -2.84
N SER A 172 49.55 -36.22 -3.42
CA SER A 172 50.67 -35.73 -4.22
C SER A 172 50.83 -34.23 -3.94
N ASN A 173 51.82 -33.63 -4.59
CA ASN A 173 52.07 -32.21 -4.43
C ASN A 173 50.89 -31.41 -4.97
N GLY A 174 50.78 -30.17 -4.50
CA GLY A 174 49.68 -29.29 -4.84
C GLY A 174 48.53 -29.35 -3.85
N ASP A 175 48.27 -30.53 -3.29
CA ASP A 175 47.23 -30.68 -2.29
C ASP A 175 47.59 -29.89 -1.03
N ASN A 176 46.61 -29.74 -0.14
CA ASN A 176 46.75 -28.92 1.05
C ASN A 176 47.19 -29.78 2.23
N VAL A 177 47.96 -29.16 3.14
CA VAL A 177 48.48 -29.84 4.32
C VAL A 177 47.39 -29.92 5.38
N VAL A 178 47.43 -30.99 6.18
CA VAL A 178 46.50 -31.22 7.27
C VAL A 178 47.28 -31.59 8.53
N VAL A 179 46.57 -31.66 9.65
CA VAL A 179 47.16 -32.02 10.93
C VAL A 179 47.30 -33.54 10.98
N GLY A 180 48.40 -34.01 11.57
CA GLY A 180 48.64 -35.43 11.72
C GLY A 180 49.27 -36.11 10.51
N ASP A 181 49.52 -35.38 9.43
CA ASP A 181 50.12 -35.98 8.24
C ASP A 181 51.63 -36.08 8.39
N LYS A 182 52.17 -37.23 8.00
CA LYS A 182 53.62 -37.44 8.02
C LYS A 182 54.24 -36.77 6.81
N VAL A 183 55.15 -35.82 7.04
CA VAL A 183 55.67 -34.93 6.01
C VAL A 183 57.19 -35.03 5.97
N ILE A 184 57.78 -34.27 5.05
CA ILE A 184 59.22 -34.25 4.80
C ILE A 184 59.67 -32.80 4.73
N LEU A 185 60.68 -32.45 5.54
CA LEU A 185 61.19 -31.08 5.60
C LEU A 185 62.48 -31.01 4.78
N ASN A 186 62.32 -30.70 3.48
CA ASN A 186 63.43 -30.74 2.54
C ASN A 186 63.91 -29.32 2.24
N PRO A 187 65.15 -28.94 2.56
CA PRO A 187 65.61 -27.57 2.29
C PRO A 187 65.93 -27.33 0.82
N VAL A 188 66.34 -26.10 0.52
CA VAL A 188 66.53 -25.62 -0.84
C VAL A 188 67.98 -25.77 -1.26
N ASN A 189 68.88 -25.05 -0.59
CA ASN A 189 70.29 -25.07 -0.98
C ASN A 189 70.92 -26.42 -0.67
N ALA A 190 70.69 -26.94 0.53
CA ALA A 190 71.15 -28.30 0.85
C ALA A 190 70.46 -29.31 -0.06
N GLY A 191 69.14 -29.39 0.01
CA GLY A 191 68.36 -30.23 -0.87
C GLY A 191 68.11 -31.65 -0.39
N GLN A 192 68.27 -31.93 0.90
CA GLN A 192 68.04 -33.26 1.46
C GLN A 192 67.37 -33.09 2.83
N PRO A 193 66.28 -33.79 3.13
CA PRO A 193 65.50 -33.48 4.34
C PRO A 193 66.13 -34.04 5.61
N LEU A 194 65.63 -33.54 6.75
CA LEU A 194 66.21 -33.80 8.07
C LEU A 194 65.39 -34.84 8.84
N HIS A 195 66.09 -35.58 9.70
CA HIS A 195 65.47 -36.57 10.58
C HIS A 195 66.42 -36.86 11.74
N ALA A 196 66.11 -37.89 12.54
CA ALA A 196 66.84 -38.20 13.75
C ALA A 196 67.87 -39.31 13.49
N SER A 197 68.65 -39.63 14.53
CA SER A 197 69.71 -40.62 14.43
C SER A 197 70.17 -41.00 15.83
N ASN A 198 71.21 -41.84 15.88
CA ASN A 198 71.69 -42.46 17.11
C ASN A 198 72.98 -41.84 17.64
N TYR A 199 73.60 -40.92 16.92
CA TYR A 199 74.87 -40.32 17.36
C TYR A 199 74.62 -39.49 18.61
N GLU A 200 75.01 -40.03 19.76
CA GLU A 200 74.74 -39.39 21.05
C GLU A 200 75.77 -38.29 21.32
N LEU A 201 75.33 -37.28 22.07
CA LEU A 201 76.17 -36.14 22.41
C LEU A 201 76.89 -36.38 23.73
N SER A 202 77.96 -35.61 23.94
CA SER A 202 78.74 -35.66 25.17
C SER A 202 78.30 -34.62 26.19
N ASP A 203 77.53 -33.61 25.77
CA ASP A 203 77.10 -32.55 26.70
C ASP A 203 76.15 -33.11 27.76
N ASN A 204 75.05 -33.71 27.32
CA ASN A 204 74.04 -34.27 28.22
C ASN A 204 73.54 -35.58 27.64
N ALA A 205 73.28 -36.54 28.53
CA ALA A 205 72.82 -37.85 28.10
C ALA A 205 71.36 -37.79 27.64
N GLY A 206 71.00 -38.75 26.79
CA GLY A 206 69.65 -38.83 26.26
C GLY A 206 69.40 -38.01 25.02
N CYS A 207 70.26 -37.04 24.72
CA CYS A 207 70.10 -36.18 23.55
C CYS A 207 70.76 -36.83 22.34
N LYS A 208 70.08 -36.76 21.19
CA LYS A 208 70.57 -37.33 19.94
C LYS A 208 70.45 -36.28 18.84
N GLU A 209 71.46 -36.23 17.98
CA GLU A 209 71.54 -35.18 16.97
C GLU A 209 70.54 -35.41 15.85
N VAL A 210 69.86 -34.34 15.45
CA VAL A 210 69.01 -34.35 14.26
C VAL A 210 69.92 -34.25 13.04
N ASN A 211 69.70 -35.11 12.05
CA ASN A 211 70.54 -35.13 10.87
C ASN A 211 69.73 -35.45 9.61
N SER A 212 70.23 -34.95 8.49
CA SER A 212 69.62 -35.05 7.17
C SER A 212 70.42 -35.99 6.27
N VAL A 213 70.00 -37.25 6.20
CA VAL A 213 70.41 -38.18 5.15
C VAL A 213 69.15 -38.74 4.52
N ASN A 214 69.25 -39.05 3.22
CA ASN A 214 68.08 -39.45 2.43
C ASN A 214 67.67 -40.86 2.84
N CYS A 215 66.95 -40.93 3.96
CA CYS A 215 66.35 -42.15 4.48
C CYS A 215 64.89 -41.86 4.82
N ASN A 216 64.21 -42.85 5.39
CA ASN A 216 62.81 -42.65 5.76
C ASN A 216 62.68 -41.61 6.87
N THR A 217 61.59 -40.85 6.81
CA THR A 217 61.38 -39.71 7.71
C THR A 217 59.90 -39.46 7.83
N SER A 218 59.47 -39.04 9.03
CA SER A 218 58.08 -38.69 9.26
C SER A 218 58.02 -37.73 10.45
N TRP A 219 57.78 -36.46 10.16
CA TRP A 219 57.60 -35.43 11.19
C TRP A 219 56.10 -35.17 11.32
N LYS A 220 55.46 -35.97 12.18
CA LYS A 220 54.02 -35.87 12.40
C LYS A 220 53.66 -34.49 12.95
N ILE A 221 52.99 -33.68 12.14
CA ILE A 221 52.57 -32.35 12.58
C ILE A 221 51.42 -32.52 13.57
N ASN A 222 51.60 -31.99 14.77
CA ASN A 222 50.59 -32.02 15.83
C ASN A 222 50.19 -30.58 16.14
N LEU A 223 48.91 -30.29 16.00
CA LEU A 223 48.42 -28.93 16.20
C LEU A 223 48.38 -28.58 17.68
N PHE A 224 48.74 -27.33 17.98
CA PHE A 224 48.66 -26.79 19.34
C PHE A 224 47.90 -25.47 19.37
N MET A 225 47.97 -24.70 18.27
CA MET A 225 47.38 -23.36 18.25
C MET A 225 47.19 -22.95 16.80
N GLN A 226 45.99 -22.48 16.49
CA GLN A 226 45.66 -21.97 15.16
C GLN A 226 45.85 -20.45 15.12
N PHE A 227 45.90 -19.91 13.89
CA PHE A 227 45.91 -18.47 13.73
C PHE A 227 44.60 -17.85 14.24
N ARG A 228 43.50 -18.61 14.13
CA ARG A 228 42.24 -18.13 14.71
C ARG A 228 42.33 -18.01 16.22
N ASP A 229 43.14 -18.87 16.86
CA ASP A 229 43.29 -18.80 18.31
C ASP A 229 44.27 -17.72 18.74
N HIS A 230 45.30 -17.43 17.93
CA HIS A 230 46.35 -16.50 18.32
C HIS A 230 45.79 -15.07 18.26
N LEU A 231 45.04 -14.72 19.32
CA LEU A 231 44.47 -13.40 19.49
C LEU A 231 45.09 -12.73 20.72
N GLU A 232 44.77 -11.45 20.90
CA GLU A 232 45.35 -10.63 21.96
C GLU A 232 44.44 -10.51 23.18
N GLU A 233 43.13 -10.78 23.05
CA GLU A 233 42.16 -10.55 24.10
C GLU A 233 41.50 -11.84 24.57
N VAL A 234 42.26 -12.94 24.61
CA VAL A 234 41.77 -14.21 25.12
C VAL A 234 42.89 -14.93 25.86
N LEU A 235 42.49 -15.70 26.88
CA LEU A 235 43.42 -16.59 27.56
C LEU A 235 43.57 -17.88 26.77
N LYS A 236 44.75 -18.49 26.87
CA LYS A 236 45.07 -19.67 26.09
C LYS A 236 45.96 -20.59 26.91
N GLY A 237 46.08 -21.84 26.43
CA GLY A 237 46.90 -22.81 27.11
C GLY A 237 48.37 -22.65 26.73
N GLY A 238 49.23 -22.91 27.71
CA GLY A 238 50.66 -22.75 27.53
C GLY A 238 51.19 -21.35 27.80
N ASP A 239 50.31 -20.37 28.01
CA ASP A 239 50.74 -19.02 28.33
C ASP A 239 50.95 -18.85 29.83
N VAL A 240 51.86 -17.94 30.16
CA VAL A 240 52.25 -17.66 31.55
C VAL A 240 51.49 -16.43 32.02
N VAL A 241 50.99 -16.49 33.26
CA VAL A 241 50.25 -15.39 33.86
C VAL A 241 50.59 -15.33 35.35
N ARG A 242 50.11 -14.27 36.00
CA ARG A 242 50.23 -14.08 37.44
C ARG A 242 48.91 -14.45 38.11
N LEU A 243 48.87 -14.31 39.43
CA LEU A 243 47.64 -14.48 40.22
C LEU A 243 47.61 -13.39 41.28
N PHE A 244 46.82 -12.35 41.03
CA PHE A 244 46.67 -11.23 41.94
C PHE A 244 45.29 -11.30 42.61
N HIS A 245 45.25 -10.85 43.87
CA HIS A 245 44.04 -10.86 44.67
C HIS A 245 43.74 -9.45 45.16
N ALA A 246 42.46 -9.15 45.33
CA ALA A 246 42.00 -7.78 45.59
C ALA A 246 41.89 -7.46 47.07
N GLU A 247 41.26 -8.32 47.87
CA GLU A 247 41.00 -7.99 49.26
C GLU A 247 42.30 -7.93 50.07
N GLN A 248 43.00 -9.06 50.18
CA GLN A 248 44.28 -9.08 50.87
C GLN A 248 45.33 -8.23 50.18
N GLU A 249 45.18 -7.95 48.88
CA GLU A 249 46.17 -7.22 48.09
C GLU A 249 47.52 -7.95 48.10
N LYS A 250 47.48 -9.22 47.67
CA LYS A 250 48.65 -10.07 47.71
C LYS A 250 48.63 -11.03 46.53
N PHE A 251 49.81 -11.47 46.11
CA PHE A 251 49.98 -12.43 45.04
C PHE A 251 50.04 -13.86 45.59
N LEU A 252 49.98 -14.83 44.69
CA LEU A 252 50.25 -16.23 45.00
C LEU A 252 51.69 -16.56 44.58
N THR A 253 52.41 -17.24 45.48
CA THR A 253 53.77 -17.68 45.20
C THR A 253 54.01 -19.01 45.88
N CYS A 254 55.16 -19.61 45.55
CA CYS A 254 55.61 -20.83 46.21
C CYS A 254 57.13 -20.85 46.16
N ASP A 255 57.75 -21.11 47.31
CA ASP A 255 59.20 -21.05 47.42
C ASP A 255 59.66 -22.12 48.41
N GLU A 256 60.93 -22.50 48.30
CA GLU A 256 61.46 -23.61 49.07
C GLU A 256 61.62 -23.24 50.54
N TYR A 257 61.10 -24.10 51.42
CA TYR A 257 61.35 -24.03 52.85
C TYR A 257 61.34 -25.46 53.38
N LYS A 258 62.34 -25.79 54.20
CA LYS A 258 62.74 -27.19 54.38
C LYS A 258 63.07 -27.80 53.01
N GLY A 259 63.77 -27.03 52.19
CA GLY A 259 64.13 -27.44 50.84
C GLY A 259 62.99 -27.96 49.97
N LYS A 260 61.75 -27.65 50.33
CA LYS A 260 60.57 -28.19 49.67
C LYS A 260 59.58 -27.05 49.47
N LEU A 261 58.71 -27.22 48.49
CA LEU A 261 57.85 -26.15 48.02
C LEU A 261 56.57 -26.12 48.82
N GLN A 262 56.33 -25.00 49.50
CA GLN A 262 55.10 -24.74 50.23
C GLN A 262 54.50 -23.46 49.67
N VAL A 263 53.26 -23.55 49.17
CA VAL A 263 52.60 -22.38 48.60
C VAL A 263 52.33 -21.35 49.69
N PHE A 264 52.44 -20.08 49.33
CA PHE A 264 52.13 -18.99 50.26
C PHE A 264 51.86 -17.73 49.46
N LEU A 265 51.50 -16.66 50.17
CA LEU A 265 51.18 -15.37 49.59
C LEU A 265 52.23 -14.35 50.04
N ARG A 266 52.58 -13.44 49.14
CA ARG A 266 53.61 -12.45 49.42
C ARG A 266 53.02 -11.28 50.19
N THR A 267 53.73 -10.84 51.24
CA THR A 267 53.32 -9.70 52.05
C THR A 267 54.09 -8.46 51.57
N THR A 268 53.62 -7.90 50.46
CA THR A 268 54.22 -6.67 49.95
C THR A 268 53.95 -5.53 50.91
N LEU A 269 55.01 -4.79 51.25
CA LEU A 269 54.92 -3.63 52.14
C LEU A 269 55.29 -2.34 51.41
N ARG A 270 54.97 -2.27 50.11
CA ARG A 270 55.16 -1.08 49.30
C ARG A 270 53.81 -0.45 49.02
N GLN A 271 53.84 0.83 48.63
CA GLN A 271 52.61 1.57 48.40
C GLN A 271 51.83 0.96 47.22
N SER A 272 52.44 0.92 46.05
CA SER A 272 51.82 0.35 44.86
C SER A 272 52.17 -1.13 44.78
N ALA A 273 51.16 -1.99 44.85
CA ALA A 273 51.37 -3.43 44.71
C ALA A 273 51.70 -3.83 43.28
N THR A 274 51.64 -2.91 42.31
CA THR A 274 52.01 -3.19 40.93
C THR A 274 53.53 -3.05 40.72
N SER A 275 54.31 -3.80 41.52
CA SER A 275 55.75 -3.80 41.40
C SER A 275 56.40 -5.14 41.66
N ALA A 276 55.66 -6.17 42.06
CA ALA A 276 56.22 -7.46 42.49
C ALA A 276 56.07 -8.45 41.34
N THR A 277 57.05 -8.45 40.45
CA THR A 277 57.12 -9.40 39.33
C THR A 277 57.97 -10.62 39.68
N SER A 278 57.63 -11.24 40.82
CA SER A 278 58.41 -12.37 41.30
C SER A 278 58.30 -13.56 40.35
N SER A 279 59.44 -14.21 40.12
CA SER A 279 59.46 -15.36 39.21
C SER A 279 58.62 -16.51 39.74
N ASN A 280 58.57 -16.67 41.07
CA ASN A 280 57.73 -17.71 41.66
C ASN A 280 56.25 -17.36 41.63
N ALA A 281 55.89 -16.12 41.27
CA ALA A 281 54.49 -15.72 41.16
C ALA A 281 53.87 -16.05 39.82
N LEU A 282 54.62 -16.71 38.93
CA LEU A 282 54.16 -16.99 37.57
C LEU A 282 53.71 -18.44 37.45
N TRP A 283 52.66 -18.65 36.65
CA TRP A 283 52.04 -19.96 36.51
C TRP A 283 51.57 -20.14 35.08
N GLU A 284 52.04 -21.19 34.42
CA GLU A 284 51.66 -21.48 33.05
C GLU A 284 50.40 -22.34 33.01
N VAL A 285 49.51 -22.02 32.08
CA VAL A 285 48.23 -22.68 31.94
C VAL A 285 48.38 -23.88 30.99
N GLU A 286 47.60 -24.93 31.24
CA GLU A 286 47.54 -26.10 30.36
C GLU A 286 46.09 -26.56 30.31
N VAL A 287 45.37 -26.10 29.29
CA VAL A 287 43.98 -26.50 29.10
C VAL A 287 43.96 -27.99 28.74
N VAL A 288 43.34 -28.78 29.60
CA VAL A 288 43.27 -30.23 29.43
C VAL A 288 42.06 -30.56 28.55
N HIS A 289 42.27 -31.44 27.57
CA HIS A 289 41.21 -31.97 26.73
C HIS A 289 41.29 -33.49 26.74
N HIS A 290 40.51 -34.16 25.89
CA HIS A 290 40.65 -35.60 25.73
C HIS A 290 42.04 -35.97 25.23
N ASP A 291 42.67 -35.09 24.44
CA ASP A 291 44.03 -35.28 23.99
C ASP A 291 44.98 -34.59 24.97
N PRO A 292 45.87 -35.31 25.68
CA PRO A 292 46.81 -34.60 26.57
C PRO A 292 47.75 -33.67 25.83
N CYS A 293 48.25 -34.08 24.67
CA CYS A 293 49.16 -33.25 23.87
C CYS A 293 48.38 -32.31 22.96
N ARG A 294 47.58 -31.46 23.60
CA ARG A 294 46.75 -30.51 22.89
C ARG A 294 46.47 -29.33 23.81
N GLY A 295 46.36 -28.14 23.23
CA GLY A 295 46.14 -26.93 23.98
C GLY A 295 45.35 -25.93 23.19
N GLY A 296 45.79 -24.67 23.21
CA GLY A 296 45.08 -23.58 22.59
C GLY A 296 44.16 -22.87 23.56
N ALA A 297 43.06 -22.32 23.08
CA ALA A 297 42.13 -21.61 23.94
C ALA A 297 41.45 -22.59 24.90
N GLY A 298 40.69 -22.04 25.84
CA GLY A 298 40.01 -22.81 26.87
C GLY A 298 38.61 -22.31 27.15
N HIS A 299 37.69 -23.22 27.42
CA HIS A 299 36.31 -22.88 27.74
C HIS A 299 36.14 -22.69 29.24
N TRP A 300 34.98 -22.15 29.62
CA TRP A 300 34.69 -21.96 31.04
C TRP A 300 34.45 -23.29 31.74
N ASN A 301 33.56 -24.11 31.18
CA ASN A 301 33.29 -25.43 31.75
C ASN A 301 34.49 -26.37 31.62
N GLY A 302 35.43 -26.07 30.73
CA GLY A 302 36.60 -26.92 30.60
C GLY A 302 37.45 -26.92 31.85
N LEU A 303 38.25 -27.95 31.99
CA LEU A 303 39.08 -28.16 33.16
C LEU A 303 40.47 -27.54 32.95
N TYR A 304 41.19 -27.36 34.05
CA TYR A 304 42.47 -26.65 34.05
C TYR A 304 43.45 -27.34 34.99
N ARG A 305 44.73 -27.24 34.65
CA ARG A 305 45.82 -27.74 35.48
C ARG A 305 46.98 -26.76 35.34
N PHE A 306 47.29 -26.04 36.42
CA PHE A 306 48.30 -24.99 36.37
C PHE A 306 49.69 -25.55 36.64
N LYS A 307 50.69 -24.90 36.02
CA LYS A 307 52.07 -25.37 36.02
C LYS A 307 52.97 -24.28 36.57
N HIS A 308 53.94 -24.66 37.40
CA HIS A 308 55.00 -23.75 37.78
C HIS A 308 56.04 -23.68 36.66
N LEU A 309 56.51 -22.46 36.37
CA LEU A 309 57.32 -22.24 35.18
C LEU A 309 58.73 -22.81 35.34
N ALA A 310 59.45 -22.38 36.37
CA ALA A 310 60.85 -22.76 36.51
C ALA A 310 61.00 -24.20 36.98
N THR A 311 60.49 -24.50 38.17
CA THR A 311 60.57 -25.85 38.72
C THR A 311 59.87 -26.86 37.81
N GLY A 312 58.79 -26.46 37.16
CA GLY A 312 58.03 -27.37 36.32
C GLY A 312 57.07 -28.25 37.08
N ASN A 313 56.57 -27.79 38.23
CA ASN A 313 55.70 -28.57 39.10
C ASN A 313 54.29 -27.99 39.05
N TYR A 314 53.30 -28.87 39.23
CA TYR A 314 51.89 -28.53 39.07
C TYR A 314 51.21 -28.32 40.40
N LEU A 315 50.19 -27.46 40.40
CA LEU A 315 49.37 -27.23 41.58
C LEU A 315 48.48 -28.44 41.85
N ALA A 316 48.19 -28.68 43.13
CA ALA A 316 47.33 -29.79 43.52
C ALA A 316 46.87 -29.53 44.95
N ALA A 317 46.16 -30.51 45.53
CA ALA A 317 45.60 -30.40 46.86
C ALA A 317 45.86 -31.69 47.64
N GLU A 318 45.93 -31.56 48.96
CA GLU A 318 46.16 -32.69 49.84
C GLU A 318 45.43 -32.44 51.16
N GLU A 319 45.42 -33.46 52.00
CA GLU A 319 44.82 -33.35 53.33
C GLU A 319 45.57 -32.32 54.15
N TYR A 352 41.38 -29.10 52.99
CA TYR A 352 42.49 -29.64 52.20
C TYR A 352 43.50 -28.55 51.88
N CYS A 353 44.76 -28.79 52.19
CA CYS A 353 45.83 -27.85 51.88
C CYS A 353 46.15 -27.90 50.39
N LEU A 354 47.16 -27.14 49.99
CA LEU A 354 47.62 -27.09 48.60
C LEU A 354 49.14 -27.17 48.57
N VAL A 355 49.67 -28.00 47.67
CA VAL A 355 51.09 -28.19 47.47
C VAL A 355 51.37 -28.29 45.97
N ALA A 356 52.63 -28.47 45.63
CA ALA A 356 53.06 -28.68 44.25
C ALA A 356 53.34 -30.16 44.02
N VAL A 357 53.14 -30.60 42.77
CA VAL A 357 53.33 -31.99 42.38
C VAL A 357 54.14 -32.01 41.09
N PRO A 358 55.22 -32.83 40.95
CA PRO A 358 56.06 -32.73 39.75
C PRO A 358 55.53 -33.45 38.52
N HIS A 359 54.25 -33.83 38.53
CA HIS A 359 53.65 -34.53 37.39
C HIS A 359 52.16 -34.25 37.36
N GLY A 360 51.63 -34.02 36.16
CA GLY A 360 50.26 -33.63 35.97
C GLY A 360 49.38 -34.70 35.36
N ASN A 361 49.56 -35.95 35.80
CA ASN A 361 48.68 -37.05 35.45
C ASN A 361 47.67 -37.39 36.54
N ASP A 362 47.80 -36.81 37.73
CA ASP A 362 46.86 -37.05 38.81
C ASP A 362 45.50 -36.43 38.48
N ILE A 363 44.54 -36.65 39.39
CA ILE A 363 43.18 -36.15 39.25
C ILE A 363 42.98 -34.99 40.22
N ALA A 364 43.72 -35.00 41.34
CA ALA A 364 43.62 -33.94 42.33
C ALA A 364 44.13 -32.60 41.82
N SER A 365 44.95 -32.58 40.78
CA SER A 365 45.51 -31.35 40.24
C SER A 365 44.57 -30.64 39.27
N LEU A 366 43.30 -31.03 39.19
CA LEU A 366 42.33 -30.43 38.28
C LEU A 366 41.45 -29.43 39.02
N PHE A 367 41.11 -28.35 38.33
CA PHE A 367 40.24 -27.30 38.86
C PHE A 367 39.29 -26.87 37.76
N GLU A 368 38.43 -25.91 38.07
CA GLU A 368 37.47 -25.39 37.09
C GLU A 368 37.12 -23.96 37.44
N LEU A 369 36.84 -23.17 36.40
CA LEU A 369 36.48 -21.77 36.57
C LEU A 369 34.97 -21.62 36.69
N ASP A 370 34.55 -20.62 37.49
CA ASP A 370 33.14 -20.36 37.75
C ASP A 370 32.97 -18.84 37.81
N PRO A 371 32.61 -18.20 36.69
CA PRO A 371 32.74 -16.74 36.64
C PRO A 371 31.77 -16.00 37.54
N THR A 372 32.16 -14.76 37.87
CA THR A 372 31.26 -13.77 38.47
C THR A 372 30.55 -12.95 37.40
N THR A 373 31.24 -12.65 36.31
CA THR A 373 30.66 -11.87 35.23
C THR A 373 29.62 -12.70 34.49
N LEU A 374 28.55 -12.03 34.06
CA LEU A 374 27.47 -12.68 33.33
C LEU A 374 27.88 -12.84 31.88
N GLN A 375 28.29 -14.05 31.50
CA GLN A 375 28.77 -14.33 30.16
C GLN A 375 28.55 -15.81 29.89
N LYS A 376 28.28 -16.14 28.63
CA LYS A 376 28.03 -17.53 28.26
C LYS A 376 29.25 -18.39 28.53
N THR A 377 29.01 -19.68 28.74
CA THR A 377 30.05 -20.60 29.20
C THR A 377 30.88 -21.20 28.07
N ASP A 378 30.33 -21.28 26.86
CA ASP A 378 31.08 -21.85 25.75
C ASP A 378 32.13 -20.91 25.19
N SER A 379 32.02 -19.61 25.44
CA SER A 379 33.01 -18.66 24.95
C SER A 379 34.35 -18.87 25.64
N PHE A 380 35.41 -18.43 24.97
CA PHE A 380 36.76 -18.55 25.51
C PHE A 380 36.94 -17.57 26.68
N VAL A 381 37.87 -17.92 27.56
CA VAL A 381 38.19 -17.10 28.72
C VAL A 381 38.87 -15.82 28.21
N PRO A 382 38.34 -14.62 28.47
CA PRO A 382 39.04 -13.42 28.03
C PRO A 382 40.31 -13.19 28.85
N ARG A 383 41.14 -12.29 28.34
CA ARG A 383 42.42 -11.99 28.98
C ARG A 383 42.20 -11.41 30.36
N ASN A 384 43.11 -11.77 31.28
CA ASN A 384 43.23 -11.32 32.67
C ASN A 384 41.89 -11.01 33.34
N SER A 385 40.99 -11.98 33.34
CA SER A 385 39.65 -11.81 33.88
C SER A 385 39.60 -12.26 35.34
N TYR A 386 38.70 -11.64 36.10
CA TYR A 386 38.46 -12.02 37.48
C TYR A 386 37.61 -13.27 37.52
N VAL A 387 38.07 -14.29 38.27
CA VAL A 387 37.44 -15.60 38.28
C VAL A 387 37.46 -16.17 39.70
N ARG A 388 36.65 -17.21 39.88
CA ARG A 388 36.69 -18.06 41.07
C ARG A 388 37.36 -19.38 40.71
N LEU A 389 37.82 -20.09 41.74
CA LEU A 389 38.53 -21.35 41.59
C LEU A 389 37.86 -22.42 42.44
N ARG A 390 37.68 -23.61 41.87
CA ARG A 390 36.97 -24.70 42.53
C ARG A 390 37.75 -26.00 42.34
N HIS A 391 37.84 -26.78 43.41
CA HIS A 391 38.42 -28.11 43.34
C HIS A 391 37.38 -29.10 42.82
N LEU A 392 37.87 -30.09 42.06
CA LEU A 392 36.98 -30.95 41.28
C LEU A 392 36.46 -32.13 42.10
N CYS A 393 37.37 -32.97 42.61
CA CYS A 393 36.96 -34.20 43.27
C CYS A 393 36.26 -33.90 44.59
N THR A 394 36.97 -33.25 45.51
CA THR A 394 36.41 -32.95 46.82
C THR A 394 35.24 -31.98 46.75
N ASN A 395 35.12 -31.21 45.66
CA ASN A 395 34.09 -30.19 45.50
C ASN A 395 34.20 -29.14 46.61
N THR A 396 35.35 -28.47 46.63
CA THR A 396 35.67 -27.46 47.62
C THR A 396 36.02 -26.15 46.92
N TRP A 397 36.17 -25.10 47.72
CA TRP A 397 36.51 -23.77 47.24
C TRP A 397 37.75 -23.28 47.99
N ILE A 398 38.67 -22.63 47.26
CA ILE A 398 39.91 -22.17 47.87
C ILE A 398 39.62 -21.02 48.83
N GLN A 399 40.39 -20.96 49.91
CA GLN A 399 40.22 -19.93 50.94
C GLN A 399 41.58 -19.62 51.54
N SER A 400 42.02 -18.37 51.39
CA SER A 400 43.26 -17.90 51.99
C SER A 400 42.94 -17.28 53.35
N THR A 401 43.58 -17.79 54.39
CA THR A 401 43.31 -17.39 55.76
C THR A 401 44.58 -16.82 56.41
N ASN A 402 44.39 -16.09 57.50
CA ASN A 402 45.50 -15.48 58.24
C ASN A 402 46.06 -16.50 59.21
N VAL A 403 46.85 -17.42 58.67
CA VAL A 403 47.53 -18.46 59.45
C VAL A 403 48.99 -18.47 59.00
N PRO A 404 49.84 -17.61 59.54
CA PRO A 404 51.26 -17.64 59.16
C PRO A 404 51.91 -18.97 59.51
N ILE A 405 52.41 -19.66 58.49
CA ILE A 405 53.18 -20.88 58.72
C ILE A 405 54.46 -20.55 59.48
N ASP A 406 55.09 -19.44 59.15
CA ASP A 406 56.41 -19.09 59.67
C ASP A 406 56.32 -18.12 60.85
N ILE A 407 55.71 -18.58 61.94
CA ILE A 407 55.69 -17.79 63.16
C ILE A 407 57.07 -17.79 63.82
N GLU A 408 57.93 -18.77 63.51
CA GLU A 408 59.24 -18.84 64.14
C GLU A 408 60.12 -17.67 63.73
N GLU A 409 60.20 -17.38 62.44
CA GLU A 409 61.02 -16.28 61.95
C GLU A 409 60.36 -14.94 62.27
N GLU A 410 61.15 -13.88 62.16
CA GLU A 410 60.64 -12.53 62.32
C GLU A 410 59.90 -12.11 61.06
N ARG A 411 58.84 -11.32 61.23
CA ARG A 411 57.99 -10.86 60.13
C ARG A 411 57.42 -12.06 59.37
N PRO A 412 56.48 -12.79 59.97
CA PRO A 412 55.86 -13.92 59.24
C PRO A 412 55.16 -13.44 57.99
N ILE A 413 55.45 -14.10 56.86
CA ILE A 413 54.81 -13.81 55.59
C ILE A 413 54.30 -15.05 54.86
N ARG A 414 54.71 -16.26 55.26
CA ARG A 414 54.34 -17.48 54.56
C ARG A 414 52.99 -17.95 55.11
N LEU A 415 51.92 -17.41 54.54
CA LEU A 415 50.58 -17.70 55.00
C LEU A 415 50.10 -19.05 54.48
N MET A 416 49.10 -19.60 55.15
CA MET A 416 48.48 -20.85 54.73
C MET A 416 47.48 -20.59 53.61
N LEU A 417 47.29 -21.60 52.77
CA LEU A 417 46.30 -21.52 51.69
C LEU A 417 45.75 -22.92 51.45
N GLY A 418 44.44 -23.08 51.67
CA GLY A 418 43.78 -24.36 51.51
C GLY A 418 42.41 -24.23 50.88
N THR A 419 41.51 -25.16 51.20
CA THR A 419 40.16 -25.17 50.66
C THR A 419 39.17 -25.49 51.78
N CYS A 420 37.89 -25.31 51.49
CA CYS A 420 36.82 -25.71 52.39
C CYS A 420 35.61 -26.11 51.55
N PRO A 421 34.71 -26.95 52.08
CA PRO A 421 33.58 -27.41 51.26
C PRO A 421 32.44 -26.41 51.13
N THR A 422 32.60 -25.19 51.61
CA THR A 422 31.60 -24.14 51.50
C THR A 422 32.03 -23.11 50.47
N LYS A 423 31.11 -22.22 50.14
CA LYS A 423 31.30 -21.24 49.07
C LYS A 423 31.92 -19.97 49.67
N GLU A 424 33.14 -19.65 49.25
CA GLU A 424 33.82 -18.41 49.61
C GLU A 424 33.91 -17.54 48.36
N ASP A 425 33.03 -16.54 48.28
CA ASP A 425 33.11 -15.57 47.20
C ASP A 425 34.19 -14.51 47.49
N LYS A 426 34.46 -14.26 48.77
CA LYS A 426 35.47 -13.27 49.13
C LYS A 426 36.86 -13.72 48.68
N GLU A 427 37.14 -15.02 48.78
CA GLU A 427 38.42 -15.58 48.34
C GLU A 427 38.26 -16.10 46.91
N ALA A 428 38.74 -15.30 45.96
CA ALA A 428 38.68 -15.65 44.55
C ALA A 428 39.84 -14.95 43.85
N PHE A 429 40.89 -15.71 43.53
CA PHE A 429 42.06 -15.14 42.88
C PHE A 429 41.78 -14.90 41.40
N ALA A 430 42.52 -13.94 40.84
CA ALA A 430 42.31 -13.45 39.48
C ALA A 430 43.55 -13.77 38.64
N ILE A 431 43.56 -13.24 37.41
CA ILE A 431 44.63 -13.45 36.46
C ILE A 431 45.11 -12.09 35.96
N VAL A 432 46.41 -11.99 35.69
CA VAL A 432 47.03 -10.77 35.16
C VAL A 432 48.03 -11.18 34.10
N SER A 433 48.16 -10.34 33.08
CA SER A 433 49.07 -10.63 31.97
C SER A 433 50.52 -10.50 32.44
N VAL A 434 51.44 -10.72 31.50
CA VAL A 434 52.87 -10.60 31.79
C VAL A 434 53.62 -10.30 30.50
N PRO A 435 54.71 -9.49 30.53
CA PRO A 435 55.54 -9.36 29.32
C PRO A 435 56.27 -10.65 28.97
N VAL A 436 57.04 -10.62 27.89
CA VAL A 436 57.77 -11.79 27.41
C VAL A 436 59.26 -11.73 27.71
N SER A 437 59.83 -10.54 27.91
CA SER A 437 61.26 -10.43 28.17
C SER A 437 61.65 -11.09 29.48
N GLU A 438 60.76 -11.05 30.48
CA GLU A 438 61.05 -11.70 31.76
C GLU A 438 61.12 -13.22 31.60
N ILE A 439 60.24 -13.77 30.76
CA ILE A 439 60.22 -15.23 30.56
C ILE A 439 61.51 -15.68 29.87
N ARG A 440 62.03 -14.87 28.95
CA ARG A 440 63.29 -15.21 28.29
C ARG A 440 64.45 -15.16 29.27
N ASP A 441 64.55 -14.07 30.05
CA ASP A 441 65.61 -13.96 31.04
C ASP A 441 65.48 -15.04 32.10
N LEU A 442 64.24 -15.47 32.41
CA LEU A 442 64.03 -16.55 33.36
C LEU A 442 64.63 -17.85 32.85
N ASP A 443 64.34 -18.21 31.60
CA ASP A 443 64.85 -19.45 31.04
C ASP A 443 66.37 -19.43 30.97
N PHE A 444 66.97 -18.26 30.77
CA PHE A 444 68.42 -18.14 30.80
C PHE A 444 68.98 -18.44 32.19
N ALA A 445 68.18 -18.21 33.24
CA ALA A 445 68.63 -18.47 34.60
C ALA A 445 68.55 -19.96 34.94
N ASN A 446 67.41 -20.59 34.67
CA ASN A 446 67.26 -22.01 34.97
C ASN A 446 68.16 -22.87 34.08
N ASP A 447 68.39 -22.45 32.84
CA ASP A 447 69.38 -23.12 32.00
C ASP A 447 70.77 -22.97 32.61
N ALA A 448 71.04 -21.85 33.27
CA ALA A 448 72.32 -21.67 33.96
C ALA A 448 72.34 -22.39 35.29
N SER A 449 71.23 -22.34 36.04
CA SER A 449 71.17 -23.01 37.33
C SER A 449 71.31 -24.52 37.17
N SER A 450 70.65 -25.09 36.17
CA SER A 450 70.80 -26.52 35.90
C SER A 450 72.23 -26.85 35.47
N MET A 451 72.92 -25.90 34.84
CA MET A 451 74.29 -26.12 34.41
C MET A 451 75.27 -25.87 35.55
N LEU A 452 75.02 -24.85 36.37
CA LEU A 452 75.93 -24.54 37.47
C LEU A 452 75.71 -25.47 38.66
N ALA A 453 74.47 -25.89 38.91
CA ALA A 453 74.20 -26.77 40.04
C ALA A 453 74.92 -28.10 39.91
N SER A 454 75.04 -28.60 38.67
CA SER A 454 75.81 -29.82 38.44
C SER A 454 77.30 -29.56 38.63
N ALA A 455 77.76 -28.34 38.35
CA ALA A 455 79.18 -28.03 38.50
C ALA A 455 79.60 -28.01 39.97
N VAL A 456 78.66 -27.73 40.88
CA VAL A 456 78.98 -27.74 42.31
C VAL A 456 79.37 -29.15 42.74
N GLU A 457 78.49 -30.13 42.49
CA GLU A 457 78.81 -31.51 42.82
C GLU A 457 79.97 -32.03 41.99
N LYS A 458 80.17 -31.48 40.79
CA LYS A 458 81.25 -31.95 39.92
C LYS A 458 82.61 -31.70 40.55
N LEU A 459 82.84 -30.51 41.09
CA LEU A 459 84.11 -30.19 41.72
C LEU A 459 84.27 -30.82 43.10
N ASN A 460 83.16 -31.22 43.73
CA ASN A 460 83.24 -31.85 45.06
C ASN A 460 83.68 -33.30 44.99
N GLU A 461 83.59 -33.95 43.83
CA GLU A 461 84.01 -35.34 43.73
C GLU A 461 85.52 -35.47 43.86
N GLY A 462 86.27 -34.63 43.14
CA GLY A 462 87.72 -34.69 43.12
C GLY A 462 88.30 -34.80 41.73
N PHE A 463 87.55 -34.41 40.70
CA PHE A 463 88.02 -34.47 39.33
C PHE A 463 87.07 -33.68 38.44
N ILE A 464 87.63 -33.03 37.42
CA ILE A 464 86.84 -32.31 36.44
C ILE A 464 87.51 -32.44 35.08
N SER A 465 86.70 -32.45 34.03
CA SER A 465 87.20 -32.57 32.67
C SER A 465 87.65 -31.21 32.14
N GLN A 466 88.54 -31.25 31.14
CA GLN A 466 89.04 -30.02 30.55
C GLN A 466 87.96 -29.28 29.79
N ASN A 467 86.99 -29.99 29.22
CA ASN A 467 85.88 -29.35 28.53
C ASN A 467 84.91 -28.69 29.51
N ASP A 468 84.75 -29.28 30.70
CA ASP A 468 83.85 -28.71 31.70
C ASP A 468 84.36 -27.35 32.18
N ARG A 469 85.62 -27.29 32.60
CA ARG A 469 86.20 -26.01 33.01
C ARG A 469 86.21 -25.02 31.86
N ARG A 470 86.42 -25.50 30.64
CA ARG A 470 86.40 -24.63 29.47
C ARG A 470 85.01 -24.07 29.21
N PHE A 471 83.96 -24.78 29.65
CA PHE A 471 82.59 -24.39 29.38
C PHE A 471 81.97 -23.56 30.50
N VAL A 472 82.21 -23.94 31.76
CA VAL A 472 81.62 -23.20 32.88
C VAL A 472 82.15 -21.78 32.94
N ILE A 473 83.40 -21.55 32.54
CA ILE A 473 83.96 -20.22 32.55
C ILE A 473 83.23 -19.33 31.54
N GLN A 474 83.00 -19.84 30.33
CA GLN A 474 82.30 -19.08 29.31
C GLN A 474 80.87 -18.76 29.74
N LEU A 475 80.27 -19.60 30.57
CA LEU A 475 78.92 -19.33 31.06
C LEU A 475 78.92 -18.18 32.07
N LEU A 476 79.91 -18.13 32.95
CA LEU A 476 79.98 -17.04 33.91
C LEU A 476 80.27 -15.71 33.23
N GLU A 477 80.99 -15.73 32.11
CA GLU A 477 81.28 -14.49 31.40
C GLU A 477 80.02 -13.86 30.84
N ASP A 478 79.04 -14.68 30.43
CA ASP A 478 77.79 -14.13 29.93
C ASP A 478 76.94 -13.53 31.04
N LEU A 479 77.01 -14.09 32.25
CA LEU A 479 76.21 -13.58 33.36
C LEU A 479 76.60 -12.14 33.70
N VAL A 480 77.85 -11.76 33.49
CA VAL A 480 78.29 -10.39 33.78
C VAL A 480 77.58 -9.42 32.85
N PHE A 481 77.70 -9.64 31.54
CA PHE A 481 76.99 -8.80 30.57
C PHE A 481 75.49 -9.05 30.57
N PHE A 482 75.04 -10.20 31.07
CA PHE A 482 73.60 -10.42 31.21
C PHE A 482 73.00 -9.41 32.19
N VAL A 483 73.67 -9.17 33.30
CA VAL A 483 73.21 -8.17 34.27
C VAL A 483 73.47 -6.77 33.74
N SER A 484 74.72 -6.49 33.39
CA SER A 484 75.17 -5.14 33.06
C SER A 484 74.82 -4.70 31.64
N ASP A 485 74.13 -5.55 30.85
CA ASP A 485 73.69 -5.35 29.48
C ASP A 485 74.66 -4.51 28.64
N VAL A 486 75.95 -4.84 28.73
CA VAL A 486 77.00 -4.20 27.94
C VAL A 486 77.07 -4.97 26.63
N PRO A 487 77.22 -4.32 25.46
CA PRO A 487 77.26 -5.08 24.21
C PRO A 487 78.50 -5.95 24.12
N ASN A 488 78.42 -6.94 23.23
CA ASN A 488 79.49 -7.93 23.06
C ASN A 488 80.48 -7.44 22.00
N ASN A 489 81.20 -6.38 22.37
CA ASN A 489 82.24 -5.83 21.50
C ASN A 489 83.56 -6.57 21.61
N GLY A 490 83.69 -7.52 22.53
CA GLY A 490 84.91 -8.27 22.67
C GLY A 490 85.95 -7.58 23.53
N GLN A 491 85.53 -7.11 24.71
CA GLN A 491 86.40 -6.46 25.67
C GLN A 491 86.62 -7.39 26.87
N ASN A 492 87.31 -6.88 27.89
CA ASN A 492 87.51 -7.63 29.12
C ASN A 492 86.24 -7.61 29.96
N VAL A 493 85.80 -8.80 30.39
CA VAL A 493 84.64 -8.90 31.27
C VAL A 493 84.91 -8.23 32.62
N LEU A 494 86.18 -8.08 33.00
CA LEU A 494 86.52 -7.58 34.32
C LEU A 494 86.35 -6.07 34.41
N ASP A 495 87.10 -5.32 33.60
CA ASP A 495 87.07 -3.87 33.63
C ASP A 495 85.94 -3.36 32.75
N ILE A 496 84.78 -3.16 33.36
CA ILE A 496 83.61 -2.58 32.70
C ILE A 496 82.94 -1.61 33.67
N MET A 497 81.84 -1.01 33.22
CA MET A 497 81.09 -0.05 34.01
C MET A 497 79.60 -0.32 33.87
N VAL A 498 78.84 0.11 34.88
CA VAL A 498 77.39 -0.03 34.92
C VAL A 498 76.80 1.35 35.21
N THR A 499 75.98 1.85 34.29
CA THR A 499 75.22 3.06 34.49
C THR A 499 73.76 2.76 34.18
N LYS A 500 72.87 3.10 35.10
CA LYS A 500 71.44 2.79 34.98
C LYS A 500 71.26 1.27 34.86
N PRO A 501 71.51 0.51 35.93
CA PRO A 501 71.33 -0.94 35.84
C PRO A 501 69.86 -1.32 35.70
N ASN A 502 69.65 -2.57 35.31
CA ASN A 502 68.31 -3.13 35.15
C ASN A 502 67.93 -3.81 36.46
N ARG A 503 66.97 -3.23 37.19
CA ARG A 503 66.55 -3.80 38.46
C ARG A 503 65.79 -5.11 38.28
N GLU A 504 65.25 -5.36 37.09
CA GLU A 504 64.66 -6.68 36.81
C GLU A 504 65.72 -7.78 36.93
N ARG A 505 66.90 -7.54 36.36
CA ARG A 505 67.97 -8.52 36.43
C ARG A 505 68.54 -8.67 37.84
N GLN A 506 68.39 -7.65 38.68
CA GLN A 506 68.88 -7.74 40.05
C GLN A 506 68.05 -8.74 40.86
N LYS A 507 66.73 -8.65 40.74
CA LYS A 507 65.83 -9.50 41.52
C LYS A 507 65.81 -10.94 41.00
N LEU A 508 66.25 -11.17 39.75
CA LEU A 508 66.11 -12.50 39.15
C LEU A 508 66.94 -13.55 39.87
N MET A 509 68.05 -13.15 40.49
CA MET A 509 69.02 -14.09 41.04
C MET A 509 68.91 -14.26 42.55
N ARG A 510 67.85 -13.74 43.18
CA ARG A 510 67.67 -13.88 44.63
C ARG A 510 66.84 -15.12 44.96
N GLU A 511 65.60 -15.17 44.49
CA GLU A 511 64.69 -16.24 44.87
C GLU A 511 64.97 -17.55 44.14
N GLN A 512 65.61 -17.49 42.97
CA GLN A 512 65.94 -18.69 42.21
C GLN A 512 67.21 -19.39 42.70
N ASN A 513 67.85 -18.88 43.76
CA ASN A 513 69.06 -19.49 44.32
C ASN A 513 70.18 -19.56 43.28
N ILE A 514 70.26 -18.53 42.44
CA ILE A 514 71.36 -18.43 41.49
C ILE A 514 72.67 -18.18 42.22
N LEU A 515 72.71 -17.11 43.02
CA LEU A 515 73.92 -16.78 43.77
C LEU A 515 74.24 -17.83 44.81
N LYS A 516 73.22 -18.54 45.32
CA LYS A 516 73.45 -19.64 46.26
C LYS A 516 74.36 -20.69 45.65
N GLN A 517 74.26 -20.91 44.33
CA GLN A 517 75.13 -21.86 43.65
C GLN A 517 76.48 -21.25 43.29
N VAL A 518 76.58 -19.92 43.23
CA VAL A 518 77.86 -19.28 42.94
C VAL A 518 78.83 -19.48 44.09
N PHE A 519 78.35 -19.27 45.33
CA PHE A 519 79.22 -19.46 46.48
C PHE A 519 79.66 -20.91 46.62
N GLY A 520 78.83 -21.85 46.16
CA GLY A 520 79.25 -23.24 46.15
C GLY A 520 80.43 -23.49 45.23
N ILE A 521 80.38 -22.93 44.01
CA ILE A 521 81.50 -23.01 43.10
C ILE A 521 82.71 -22.23 43.63
N LEU A 522 82.49 -21.28 44.55
CA LEU A 522 83.55 -20.40 44.99
C LEU A 522 84.51 -21.09 45.95
N LYS A 523 83.97 -21.74 46.98
CA LYS A 523 84.79 -22.39 48.01
C LYS A 523 85.09 -23.85 47.71
N ALA A 524 84.23 -24.52 46.92
CA ALA A 524 84.40 -25.95 46.67
C ALA A 524 85.75 -26.37 46.11
N PRO A 525 86.42 -25.62 45.22
CA PRO A 525 87.69 -26.13 44.65
C PRO A 525 88.78 -26.43 45.66
N PHE A 526 88.72 -25.85 46.86
CA PHE A 526 89.73 -26.10 47.88
C PHE A 526 89.17 -26.19 49.29
N ARG A 527 87.84 -26.33 49.45
CA ARG A 527 87.28 -26.46 50.79
C ARG A 527 87.75 -27.74 51.46
N GLU A 528 87.65 -28.86 50.75
CA GLU A 528 88.05 -30.15 51.30
C GLU A 528 89.55 -30.38 51.11
N PRO A 534 92.13 -31.42 48.01
CA PRO A 534 91.68 -30.24 47.28
C PRO A 534 92.26 -30.15 45.87
N LEU A 535 91.44 -29.75 44.90
CA LEU A 535 91.90 -29.62 43.53
C LEU A 535 92.94 -28.51 43.41
N VAL A 536 92.73 -27.41 44.12
CA VAL A 536 93.61 -26.23 44.07
C VAL A 536 93.95 -25.88 45.52
N ARG A 537 95.11 -25.25 45.70
CA ARG A 537 95.52 -24.75 47.01
C ARG A 537 95.28 -23.24 47.07
N LEU A 538 94.97 -22.76 48.28
CA LEU A 538 94.65 -21.35 48.47
C LEU A 538 95.82 -20.43 48.14
N GLU A 539 97.06 -20.94 48.15
CA GLU A 539 98.25 -20.14 47.85
C GLU A 539 98.78 -20.36 46.43
N GLU A 540 98.36 -21.43 45.76
CA GLU A 540 98.88 -21.79 44.44
C GLU A 540 98.05 -21.22 43.30
N LEU A 541 97.37 -20.09 43.52
CA LEU A 541 96.57 -19.49 42.45
C LEU A 541 97.44 -18.84 41.39
N SER A 542 98.66 -18.44 41.74
CA SER A 542 99.55 -17.75 40.81
C SER A 542 100.25 -18.69 39.83
N ASP A 543 99.97 -19.99 39.87
CA ASP A 543 100.63 -20.92 38.96
C ASP A 543 100.14 -20.72 37.53
N GLN A 544 100.82 -21.38 36.59
CA GLN A 544 100.46 -21.32 35.19
C GLN A 544 99.37 -22.32 34.83
N LYS A 545 99.38 -23.51 35.45
CA LYS A 545 98.38 -24.52 35.13
C LYS A 545 96.98 -24.10 35.54
N ASN A 546 96.86 -23.36 36.64
CA ASN A 546 95.57 -23.00 37.22
C ASN A 546 95.14 -21.58 36.84
N ALA A 547 95.43 -21.17 35.61
CA ALA A 547 95.12 -19.81 35.17
C ALA A 547 93.63 -19.62 34.91
N PRO A 548 92.95 -20.54 34.20
CA PRO A 548 91.49 -20.37 34.06
C PRO A 548 90.75 -20.48 35.38
N TYR A 549 91.26 -21.23 36.36
CA TYR A 549 90.74 -21.12 37.72
C TYR A 549 90.89 -19.69 38.22
N GLN A 550 92.11 -19.15 38.13
CA GLN A 550 92.37 -17.77 38.52
C GLN A 550 91.47 -16.79 37.78
N HIS A 551 91.10 -17.12 36.54
CA HIS A 551 90.11 -16.31 35.83
C HIS A 551 88.69 -16.63 36.29
N MET A 552 88.44 -17.86 36.76
CA MET A 552 87.11 -18.23 37.22
C MET A 552 86.77 -17.50 38.52
N PHE A 553 87.70 -17.47 39.48
CA PHE A 553 87.44 -16.83 40.76
C PHE A 553 87.19 -15.33 40.58
N ARG A 554 87.91 -14.70 39.66
CA ARG A 554 87.72 -13.27 39.41
C ARG A 554 86.31 -12.97 38.90
N LEU A 555 85.73 -13.88 38.13
CA LEU A 555 84.37 -13.70 37.65
C LEU A 555 83.33 -13.97 38.74
N CYS A 556 83.67 -14.79 39.74
CA CYS A 556 82.73 -15.05 40.83
C CYS A 556 82.54 -13.82 41.71
N TYR A 557 83.61 -13.07 41.93
CA TYR A 557 83.52 -11.82 42.68
C TYR A 557 83.02 -10.67 41.82
N ARG A 558 83.29 -10.70 40.52
CA ARG A 558 82.90 -9.60 39.64
C ARG A 558 81.38 -9.53 39.50
N VAL A 559 80.71 -10.67 39.38
CA VAL A 559 79.26 -10.69 39.22
C VAL A 559 78.57 -10.15 40.47
N LEU A 560 79.17 -10.36 41.65
CA LEU A 560 78.57 -9.86 42.88
C LEU A 560 78.59 -8.35 42.93
N ARG A 561 79.64 -7.74 42.39
CA ARG A 561 79.70 -6.28 42.33
C ARG A 561 78.58 -5.73 41.45
N HIS A 562 78.29 -6.41 40.34
CA HIS A 562 77.27 -5.93 39.41
C HIS A 562 75.85 -6.24 39.90
N SER A 563 75.67 -7.33 40.65
CA SER A 563 74.37 -7.72 41.17
C SER A 563 74.10 -7.16 42.56
N GLN A 564 74.70 -6.01 42.88
CA GLN A 564 74.57 -5.39 44.21
C GLN A 564 74.30 -3.90 44.18
N GLU A 565 74.59 -3.19 43.09
CA GLU A 565 74.55 -1.73 43.09
C GLU A 565 73.12 -1.22 43.28
N ASP A 566 72.95 -0.34 44.26
CA ASP A 566 71.68 0.34 44.52
C ASP A 566 70.57 -0.68 44.80
N TYR A 567 70.76 -1.46 45.86
CA TYR A 567 69.88 -2.58 46.15
C TYR A 567 70.19 -3.10 47.55
N ARG A 568 69.15 -3.49 48.29
CA ARG A 568 69.28 -3.79 49.72
C ARG A 568 69.34 -5.28 50.04
N LYS A 569 68.55 -6.12 49.36
CA LYS A 569 68.46 -7.51 49.79
C LYS A 569 69.78 -8.26 49.55
N ASN A 570 70.57 -7.85 48.55
CA ASN A 570 71.86 -8.49 48.35
C ASN A 570 72.86 -8.08 49.42
N GLN A 571 72.74 -6.85 49.94
CA GLN A 571 73.58 -6.45 51.07
C GLN A 571 73.34 -7.34 52.27
N GLU A 572 72.08 -7.66 52.57
CA GLU A 572 71.75 -8.54 53.68
C GLU A 572 71.93 -10.01 53.31
N HIS A 573 71.67 -10.37 52.06
CA HIS A 573 71.82 -11.77 51.65
C HIS A 573 73.28 -12.18 51.57
N ILE A 574 74.11 -11.33 50.94
CA ILE A 574 75.53 -11.65 50.83
C ILE A 574 76.22 -11.54 52.19
N ALA A 575 75.66 -10.74 53.10
CA ALA A 575 76.26 -10.58 54.43
C ALA A 575 76.07 -11.80 55.32
N LYS A 576 75.25 -12.77 54.92
CA LYS A 576 75.08 -13.96 55.74
C LYS A 576 76.31 -14.86 55.69
N GLN A 577 76.96 -14.93 54.54
CA GLN A 577 78.22 -15.64 54.36
C GLN A 577 79.41 -14.69 54.39
N PHE A 578 79.32 -13.64 55.22
CA PHE A 578 80.32 -12.59 55.21
C PHE A 578 81.66 -13.07 55.74
N GLY A 579 81.65 -13.93 56.77
CA GLY A 579 82.89 -14.34 57.40
C GLY A 579 83.81 -15.12 56.49
N MET A 580 83.24 -15.81 55.49
CA MET A 580 84.05 -16.59 54.58
C MET A 580 84.94 -15.70 53.71
N MET A 581 84.40 -14.57 53.23
CA MET A 581 85.15 -13.69 52.34
C MET A 581 86.33 -13.03 53.04
N GLN A 582 86.36 -13.03 54.37
CA GLN A 582 87.49 -12.45 55.09
C GLN A 582 88.79 -13.18 54.80
N SER A 583 88.72 -14.45 54.40
CA SER A 583 89.90 -15.25 54.11
C SER A 583 90.33 -15.15 52.64
N GLN A 584 89.39 -15.07 51.72
CA GLN A 584 89.69 -15.02 50.28
C GLN A 584 89.93 -13.59 49.80
N ILE A 585 90.80 -12.85 50.51
CA ILE A 585 91.08 -11.45 50.19
C ILE A 585 92.58 -11.16 50.14
N GLY A 586 93.40 -12.07 50.67
CA GLY A 586 94.83 -11.83 50.74
C GLY A 586 95.61 -12.36 49.55
N TYR A 587 95.03 -12.27 48.35
CA TYR A 587 95.65 -12.79 47.14
C TYR A 587 95.27 -11.90 45.97
N ASP A 588 95.80 -12.24 44.80
CA ASP A 588 95.60 -11.42 43.60
C ASP A 588 94.21 -11.55 43.00
N ILE A 589 93.33 -12.39 43.54
CA ILE A 589 91.96 -12.44 43.06
C ILE A 589 91.30 -11.10 43.33
N LEU A 590 90.46 -10.66 42.40
CA LEU A 590 89.81 -9.35 42.50
C LEU A 590 88.54 -9.45 43.35
N ALA A 591 88.73 -9.84 44.61
CA ALA A 591 87.66 -9.92 45.58
C ALA A 591 87.44 -8.62 46.35
N GLU A 592 88.45 -7.74 46.38
CA GLU A 592 88.28 -6.44 47.02
C GLU A 592 87.31 -5.55 46.25
N ASP A 593 87.08 -5.84 44.97
CA ASP A 593 86.08 -5.09 44.21
C ASP A 593 84.66 -5.37 44.72
N THR A 594 84.45 -6.51 45.38
CA THR A 594 83.14 -6.86 45.90
C THR A 594 82.89 -6.25 47.27
N ILE A 595 83.91 -6.22 48.13
CA ILE A 595 83.70 -5.83 49.52
C ILE A 595 83.40 -4.35 49.64
N THR A 596 84.01 -3.52 48.79
CA THR A 596 83.86 -2.08 48.92
C THR A 596 82.48 -1.61 48.45
N ALA A 597 82.07 -2.06 47.26
CA ALA A 597 80.73 -1.73 46.78
C ALA A 597 79.65 -2.31 47.68
N LEU A 598 79.94 -3.44 48.33
CA LEU A 598 79.00 -4.03 49.27
C LEU A 598 78.79 -3.17 50.51
N LEU A 599 79.72 -2.26 50.80
CA LEU A 599 79.63 -1.38 51.97
C LEU A 599 79.79 0.10 51.63
N HIS A 600 79.92 0.46 50.35
CA HIS A 600 80.10 1.86 49.98
C HIS A 600 78.86 2.67 50.32
N ASN A 601 77.69 2.22 49.86
CA ASN A 601 76.45 2.95 50.08
C ASN A 601 75.88 2.69 51.47
N ASN A 602 75.92 1.44 51.92
CA ASN A 602 75.29 1.07 53.17
C ASN A 602 76.14 1.45 54.38
N ARG A 603 75.49 1.71 55.50
CA ARG A 603 76.12 2.11 56.75
C ARG A 603 75.98 1.08 57.85
N LYS A 604 74.85 0.37 57.92
CA LYS A 604 74.62 -0.56 59.02
C LYS A 604 75.61 -1.72 58.99
N LEU A 605 75.85 -2.28 57.80
CA LEU A 605 76.78 -3.40 57.68
C LEU A 605 78.23 -2.98 57.89
N LEU A 606 78.54 -1.69 57.85
CA LEU A 606 79.91 -1.23 58.05
C LEU A 606 80.29 -1.22 59.52
N GLU A 607 79.50 -0.50 60.34
CA GLU A 607 79.78 -0.43 61.77
C GLU A 607 79.57 -1.77 62.49
N LYS A 608 78.87 -2.72 61.86
CA LYS A 608 78.48 -3.96 62.53
C LYS A 608 79.54 -5.05 62.41
N HIS A 609 79.88 -5.45 61.19
CA HIS A 609 80.72 -6.62 61.00
C HIS A 609 82.19 -6.35 61.29
N ILE A 610 82.68 -5.17 60.94
CA ILE A 610 84.11 -4.92 60.84
C ILE A 610 84.67 -4.58 62.22
N THR A 611 85.88 -5.07 62.48
CA THR A 611 86.55 -4.91 63.76
C THR A 611 88.01 -4.53 63.48
N LYS A 612 88.83 -4.56 64.53
CA LYS A 612 90.26 -4.29 64.37
C LYS A 612 90.91 -5.33 63.47
N THR A 613 90.51 -6.60 63.61
CA THR A 613 91.20 -7.68 62.92
C THR A 613 91.03 -7.58 61.40
N GLU A 614 89.85 -7.13 60.95
CA GLU A 614 89.62 -7.01 59.52
C GLU A 614 90.47 -5.91 58.90
N VAL A 615 90.83 -4.90 59.68
CA VAL A 615 91.70 -3.84 59.17
C VAL A 615 93.14 -4.34 59.04
N GLU A 616 93.57 -5.22 59.94
CA GLU A 616 94.90 -5.81 59.82
C GLU A 616 95.04 -6.60 58.52
N THR A 617 93.93 -7.16 58.02
CA THR A 617 93.97 -7.84 56.73
C THR A 617 94.38 -6.90 55.61
N PHE A 618 93.87 -5.67 55.64
CA PHE A 618 94.27 -4.66 54.65
C PHE A 618 95.68 -4.16 54.91
N VAL A 619 96.02 -3.91 56.18
CA VAL A 619 97.37 -3.43 56.51
C VAL A 619 98.39 -4.52 56.23
N SER A 620 98.05 -5.78 56.47
CA SER A 620 98.97 -6.88 56.15
C SER A 620 99.17 -7.03 54.65
N LEU A 621 98.17 -6.63 53.85
CA LEU A 621 98.24 -6.81 52.41
C LEU A 621 99.10 -5.74 51.75
N VAL A 622 99.02 -4.50 52.22
CA VAL A 622 99.81 -3.43 51.62
C VAL A 622 101.28 -3.60 51.95
N ARG A 623 101.59 -4.10 53.15
CA ARG A 623 102.99 -4.35 53.50
C ARG A 623 103.60 -5.41 52.60
N LYS A 624 102.79 -6.36 52.12
CA LYS A 624 103.30 -7.41 51.26
C LYS A 624 103.48 -6.92 49.82
N ASN A 625 102.42 -6.36 49.24
CA ASN A 625 102.42 -5.96 47.84
C ASN A 625 102.86 -4.51 47.65
N ARG A 626 102.35 -3.59 48.46
CA ARG A 626 102.66 -2.16 48.37
C ARG A 626 102.27 -1.62 46.99
N GLU A 627 100.96 -1.64 46.75
CA GLU A 627 100.37 -1.12 45.53
C GLU A 627 99.37 -0.01 45.87
N PRO A 628 99.09 0.93 44.93
CA PRO A 628 98.19 2.03 45.27
C PRO A 628 96.72 1.64 45.27
N ARG A 629 96.35 0.63 44.49
CA ARG A 629 94.95 0.29 44.31
C ARG A 629 94.29 -0.23 45.58
N PHE A 630 95.07 -0.73 46.54
CA PHE A 630 94.51 -1.24 47.79
C PHE A 630 94.28 -0.14 48.82
N LEU A 631 95.02 0.96 48.76
CA LEU A 631 94.80 2.04 49.72
C LEU A 631 93.51 2.79 49.43
N ASP A 632 93.10 2.88 48.16
CA ASP A 632 91.83 3.51 47.84
C ASP A 632 90.67 2.75 48.47
N TYR A 633 90.78 1.42 48.52
CA TYR A 633 89.73 0.61 49.11
C TYR A 633 89.75 0.69 50.64
N LEU A 634 90.92 0.93 51.23
CA LEU A 634 90.98 1.15 52.68
C LEU A 634 90.29 2.45 53.05
N SER A 635 90.41 3.47 52.19
CA SER A 635 89.75 4.75 52.44
C SER A 635 88.25 4.68 52.13
N ASP A 636 87.84 3.78 51.22
CA ASP A 636 86.43 3.67 50.86
C ASP A 636 85.58 3.17 52.00
N LEU A 637 86.16 2.41 52.94
CA LEU A 637 85.42 1.88 54.08
C LEU A 637 85.19 2.91 55.17
N CYS A 638 85.55 4.18 54.96
CA CYS A 638 85.39 5.23 55.96
C CYS A 638 84.14 6.07 55.77
N VAL A 639 83.65 6.19 54.55
CA VAL A 639 82.57 7.12 54.22
C VAL A 639 81.48 6.40 53.43
N SER A 640 80.24 6.83 53.64
CA SER A 640 79.10 6.38 52.85
C SER A 640 78.20 7.58 52.61
N ASN A 641 77.83 7.81 51.35
CA ASN A 641 77.01 8.96 50.97
C ASN A 641 77.72 10.28 51.28
N HIS A 642 79.06 10.26 51.25
CA HIS A 642 79.86 11.45 51.51
C HIS A 642 79.60 12.04 52.90
N ILE A 643 79.33 11.17 53.88
CA ILE A 643 79.15 11.58 55.27
C ILE A 643 80.02 10.69 56.14
N ALA A 644 80.77 11.30 57.05
CA ALA A 644 81.73 10.57 57.86
C ALA A 644 81.01 9.61 58.81
N ILE A 645 81.75 8.58 59.22
CA ILE A 645 81.26 7.56 60.15
C ILE A 645 82.34 7.41 61.23
N PRO A 646 82.22 8.04 62.41
CA PRO A 646 83.31 7.99 63.39
C PRO A 646 83.53 6.61 64.01
N VAL A 647 82.61 5.66 63.81
CA VAL A 647 82.79 4.33 64.36
C VAL A 647 83.99 3.64 63.71
N THR A 648 84.16 3.83 62.41
CA THR A 648 85.25 3.20 61.67
C THR A 648 86.56 3.97 61.79
N GLN A 649 86.48 5.29 61.95
CA GLN A 649 87.70 6.10 62.01
C GLN A 649 88.53 5.77 63.26
N GLU A 650 87.89 5.29 64.32
CA GLU A 650 88.62 4.96 65.54
C GLU A 650 89.38 3.65 65.43
N LEU A 651 88.89 2.70 64.63
CA LEU A 651 89.53 1.40 64.52
C LEU A 651 90.72 1.45 63.56
N ILE A 652 90.54 2.05 62.38
CA ILE A 652 91.62 2.12 61.41
C ILE A 652 92.75 3.03 61.92
N CYS A 653 92.39 4.23 62.38
CA CYS A 653 93.39 5.23 62.74
C CYS A 653 94.27 4.76 63.89
N LYS A 654 93.76 3.91 64.77
CA LYS A 654 94.54 3.38 65.89
C LYS A 654 95.42 2.19 65.49
N CYS A 655 95.53 1.87 64.19
CA CYS A 655 96.39 0.77 63.75
C CYS A 655 97.16 1.09 62.47
N VAL A 656 97.07 2.30 61.93
CA VAL A 656 97.90 2.71 60.80
C VAL A 656 98.62 4.04 61.03
N LEU A 657 98.18 4.89 61.96
CA LEU A 657 98.93 6.09 62.32
C LEU A 657 100.02 5.83 63.35
N ASP A 658 99.98 4.70 64.04
CA ASP A 658 100.93 4.41 65.10
C ASP A 658 102.34 4.24 64.53
N PRO A 659 103.37 4.37 65.37
CA PRO A 659 104.74 4.12 64.87
C PRO A 659 105.05 2.67 64.62
N LYS A 660 104.17 1.74 65.01
CA LYS A 660 104.43 0.32 64.79
C LYS A 660 104.54 -0.01 63.31
N ASN A 661 103.82 0.73 62.45
CA ASN A 661 103.78 0.47 61.02
C ASN A 661 103.86 1.79 60.25
N SER A 662 104.77 2.67 60.69
CA SER A 662 104.97 3.95 60.02
C SER A 662 105.78 3.81 58.73
N ASP A 663 106.39 2.65 58.48
CA ASP A 663 107.13 2.46 57.23
C ASP A 663 106.20 2.54 56.02
N ILE A 664 104.93 2.15 56.18
CA ILE A 664 103.99 2.22 55.08
C ILE A 664 103.55 3.66 54.82
N LEU A 665 103.43 4.46 55.88
CA LEU A 665 103.16 5.88 55.72
C LEU A 665 104.41 6.58 55.18
N ILE A 666 104.29 7.19 54.00
CA ILE A 666 105.39 7.97 53.44
C ILE A 666 105.62 9.20 54.29
N ARG A 667 106.88 9.44 54.65
CA ARG A 667 107.23 10.58 55.51
C ARG A 667 107.60 11.78 54.65
N THR A 668 107.05 12.94 55.00
CA THR A 668 107.30 14.20 54.31
C THR A 668 108.04 15.15 55.24
N GLU A 669 108.96 15.92 54.68
CA GLU A 669 109.72 16.89 55.45
C GLU A 669 110.40 17.87 54.52
N LEU A 670 110.64 19.08 55.02
CA LEU A 670 111.28 20.14 54.27
C LEU A 670 112.74 20.30 54.72
N ARG A 671 113.43 21.25 54.09
CA ARG A 671 114.73 21.70 54.54
C ARG A 671 115.02 23.04 53.86
N PRO A 672 115.75 23.95 54.52
CA PRO A 672 116.11 25.21 53.84
C PRO A 672 117.02 25.03 52.63
N VAL A 673 117.62 23.85 52.44
CA VAL A 673 118.51 23.63 51.29
C VAL A 673 117.68 23.72 50.02
N LYS A 674 118.08 24.62 49.13
CA LYS A 674 117.37 24.81 47.87
C LYS A 674 117.96 23.93 46.77
N GLU A 690 114.07 26.77 50.46
CA GLU A 690 113.07 25.86 51.02
C GLU A 690 112.47 24.99 49.91
N GLU A 691 112.60 23.68 50.05
CA GLU A 691 112.09 22.73 49.07
C GLU A 691 111.55 21.50 49.79
N VAL A 692 110.87 20.65 49.02
CA VAL A 692 110.23 19.44 49.54
C VAL A 692 111.10 18.24 49.20
N TRP A 693 111.10 17.25 50.10
CA TRP A 693 111.84 16.02 49.90
C TRP A 693 111.03 14.86 50.47
N LEU A 694 110.73 13.89 49.62
CA LEU A 694 109.94 12.72 50.00
C LEU A 694 110.85 11.57 50.34
N THR A 695 110.42 10.76 51.32
CA THR A 695 111.19 9.61 51.80
C THR A 695 110.22 8.45 52.00
N TRP A 696 110.44 7.37 51.26
CA TRP A 696 109.60 6.18 51.32
C TRP A 696 110.47 4.96 51.63
N THR A 697 109.83 3.79 51.64
CA THR A 697 110.51 2.52 51.91
C THR A 697 109.96 1.46 50.97
N ASP A 698 110.86 0.68 50.39
CA ASP A 698 110.45 -0.45 49.56
C ASP A 698 110.11 -1.65 50.45
N LYS A 699 109.47 -2.65 49.84
CA LYS A 699 109.10 -3.84 50.60
C LYS A 699 110.32 -4.61 51.07
N ASN A 700 111.44 -4.49 50.36
CA ASN A 700 112.68 -5.17 50.72
C ASN A 700 113.54 -4.37 51.68
N ASN A 701 112.96 -3.42 52.41
CA ASN A 701 113.67 -2.64 53.42
C ASN A 701 114.83 -1.85 52.80
N GLU A 702 114.46 -0.93 51.91
CA GLU A 702 115.41 -0.05 51.24
C GLU A 702 114.94 1.39 51.37
N HIS A 703 115.87 2.29 51.69
CA HIS A 703 115.59 3.70 51.89
C HIS A 703 115.99 4.52 50.67
N HIS A 704 115.21 5.57 50.39
CA HIS A 704 115.45 6.44 49.25
C HIS A 704 115.12 7.87 49.64
N GLU A 705 115.71 8.82 48.91
CA GLU A 705 115.51 10.24 49.14
C GLU A 705 115.50 10.96 47.80
N LYS A 706 114.36 11.56 47.45
CA LYS A 706 114.22 12.30 46.21
C LYS A 706 113.27 13.46 46.44
N SER A 707 113.31 14.43 45.51
CA SER A 707 112.50 15.63 45.60
C SER A 707 111.13 15.40 44.95
N VAL A 708 110.34 16.47 44.86
CA VAL A 708 109.07 16.45 44.15
C VAL A 708 109.22 17.02 42.75
N ARG A 709 110.11 18.00 42.58
CA ARG A 709 110.30 18.62 41.27
C ARG A 709 111.06 17.71 40.33
N GLN A 710 112.21 17.19 40.77
CA GLN A 710 112.96 16.25 39.95
C GLN A 710 112.16 14.97 39.72
N LEU A 711 111.37 14.55 40.71
CA LEU A 711 110.53 13.36 40.55
C LEU A 711 109.43 13.59 39.54
N ALA A 712 108.96 14.84 39.39
CA ALA A 712 107.92 15.14 38.43
C ALA A 712 108.45 15.17 37.00
N GLN A 713 109.69 15.62 36.81
CA GLN A 713 110.26 15.68 35.46
C GLN A 713 110.47 14.29 34.88
N GLU A 714 110.73 13.29 35.72
CA GLU A 714 110.91 11.93 35.22
C GLU A 714 109.60 11.36 34.69
N ALA A 715 108.46 11.80 35.23
CA ALA A 715 107.18 11.32 34.75
C ALA A 715 106.91 11.79 33.32
N ARG A 716 107.33 13.01 32.98
CA ARG A 716 107.15 13.50 31.62
C ARG A 716 107.98 12.69 30.64
N ALA A 717 109.17 12.26 31.05
CA ALA A 717 110.02 11.45 30.18
C ALA A 717 109.60 9.98 30.16
N GLY A 718 108.92 9.52 31.21
CA GLY A 718 108.45 8.15 31.30
C GLY A 718 109.32 7.29 32.20
N ASN A 719 108.79 6.94 33.38
CA ASN A 719 109.52 6.13 34.34
C ASN A 719 108.52 5.42 35.22
N ALA A 720 108.68 4.10 35.37
CA ALA A 720 107.74 3.31 36.16
C ALA A 720 108.06 3.40 37.64
N HIS A 721 109.34 3.38 38.01
CA HIS A 721 109.70 3.46 39.42
C HIS A 721 109.31 4.79 40.04
N ASP A 722 109.31 5.86 39.25
CA ASP A 722 108.90 7.17 39.74
C ASP A 722 107.38 7.34 39.69
N GLU A 723 106.77 6.99 38.56
CA GLU A 723 105.32 7.16 38.42
C GLU A 723 104.57 6.26 39.39
N ASN A 724 105.09 5.05 39.65
CA ASN A 724 104.43 4.15 40.60
C ASN A 724 104.52 4.71 42.02
N VAL A 725 105.69 5.19 42.41
CA VAL A 725 105.83 5.80 43.74
C VAL A 725 105.13 7.15 43.79
N LEU A 726 105.08 7.87 42.66
CA LEU A 726 104.35 9.13 42.61
C LEU A 726 102.85 8.88 42.65
N SER A 727 102.37 7.93 41.84
CA SER A 727 100.96 7.54 41.90
C SER A 727 100.61 6.95 43.26
N TYR A 728 101.59 6.32 43.92
CA TYR A 728 101.36 5.83 45.27
C TYR A 728 101.10 6.98 46.24
N TYR A 729 101.69 8.16 45.97
CA TYR A 729 101.57 9.27 46.90
C TYR A 729 100.18 9.91 46.86
N ARG A 730 99.53 9.94 45.69
CA ARG A 730 98.24 10.61 45.57
C ARG A 730 97.19 9.91 46.43
N TYR A 731 96.99 8.61 46.21
CA TYR A 731 96.07 7.85 47.04
C TYR A 731 96.52 7.82 48.49
N GLN A 732 97.83 7.85 48.73
CA GLN A 732 98.35 7.95 50.08
C GLN A 732 97.97 9.30 50.71
N LEU A 733 98.08 10.38 49.94
CA LEU A 733 97.69 11.70 50.43
C LEU A 733 96.17 11.83 50.54
N LYS A 734 95.43 11.19 49.63
CA LYS A 734 93.97 11.22 49.71
C LYS A 734 93.46 10.54 50.97
N LEU A 735 94.23 9.60 51.52
CA LEU A 735 93.81 8.91 52.74
C LEU A 735 93.70 9.88 53.91
N PHE A 736 94.74 10.68 54.14
CA PHE A 736 94.77 11.60 55.27
C PHE A 736 93.58 12.56 55.26
N ALA A 737 93.08 12.91 54.07
CA ALA A 737 91.90 13.76 53.99
C ALA A 737 90.64 12.97 54.31
N ARG A 738 90.59 11.69 53.93
CA ARG A 738 89.40 10.89 54.15
C ARG A 738 89.27 10.45 55.60
N MET A 739 90.39 10.19 56.27
CA MET A 739 90.34 9.71 57.65
C MET A 739 89.69 10.72 58.58
N CYS A 740 89.82 12.02 58.27
CA CYS A 740 89.28 13.09 59.10
C CYS A 740 88.30 13.95 58.30
N LEU A 741 87.36 13.29 57.62
CA LEU A 741 86.46 13.97 56.70
C LEU A 741 85.72 15.12 57.39
N ASP A 742 84.86 14.79 58.36
CA ASP A 742 84.13 15.82 59.08
C ASP A 742 84.98 16.40 60.21
N ARG A 743 85.33 15.58 61.19
CA ARG A 743 86.19 16.03 62.28
C ARG A 743 86.70 14.83 63.08
N GLN A 744 88.02 14.68 63.15
CA GLN A 744 88.62 13.57 63.89
C GLN A 744 90.03 14.00 64.31
N TYR A 745 90.18 14.37 65.57
CA TYR A 745 91.45 14.85 66.08
C TYR A 745 92.44 13.74 66.39
N LEU A 746 92.01 12.48 66.32
CA LEU A 746 92.96 11.39 66.51
C LEU A 746 94.00 11.36 65.39
N ALA A 747 93.64 11.82 64.19
CA ALA A 747 94.54 11.87 63.04
C ALA A 747 95.04 13.27 62.74
N ILE A 748 94.25 14.31 63.03
CA ILE A 748 94.68 15.67 62.75
C ILE A 748 95.86 16.05 63.63
N ASP A 749 95.82 15.65 64.91
CA ASP A 749 96.92 15.97 65.82
C ASP A 749 98.21 15.27 65.40
N GLU A 750 98.11 14.11 64.77
CA GLU A 750 99.28 13.39 64.30
C GLU A 750 99.74 13.86 62.92
N ILE A 751 98.81 14.23 62.04
CA ILE A 751 99.15 14.62 60.68
C ILE A 751 99.50 16.10 60.59
N SER A 752 98.97 16.94 61.49
CA SER A 752 99.28 18.37 61.45
C SER A 752 100.75 18.63 61.72
N GLN A 753 101.40 17.80 62.54
CA GLN A 753 102.82 17.95 62.78
C GLN A 753 103.65 17.54 61.55
N GLN A 754 103.16 16.57 60.78
CA GLN A 754 103.90 16.13 59.60
C GLN A 754 103.78 17.14 58.47
N LEU A 755 102.55 17.54 58.14
CA LEU A 755 102.27 18.49 57.07
C LEU A 755 101.64 19.74 57.69
N GLY A 756 102.34 20.87 57.60
CA GLY A 756 101.85 22.14 58.11
C GLY A 756 101.17 22.97 57.04
N VAL A 757 100.83 24.20 57.42
CA VAL A 757 100.17 25.12 56.50
C VAL A 757 101.17 25.65 55.48
N ASP A 758 102.33 26.12 55.96
CA ASP A 758 103.32 26.71 55.06
C ASP A 758 103.89 25.69 54.07
N LEU A 759 104.04 24.43 54.51
CA LEU A 759 104.57 23.40 53.63
C LEU A 759 103.61 23.13 52.47
N ILE A 760 102.33 22.94 52.78
CA ILE A 760 101.35 22.60 51.75
C ILE A 760 101.17 23.76 50.77
N PHE A 761 101.45 25.00 51.18
CA PHE A 761 101.24 26.13 50.28
C PHE A 761 102.21 26.11 49.12
N LEU A 762 103.49 25.78 49.38
CA LEU A 762 104.50 25.87 48.35
C LEU A 762 104.21 24.91 47.20
N CYS A 763 103.73 23.70 47.50
CA CYS A 763 103.46 22.71 46.46
C CYS A 763 102.19 23.05 45.67
N MET A 764 101.21 23.70 46.30
CA MET A 764 100.05 24.20 45.56
C MET A 764 100.44 25.31 44.60
N ALA A 765 101.49 26.08 44.93
CA ALA A 765 101.95 27.13 44.05
C ALA A 765 102.93 26.62 42.99
N ASP A 766 103.63 25.52 43.28
CA ASP A 766 104.60 24.97 42.33
C ASP A 766 103.87 24.48 41.08
N GLU A 767 104.14 25.11 39.94
CA GLU A 767 103.57 24.73 38.66
C GLU A 767 104.42 23.71 37.92
N MET A 768 105.39 23.08 38.60
CA MET A 768 106.32 22.13 37.98
C MET A 768 105.98 20.69 38.33
N LEU A 769 104.69 20.34 38.39
CA LEU A 769 104.28 18.98 38.71
C LEU A 769 102.95 18.72 38.00
N PRO A 770 102.62 17.43 37.79
CA PRO A 770 101.36 17.13 37.07
C PRO A 770 100.14 17.67 37.79
N PHE A 771 99.17 18.12 37.00
CA PHE A 771 98.02 18.85 37.54
C PHE A 771 97.21 17.98 38.49
N ASP A 772 97.05 16.69 38.18
CA ASP A 772 96.25 15.81 39.03
C ASP A 772 96.85 15.70 40.43
N LEU A 773 98.17 15.77 40.55
CA LEU A 773 98.83 15.72 41.85
C LEU A 773 98.60 17.01 42.63
N ARG A 774 98.49 18.14 41.93
CA ARG A 774 98.29 19.43 42.58
C ARG A 774 96.95 19.52 43.30
N ALA A 775 95.97 18.67 42.95
CA ALA A 775 94.62 18.80 43.47
C ALA A 775 94.47 18.15 44.85
N SER A 776 95.25 17.12 45.15
CA SER A 776 95.09 16.39 46.40
C SER A 776 95.62 17.16 47.61
N PHE A 777 96.44 18.19 47.39
CA PHE A 777 97.02 18.93 48.50
C PHE A 777 96.02 19.89 49.12
N CYS A 778 95.36 20.71 48.28
CA CYS A 778 94.26 21.53 48.76
C CYS A 778 93.12 20.68 49.29
N HIS A 779 93.00 19.43 48.84
CA HIS A 779 92.01 18.51 49.38
C HIS A 779 92.33 18.10 50.80
N LEU A 780 93.60 18.15 51.21
CA LEU A 780 93.95 17.80 52.58
C LEU A 780 93.52 18.89 53.56
N MET A 781 93.97 20.13 53.32
CA MET A 781 93.73 21.21 54.28
C MET A 781 92.24 21.53 54.43
N LEU A 782 91.41 21.13 53.47
CA LEU A 782 89.96 21.23 53.65
C LEU A 782 89.50 20.44 54.87
N HIS A 783 90.16 19.32 55.16
CA HIS A 783 89.77 18.43 56.23
C HIS A 783 90.69 18.47 57.45
N VAL A 784 91.84 19.14 57.36
CA VAL A 784 92.84 19.14 58.42
C VAL A 784 92.86 20.46 59.18
N HIS A 785 93.16 21.56 58.50
CA HIS A 785 93.47 22.82 59.17
C HIS A 785 92.29 23.76 59.31
N VAL A 786 91.40 23.82 58.31
CA VAL A 786 90.24 24.71 58.42
C VAL A 786 89.22 24.15 59.41
N ASP A 787 89.09 22.82 59.48
CA ASP A 787 88.13 22.18 60.39
C ASP A 787 88.85 21.90 61.71
N ARG A 788 88.83 22.90 62.59
CA ARG A 788 89.47 22.81 63.90
C ARG A 788 88.55 23.42 64.95
N ASP A 789 89.02 23.43 66.19
CA ASP A 789 88.20 23.87 67.31
C ASP A 789 87.75 25.33 67.22
N PRO A 790 88.63 26.31 67.06
CA PRO A 790 88.17 27.71 67.17
C PRO A 790 87.25 28.14 66.03
N GLN A 791 87.46 27.62 64.82
CA GLN A 791 86.63 28.00 63.68
C GLN A 791 85.34 27.19 63.69
N GLU A 792 84.21 27.88 63.62
CA GLU A 792 82.90 27.25 63.69
C GLU A 792 81.98 27.86 62.63
N LEU A 793 80.84 27.21 62.41
CA LEU A 793 79.89 27.64 61.41
C LEU A 793 79.31 29.01 61.79
N VAL A 794 78.88 29.74 60.76
CA VAL A 794 78.31 31.08 60.89
C VAL A 794 76.90 31.04 60.32
N THR A 795 75.92 31.44 61.12
CA THR A 795 74.57 31.65 60.63
C THR A 795 74.47 33.04 60.03
N PRO A 796 74.17 33.20 58.73
CA PRO A 796 74.11 34.57 58.20
C PRO A 796 72.93 35.36 58.72
N VAL A 797 71.75 34.75 58.79
CA VAL A 797 70.54 35.42 59.25
C VAL A 797 70.50 35.27 60.77
N LYS A 798 70.88 36.33 61.48
CA LYS A 798 70.86 36.35 62.94
C LYS A 798 69.62 37.15 63.37
N PHE A 799 68.51 36.46 63.56
CA PHE A 799 67.29 37.10 64.04
C PHE A 799 67.50 37.74 65.39
N ALA A 800 68.07 36.98 66.33
CA ALA A 800 68.33 37.49 67.67
C ALA A 800 69.37 38.61 67.62
N ARG A 801 68.95 39.81 68.01
CA ARG A 801 69.80 40.99 67.96
C ARG A 801 69.54 41.85 69.19
N LEU A 802 70.60 42.45 69.72
CA LEU A 802 70.49 43.29 70.91
C LEU A 802 70.16 44.72 70.52
N TRP A 803 69.41 45.39 71.39
CA TRP A 803 68.99 46.76 71.13
C TRP A 803 70.10 47.77 71.43
N THR A 804 71.02 47.44 72.33
CA THR A 804 72.07 48.35 72.78
C THR A 804 73.41 48.08 72.10
N GLU A 805 73.37 47.64 70.83
CA GLU A 805 74.58 47.28 70.09
C GLU A 805 74.61 47.78 68.66
N ILE A 806 73.48 48.21 68.09
CA ILE A 806 73.35 48.34 66.64
C ILE A 806 73.73 49.75 66.22
N PRO A 807 74.37 49.96 65.04
CA PRO A 807 74.64 51.33 64.59
C PRO A 807 73.38 52.12 64.24
N THR A 808 73.58 53.36 63.79
CA THR A 808 72.50 54.21 63.31
C THR A 808 72.39 54.21 61.79
N ALA A 809 73.51 54.10 61.09
CA ALA A 809 73.55 53.99 59.64
C ALA A 809 74.57 52.93 59.26
N ILE A 810 74.37 52.29 58.11
CA ILE A 810 75.17 51.16 57.69
C ILE A 810 75.64 51.37 56.25
N THR A 811 76.78 50.76 55.92
CA THR A 811 77.33 50.76 54.57
C THR A 811 77.88 49.37 54.29
N ILE A 812 78.41 49.19 53.08
CA ILE A 812 78.96 47.89 52.69
C ILE A 812 80.18 47.55 53.56
N LYS A 813 80.94 48.57 53.98
CA LYS A 813 82.11 48.37 54.81
C LYS A 813 81.80 48.50 56.29
N ASP A 814 80.89 49.39 56.68
CA ASP A 814 80.63 49.64 58.09
C ASP A 814 79.97 48.43 58.75
N TYR A 815 79.20 47.64 58.00
CA TYR A 815 78.50 46.51 58.59
C TYR A 815 79.48 45.46 59.11
N ASP A 816 80.66 45.35 58.50
CA ASP A 816 81.67 44.38 58.90
C ASP A 816 82.62 44.92 59.95
N SER A 817 82.18 45.91 60.75
CA SER A 817 83.05 46.47 61.78
C SER A 817 83.26 45.48 62.91
N ASN A 818 82.22 44.76 63.32
CA ASN A 818 82.32 43.85 64.44
C ASN A 818 83.07 42.57 64.06
N LEU A 819 82.86 42.07 62.84
CA LEU A 819 83.52 40.85 62.41
C LEU A 819 85.01 41.05 62.13
N ASN A 820 85.48 42.29 62.05
CA ASN A 820 86.88 42.58 61.78
C ASN A 820 87.79 42.30 62.96
N ALA A 821 87.24 41.98 64.14
CA ALA A 821 88.05 41.76 65.32
C ALA A 821 88.67 40.36 65.34
N SER A 822 87.82 39.34 65.39
CA SER A 822 88.29 37.95 65.46
C SER A 822 88.69 37.39 64.09
N ARG A 823 88.49 38.14 63.01
CA ARG A 823 88.78 37.65 61.67
C ARG A 823 90.26 37.84 61.31
N ASP A 824 90.87 38.92 61.80
CA ASP A 824 92.28 39.17 61.50
C ASP A 824 93.20 38.27 62.30
N ASP A 825 92.74 37.77 63.45
CA ASP A 825 93.58 36.90 64.28
C ASP A 825 93.90 35.60 63.56
N LYS A 826 92.88 34.96 62.98
CA LYS A 826 93.09 33.73 62.20
C LYS A 826 93.58 34.02 60.79
N LYS A 827 93.46 35.27 60.32
CA LYS A 827 93.95 35.62 59.00
C LYS A 827 95.45 35.42 58.85
N ASN A 828 96.20 35.44 59.96
CA ASN A 828 97.67 35.43 59.87
C ASN A 828 98.18 34.15 59.21
N LYS A 829 97.67 33.00 59.64
CA LYS A 829 98.13 31.73 59.06
C LYS A 829 97.42 31.42 57.75
N PHE A 830 96.13 31.76 57.64
CA PHE A 830 95.39 31.65 56.38
C PHE A 830 95.51 32.94 55.56
N ALA A 831 96.74 33.40 55.36
CA ALA A 831 97.01 34.66 54.64
C ALA A 831 97.34 34.42 53.18
N ASN A 832 98.37 33.61 52.91
CA ASN A 832 98.82 33.42 51.54
C ASN A 832 97.88 32.50 50.76
N THR A 833 97.18 31.60 51.45
CA THR A 833 96.24 30.71 50.77
C THR A 833 95.04 31.49 50.23
N MET A 834 94.70 32.62 50.84
CA MET A 834 93.59 33.43 50.37
C MET A 834 93.85 33.97 48.97
N GLU A 835 95.01 34.61 48.78
CA GLU A 835 95.36 35.16 47.47
C GLU A 835 95.46 34.09 46.40
N PHE A 836 95.74 32.84 46.78
CA PHE A 836 95.81 31.76 45.80
C PHE A 836 94.46 31.52 45.13
N VAL A 837 93.36 31.81 45.84
CA VAL A 837 92.04 31.65 45.25
C VAL A 837 91.77 32.75 44.24
N GLU A 838 91.90 34.01 44.65
CA GLU A 838 91.63 35.13 43.76
C GLU A 838 92.60 35.15 42.59
N ASP A 839 93.88 34.86 42.85
CA ASP A 839 94.86 34.82 41.77
C ASP A 839 94.57 33.70 40.79
N TYR A 840 94.01 32.58 41.26
CA TYR A 840 93.79 31.43 40.39
C TYR A 840 92.53 31.59 39.55
N LEU A 841 91.39 31.87 40.20
CA LEU A 841 90.11 31.92 39.49
C LEU A 841 90.08 33.03 38.45
N ASN A 842 90.88 34.09 38.63
CA ASN A 842 90.93 35.14 37.63
C ASN A 842 91.53 34.64 36.31
N ASN A 843 92.48 33.71 36.39
CA ASN A 843 93.04 33.12 35.17
C ASN A 843 92.01 32.27 34.44
N VAL A 844 91.08 31.64 35.18
CA VAL A 844 90.06 30.82 34.55
C VAL A 844 89.08 31.69 33.76
N VAL A 845 88.84 32.92 34.22
CA VAL A 845 87.92 33.81 33.52
C VAL A 845 88.53 34.28 32.20
N SER A 846 89.84 34.54 32.21
CA SER A 846 90.50 35.00 30.99
C SER A 846 90.48 33.94 29.89
N GLU A 847 90.43 32.66 30.28
CA GLU A 847 90.38 31.58 29.30
C GLU A 847 88.97 31.44 28.75
N ALA A 848 88.88 31.23 27.43
CA ALA A 848 87.58 31.12 26.79
C ALA A 848 86.94 29.76 27.06
N VAL A 849 87.71 28.68 26.90
CA VAL A 849 87.26 27.32 27.17
C VAL A 849 87.96 26.88 28.45
N PRO A 850 87.45 27.22 29.64
CA PRO A 850 88.14 26.82 30.87
C PRO A 850 88.09 25.32 31.10
N PHE A 851 86.92 24.73 30.90
CA PHE A 851 86.73 23.28 31.10
C PHE A 851 87.21 22.53 29.86
N ALA A 852 88.53 22.49 29.71
CA ALA A 852 89.19 21.87 28.57
C ALA A 852 89.94 20.60 28.96
N ASN A 853 90.86 20.69 29.91
CA ASN A 853 91.67 19.55 30.31
C ASN A 853 91.01 18.80 31.44
N GLU A 854 91.18 17.48 31.45
CA GLU A 854 90.56 16.65 32.49
C GLU A 854 91.22 16.90 33.84
N GLU A 855 92.55 16.94 33.89
CA GLU A 855 93.25 17.15 35.15
C GLU A 855 93.06 18.58 35.65
N LYS A 856 92.97 19.55 34.73
CA LYS A 856 92.66 20.91 35.13
C LYS A 856 91.33 20.99 35.85
N ASN A 857 90.36 20.17 35.45
CA ASN A 857 89.03 20.23 36.05
C ASN A 857 88.97 19.51 37.38
N LYS A 858 89.91 18.60 37.67
CA LYS A 858 89.93 17.94 38.97
C LYS A 858 90.27 18.92 40.08
N LEU A 859 91.07 19.95 39.79
CA LEU A 859 91.31 21.02 40.75
C LEU A 859 90.18 22.03 40.77
N THR A 860 89.58 22.28 39.60
CA THR A 860 88.46 23.22 39.53
C THR A 860 87.31 22.78 40.41
N PHE A 861 87.18 21.46 40.65
CA PHE A 861 86.23 20.99 41.64
C PHE A 861 86.66 21.32 43.05
N GLU A 862 87.97 21.26 43.34
CA GLU A 862 88.40 21.20 44.73
C GLU A 862 88.57 22.58 45.35
N VAL A 863 89.35 23.47 44.72
CA VAL A 863 89.55 24.81 45.29
C VAL A 863 88.23 25.54 45.41
N VAL A 864 87.29 25.27 44.50
CA VAL A 864 85.91 25.72 44.70
C VAL A 864 85.36 25.10 45.99
N SER A 865 85.62 23.81 46.20
CA SER A 865 85.20 23.15 47.42
C SER A 865 85.97 23.64 48.64
N LEU A 866 87.14 24.23 48.44
CA LEU A 866 87.81 24.93 49.53
C LEU A 866 87.09 26.25 49.82
N ALA A 867 87.00 27.12 48.81
CA ALA A 867 86.25 28.37 48.96
C ALA A 867 84.79 28.12 49.34
N HIS A 868 84.25 26.97 48.96
CA HIS A 868 82.97 26.51 49.50
C HIS A 868 82.99 26.53 51.02
N ASN A 869 83.99 25.86 51.62
CA ASN A 869 84.06 25.75 53.07
C ASN A 869 84.64 26.99 53.73
N LEU A 870 85.54 27.71 53.04
CA LEU A 870 86.19 28.87 53.66
C LEU A 870 85.18 29.96 54.00
N ILE A 871 84.11 30.09 53.23
CA ILE A 871 83.20 31.22 53.40
C ILE A 871 82.27 30.99 54.59
N TYR A 872 82.02 29.74 54.98
CA TYR A 872 81.13 29.49 56.10
C TYR A 872 81.73 29.98 57.41
N PHE A 873 83.04 29.83 57.58
CA PHE A 873 83.72 30.23 58.81
C PHE A 873 84.09 31.71 58.84
N GLY A 874 83.49 32.53 57.97
CA GLY A 874 83.63 33.97 58.06
C GLY A 874 85.02 34.49 57.81
N PHE A 875 85.61 34.14 56.67
CA PHE A 875 86.93 34.64 56.28
C PHE A 875 86.84 35.86 55.38
N TYR A 876 85.82 35.95 54.53
CA TYR A 876 85.65 37.06 53.62
C TYR A 876 84.65 38.06 54.20
N SER A 877 85.01 39.33 54.17
CA SER A 877 84.07 40.38 54.53
C SER A 877 82.98 40.48 53.48
N PHE A 878 81.90 41.18 53.83
CA PHE A 878 80.78 41.33 52.91
C PHE A 878 81.20 42.05 51.64
N SER A 879 82.11 43.02 51.77
CA SER A 879 82.58 43.76 50.60
C SER A 879 83.38 42.86 49.65
N GLU A 880 84.19 41.95 50.21
CA GLU A 880 85.01 41.08 49.38
C GLU A 880 84.17 40.08 48.61
N LEU A 881 83.02 39.69 49.15
CA LEU A 881 82.19 38.68 48.49
C LEU A 881 81.59 39.21 47.19
N LEU A 882 81.10 40.45 47.20
CA LEU A 882 80.54 41.03 45.99
C LEU A 882 81.58 41.16 44.89
N ARG A 883 82.86 41.34 45.27
CA ARG A 883 83.93 41.31 44.28
C ARG A 883 84.20 39.89 43.79
N LEU A 884 83.94 38.89 44.62
CA LEU A 884 84.21 37.50 44.24
C LEU A 884 83.27 37.04 43.13
N THR A 885 81.98 37.38 43.23
CA THR A 885 80.99 36.79 42.34
C THR A 885 81.19 37.20 40.89
N ARG A 886 81.69 38.42 40.65
CA ARG A 886 81.96 38.85 39.29
C ARG A 886 83.04 38.01 38.64
N THR A 887 84.01 37.54 39.43
CA THR A 887 85.04 36.62 38.93
C THR A 887 84.55 35.18 38.89
N LEU A 888 83.49 34.85 39.62
CA LEU A 888 83.01 33.48 39.73
C LEU A 888 82.03 33.11 38.63
N LEU A 889 81.12 34.02 38.26
CA LEU A 889 80.13 33.72 37.25
C LEU A 889 80.73 33.61 35.85
N GLY A 890 81.88 34.24 35.61
CA GLY A 890 82.54 34.12 34.32
C GLY A 890 83.04 32.72 33.99
N ILE A 891 83.08 31.83 34.97
CA ILE A 891 83.56 30.47 34.74
C ILE A 891 82.52 29.68 33.95
N ILE A 892 81.24 29.90 34.24
CA ILE A 892 80.16 29.04 33.76
C ILE A 892 79.25 29.77 32.76
N ASP A 893 79.74 30.84 32.13
CA ASP A 893 78.95 31.59 31.17
C ASP A 893 79.20 31.06 29.77
N CYS A 894 78.11 30.81 29.04
CA CYS A 894 78.17 30.29 27.67
C CYS A 894 78.97 28.99 27.60
N ASP A 961 81.61 13.71 31.99
CA ASP A 961 82.01 14.99 32.54
C ASP A 961 81.27 15.30 33.84
N ILE A 962 81.19 14.30 34.72
CA ILE A 962 80.45 14.48 35.97
C ILE A 962 81.16 15.46 36.88
N VAL A 963 82.50 15.54 36.80
CA VAL A 963 83.22 16.53 37.60
C VAL A 963 82.87 17.94 37.16
N VAL A 964 82.60 18.12 35.86
CA VAL A 964 82.21 19.44 35.37
C VAL A 964 80.83 19.82 35.87
N MET A 965 79.99 18.83 36.19
CA MET A 965 78.64 19.11 36.67
C MET A 965 78.62 19.36 38.17
N GLU A 966 79.28 18.50 38.96
CA GLU A 966 79.20 18.61 40.40
C GLU A 966 80.01 19.79 40.94
N THR A 967 81.03 20.24 40.21
CA THR A 967 81.74 21.44 40.63
C THR A 967 80.85 22.67 40.59
N LYS A 968 79.89 22.69 39.67
CA LYS A 968 78.99 23.83 39.56
C LYS A 968 78.03 23.90 40.74
N LEU A 969 77.66 22.76 41.32
CA LEU A 969 76.76 22.76 42.47
C LEU A 969 77.35 23.56 43.63
N LYS A 970 78.65 23.40 43.88
CA LYS A 970 79.29 24.15 44.96
C LYS A 970 79.34 25.64 44.65
N ILE A 971 79.30 26.01 43.37
CA ILE A 971 79.19 27.42 43.02
C ILE A 971 77.79 27.94 43.37
N LEU A 972 76.76 27.13 43.13
CA LEU A 972 75.40 27.53 43.48
C LEU A 972 75.28 27.77 44.98
N GLU A 973 75.84 26.88 45.79
CA GLU A 973 75.72 27.01 47.24
C GLU A 973 76.49 28.22 47.75
N ILE A 974 77.60 28.58 47.10
CA ILE A 974 78.22 29.87 47.37
C ILE A 974 77.30 30.99 46.91
N LEU A 975 76.72 30.85 45.72
CA LEU A 975 75.73 31.82 45.25
C LEU A 975 74.47 31.77 46.11
N GLN A 976 74.23 30.67 46.82
CA GLN A 976 73.13 30.63 47.76
C GLN A 976 73.48 31.40 49.04
N PHE A 977 74.68 31.20 49.55
CA PHE A 977 75.05 31.79 50.83
C PHE A 977 75.21 33.30 50.72
N ILE A 978 75.82 33.78 49.64
CA ILE A 978 76.06 35.22 49.48
C ILE A 978 74.74 35.99 49.41
N LEU A 979 73.66 35.36 48.96
CA LEU A 979 72.37 36.03 48.94
C LEU A 979 71.68 36.03 50.29
N ASN A 980 72.04 35.08 51.17
CA ASN A 980 71.46 35.08 52.51
C ASN A 980 72.06 36.17 53.37
N VAL A 981 73.38 36.33 53.33
CA VAL A 981 74.03 37.41 54.08
C VAL A 981 73.60 38.76 53.53
N ARG A 982 73.26 38.83 52.24
CA ARG A 982 72.73 40.07 51.68
C ARG A 982 71.43 40.45 52.36
N LEU A 983 70.55 39.48 52.58
CA LEU A 983 69.31 39.73 53.33
C LEU A 983 69.62 40.29 54.72
N ASP A 984 70.68 39.78 55.35
CA ASP A 984 71.07 40.29 56.66
C ASP A 984 71.45 41.76 56.58
N TYR A 985 72.12 42.16 55.50
CA TYR A 985 72.44 43.57 55.29
C TYR A 985 71.19 44.37 54.94
N ARG A 986 70.25 43.75 54.22
CA ARG A 986 69.02 44.44 53.84
C ARG A 986 68.13 44.69 55.06
N ILE A 987 67.85 43.65 55.84
CA ILE A 987 66.96 43.79 56.98
C ILE A 987 67.57 44.72 58.02
N SER A 988 68.90 44.78 58.09
CA SER A 988 69.57 45.69 59.01
C SER A 988 69.27 47.14 58.65
N TYR A 989 69.08 47.44 57.37
CA TYR A 989 68.77 48.81 56.97
C TYR A 989 67.40 49.23 57.48
N LEU A 990 66.37 48.41 57.20
CA LEU A 990 65.03 48.72 57.69
C LEU A 990 64.99 48.75 59.21
N LEU A 991 65.84 47.96 59.88
CA LEU A 991 66.03 48.10 61.31
C LEU A 991 66.78 49.39 61.63
N SER A 992 67.81 49.71 60.86
CA SER A 992 68.63 50.89 61.13
C SER A 992 67.81 52.17 61.02
N VAL A 993 66.78 52.17 60.17
CA VAL A 993 65.87 53.31 60.10
C VAL A 993 64.91 53.29 61.29
N PHE A 994 64.55 52.11 61.79
CA PHE A 994 63.70 52.03 62.97
C PHE A 994 64.39 52.61 64.19
N LYS A 995 65.67 52.26 64.39
CA LYS A 995 66.43 52.86 65.48
C LYS A 995 66.70 54.35 65.22
N LYS A 996 66.72 54.75 63.95
CA LYS A 996 66.99 56.15 63.63
C LYS A 996 65.83 57.04 64.06
N GLU A 997 64.60 56.68 63.67
CA GLU A 997 63.46 57.56 63.91
C GLU A 997 63.01 57.57 65.36
N PHE A 998 63.10 56.44 66.06
CA PHE A 998 62.58 56.37 67.42
C PHE A 998 63.38 57.27 68.37
N VAL A 999 64.69 57.39 68.15
CA VAL A 999 65.51 58.24 69.01
C VAL A 999 65.13 59.70 68.82
N GLU A 1000 64.83 60.11 67.59
CA GLU A 1000 64.49 61.51 67.32
C GLU A 1000 63.09 61.86 67.83
N VAL A 1001 62.16 60.89 67.81
CA VAL A 1001 60.82 61.14 68.29
C VAL A 1001 60.75 61.03 69.82
N PHE A 1002 61.24 59.92 70.36
CA PHE A 1002 61.31 59.67 71.80
C PHE A 1002 62.76 59.47 72.19
N PRO A 1003 63.54 60.55 72.33
CA PRO A 1003 64.91 60.38 72.82
C PRO A 1003 64.96 59.98 74.29
N MET A 1004 64.00 60.42 75.09
CA MET A 1004 63.94 60.05 76.50
C MET A 1004 63.34 58.66 76.68
N ASN A 1022 55.53 61.61 67.05
CA ASN A 1022 54.86 60.63 66.20
C ASN A 1022 55.80 60.13 65.12
N MET A 1023 55.90 58.81 64.98
CA MET A 1023 56.74 58.21 63.97
C MET A 1023 56.06 58.26 62.61
N ASN A 1024 56.73 58.84 61.63
CA ASN A 1024 56.22 58.91 60.27
C ASN A 1024 56.55 57.62 59.54
N LEU A 1025 55.60 57.16 58.72
CA LEU A 1025 55.76 55.97 57.91
C LEU A 1025 56.06 56.27 56.44
N ASP A 1026 55.98 57.54 56.04
CA ASP A 1026 56.40 57.92 54.69
C ASP A 1026 57.92 57.85 54.56
N ARG A 1027 58.64 58.33 55.57
CA ARG A 1027 60.10 58.31 55.52
C ARG A 1027 60.63 56.88 55.53
N ILE A 1028 60.02 56.01 56.33
CA ILE A 1028 60.48 54.62 56.40
C ILE A 1028 60.22 53.91 55.08
N GLY A 1029 59.10 54.21 54.43
CA GLY A 1029 58.73 53.54 53.21
C GLY A 1029 59.50 54.03 51.99
N GLU A 1030 59.66 55.35 51.87
CA GLU A 1030 60.46 55.90 50.78
C GLU A 1030 61.90 55.40 50.86
N GLN A 1031 62.44 55.30 52.07
CA GLN A 1031 63.79 54.77 52.25
C GLN A 1031 63.86 53.26 52.01
N ALA A 1032 62.71 52.56 52.06
CA ALA A 1032 62.71 51.12 51.84
C ALA A 1032 62.73 50.77 50.36
N GLU A 1033 61.96 51.51 49.54
CA GLU A 1033 61.85 51.19 48.13
C GLU A 1033 63.17 51.37 47.41
N ALA A 1034 63.96 52.36 47.83
CA ALA A 1034 65.24 52.66 47.19
C ALA A 1034 66.40 51.86 47.77
N MET A 1035 66.13 50.71 48.39
CA MET A 1035 67.16 49.85 48.99
C MET A 1035 67.24 48.49 48.33
N PHE A 1036 66.11 47.88 47.98
CA PHE A 1036 66.10 46.50 47.52
C PHE A 1036 66.89 46.33 46.24
N GLY A 1037 66.58 47.13 45.23
CA GLY A 1037 67.30 47.06 43.97
C GLY A 1037 66.54 47.67 42.82
N VAL A 1038 67.24 48.41 41.96
CA VAL A 1038 66.66 49.04 40.79
C VAL A 1038 66.90 48.13 39.59
N GLY A 1039 68.17 47.88 39.29
CA GLY A 1039 68.54 47.02 38.18
C GLY A 1039 68.19 47.61 36.83
N SER A 1043 71.61 49.66 47.34
CA SER A 1043 71.43 50.39 46.09
C SER A 1043 72.44 49.95 45.04
N MET A 1044 73.70 50.34 45.22
CA MET A 1044 74.74 49.97 44.27
C MET A 1044 75.13 48.50 44.35
N LEU A 1045 74.74 47.80 45.42
CA LEU A 1045 75.06 46.38 45.53
C LEU A 1045 74.39 45.59 44.42
N GLU A 1046 75.14 44.66 43.84
CA GLU A 1046 74.63 43.76 42.82
C GLU A 1046 75.70 42.72 42.53
N VAL A 1047 75.25 41.52 42.16
CA VAL A 1047 76.17 40.44 41.82
C VAL A 1047 77.02 40.83 40.63
N ASP A 1048 76.38 41.22 39.53
CA ASP A 1048 77.04 41.59 38.29
C ASP A 1048 77.17 43.10 38.19
N ASP A 1049 78.21 43.55 37.49
CA ASP A 1049 78.33 44.96 37.13
C ASP A 1049 77.14 45.40 36.29
N GLU A 1050 76.78 44.59 35.30
CA GLU A 1050 75.65 44.88 34.44
C GLU A 1050 74.34 44.76 35.23
N GLY A 1051 73.24 45.11 34.59
CA GLY A 1051 71.95 45.08 35.25
C GLY A 1051 71.39 43.67 35.38
N GLY A 1052 72.06 42.84 36.17
CA GLY A 1052 71.60 41.48 36.39
C GLY A 1052 71.56 40.60 35.15
N ARG A 1053 72.29 40.99 34.09
CA ARG A 1053 72.27 40.20 32.87
C ARG A 1053 72.95 38.86 33.06
N MET A 1054 74.15 38.87 33.65
CA MET A 1054 74.90 37.63 33.87
C MET A 1054 74.11 36.66 34.73
N PHE A 1055 73.50 37.17 35.81
CA PHE A 1055 72.80 36.29 36.74
C PHE A 1055 71.66 35.53 36.07
N LEU A 1056 71.04 36.14 35.05
CA LEU A 1056 70.02 35.44 34.28
C LEU A 1056 70.63 34.61 33.15
N ARG A 1057 71.68 35.12 32.51
CA ARG A 1057 72.34 34.35 31.46
C ARG A 1057 72.95 33.06 32.00
N VAL A 1058 73.28 33.01 33.29
CA VAL A 1058 73.81 31.79 33.89
C VAL A 1058 72.69 30.80 34.15
N LEU A 1059 71.75 31.15 35.04
CA LEU A 1059 70.78 30.18 35.56
C LEU A 1059 69.90 29.61 34.46
N ILE A 1060 69.57 30.41 33.44
CA ILE A 1060 68.80 29.90 32.31
C ILE A 1060 69.59 28.87 31.51
N HIS A 1061 70.92 28.86 31.64
CA HIS A 1061 71.77 27.92 30.93
C HIS A 1061 72.01 26.62 31.69
N LEU A 1062 71.95 26.66 33.03
CA LEU A 1062 72.30 25.48 33.81
C LEU A 1062 71.20 24.42 33.79
N THR A 1063 69.93 24.85 33.69
CA THR A 1063 68.83 23.89 33.67
C THR A 1063 68.92 22.95 32.48
N MET A 1064 69.56 23.39 31.39
CA MET A 1064 69.64 22.58 30.17
C MET A 1064 70.42 21.30 30.39
N HIS A 1065 71.32 21.27 31.37
CA HIS A 1065 72.22 20.14 31.55
C HIS A 1065 71.46 18.90 32.01
N ASP A 1066 71.96 17.73 31.60
CA ASP A 1066 71.31 16.47 31.94
C ASP A 1066 71.41 16.16 33.43
N TYR A 1067 72.46 16.63 34.10
CA TYR A 1067 72.66 16.37 35.51
C TYR A 1067 71.55 17.05 36.31
N ALA A 1068 70.69 16.24 36.94
CA ALA A 1068 69.44 16.68 37.53
C ALA A 1068 69.57 17.61 38.74
N PRO A 1069 70.49 17.37 39.69
CA PRO A 1069 70.50 18.19 40.92
C PRO A 1069 70.69 19.68 40.70
N LEU A 1070 71.23 20.11 39.55
CA LEU A 1070 71.39 21.54 39.31
C LEU A 1070 70.03 22.22 39.14
N VAL A 1071 69.07 21.52 38.54
CA VAL A 1071 67.74 22.09 38.37
C VAL A 1071 67.09 22.37 39.72
N SER A 1072 67.31 21.49 40.69
CA SER A 1072 66.77 21.69 42.02
C SER A 1072 67.37 22.92 42.70
N GLY A 1073 68.65 23.19 42.43
CA GLY A 1073 69.32 24.33 43.02
C GLY A 1073 69.25 25.58 42.17
N ALA A 1074 69.16 25.41 40.86
CA ALA A 1074 69.15 26.55 39.95
C ALA A 1074 67.81 27.27 40.01
N LEU A 1075 66.71 26.52 39.97
CA LEU A 1075 65.39 27.14 40.01
C LEU A 1075 65.14 27.83 41.34
N GLN A 1076 65.68 27.27 42.43
CA GLN A 1076 65.46 27.83 43.76
C GLN A 1076 65.94 29.27 43.86
N LEU A 1077 66.94 29.64 43.06
CA LEU A 1077 67.46 31.00 43.03
C LEU A 1077 66.72 31.87 42.03
N LEU A 1078 66.26 31.30 40.92
CA LEU A 1078 65.58 32.09 39.89
C LEU A 1078 64.27 32.64 40.42
N PHE A 1079 63.58 31.87 41.26
CA PHE A 1079 62.31 32.30 41.85
C PHE A 1079 62.49 33.14 43.10
N LYS A 1080 63.73 33.31 43.59
CA LYS A 1080 64.01 34.16 44.74
C LYS A 1080 64.63 35.50 44.36
N HIS A 1081 65.31 35.59 43.21
CA HIS A 1081 65.94 36.84 42.82
C HIS A 1081 64.91 37.92 42.54
N PHE A 1082 63.69 37.54 42.16
CA PHE A 1082 62.59 38.48 41.99
C PHE A 1082 61.71 38.54 43.23
N SER A 1083 61.37 37.40 43.83
CA SER A 1083 60.60 37.38 45.08
C SER A 1083 61.53 37.66 46.25
N GLN A 1084 62.01 38.90 46.29
CA GLN A 1084 62.91 39.38 47.34
C GLN A 1084 62.17 40.14 48.42
N ARG A 1085 61.27 41.05 48.04
CA ARG A 1085 60.48 41.77 49.03
C ARG A 1085 59.53 40.84 49.76
N GLN A 1086 59.15 39.72 49.14
CA GLN A 1086 58.35 38.72 49.84
C GLN A 1086 59.11 38.17 51.04
N GLU A 1087 60.30 37.59 50.79
CA GLU A 1087 61.08 37.01 51.87
C GLU A 1087 61.64 38.08 52.80
N ALA A 1088 61.89 39.28 52.29
CA ALA A 1088 62.39 40.36 53.15
C ALA A 1088 61.37 40.71 54.22
N MET A 1089 60.08 40.62 53.89
CA MET A 1089 59.03 40.88 54.88
C MET A 1089 58.75 39.67 55.75
N HIS A 1090 58.93 38.46 55.21
CA HIS A 1090 58.74 37.26 56.02
C HIS A 1090 59.75 37.21 57.16
N THR A 1091 60.98 37.68 56.90
CA THR A 1091 62.00 37.72 57.95
C THR A 1091 61.75 38.86 58.91
N PHE A 1092 61.19 39.98 58.43
CA PHE A 1092 60.89 41.12 59.29
C PHE A 1092 59.84 40.78 60.35
N LYS A 1093 59.07 39.71 60.14
CA LYS A 1093 58.14 39.26 61.17
C LYS A 1093 58.84 38.48 62.28
N GLN A 1094 59.92 37.77 61.95
CA GLN A 1094 60.59 36.87 62.88
C GLN A 1094 61.78 37.50 63.60
N VAL A 1095 62.16 38.73 63.24
CA VAL A 1095 63.25 39.40 63.94
C VAL A 1095 62.79 39.75 65.36
N GLN A 1096 63.74 39.73 66.29
CA GLN A 1096 63.49 40.05 67.69
C GLN A 1096 64.48 41.08 68.19
N LEU A 1097 64.07 41.85 69.19
CA LEU A 1097 64.85 42.95 69.75
C LEU A 1097 64.90 42.76 71.27
N LEU A 1098 66.05 42.34 71.77
CA LEU A 1098 66.21 42.07 73.19
C LEU A 1098 66.61 43.36 73.91
N ILE A 1099 65.77 43.80 74.87
CA ILE A 1099 65.95 45.05 75.58
C ILE A 1099 66.12 44.82 77.08
N SER A 1100 65.25 44.00 77.67
CA SER A 1100 65.27 43.79 79.11
C SER A 1100 66.56 43.09 79.52
N ALA A 1101 67.08 43.48 80.70
CA ALA A 1101 68.32 42.90 81.19
C ALA A 1101 68.21 41.40 81.41
N GLN A 1102 67.01 40.92 81.74
CA GLN A 1102 66.80 39.48 81.84
C GLN A 1102 67.04 38.80 80.50
N ASP A 1103 66.70 39.47 79.40
CA ASP A 1103 66.89 38.90 78.07
C ASP A 1103 68.31 39.15 77.57
N VAL A 1104 68.84 40.35 77.79
CA VAL A 1104 70.22 40.65 77.39
C VAL A 1104 71.19 39.76 78.15
N GLU A 1105 70.89 39.48 79.43
CA GLU A 1105 71.70 38.51 80.17
C GLU A 1105 71.55 37.12 79.59
N ASN A 1106 70.34 36.77 79.14
CA ASN A 1106 70.12 35.46 78.52
C ASN A 1106 70.87 35.35 77.20
N TYR A 1107 71.01 36.44 76.46
CA TYR A 1107 71.70 36.39 75.18
C TYR A 1107 73.18 36.02 75.34
N LYS A 1108 73.77 36.34 76.49
CA LYS A 1108 75.19 36.11 76.70
C LYS A 1108 75.49 34.74 77.29
N VAL A 1109 74.70 34.28 78.25
CA VAL A 1109 74.94 32.97 78.85
C VAL A 1109 74.65 31.86 77.86
N ILE A 1110 73.66 32.04 76.97
CA ILE A 1110 73.32 30.99 76.02
C ILE A 1110 74.44 30.84 74.98
N LYS A 1111 75.08 31.95 74.61
CA LYS A 1111 76.20 31.87 73.68
C LYS A 1111 77.49 31.49 74.38
N SER A 1112 77.73 32.06 75.57
CA SER A 1112 78.96 31.78 76.31
C SER A 1112 79.06 30.31 76.69
N GLU A 1113 77.93 29.64 76.89
CA GLU A 1113 77.91 28.24 77.29
C GLU A 1113 77.86 27.29 76.10
N LEU A 1114 77.00 27.57 75.12
CA LEU A 1114 76.92 26.71 73.95
C LEU A 1114 78.20 26.78 73.11
N ASP A 1115 78.92 27.90 73.17
CA ASP A 1115 80.22 27.96 72.50
C ASP A 1115 81.18 26.93 73.07
N ARG A 1116 81.15 26.73 74.40
CA ARG A 1116 81.96 25.67 74.99
C ARG A 1116 81.37 24.29 74.72
N LEU A 1117 80.04 24.19 74.59
CA LEU A 1117 79.41 22.90 74.34
C LEU A 1117 79.81 22.35 72.98
N ARG A 1118 79.93 23.21 71.97
CA ARG A 1118 80.33 22.76 70.65
C ARG A 1118 81.73 22.16 70.66
N THR A 1119 82.59 22.62 71.56
CA THR A 1119 83.96 22.13 71.61
C THR A 1119 84.06 20.75 72.27
N MET A 1120 83.17 20.45 73.23
CA MET A 1120 83.27 19.22 74.00
C MET A 1120 82.52 18.06 73.35
N VAL A 1121 81.32 18.31 72.80
CA VAL A 1121 80.57 17.24 72.14
C VAL A 1121 81.32 16.76 70.89
N GLU A 1122 82.13 17.63 70.28
CA GLU A 1122 82.85 17.31 69.06
C GLU A 1122 84.20 16.66 69.34
N LYS A 1123 84.96 17.22 70.29
CA LYS A 1123 86.19 16.59 70.76
C LYS A 1123 85.81 15.42 71.68
N SER A 1124 85.33 14.35 71.03
CA SER A 1124 84.69 13.23 71.69
C SER A 1124 85.40 11.92 71.41
N GLU A 1125 86.73 11.99 71.22
CA GLU A 1125 87.55 10.81 71.00
C GLU A 1125 88.82 10.83 71.84
N LEU A 1126 88.98 11.79 72.75
CA LEU A 1126 90.15 11.92 73.60
C LEU A 1126 89.86 11.78 75.09
N TRP A 1127 88.59 11.89 75.51
CA TRP A 1127 88.23 11.82 76.92
C TRP A 1127 86.99 10.99 77.22
N VAL A 1128 86.32 10.42 76.22
CA VAL A 1128 85.08 9.70 76.47
C VAL A 1128 85.38 8.28 76.94
N ASP A 1129 85.99 7.47 76.07
CA ASP A 1129 86.27 6.06 76.35
C ASP A 1129 87.47 5.64 75.49
N LYS A 1130 87.93 4.42 75.69
CA LYS A 1130 89.03 3.85 74.92
C LYS A 1130 88.52 3.07 73.73
N SER A 1166 86.40 11.71 83.61
CA SER A 1166 87.17 12.93 83.42
C SER A 1166 86.39 14.16 83.89
N GLU A 1167 86.99 15.34 83.76
CA GLU A 1167 86.35 16.57 84.22
C GLU A 1167 85.28 17.06 83.24
N ASN A 1168 85.41 16.72 81.96
CA ASN A 1168 84.46 17.19 80.96
C ASN A 1168 83.05 16.65 81.19
N TYR A 1169 82.92 15.51 81.87
CA TYR A 1169 81.60 14.97 82.17
C TYR A 1169 80.80 15.94 83.03
N GLN A 1170 81.45 16.56 84.01
CA GLN A 1170 80.78 17.52 84.88
C GLN A 1170 80.36 18.76 84.11
N ILE A 1171 81.13 19.16 83.10
CA ILE A 1171 80.82 20.37 82.34
C ILE A 1171 79.56 20.16 81.51
N VAL A 1172 79.39 18.97 80.95
CA VAL A 1172 78.20 18.68 80.15
C VAL A 1172 76.96 18.68 81.04
N LYS A 1173 77.07 18.13 82.24
CA LYS A 1173 75.94 18.12 83.16
C LYS A 1173 75.61 19.53 83.65
N GLY A 1174 76.63 20.38 83.80
CA GLY A 1174 76.38 21.73 84.27
C GLY A 1174 75.65 22.59 83.25
N ILE A 1175 75.98 22.42 81.97
CA ILE A 1175 75.33 23.19 80.92
C ILE A 1175 73.87 22.76 80.79
N LEU A 1176 73.64 21.45 80.66
CA LEU A 1176 72.28 20.96 80.47
C LEU A 1176 71.40 21.22 81.69
N GLU A 1177 71.98 21.10 82.89
CA GLU A 1177 71.23 21.46 84.10
C GLU A 1177 70.91 22.94 84.12
N ARG A 1178 71.79 23.77 83.53
CA ARG A 1178 71.51 25.20 83.46
C ARG A 1178 70.44 25.51 82.43
N LEU A 1179 70.46 24.81 81.29
CA LEU A 1179 69.51 25.10 80.22
C LEU A 1179 68.12 24.54 80.53
N ASN A 1180 68.04 23.44 81.27
CA ASN A 1180 66.73 22.92 81.68
C ASN A 1180 66.03 23.89 82.62
N LYS A 1181 66.79 24.62 83.44
CA LYS A 1181 66.22 25.65 84.30
C LYS A 1181 65.99 26.96 83.56
N MET A 1182 66.61 27.14 82.38
CA MET A 1182 66.40 28.35 81.61
C MET A 1182 64.95 28.49 81.18
N CYS A 1183 64.36 27.41 80.67
CA CYS A 1183 62.99 27.47 80.17
C CYS A 1183 62.00 27.80 81.29
N GLY A 1184 62.19 27.20 82.46
CA GLY A 1184 61.34 27.48 83.60
C GLY A 1184 59.88 27.10 83.38
N VAL A 1185 59.06 27.55 84.33
CA VAL A 1185 57.62 27.29 84.35
C VAL A 1185 56.90 28.54 83.88
N GLY A 1186 55.89 28.36 83.04
CA GLY A 1186 55.10 29.47 82.55
C GLY A 1186 54.41 29.11 81.26
N GLU A 1187 53.56 30.05 80.82
CA GLU A 1187 52.81 29.92 79.57
C GLU A 1187 53.26 30.94 78.53
N GLN A 1188 53.23 32.23 78.87
CA GLN A 1188 53.69 33.26 77.94
C GLN A 1188 55.21 33.37 77.97
N MET A 1189 55.82 33.28 79.16
CA MET A 1189 57.27 33.28 79.25
C MET A 1189 57.88 32.05 78.57
N ARG A 1190 57.12 30.96 78.50
CA ARG A 1190 57.62 29.74 77.87
C ARG A 1190 57.77 29.93 76.36
N LYS A 1191 56.79 30.58 75.72
CA LYS A 1191 56.85 30.78 74.27
C LYS A 1191 58.03 31.64 73.88
N LYS A 1192 58.39 32.62 74.71
CA LYS A 1192 59.50 33.51 74.38
C LYS A 1192 60.82 32.75 74.38
N GLN A 1193 61.04 31.91 75.39
CA GLN A 1193 62.33 31.24 75.53
C GLN A 1193 62.49 30.11 74.52
N GLN A 1194 61.40 29.42 74.17
CA GLN A 1194 61.47 28.43 73.11
C GLN A 1194 61.78 29.09 71.77
N ARG A 1195 61.34 30.33 71.58
CA ARG A 1195 61.64 31.05 70.35
C ARG A 1195 63.09 31.50 70.29
N LEU A 1196 63.68 31.83 71.44
CA LEU A 1196 65.05 32.32 71.45
C LEU A 1196 66.04 31.23 71.06
N LEU A 1197 65.77 29.99 71.47
CA LEU A 1197 66.67 28.89 71.13
C LEU A 1197 66.64 28.60 69.63
N LYS A 1198 65.49 28.78 68.99
CA LYS A 1198 65.41 28.58 67.54
C LYS A 1198 66.32 29.54 66.79
N ASN A 1199 66.39 30.78 67.26
CA ASN A 1199 67.17 31.80 66.54
C ASN A 1199 68.66 31.69 66.84
N MET A 1200 69.02 31.29 68.06
CA MET A 1200 70.42 31.06 68.39
C MET A 1200 70.96 29.74 67.85
N ASP A 1201 70.10 28.91 67.25
CA ASP A 1201 70.52 27.68 66.57
C ASP A 1201 71.13 26.68 67.57
N ALA A 1202 70.38 26.38 68.61
CA ALA A 1202 70.82 25.43 69.62
C ALA A 1202 70.43 24.00 69.29
N HIS A 1203 69.38 23.81 68.48
CA HIS A 1203 68.91 22.45 68.20
C HIS A 1203 69.92 21.66 67.39
N LYS A 1204 70.68 22.32 66.51
CA LYS A 1204 71.69 21.61 65.73
C LYS A 1204 72.82 21.09 66.61
N VAL A 1205 73.08 21.76 67.74
CA VAL A 1205 74.11 21.30 68.66
C VAL A 1205 73.63 20.08 69.45
N MET A 1206 72.31 19.95 69.66
CA MET A 1206 71.78 18.89 70.51
C MET A 1206 71.57 17.59 69.76
N LEU A 1207 71.44 17.62 68.43
CA LEU A 1207 71.23 16.39 67.68
C LEU A 1207 72.55 15.71 67.37
N ASP A 1208 73.62 16.48 67.15
CA ASP A 1208 74.94 15.90 66.99
C ASP A 1208 75.50 15.37 68.31
N LEU A 1209 74.86 15.69 69.43
CA LEU A 1209 75.13 15.08 70.72
C LEU A 1209 74.60 13.66 70.82
N LEU A 1210 73.92 13.15 69.80
CA LEU A 1210 73.52 11.75 69.70
C LEU A 1210 74.28 11.00 68.61
N GLN A 1211 75.20 11.65 67.91
CA GLN A 1211 76.08 11.01 66.92
C GLN A 1211 77.43 10.67 67.54
N ILE A 1212 77.43 10.28 68.81
CA ILE A 1212 78.64 9.96 69.55
C ILE A 1212 78.89 8.47 69.34
N PRO A 1213 80.14 7.98 69.35
CA PRO A 1213 80.34 6.52 69.22
C PRO A 1213 79.66 5.73 70.31
N TYR A 1214 79.64 6.22 71.54
CA TYR A 1214 78.79 5.71 72.61
C TYR A 1214 79.11 4.23 72.91
N ASP A 1215 80.32 4.04 73.42
CA ASP A 1215 80.72 2.71 73.90
C ASP A 1215 79.73 2.25 74.96
N LYS A 1216 78.93 1.23 74.62
CA LYS A 1216 77.85 0.81 75.50
C LYS A 1216 78.40 0.16 76.77
N GLY A 1217 77.92 0.65 77.92
CA GLY A 1217 78.35 0.15 79.21
C GLY A 1217 78.55 1.25 80.23
N ASP A 1218 78.90 2.45 79.76
CA ASP A 1218 79.12 3.57 80.66
C ASP A 1218 77.78 4.13 81.15
N ALA A 1219 77.76 4.53 82.41
CA ALA A 1219 76.58 5.15 83.02
C ALA A 1219 76.61 6.66 82.97
N LYS A 1220 77.80 7.27 83.01
CA LYS A 1220 77.91 8.72 82.93
C LYS A 1220 77.34 9.25 81.62
N MET A 1221 77.43 8.48 80.54
CA MET A 1221 76.78 8.87 79.30
C MET A 1221 75.26 8.74 79.41
N MET A 1222 74.78 7.73 80.12
CA MET A 1222 73.34 7.61 80.32
C MET A 1222 72.78 8.73 81.19
N GLU A 1223 73.62 9.37 82.01
CA GLU A 1223 73.19 10.53 82.78
C GLU A 1223 72.83 11.70 81.87
N ILE A 1224 73.77 12.13 81.04
CA ILE A 1224 73.56 13.33 80.24
C ILE A 1224 72.47 13.11 79.18
N LEU A 1225 72.31 11.89 78.69
CA LEU A 1225 71.34 11.66 77.61
C LEU A 1225 69.91 11.82 78.09
N ARG A 1226 69.65 11.64 79.38
CA ARG A 1226 68.33 11.93 79.91
C ARG A 1226 68.03 13.42 79.89
N TYR A 1227 69.04 14.24 80.20
CA TYR A 1227 68.87 15.69 80.12
C TYR A 1227 68.65 16.16 78.70
N THR A 1228 69.25 15.48 77.71
CA THR A 1228 69.01 15.82 76.32
C THR A 1228 67.57 15.55 75.93
N HIS A 1229 67.11 14.32 76.14
CA HIS A 1229 65.72 13.98 75.86
C HIS A 1229 64.75 14.65 76.82
N GLN A 1230 65.24 15.22 77.93
CA GLN A 1230 64.41 16.06 78.78
C GLN A 1230 64.35 17.49 78.26
N PHE A 1231 65.42 17.96 77.61
CA PHE A 1231 65.47 19.34 77.16
C PHE A 1231 64.72 19.53 75.84
N LEU A 1232 64.87 18.58 74.90
CA LEU A 1232 64.20 18.72 73.61
C LEU A 1232 62.68 18.70 73.76
N GLN A 1233 62.17 18.03 74.80
CA GLN A 1233 60.74 18.10 75.09
C GLN A 1233 60.32 19.51 75.44
N LYS A 1234 61.19 20.25 76.15
CA LYS A 1234 60.92 21.65 76.47
C LYS A 1234 61.08 22.56 75.26
N PHE A 1235 61.55 22.05 74.12
CA PHE A 1235 61.80 22.84 72.94
C PHE A 1235 60.65 22.81 71.92
N CYS A 1236 59.84 21.75 71.92
CA CYS A 1236 58.83 21.54 70.89
C CYS A 1236 57.52 21.07 71.50
N ALA A 1237 57.17 21.59 72.68
CA ALA A 1237 55.93 21.18 73.34
C ALA A 1237 54.72 21.92 72.78
N GLY A 1238 54.71 23.25 72.95
CA GLY A 1238 53.59 24.08 72.54
C GLY A 1238 53.97 25.07 71.46
N ASN A 1239 54.86 24.66 70.56
CA ASN A 1239 55.30 25.49 69.44
C ASN A 1239 55.47 24.59 68.23
N PRO A 1240 54.41 24.44 67.42
CA PRO A 1240 54.55 23.60 66.20
C PRO A 1240 55.62 24.09 65.23
N GLY A 1241 56.00 25.37 65.30
CA GLY A 1241 57.09 25.84 64.47
C GLY A 1241 58.40 25.11 64.74
N ASN A 1242 58.65 24.76 66.00
CA ASN A 1242 59.81 23.96 66.35
C ASN A 1242 59.61 22.49 66.04
N GLN A 1243 58.36 22.01 66.06
CA GLN A 1243 58.09 20.60 65.80
C GLN A 1243 58.47 20.21 64.38
N ALA A 1244 58.35 21.14 63.42
CA ALA A 1244 58.70 20.82 62.04
C ALA A 1244 60.20 20.61 61.86
N LEU A 1245 61.02 21.27 62.68
CA LEU A 1245 62.47 21.17 62.52
C LEU A 1245 62.96 19.79 62.94
N LEU A 1246 62.58 19.33 64.12
CA LEU A 1246 63.03 18.03 64.61
C LEU A 1246 62.47 16.89 63.77
N HIS A 1247 61.31 17.11 63.12
CA HIS A 1247 60.75 16.07 62.26
C HIS A 1247 61.64 15.78 61.06
N LYS A 1248 62.39 16.79 60.60
CA LYS A 1248 63.29 16.57 59.47
C LYS A 1248 64.50 15.74 59.88
N HIS A 1249 64.87 15.76 61.17
CA HIS A 1249 65.97 14.98 61.71
C HIS A 1249 65.47 13.72 62.41
N LEU A 1250 64.42 13.11 61.86
CA LEU A 1250 63.80 11.91 62.43
C LEU A 1250 64.68 10.66 62.31
N HIS A 1251 65.79 10.73 61.58
CA HIS A 1251 66.54 9.54 61.21
C HIS A 1251 67.35 8.92 62.35
N LEU A 1252 67.21 9.40 63.60
CA LEU A 1252 67.82 8.74 64.74
C LEU A 1252 66.92 8.68 65.97
N PHE A 1253 65.69 9.18 65.91
CA PHE A 1253 64.77 9.07 67.03
C PHE A 1253 64.03 7.74 67.09
N LEU A 1254 64.28 6.83 66.14
CA LEU A 1254 63.60 5.53 66.10
C LEU A 1254 64.48 4.38 66.60
N THR A 1255 65.59 4.68 67.25
CA THR A 1255 66.49 3.62 67.65
C THR A 1255 65.91 2.82 68.81
N PRO A 1256 66.30 1.55 68.97
CA PRO A 1256 65.86 0.79 70.15
C PRO A 1256 66.39 1.42 71.44
N GLY A 1257 65.48 1.81 72.31
CA GLY A 1257 65.84 2.41 73.58
C GLY A 1257 64.65 2.99 74.30
N LEU A 1258 64.74 3.11 75.63
CA LEU A 1258 63.58 3.49 76.43
C LEU A 1258 63.22 4.96 76.26
N LEU A 1259 64.21 5.81 75.99
CA LEU A 1259 64.02 7.26 76.04
C LEU A 1259 63.75 7.89 74.67
N GLU A 1260 64.11 7.22 73.58
CA GLU A 1260 63.91 7.82 72.26
C GLU A 1260 62.43 7.90 71.92
N ALA A 1261 61.68 6.82 72.20
CA ALA A 1261 60.24 6.87 72.00
C ALA A 1261 59.58 7.87 72.97
N GLU A 1262 60.18 8.06 74.14
CA GLU A 1262 59.67 9.07 75.07
C GLU A 1262 59.83 10.47 74.49
N THR A 1263 60.87 10.69 73.68
CA THR A 1263 61.01 11.96 72.97
C THR A 1263 59.95 12.11 71.89
N MET A 1264 59.56 11.00 71.25
CA MET A 1264 58.54 11.04 70.22
C MET A 1264 57.16 11.40 70.75
N GLN A 1265 56.95 11.28 72.06
CA GLN A 1265 55.64 11.57 72.64
C GLN A 1265 55.26 13.04 72.45
N HIS A 1266 56.24 13.94 72.56
CA HIS A 1266 55.99 15.38 72.57
C HIS A 1266 56.18 16.04 71.21
N ILE A 1267 56.78 15.36 70.23
CA ILE A 1267 56.94 15.95 68.91
C ILE A 1267 55.58 16.07 68.22
N PHE A 1268 54.82 14.98 68.16
CA PHE A 1268 53.53 14.95 67.51
C PHE A 1268 52.38 15.30 68.47
N LEU A 1269 52.68 15.91 69.61
CA LEU A 1269 51.67 16.22 70.61
C LEU A 1269 50.85 17.42 70.14
N ASN A 1270 49.57 17.18 69.85
CA ASN A 1270 48.63 18.22 69.43
C ASN A 1270 49.13 18.94 68.18
N ASN A 1271 49.23 18.18 67.09
CA ASN A 1271 49.60 18.73 65.79
C ASN A 1271 48.85 17.94 64.72
N TYR A 1272 47.70 18.47 64.30
CA TYR A 1272 46.91 17.83 63.26
C TYR A 1272 47.64 17.80 61.92
N GLN A 1273 48.61 18.68 61.71
CA GLN A 1273 49.34 18.70 60.44
C GLN A 1273 50.18 17.45 60.27
N LEU A 1274 51.13 17.22 61.17
CA LEU A 1274 52.08 16.13 60.98
C LEU A 1274 51.41 14.78 61.20
N CYS A 1275 50.42 14.71 62.09
CA CYS A 1275 49.76 13.44 62.37
C CYS A 1275 49.00 12.92 61.15
N SER A 1276 48.58 13.82 60.26
CA SER A 1276 47.85 13.42 59.07
C SER A 1276 48.75 12.97 57.92
N GLU A 1277 50.08 13.02 58.10
CA GLU A 1277 51.01 12.69 57.02
C GLU A 1277 52.16 11.85 57.57
N ILE A 1278 51.84 10.85 58.40
CA ILE A 1278 52.86 9.96 58.96
C ILE A 1278 53.24 8.92 57.92
N SER A 1279 54.54 8.60 57.86
CA SER A 1279 55.01 7.61 56.91
C SER A 1279 54.74 6.20 57.42
N GLU A 1280 55.04 5.22 56.57
CA GLU A 1280 54.70 3.83 56.86
C GLU A 1280 55.69 3.16 57.83
N PRO A 1281 57.01 3.32 57.70
CA PRO A 1281 57.91 2.60 58.62
C PRO A 1281 57.81 3.05 60.06
N VAL A 1282 57.25 4.22 60.34
CA VAL A 1282 57.19 4.71 61.73
C VAL A 1282 56.30 3.79 62.57
N LEU A 1283 55.06 3.60 62.13
CA LEU A 1283 54.13 2.76 62.88
C LEU A 1283 54.59 1.31 62.90
N GLN A 1284 55.09 0.81 61.77
CA GLN A 1284 55.49 -0.59 61.69
C GLN A 1284 56.71 -0.88 62.56
N HIS A 1285 57.56 0.12 62.80
CA HIS A 1285 58.77 -0.12 63.57
C HIS A 1285 58.46 -0.33 65.05
N PHE A 1286 57.61 0.52 65.63
CA PHE A 1286 57.25 0.36 67.04
C PHE A 1286 56.48 -0.93 67.25
N VAL A 1287 55.65 -1.34 66.28
CA VAL A 1287 54.98 -2.62 66.36
C VAL A 1287 55.98 -3.75 66.18
N HIS A 1288 56.86 -3.63 65.18
CA HIS A 1288 57.94 -4.60 65.02
C HIS A 1288 58.86 -4.59 66.23
N LEU A 1289 59.04 -3.44 66.86
CA LEU A 1289 59.77 -3.38 68.12
C LEU A 1289 58.98 -4.05 69.23
N LEU A 1290 57.69 -3.72 69.33
CA LEU A 1290 56.85 -4.28 70.38
C LEU A 1290 56.75 -5.80 70.26
N ALA A 1291 56.78 -6.33 69.04
CA ALA A 1291 56.86 -7.76 68.85
C ALA A 1291 58.28 -8.28 69.08
N THR A 1292 59.29 -7.44 68.87
CA THR A 1292 60.67 -7.85 69.12
C THR A 1292 60.95 -7.95 70.61
N HIS A 1293 60.82 -6.83 71.32
CA HIS A 1293 61.10 -6.78 72.75
C HIS A 1293 59.86 -7.11 73.58
N GLY A 1294 58.80 -6.32 73.42
CA GLY A 1294 57.59 -6.53 74.18
C GLY A 1294 57.79 -6.39 75.68
N ARG A 1295 58.75 -5.56 76.09
CA ARG A 1295 59.07 -5.36 77.51
C ARG A 1295 58.39 -4.13 78.09
N HIS A 1296 58.60 -2.97 77.48
CA HIS A 1296 58.21 -1.69 78.04
C HIS A 1296 56.90 -1.19 77.42
N VAL A 1297 56.32 -0.19 78.08
CA VAL A 1297 55.03 0.35 77.69
C VAL A 1297 55.15 1.70 76.97
N GLN A 1298 56.28 2.40 77.10
CA GLN A 1298 56.37 3.77 76.60
C GLN A 1298 56.33 3.83 75.09
N TYR A 1299 56.70 2.75 74.40
CA TYR A 1299 56.53 2.71 72.95
C TYR A 1299 55.04 2.75 72.58
N LEU A 1300 54.19 2.16 73.41
CA LEU A 1300 52.75 2.16 73.16
C LEU A 1300 52.11 3.51 73.45
N ASP A 1301 52.75 4.34 74.29
CA ASP A 1301 52.21 5.67 74.57
C ASP A 1301 52.17 6.53 73.31
N PHE A 1302 53.07 6.30 72.37
CA PHE A 1302 53.11 7.10 71.15
C PHE A 1302 51.82 6.92 70.33
N LEU A 1303 51.28 5.70 70.32
CA LEU A 1303 50.06 5.45 69.57
C LEU A 1303 48.83 6.07 70.23
N HIS A 1304 48.89 6.36 71.53
CA HIS A 1304 47.80 7.02 72.22
C HIS A 1304 47.76 8.52 71.97
N THR A 1305 48.90 9.12 71.60
CA THR A 1305 48.99 10.56 71.37
C THR A 1305 48.71 10.94 69.93
N VAL A 1306 49.31 10.21 68.98
CA VAL A 1306 49.12 10.54 67.56
C VAL A 1306 47.67 10.33 67.15
N ILE A 1307 46.98 9.37 67.77
CA ILE A 1307 45.59 9.11 67.40
C ILE A 1307 44.69 10.26 67.83
N LYS A 1308 45.04 10.97 68.91
CA LYS A 1308 44.27 12.10 69.40
C LYS A 1308 44.96 13.39 68.95
N ALA A 1309 44.35 14.07 67.98
CA ALA A 1309 44.85 15.36 67.52
C ALA A 1309 44.38 16.44 68.50
N GLU A 1310 44.53 17.71 68.11
CA GLU A 1310 44.07 18.81 68.95
C GLU A 1310 42.56 18.73 69.18
N GLY A 1311 41.80 18.57 68.11
CA GLY A 1311 40.35 18.48 68.21
C GLY A 1311 39.73 17.55 67.18
N LYS A 1312 40.51 16.59 66.67
CA LYS A 1312 40.04 15.66 65.66
C LYS A 1312 40.70 14.30 65.89
N TYR A 1313 40.14 13.29 65.22
CA TYR A 1313 40.72 11.96 65.15
C TYR A 1313 41.03 11.64 63.70
N VAL A 1314 42.25 11.18 63.45
CA VAL A 1314 42.79 11.04 62.10
C VAL A 1314 42.58 9.59 61.67
N LYS A 1315 41.71 9.38 60.67
CA LYS A 1315 41.43 8.05 60.17
C LYS A 1315 42.64 7.40 59.50
N LYS A 1316 43.62 8.19 59.07
CA LYS A 1316 44.82 7.62 58.44
C LYS A 1316 45.55 6.67 59.38
N CYS A 1317 45.44 6.89 60.70
CA CYS A 1317 46.08 6.04 61.69
C CYS A 1317 45.10 5.23 62.53
N GLN A 1318 43.79 5.48 62.41
CA GLN A 1318 42.82 4.60 63.05
C GLN A 1318 42.95 3.17 62.53
N ASP A 1319 43.03 3.03 61.20
CA ASP A 1319 43.00 1.70 60.60
C ASP A 1319 44.35 1.01 60.71
N MET A 1320 45.43 1.73 60.38
CA MET A 1320 46.74 1.11 60.27
C MET A 1320 47.23 0.56 61.60
N ILE A 1321 46.81 1.14 62.71
CA ILE A 1321 47.19 0.59 64.01
C ILE A 1321 46.50 -0.75 64.25
N MET A 1322 45.26 -0.88 63.79
CA MET A 1322 44.53 -2.13 63.99
C MET A 1322 45.07 -3.24 63.08
N THR A 1323 45.48 -2.88 61.86
CA THR A 1323 46.00 -3.89 60.94
C THR A 1323 47.31 -4.48 61.45
N GLU A 1324 48.19 -3.65 61.99
CA GLU A 1324 49.47 -4.11 62.49
C GLU A 1324 49.38 -4.81 63.84
N LEU A 1325 48.26 -4.67 64.56
CA LEU A 1325 48.05 -5.32 65.84
C LEU A 1325 47.12 -6.53 65.77
N THR A 1326 46.26 -6.61 64.75
CA THR A 1326 45.33 -7.73 64.65
C THR A 1326 46.07 -9.04 64.41
N ASN A 1327 47.08 -9.03 63.53
CA ASN A 1327 47.84 -10.21 63.14
C ASN A 1327 49.29 -10.10 63.62
N ALA A 1328 49.48 -9.53 64.80
CA ALA A 1328 50.83 -9.32 65.32
C ALA A 1328 51.36 -10.59 65.99
N GLY A 1329 50.69 -11.05 67.03
CA GLY A 1329 51.12 -12.25 67.74
C GLY A 1329 50.47 -12.33 69.10
N ASP A 1330 51.23 -12.89 70.06
CA ASP A 1330 50.77 -13.08 71.43
C ASP A 1330 51.31 -12.02 72.38
N ASP A 1331 52.60 -11.72 72.30
CA ASP A 1331 53.20 -10.71 73.18
C ASP A 1331 52.62 -9.33 72.91
N VAL A 1332 52.21 -9.06 71.67
CA VAL A 1332 51.69 -7.74 71.32
C VAL A 1332 50.29 -7.54 71.91
N VAL A 1333 49.45 -8.56 71.87
CA VAL A 1333 48.08 -8.50 72.38
C VAL A 1333 48.04 -9.36 73.64
N VAL A 1334 48.06 -8.71 74.80
CA VAL A 1334 48.11 -9.39 76.09
C VAL A 1334 46.73 -9.23 76.72
N PHE A 1335 45.87 -10.23 76.48
CA PHE A 1335 44.57 -10.34 77.11
C PHE A 1335 44.52 -11.59 77.98
N TYR A 1336 43.50 -11.67 78.83
CA TYR A 1336 43.33 -12.78 79.77
C TYR A 1336 41.84 -13.05 79.90
N ASN A 1337 41.36 -14.04 79.14
CA ASN A 1337 39.94 -14.41 79.11
C ASN A 1337 39.66 -15.81 79.65
N ASP A 1338 40.48 -16.80 79.28
CA ASP A 1338 40.29 -18.16 79.79
C ASP A 1338 40.49 -18.20 81.31
N LYS A 1339 40.14 -19.35 81.89
CA LYS A 1339 40.23 -19.52 83.34
C LYS A 1339 41.68 -19.47 83.80
N ALA A 1340 42.55 -20.23 83.14
CA ALA A 1340 43.97 -20.20 83.49
C ALA A 1340 44.56 -18.82 83.25
N SER A 1341 44.18 -18.19 82.14
CA SER A 1341 44.68 -16.84 81.86
C SER A 1341 44.09 -15.83 82.83
N LEU A 1342 42.81 -15.96 83.17
CA LEU A 1342 42.21 -15.09 84.18
C LEU A 1342 42.91 -15.26 85.52
N ALA A 1343 43.30 -16.49 85.84
CA ALA A 1343 43.94 -16.76 87.14
C ALA A 1343 45.28 -16.03 87.24
N HIS A 1344 45.97 -15.82 86.13
CA HIS A 1344 47.23 -15.09 86.17
C HIS A 1344 47.01 -13.61 86.38
N LEU A 1345 45.97 -13.05 85.75
CA LEU A 1345 45.72 -11.61 85.86
C LEU A 1345 45.03 -11.28 87.19
N LEU A 1346 44.15 -12.15 87.66
CA LEU A 1346 43.48 -11.89 88.93
C LEU A 1346 44.47 -11.92 90.09
N ASP A 1347 45.44 -12.83 90.04
CA ASP A 1347 46.51 -12.83 91.04
C ASP A 1347 47.34 -11.56 90.96
N MET A 1348 47.42 -10.94 89.78
CA MET A 1348 48.13 -9.69 89.62
C MET A 1348 47.33 -8.51 90.18
N MET A 1349 46.00 -8.57 90.09
CA MET A 1349 45.16 -7.52 90.66
C MET A 1349 45.28 -7.49 92.18
N LYS A 1350 45.45 -8.65 92.82
CA LYS A 1350 45.54 -8.70 94.27
C LYS A 1350 46.77 -7.97 94.77
N ALA A 1351 47.94 -8.30 94.22
CA ALA A 1351 49.18 -7.65 94.65
C ALA A 1351 49.23 -6.18 94.25
N ALA A 1352 48.48 -5.78 93.23
CA ALA A 1352 48.44 -4.39 92.75
C ALA A 1352 47.24 -3.63 93.27
N ARG A 1353 46.83 -3.90 94.51
CA ARG A 1353 45.65 -3.25 95.07
C ARG A 1353 45.80 -1.74 95.11
N ASP A 1354 46.98 -1.25 95.50
CA ASP A 1354 47.26 0.18 95.59
C ASP A 1354 48.67 0.46 95.09
N GLY A 1355 48.84 1.65 94.52
CA GLY A 1355 50.14 2.08 94.04
C GLY A 1355 50.63 1.28 92.85
N VAL A 1356 49.95 1.43 91.71
CA VAL A 1356 50.36 0.73 90.49
C VAL A 1356 51.71 1.25 90.03
N GLU A 1357 52.55 0.33 89.56
CA GLU A 1357 53.87 0.68 89.06
C GLU A 1357 53.80 1.15 87.61
N ASP A 1358 54.81 1.93 87.22
CA ASP A 1358 54.90 2.41 85.84
C ASP A 1358 55.38 1.30 84.92
N HIS A 1359 56.56 0.74 85.21
CA HIS A 1359 57.11 -0.36 84.43
C HIS A 1359 56.60 -1.66 85.04
N SER A 1360 55.51 -2.19 84.48
CA SER A 1360 54.89 -3.40 84.99
C SER A 1360 53.95 -3.94 83.92
N PRO A 1361 53.67 -5.25 83.92
CA PRO A 1361 52.74 -5.79 82.92
C PRO A 1361 51.30 -5.32 83.11
N LEU A 1362 50.92 -4.91 84.32
CA LEU A 1362 49.57 -4.40 84.54
C LEU A 1362 49.36 -3.08 83.80
N MET A 1363 50.34 -2.17 83.89
CA MET A 1363 50.25 -0.91 83.16
C MET A 1363 50.23 -1.13 81.66
N TYR A 1364 50.87 -2.21 81.18
CA TYR A 1364 50.81 -2.53 79.77
C TYR A 1364 49.40 -2.85 79.32
N HIS A 1365 48.65 -3.56 80.17
CA HIS A 1365 47.29 -3.97 79.80
C HIS A 1365 46.29 -2.81 79.92
N ILE A 1366 46.51 -1.90 80.86
CA ILE A 1366 45.60 -0.77 81.03
C ILE A 1366 45.65 0.13 79.80
N SER A 1367 46.86 0.53 79.40
CA SER A 1367 46.99 1.43 78.26
C SER A 1367 46.66 0.73 76.95
N LEU A 1368 46.85 -0.59 76.87
CA LEU A 1368 46.52 -1.32 75.66
C LEU A 1368 45.02 -1.30 75.39
N VAL A 1369 44.22 -1.53 76.43
CA VAL A 1369 42.77 -1.42 76.28
C VAL A 1369 42.37 0.02 76.02
N ASP A 1370 43.15 0.98 76.54
CA ASP A 1370 42.85 2.39 76.30
C ASP A 1370 43.04 2.74 74.83
N LEU A 1371 44.06 2.19 74.19
CA LEU A 1371 44.30 2.47 72.78
C LEU A 1371 43.18 1.90 71.92
N LEU A 1372 42.89 0.60 72.09
CA LEU A 1372 41.81 -0.01 71.33
C LEU A 1372 40.46 0.62 71.65
N ALA A 1373 40.30 1.12 72.87
CA ALA A 1373 39.08 1.84 73.23
C ALA A 1373 39.08 3.26 72.68
N ALA A 1374 40.25 3.87 72.54
CA ALA A 1374 40.34 5.24 72.06
C ALA A 1374 40.30 5.33 70.54
N CYS A 1375 40.73 4.29 69.84
CA CYS A 1375 40.79 4.33 68.38
C CYS A 1375 39.40 4.25 67.77
N ALA A 1376 38.57 3.33 68.26
CA ALA A 1376 37.25 3.06 67.70
C ALA A 1376 36.15 3.89 68.36
N GLU A 1377 36.47 5.06 68.90
CA GLU A 1377 35.44 5.90 69.53
C GLU A 1377 34.45 6.42 68.49
N GLY A 1378 34.95 6.90 67.36
CA GLY A 1378 34.09 7.39 66.31
C GLY A 1378 33.41 6.27 65.54
N LYS A 1379 32.54 6.67 64.62
CA LYS A 1379 31.81 5.73 63.78
C LYS A 1379 32.72 5.27 62.65
N ASN A 1380 33.35 4.11 62.88
CA ASN A 1380 34.26 3.50 61.90
C ASN A 1380 33.99 2.00 61.91
N VAL A 1381 33.20 1.54 60.93
CA VAL A 1381 32.80 0.14 60.88
C VAL A 1381 34.02 -0.76 60.67
N TYR A 1382 35.09 -0.24 60.06
CA TYR A 1382 36.26 -1.05 59.78
C TYR A 1382 36.94 -1.50 61.07
N THR A 1383 37.33 -0.54 61.92
CA THR A 1383 38.03 -0.89 63.15
C THR A 1383 37.10 -1.55 64.17
N GLU A 1384 35.80 -1.26 64.11
CA GLU A 1384 34.88 -1.76 65.13
C GLU A 1384 34.53 -3.23 64.95
N ILE A 1385 34.45 -3.72 63.71
CA ILE A 1385 34.27 -5.16 63.50
C ILE A 1385 35.46 -5.92 64.08
N LYS A 1386 36.66 -5.34 63.99
CA LYS A 1386 37.84 -5.96 64.56
C LYS A 1386 37.78 -5.98 66.08
N CYS A 1387 37.53 -4.82 66.70
CA CYS A 1387 37.59 -4.69 68.15
C CYS A 1387 36.65 -5.65 68.86
N THR A 1388 35.51 -5.96 68.24
CA THR A 1388 34.63 -6.98 68.80
C THR A 1388 35.29 -8.35 68.76
N SER A 1389 36.18 -8.59 67.80
CA SER A 1389 36.87 -9.87 67.69
C SER A 1389 38.10 -9.93 68.58
N LEU A 1390 38.75 -8.79 68.85
CA LEU A 1390 39.93 -8.81 69.71
C LEU A 1390 39.57 -9.16 71.15
N LEU A 1391 38.38 -8.73 71.60
CA LEU A 1391 37.94 -8.98 72.97
C LEU A 1391 36.41 -9.07 73.00
N PRO A 1392 35.81 -10.24 73.37
CA PRO A 1392 34.34 -10.30 73.41
C PRO A 1392 33.75 -9.54 74.59
N LEU A 1393 32.41 -9.53 74.69
CA LEU A 1393 31.73 -8.80 75.76
C LEU A 1393 31.64 -9.62 77.03
N GLU A 1394 31.32 -10.91 76.91
CA GLU A 1394 31.01 -11.71 78.09
C GLU A 1394 32.21 -11.90 78.99
N ASP A 1395 33.42 -11.87 78.44
CA ASP A 1395 34.61 -12.03 79.27
C ASP A 1395 34.91 -10.78 80.09
N VAL A 1396 34.45 -9.61 79.62
CA VAL A 1396 34.68 -8.36 80.34
C VAL A 1396 33.77 -8.27 81.55
N VAL A 1397 32.53 -8.75 81.43
CA VAL A 1397 31.57 -8.63 82.53
C VAL A 1397 32.01 -9.48 83.72
N SER A 1398 32.67 -10.61 83.48
CA SER A 1398 33.11 -11.46 84.57
C SER A 1398 34.17 -10.78 85.44
N VAL A 1399 34.94 -9.87 84.86
CA VAL A 1399 35.98 -9.17 85.61
C VAL A 1399 35.37 -8.07 86.47
N VAL A 1400 34.39 -7.35 85.93
CA VAL A 1400 33.80 -6.22 86.64
C VAL A 1400 32.97 -6.69 87.83
N THR A 1401 32.34 -7.86 87.72
CA THR A 1401 31.42 -8.34 88.75
C THR A 1401 32.16 -9.16 89.81
N HIS A 1402 33.15 -8.50 90.43
CA HIS A 1402 33.91 -9.08 91.53
C HIS A 1402 33.98 -8.11 92.71
N GLU A 1403 33.96 -6.80 92.43
CA GLU A 1403 34.06 -5.77 93.46
C GLU A 1403 35.35 -5.90 94.27
N ASP A 1404 36.41 -6.39 93.62
CA ASP A 1404 37.73 -6.46 94.22
C ASP A 1404 38.83 -5.95 93.29
N CYS A 1405 38.46 -5.45 92.11
CA CYS A 1405 39.44 -4.99 91.13
C CYS A 1405 39.92 -3.58 91.50
N ILE A 1406 40.84 -3.06 90.69
CA ILE A 1406 41.42 -1.74 90.91
C ILE A 1406 40.52 -0.70 90.26
N THR A 1407 40.46 0.48 90.87
CA THR A 1407 39.56 1.54 90.39
C THR A 1407 39.97 2.02 89.00
N GLU A 1408 41.28 2.18 88.77
CA GLU A 1408 41.76 2.61 87.47
C GLU A 1408 41.42 1.59 86.39
N VAL A 1409 41.50 0.30 86.71
CA VAL A 1409 41.18 -0.74 85.73
C VAL A 1409 39.72 -0.68 85.34
N LYS A 1410 38.84 -0.27 86.27
CA LYS A 1410 37.42 -0.17 85.96
C LYS A 1410 37.15 0.92 84.93
N MET A 1411 38.02 1.91 84.84
CA MET A 1411 37.85 2.98 83.86
C MET A 1411 37.93 2.43 82.44
N ALA A 1412 39.04 1.74 82.12
CA ALA A 1412 39.34 1.39 80.74
C ALA A 1412 38.32 0.43 80.16
N TYR A 1413 37.90 -0.57 80.94
CA TYR A 1413 36.90 -1.51 80.44
C TYR A 1413 35.56 -0.83 80.20
N VAL A 1414 35.15 0.07 81.10
CA VAL A 1414 33.96 0.87 80.83
C VAL A 1414 34.23 1.81 79.67
N ASN A 1415 35.44 2.34 79.58
CA ASN A 1415 35.83 3.14 78.42
C ASN A 1415 35.79 2.31 77.14
N PHE A 1416 36.05 1.00 77.24
CA PHE A 1416 36.04 0.14 76.06
C PHE A 1416 34.61 -0.19 75.64
N VAL A 1417 33.75 -0.56 76.59
CA VAL A 1417 32.40 -0.99 76.26
C VAL A 1417 31.55 0.21 75.84
N ASN A 1418 31.79 1.38 76.43
CA ASN A 1418 31.02 2.57 76.07
C ASN A 1418 31.28 2.98 74.63
N HIS A 1419 32.52 2.88 74.17
CA HIS A 1419 32.94 3.47 72.91
C HIS A 1419 33.18 2.45 71.80
N CYS A 1420 32.98 1.15 72.06
CA CYS A 1420 33.15 0.11 71.05
C CYS A 1420 31.85 -0.61 70.74
N TYR A 1421 31.17 -1.18 71.74
CA TYR A 1421 30.01 -2.00 71.48
C TYR A 1421 28.74 -1.18 71.30
N VAL A 1422 28.66 -0.01 71.94
CA VAL A 1422 27.50 0.86 71.77
C VAL A 1422 27.43 1.35 70.33
N ASP A 1423 28.54 1.89 69.83
CA ASP A 1423 28.60 2.37 68.45
C ASP A 1423 28.87 1.21 67.51
N ALA A 1460 22.41 -9.36 75.37
CA ALA A 1460 21.63 -8.13 75.52
C ALA A 1460 21.49 -7.77 76.99
N ASP A 1461 21.09 -8.76 77.80
CA ASP A 1461 20.91 -8.52 79.23
C ASP A 1461 22.23 -8.34 79.96
N PRO A 1462 23.33 -8.84 79.40
CA PRO A 1462 24.62 -8.72 80.07
C PRO A 1462 25.10 -7.27 80.16
N THR A 1463 24.63 -6.40 79.27
CA THR A 1463 25.04 -4.99 79.32
C THR A 1463 24.53 -4.30 80.58
N LEU A 1464 23.35 -4.71 81.07
CA LEU A 1464 22.81 -4.14 82.31
C LEU A 1464 23.48 -4.70 83.55
N GLU A 1465 24.14 -5.86 83.46
CA GLU A 1465 24.83 -6.43 84.61
C GLU A 1465 25.95 -5.51 85.08
N LYS A 1466 26.68 -4.90 84.14
CA LYS A 1466 27.71 -3.94 84.51
C LYS A 1466 27.10 -2.69 85.15
N TYR A 1467 25.92 -2.29 84.67
CA TYR A 1467 25.23 -1.15 85.26
C TYR A 1467 24.78 -1.45 86.68
N VAL A 1468 24.50 -2.72 86.99
CA VAL A 1468 24.09 -3.09 88.34
C VAL A 1468 25.21 -2.85 89.34
N LEU A 1469 26.40 -3.38 89.06
CA LEU A 1469 27.54 -3.16 89.94
C LEU A 1469 27.96 -1.68 89.93
N SER A 1470 27.74 -0.98 88.82
CA SER A 1470 28.05 0.44 88.78
C SER A 1470 27.18 1.24 89.74
N VAL A 1471 25.93 0.81 89.94
CA VAL A 1471 25.06 1.49 90.89
C VAL A 1471 25.58 1.31 92.32
N VAL A 1472 25.90 0.07 92.70
CA VAL A 1472 26.47 -0.17 94.01
C VAL A 1472 27.84 0.48 94.15
N LEU A 1473 28.64 0.44 93.09
CA LEU A 1473 29.95 1.08 93.13
C LEU A 1473 29.84 2.59 93.28
N ASP A 1474 28.79 3.18 92.70
CA ASP A 1474 28.59 4.63 92.85
C ASP A 1474 28.32 5.01 94.29
N THR A 1475 27.63 4.16 95.04
CA THR A 1475 27.35 4.43 96.44
C THR A 1475 28.58 4.23 97.33
N ILE A 1476 29.58 3.46 96.86
CA ILE A 1476 30.78 3.23 97.66
C ILE A 1476 31.53 4.53 97.91
N ASN A 1477 31.62 5.38 96.88
CA ASN A 1477 32.29 6.68 97.05
C ASN A 1477 31.38 7.68 97.74
N ALA A 1478 30.07 7.59 97.53
CA ALA A 1478 29.14 8.50 98.20
C ALA A 1478 29.15 8.29 99.71
N PHE A 1479 29.48 7.08 100.17
CA PHE A 1479 29.53 6.82 101.61
C PHE A 1479 30.68 7.58 102.27
N PHE A 1480 31.77 7.81 101.54
CA PHE A 1480 32.91 8.54 102.08
C PHE A 1480 32.60 10.03 102.18
N TRP A 1513 43.32 8.42 97.57
CA TRP A 1513 42.74 7.09 97.41
C TRP A 1513 41.30 7.17 96.94
N LEU A 1514 40.46 7.84 97.75
CA LEU A 1514 39.06 7.97 97.40
C LEU A 1514 38.86 8.86 96.16
N GLN A 1515 39.79 9.78 95.91
CA GLN A 1515 39.67 10.65 94.75
C GLN A 1515 39.78 9.86 93.45
N GLN A 1516 40.51 8.76 93.45
CA GLN A 1516 40.64 7.94 92.25
C GLN A 1516 39.31 7.30 91.88
N GLN A 1517 38.61 6.74 92.88
CA GLN A 1517 37.31 6.13 92.61
C GLN A 1517 36.28 7.16 92.18
N HIS A 1518 36.45 8.42 92.60
CA HIS A 1518 35.52 9.47 92.18
C HIS A 1518 35.57 9.70 90.67
N LYS A 1519 36.72 9.43 90.04
CA LYS A 1519 36.82 9.58 88.60
C LYS A 1519 35.91 8.59 87.88
N GLY A 1520 35.77 7.38 88.44
CA GLY A 1520 34.89 6.39 87.83
C GLY A 1520 33.42 6.81 87.96
N SER A 1521 33.09 7.61 88.98
CA SER A 1521 31.72 8.07 89.15
C SER A 1521 31.30 8.97 87.99
N VAL A 1522 32.04 10.05 87.77
CA VAL A 1522 31.74 10.95 86.65
C VAL A 1522 31.93 10.24 85.31
N GLU A 1523 32.91 9.36 85.21
CA GLU A 1523 33.14 8.63 83.97
C GLU A 1523 32.00 7.66 83.68
N ALA A 1524 31.64 6.83 84.67
CA ALA A 1524 30.54 5.89 84.48
C ALA A 1524 29.20 6.60 84.39
N CYS A 1525 29.08 7.79 84.99
CA CYS A 1525 27.84 8.55 84.88
C CYS A 1525 27.57 8.95 83.44
N ILE A 1526 28.63 9.32 82.70
CA ILE A 1526 28.47 9.64 81.30
C ILE A 1526 28.08 8.41 80.48
N ARG A 1527 28.47 7.21 80.94
CA ARG A 1527 28.13 5.99 80.22
C ARG A 1527 26.69 5.58 80.45
N THR A 1528 26.15 5.83 81.64
CA THR A 1528 24.75 5.49 81.91
C THR A 1528 23.81 6.26 81.00
N LEU A 1529 24.15 7.52 80.70
CA LEU A 1529 23.33 8.32 79.79
C LEU A 1529 23.59 7.97 78.34
N ALA A 1530 24.86 7.75 77.97
CA ALA A 1530 25.20 7.47 76.58
C ALA A 1530 24.79 6.06 76.18
N MET A 1531 25.01 5.08 77.05
CA MET A 1531 24.65 3.70 76.73
C MET A 1531 23.15 3.55 76.58
N VAL A 1532 22.38 4.24 77.43
CA VAL A 1532 20.92 4.17 77.34
C VAL A 1532 20.40 4.99 76.16
N ALA A 1533 20.86 6.23 76.02
CA ALA A 1533 20.35 7.13 75.01
C ALA A 1533 20.66 6.68 73.58
N LYS A 1534 21.54 5.69 73.39
CA LYS A 1534 21.86 5.24 72.05
C LYS A 1534 20.64 4.67 71.34
N GLY A 1535 20.08 3.59 71.88
CA GLY A 1535 18.90 2.97 71.31
C GLY A 1535 18.28 1.98 72.28
N ARG A 1536 13.52 -6.88 80.09
CA ARG A 1536 12.62 -5.74 80.06
C ARG A 1536 12.36 -5.21 81.47
N ALA A 1537 11.55 -5.94 82.25
CA ALA A 1537 11.25 -5.52 83.61
C ALA A 1537 12.48 -5.57 84.49
N ILE A 1538 13.42 -6.47 84.21
CA ILE A 1538 14.66 -6.53 84.99
C ILE A 1538 15.50 -5.28 84.79
N LEU A 1539 15.65 -4.84 83.53
CA LEU A 1539 16.39 -3.61 83.26
C LEU A 1539 15.56 -2.38 83.61
N LEU A 1540 14.24 -2.47 83.55
CA LEU A 1540 13.40 -1.32 83.89
C LEU A 1540 13.44 -1.05 85.38
N PRO A 1541 13.30 -2.09 86.20
CA PRO A 1541 13.36 -1.92 87.65
C PRO A 1541 14.74 -1.46 88.09
N MET A 1542 15.79 -1.87 87.38
CA MET A 1542 17.15 -1.46 87.73
C MET A 1542 17.52 -0.10 87.14
N ASP A 1543 16.81 0.35 86.10
CA ASP A 1543 17.13 1.64 85.49
C ASP A 1543 16.87 2.78 86.47
N LEU A 1544 15.90 2.64 87.36
CA LEU A 1544 15.61 3.70 88.34
C LEU A 1544 16.71 3.77 89.40
N ASP A 1545 17.41 2.66 89.66
CA ASP A 1545 18.45 2.68 90.68
C ASP A 1545 19.63 3.55 90.28
N ALA A 1546 19.90 3.65 88.97
CA ALA A 1546 21.00 4.50 88.52
C ALA A 1546 20.73 5.97 88.85
N HIS A 1547 19.48 6.40 88.72
CA HIS A 1547 19.11 7.78 88.99
C HIS A 1547 18.66 8.00 90.42
N ILE A 1548 18.19 6.95 91.10
CA ILE A 1548 17.71 7.09 92.47
C ILE A 1548 18.84 7.52 93.40
N SER A 1549 20.02 6.92 93.24
CA SER A 1549 21.18 7.30 94.05
C SER A 1549 21.86 8.56 93.52
N SER A 1550 21.76 8.82 92.22
CA SER A 1550 22.38 10.01 91.64
C SER A 1550 21.73 11.27 92.18
N MET A 1551 20.40 11.31 92.26
CA MET A 1551 19.71 12.48 92.78
C MET A 1551 19.93 12.64 94.27
N LEU A 1552 20.07 11.53 95.00
CA LEU A 1552 20.31 11.62 96.44
C LEU A 1552 21.65 12.26 96.74
N SER A 1553 22.70 11.81 96.07
CA SER A 1553 24.02 12.41 96.26
C SER A 1553 24.10 13.81 95.70
N SER A 1554 23.30 14.11 94.67
CA SER A 1554 23.30 15.44 94.06
C SER A 1554 22.77 16.48 95.04
N GLY A 1555 32.89 19.67 91.70
CA GLY A 1555 31.50 20.00 91.98
C GLY A 1555 30.77 20.41 90.71
N ALA A 1556 31.51 21.01 89.77
CA ALA A 1556 30.90 21.40 88.50
C ALA A 1556 30.42 20.17 87.72
N SER A 1557 31.22 19.11 87.69
CA SER A 1557 30.81 17.89 87.01
C SER A 1557 29.68 17.18 87.76
N CYS A 1558 29.62 17.34 89.08
CA CYS A 1558 28.54 16.72 89.85
C CYS A 1558 27.19 17.31 89.48
N ALA A 1559 27.11 18.65 89.43
CA ALA A 1559 25.86 19.29 89.03
C ALA A 1559 25.52 18.96 87.58
N ALA A 1560 26.52 18.93 86.71
CA ALA A 1560 26.29 18.55 85.32
C ALA A 1560 25.91 17.09 85.21
N ALA A 1561 26.60 16.21 85.95
CA ALA A 1561 26.23 14.80 85.96
C ALA A 1561 24.89 14.58 86.62
N ALA A 1562 24.56 15.40 87.63
CA ALA A 1562 23.25 15.31 88.27
C ALA A 1562 22.14 15.65 87.27
N GLN A 1563 22.38 16.62 86.40
CA GLN A 1563 21.41 16.96 85.38
C GLN A 1563 21.40 15.93 84.26
N ARG A 1564 22.58 15.50 83.82
CA ARG A 1564 22.66 14.48 82.77
C ARG A 1564 22.08 13.16 83.25
N ASN A 1565 22.40 12.76 84.49
CA ASN A 1565 21.78 11.58 85.05
C ASN A 1565 20.28 11.77 85.23
N ALA A 1566 19.87 12.96 85.66
CA ALA A 1566 18.45 13.27 85.78
C ALA A 1566 17.80 13.52 84.43
N SER A 1567 18.58 13.84 83.40
CA SER A 1567 18.03 13.97 82.06
C SER A 1567 17.54 12.63 81.54
N SER A 1568 18.38 11.60 81.64
CA SER A 1568 17.94 10.26 81.29
C SER A 1568 16.93 9.73 82.29
N TYR A 1569 17.00 10.17 83.56
CA TYR A 1569 15.99 9.80 84.53
C TYR A 1569 14.68 10.51 84.23
N LYS A 1570 14.73 11.76 83.80
CA LYS A 1570 13.54 12.49 83.38
C LYS A 1570 12.80 11.76 82.28
N ALA A 1571 13.52 10.98 81.46
CA ALA A 1571 12.93 10.12 80.46
C ALA A 1571 12.72 8.69 80.97
N THR A 1572 12.41 8.54 82.26
CA THR A 1572 11.99 7.25 82.78
C THR A 1572 10.59 6.86 82.31
N THR A 1573 9.86 7.78 81.69
CA THR A 1573 8.61 7.44 81.02
C THR A 1573 8.30 8.52 79.99
N ARG A 1574 7.87 10.99 97.16
CA ARG A 1574 8.38 12.29 97.53
C ARG A 1574 9.63 12.62 96.72
N ALA A 1575 10.70 11.85 96.94
CA ALA A 1575 11.93 12.05 96.18
C ALA A 1575 11.72 11.74 94.70
N PHE A 1576 10.75 10.89 94.37
CA PHE A 1576 10.48 10.60 92.97
C PHE A 1576 9.98 11.83 92.23
N PRO A 1577 9.15 12.65 92.88
CA PRO A 1577 8.62 13.84 92.24
C PRO A 1577 9.63 15.00 92.27
N ARG A 1578 10.52 15.02 93.26
CA ARG A 1578 11.45 16.13 93.40
C ARG A 1578 12.45 16.21 92.25
N VAL A 1579 12.70 15.12 91.53
CA VAL A 1579 13.66 15.16 90.43
C VAL A 1579 13.17 16.06 89.32
N THR A 1580 11.86 16.07 89.05
CA THR A 1580 11.31 16.94 88.02
C THR A 1580 11.51 18.41 88.37
N PRO A 1581 11.31 18.77 89.64
CA PRO A 1581 11.58 20.12 90.08
C PRO A 1581 13.06 20.48 89.92
N THR A 1582 13.94 19.49 90.07
CA THR A 1582 15.35 19.70 89.77
C THR A 1582 15.61 19.71 88.27
N ALA A 1583 14.80 18.99 87.50
CA ALA A 1583 14.97 18.97 86.05
C ALA A 1583 14.44 20.24 85.40
N ASN A 1584 13.36 20.80 85.93
CA ASN A 1584 12.80 22.02 85.36
C ASN A 1584 13.75 23.20 85.55
N GLN A 1585 14.33 23.33 86.75
CA GLN A 1585 15.26 24.41 87.02
C GLN A 1585 16.53 24.26 86.19
N TRP A 1586 65.31 51.54 79.50
CA TRP A 1586 64.73 51.48 78.17
C TRP A 1586 63.25 51.09 78.24
N ASP A 1587 62.42 51.77 77.46
CA ASP A 1587 61.00 51.44 77.40
C ASP A 1587 60.79 50.16 76.62
N TYR A 1588 60.02 49.24 77.19
CA TYR A 1588 59.75 47.94 76.58
C TYR A 1588 58.41 47.88 75.87
N LYS A 1589 57.36 48.44 76.47
CA LYS A 1589 56.02 48.42 75.89
C LYS A 1589 55.78 49.58 74.93
N ASN A 1590 56.82 50.21 74.39
CA ASN A 1590 56.71 51.25 73.37
C ASN A 1590 57.68 51.00 72.22
N ILE A 1591 58.06 49.74 72.02
CA ILE A 1591 58.99 49.35 70.95
C ILE A 1591 58.31 48.30 70.07
N ILE A 1592 57.92 47.18 70.69
CA ILE A 1592 57.34 46.07 69.93
C ILE A 1592 55.98 46.49 69.36
N GLU A 1593 55.23 47.32 70.08
CA GLU A 1593 53.94 47.76 69.57
C GLU A 1593 54.11 48.70 68.38
N LYS A 1594 55.12 49.57 68.43
CA LYS A 1594 55.41 50.44 67.30
C LYS A 1594 56.00 49.65 66.14
N LEU A 1595 56.72 48.56 66.43
CA LEU A 1595 57.25 47.72 65.36
C LEU A 1595 56.13 47.03 64.59
N GLN A 1596 55.07 46.62 65.29
CA GLN A 1596 53.95 45.96 64.63
C GLN A 1596 53.12 46.94 63.81
N ASP A 1597 53.11 48.22 64.18
CA ASP A 1597 52.50 49.22 63.32
C ASP A 1597 53.22 49.31 61.98
N ILE A 1598 54.52 49.03 61.97
CA ILE A 1598 55.29 49.09 60.74
C ILE A 1598 55.16 47.81 59.92
N ILE A 1599 54.84 46.67 60.55
CA ILE A 1599 54.60 45.45 59.79
C ILE A 1599 53.39 45.62 58.88
N THR A 1600 52.27 46.06 59.45
CA THR A 1600 51.06 46.29 58.66
C THR A 1600 51.28 47.37 57.61
N ALA A 1601 52.05 48.40 57.94
CA ALA A 1601 52.24 49.52 57.01
C ALA A 1601 53.10 49.10 55.83
N LEU A 1602 54.28 48.55 56.10
CA LEU A 1602 55.18 48.15 55.01
C LEU A 1602 54.55 47.08 54.13
N GLU A 1603 53.90 46.08 54.75
CA GLU A 1603 53.29 45.01 53.96
C GLU A 1603 52.23 45.56 53.03
N GLU A 1604 51.49 46.59 53.46
CA GLU A 1604 50.54 47.25 52.58
C GLU A 1604 51.23 48.21 51.63
N ARG A 1605 52.29 48.89 52.08
CA ARG A 1605 53.08 49.73 51.21
C ARG A 1605 53.75 48.90 50.11
N LEU A 1606 54.22 47.70 50.47
CA LEU A 1606 54.91 46.82 49.54
C LEU A 1606 53.97 45.79 48.91
N LYS A 1607 52.66 45.93 49.10
CA LYS A 1607 51.72 44.91 48.63
C LYS A 1607 51.77 44.73 47.11
N PRO A 1608 51.57 45.76 46.28
CA PRO A 1608 51.66 45.54 44.83
C PRO A 1608 53.08 45.26 44.35
N LEU A 1609 54.09 45.56 45.15
CA LEU A 1609 55.47 45.35 44.73
C LEU A 1609 55.81 43.87 44.66
N VAL A 1610 55.17 43.04 45.50
CA VAL A 1610 55.46 41.61 45.51
C VAL A 1610 55.08 40.96 44.19
N GLN A 1611 53.80 41.08 43.82
CA GLN A 1611 53.33 40.44 42.59
C GLN A 1611 53.96 41.07 41.35
N ALA A 1612 54.37 42.33 41.43
CA ALA A 1612 55.05 42.96 40.30
C ALA A 1612 56.36 42.25 39.98
N GLU A 1613 57.04 41.74 41.00
CA GLU A 1613 58.28 41.01 40.78
C GLU A 1613 58.03 39.70 40.05
N LEU A 1614 56.86 39.08 40.27
CA LEU A 1614 56.50 37.87 39.54
C LEU A 1614 55.93 38.18 38.16
N SER A 1615 55.39 39.38 37.95
CA SER A 1615 54.92 39.77 36.63
C SER A 1615 56.09 39.90 35.66
N VAL A 1616 57.25 40.37 36.15
CA VAL A 1616 58.45 40.42 35.32
C VAL A 1616 59.17 39.09 35.26
N LEU A 1617 58.69 38.08 35.98
CA LEU A 1617 59.22 36.73 35.82
C LEU A 1617 58.64 36.06 34.59
N VAL A 1618 57.30 36.08 34.47
CA VAL A 1618 56.62 35.24 33.51
C VAL A 1618 56.96 35.64 32.07
N ASP A 1619 57.18 36.93 31.83
CA ASP A 1619 57.56 37.36 30.48
C ASP A 1619 58.96 36.88 30.11
N VAL A 1620 59.83 36.70 31.10
CA VAL A 1620 61.12 36.08 30.83
C VAL A 1620 60.93 34.62 30.47
N LEU A 1621 59.90 33.98 31.02
CA LEU A 1621 59.57 32.61 30.65
C LEU A 1621 58.77 32.54 29.35
N HIS A 1622 58.22 33.66 28.89
CA HIS A 1622 57.69 33.76 27.53
C HIS A 1622 58.71 34.33 26.55
N TRP A 1623 59.70 35.07 27.04
CA TRP A 1623 60.82 35.55 26.24
C TRP A 1623 62.14 35.16 26.90
N PRO A 1624 62.48 33.86 26.97
CA PRO A 1624 63.84 33.44 27.38
C PRO A 1624 64.79 33.35 26.19
N GLU A 1625 64.83 34.39 25.37
CA GLU A 1625 65.56 34.41 24.11
C GLU A 1625 66.48 35.60 23.97
N LEU A 1626 66.10 36.78 24.47
CA LEU A 1626 66.83 38.02 24.20
C LEU A 1626 67.97 38.26 25.19
N LEU A 1627 68.45 37.23 25.87
CA LEU A 1627 69.65 37.34 26.70
C LEU A 1627 70.89 36.86 25.97
N PHE A 1628 70.78 35.75 25.24
CA PHE A 1628 71.88 35.24 24.42
C PHE A 1628 71.76 35.80 23.01
N LEU A 1629 72.90 36.14 22.42
CA LEU A 1629 72.93 36.65 21.06
C LEU A 1629 72.79 35.51 20.06
N GLU A 1630 72.52 35.87 18.81
CA GLU A 1630 72.19 34.89 17.78
C GLU A 1630 73.43 34.39 17.05
N GLY A 1631 74.43 33.96 17.83
CA GLY A 1631 75.66 33.42 17.28
C GLY A 1631 76.17 32.25 18.10
N SER A 1632 75.28 31.56 18.80
CA SER A 1632 75.65 30.41 19.64
C SER A 1632 74.46 29.48 19.71
N GLU A 1633 74.58 28.45 20.56
CA GLU A 1633 73.53 27.44 20.70
C GLU A 1633 72.47 27.83 21.72
N ALA A 1634 72.85 28.58 22.76
CA ALA A 1634 71.89 28.95 23.80
C ALA A 1634 70.73 29.76 23.23
N TYR A 1635 70.96 30.51 22.15
CA TYR A 1635 69.88 31.27 21.52
C TYR A 1635 68.99 30.34 20.70
N GLN A 1636 69.59 29.49 19.87
CA GLN A 1636 68.81 28.65 18.97
C GLN A 1636 67.97 27.64 19.74
N ARG A 1637 68.49 27.13 20.86
CA ARG A 1637 67.73 26.16 21.64
C ARG A 1637 66.48 26.79 22.25
N CYS A 1638 66.52 28.09 22.56
CA CYS A 1638 65.36 28.77 23.13
C CYS A 1638 64.38 29.23 22.06
N GLU A 1639 64.86 29.49 20.84
CA GLU A 1639 63.96 29.86 19.75
C GLU A 1639 63.07 28.68 19.35
N SER A 1640 63.67 27.50 19.19
CA SER A 1640 62.91 26.31 18.83
C SER A 1640 62.07 25.75 19.97
N GLY A 1641 62.23 26.29 21.18
CA GLY A 1641 61.48 25.80 22.32
C GLY A 1641 62.15 24.63 23.02
N GLY A 1642 63.41 24.80 23.39
CA GLY A 1642 64.17 23.79 24.08
C GLY A 1642 64.17 23.98 25.59
N PHE A 1643 63.82 25.19 26.05
CA PHE A 1643 63.89 25.48 27.47
C PHE A 1643 62.79 24.75 28.24
N LEU A 1644 61.53 25.01 27.89
CA LEU A 1644 60.44 24.36 28.62
C LEU A 1644 60.38 22.87 28.34
N SER A 1645 60.97 22.40 27.24
CA SER A 1645 61.11 20.97 27.03
C SER A 1645 61.91 20.32 28.15
N LYS A 1646 62.85 21.07 28.74
CA LYS A 1646 63.67 20.58 29.84
C LYS A 1646 63.02 20.80 31.19
N LEU A 1647 62.20 21.84 31.33
CA LEU A 1647 61.64 22.19 32.63
C LEU A 1647 60.44 21.34 32.99
N ILE A 1648 59.64 20.93 32.00
CA ILE A 1648 58.49 20.07 32.27
C ILE A 1648 58.93 18.61 32.39
N GLN A 1649 59.81 18.16 31.48
CA GLN A 1649 60.26 16.78 31.52
C GLN A 1649 61.06 16.48 32.78
N HIS A 1650 61.67 17.50 33.38
CA HIS A 1650 62.33 17.33 34.67
C HIS A 1650 61.37 17.53 35.85
N THR A 1651 60.28 18.29 35.66
CA THR A 1651 59.28 18.43 36.70
C THR A 1651 58.71 17.08 37.11
N LYS A 1652 58.58 16.15 36.16
CA LYS A 1652 58.11 14.82 36.48
C LYS A 1652 59.14 14.04 37.30
N ASP A 1653 60.42 14.38 37.17
CA ASP A 1653 61.46 13.60 37.84
C ASP A 1653 61.49 13.87 39.35
N LEU A 1654 61.16 15.09 39.77
CA LEU A 1654 61.15 15.46 41.18
C LEU A 1654 59.79 15.23 41.84
N MET A 1655 59.00 14.29 41.32
CA MET A 1655 57.64 14.07 41.82
C MET A 1655 57.63 13.68 43.30
N GLU A 1656 58.71 13.05 43.78
CA GLU A 1656 58.84 12.67 45.18
C GLU A 1656 60.13 13.15 45.84
N SER A 1657 61.15 13.55 45.07
CA SER A 1657 62.39 14.01 45.68
C SER A 1657 62.19 15.32 46.42
N GLU A 1658 61.73 16.35 45.71
CA GLU A 1658 61.46 17.67 46.29
C GLU A 1658 60.05 18.06 45.86
N GLU A 1659 59.06 17.64 46.64
CA GLU A 1659 57.66 17.89 46.30
C GLU A 1659 57.28 19.37 46.38
N LYS A 1660 58.08 20.18 47.06
CA LYS A 1660 57.72 21.59 47.24
C LYS A 1660 57.76 22.35 45.91
N LEU A 1661 58.70 22.01 45.03
CA LEU A 1661 58.91 22.80 43.82
C LEU A 1661 57.73 22.69 42.85
N CYS A 1662 57.00 21.57 42.88
CA CYS A 1662 55.85 21.42 42.00
C CYS A 1662 54.80 22.50 42.27
N ILE A 1663 54.66 22.92 43.53
CA ILE A 1663 53.70 23.95 43.88
C ILE A 1663 54.16 25.34 43.47
N LYS A 1664 55.47 25.53 43.30
CA LYS A 1664 56.01 26.82 42.89
C LYS A 1664 56.02 26.98 41.37
N VAL A 1665 56.49 25.97 40.65
CA VAL A 1665 56.61 26.07 39.19
C VAL A 1665 55.23 26.13 38.54
N LEU A 1666 54.23 25.47 39.14
CA LEU A 1666 52.92 25.38 38.50
C LEU A 1666 52.05 26.60 38.79
N ARG A 1667 52.18 27.18 40.00
CA ARG A 1667 51.40 28.37 40.31
C ARG A 1667 51.76 29.53 39.39
N THR A 1668 53.05 29.70 39.12
CA THR A 1668 53.48 30.73 38.18
C THR A 1668 53.13 30.36 36.75
N LEU A 1669 53.15 29.06 36.43
CA LEU A 1669 52.78 28.62 35.09
C LEU A 1669 51.32 28.92 34.78
N GLN A 1670 50.49 29.08 35.80
CA GLN A 1670 49.13 29.57 35.58
C GLN A 1670 49.14 31.01 35.08
N GLN A 1671 50.06 31.83 35.61
CA GLN A 1671 50.08 33.25 35.26
C GLN A 1671 50.50 33.48 33.82
N MET A 1672 51.15 32.51 33.17
CA MET A 1672 51.50 32.67 31.76
C MET A 1672 50.27 32.84 30.90
N LEU A 1673 49.16 32.20 31.27
CA LEU A 1673 47.91 32.31 30.54
C LEU A 1673 46.95 33.32 31.14
N LEU A 1674 47.24 33.85 32.33
CA LEU A 1674 46.41 34.90 32.90
C LEU A 1674 46.52 36.17 32.05
N LYS A 1675 45.44 36.92 32.00
CA LYS A 1675 45.41 38.15 31.22
C LYS A 1675 46.36 39.19 31.80
N LYS A 1676 46.71 40.16 30.96
CA LYS A 1676 47.57 41.25 31.39
C LYS A 1676 46.88 42.07 32.47
N THR A 1677 47.48 42.12 33.65
CA THR A 1677 46.90 42.84 34.78
C THR A 1677 47.25 44.32 34.66
N LYS A 1678 46.94 45.08 35.72
CA LYS A 1678 47.21 46.51 35.78
C LYS A 1678 47.53 46.89 37.22
N TYR A 1679 48.39 47.88 37.39
CA TYR A 1679 48.79 48.38 38.69
C TYR A 1679 48.69 49.91 38.71
N GLY A 1680 49.01 50.49 39.86
CA GLY A 1680 49.02 51.93 40.00
C GLY A 1680 50.16 52.58 39.26
N ASP A 1681 50.49 53.81 39.63
CA ASP A 1681 51.57 54.54 38.97
C ASP A 1681 52.95 54.00 39.31
N ARG A 1682 53.08 53.13 40.31
CA ARG A 1682 54.38 52.60 40.72
C ARG A 1682 54.72 51.31 39.98
N GLY A 1683 53.84 50.31 40.06
CA GLY A 1683 54.11 49.04 39.41
C GLY A 1683 54.21 49.15 37.91
N ASN A 1684 53.37 49.99 37.30
CA ASN A 1684 53.43 50.19 35.86
C ASN A 1684 54.73 50.87 35.46
N GLN A 1685 55.12 51.92 36.18
CA GLN A 1685 56.42 52.55 35.93
C GLN A 1685 57.56 51.60 36.28
N LEU A 1686 57.39 50.81 37.34
CA LEU A 1686 58.42 49.85 37.72
C LEU A 1686 58.56 48.77 36.65
N ARG A 1687 57.47 48.07 36.34
CA ARG A 1687 57.50 46.93 35.42
C ARG A 1687 58.09 47.28 34.06
N LYS A 1688 58.04 48.55 33.65
CA LYS A 1688 58.57 48.92 32.34
C LYS A 1688 60.09 48.78 32.29
N MET A 1689 60.79 49.29 33.31
CA MET A 1689 62.23 49.41 33.24
C MET A 1689 62.97 48.12 33.57
N LEU A 1690 62.34 47.19 34.29
CA LEU A 1690 63.02 45.93 34.60
C LEU A 1690 63.30 45.12 33.34
N LEU A 1691 62.49 45.30 32.30
CA LEU A 1691 62.73 44.64 31.02
C LEU A 1691 63.83 45.32 30.21
N GLN A 1692 64.06 46.61 30.43
CA GLN A 1692 65.06 47.34 29.64
C GLN A 1692 66.46 46.80 29.90
N ASN A 1693 66.80 46.54 31.17
CA ASN A 1693 68.14 46.09 31.51
C ASN A 1693 68.33 44.59 31.28
N TYR A 1694 67.25 43.82 31.16
CA TYR A 1694 67.33 42.39 30.91
C TYR A 1694 67.21 42.07 29.42
N LEU A 1695 66.10 42.46 28.80
CA LEU A 1695 65.77 41.99 27.47
C LEU A 1695 66.29 42.88 26.34
N GLN A 1696 66.61 44.14 26.62
CA GLN A 1696 67.09 45.14 25.66
C GLN A 1696 65.99 45.61 24.71
N ASN A 1697 64.78 45.04 24.76
CA ASN A 1697 63.72 45.35 23.81
C ASN A 1697 62.39 45.55 24.53
N ASP A 1717 42.47 40.22 23.23
CA ASP A 1717 43.23 39.69 24.35
C ASP A 1717 43.24 38.17 24.30
N TRP A 1718 42.08 37.59 23.99
CA TRP A 1718 41.99 36.13 23.86
C TRP A 1718 42.86 35.61 22.74
N SER A 1719 43.05 36.41 21.68
CA SER A 1719 43.91 35.99 20.58
C SER A 1719 45.35 35.89 21.02
N ALA A 1720 45.81 36.82 21.87
CA ALA A 1720 47.18 36.78 22.35
C ALA A 1720 47.43 35.54 23.19
N ILE A 1721 46.42 35.05 23.90
CA ILE A 1721 46.59 33.88 24.74
C ILE A 1721 46.79 32.64 23.88
N ALA A 1722 46.16 32.58 22.71
CA ALA A 1722 46.19 31.37 21.89
C ALA A 1722 47.61 31.02 21.46
N ALA A 1723 48.39 32.01 21.04
CA ALA A 1723 49.79 31.76 20.71
C ALA A 1723 50.60 31.45 21.96
N THR A 1724 50.25 32.08 23.09
CA THR A 1724 50.86 31.74 24.37
C THR A 1724 50.49 30.34 24.83
N GLN A 1725 49.38 29.79 24.33
CA GLN A 1725 48.75 28.61 24.89
C GLN A 1725 49.08 27.33 24.12
N CYS A 1726 48.95 27.35 22.79
CA CYS A 1726 49.27 26.17 22.01
C CYS A 1726 50.75 25.80 22.11
N ARG A 1727 51.60 26.78 22.43
CA ARG A 1727 53.03 26.50 22.59
C ARG A 1727 53.30 25.58 23.77
N LEU A 1728 52.44 25.63 24.80
CA LEU A 1728 52.64 24.73 25.93
C LEU A 1728 52.39 23.28 25.53
N ASP A 1729 51.41 23.05 24.66
CA ASP A 1729 51.18 21.70 24.16
C ASP A 1729 52.36 21.22 23.32
N LYS A 1730 53.00 22.13 22.59
CA LYS A 1730 54.20 21.77 21.84
C LYS A 1730 55.30 21.28 22.76
N GLU A 1731 55.38 21.81 23.98
CA GLU A 1731 56.43 21.49 24.92
C GLU A 1731 56.06 20.34 25.85
N GLY A 1732 55.00 19.60 25.54
CA GLY A 1732 54.60 18.48 26.37
C GLY A 1732 54.02 18.87 27.72
N ALA A 1733 53.31 19.99 27.77
CA ALA A 1733 52.69 20.42 29.02
C ALA A 1733 51.50 19.54 29.38
N THR A 1734 50.69 19.17 28.39
CA THR A 1734 49.52 18.34 28.66
C THR A 1734 49.93 16.94 29.11
N LYS A 1735 51.09 16.45 28.66
CA LYS A 1735 51.56 15.15 29.09
C LYS A 1735 51.80 15.11 30.59
N LEU A 1736 52.24 16.22 31.18
CA LEU A 1736 52.45 16.27 32.62
C LEU A 1736 51.12 16.15 33.36
N VAL A 1737 50.13 16.94 32.94
CA VAL A 1737 48.84 16.95 33.62
C VAL A 1737 48.19 15.56 33.56
N CYS A 1738 48.42 14.83 32.47
CA CYS A 1738 47.87 13.50 32.34
C CYS A 1738 48.61 12.49 33.21
N ASP A 1739 49.86 12.77 33.59
CA ASP A 1739 50.69 11.85 34.37
C ASP A 1739 51.25 12.54 35.61
N LEU A 1740 50.43 13.40 36.25
CA LEU A 1740 50.78 14.03 37.51
C LEU A 1740 49.64 13.98 38.52
N ILE A 1741 48.44 13.53 38.12
CA ILE A 1741 47.25 13.65 38.94
C ILE A 1741 46.81 12.28 39.46
N THR A 1742 47.15 11.22 38.73
CA THR A 1742 46.86 9.85 39.14
C THR A 1742 48.06 9.16 39.77
N SER A 1743 49.28 9.56 39.41
CA SER A 1743 50.47 8.89 39.89
C SER A 1743 51.03 9.47 41.18
N THR A 1744 50.40 10.51 41.74
CA THR A 1744 50.83 11.14 42.97
C THR A 1744 49.95 10.68 44.13
N LYS A 1745 50.16 11.28 45.30
CA LYS A 1745 49.35 10.99 46.48
C LYS A 1745 48.99 12.24 47.28
N ASN A 1746 49.38 13.43 46.84
CA ASN A 1746 49.21 14.65 47.61
C ASN A 1746 47.91 15.35 47.23
N GLU A 1747 47.56 16.34 48.05
CA GLU A 1747 46.35 17.13 47.85
C GLU A 1747 46.64 18.41 47.05
N LYS A 1748 47.74 19.08 47.37
CA LYS A 1748 48.04 20.36 46.72
C LYS A 1748 48.48 20.17 45.28
N ILE A 1749 49.22 19.09 44.99
CA ILE A 1749 49.65 18.82 43.63
C ILE A 1749 48.43 18.52 42.77
N PHE A 1750 47.55 17.64 43.25
CA PHE A 1750 46.33 17.33 42.51
C PHE A 1750 45.41 18.54 42.41
N GLN A 1751 45.50 19.46 43.37
CA GLN A 1751 44.70 20.69 43.31
C GLN A 1751 45.21 21.61 42.22
N GLU A 1752 46.48 22.02 42.30
CA GLU A 1752 47.03 22.95 41.34
C GLU A 1752 47.23 22.33 39.97
N SER A 1753 47.29 21.00 39.88
CA SER A 1753 47.39 20.35 38.57
C SER A 1753 46.13 20.56 37.75
N ILE A 1754 44.99 20.08 38.28
CA ILE A 1754 43.71 20.43 37.68
C ILE A 1754 43.46 21.92 37.83
N GLY A 1755 43.98 22.52 38.89
CA GLY A 1755 43.93 23.97 39.02
C GLY A 1755 44.63 24.66 37.86
N LEU A 1756 45.75 24.09 37.40
CA LEU A 1756 46.38 24.58 36.17
C LEU A 1756 45.54 24.18 34.96
N ALA A 1757 45.01 22.96 34.97
CA ALA A 1757 44.37 22.40 33.78
C ALA A 1757 43.17 23.23 33.34
N ILE A 1758 42.51 23.92 34.28
CA ILE A 1758 41.41 24.79 33.89
C ILE A 1758 41.93 26.08 33.29
N HIS A 1759 43.10 26.55 33.72
CA HIS A 1759 43.66 27.75 33.11
C HIS A 1759 44.07 27.50 31.66
N LEU A 1760 44.38 26.25 31.32
CA LEU A 1760 44.71 25.91 29.93
C LEU A 1760 43.52 26.20 29.03
N LEU A 1761 42.41 25.47 29.23
CA LEU A 1761 41.27 25.55 28.34
C LEU A 1761 40.33 26.71 28.66
N ASP A 1762 40.80 27.74 29.36
CA ASP A 1762 39.99 28.92 29.59
C ASP A 1762 39.77 29.63 28.26
N GLY A 1763 38.55 29.53 27.73
CA GLY A 1763 38.19 30.05 26.42
C GLY A 1763 37.68 29.00 25.46
N GLY A 1764 37.94 27.72 25.73
CA GLY A 1764 37.43 26.65 24.90
C GLY A 1764 38.17 26.50 23.58
N ASN A 1765 39.45 26.16 23.65
CA ASN A 1765 40.24 25.93 22.46
C ASN A 1765 40.06 24.51 21.95
N THR A 1766 40.15 24.35 20.62
CA THR A 1766 39.93 23.07 19.99
C THR A 1766 41.20 22.24 19.85
N GLU A 1767 42.36 22.89 19.70
CA GLU A 1767 43.59 22.15 19.44
C GLU A 1767 43.99 21.30 20.62
N ILE A 1768 43.79 21.81 21.84
CA ILE A 1768 44.20 21.07 23.03
C ILE A 1768 43.22 19.94 23.32
N GLN A 1769 41.94 20.14 23.02
CA GLN A 1769 40.97 19.06 23.18
C GLN A 1769 41.33 17.86 22.30
N LYS A 1770 41.85 18.14 21.10
CA LYS A 1770 42.26 17.06 20.22
C LYS A 1770 43.51 16.37 20.75
N SER A 1771 44.53 17.15 21.11
CA SER A 1771 45.75 16.56 21.65
C SER A 1771 45.49 15.87 22.98
N PHE A 1772 44.64 16.47 23.82
CA PHE A 1772 44.24 15.83 25.07
C PHE A 1772 43.46 14.56 24.81
N HIS A 1773 42.75 14.49 23.69
CA HIS A 1773 42.04 13.26 23.32
C HIS A 1773 43.03 12.20 22.85
N ASN A 1774 44.09 12.62 22.16
CA ASN A 1774 45.07 11.66 21.64
C ASN A 1774 45.84 10.98 22.77
N LEU A 1775 46.16 11.73 23.83
CA LEU A 1775 46.92 11.15 24.94
C LEU A 1775 46.10 10.08 25.65
N MET A 1776 44.81 10.31 25.84
CA MET A 1776 43.93 9.35 26.49
C MET A 1776 43.37 8.31 25.53
N MET A 1777 43.88 8.24 24.30
CA MET A 1777 43.53 7.20 23.34
C MET A 1777 44.67 6.23 23.09
N SER A 1778 45.89 6.74 22.88
CA SER A 1778 47.02 5.89 22.55
C SER A 1778 47.59 5.24 23.81
N ASP A 1779 47.81 6.02 24.86
CA ASP A 1779 48.41 5.50 26.07
C ASP A 1779 47.43 4.59 26.81
N LYS A 1780 48.00 3.67 27.58
CA LYS A 1780 47.21 2.76 28.40
C LYS A 1780 46.66 3.43 29.66
N LYS A 1781 47.21 4.58 30.05
CA LYS A 1781 46.82 5.24 31.30
C LYS A 1781 45.45 5.89 31.23
N SER A 1782 44.73 5.79 30.11
CA SER A 1782 43.39 6.37 30.03
C SER A 1782 42.44 5.71 31.03
N GLU A 1783 42.67 4.44 31.36
CA GLU A 1783 41.86 3.79 32.38
C GLU A 1783 42.19 4.34 33.76
N ARG A 1784 43.49 4.50 34.06
CA ARG A 1784 43.87 5.09 35.34
C ARG A 1784 43.42 6.54 35.43
N PHE A 1785 43.32 7.22 34.29
CA PHE A 1785 42.89 8.62 34.27
C PHE A 1785 41.50 8.77 34.89
N PHE A 1786 40.52 8.04 34.35
CA PHE A 1786 39.16 8.08 34.87
C PHE A 1786 38.99 7.28 36.16
N LYS A 1787 40.04 6.64 36.65
CA LYS A 1787 39.93 5.88 37.89
C LYS A 1787 39.86 6.80 39.10
N VAL A 1788 40.80 7.73 39.20
CA VAL A 1788 40.87 8.60 40.37
C VAL A 1788 39.66 9.54 40.38
N LEU A 1789 39.29 10.08 39.23
CA LEU A 1789 38.19 11.04 39.18
C LEU A 1789 36.87 10.38 39.57
N HIS A 1790 36.65 9.13 39.17
CA HIS A 1790 35.48 8.41 39.64
C HIS A 1790 35.53 8.19 41.15
N ASP A 1791 36.74 8.09 41.70
CA ASP A 1791 36.89 7.89 43.14
C ASP A 1791 36.77 9.21 43.90
N ARG A 1792 37.51 10.23 43.45
CA ARG A 1792 37.46 11.53 44.13
C ARG A 1792 36.07 12.13 44.07
N MET A 1793 35.42 12.05 42.91
CA MET A 1793 34.05 12.53 42.80
C MET A 1793 33.12 11.72 43.71
N LYS A 1794 33.32 10.41 43.76
CA LYS A 1794 32.57 9.57 44.68
C LYS A 1794 33.02 9.78 46.12
N ARG A 1795 34.24 10.25 46.33
CA ARG A 1795 34.71 10.50 47.69
C ARG A 1795 34.00 11.71 48.28
N ALA A 1796 33.75 12.74 47.48
CA ALA A 1796 33.03 13.92 47.96
C ALA A 1796 31.60 13.58 48.34
N GLN A 1797 31.02 12.55 47.71
CA GLN A 1797 29.71 12.08 48.11
C GLN A 1797 29.71 11.61 49.56
N GLN A 1798 30.83 11.07 50.04
CA GLN A 1798 30.89 10.56 51.40
C GLN A 1798 30.84 11.70 52.41
N GLU A 1799 31.66 12.73 52.22
CA GLU A 1799 31.71 13.81 53.20
C GLU A 1799 30.43 14.65 53.16
N THR A 1800 29.88 14.87 51.97
CA THR A 1800 28.64 15.63 51.85
C THR A 1800 27.51 14.90 52.57
N LYS A 1801 27.39 13.60 52.36
CA LYS A 1801 26.34 12.83 53.01
C LYS A 1801 26.58 12.71 54.50
N SER A 1802 27.82 12.84 54.96
CA SER A 1802 28.14 12.70 56.37
C SER A 1802 27.84 13.98 57.15
N THR A 1803 28.01 15.14 56.53
CA THR A 1803 27.81 16.43 57.20
C THR A 1803 26.35 16.90 57.15
N VAL A 1804 25.41 16.01 56.85
CA VAL A 1804 24.00 16.36 56.83
C VAL A 1804 23.54 16.66 58.26
N MET A 1863 30.45 22.90 54.94
CA MET A 1863 31.91 22.99 54.89
C MET A 1863 32.52 21.60 54.72
N GLY A 1864 33.75 21.56 54.24
CA GLY A 1864 34.45 20.31 54.03
C GLY A 1864 35.57 20.48 53.03
N THR A 1865 36.50 19.53 53.08
CA THR A 1865 37.66 19.53 52.18
C THR A 1865 37.38 18.85 50.85
N SER A 1866 36.58 17.77 50.85
CA SER A 1866 36.14 17.16 49.60
C SER A 1866 34.96 17.87 48.97
N VAL A 1867 34.36 18.83 49.69
CA VAL A 1867 33.39 19.72 49.06
C VAL A 1867 34.11 20.76 48.21
N LEU A 1868 35.18 21.34 48.75
CA LEU A 1868 35.90 22.40 48.04
C LEU A 1868 36.55 21.89 46.76
N ILE A 1869 36.94 20.62 46.71
CA ILE A 1869 37.68 20.12 45.57
C ILE A 1869 36.81 19.89 44.33
N MET A 1870 35.49 19.80 44.49
CA MET A 1870 34.63 19.44 43.37
C MET A 1870 34.45 20.55 42.35
N GLN A 1871 34.93 21.78 42.62
CA GLN A 1871 34.72 22.86 41.69
C GLN A 1871 35.61 22.74 40.46
N PRO A 1872 36.94 22.68 40.58
CA PRO A 1872 37.76 22.68 39.36
C PRO A 1872 37.61 21.44 38.49
N ILE A 1873 37.28 20.27 39.07
CA ILE A 1873 37.15 19.07 38.23
C ILE A 1873 35.92 19.18 37.34
N LEU A 1874 34.78 19.55 37.91
CA LEU A 1874 33.61 19.76 37.06
C LEU A 1874 33.79 20.98 36.16
N ARG A 1875 34.64 21.94 36.56
CA ARG A 1875 35.05 22.98 35.64
C ARG A 1875 35.95 22.40 34.56
N PHE A 1876 36.82 21.45 34.92
CA PHE A 1876 37.68 20.82 33.93
C PHE A 1876 36.85 20.08 32.89
N LEU A 1877 35.98 19.19 33.36
CA LEU A 1877 35.11 18.44 32.43
C LEU A 1877 34.21 19.39 31.64
N GLN A 1878 33.86 20.55 32.21
CA GLN A 1878 33.12 21.54 31.46
C GLN A 1878 33.94 22.08 30.30
N LEU A 1879 35.19 22.45 30.58
CA LEU A 1879 36.04 23.05 29.55
C LEU A 1879 36.46 22.05 28.48
N LEU A 1880 36.22 20.75 28.68
CA LEU A 1880 36.55 19.77 27.66
C LEU A 1880 35.50 19.76 26.55
N CYS A 1881 34.23 19.94 26.90
CA CYS A 1881 33.13 19.81 25.95
C CYS A 1881 32.67 21.15 25.38
N GLU A 1882 33.52 22.18 25.46
CA GLU A 1882 33.16 23.47 24.90
C GLU A 1882 33.05 23.38 23.38
N ASN A 1883 32.19 24.23 22.83
CA ASN A 1883 32.01 24.35 21.38
C ASN A 1883 31.59 23.02 20.73
N HIS A 1884 30.96 22.15 21.52
CA HIS A 1884 30.33 20.93 21.01
C HIS A 1884 31.34 20.01 20.33
N ASN A 1885 32.32 19.57 21.12
CA ASN A 1885 33.24 18.51 20.70
C ASN A 1885 32.52 17.18 20.89
N ARG A 1886 31.95 16.65 19.82
CA ARG A 1886 31.15 15.44 19.90
C ARG A 1886 31.97 14.25 20.40
N ASP A 1887 33.27 14.25 20.14
CA ASP A 1887 34.11 13.12 20.53
C ASP A 1887 34.15 12.97 22.04
N LEU A 1888 34.51 14.05 22.75
CA LEU A 1888 34.72 13.95 24.19
C LEU A 1888 33.42 13.77 24.95
N GLN A 1889 32.30 14.26 24.39
CA GLN A 1889 31.02 14.10 25.06
C GLN A 1889 30.62 12.64 25.21
N ASN A 1890 31.03 11.80 24.25
CA ASN A 1890 30.80 10.36 24.34
C ASN A 1890 31.95 9.63 25.01
N PHE A 1891 33.18 10.16 24.91
CA PHE A 1891 34.32 9.47 25.48
C PHE A 1891 34.30 9.50 27.00
N LEU A 1892 33.75 10.55 27.60
CA LEU A 1892 33.66 10.61 29.05
C LEU A 1892 32.72 9.55 29.61
N ARG A 1893 31.78 9.07 28.81
CA ARG A 1893 30.88 8.00 29.23
C ARG A 1893 31.46 6.62 28.93
N CYS A 1894 31.75 6.36 27.66
CA CYS A 1894 32.21 5.05 27.20
C CYS A 1894 33.61 5.19 26.62
N GLN A 1895 34.58 4.63 27.33
CA GLN A 1895 35.97 4.57 26.87
C GLN A 1895 36.23 3.20 26.25
N ASN A 1896 37.43 3.07 25.67
CA ASN A 1896 37.84 1.84 25.00
C ASN A 1896 38.56 0.87 25.93
N ASN A 1897 38.37 1.00 27.25
CA ASN A 1897 39.03 0.17 28.24
C ASN A 1897 38.02 -0.80 28.86
N LYS A 1898 38.51 -1.59 29.83
CA LYS A 1898 37.68 -2.63 30.43
C LYS A 1898 36.66 -2.04 31.39
N THR A 1899 37.13 -1.40 32.46
CA THR A 1899 36.25 -0.86 33.50
C THR A 1899 35.93 0.60 33.15
N ASN A 1900 35.10 0.76 32.12
CA ASN A 1900 34.77 2.09 31.63
C ASN A 1900 33.81 2.76 32.59
N TYR A 1901 34.11 3.99 32.97
CA TYR A 1901 33.35 4.73 33.97
C TYR A 1901 32.45 5.76 33.30
N ASN A 1902 31.31 6.03 33.94
CA ASN A 1902 30.29 6.94 33.44
C ASN A 1902 30.27 8.17 34.35
N LEU A 1903 31.05 9.19 34.00
CA LEU A 1903 31.09 10.41 34.77
C LEU A 1903 29.79 11.19 34.69
N VAL A 1904 28.98 10.97 33.65
CA VAL A 1904 27.75 11.72 33.47
C VAL A 1904 26.79 11.44 34.62
N CYS A 1905 26.45 10.15 34.80
CA CYS A 1905 25.52 9.78 35.87
C CYS A 1905 26.13 10.04 37.24
N GLU A 1906 27.44 9.93 37.38
CA GLU A 1906 28.09 10.23 38.65
C GLU A 1906 27.96 11.71 38.99
N THR A 1907 28.02 12.58 37.98
CA THR A 1907 27.78 13.99 38.19
C THR A 1907 26.37 14.23 38.70
N LEU A 1908 25.39 13.58 38.08
CA LEU A 1908 24.02 13.67 38.55
C LEU A 1908 23.89 13.04 39.94
N GLN A 1909 24.62 11.94 40.18
CA GLN A 1909 24.61 11.31 41.49
C GLN A 1909 25.12 12.29 42.55
N PHE A 1910 26.13 13.09 42.21
CA PHE A 1910 26.59 14.11 43.13
C PHE A 1910 25.58 15.23 43.28
N LEU A 1911 24.80 15.50 42.23
CA LEU A 1911 23.77 16.54 42.32
C LEU A 1911 22.60 16.08 43.18
N ASP A 1912 22.10 14.88 42.91
CA ASP A 1912 20.91 14.39 43.61
C ASP A 1912 21.17 14.25 45.11
N ILE A 1913 22.39 13.86 45.49
CA ILE A 1913 22.69 13.57 46.89
C ILE A 1913 22.95 14.83 47.70
N MET A 1914 23.32 15.93 47.05
CA MET A 1914 23.70 17.14 47.78
C MET A 1914 22.55 17.67 48.62
N CYS A 1915 21.46 18.08 47.98
CA CYS A 1915 20.24 18.44 48.68
C CYS A 1915 19.54 17.15 49.11
N GLY A 1916 18.34 17.27 49.67
CA GLY A 1916 17.58 16.08 50.00
C GLY A 1916 17.23 15.31 48.74
N SER A 1917 17.89 14.17 48.55
CA SER A 1917 17.70 13.40 47.32
C SER A 1917 16.28 12.86 47.21
N THR A 1918 15.66 12.54 48.34
CA THR A 1918 14.34 11.92 48.38
C THR A 1918 13.34 12.71 49.21
N THR A 1919 13.78 13.53 50.16
CA THR A 1919 12.92 14.43 50.91
C THR A 1919 13.04 15.88 50.46
N GLY A 1920 14.15 16.26 49.84
CA GLY A 1920 14.29 17.62 49.35
C GLY A 1920 13.33 17.91 48.20
N GLY A 1921 13.17 16.95 47.29
CA GLY A 1921 12.22 17.09 46.20
C GLY A 1921 10.80 17.31 46.68
N LEU A 1922 10.47 16.88 47.89
CA LEU A 1922 9.18 17.14 48.50
C LEU A 1922 9.10 18.54 49.13
N GLY A 1923 10.08 19.41 48.90
CA GLY A 1923 10.00 20.81 49.30
C GLY A 1923 10.85 21.20 50.50
N LEU A 1924 12.10 20.73 50.56
CA LEU A 1924 13.02 21.07 51.65
C LEU A 1924 14.39 21.44 51.09
N LEU A 1925 14.41 22.34 50.09
CA LEU A 1925 15.67 22.76 49.49
C LEU A 1925 16.37 23.84 50.31
N GLY A 1926 15.61 24.65 51.05
CA GLY A 1926 16.16 25.82 51.70
C GLY A 1926 17.19 25.52 52.78
N LEU A 1927 17.15 24.32 53.36
CA LEU A 1927 18.07 24.00 54.45
C LEU A 1927 19.41 23.49 53.91
N TYR A 1928 19.39 22.75 52.81
CA TYR A 1928 20.63 22.23 52.23
C TYR A 1928 21.39 23.31 51.48
N ILE A 1929 20.69 24.15 50.73
CA ILE A 1929 21.34 25.25 50.03
C ILE A 1929 21.84 26.27 51.05
N ASN A 1930 22.96 26.90 50.72
CA ASN A 1930 23.60 27.84 51.63
C ASN A 1930 24.44 28.80 50.80
N GLU A 1931 24.86 29.91 51.42
CA GLU A 1931 25.65 30.90 50.71
C GLU A 1931 27.01 30.37 50.28
N ASP A 1932 27.51 29.31 50.92
CA ASP A 1932 28.82 28.76 50.59
C ASP A 1932 28.74 27.67 49.53
N ASN A 1933 27.73 26.80 49.61
CA ASN A 1933 27.58 25.71 48.65
C ASN A 1933 26.84 26.10 47.38
N VAL A 1934 26.23 27.30 47.34
CA VAL A 1934 25.54 27.73 46.13
C VAL A 1934 26.53 27.95 45.00
N GLY A 1935 27.73 28.46 45.32
CA GLY A 1935 28.73 28.66 44.30
C GLY A 1935 29.22 27.38 43.65
N LEU A 1936 29.07 26.25 44.34
CA LEU A 1936 29.50 24.96 43.79
C LEU A 1936 28.45 24.37 42.86
N VAL A 1937 27.20 24.35 43.32
CA VAL A 1937 26.14 23.65 42.61
C VAL A 1937 25.85 24.27 41.23
N ILE A 1938 26.25 25.53 41.01
CA ILE A 1938 26.07 26.13 39.69
C ILE A 1938 26.87 25.36 38.65
N GLN A 1939 28.16 25.13 38.92
CA GLN A 1939 29.01 24.40 37.99
C GLN A 1939 28.56 22.96 37.83
N THR A 1940 27.88 22.40 38.84
CA THR A 1940 27.38 21.04 38.73
C THR A 1940 26.32 20.93 37.64
N LEU A 1941 25.57 22.01 37.39
CA LEU A 1941 24.56 22.01 36.34
C LEU A 1941 25.18 22.36 34.99
N GLU A 1942 26.05 23.37 34.96
CA GLU A 1942 26.64 23.81 33.70
C GLU A 1942 27.39 22.70 33.01
N THR A 1943 28.12 21.88 33.77
CA THR A 1943 28.83 20.75 33.19
C THR A 1943 27.86 19.75 32.58
N LEU A 1944 26.68 19.59 33.17
CA LEU A 1944 25.68 18.70 32.59
C LEU A 1944 25.09 19.28 31.31
N THR A 1945 25.02 20.60 31.21
CA THR A 1945 24.59 21.23 29.97
C THR A 1945 25.49 20.83 28.82
N GLU A 1946 26.78 21.15 28.93
CA GLU A 1946 27.72 20.90 27.85
C GLU A 1946 28.01 19.41 27.65
N TYR A 1947 27.62 18.55 28.59
CA TYR A 1947 27.62 17.12 28.30
C TYR A 1947 26.58 16.77 27.24
N CYS A 1948 25.46 17.51 27.23
CA CYS A 1948 24.36 17.25 26.31
C CYS A 1948 23.76 18.53 25.74
N GLN A 1949 24.54 19.63 25.72
CA GLN A 1949 24.05 20.86 25.09
C GLN A 1949 23.79 20.65 23.61
N GLY A 1950 24.56 19.81 22.96
CA GLY A 1950 24.37 19.52 21.56
C GLY A 1950 23.16 18.64 21.34
N PRO A 1951 22.96 18.17 20.11
CA PRO A 1951 21.89 17.21 19.84
C PRO A 1951 22.05 15.96 20.70
N CYS A 1952 23.18 15.27 20.54
CA CYS A 1952 23.78 14.36 21.52
C CYS A 1952 22.75 13.51 22.26
N HIS A 1953 22.00 12.73 21.49
CA HIS A 1953 20.88 11.97 22.04
C HIS A 1953 21.29 10.93 23.08
N GLU A 1954 22.56 10.60 23.19
CA GLU A 1954 23.00 9.58 24.15
C GLU A 1954 23.01 10.13 25.58
N ASN A 1955 23.77 11.20 25.80
CA ASN A 1955 23.88 11.75 27.15
C ASN A 1955 22.55 12.27 27.67
N GLN A 1956 21.66 12.69 26.77
CA GLN A 1956 20.35 13.18 27.20
C GLN A 1956 19.56 12.08 27.89
N THR A 1957 19.49 10.90 27.28
CA THR A 1957 18.70 9.81 27.84
C THR A 1957 19.29 9.31 29.15
N CYS A 1958 20.62 9.27 29.24
CA CYS A 1958 21.26 8.65 30.40
C CYS A 1958 21.04 9.47 31.67
N ILE A 1959 20.91 10.80 31.55
CA ILE A 1959 20.57 11.61 32.70
C ILE A 1959 19.12 11.39 33.11
N VAL A 1960 18.27 10.93 32.20
CA VAL A 1960 16.83 10.84 32.41
C VAL A 1960 16.45 9.40 32.77
N THR A 1961 17.17 8.43 32.20
CA THR A 1961 16.92 7.02 32.48
C THR A 1961 17.71 6.51 33.69
N HIS A 1962 18.15 7.41 34.57
CA HIS A 1962 18.86 7.04 35.78
C HIS A 1962 17.85 6.77 36.90
N GLU A 1963 18.03 5.65 37.59
CA GLU A 1963 17.09 5.28 38.66
C GLU A 1963 17.06 6.30 39.79
N SER A 1964 18.13 7.07 39.97
CA SER A 1964 18.14 8.08 41.01
C SER A 1964 17.05 9.13 40.80
N ASN A 1965 16.71 9.40 39.54
CA ASN A 1965 15.66 10.36 39.21
C ASN A 1965 15.96 11.74 39.79
N GLY A 1966 17.24 12.14 39.71
CA GLY A 1966 17.64 13.46 40.15
C GLY A 1966 17.10 14.59 39.31
N ILE A 1967 16.52 14.28 38.15
CA ILE A 1967 15.89 15.31 37.32
C ILE A 1967 14.74 15.99 38.04
N ASP A 1968 14.14 15.33 39.03
CA ASP A 1968 13.12 15.97 39.86
C ASP A 1968 13.70 17.17 40.60
N ILE A 1969 14.99 17.11 40.98
CA ILE A 1969 15.62 18.23 41.65
C ILE A 1969 15.73 19.42 40.72
N ILE A 1970 15.91 19.17 39.42
CA ILE A 1970 15.98 20.25 38.44
C ILE A 1970 14.65 21.00 38.42
N THR A 1971 13.54 20.28 38.55
CA THR A 1971 12.23 20.94 38.61
C THR A 1971 12.08 21.73 39.90
N ALA A 1972 12.62 21.20 41.01
CA ALA A 1972 12.49 21.87 42.29
C ALA A 1972 13.22 23.20 42.32
N LEU A 1973 14.33 23.31 41.58
CA LEU A 1973 15.07 24.57 41.57
C LEU A 1973 14.29 25.68 40.88
N ILE A 1974 13.38 25.33 39.98
CA ILE A 1974 12.52 26.32 39.33
C ILE A 1974 11.29 26.62 40.18
N LEU A 1975 10.58 25.57 40.62
CA LEU A 1975 9.32 25.76 41.31
C LEU A 1975 9.53 26.22 42.74
N ASN A 1976 10.23 25.42 43.54
CA ASN A 1976 10.41 25.72 44.96
C ASN A 1976 11.38 26.88 45.11
N ASP A 1977 10.85 28.08 45.29
CA ASP A 1977 11.68 29.21 45.65
C ASP A 1977 12.29 28.99 47.03
N ILE A 1978 13.44 29.61 47.26
CA ILE A 1978 14.25 29.36 48.44
C ILE A 1978 14.00 30.51 49.41
N SER A 1979 13.12 30.27 50.40
CA SER A 1979 12.79 31.30 51.37
C SER A 1979 13.98 31.76 52.22
N PRO A 1980 14.88 30.89 52.69
CA PRO A 1980 16.02 31.41 53.48
C PRO A 1980 16.92 32.36 52.70
N LEU A 1981 17.00 32.22 51.38
CA LEU A 1981 17.91 33.02 50.57
C LEU A 1981 17.23 34.21 49.89
N CYS A 1982 15.90 34.27 49.88
CA CYS A 1982 15.23 35.45 49.36
C CYS A 1982 15.48 36.66 50.25
N LYS A 1983 15.53 36.44 51.57
CA LYS A 1983 15.89 37.53 52.48
C LYS A 1983 17.31 37.99 52.22
N TYR A 1984 18.25 37.05 52.16
CA TYR A 1984 19.64 37.33 51.80
C TYR A 1984 19.73 37.43 50.28
N ARG A 1985 20.96 37.38 49.74
CA ARG A 1985 21.22 37.56 48.32
C ARG A 1985 20.29 36.73 47.44
N MET A 1986 19.53 37.42 46.58
CA MET A 1986 18.66 36.78 45.61
C MET A 1986 19.32 36.58 44.26
N ASP A 1987 20.38 37.33 43.96
CA ASP A 1987 21.03 37.23 42.66
C ASP A 1987 21.58 35.84 42.41
N LEU A 1988 22.16 35.21 43.44
CA LEU A 1988 22.70 33.87 43.26
C LEU A 1988 21.59 32.85 43.03
N VAL A 1989 20.40 33.11 43.57
CA VAL A 1989 19.26 32.22 43.31
C VAL A 1989 18.85 32.30 41.86
N LEU A 1990 18.82 33.52 41.31
CA LEU A 1990 18.39 33.70 39.93
C LEU A 1990 19.35 33.04 38.95
N GLN A 1991 20.63 32.93 39.32
CA GLN A 1991 21.58 32.21 38.47
C GLN A 1991 21.17 30.75 38.33
N LEU A 1992 20.73 30.12 39.42
CA LEU A 1992 20.35 28.71 39.37
C LEU A 1992 19.19 28.49 38.41
N LYS A 1993 18.12 29.27 38.56
CA LYS A 1993 16.98 29.14 37.66
C LYS A 1993 17.36 29.51 36.23
N ASP A 1994 18.30 30.44 36.06
CA ASP A 1994 18.79 30.76 34.73
C ASP A 1994 19.66 29.62 34.19
N ASN A 1995 20.61 29.15 35.00
CA ASN A 1995 21.44 28.03 34.59
C ASN A 1995 20.62 26.76 34.40
N ALA A 1996 19.60 26.57 35.24
CA ALA A 1996 18.76 25.38 35.13
C ALA A 1996 17.88 25.45 33.90
N SER A 1997 17.40 26.65 33.55
CA SER A 1997 16.57 26.80 32.35
C SER A 1997 17.33 26.39 31.11
N LYS A 1998 18.62 26.72 31.04
CA LYS A 1998 19.43 26.30 29.91
C LYS A 1998 19.55 24.78 29.84
N LEU A 1999 19.51 24.11 31.00
CA LEU A 1999 19.67 22.66 31.01
C LEU A 1999 18.48 21.98 30.37
N LEU A 2000 17.27 22.27 30.86
CA LEU A 2000 16.08 21.57 30.38
C LEU A 2000 15.80 21.85 28.91
N LEU A 2001 16.28 22.98 28.38
CA LEU A 2001 16.16 23.22 26.95
C LEU A 2001 17.12 22.33 26.16
N ALA A 2002 18.27 21.99 26.74
CA ALA A 2002 19.25 21.16 26.03
C ALA A 2002 18.71 19.75 25.80
N LEU A 2003 17.83 19.27 26.66
CA LEU A 2003 17.35 17.90 26.55
C LEU A 2003 16.35 17.71 25.40
N MET A 2004 15.92 18.78 24.73
CA MET A 2004 14.86 18.70 23.73
C MET A 2004 15.18 19.54 22.50
N GLU A 2005 16.45 19.82 22.23
CA GLU A 2005 16.81 20.63 21.08
C GLU A 2005 16.44 19.94 19.78
N SER A 2006 17.03 18.77 19.55
CA SER A 2006 16.85 18.04 18.30
C SER A 2006 15.86 16.87 18.41
N ARG A 2007 15.50 16.46 19.62
CA ARG A 2007 14.57 15.35 19.79
C ARG A 2007 13.16 15.83 19.51
N HIS A 2008 12.59 15.35 18.40
CA HIS A 2008 11.19 15.61 18.11
C HIS A 2008 10.24 14.74 18.93
N ASP A 2009 10.74 13.64 19.51
CA ASP A 2009 9.90 12.72 20.25
C ASP A 2009 9.46 13.34 21.57
N SER A 2010 8.59 12.61 22.28
CA SER A 2010 8.05 13.03 23.57
C SER A 2010 8.79 12.41 24.75
N GLU A 2011 9.95 11.79 24.52
CA GLU A 2011 10.63 11.06 25.57
C GLU A 2011 11.11 12.01 26.67
N ASN A 2012 12.00 12.94 26.33
CA ASN A 2012 12.49 13.88 27.33
C ASN A 2012 11.37 14.80 27.81
N ALA A 2013 10.40 15.10 26.96
CA ALA A 2013 9.35 16.04 27.33
C ALA A 2013 8.38 15.41 28.31
N GLU A 2014 7.82 14.24 27.96
CA GLU A 2014 6.78 13.64 28.77
C GLU A 2014 7.27 13.26 30.16
N ARG A 2015 8.54 12.85 30.28
CA ARG A 2015 9.08 12.47 31.58
C ARG A 2015 9.14 13.68 32.51
N ILE A 2016 9.48 14.85 31.96
CA ILE A 2016 9.66 16.03 32.80
C ILE A 2016 8.31 16.58 33.24
N LEU A 2017 7.27 16.41 32.41
CA LEU A 2017 5.96 16.94 32.75
C LEU A 2017 5.36 16.23 33.96
N ILE A 2018 5.73 14.97 34.20
CA ILE A 2018 5.24 14.26 35.38
C ILE A 2018 5.76 14.92 36.64
N SER A 2019 7.01 15.43 36.59
CA SER A 2019 7.57 16.14 37.73
C SER A 2019 7.08 17.58 37.80
N LEU A 2020 7.06 18.26 36.66
CA LEU A 2020 6.56 19.63 36.63
C LEU A 2020 5.05 19.65 36.87
N ARG A 2021 4.54 20.86 37.08
CA ARG A 2021 3.11 21.11 37.15
C ARG A 2021 2.84 22.44 36.46
N PRO A 2022 2.00 22.50 35.43
CA PRO A 2022 1.98 23.72 34.59
C PRO A 2022 1.45 24.95 35.30
N GLN A 2023 0.49 24.80 36.21
CA GLN A 2023 -0.10 25.96 36.87
C GLN A 2023 0.90 26.71 37.73
N GLU A 2024 1.97 26.06 38.17
CA GLU A 2024 2.97 26.69 39.01
C GLU A 2024 4.08 27.36 38.21
N LEU A 2025 4.26 27.00 36.94
CA LEU A 2025 5.27 27.65 36.12
C LEU A 2025 4.92 29.12 35.87
N VAL A 2026 3.66 29.40 35.55
CA VAL A 2026 3.23 30.79 35.39
C VAL A 2026 3.37 31.54 36.71
N ASP A 2027 3.21 30.85 37.84
CA ASP A 2027 3.30 31.53 39.13
C ASP A 2027 4.71 32.06 39.37
N VAL A 2028 5.73 31.30 38.96
CA VAL A 2028 7.10 31.74 39.17
C VAL A 2028 7.55 32.71 38.07
N ILE A 2029 7.05 32.54 36.85
CA ILE A 2029 7.34 33.51 35.79
C ILE A 2029 6.79 34.88 36.17
N LYS A 2030 5.54 34.92 36.64
CA LYS A 2030 4.95 36.18 37.07
C LYS A 2030 5.69 36.74 38.27
N LYS A 2031 6.09 35.88 39.20
CA LYS A 2031 6.91 36.33 40.32
C LYS A 2031 8.22 36.93 39.82
N ALA A 2032 8.78 36.38 38.74
CA ALA A 2032 9.95 36.97 38.12
C ALA A 2032 9.59 38.22 37.34
N TYR A 2033 8.38 38.26 36.76
CA TYR A 2033 7.93 39.44 36.03
C TYR A 2033 7.82 40.65 36.95
N LEU A 2034 7.49 40.43 38.23
CA LEU A 2034 7.32 41.49 39.20
C LEU A 2034 8.57 41.76 40.03
N GLN A 2035 9.58 40.89 39.96
CA GLN A 2035 10.78 41.01 40.78
C GLN A 2035 11.73 42.10 40.31
N GLU A 2036 11.52 42.67 39.11
CA GLU A 2036 12.46 43.64 38.55
C GLU A 2036 12.60 44.88 39.41
N GLU A 2037 11.61 45.18 40.26
CA GLU A 2037 11.71 46.34 41.13
C GLU A 2037 12.93 46.27 42.05
N GLU A 2038 13.36 45.06 42.41
CA GLU A 2038 14.56 44.86 43.21
C GLU A 2038 15.69 44.28 42.37
N VAL A 2044 22.61 41.37 35.99
CA VAL A 2044 21.53 40.41 35.77
C VAL A 2044 20.22 40.97 36.33
N SER A 2045 19.11 40.59 35.69
CA SER A 2045 17.78 40.99 36.12
C SER A 2045 16.84 39.80 35.98
N PRO A 2046 15.75 39.75 36.75
CA PRO A 2046 14.78 38.64 36.56
C PRO A 2046 14.10 38.63 35.20
N ARG A 2047 14.16 39.74 34.46
CA ARG A 2047 13.51 39.78 33.14
C ARG A 2047 14.08 38.71 32.22
N GLU A 2048 15.40 38.55 32.24
CA GLU A 2048 16.04 37.49 31.45
C GLU A 2048 15.75 36.11 32.03
N VAL A 2049 15.49 36.04 33.34
CA VAL A 2049 15.31 34.75 33.99
C VAL A 2049 14.02 34.09 33.51
N GLY A 2050 12.89 34.74 33.76
CA GLY A 2050 11.61 34.14 33.44
C GLY A 2050 11.40 33.93 31.96
N HIS A 2051 12.05 34.77 31.13
CA HIS A 2051 11.90 34.60 29.69
C HIS A 2051 12.51 33.28 29.22
N ASN A 2052 13.68 32.92 29.75
CA ASN A 2052 14.25 31.62 29.46
C ASN A 2052 13.34 30.51 29.97
N ILE A 2053 12.64 30.74 31.07
CA ILE A 2053 11.65 29.78 31.55
C ILE A 2053 10.44 29.78 30.64
N TYR A 2054 10.08 30.95 30.11
CA TYR A 2054 8.96 31.03 29.17
C TYR A 2054 9.24 30.24 27.90
N ILE A 2055 10.51 30.19 27.48
CA ILE A 2055 10.87 29.37 26.34
C ILE A 2055 10.66 27.89 26.66
N LEU A 2056 10.93 27.50 27.90
CA LEU A 2056 10.82 26.10 28.27
C LEU A 2056 9.38 25.60 28.17
N ALA A 2057 8.41 26.49 28.42
CA ALA A 2057 7.02 26.07 28.38
C ALA A 2057 6.53 25.88 26.95
N LEU A 2058 6.97 26.76 26.04
CA LEU A 2058 6.49 26.67 24.66
C LEU A 2058 6.94 25.37 24.00
N GLN A 2059 8.19 24.97 24.23
CA GLN A 2059 8.65 23.68 23.72
C GLN A 2059 7.89 22.53 24.37
N LEU A 2060 7.49 22.71 25.64
CA LEU A 2060 6.71 21.69 26.33
C LEU A 2060 5.22 21.79 26.02
N SER A 2061 4.74 22.99 25.69
CA SER A 2061 3.31 23.18 25.47
C SER A 2061 2.78 22.44 24.25
N ARG A 2062 3.67 21.97 23.37
CA ARG A 2062 3.24 21.12 22.27
C ARG A 2062 2.57 19.85 22.79
N HIS A 2063 3.22 19.17 23.74
CA HIS A 2063 2.76 17.91 24.27
C HIS A 2063 1.91 18.08 25.52
N ASN A 2064 1.30 19.25 25.70
CA ASN A 2064 0.35 19.47 26.79
C ASN A 2064 -0.52 20.64 26.39
N LYS A 2065 -1.80 20.36 26.12
CA LYS A 2065 -2.72 21.40 25.64
C LYS A 2065 -3.05 22.41 26.72
N GLN A 2066 -2.78 22.12 27.99
CA GLN A 2066 -3.04 23.08 29.04
C GLN A 2066 -2.17 24.32 28.87
N LEU A 2067 -0.88 24.12 28.63
CA LEU A 2067 0.03 25.25 28.46
C LEU A 2067 -0.33 26.07 27.23
N GLN A 2068 -0.94 25.45 26.22
CA GLN A 2068 -1.35 26.21 25.03
C GLN A 2068 -2.36 27.29 25.39
N HIS A 2069 -3.22 27.04 26.38
CA HIS A 2069 -4.23 27.99 26.80
C HIS A 2069 -3.77 28.90 27.93
N LEU A 2070 -2.92 28.40 28.83
CA LEU A 2070 -2.45 29.23 29.94
C LEU A 2070 -1.60 30.39 29.45
N LEU A 2071 -0.82 30.16 28.39
CA LEU A 2071 0.16 31.13 27.92
C LEU A 2071 -0.41 32.10 26.89
N LYS A 2072 -1.73 32.27 26.85
CA LYS A 2072 -2.36 33.27 26.00
C LYS A 2072 -2.60 34.52 26.84
N PRO A 2073 -1.91 35.66 26.59
CA PRO A 2073 -2.14 36.85 27.42
C PRO A 2073 -3.57 37.36 27.31
N VAL A 2074 -4.31 37.29 28.41
CA VAL A 2074 -5.69 37.80 28.47
C VAL A 2074 -6.55 37.09 27.43
N GLU A 2111 0.48 46.48 31.04
CA GLU A 2111 1.55 45.83 31.80
C GLU A 2111 1.08 44.47 32.30
N ASP A 2112 1.00 43.51 31.37
CA ASP A 2112 0.64 42.14 31.69
C ASP A 2112 1.90 41.27 31.71
N PRO A 2113 1.88 40.14 32.44
CA PRO A 2113 3.11 39.36 32.52
C PRO A 2113 3.44 38.60 31.25
N LEU A 2114 2.46 37.96 30.62
CA LEU A 2114 2.73 37.12 29.46
C LEU A 2114 2.82 37.94 28.17
N ALA A 2115 2.09 39.06 28.10
CA ALA A 2115 2.13 39.87 26.89
C ALA A 2115 3.53 40.41 26.64
N TYR A 2116 4.26 40.76 27.70
CA TYR A 2116 5.62 41.22 27.54
C TYR A 2116 6.53 40.11 27.03
N TYR A 2117 6.33 38.88 27.50
CA TYR A 2117 7.09 37.74 27.02
C TYR A 2117 6.48 37.09 25.78
N GLU A 2118 5.40 37.64 25.23
CA GLU A 2118 4.85 37.17 23.96
C GLU A 2118 5.36 37.99 22.79
N ASN A 2119 5.50 39.30 22.97
CA ASN A 2119 5.92 40.18 21.88
C ASN A 2119 7.44 40.21 21.71
N HIS A 2120 8.20 39.81 22.73
CA HIS A 2120 9.65 39.79 22.67
C HIS A 2120 10.20 38.40 22.43
N THR A 2121 9.47 37.57 21.71
CA THR A 2121 9.90 36.24 21.27
C THR A 2121 9.89 36.19 19.75
N SER A 2122 10.16 35.00 19.22
CA SER A 2122 10.18 34.80 17.78
C SER A 2122 10.06 33.31 17.51
N GLN A 2123 10.22 32.92 16.25
CA GLN A 2123 9.94 31.56 15.84
C GLN A 2123 10.57 31.31 14.46
N ILE A 2124 11.48 30.34 14.37
CA ILE A 2124 12.26 30.09 13.16
C ILE A 2124 12.23 28.60 12.86
N GLU A 2125 12.20 28.28 11.57
CA GLU A 2125 12.52 26.94 11.07
C GLU A 2125 13.90 26.99 10.43
N ILE A 2126 14.70 25.96 10.70
CA ILE A 2126 16.12 25.96 10.37
C ILE A 2126 16.55 24.59 9.88
N VAL A 2127 17.61 24.58 9.07
CA VAL A 2127 18.12 23.38 8.41
C VAL A 2127 19.49 23.07 8.98
N ARG A 2128 19.84 21.78 8.98
CA ARG A 2128 21.14 21.28 9.43
C ARG A 2128 21.76 20.44 8.32
N GLN A 2129 22.91 19.84 8.64
CA GLN A 2129 23.67 19.09 7.63
C GLN A 2129 22.87 17.92 7.07
N ASP A 2130 22.20 17.16 7.93
CA ASP A 2130 21.51 15.95 7.52
C ASP A 2130 20.14 16.22 6.89
N ARG A 2131 19.80 17.48 6.60
CA ARG A 2131 18.51 17.84 6.02
C ARG A 2131 17.35 17.40 6.90
N SER A 2132 17.58 17.34 8.22
CA SER A 2132 16.56 17.04 9.20
C SER A 2132 16.28 18.33 9.96
N MET A 2133 15.32 19.11 9.46
CA MET A 2133 15.09 20.45 9.98
C MET A 2133 14.50 20.38 11.38
N GLU A 2134 14.44 21.54 12.02
CA GLU A 2134 13.97 21.66 13.40
C GLU A 2134 13.48 23.08 13.62
N GLN A 2135 13.30 23.46 14.89
CA GLN A 2135 12.64 24.70 15.24
C GLN A 2135 13.20 25.18 16.58
N ILE A 2136 13.39 26.50 16.71
CA ILE A 2136 14.02 27.09 17.89
C ILE A 2136 13.25 28.32 18.33
N VAL A 2137 13.64 28.83 19.50
CA VAL A 2137 13.07 30.04 20.09
C VAL A 2137 14.19 30.72 20.85
N PHE A 2138 14.12 32.05 20.96
CA PHE A 2138 15.17 32.79 21.65
C PHE A 2138 14.64 34.17 22.01
N PRO A 2139 15.34 34.90 22.90
CA PRO A 2139 14.96 36.29 23.17
C PRO A 2139 15.49 37.25 22.11
N VAL A 2140 14.61 38.13 21.63
CA VAL A 2140 15.09 39.26 20.82
C VAL A 2140 15.89 40.21 21.72
N PRO A 2141 17.08 40.65 21.34
CA PRO A 2141 17.76 41.65 22.16
C PRO A 2141 17.00 42.96 22.20
N GLY A 2142 17.29 43.75 23.24
CA GLY A 2142 16.66 45.05 23.39
C GLY A 2142 17.15 46.09 22.40
N ILE A 2143 18.27 45.83 21.72
CA ILE A 2143 18.81 46.81 20.80
C ILE A 2143 17.99 46.85 19.51
N CYS A 2144 17.45 45.71 19.08
CA CYS A 2144 16.77 45.65 17.80
C CYS A 2144 15.39 46.30 17.81
N GLN A 2145 14.81 46.53 18.99
CA GLN A 2145 13.53 47.22 19.05
C GLN A 2145 13.63 48.63 18.48
N PHE A 2146 14.80 49.26 18.60
CA PHE A 2146 15.07 50.54 17.97
C PHE A 2146 15.28 50.30 16.48
N LEU A 2147 14.17 50.10 15.78
CA LEU A 2147 14.18 49.92 14.33
C LEU A 2147 12.98 50.64 13.74
N THR A 2148 13.18 51.23 12.57
CA THR A 2148 12.21 52.11 11.94
C THR A 2148 11.33 51.33 10.97
N GLU A 2149 10.01 51.53 11.08
CA GLU A 2149 9.10 50.96 10.10
C GLU A 2149 9.41 51.46 8.70
N GLU A 2150 9.95 52.68 8.59
CA GLU A 2150 10.33 53.22 7.28
C GLU A 2150 11.40 52.36 6.64
N THR A 2151 12.39 51.93 7.43
CA THR A 2151 13.40 51.02 6.91
C THR A 2151 12.80 49.67 6.55
N LYS A 2152 11.74 49.25 7.24
CA LYS A 2152 11.15 47.95 6.98
C LYS A 2152 10.51 47.92 5.60
N HIS A 2153 9.73 48.94 5.26
CA HIS A 2153 9.03 48.95 3.98
C HIS A 2153 10.01 49.16 2.82
N ARG A 2154 11.04 49.97 3.04
CA ARG A 2154 12.05 50.18 1.99
C ARG A 2154 12.76 48.88 1.66
N LEU A 2155 12.98 48.03 2.67
CA LEU A 2155 13.73 46.80 2.47
C LEU A 2155 12.85 45.71 1.87
N PHE A 2156 11.58 45.67 2.26
CA PHE A 2156 10.69 44.60 1.81
C PHE A 2156 10.42 44.66 0.31
N THR A 2157 10.62 45.81 -0.32
CA THR A 2157 10.38 45.99 -1.75
C THR A 2157 11.65 46.18 -2.56
N THR A 2158 12.64 46.90 -2.02
CA THR A 2158 13.88 47.14 -2.75
C THR A 2158 14.66 45.85 -3.01
N THR A 2159 14.41 44.80 -2.24
CA THR A 2159 15.13 43.55 -2.41
C THR A 2159 14.87 42.97 -3.79
N GLU A 2160 15.93 42.48 -4.42
CA GLU A 2160 15.88 41.91 -5.75
C GLU A 2160 15.94 40.39 -5.70
N GLN A 2161 15.44 39.76 -6.76
CA GLN A 2161 15.43 38.31 -6.89
C GLN A 2161 16.64 37.90 -7.72
N ASP A 2162 17.46 37.01 -7.16
CA ASP A 2162 18.68 36.58 -7.83
C ASP A 2162 18.33 35.60 -8.95
N GLU A 2163 19.36 35.00 -9.56
CA GLU A 2163 19.12 34.08 -10.67
C GLU A 2163 18.43 32.81 -10.21
N GLN A 2164 18.92 32.21 -9.12
CA GLN A 2164 18.32 30.98 -8.61
C GLN A 2164 16.90 31.20 -8.10
N GLY A 2165 16.56 32.43 -7.72
CA GLY A 2165 15.20 32.74 -7.28
C GLY A 2165 15.03 32.65 -5.78
N SER A 2166 15.89 33.33 -5.04
CA SER A 2166 15.81 33.39 -3.58
C SER A 2166 16.24 34.78 -3.14
N LYS A 2167 15.31 35.51 -2.52
CA LYS A 2167 15.60 36.84 -2.00
C LYS A 2167 16.26 36.75 -0.62
N VAL A 2168 17.43 36.10 -0.61
CA VAL A 2168 18.15 35.76 0.62
C VAL A 2168 19.56 36.31 0.60
N SER A 2169 20.29 36.11 -0.49
CA SER A 2169 21.68 36.53 -0.56
C SER A 2169 21.81 38.04 -0.43
N ASP A 2170 20.99 38.79 -1.18
CA ASP A 2170 20.96 40.23 -1.02
C ASP A 2170 20.46 40.63 0.36
N PHE A 2171 19.59 39.81 0.96
CA PHE A 2171 19.08 40.11 2.29
C PHE A 2171 20.16 39.93 3.35
N PHE A 2172 20.97 38.89 3.22
CA PHE A 2172 21.93 38.56 4.26
C PHE A 2172 23.12 39.52 4.26
N ASP A 2173 23.51 40.00 3.07
CA ASP A 2173 24.66 40.89 3.00
C ASP A 2173 24.41 42.21 3.71
N GLN A 2174 23.15 42.64 3.78
CA GLN A 2174 22.80 43.91 4.41
C GLN A 2174 22.62 43.79 5.91
N SER A 2175 22.84 42.60 6.50
CA SER A 2175 22.63 42.43 7.93
C SER A 2175 23.57 43.30 8.74
N SER A 2176 24.86 43.30 8.38
CA SER A 2176 25.84 44.08 9.12
C SER A 2176 25.53 45.56 9.07
N PHE A 2177 25.03 46.04 7.93
CA PHE A 2177 24.69 47.45 7.80
C PHE A 2177 23.52 47.82 8.70
N LEU A 2178 22.57 46.91 8.87
CA LEU A 2178 21.42 47.20 9.71
C LEU A 2178 21.82 47.26 11.18
N HIS A 2179 22.71 46.37 11.61
CA HIS A 2179 23.07 46.30 13.03
C HIS A 2179 23.72 47.60 13.47
N ASN A 2180 24.56 48.20 12.63
CA ASN A 2180 25.16 49.48 12.98
C ASN A 2180 24.13 50.60 12.94
N GLU A 2181 23.12 50.48 12.06
CA GLU A 2181 22.03 51.44 12.08
C GLU A 2181 21.25 51.34 13.39
N MET A 2182 21.06 50.13 13.89
CA MET A 2182 20.39 49.95 15.17
C MET A 2182 21.18 50.62 16.29
N GLU A 2183 22.50 50.46 16.29
CA GLU A 2183 23.33 51.09 17.31
C GLU A 2183 23.23 52.60 17.26
N TRP A 2184 23.05 53.17 16.06
CA TRP A 2184 22.89 54.62 15.96
C TRP A 2184 21.61 55.08 16.60
N GLN A 2185 20.55 54.26 16.56
CA GLN A 2185 19.27 54.67 17.13
C GLN A 2185 19.35 54.74 18.65
N ARG A 2186 20.08 53.81 19.28
CA ARG A 2186 20.26 53.88 20.73
C ARG A 2186 21.03 55.14 21.10
N LYS A 2187 22.12 55.42 20.38
CA LYS A 2187 22.87 56.65 20.59
C LYS A 2187 22.04 57.89 20.26
N LEU A 2188 21.00 57.73 19.44
CA LEU A 2188 20.21 58.88 19.00
C LEU A 2188 19.26 59.35 20.10
N ARG A 2189 18.56 58.43 20.76
CA ARG A 2189 17.56 58.81 21.75
C ARG A 2189 18.19 59.50 22.96
N SER A 2190 19.48 59.31 23.19
CA SER A 2190 20.17 60.06 24.23
C SER A 2190 20.22 61.55 23.92
N MET A 2191 20.09 61.94 22.65
CA MET A 2191 20.05 63.33 22.21
C MET A 2191 18.69 63.59 21.60
N PRO A 2192 17.70 64.01 22.38
CA PRO A 2192 16.37 64.28 21.80
C PRO A 2192 16.36 65.38 20.75
N LEU A 2193 17.39 66.22 20.69
CA LEU A 2193 17.38 67.35 19.77
C LEU A 2193 17.40 66.87 18.32
N ILE A 2194 18.24 65.89 18.01
CA ILE A 2194 18.22 65.32 16.66
C ILE A 2194 16.99 64.47 16.47
N TYR A 2195 16.54 63.78 17.51
CA TYR A 2195 15.28 63.03 17.41
C TYR A 2195 14.10 63.97 17.24
N TRP A 2196 14.20 65.19 17.77
CA TRP A 2196 13.19 66.21 17.51
C TRP A 2196 13.20 66.65 16.06
N PHE A 2197 14.30 66.41 15.34
CA PHE A 2197 14.37 66.61 13.90
C PHE A 2197 13.98 65.33 13.15
N SER A 2198 14.70 64.24 13.42
CA SER A 2198 14.61 63.05 12.57
C SER A 2198 13.24 62.39 12.63
N ARG A 2199 12.51 62.57 13.73
CA ARG A 2199 11.17 61.98 13.82
C ARG A 2199 10.24 62.59 12.78
N ARG A 2200 10.49 63.82 12.37
CA ARG A 2200 9.70 64.52 11.34
C ARG A 2200 10.62 64.84 10.18
N MET A 2201 10.51 64.05 9.11
CA MET A 2201 11.31 64.23 7.90
C MET A 2201 10.51 64.79 6.74
N THR A 2202 9.25 64.38 6.59
CA THR A 2202 8.45 64.84 5.47
C THR A 2202 8.20 66.34 5.53
N LEU A 2203 8.14 66.90 6.74
CA LEU A 2203 7.80 68.31 6.88
C LEU A 2203 8.89 69.20 6.30
N TRP A 2204 10.12 69.07 6.81
CA TRP A 2204 11.20 69.96 6.39
C TRP A 2204 11.54 69.79 4.92
N GLY A 2205 11.39 68.58 4.39
CA GLY A 2205 11.61 68.37 2.97
C GLY A 2205 10.45 68.85 2.13
N SER A 2206 9.25 68.92 2.70
CA SER A 2206 8.08 69.40 1.96
C SER A 2206 8.13 70.91 1.77
N ILE A 2207 8.29 71.65 2.87
CA ILE A 2207 8.20 73.10 2.81
C ILE A 2207 9.34 73.68 1.98
N SER A 2208 10.50 73.03 1.98
CA SER A 2208 11.60 73.48 1.12
C SER A 2208 11.20 73.40 -0.34
N PHE A 2209 10.47 72.35 -0.73
CA PHE A 2209 9.94 72.29 -2.08
C PHE A 2209 8.83 73.32 -2.29
N ASN A 2210 8.01 73.55 -1.26
CA ASN A 2210 6.93 74.52 -1.39
C ASN A 2210 7.48 75.92 -1.58
N LEU A 2211 8.40 76.34 -0.70
CA LEU A 2211 8.95 77.69 -0.77
C LEU A 2211 9.60 77.97 -2.12
N ALA A 2212 10.15 76.95 -2.77
CA ALA A 2212 10.79 77.16 -4.06
C ALA A 2212 9.78 77.55 -5.13
N VAL A 2213 8.60 76.92 -5.14
CA VAL A 2213 7.65 77.16 -6.20
C VAL A 2213 6.82 78.42 -5.95
N PHE A 2214 6.74 78.90 -4.71
CA PHE A 2214 6.12 80.20 -4.47
C PHE A 2214 6.97 81.30 -5.08
N ILE A 2215 8.29 81.25 -4.88
CA ILE A 2215 9.13 82.38 -5.23
C ILE A 2215 9.30 82.49 -6.73
N ASN A 2216 9.40 81.36 -7.43
CA ASN A 2216 9.54 81.41 -8.88
C ASN A 2216 8.33 82.06 -9.52
N ILE A 2217 7.16 81.98 -8.88
CA ILE A 2217 6.01 82.76 -9.32
C ILE A 2217 6.27 84.24 -9.06
N ILE A 2218 6.89 84.57 -7.92
CA ILE A 2218 7.24 85.96 -7.64
C ILE A 2218 8.29 86.44 -8.65
N ILE A 2219 9.26 85.59 -8.98
CA ILE A 2219 10.22 85.93 -10.01
C ILE A 2219 9.55 86.06 -11.37
N ALA A 2220 8.49 85.28 -11.60
CA ALA A 2220 7.91 85.19 -12.93
C ALA A 2220 7.00 86.38 -13.23
N PHE A 2221 6.08 86.70 -12.31
CA PHE A 2221 5.08 87.71 -12.61
C PHE A 2221 5.69 89.10 -12.76
N PHE A 2222 6.83 89.39 -12.11
CA PHE A 2222 7.57 90.60 -12.44
C PHE A 2222 9.03 90.42 -11.99
N TYR A 2223 9.91 90.25 -12.97
CA TYR A 2223 11.35 90.19 -12.71
C TYR A 2223 12.04 91.55 -12.63
N PRO A 2224 11.86 92.46 -13.59
CA PRO A 2224 12.67 93.69 -13.58
C PRO A 2224 12.21 94.71 -12.55
N TYR A 2225 13.12 95.63 -12.25
CA TYR A 2225 12.85 96.70 -11.30
C TYR A 2225 13.50 98.00 -11.77
N LEU A 2238 4.71 100.84 -5.61
CA LEU A 2238 3.30 100.66 -5.92
C LEU A 2238 3.12 99.71 -7.09
N ILE A 2239 3.24 98.40 -6.83
CA ILE A 2239 3.10 97.39 -7.85
C ILE A 2239 2.32 96.18 -7.34
N SER A 2240 1.36 96.43 -6.43
CA SER A 2240 0.56 95.38 -5.83
C SER A 2240 -0.94 95.55 -6.05
N LEU A 2241 -1.41 96.74 -6.40
CA LEU A 2241 -2.84 96.96 -6.60
C LEU A 2241 -3.29 96.48 -7.97
N LEU A 2242 -2.50 96.75 -9.01
CA LEU A 2242 -2.84 96.39 -10.38
C LEU A 2242 -2.15 95.12 -10.86
N PHE A 2243 -1.15 94.62 -10.13
CA PHE A 2243 -0.43 93.43 -10.55
C PHE A 2243 -1.35 92.21 -10.53
N TRP A 2244 -0.87 91.13 -11.15
CA TRP A 2244 -1.64 89.90 -11.24
C TRP A 2244 -1.46 89.00 -10.03
N ILE A 2245 -0.33 89.12 -9.33
CA ILE A 2245 -0.09 88.29 -8.15
C ILE A 2245 -1.13 88.57 -7.06
N LEU A 2246 -1.49 89.83 -6.88
CA LEU A 2246 -2.46 90.18 -5.84
C LEU A 2246 -3.84 89.62 -6.18
N ILE A 2247 -4.30 89.82 -7.41
CA ILE A 2247 -5.59 89.28 -7.82
C ILE A 2247 -5.56 87.75 -7.86
N CYS A 2248 -4.40 87.16 -8.18
CA CYS A 2248 -4.28 85.71 -8.18
C CYS A 2248 -4.18 85.15 -6.76
N PHE A 2249 -3.69 85.94 -5.81
CA PHE A 2249 -3.58 85.46 -4.44
C PHE A 2249 -4.95 85.21 -3.83
N SER A 2250 -5.92 86.08 -4.11
CA SER A 2250 -7.27 85.88 -3.59
C SER A 2250 -7.92 84.63 -4.16
N ILE A 2251 -7.54 84.23 -5.37
CA ILE A 2251 -8.10 83.01 -5.97
C ILE A 2251 -7.66 81.78 -5.19
N ALA A 2252 -6.34 81.61 -4.99
CA ALA A 2252 -5.85 80.48 -4.23
C ALA A 2252 -6.21 80.60 -2.75
N ALA A 2253 -6.41 81.83 -2.27
CA ALA A 2253 -6.83 82.02 -0.88
C ALA A 2253 -8.21 81.43 -0.65
N LEU A 2254 -9.14 81.66 -1.58
CA LEU A 2254 -10.46 81.04 -1.48
C LEU A 2254 -10.37 79.53 -1.59
N PHE A 2255 -9.56 79.04 -2.53
CA PHE A 2255 -9.30 77.60 -2.61
C PHE A 2255 -8.59 77.10 -1.37
N THR A 2256 -7.69 77.91 -0.80
CA THR A 2256 -7.04 77.56 0.45
C THR A 2256 -8.05 77.48 1.59
N LYS A 2257 -8.97 78.45 1.64
CA LYS A 2257 -10.04 78.41 2.64
C LYS A 2257 -11.04 77.30 2.34
N ARG A 2258 -11.21 76.95 1.06
CA ARG A 2258 -12.15 75.89 0.70
C ARG A 2258 -11.61 74.52 1.10
N TYR A 2259 -10.30 74.32 1.00
CA TYR A 2259 -9.68 73.06 1.36
C TYR A 2259 -9.81 72.78 2.86
N SER A 2260 -3.74 72.98 4.77
CA SER A 2260 -3.12 72.72 6.06
C SER A 2260 -1.90 73.59 6.27
N ILE A 2261 -0.83 73.30 5.53
CA ILE A 2261 0.41 74.06 5.61
C ILE A 2261 0.43 75.19 4.59
N ARG A 2262 -0.13 74.96 3.41
CA ARG A 2262 -0.12 75.98 2.36
C ARG A 2262 -0.89 77.25 2.72
N PRO A 2263 -2.08 77.20 3.34
CA PRO A 2263 -2.80 78.46 3.58
C PRO A 2263 -2.08 79.45 4.48
N LEU A 2264 -1.45 78.97 5.57
CA LEU A 2264 -0.82 79.89 6.51
C LEU A 2264 0.47 80.49 5.97
N ILE A 2265 1.09 79.87 4.95
CA ILE A 2265 2.31 80.43 4.38
C ILE A 2265 1.98 81.53 3.39
N VAL A 2266 0.98 81.31 2.54
CA VAL A 2266 0.64 82.29 1.52
C VAL A 2266 0.05 83.54 2.15
N ALA A 2267 -0.57 83.42 3.32
CA ALA A 2267 -1.17 84.59 3.97
C ALA A 2267 -0.09 85.57 4.41
N LEU A 2268 1.07 85.08 4.83
CA LEU A 2268 2.15 85.97 5.23
C LEU A 2268 2.68 86.77 4.05
N ILE A 2269 2.68 86.18 2.86
CA ILE A 2269 3.27 86.84 1.70
C ILE A 2269 2.48 88.09 1.34
N LEU A 2270 1.14 88.01 1.41
CA LEU A 2270 0.31 89.16 1.07
C LEU A 2270 0.57 90.32 2.03
N ARG A 2271 0.74 90.02 3.32
CA ARG A 2271 1.03 91.07 4.29
C ARG A 2271 2.42 91.64 4.10
N SER A 2272 3.37 90.83 3.58
CA SER A 2272 4.70 91.33 3.32
C SER A 2272 4.69 92.36 2.19
N ILE A 2273 3.94 92.08 1.13
CA ILE A 2273 3.85 93.02 0.02
C ILE A 2273 3.12 94.29 0.44
N TYR A 2274 2.06 94.14 1.25
CA TYR A 2274 1.26 95.30 1.63
C TYR A 2274 2.03 96.23 2.56
N TYR A 2275 2.94 95.69 3.37
CA TYR A 2275 3.74 96.48 4.29
C TYR A 2275 5.07 96.93 3.70
N LEU A 2276 5.83 96.00 3.12
CA LEU A 2276 7.16 96.25 2.60
C LEU A 2276 7.14 96.25 1.07
N GLY A 2277 8.29 96.57 0.48
CA GLY A 2277 8.46 96.51 -0.95
C GLY A 2277 8.69 95.09 -1.42
N ILE A 2278 9.70 94.89 -2.27
CA ILE A 2278 10.03 93.58 -2.82
C ILE A 2278 11.44 93.17 -2.45
N GLY A 2279 12.40 94.08 -2.59
CA GLY A 2279 13.78 93.85 -2.23
C GLY A 2279 13.99 93.20 -0.87
N PRO A 2280 13.27 93.66 0.17
CA PRO A 2280 13.39 92.97 1.47
C PRO A 2280 12.93 91.52 1.44
N THR A 2281 11.77 91.23 0.86
CA THR A 2281 11.13 89.92 1.05
C THR A 2281 11.70 88.83 0.16
N LEU A 2282 12.60 89.13 -0.77
CA LEU A 2282 13.28 88.08 -1.52
C LEU A 2282 14.53 87.59 -0.81
N ASN A 2283 15.21 88.47 -0.08
CA ASN A 2283 16.39 88.06 0.68
C ASN A 2283 16.04 87.14 1.84
N ILE A 2284 14.79 87.15 2.31
CA ILE A 2284 14.39 86.36 3.48
C ILE A 2284 13.85 85.00 3.06
N LEU A 2285 13.18 84.93 1.90
CA LEU A 2285 12.61 83.66 1.47
C LEU A 2285 13.71 82.70 1.02
N GLY A 2286 14.65 83.18 0.19
CA GLY A 2286 15.80 82.37 -0.15
C GLY A 2286 16.64 82.03 1.07
N ALA A 2287 16.76 82.97 2.00
CA ALA A 2287 17.44 82.70 3.25
C ALA A 2287 16.66 81.71 4.09
N LEU A 2288 15.32 81.86 4.13
CA LEU A 2288 14.49 80.88 4.83
C LEU A 2288 14.60 79.52 4.15
N ASN A 2289 14.76 79.50 2.84
CA ASN A 2289 15.00 78.24 2.14
C ASN A 2289 16.29 77.59 2.63
N LEU A 2290 17.31 78.39 2.93
CA LEU A 2290 18.57 77.84 3.43
C LEU A 2290 18.37 77.16 4.78
N THR A 2291 17.59 77.78 5.66
CA THR A 2291 17.41 77.24 7.00
C THR A 2291 16.63 75.93 6.99
N ASN A 2292 15.90 75.64 5.92
CA ASN A 2292 15.12 74.40 5.89
C ASN A 2292 16.03 73.20 5.63
N LYS A 2293 16.93 73.31 4.65
CA LYS A 2293 17.69 72.13 4.24
C LYS A 2293 18.79 71.79 5.23
N ILE A 2294 19.39 72.80 5.86
CA ILE A 2294 20.38 72.55 6.91
C ILE A 2294 19.78 71.78 8.07
N VAL A 2295 18.46 71.86 8.25
CA VAL A 2295 17.75 70.93 9.14
C VAL A 2295 17.54 69.58 8.47
N PHE A 2296 17.26 69.59 7.16
CA PHE A 2296 16.98 68.35 6.45
C PHE A 2296 18.23 67.49 6.36
N VAL A 2297 19.36 68.09 6.01
CA VAL A 2297 20.58 67.32 5.79
C VAL A 2297 21.05 66.69 7.09
N VAL A 2298 21.09 67.47 8.17
CA VAL A 2298 21.55 66.94 9.46
C VAL A 2298 20.62 65.85 9.96
N SER A 2299 19.32 65.98 9.69
CA SER A 2299 18.39 64.93 10.08
C SER A 2299 18.49 63.74 9.15
N PHE A 2300 18.73 63.99 7.86
CA PHE A 2300 18.82 62.91 6.88
C PHE A 2300 19.96 61.96 7.23
N VAL A 2301 21.14 62.51 7.51
CA VAL A 2301 22.26 61.67 7.93
C VAL A 2301 21.95 60.99 9.26
N GLY A 2302 21.20 61.68 10.13
CA GLY A 2302 20.86 61.07 11.41
C GLY A 2302 19.85 59.97 11.30
N ASN A 2303 18.92 60.07 10.35
CA ASN A 2303 17.88 59.06 10.20
C ASN A 2303 18.41 57.83 9.49
N ARG A 2304 19.07 58.02 8.35
CA ARG A 2304 19.57 56.90 7.56
C ARG A 2304 20.91 56.40 8.06
N GLY A 2305 21.70 57.24 8.71
CA GLY A 2305 23.03 56.85 9.13
C GLY A 2305 23.92 56.62 7.92
N THR A 2306 24.25 57.69 7.20
CA THR A 2306 25.01 57.56 5.97
C THR A 2306 26.50 57.44 6.22
N PHE A 2307 27.03 58.15 7.23
CA PHE A 2307 28.44 58.08 7.56
C PHE A 2307 28.78 56.95 8.51
N ILE A 2308 27.89 55.96 8.65
CA ILE A 2308 28.21 54.76 9.42
C ILE A 2308 29.32 53.98 8.73
N ARG A 2309 29.23 53.84 7.41
CA ARG A 2309 30.26 53.11 6.67
C ARG A 2309 31.59 53.87 6.66
N GLY A 2310 31.55 55.19 6.77
CA GLY A 2310 32.76 55.98 6.80
C GLY A 2310 32.50 57.40 6.38
N TYR A 2311 33.40 58.29 6.78
CA TYR A 2311 33.29 59.70 6.43
C TYR A 2311 33.37 59.90 4.91
N LYS A 2312 34.22 59.12 4.25
CA LYS A 2312 34.37 59.19 2.80
C LYS A 2312 33.36 58.33 2.05
N ALA A 2313 32.43 57.68 2.76
CA ALA A 2313 31.40 56.89 2.10
C ALA A 2313 30.22 57.73 1.66
N MET A 2314 29.99 58.88 2.31
CA MET A 2314 28.88 59.75 1.92
C MET A 2314 29.05 60.29 0.52
N VAL A 2315 30.30 60.53 0.09
CA VAL A 2315 30.55 61.15 -1.21
C VAL A 2315 30.08 60.26 -2.35
N MET A 2316 30.00 58.95 -2.14
CA MET A 2316 29.50 58.05 -3.17
C MET A 2316 27.97 58.02 -3.18
N ASP A 2317 27.34 58.26 -2.03
CA ASP A 2317 25.88 58.27 -1.97
C ASP A 2317 25.35 59.42 -2.81
N MET A 2318 24.67 59.10 -3.91
CA MET A 2318 24.18 60.12 -4.82
C MET A 2318 23.09 60.97 -4.18
N GLU A 2319 22.34 60.40 -3.24
CA GLU A 2319 21.28 61.17 -2.59
C GLU A 2319 21.87 62.34 -1.81
N PHE A 2320 22.90 62.10 -1.01
CA PHE A 2320 23.53 63.17 -0.24
C PHE A 2320 24.15 64.22 -1.15
N LEU A 2321 24.54 63.84 -2.37
CA LEU A 2321 25.11 64.80 -3.31
C LEU A 2321 24.02 65.69 -3.91
N TYR A 2322 22.84 65.13 -4.18
CA TYR A 2322 21.78 65.93 -4.77
C TYR A 2322 21.30 67.01 -3.81
N HIS A 2323 21.35 66.75 -2.51
CA HIS A 2323 20.79 67.68 -1.54
C HIS A 2323 21.76 68.81 -1.20
N VAL A 2324 23.06 68.55 -1.26
CA VAL A 2324 24.02 69.62 -1.01
C VAL A 2324 24.08 70.56 -2.21
N GLY A 2325 23.90 70.04 -3.42
CA GLY A 2325 23.82 70.90 -4.59
C GLY A 2325 22.57 71.75 -4.57
N TYR A 2326 21.48 71.21 -4.02
CA TYR A 2326 20.26 71.98 -3.84
C TYR A 2326 20.50 73.19 -2.94
N ILE A 2327 21.49 73.11 -2.05
CA ILE A 2327 21.84 74.24 -1.20
C ILE A 2327 22.65 75.27 -1.98
N LEU A 2328 23.64 74.81 -2.75
CA LEU A 2328 24.51 75.72 -3.48
C LEU A 2328 23.71 76.59 -4.44
N THR A 2329 22.69 76.02 -5.06
CA THR A 2329 21.79 76.83 -5.88
C THR A 2329 21.05 77.85 -5.02
N SER A 2330 20.69 77.47 -3.80
CA SER A 2330 20.01 78.40 -2.91
C SER A 2330 20.97 79.45 -2.37
N VAL A 2331 22.21 79.06 -2.06
CA VAL A 2331 23.21 80.02 -1.60
C VAL A 2331 23.63 80.93 -2.73
N LEU A 2332 23.89 80.34 -3.91
CA LEU A 2332 24.36 81.13 -5.04
C LEU A 2332 23.31 82.12 -5.51
N GLY A 2333 22.03 81.75 -5.40
CA GLY A 2333 20.97 82.64 -5.85
C GLY A 2333 20.62 83.76 -4.90
N LEU A 2334 21.01 83.64 -3.63
CA LEU A 2334 20.72 84.68 -2.66
C LEU A 2334 21.64 85.89 -2.82
N PHE A 2335 22.90 85.67 -3.19
CA PHE A 2335 23.90 86.72 -3.26
C PHE A 2335 24.26 87.10 -4.69
N ALA A 2336 24.54 86.12 -5.55
CA ALA A 2336 25.05 86.44 -6.88
C ALA A 2336 23.98 87.03 -7.77
N HIS A 2337 22.87 86.31 -7.95
CA HIS A 2337 21.87 86.68 -8.96
C HIS A 2337 20.61 85.88 -8.68
N GLU A 2338 19.46 86.55 -8.76
CA GLU A 2338 18.22 85.98 -8.24
C GLU A 2338 17.74 84.74 -8.99
N LEU A 2339 18.20 84.52 -10.22
CA LEU A 2339 17.58 83.54 -11.10
C LEU A 2339 18.17 82.14 -10.97
N PHE A 2340 19.11 81.90 -10.04
CA PHE A 2340 19.58 80.54 -9.83
C PHE A 2340 18.53 79.66 -9.15
N TYR A 2341 17.53 80.26 -8.51
CA TYR A 2341 16.52 79.48 -7.79
C TYR A 2341 15.63 78.68 -8.73
N SER A 2342 15.67 78.92 -10.04
CA SER A 2342 14.87 78.14 -10.97
C SER A 2342 15.27 76.68 -10.97
N ILE A 2343 16.54 76.39 -10.66
CA ILE A 2343 17.02 75.02 -10.59
C ILE A 2343 16.33 74.23 -9.48
N LEU A 2344 15.79 74.92 -8.46
CA LEU A 2344 15.21 74.23 -7.32
C LEU A 2344 14.00 73.40 -7.69
N LEU A 2345 13.36 73.66 -8.82
CA LEU A 2345 12.12 72.97 -9.14
C LEU A 2345 12.34 71.51 -9.53
N PHE A 2346 13.56 71.11 -9.87
CA PHE A 2346 13.83 69.71 -10.15
C PHE A 2346 13.76 68.83 -8.91
N ASP A 2347 13.59 69.42 -7.71
CA ASP A 2347 13.29 68.64 -6.53
C ASP A 2347 11.92 67.96 -6.63
N LEU A 2348 11.07 68.40 -7.56
CA LEU A 2348 9.80 67.72 -7.80
C LEU A 2348 10.00 66.25 -8.14
N ILE A 2349 11.07 65.95 -8.89
CA ILE A 2349 11.32 64.58 -9.30
C ILE A 2349 11.64 63.71 -8.10
N TYR A 2350 12.41 64.24 -7.15
CA TYR A 2350 12.72 63.50 -5.93
C TYR A 2350 11.64 63.64 -4.88
N ARG A 2351 10.91 64.76 -4.88
CA ARG A 2351 9.85 64.97 -3.91
C ARG A 2351 8.72 63.95 -4.07
N GLU A 2352 8.60 63.33 -5.25
CA GLU A 2352 7.46 62.47 -5.55
C GLU A 2352 7.93 61.29 -6.40
N GLU A 2353 7.26 60.15 -6.21
CA GLU A 2353 7.62 58.91 -6.88
C GLU A 2353 6.74 58.58 -8.08
N THR A 2354 5.53 59.13 -8.14
CA THR A 2354 4.63 58.85 -9.26
C THR A 2354 5.25 59.29 -10.58
N LEU A 2355 5.93 60.44 -10.59
CA LEU A 2355 6.54 60.93 -11.81
C LEU A 2355 7.80 60.17 -12.19
N PHE A 2356 8.60 59.81 -11.19
CA PHE A 2356 9.95 59.32 -11.46
C PHE A 2356 9.94 58.03 -12.28
N ASN A 2357 8.87 57.25 -12.17
CA ASN A 2357 8.77 56.05 -12.98
C ASN A 2357 8.70 56.36 -14.47
N VAL A 2358 8.26 57.56 -14.84
CA VAL A 2358 8.20 57.94 -16.24
C VAL A 2358 9.61 58.04 -16.82
N ILE A 2359 10.44 58.93 -16.25
CA ILE A 2359 11.76 59.17 -16.82
C ILE A 2359 12.72 58.00 -16.63
N LYS A 2360 12.35 56.99 -15.84
CA LYS A 2360 13.06 55.71 -15.92
C LYS A 2360 13.09 55.20 -17.35
N SER A 2361 12.00 55.42 -18.10
CA SER A 2361 11.92 54.93 -19.47
C SER A 2361 12.99 55.55 -20.36
N VAL A 2362 13.05 56.89 -20.38
CA VAL A 2362 14.08 57.57 -21.16
C VAL A 2362 15.47 57.25 -20.61
N THR A 2363 15.58 56.90 -19.33
CA THR A 2363 16.85 56.58 -18.71
C THR A 2363 17.24 55.13 -18.91
N ARG A 2364 16.28 54.21 -18.84
CA ARG A 2364 16.59 52.78 -18.85
C ARG A 2364 17.22 52.38 -20.18
N ASN A 2365 16.45 52.45 -21.25
CA ASN A 2365 16.96 52.21 -22.60
C ASN A 2365 17.42 53.51 -23.26
N GLY A 2366 18.26 54.26 -22.54
CA GLY A 2366 18.79 55.50 -23.09
C GLY A 2366 19.83 55.26 -24.16
N ARG A 2367 20.57 54.16 -24.06
CA ARG A 2367 21.59 53.86 -25.06
C ARG A 2367 20.97 53.65 -26.43
N SER A 2368 19.72 53.20 -26.48
CA SER A 2368 19.04 52.97 -27.74
C SER A 2368 18.39 54.23 -28.30
N ILE A 2369 18.44 55.35 -27.60
CA ILE A 2369 17.84 56.60 -28.06
C ILE A 2369 18.88 57.49 -28.75
N LEU A 2370 20.04 57.68 -28.12
CA LEU A 2370 21.04 58.58 -28.69
C LEU A 2370 21.58 58.03 -30.00
N LEU A 2371 21.90 56.73 -30.04
CA LEU A 2371 22.34 56.11 -31.29
C LEU A 2371 21.24 56.18 -32.34
N THR A 2372 19.99 56.02 -31.91
CA THR A 2372 18.87 56.23 -32.82
C THR A 2372 18.82 57.67 -33.29
N ALA A 2373 19.13 58.61 -32.40
CA ALA A 2373 19.20 60.00 -32.81
C ALA A 2373 20.38 60.26 -33.73
N LEU A 2374 21.48 59.52 -33.55
CA LEU A 2374 22.59 59.63 -34.48
C LEU A 2374 22.25 59.00 -35.83
N LEU A 2375 21.39 57.98 -35.82
CA LEU A 2375 20.94 57.41 -37.09
C LEU A 2375 20.19 58.46 -37.92
N ALA A 2376 19.54 59.42 -37.26
CA ALA A 2376 19.04 60.59 -37.97
C ALA A 2376 20.19 61.47 -38.43
N LEU A 2377 21.22 61.61 -37.60
CA LEU A 2377 22.36 62.46 -37.95
C LEU A 2377 23.20 61.85 -39.07
N ILE A 2378 23.19 60.52 -39.21
CA ILE A 2378 23.97 59.90 -40.28
C ILE A 2378 23.22 59.98 -41.60
N LEU A 2379 21.90 59.90 -41.59
CA LEU A 2379 21.15 59.94 -42.85
C LEU A 2379 21.06 61.36 -43.39
N VAL A 2380 20.88 62.35 -42.53
CA VAL A 2380 20.91 63.74 -42.96
C VAL A 2380 22.27 64.09 -43.54
N TYR A 2381 23.33 63.46 -43.02
CA TYR A 2381 24.66 63.66 -43.58
C TYR A 2381 24.75 63.17 -45.02
N LEU A 2382 23.89 62.23 -45.42
CA LEU A 2382 23.86 61.77 -46.81
C LEU A 2382 23.00 62.67 -47.68
N PHE A 2383 21.76 62.94 -47.26
CA PHE A 2383 20.88 63.77 -48.07
C PHE A 2383 21.43 65.18 -48.23
N SER A 2384 22.16 65.67 -47.22
CA SER A 2384 22.79 66.98 -47.34
C SER A 2384 23.83 66.99 -48.45
N ILE A 2385 24.58 65.90 -48.60
CA ILE A 2385 25.60 65.83 -49.64
C ILE A 2385 24.94 65.80 -51.02
N VAL A 2386 23.78 65.16 -51.12
CA VAL A 2386 23.04 65.14 -52.38
C VAL A 2386 22.63 66.55 -52.77
N GLY A 2387 22.38 67.41 -51.79
CA GLY A 2387 22.00 68.78 -52.05
C GLY A 2387 23.15 69.63 -52.52
N PHE A 2388 24.31 69.49 -51.87
CA PHE A 2388 25.46 70.31 -52.20
C PHE A 2388 25.95 70.09 -53.62
N LEU A 2389 25.68 68.93 -54.21
CA LEU A 2389 26.16 68.61 -55.55
C LEU A 2389 25.18 69.02 -56.63
N PHE A 2390 23.90 68.68 -56.46
CA PHE A 2390 22.87 68.92 -57.47
C PHE A 2390 21.95 70.07 -57.13
N LEU A 2391 21.47 70.18 -55.88
CA LEU A 2391 20.49 71.18 -55.47
C LEU A 2391 21.13 72.31 -54.70
N LYS A 2392 22.33 72.73 -55.09
CA LYS A 2392 23.06 73.76 -54.37
C LYS A 2392 22.30 75.08 -54.39
N ASP A 2393 21.93 75.55 -55.58
CA ASP A 2393 21.25 76.84 -55.71
C ASP A 2393 19.87 76.88 -55.07
N ASP A 2394 19.31 75.72 -54.70
CA ASP A 2394 17.92 75.66 -54.26
C ASP A 2394 17.77 75.81 -52.75
N PHE A 2395 18.84 75.60 -51.97
CA PHE A 2395 18.78 75.79 -50.52
C PHE A 2395 18.82 77.29 -50.24
N ILE A 2396 17.67 77.93 -50.44
CA ILE A 2396 17.45 79.34 -50.17
C ILE A 2396 16.67 79.46 -48.87
N LEU A 2397 16.88 80.57 -48.16
CA LEU A 2397 16.20 80.84 -46.91
C LEU A 2397 15.81 82.31 -46.83
N GLU A 2398 14.58 82.57 -46.42
CA GLU A 2398 14.17 83.92 -46.08
C GLU A 2398 14.90 84.36 -44.82
N VAL A 2399 15.16 85.67 -44.72
CA VAL A 2399 15.94 86.23 -43.63
C VAL A 2399 15.39 87.60 -43.27
N ASP A 2400 15.41 87.91 -41.98
CA ASP A 2400 15.04 89.21 -41.45
C ASP A 2400 16.30 89.85 -40.88
N ARG A 2401 16.80 90.89 -41.56
CA ARG A 2401 18.09 91.46 -41.21
C ARG A 2401 17.99 92.27 -39.91
N LEU A 2402 19.13 92.83 -39.51
CA LEU A 2402 19.27 93.57 -38.26
C LEU A 2402 20.24 94.73 -38.48
N PRO A 2403 19.80 96.01 -38.41
CA PRO A 2403 20.78 97.07 -38.66
C PRO A 2403 21.83 97.18 -37.54
N ASP A 2449 17.86 93.11 -49.68
CA ASP A 2449 18.61 91.88 -49.44
C ASP A 2449 17.93 91.05 -48.36
N SER A 2450 16.73 90.54 -48.69
CA SER A 2450 15.94 89.71 -47.79
C SER A 2450 16.01 88.23 -48.18
N THR A 2451 17.15 87.81 -48.73
CA THR A 2451 17.36 86.42 -49.12
C THR A 2451 18.79 86.05 -48.78
N GLU A 2452 19.09 84.76 -48.89
CA GLU A 2452 20.43 84.27 -48.56
C GLU A 2452 20.58 82.83 -49.06
N ARG A 2453 21.75 82.54 -49.61
CA ARG A 2453 22.14 81.17 -49.92
C ARG A 2453 22.82 80.55 -48.70
N ALA A 2454 22.47 79.31 -48.40
CA ALA A 2454 22.92 78.65 -47.17
C ALA A 2454 23.37 77.22 -47.45
N CYS A 2455 24.05 76.99 -48.58
CA CYS A 2455 24.73 75.72 -48.80
C CYS A 2455 26.04 75.90 -49.54
N ASP A 2456 26.66 77.08 -49.42
CA ASP A 2456 27.94 77.30 -50.08
C ASP A 2456 29.03 76.37 -49.54
N THR A 2457 28.88 75.88 -48.32
CA THR A 2457 29.80 74.91 -47.73
C THR A 2457 28.99 73.80 -47.08
N LEU A 2458 29.57 72.59 -47.09
CA LEU A 2458 28.85 71.41 -46.61
C LEU A 2458 28.42 71.52 -45.16
N LEU A 2459 29.11 72.32 -44.36
CA LEU A 2459 28.72 72.48 -42.96
C LEU A 2459 27.33 73.09 -42.87
N MET A 2460 27.13 74.25 -43.50
CA MET A 2460 25.82 74.88 -43.48
C MET A 2460 24.78 74.03 -44.20
N CYS A 2461 25.21 73.22 -45.18
CA CYS A 2461 24.26 72.35 -45.87
C CYS A 2461 23.64 71.34 -44.92
N ILE A 2462 24.30 71.04 -43.80
CA ILE A 2462 23.71 70.20 -42.76
C ILE A 2462 22.83 71.02 -41.83
N VAL A 2463 23.27 72.23 -41.48
CA VAL A 2463 22.59 73.04 -40.47
C VAL A 2463 21.20 73.42 -40.95
N THR A 2464 21.07 73.75 -42.24
CA THR A 2464 19.76 74.12 -42.76
C THR A 2464 18.79 72.94 -42.68
N VAL A 2465 19.24 71.76 -43.05
CA VAL A 2465 18.39 70.58 -42.95
C VAL A 2465 18.29 70.12 -41.50
N MET A 2466 19.34 70.34 -40.71
CA MET A 2466 19.27 69.98 -39.29
C MET A 2466 18.20 70.80 -38.59
N ASN A 2467 18.07 72.08 -38.94
CA ASN A 2467 16.96 72.89 -38.41
C ASN A 2467 15.70 72.65 -39.22
N HIS A 2468 15.69 73.13 -40.46
CA HIS A 2468 14.44 73.23 -41.20
C HIS A 2468 14.00 71.92 -41.82
N GLY A 2469 14.76 70.84 -41.66
CA GLY A 2469 14.40 69.55 -42.22
C GLY A 2469 13.69 68.66 -41.21
N LEU A 2470 14.07 68.79 -39.94
CA LEU A 2470 13.52 67.94 -38.89
C LEU A 2470 12.30 68.57 -38.23
N ARG A 2471 12.47 69.76 -37.66
CA ARG A 2471 11.42 70.35 -36.84
C ARG A 2471 10.27 70.91 -37.66
N ASN A 2472 10.52 71.30 -38.91
CA ASN A 2472 9.51 71.98 -39.70
C ASN A 2472 8.26 71.13 -39.88
N GLY A 2473 8.40 69.81 -39.87
CA GLY A 2473 7.25 68.95 -40.07
C GLY A 2473 7.00 68.83 -41.55
N GLY A 2474 6.93 67.59 -42.03
CA GLY A 2474 6.90 67.35 -43.46
C GLY A 2474 8.24 67.40 -44.14
N GLY A 2475 9.33 67.35 -43.38
CA GLY A 2475 10.64 67.32 -44.00
C GLY A 2475 11.12 68.71 -44.36
N VAL A 2476 11.86 68.77 -45.47
CA VAL A 2476 12.64 69.96 -45.81
C VAL A 2476 11.97 70.82 -46.88
N GLY A 2477 11.10 70.26 -47.71
CA GLY A 2477 10.59 70.99 -48.86
C GLY A 2477 9.72 72.18 -48.53
N ASP A 2478 9.37 72.40 -47.27
CA ASP A 2478 8.56 73.56 -46.92
C ASP A 2478 9.33 74.85 -47.15
N ILE A 2479 10.50 74.99 -46.52
CA ILE A 2479 11.27 76.23 -46.63
C ILE A 2479 11.79 76.45 -48.05
N LEU A 2480 12.04 75.37 -48.79
CA LEU A 2480 12.73 75.51 -50.06
C LEU A 2480 11.85 76.17 -51.11
N ARG A 2481 12.50 76.91 -52.01
CA ARG A 2481 11.78 77.56 -53.08
C ARG A 2481 11.09 76.51 -53.95
N LYS A 2482 9.80 76.68 -54.15
CA LYS A 2482 8.96 75.66 -54.76
C LYS A 2482 9.12 75.75 -56.28
N PRO A 2483 9.75 74.78 -56.94
CA PRO A 2483 9.99 74.91 -58.37
C PRO A 2483 8.72 74.62 -59.18
N SER A 2484 8.85 74.77 -60.49
CA SER A 2484 7.79 74.47 -61.43
C SER A 2484 7.95 73.06 -61.98
N LYS A 2485 6.98 72.66 -62.81
CA LYS A 2485 7.06 71.38 -63.50
C LYS A 2485 7.90 71.48 -64.77
N ASP A 2486 7.97 72.67 -65.37
CA ASP A 2486 8.69 72.83 -66.63
C ASP A 2486 10.18 72.59 -66.48
N GLU A 2487 10.74 72.75 -65.28
CA GLU A 2487 12.15 72.51 -65.07
C GLU A 2487 12.50 71.05 -65.32
N SER A 2488 13.78 70.79 -65.47
CA SER A 2488 14.27 69.45 -65.80
C SER A 2488 14.49 68.59 -64.57
N LEU A 2489 15.03 69.16 -63.50
CA LEU A 2489 15.33 68.42 -62.28
C LEU A 2489 14.11 68.26 -61.37
N PHE A 2490 12.91 68.58 -61.84
CA PHE A 2490 11.74 68.46 -60.98
C PHE A 2490 11.48 67.04 -60.50
N PRO A 2491 11.58 65.99 -61.32
CA PRO A 2491 11.33 64.64 -60.78
C PRO A 2491 12.27 64.26 -59.66
N ALA A 2492 13.58 64.37 -59.88
CA ALA A 2492 14.54 64.08 -58.82
C ALA A 2492 14.37 65.03 -57.64
N ARG A 2493 13.92 66.26 -57.92
CA ARG A 2493 13.67 67.21 -56.84
C ARG A 2493 12.53 66.74 -55.95
N VAL A 2494 11.49 66.16 -56.55
CA VAL A 2494 10.40 65.60 -55.74
C VAL A 2494 10.93 64.50 -54.84
N VAL A 2495 11.67 63.55 -55.43
CA VAL A 2495 12.11 62.36 -54.71
C VAL A 2495 13.04 62.73 -53.55
N TYR A 2496 13.71 63.89 -53.62
CA TYR A 2496 14.53 64.33 -52.50
C TYR A 2496 13.68 64.63 -51.27
N ASP A 2497 12.41 65.02 -51.47
CA ASP A 2497 11.53 65.31 -50.34
C ASP A 2497 10.91 64.03 -49.80
N LEU A 2498 10.53 63.11 -50.69
CA LEU A 2498 9.85 61.89 -50.26
C LEU A 2498 10.75 61.04 -49.39
N LEU A 2499 11.96 60.73 -49.87
CA LEU A 2499 12.86 59.88 -49.11
C LEU A 2499 13.36 60.55 -47.84
N PHE A 2500 13.29 61.87 -47.77
CA PHE A 2500 13.51 62.59 -46.52
C PHE A 2500 12.25 62.62 -45.65
N PHE A 2501 11.18 61.95 -46.08
CA PHE A 2501 9.92 61.92 -45.34
C PHE A 2501 9.50 60.54 -44.88
N PHE A 2502 9.73 59.50 -45.68
CA PHE A 2502 9.37 58.14 -45.30
C PHE A 2502 10.54 57.37 -44.69
N ILE A 2503 11.73 57.96 -44.63
CA ILE A 2503 12.91 57.29 -44.08
C ILE A 2503 13.23 57.82 -42.69
N VAL A 2504 13.05 59.12 -42.46
CA VAL A 2504 13.49 59.77 -41.23
C VAL A 2504 12.32 60.32 -40.43
N ILE A 2505 11.34 60.94 -41.07
CA ILE A 2505 10.26 61.59 -40.33
C ILE A 2505 9.32 60.56 -39.72
N ILE A 2506 8.65 59.77 -40.57
CA ILE A 2506 7.69 58.80 -40.04
C ILE A 2506 8.40 57.74 -39.23
N ILE A 2507 9.65 57.41 -39.58
CA ILE A 2507 10.35 56.33 -38.91
C ILE A 2507 11.20 56.86 -37.76
N VAL A 2508 12.25 57.62 -38.08
CA VAL A 2508 13.37 57.76 -37.14
C VAL A 2508 13.00 58.68 -35.99
N LEU A 2509 12.40 59.83 -36.29
CA LEU A 2509 11.94 60.71 -35.22
C LEU A 2509 10.90 60.01 -34.36
N ASN A 2510 10.12 59.11 -34.94
CA ASN A 2510 9.11 58.37 -34.20
C ASN A 2510 9.62 57.04 -33.66
N LEU A 2511 10.72 56.51 -34.19
CA LEU A 2511 11.38 55.40 -33.52
C LEU A 2511 11.84 55.80 -32.13
N ILE A 2512 12.25 57.06 -31.97
CA ILE A 2512 12.61 57.58 -30.65
C ILE A 2512 11.42 57.46 -29.72
N PHE A 2513 10.22 57.72 -30.22
CA PHE A 2513 9.02 57.57 -29.42
C PHE A 2513 8.55 56.13 -29.31
N GLY A 2514 8.95 55.27 -30.25
CA GLY A 2514 8.52 53.89 -30.20
C GLY A 2514 9.02 53.17 -28.97
N VAL A 2515 10.33 53.29 -28.70
CA VAL A 2515 10.92 52.62 -27.55
C VAL A 2515 10.33 53.13 -26.25
N ILE A 2516 9.91 54.40 -26.21
CA ILE A 2516 9.46 54.99 -24.96
C ILE A 2516 8.14 54.38 -24.52
N ILE A 2517 7.33 53.88 -25.47
CA ILE A 2517 6.16 53.08 -25.11
C ILE A 2517 6.61 51.70 -24.65
N ASP A 2518 7.32 50.99 -25.52
CA ASP A 2518 7.73 49.62 -25.25
C ASP A 2518 8.58 49.52 -24.01
N THR A 2519 9.20 50.61 -23.58
CA THR A 2519 9.91 50.62 -22.31
C THR A 2519 8.95 50.60 -21.13
N PHE A 2520 7.79 51.24 -21.26
CA PHE A 2520 6.80 51.19 -20.20
C PHE A 2520 6.33 49.76 -19.97
N ALA A 2521 5.98 49.06 -21.05
CA ALA A 2521 5.49 47.69 -20.92
C ALA A 2521 6.53 46.77 -20.29
N ASP A 2522 7.82 47.10 -20.43
CA ASP A 2522 8.85 46.34 -19.75
C ASP A 2522 8.75 46.54 -18.24
N LEU A 2523 8.38 47.73 -17.81
CA LEU A 2523 8.26 47.99 -16.37
C LEU A 2523 7.08 47.23 -15.78
N ARG A 2524 5.93 47.28 -16.45
CA ARG A 2524 4.76 46.60 -15.91
C ARG A 2524 4.95 45.09 -15.91
N SER A 2525 5.59 44.55 -16.95
CA SER A 2525 5.97 43.15 -16.92
C SER A 2525 7.01 42.88 -15.84
N GLU A 2526 7.74 43.90 -15.41
CA GLU A 2526 8.67 43.78 -14.29
C GLU A 2526 8.03 44.17 -12.96
N LYS A 2527 7.04 45.06 -12.98
CA LYS A 2527 6.44 45.56 -11.75
C LYS A 2527 5.33 44.64 -11.24
N GLN A 2528 4.42 44.23 -12.13
CA GLN A 2528 3.41 43.25 -11.75
C GLN A 2528 4.06 41.97 -11.28
N LYS A 2529 5.09 41.51 -12.01
CA LYS A 2529 5.81 40.31 -11.60
C LYS A 2529 6.51 40.51 -10.26
N LYS A 2530 6.87 41.75 -9.92
CA LYS A 2530 7.52 42.01 -8.64
C LYS A 2530 6.49 42.09 -7.51
N GLU A 2531 5.41 42.83 -7.72
CA GLU A 2531 4.40 43.00 -6.68
C GLU A 2531 3.51 41.78 -6.51
N GLU A 2532 3.43 40.91 -7.52
CA GLU A 2532 2.59 39.73 -7.41
C GLU A 2532 3.20 38.68 -6.50
N ILE A 2533 4.53 38.58 -6.48
CA ILE A 2533 5.16 37.53 -5.68
C ILE A 2533 5.12 37.89 -4.20
N LEU A 2534 5.16 39.18 -3.85
CA LEU A 2534 5.12 39.55 -2.45
C LEU A 2534 3.79 39.18 -1.81
N LYS A 2535 2.70 39.29 -2.57
CA LYS A 2535 1.40 38.87 -2.05
C LYS A 2535 1.22 37.36 -2.13
N THR A 2536 1.89 36.71 -3.08
CA THR A 2536 1.76 35.28 -3.32
C THR A 2536 2.91 34.50 -2.70
N THR A 2537 4.14 34.84 -3.08
CA THR A 2537 5.33 34.11 -2.68
C THR A 2537 5.86 34.64 -1.35
N CYS A 2538 6.46 33.76 -0.58
CA CYS A 2538 7.09 34.17 0.67
C CYS A 2538 8.43 34.84 0.38
N PHE A 2539 8.87 35.66 1.34
CA PHE A 2539 10.17 36.30 1.19
C PHE A 2539 11.31 35.31 1.29
N ILE A 2540 11.09 34.11 1.84
CA ILE A 2540 12.16 33.17 2.12
C ILE A 2540 11.94 31.85 1.41
N CYS A 2541 10.85 31.15 1.75
CA CYS A 2541 10.69 29.78 1.31
C CYS A 2541 10.32 29.63 -0.15
N GLY A 2542 9.83 30.69 -0.79
CA GLY A 2542 9.49 30.62 -2.20
C GLY A 2542 8.18 29.92 -2.50
N LEU A 2543 7.48 29.39 -1.50
CA LEU A 2543 6.24 28.68 -1.75
C LEU A 2543 5.12 29.64 -2.11
N GLU A 2544 4.16 29.13 -2.88
CA GLU A 2544 3.00 29.89 -3.29
C GLU A 2544 1.88 29.75 -2.27
N ARG A 2545 0.78 30.46 -2.51
CA ARG A 2545 -0.41 30.35 -1.65
C ARG A 2545 -1.21 29.10 -1.94
N ASP A 2546 -1.09 28.52 -3.14
CA ASP A 2546 -1.92 27.39 -3.52
C ASP A 2546 -1.70 26.19 -2.62
N LYS A 2547 -0.48 26.04 -2.08
CA LYS A 2547 -0.22 24.95 -1.16
C LYS A 2547 -1.01 25.13 0.13
N PHE A 2548 -0.78 26.24 0.83
CA PHE A 2548 -1.51 26.56 2.06
C PHE A 2548 -2.91 27.03 1.68
N ASP A 2549 -3.74 26.05 1.34
CA ASP A 2549 -5.13 26.25 0.94
C ASP A 2549 -6.12 25.46 1.78
N ASN A 2550 -5.75 24.25 2.21
CA ASN A 2550 -6.62 23.38 2.98
C ASN A 2550 -6.08 23.08 4.37
N LYS A 2551 -4.82 23.40 4.67
CA LYS A 2551 -4.23 23.04 5.94
C LYS A 2551 -4.67 24.02 7.02
N THR A 2552 -4.42 23.65 8.27
CA THR A 2552 -4.89 24.44 9.41
C THR A 2552 -4.20 25.80 9.47
N VAL A 2553 -2.95 25.89 9.04
CA VAL A 2553 -2.22 27.15 9.08
C VAL A 2553 -2.65 28.02 7.92
N SER A 2554 -2.81 29.32 8.20
CA SER A 2554 -3.08 30.30 7.17
C SER A 2554 -1.77 30.82 6.59
N PHE A 2555 -1.83 31.25 5.33
CA PHE A 2555 -0.65 31.82 4.69
C PHE A 2555 -0.17 33.06 5.42
N GLU A 2556 -1.08 33.83 6.02
CA GLU A 2556 -0.67 35.00 6.77
C GLU A 2556 0.11 34.61 8.01
N GLU A 2557 -0.29 33.51 8.67
CA GLU A 2557 0.47 33.02 9.81
C GLU A 2557 1.86 32.57 9.40
N HIS A 2558 2.00 32.05 8.18
CA HIS A 2558 3.32 31.64 7.69
C HIS A 2558 4.25 32.83 7.54
N ILE A 2559 3.74 33.92 6.95
CA ILE A 2559 4.54 35.13 6.80
C ILE A 2559 4.77 35.82 8.13
N LYS A 2560 3.91 35.58 9.13
CA LYS A 2560 3.96 36.32 10.38
C LYS A 2560 4.81 35.64 11.44
N LEU A 2561 4.70 34.31 11.57
CA LEU A 2561 5.33 33.57 12.66
C LEU A 2561 6.43 32.63 12.19
N GLU A 2562 6.12 31.70 11.29
CA GLU A 2562 7.05 30.61 11.01
C GLU A 2562 8.25 31.08 10.19
N HIS A 2563 8.01 31.55 8.96
CA HIS A 2563 9.05 32.03 8.08
C HIS A 2563 9.00 33.54 7.92
N ASN A 2564 8.69 34.25 9.01
CA ASN A 2564 8.77 35.70 8.99
C ASN A 2564 10.20 36.14 8.76
N MET A 2565 10.39 36.99 7.76
CA MET A 2565 11.74 37.42 7.39
C MET A 2565 12.45 38.11 8.53
N TRP A 2566 11.71 38.85 9.35
CA TRP A 2566 12.34 39.67 10.38
C TRP A 2566 12.85 38.83 11.52
N ASN A 2567 12.12 37.77 11.88
CA ASN A 2567 12.57 36.91 12.97
C ASN A 2567 13.89 36.23 12.64
N TYR A 2568 14.20 36.03 11.36
CA TYR A 2568 15.52 35.54 10.99
C TYR A 2568 16.60 36.54 11.36
N LEU A 2569 16.32 37.83 11.14
CA LEU A 2569 17.35 38.85 11.36
C LEU A 2569 17.67 39.00 12.84
N TYR A 2570 16.65 38.96 13.71
CA TYR A 2570 16.90 39.04 15.14
C TYR A 2570 17.81 37.91 15.60
N PHE A 2571 17.73 36.75 14.96
CA PHE A 2571 18.59 35.64 15.33
C PHE A 2571 20.04 35.91 14.96
N ILE A 2572 20.27 36.52 13.79
CA ILE A 2572 21.64 36.73 13.34
C ILE A 2572 22.30 37.84 14.16
N VAL A 2573 21.52 38.76 14.70
CA VAL A 2573 22.08 39.77 15.59
C VAL A 2573 22.48 39.15 16.93
N LEU A 2574 21.79 38.08 17.33
CA LEU A 2574 22.10 37.41 18.60
C LEU A 2574 23.50 36.82 18.59
N VAL A 2575 23.97 36.38 17.42
CA VAL A 2575 25.24 35.66 17.35
C VAL A 2575 26.40 36.62 17.61
N ARG A 2576 26.42 37.76 16.92
CA ARG A 2576 27.55 38.67 17.01
C ARG A 2576 27.69 39.32 18.38
N VAL A 2577 26.62 39.34 19.18
CA VAL A 2577 26.64 40.03 20.48
C VAL A 2577 26.93 39.05 21.62
N LYS A 2578 26.45 37.82 21.52
CA LYS A 2578 26.62 36.86 22.59
C LYS A 2578 28.03 36.30 22.60
N ASN A 2579 28.50 35.93 23.79
CA ASN A 2579 29.78 35.25 23.93
C ASN A 2579 29.78 33.95 23.15
N LYS A 2580 31.00 33.49 22.82
CA LYS A 2580 31.14 32.27 22.02
C LYS A 2580 30.80 31.02 22.83
N THR A 2581 31.05 31.04 24.13
CA THR A 2581 30.87 29.83 24.93
C THR A 2581 29.41 29.50 25.17
N ASP A 2582 28.56 30.53 25.28
CA ASP A 2582 27.16 30.33 25.63
C ASP A 2582 26.26 30.02 24.44
N TYR A 2583 26.84 29.80 23.25
CA TYR A 2583 26.03 29.35 22.13
C TYR A 2583 25.43 27.98 22.43
N THR A 2584 24.16 27.83 22.10
CA THR A 2584 23.47 26.55 22.24
C THR A 2584 23.90 25.64 21.09
N GLY A 2585 23.25 24.49 20.98
CA GLY A 2585 23.54 23.54 19.92
C GLY A 2585 23.34 24.15 18.55
N PRO A 2586 22.12 24.61 18.26
CA PRO A 2586 21.88 25.27 16.96
C PRO A 2586 22.72 26.52 16.77
N GLU A 2587 22.80 27.37 17.80
CA GLU A 2587 23.52 28.64 17.66
C GLU A 2587 24.99 28.41 17.34
N SER A 2588 25.60 27.40 17.96
CA SER A 2588 27.00 27.09 17.66
C SER A 2588 27.17 26.63 16.23
N TYR A 2589 26.13 26.04 15.64
CA TYR A 2589 26.24 25.56 14.26
C TYR A 2589 26.16 26.70 13.26
N VAL A 2590 25.31 27.69 13.53
CA VAL A 2590 25.06 28.74 12.55
C VAL A 2590 26.30 29.61 12.37
N ALA A 2591 27.00 29.92 13.45
CA ALA A 2591 28.18 30.76 13.37
C ALA A 2591 29.27 30.11 12.53
N GLN A 2592 29.37 28.78 12.57
CA GLN A 2592 30.30 28.10 11.68
C GLN A 2592 29.90 28.27 10.23
N MET A 2593 28.60 28.45 9.97
CA MET A 2593 28.10 28.60 8.61
C MET A 2593 28.15 30.04 8.11
N ILE A 2594 28.25 31.02 9.02
CA ILE A 2594 28.31 32.41 8.59
C ILE A 2594 29.69 32.74 8.06
N LYS A 2595 30.73 32.48 8.85
CA LYS A 2595 32.09 32.85 8.44
C LYS A 2595 32.52 32.10 7.19
N ASN A 2596 32.02 30.88 6.99
CA ASN A 2596 32.28 30.15 5.76
C ASN A 2596 31.46 30.69 4.59
N LYS A 2597 30.52 31.62 4.83
CA LYS A 2597 29.74 32.25 3.78
C LYS A 2597 28.95 31.21 2.98
N ASN A 2598 28.03 30.55 3.69
CA ASN A 2598 27.10 29.60 3.09
C ASN A 2598 25.71 29.90 3.62
N LEU A 2599 24.70 29.61 2.79
CA LEU A 2599 23.31 29.93 3.09
C LEU A 2599 22.41 28.70 2.95
N ASP A 2600 22.95 27.50 3.13
CA ASP A 2600 22.14 26.30 3.06
C ASP A 2600 21.27 26.10 4.30
N TRP A 2601 21.50 26.88 5.35
CA TRP A 2601 20.76 26.67 6.60
C TRP A 2601 19.42 27.38 6.61
N PHE A 2602 19.21 28.36 5.72
CA PHE A 2602 17.85 28.85 5.51
C PHE A 2602 17.03 27.78 4.80
N PRO A 2603 15.74 27.68 5.09
CA PRO A 2603 14.92 26.70 4.37
C PRO A 2603 14.74 27.11 2.92
N ARG A 2604 14.29 26.15 2.11
CA ARG A 2604 14.10 26.38 0.69
C ARG A 2604 13.06 25.38 0.20
N MET A 2605 11.83 25.87 -0.02
CA MET A 2605 10.74 25.06 -0.53
C MET A 2605 10.42 23.90 0.41
N ARG A 2606 10.38 24.18 1.71
CA ARG A 2606 9.91 23.21 2.69
C ARG A 2606 9.47 23.96 3.93
N ALA A 2607 8.80 23.23 4.81
CA ALA A 2607 8.30 23.79 6.08
C ALA A 2607 7.79 22.64 6.92
N MET A 2608 7.35 22.97 8.14
CA MET A 2608 6.86 21.99 9.09
C MET A 2608 5.35 21.79 9.01
N SER A 2609 4.61 22.74 8.44
CA SER A 2609 3.15 22.65 8.45
C SER A 2609 2.61 21.61 7.48
N LEU A 2610 3.42 21.14 6.53
CA LEU A 2610 2.98 20.17 5.54
C LEU A 2610 3.31 18.73 5.97
N VAL A 2611 4.60 18.45 6.16
CA VAL A 2611 5.15 17.11 6.42
C VAL A 2611 4.47 16.02 5.60
N SER B 5 -6.72 -49.38 -19.81
CA SER B 5 -7.01 -49.18 -21.22
C SER B 5 -6.63 -47.77 -21.66
N SER B 6 -6.65 -47.54 -22.97
CA SER B 6 -6.28 -46.24 -23.52
C SER B 6 -6.89 -46.10 -24.90
N PHE B 7 -7.16 -44.85 -25.30
CA PHE B 7 -7.76 -44.58 -26.60
C PHE B 7 -6.72 -44.67 -27.70
N LEU B 8 -7.13 -45.20 -28.85
CA LEU B 8 -6.27 -45.23 -30.02
C LEU B 8 -6.25 -43.86 -30.69
N HIS B 9 -5.12 -43.54 -31.31
CA HIS B 9 -4.93 -42.26 -31.98
C HIS B 9 -4.15 -42.49 -33.27
N ILE B 10 -4.21 -41.48 -34.16
CA ILE B 10 -3.51 -41.57 -35.42
C ILE B 10 -2.01 -41.59 -35.17
N GLY B 11 -1.29 -42.41 -35.95
CA GLY B 11 0.14 -42.54 -35.84
C GLY B 11 0.61 -43.60 -34.87
N ASP B 12 -0.25 -44.09 -33.98
CA ASP B 12 0.16 -45.09 -33.02
C ASP B 12 0.44 -46.42 -33.70
N ILE B 13 1.50 -47.08 -33.27
CA ILE B 13 1.89 -48.40 -33.76
C ILE B 13 1.28 -49.44 -32.84
N VAL B 14 0.73 -50.50 -33.42
CA VAL B 14 0.04 -51.55 -32.69
C VAL B 14 0.43 -52.90 -33.30
N SER B 15 -0.09 -53.98 -32.70
CA SER B 15 0.18 -55.35 -33.15
C SER B 15 -1.17 -56.06 -33.27
N LEU B 16 -1.68 -56.16 -34.50
CA LEU B 16 -2.96 -56.80 -34.72
C LEU B 16 -2.86 -58.30 -34.48
N TYR B 17 -3.90 -58.88 -33.89
CA TYR B 17 -3.95 -60.28 -33.52
C TYR B 17 -5.28 -60.87 -33.93
N ALA B 18 -5.25 -61.89 -34.79
CA ALA B 18 -6.47 -62.54 -35.23
C ALA B 18 -6.92 -63.59 -34.22
N GLU B 19 -8.23 -63.83 -34.18
CA GLU B 19 -8.80 -64.89 -33.37
C GLU B 19 -10.02 -65.46 -34.08
N GLY B 20 -10.14 -66.79 -34.04
CA GLY B 20 -11.19 -67.49 -34.75
C GLY B 20 -10.75 -68.88 -35.13
N SER B 21 -10.85 -69.22 -36.42
CA SER B 21 -10.32 -70.49 -36.90
C SER B 21 -8.80 -70.54 -36.75
N VAL B 22 -8.13 -69.40 -36.78
CA VAL B 22 -6.67 -69.32 -36.76
C VAL B 22 -6.27 -68.23 -35.76
N ASN B 23 -5.58 -68.63 -34.70
CA ASN B 23 -5.07 -67.71 -33.69
C ASN B 23 -3.62 -67.38 -34.02
N GLY B 24 -3.30 -66.10 -34.13
CA GLY B 24 -1.93 -65.70 -34.39
C GLY B 24 -1.85 -64.28 -34.88
N PHE B 25 -0.61 -63.78 -34.95
CA PHE B 25 -0.31 -62.45 -35.43
C PHE B 25 -0.07 -62.45 -36.94
N ILE B 26 -0.02 -61.26 -37.53
CA ILE B 26 0.31 -61.12 -38.94
C ILE B 26 1.82 -61.33 -39.12
N SER B 27 2.19 -61.93 -40.24
CA SER B 27 3.59 -62.13 -40.58
C SER B 27 3.79 -61.86 -42.06
N THR B 28 5.04 -61.57 -42.43
CA THR B 28 5.43 -61.25 -43.79
C THR B 28 6.53 -62.20 -44.24
N LEU B 29 7.02 -62.01 -45.46
CA LEU B 29 8.09 -62.82 -46.03
C LEU B 29 9.10 -61.93 -46.75
N GLY B 30 9.49 -60.84 -46.11
CA GLY B 30 10.54 -59.98 -46.62
C GLY B 30 10.05 -58.96 -47.63
N LEU B 31 11.02 -58.36 -48.31
CA LEU B 31 10.75 -57.31 -49.30
C LEU B 31 10.52 -57.87 -50.70
N VAL B 32 11.08 -59.04 -51.00
CA VAL B 32 10.85 -59.68 -52.29
C VAL B 32 9.36 -60.02 -52.45
N ASP B 33 8.80 -60.69 -51.45
CA ASP B 33 7.39 -61.08 -51.44
C ASP B 33 6.58 -60.04 -50.70
N ASP B 34 5.42 -59.69 -51.26
CA ASP B 34 4.53 -58.70 -50.67
C ASP B 34 3.26 -59.31 -50.07
N ARG B 35 3.22 -60.63 -49.90
CA ARG B 35 2.05 -61.28 -49.34
C ARG B 35 2.07 -61.20 -47.81
N CYS B 36 0.91 -61.50 -47.21
CA CYS B 36 0.74 -61.50 -45.77
C CYS B 36 0.23 -62.87 -45.32
N VAL B 37 0.77 -63.37 -44.22
CA VAL B 37 0.45 -64.68 -43.69
C VAL B 37 0.34 -64.59 -42.17
N VAL B 38 0.03 -65.72 -41.55
CA VAL B 38 -0.15 -65.83 -40.10
C VAL B 38 0.74 -66.97 -39.61
N GLU B 39 1.19 -66.85 -38.36
CA GLU B 39 2.08 -67.82 -37.72
C GLU B 39 1.47 -68.26 -36.40
N PRO B 40 0.54 -69.23 -36.41
CA PRO B 40 -0.07 -69.68 -35.15
C PRO B 40 0.90 -70.39 -34.22
N ALA B 41 2.02 -70.92 -34.73
CA ALA B 41 2.94 -71.64 -33.87
C ALA B 41 3.55 -70.72 -32.82
N ALA B 42 4.14 -69.61 -33.26
CA ALA B 42 4.75 -68.63 -32.37
C ALA B 42 3.82 -67.48 -32.00
N GLY B 43 2.71 -67.30 -32.72
CA GLY B 43 1.79 -66.22 -32.45
C GLY B 43 0.96 -66.45 -31.21
N ASP B 44 1.21 -65.66 -30.16
CA ASP B 44 0.47 -65.79 -28.92
C ASP B 44 0.71 -64.54 -28.09
N LEU B 45 -0.26 -64.23 -27.21
CA LEU B 45 -0.14 -63.07 -26.34
C LEU B 45 1.10 -63.20 -25.45
N ASP B 46 1.17 -64.28 -24.67
CA ASP B 46 2.42 -64.65 -24.02
C ASP B 46 3.43 -65.11 -25.06
N ASN B 47 4.68 -65.34 -24.60
CA ASN B 47 5.86 -65.83 -25.33
C ASN B 47 5.87 -65.39 -26.79
N PRO B 48 5.92 -64.09 -27.06
CA PRO B 48 5.72 -63.60 -28.44
C PRO B 48 6.82 -64.09 -29.36
N PRO B 49 6.62 -64.00 -30.67
CA PRO B 49 7.63 -64.52 -31.60
C PRO B 49 8.93 -63.73 -31.52
N LYS B 50 10.03 -64.40 -31.82
CA LYS B 50 11.32 -63.74 -31.76
C LYS B 50 11.47 -62.70 -32.85
N LYS B 51 10.72 -62.84 -33.95
CA LYS B 51 10.58 -61.78 -34.94
C LYS B 51 9.36 -60.91 -34.64
N PHE B 52 9.27 -60.42 -33.40
CA PHE B 52 8.13 -59.59 -33.02
C PHE B 52 8.17 -58.23 -33.72
N ARG B 53 9.36 -57.77 -34.11
CA ARG B 53 9.50 -56.49 -34.78
C ARG B 53 8.77 -56.45 -36.12
N ASP B 54 8.53 -57.61 -36.74
CA ASP B 54 7.81 -57.66 -38.01
C ASP B 54 6.31 -57.44 -37.85
N CYS B 55 5.76 -57.69 -36.66
CA CYS B 55 4.31 -57.62 -36.43
C CYS B 55 3.82 -56.20 -36.14
N LEU B 56 4.63 -55.17 -36.37
CA LEU B 56 4.25 -53.79 -36.09
C LEU B 56 3.52 -53.20 -37.29
N PHE B 57 2.48 -52.42 -37.01
CA PHE B 57 1.69 -51.74 -38.04
C PHE B 57 1.30 -50.37 -37.53
N LYS B 58 1.46 -49.36 -38.38
CA LYS B 58 1.18 -47.96 -38.03
C LYS B 58 -0.08 -47.50 -38.74
N VAL B 59 -1.06 -47.05 -37.96
CA VAL B 59 -2.26 -46.44 -38.53
C VAL B 59 -1.88 -45.10 -39.15
N CYS B 60 -2.59 -44.73 -40.20
CA CYS B 60 -2.38 -43.47 -40.91
C CYS B 60 -3.73 -42.95 -41.37
N PRO B 61 -3.86 -41.64 -41.58
CA PRO B 61 -5.17 -41.06 -41.91
C PRO B 61 -5.48 -41.19 -43.39
N MET B 62 -6.65 -40.68 -43.76
CA MET B 62 -7.15 -40.75 -45.14
C MET B 62 -6.40 -39.73 -46.00
N ASN B 63 -5.47 -40.21 -46.81
CA ASN B 63 -4.81 -39.39 -47.82
C ASN B 63 -5.68 -39.38 -49.07
N ARG B 64 -5.16 -38.84 -50.17
CA ARG B 64 -5.86 -38.81 -51.46
C ARG B 64 -4.96 -39.41 -52.53
N TYR B 65 -5.59 -40.09 -53.49
CA TYR B 65 -4.89 -40.75 -54.58
C TYR B 65 -5.62 -40.53 -55.90
N SER B 66 -6.04 -39.28 -56.13
CA SER B 66 -6.76 -38.94 -57.35
C SER B 66 -5.80 -38.67 -58.51
N ALA B 67 -4.92 -37.68 -58.36
CA ALA B 67 -4.08 -37.25 -59.47
C ALA B 67 -3.06 -38.31 -59.86
N GLN B 68 -2.62 -39.14 -58.89
CA GLN B 68 -1.66 -40.18 -59.22
C GLN B 68 -2.28 -41.25 -60.13
N LYS B 69 -3.53 -41.63 -59.84
CA LYS B 69 -4.22 -42.59 -60.70
C LYS B 69 -4.44 -42.03 -62.10
N GLN B 70 -4.64 -40.72 -62.22
CA GLN B 70 -4.81 -40.11 -63.53
C GLN B 70 -3.55 -40.26 -64.38
N TYR B 71 -2.37 -40.18 -63.75
CA TYR B 71 -1.12 -40.35 -64.47
C TYR B 71 -0.75 -41.82 -64.62
N TRP B 72 -1.20 -42.68 -63.70
CA TRP B 72 -0.91 -44.10 -63.83
C TRP B 72 -1.61 -44.71 -65.03
N LYS B 73 -2.79 -44.18 -65.40
CA LYS B 73 -3.45 -44.60 -66.63
C LYS B 73 -2.78 -44.01 -67.87
N ALA B 74 -2.01 -42.93 -67.72
CA ALA B 74 -1.46 -42.24 -68.88
C ALA B 74 -0.24 -42.96 -69.45
N LYS B 75 0.77 -43.22 -68.62
CA LYS B 75 2.01 -43.82 -69.12
C LYS B 75 1.84 -45.30 -69.48
N GLN B 76 0.70 -45.91 -69.17
CA GLN B 76 0.46 -47.29 -69.59
C GLN B 76 0.41 -47.38 -71.11
N THR B 77 -0.48 -46.61 -71.74
CA THR B 77 -0.68 -46.67 -73.19
C THR B 77 0.42 -45.88 -73.88
N LYS B 78 1.31 -46.60 -74.57
CA LYS B 78 2.32 -46.06 -75.48
C LYS B 78 3.44 -45.32 -74.76
N GLN B 79 3.38 -45.14 -73.44
CA GLN B 79 4.30 -44.26 -72.72
C GLN B 79 4.32 -42.87 -73.35
N ALA B 85 -0.15 -38.86 -78.46
CA ALA B 85 0.64 -38.48 -77.31
C ALA B 85 1.01 -36.99 -77.37
N ASP B 86 1.10 -36.36 -76.20
CA ASP B 86 1.46 -34.96 -76.09
C ASP B 86 2.44 -34.80 -74.94
N VAL B 87 3.66 -34.35 -75.25
CA VAL B 87 4.67 -34.15 -74.22
C VAL B 87 4.24 -33.09 -73.22
N VAL B 88 3.45 -32.11 -73.67
CA VAL B 88 2.96 -31.08 -72.76
C VAL B 88 1.97 -31.65 -71.76
N LEU B 89 1.20 -32.69 -72.16
CA LEU B 89 0.29 -33.34 -71.24
C LEU B 89 1.04 -34.01 -70.10
N LEU B 90 2.02 -34.84 -70.43
CA LEU B 90 2.71 -35.64 -69.41
C LEU B 90 3.51 -34.75 -68.46
N GLN B 91 3.91 -33.56 -68.91
CA GLN B 91 4.59 -32.62 -68.01
C GLN B 91 3.63 -32.07 -66.96
N LYS B 92 2.37 -31.85 -67.32
CA LYS B 92 1.40 -31.28 -66.38
C LYS B 92 0.94 -32.27 -65.34
N LEU B 93 0.84 -33.55 -65.69
CA LEU B 93 0.43 -34.56 -64.72
C LEU B 93 1.49 -34.77 -63.64
N GLN B 94 2.75 -34.44 -63.92
CA GLN B 94 3.77 -34.45 -62.87
C GLN B 94 3.45 -33.40 -61.80
N HIS B 95 3.10 -32.19 -62.23
CA HIS B 95 2.80 -31.13 -61.28
C HIS B 95 1.57 -31.47 -60.44
N ALA B 96 0.55 -32.07 -61.06
CA ALA B 96 -0.65 -32.44 -60.32
C ALA B 96 -0.40 -33.64 -59.42
N ALA B 97 0.50 -34.53 -59.81
CA ALA B 97 0.76 -35.76 -59.04
C ALA B 97 1.85 -35.56 -57.99
N GLN B 98 2.91 -34.83 -58.32
CA GLN B 98 4.03 -34.69 -57.39
C GLN B 98 3.65 -33.83 -56.19
N MET B 99 2.91 -32.74 -56.42
CA MET B 99 2.58 -31.83 -55.33
C MET B 99 1.59 -32.46 -54.36
N GLU B 100 0.67 -33.30 -54.86
CA GLU B 100 -0.28 -33.95 -53.96
C GLU B 100 0.42 -34.95 -53.05
N GLN B 101 1.55 -35.50 -53.47
CA GLN B 101 2.36 -36.32 -52.57
C GLN B 101 2.94 -35.51 -51.41
N LYS B 102 3.11 -34.20 -51.60
CA LYS B 102 3.50 -33.31 -50.50
C LYS B 102 2.31 -32.77 -49.74
N GLN B 103 1.14 -32.66 -50.39
CA GLN B 103 -0.03 -32.12 -49.72
C GLN B 103 -0.63 -33.12 -48.74
N ASN B 104 -0.68 -34.40 -49.13
CA ASN B 104 -1.27 -35.40 -48.24
C ASN B 104 -0.42 -35.63 -47.00
N ASP B 105 0.91 -35.49 -47.12
CA ASP B 105 1.76 -35.56 -45.95
C ASP B 105 1.52 -34.36 -45.03
N THR B 106 1.35 -33.17 -45.61
CA THR B 106 0.94 -32.01 -44.82
C THR B 106 -0.42 -32.25 -44.17
N GLU B 107 -1.35 -32.85 -44.93
CA GLU B 107 -2.63 -33.26 -44.35
C GLU B 107 -2.42 -34.35 -43.31
N ASN B 108 -1.47 -35.26 -43.55
CA ASN B 108 -1.16 -36.31 -42.58
C ASN B 108 -0.60 -35.70 -41.30
N LYS B 109 0.36 -34.77 -41.44
CA LYS B 109 0.95 -34.12 -40.28
C LYS B 109 -0.09 -33.37 -39.47
N LYS B 110 -1.11 -32.81 -40.14
CA LYS B 110 -2.19 -32.13 -39.42
C LYS B 110 -3.04 -33.13 -38.65
N VAL B 111 -3.29 -34.30 -39.24
CA VAL B 111 -4.10 -35.33 -38.58
C VAL B 111 -3.26 -36.25 -37.70
N HIS B 112 -1.93 -36.23 -37.85
CA HIS B 112 -1.07 -37.13 -37.09
C HIS B 112 -1.21 -36.88 -35.59
N GLY B 113 -1.64 -37.91 -34.86
CA GLY B 113 -1.81 -37.83 -33.43
C GLY B 113 -3.23 -37.56 -32.95
N ASP B 114 -4.21 -37.51 -33.84
CA ASP B 114 -5.58 -37.19 -33.48
C ASP B 114 -6.38 -38.47 -33.21
N VAL B 115 -7.64 -38.29 -32.82
CA VAL B 115 -8.48 -39.39 -32.36
C VAL B 115 -8.91 -40.25 -33.53
N VAL B 116 -9.04 -41.56 -33.27
CA VAL B 116 -9.63 -42.50 -34.23
C VAL B 116 -11.07 -42.75 -33.80
N LYS B 117 -11.94 -42.97 -34.77
CA LYS B 117 -13.36 -43.21 -34.53
C LYS B 117 -13.84 -44.38 -35.37
N TYR B 118 -14.78 -45.14 -34.81
CA TYR B 118 -15.35 -46.28 -35.53
C TYR B 118 -16.17 -45.79 -36.71
N GLY B 119 -15.99 -46.44 -37.86
CA GLY B 119 -16.69 -46.07 -39.07
C GLY B 119 -15.93 -45.11 -39.97
N SER B 120 -14.88 -44.46 -39.47
CA SER B 120 -14.10 -43.53 -40.26
C SER B 120 -13.09 -44.28 -41.14
N VAL B 121 -12.41 -43.52 -41.98
CA VAL B 121 -11.40 -44.05 -42.89
C VAL B 121 -10.05 -44.01 -42.18
N ILE B 122 -9.31 -45.12 -42.26
CA ILE B 122 -7.97 -45.23 -41.69
C ILE B 122 -7.03 -45.79 -42.76
N GLN B 123 -5.78 -46.04 -42.37
CA GLN B 123 -4.78 -46.52 -43.30
C GLN B 123 -3.62 -47.12 -42.51
N LEU B 124 -3.26 -48.37 -42.82
CA LEU B 124 -2.22 -49.08 -42.11
C LEU B 124 -0.92 -49.06 -42.90
N LEU B 125 0.19 -49.00 -42.18
CA LEU B 125 1.53 -48.96 -42.76
C LEU B 125 2.43 -49.94 -42.04
N HIS B 126 3.25 -50.65 -42.81
CA HIS B 126 4.22 -51.60 -42.28
C HIS B 126 5.57 -50.89 -42.16
N MET B 127 6.08 -50.80 -40.93
CA MET B 127 7.24 -49.94 -40.66
C MET B 127 8.50 -50.50 -41.32
N LYS B 128 8.81 -51.77 -41.09
CA LYS B 128 10.04 -52.36 -41.61
C LYS B 128 10.08 -52.35 -43.13
N SER B 129 8.92 -52.37 -43.78
CA SER B 129 8.83 -52.36 -45.23
C SER B 129 8.46 -50.99 -45.79
N ASN B 130 7.75 -50.16 -45.02
CA ASN B 130 7.26 -48.88 -45.50
C ASN B 130 6.35 -49.07 -46.71
N LYS B 131 5.35 -49.93 -46.55
CA LYS B 131 4.42 -50.27 -47.63
C LYS B 131 3.02 -50.41 -47.04
N TYR B 132 2.09 -49.61 -47.55
CA TYR B 132 0.72 -49.62 -47.05
C TYR B 132 0.00 -50.91 -47.44
N LEU B 133 -1.06 -51.21 -46.71
CA LEU B 133 -1.88 -52.39 -47.01
C LEU B 133 -2.76 -52.11 -48.23
N THR B 134 -3.10 -53.19 -48.95
CA THR B 134 -3.83 -53.07 -50.19
C THR B 134 -4.63 -54.35 -50.43
N VAL B 135 -5.81 -54.19 -51.04
CA VAL B 135 -6.68 -55.29 -51.43
C VAL B 135 -7.07 -55.05 -52.88
N ASN B 136 -6.49 -55.81 -53.80
CA ASN B 136 -6.77 -55.66 -55.22
C ASN B 136 -8.13 -56.25 -55.57
N LYS B 137 -8.77 -55.69 -56.60
CA LYS B 137 -10.12 -56.07 -57.00
C LYS B 137 -10.22 -56.62 -58.41
N ARG B 138 -9.22 -56.38 -59.26
CA ARG B 138 -9.38 -56.67 -60.68
C ARG B 138 -9.10 -58.13 -61.04
N LEU B 139 -8.45 -58.89 -60.16
CA LEU B 139 -8.10 -60.28 -60.45
C LEU B 139 -8.06 -61.08 -59.16
N PRO B 140 -8.21 -62.42 -59.25
CA PRO B 140 -8.23 -63.23 -58.02
C PRO B 140 -6.85 -63.62 -57.51
N ALA B 141 -6.81 -64.38 -56.42
CA ALA B 141 -5.58 -64.68 -55.69
C ALA B 141 -4.96 -66.00 -56.16
N LEU B 142 -3.97 -66.49 -55.42
CA LEU B 142 -3.16 -67.65 -55.80
C LEU B 142 -3.79 -68.97 -55.36
N LEU B 143 -4.26 -69.07 -54.12
CA LEU B 143 -4.71 -70.37 -53.60
C LEU B 143 -6.11 -70.71 -54.07
N GLU B 144 -7.10 -69.91 -53.69
CA GLU B 144 -8.48 -70.06 -54.14
C GLU B 144 -8.78 -68.98 -55.17
N LYS B 145 -9.39 -69.39 -56.29
CA LYS B 145 -9.39 -68.60 -57.51
C LYS B 145 -10.68 -67.81 -57.75
N ASN B 146 -11.68 -67.94 -56.89
CA ASN B 146 -12.87 -67.11 -56.97
C ASN B 146 -12.67 -65.71 -56.40
N ALA B 147 -11.44 -65.32 -56.11
CA ALA B 147 -11.18 -64.64 -54.85
C ALA B 147 -10.02 -63.65 -54.92
N MET B 148 -10.29 -62.41 -54.53
CA MET B 148 -9.31 -61.33 -54.53
C MET B 148 -8.07 -61.69 -53.69
N ARG B 149 -7.00 -60.91 -53.86
CA ARG B 149 -5.77 -61.07 -53.10
C ARG B 149 -5.49 -59.81 -52.28
N VAL B 150 -4.61 -59.99 -51.30
CA VAL B 150 -4.10 -58.89 -50.47
C VAL B 150 -2.66 -58.63 -50.89
N THR B 151 -2.29 -57.35 -51.00
CA THR B 151 -0.98 -56.95 -51.46
C THR B 151 -0.46 -55.81 -50.59
N LEU B 152 0.85 -55.58 -50.68
CA LEU B 152 1.51 -54.45 -50.04
C LEU B 152 2.09 -53.54 -51.11
N ASP B 153 1.86 -52.24 -50.98
CA ASP B 153 2.33 -51.26 -51.95
C ASP B 153 2.99 -50.10 -51.20
N ALA B 154 3.98 -49.49 -51.84
CA ALA B 154 4.72 -48.40 -51.21
C ALA B 154 3.85 -47.16 -51.05
N THR B 155 3.38 -46.60 -52.17
CA THR B 155 2.55 -45.40 -52.12
C THR B 155 1.11 -45.70 -51.74
N GLY B 156 0.62 -46.90 -52.03
CA GLY B 156 -0.75 -47.25 -51.75
C GLY B 156 -1.68 -46.89 -52.89
N ASN B 157 -2.97 -47.00 -52.60
CA ASN B 157 -4.01 -46.69 -53.57
C ASN B 157 -5.32 -46.47 -52.82
N GLU B 158 -6.41 -46.32 -53.57
CA GLU B 158 -7.71 -46.10 -52.95
C GLU B 158 -8.15 -47.32 -52.14
N GLY B 159 -7.70 -48.51 -52.53
CA GLY B 159 -8.04 -49.72 -51.79
C GLY B 159 -7.39 -49.80 -50.41
N SER B 160 -6.34 -49.02 -50.18
CA SER B 160 -5.68 -49.04 -48.87
C SER B 160 -6.58 -48.49 -47.76
N TRP B 161 -7.59 -47.71 -48.11
CA TRP B 161 -8.53 -47.20 -47.11
C TRP B 161 -9.27 -48.37 -46.45
N LEU B 162 -9.70 -48.14 -45.21
CA LEU B 162 -10.37 -49.18 -44.43
C LEU B 162 -11.43 -48.55 -43.53
N PHE B 163 -12.69 -48.95 -43.74
CA PHE B 163 -13.74 -48.65 -42.77
C PHE B 163 -13.49 -49.49 -41.52
N ILE B 164 -12.98 -48.86 -40.47
CA ILE B 164 -12.82 -49.53 -39.18
C ILE B 164 -14.16 -49.59 -38.48
N GLN B 165 -14.48 -50.74 -37.89
CA GLN B 165 -15.74 -50.95 -37.20
C GLN B 165 -15.48 -51.90 -36.03
N PRO B 166 -16.39 -51.94 -35.04
CA PRO B 166 -16.22 -52.87 -33.93
C PRO B 166 -16.84 -54.23 -34.25
N PHE B 167 -16.60 -55.18 -33.35
CA PHE B 167 -17.18 -56.52 -33.44
C PHE B 167 -18.26 -56.76 -32.41
N TRP B 168 -18.01 -56.40 -31.16
CA TRP B 168 -19.01 -56.54 -30.11
C TRP B 168 -20.11 -55.50 -30.27
N LYS B 169 -21.29 -55.83 -29.75
CA LYS B 169 -22.46 -54.95 -29.81
C LYS B 169 -22.55 -54.02 -28.61
N LEU B 170 -21.47 -53.87 -27.83
CA LEU B 170 -21.48 -53.00 -26.66
C LEU B 170 -21.33 -51.53 -27.01
N ARG B 171 -20.95 -51.20 -28.24
CA ARG B 171 -20.83 -49.82 -28.69
C ARG B 171 -21.29 -49.76 -30.14
N SER B 172 -21.18 -48.56 -30.74
CA SER B 172 -21.63 -48.31 -32.10
C SER B 172 -20.64 -47.37 -32.76
N ASN B 173 -20.90 -47.05 -34.03
CA ASN B 173 -20.05 -46.13 -34.77
C ASN B 173 -20.10 -44.75 -34.15
N GLY B 174 -19.07 -43.96 -34.42
CA GLY B 174 -18.90 -42.63 -33.86
C GLY B 174 -18.08 -42.61 -32.59
N ASP B 175 -18.19 -43.66 -31.79
CA ASP B 175 -17.39 -43.77 -30.57
C ASP B 175 -15.91 -43.90 -30.92
N ASN B 176 -15.07 -43.74 -29.89
CA ASN B 176 -13.62 -43.72 -30.09
C ASN B 176 -13.03 -45.11 -29.88
N VAL B 177 -11.95 -45.38 -30.61
CA VAL B 177 -11.28 -46.68 -30.54
C VAL B 177 -10.40 -46.74 -29.31
N VAL B 178 -10.24 -47.94 -28.75
CA VAL B 178 -9.41 -48.20 -27.59
C VAL B 178 -8.51 -49.40 -27.86
N VAL B 179 -7.59 -49.64 -26.95
CA VAL B 179 -6.67 -50.77 -27.06
C VAL B 179 -7.39 -52.02 -26.58
N GLY B 180 -7.12 -53.14 -27.24
CA GLY B 180 -7.71 -54.41 -26.88
C GLY B 180 -9.10 -54.66 -27.44
N ASP B 181 -9.67 -53.73 -28.19
CA ASP B 181 -11.00 -53.92 -28.75
C ASP B 181 -10.94 -54.74 -30.03
N LYS B 182 -11.86 -55.69 -30.15
CA LYS B 182 -11.96 -56.51 -31.35
C LYS B 182 -12.67 -55.72 -32.44
N VAL B 183 -11.99 -55.51 -33.57
CA VAL B 183 -12.43 -54.59 -34.61
C VAL B 183 -12.52 -55.33 -35.94
N ILE B 184 -12.94 -54.59 -36.97
CA ILE B 184 -13.16 -55.11 -38.31
C ILE B 184 -12.48 -54.16 -39.29
N LEU B 185 -11.63 -54.71 -40.16
CA LEU B 185 -10.88 -53.91 -41.14
C LEU B 185 -11.56 -54.06 -42.50
N ASN B 186 -12.53 -53.17 -42.76
CA ASN B 186 -13.37 -53.27 -43.96
C ASN B 186 -12.91 -52.26 -45.01
N PRO B 187 -12.46 -52.66 -46.20
CA PRO B 187 -12.00 -51.70 -47.20
C PRO B 187 -13.15 -50.99 -47.90
N VAL B 188 -12.78 -50.09 -48.82
CA VAL B 188 -13.71 -49.18 -49.47
C VAL B 188 -14.17 -49.76 -50.80
N ASN B 189 -13.23 -49.92 -51.74
CA ASN B 189 -13.58 -50.38 -53.08
C ASN B 189 -14.01 -51.84 -53.05
N ALA B 190 -13.23 -52.69 -52.38
CA ALA B 190 -13.64 -54.08 -52.17
C ALA B 190 -14.94 -54.14 -51.37
N GLY B 191 -14.90 -53.63 -50.14
CA GLY B 191 -16.08 -53.54 -49.31
C GLY B 191 -16.39 -54.73 -48.43
N GLN B 192 -15.40 -55.61 -48.18
CA GLN B 192 -15.59 -56.79 -47.33
C GLN B 192 -14.32 -56.98 -46.50
N PRO B 193 -14.41 -57.16 -45.17
CA PRO B 193 -13.21 -57.12 -44.34
C PRO B 193 -12.39 -58.41 -44.40
N LEU B 194 -11.16 -58.32 -43.90
CA LEU B 194 -10.17 -59.38 -44.01
C LEU B 194 -10.01 -60.16 -42.71
N HIS B 195 -9.64 -61.44 -42.85
CA HIS B 195 -9.39 -62.33 -41.72
C HIS B 195 -8.53 -63.50 -42.20
N ALA B 196 -8.37 -64.52 -41.35
CA ALA B 196 -7.48 -65.64 -41.61
C ALA B 196 -8.26 -66.83 -42.16
N SER B 197 -7.54 -67.89 -42.49
CA SER B 197 -8.14 -69.09 -43.08
C SER B 197 -7.12 -70.23 -43.03
N ASN B 198 -7.51 -71.36 -43.63
CA ASN B 198 -6.76 -72.61 -43.54
C ASN B 198 -6.00 -72.96 -44.82
N TYR B 199 -6.15 -72.19 -45.89
CA TYR B 199 -5.49 -72.50 -47.15
C TYR B 199 -3.99 -72.32 -46.98
N GLU B 200 -3.27 -73.43 -46.86
CA GLU B 200 -1.84 -73.40 -46.60
C GLU B 200 -1.05 -73.13 -47.88
N LEU B 201 0.11 -72.51 -47.72
CA LEU B 201 0.98 -72.15 -48.83
C LEU B 201 1.98 -73.27 -49.10
N SER B 202 2.55 -73.26 -50.31
CA SER B 202 3.59 -74.19 -50.70
C SER B 202 4.99 -73.65 -50.49
N ASP B 203 5.15 -72.34 -50.29
CA ASP B 203 6.48 -71.76 -50.12
C ASP B 203 7.13 -72.24 -48.82
N ASN B 204 6.45 -72.01 -47.70
CA ASN B 204 6.95 -72.39 -46.38
C ASN B 204 5.79 -72.92 -45.54
N ALA B 205 6.07 -73.95 -44.74
CA ALA B 205 5.04 -74.55 -43.91
C ALA B 205 4.69 -73.64 -42.74
N GLY B 206 3.48 -73.83 -42.23
CA GLY B 206 2.98 -73.06 -41.11
C GLY B 206 2.33 -71.74 -41.48
N CYS B 207 2.55 -71.25 -42.70
CA CYS B 207 1.98 -69.98 -43.15
C CYS B 207 0.61 -70.22 -43.75
N LYS B 208 -0.34 -69.35 -43.42
CA LYS B 208 -1.71 -69.44 -43.91
C LYS B 208 -2.14 -68.09 -44.45
N GLU B 209 -2.85 -68.10 -45.57
CA GLU B 209 -3.20 -66.87 -46.27
C GLU B 209 -4.28 -66.10 -45.53
N VAL B 210 -4.08 -64.79 -45.43
CA VAL B 210 -5.11 -63.87 -44.94
C VAL B 210 -6.12 -63.64 -46.06
N ASN B 211 -7.40 -63.76 -45.74
CA ASN B 211 -8.44 -63.61 -46.75
C ASN B 211 -9.69 -62.94 -46.18
N SER B 212 -10.40 -62.26 -47.08
CA SER B 212 -11.58 -61.47 -46.77
C SER B 212 -12.84 -62.14 -47.32
N VAL B 213 -13.53 -62.90 -46.47
CA VAL B 213 -14.91 -63.32 -46.71
C VAL B 213 -15.74 -62.89 -45.51
N ASN B 214 -17.01 -62.59 -45.76
CA ASN B 214 -17.89 -62.02 -44.74
C ASN B 214 -18.25 -63.09 -43.72
N CYS B 215 -17.31 -63.34 -42.81
CA CYS B 215 -17.47 -64.24 -41.68
C CYS B 215 -17.02 -63.52 -40.42
N ASN B 216 -17.02 -64.23 -39.29
CA ASN B 216 -16.59 -63.62 -38.04
C ASN B 216 -15.11 -63.27 -38.08
N THR B 217 -14.77 -62.16 -37.43
CA THR B 217 -13.43 -61.60 -37.48
C THR B 217 -13.17 -60.79 -36.22
N SER B 218 -11.94 -60.82 -35.74
CA SER B 218 -11.54 -60.05 -34.58
C SER B 218 -10.03 -59.82 -34.64
N TRP B 219 -9.63 -58.59 -34.98
CA TRP B 219 -8.23 -58.18 -35.00
C TRP B 219 -7.98 -57.39 -33.73
N LYS B 220 -7.63 -58.09 -32.66
CA LYS B 220 -7.39 -57.46 -31.36
C LYS B 220 -6.21 -56.51 -31.45
N ILE B 221 -6.49 -55.20 -31.35
CA ILE B 221 -5.44 -54.19 -31.39
C ILE B 221 -4.66 -54.26 -30.08
N ASN B 222 -3.36 -54.48 -30.18
CA ASN B 222 -2.45 -54.52 -29.04
C ASN B 222 -1.46 -53.38 -29.17
N LEU B 223 -1.41 -52.51 -28.17
CA LEU B 223 -0.56 -51.34 -28.21
C LEU B 223 0.90 -51.73 -27.99
N PHE B 224 1.79 -51.06 -28.74
CA PHE B 224 3.22 -51.22 -28.57
C PHE B 224 3.92 -49.88 -28.40
N MET B 225 3.37 -48.82 -29.00
CA MET B 225 4.02 -47.52 -29.01
C MET B 225 2.99 -46.45 -29.32
N GLN B 226 2.95 -45.41 -28.50
CA GLN B 226 2.07 -44.27 -28.71
C GLN B 226 2.80 -43.16 -29.47
N PHE B 227 2.01 -42.23 -30.00
CA PHE B 227 2.61 -41.04 -30.60
C PHE B 227 3.35 -40.22 -29.56
N ARG B 228 2.90 -40.24 -28.30
CA ARG B 228 3.64 -39.58 -27.24
C ARG B 228 5.01 -40.21 -27.03
N ASP B 229 5.13 -41.52 -27.29
CA ASP B 229 6.41 -42.21 -27.12
C ASP B 229 7.32 -41.99 -28.33
N HIS B 230 6.76 -41.87 -29.52
CA HIS B 230 7.56 -41.80 -30.75
C HIS B 230 8.24 -40.43 -30.82
N LEU B 231 9.32 -40.30 -30.07
CA LEU B 231 10.15 -39.10 -30.02
C LEU B 231 11.54 -39.43 -30.56
N GLU B 232 12.34 -38.38 -30.74
CA GLU B 232 13.66 -38.48 -31.34
C GLU B 232 14.79 -38.53 -30.31
N GLU B 233 14.54 -38.10 -29.07
CA GLU B 233 15.59 -37.96 -28.05
C GLU B 233 15.33 -38.87 -26.85
N VAL B 234 14.82 -40.08 -27.10
CA VAL B 234 14.61 -41.07 -26.04
C VAL B 234 14.88 -42.46 -26.60
N LEU B 235 15.37 -43.34 -25.72
CA LEU B 235 15.52 -44.75 -26.04
C LEU B 235 14.18 -45.45 -25.85
N LYS B 236 13.95 -46.49 -26.65
CA LYS B 236 12.67 -47.20 -26.65
C LYS B 236 12.91 -48.68 -26.90
N GLY B 237 11.87 -49.46 -26.63
CA GLY B 237 11.95 -50.90 -26.83
C GLY B 237 11.70 -51.26 -28.30
N GLY B 238 12.40 -52.30 -28.75
CA GLY B 238 12.33 -52.72 -30.12
C GLY B 238 13.26 -52.01 -31.08
N ASP B 239 13.94 -50.96 -30.64
CA ASP B 239 14.89 -50.25 -31.48
C ASP B 239 16.27 -50.90 -31.40
N VAL B 240 17.03 -50.76 -32.49
CA VAL B 240 18.34 -51.34 -32.64
C VAL B 240 19.38 -50.28 -32.34
N VAL B 241 20.42 -50.66 -31.59
CA VAL B 241 21.51 -49.76 -31.22
C VAL B 241 22.82 -50.53 -31.23
N ARG B 242 23.92 -49.79 -31.06
CA ARG B 242 25.25 -50.35 -30.93
C ARG B 242 25.65 -50.35 -29.45
N LEU B 243 26.88 -50.82 -29.19
CA LEU B 243 27.47 -50.78 -27.85
C LEU B 243 28.94 -50.39 -28.01
N PHE B 244 29.25 -49.13 -27.77
CA PHE B 244 30.61 -48.60 -27.86
C PHE B 244 31.16 -48.34 -26.47
N HIS B 245 32.47 -48.55 -26.32
CA HIS B 245 33.17 -48.39 -25.05
C HIS B 245 34.30 -47.38 -25.23
N ALA B 246 34.61 -46.65 -24.16
CA ALA B 246 35.52 -45.51 -24.23
C ALA B 246 36.97 -45.88 -23.93
N GLU B 247 37.22 -46.63 -22.86
CA GLU B 247 38.60 -46.90 -22.44
C GLU B 247 39.31 -47.79 -23.44
N GLN B 248 38.84 -49.02 -23.60
CA GLN B 248 39.40 -49.94 -24.58
C GLN B 248 39.23 -49.45 -26.01
N GLU B 249 38.26 -48.57 -26.27
CA GLU B 249 37.94 -48.09 -27.62
C GLU B 249 37.57 -49.26 -28.53
N LYS B 250 36.57 -50.02 -28.10
CA LYS B 250 36.16 -51.22 -28.81
C LYS B 250 34.65 -51.42 -28.67
N PHE B 251 34.07 -52.10 -29.66
CA PHE B 251 32.65 -52.43 -29.67
C PHE B 251 32.41 -53.79 -29.04
N LEU B 252 31.14 -54.11 -28.81
CA LEU B 252 30.70 -55.45 -28.44
C LEU B 252 30.17 -56.15 -29.68
N THR B 253 30.58 -57.41 -29.86
CA THR B 253 30.12 -58.23 -30.97
C THR B 253 30.02 -59.68 -30.52
N CYS B 254 29.44 -60.50 -31.38
CA CYS B 254 29.38 -61.94 -31.16
C CYS B 254 29.32 -62.62 -32.52
N ASP B 255 30.18 -63.63 -32.72
CA ASP B 255 30.29 -64.29 -34.02
C ASP B 255 30.61 -65.76 -33.78
N GLU B 256 30.30 -66.56 -34.80
CA GLU B 256 30.41 -68.01 -34.68
C GLU B 256 31.87 -68.46 -34.63
N TYR B 257 32.19 -69.29 -33.63
CA TYR B 257 33.47 -69.99 -33.56
C TYR B 257 33.20 -71.34 -32.89
N LYS B 258 33.73 -72.41 -33.47
CA LYS B 258 33.18 -73.75 -33.26
C LYS B 258 31.69 -73.74 -33.60
N GLY B 259 31.36 -73.09 -34.72
CA GLY B 259 29.98 -72.95 -35.17
C GLY B 259 28.98 -72.46 -34.14
N LYS B 260 29.46 -71.83 -33.07
CA LYS B 260 28.63 -71.40 -31.96
C LYS B 260 29.03 -70.00 -31.55
N LEU B 261 28.10 -69.29 -30.94
CA LEU B 261 28.24 -67.86 -30.70
C LEU B 261 28.97 -67.63 -29.37
N GLN B 262 30.12 -66.97 -29.45
CA GLN B 262 30.89 -66.55 -28.29
C GLN B 262 31.05 -65.04 -28.37
N VAL B 263 30.59 -64.33 -27.35
CA VAL B 263 30.68 -62.88 -27.35
C VAL B 263 32.14 -62.46 -27.25
N PHE B 264 32.48 -61.36 -27.92
CA PHE B 264 33.83 -60.81 -27.87
C PHE B 264 33.77 -59.35 -28.31
N LEU B 265 34.93 -58.69 -28.24
CA LEU B 265 35.09 -57.29 -28.59
C LEU B 265 35.98 -57.18 -29.82
N ARG B 266 35.66 -56.23 -30.69
CA ARG B 266 36.40 -56.05 -31.94
C ARG B 266 37.66 -55.23 -31.70
N THR B 267 38.78 -55.68 -32.26
CA THR B 267 40.06 -55.00 -32.16
C THR B 267 40.26 -54.18 -33.44
N THR B 268 39.60 -53.03 -33.48
CA THR B 268 39.76 -52.12 -34.61
C THR B 268 41.17 -51.55 -34.61
N LEU B 269 41.84 -51.62 -35.76
CA LEU B 269 43.18 -51.09 -35.95
C LEU B 269 43.21 -49.93 -36.93
N ARG B 270 42.13 -49.14 -36.97
CA ARG B 270 42.02 -47.94 -37.78
C ARG B 270 42.11 -46.71 -36.88
N GLN B 271 42.42 -45.57 -37.50
CA GLN B 271 42.60 -44.34 -36.74
C GLN B 271 41.29 -43.92 -36.06
N SER B 272 40.25 -43.70 -36.85
CA SER B 272 38.94 -43.32 -36.34
C SER B 272 38.12 -44.59 -36.09
N ALA B 273 37.76 -44.83 -34.84
CA ALA B 273 36.90 -45.95 -34.50
C ALA B 273 35.46 -45.77 -34.95
N THR B 274 35.09 -44.61 -35.48
CA THR B 274 33.75 -44.35 -36.00
C THR B 274 33.64 -44.84 -37.45
N SER B 275 33.94 -46.12 -37.67
CA SER B 275 33.83 -46.71 -39.00
C SER B 275 33.37 -48.17 -39.01
N ALA B 276 33.20 -48.79 -37.84
CA ALA B 276 32.92 -50.22 -37.75
C ALA B 276 31.43 -50.41 -37.48
N THR B 277 30.66 -50.44 -38.56
CA THR B 277 29.21 -50.70 -38.50
C THR B 277 28.89 -52.18 -38.69
N SER B 278 29.55 -53.02 -37.91
CA SER B 278 29.40 -54.46 -38.05
C SER B 278 27.99 -54.89 -37.70
N SER B 279 27.44 -55.80 -38.51
CA SER B 279 26.08 -56.28 -38.28
C SER B 279 25.96 -57.03 -36.97
N ASN B 280 27.02 -57.74 -36.56
CA ASN B 280 27.02 -58.43 -35.28
C ASN B 280 27.18 -57.48 -34.10
N ALA B 281 27.50 -56.21 -34.35
CA ALA B 281 27.62 -55.22 -33.28
C ALA B 281 26.29 -54.59 -32.89
N LEU B 282 25.18 -55.02 -33.49
CA LEU B 282 23.87 -54.42 -33.27
C LEU B 282 23.04 -55.28 -32.33
N TRP B 283 22.26 -54.61 -31.49
CA TRP B 283 21.47 -55.29 -30.46
C TRP B 283 20.15 -54.55 -30.28
N GLU B 284 19.04 -55.27 -30.44
CA GLU B 284 17.71 -54.70 -30.29
C GLU B 284 17.26 -54.78 -28.84
N VAL B 285 16.63 -53.71 -28.38
CA VAL B 285 16.17 -53.60 -27.00
C VAL B 285 14.76 -54.14 -26.89
N GLU B 286 14.44 -54.72 -25.72
CA GLU B 286 13.10 -55.20 -25.40
C GLU B 286 12.82 -54.87 -23.94
N VAL B 287 12.18 -53.73 -23.71
CA VAL B 287 11.82 -53.33 -22.34
C VAL B 287 10.77 -54.30 -21.82
N VAL B 288 11.12 -55.03 -20.77
CA VAL B 288 10.23 -56.03 -20.18
C VAL B 288 9.32 -55.35 -19.17
N HIS B 289 8.03 -55.68 -19.24
CA HIS B 289 7.04 -55.22 -18.26
C HIS B 289 6.28 -56.44 -17.74
N HIS B 290 5.21 -56.21 -16.96
CA HIS B 290 4.35 -57.32 -16.56
C HIS B 290 3.73 -58.00 -17.77
N ASP B 291 3.48 -57.24 -18.85
CA ASP B 291 2.99 -57.81 -20.10
C ASP B 291 4.17 -58.14 -21.00
N PRO B 292 4.42 -59.41 -21.35
CA PRO B 292 5.53 -59.69 -22.27
C PRO B 292 5.36 -59.06 -23.64
N CYS B 293 4.14 -59.07 -24.19
CA CYS B 293 3.87 -58.49 -25.50
C CYS B 293 3.56 -57.00 -25.37
N ARG B 294 4.55 -56.27 -24.84
CA ARG B 294 4.42 -54.84 -24.63
C ARG B 294 5.82 -54.23 -24.64
N GLY B 295 5.91 -53.00 -25.13
CA GLY B 295 7.19 -52.30 -25.24
C GLY B 295 7.01 -50.82 -25.10
N GLY B 296 7.66 -50.07 -25.99
CA GLY B 296 7.67 -48.62 -25.91
C GLY B 296 8.88 -48.11 -25.16
N ALA B 297 8.74 -46.96 -24.49
CA ALA B 297 9.86 -46.41 -23.74
C ALA B 297 10.20 -47.28 -22.54
N GLY B 298 11.30 -46.93 -21.87
CA GLY B 298 11.79 -47.69 -20.73
C GLY B 298 12.31 -46.81 -19.62
N HIS B 299 12.07 -47.23 -18.37
CA HIS B 299 12.53 -46.48 -17.20
C HIS B 299 13.93 -46.94 -16.80
N TRP B 300 14.54 -46.18 -15.88
CA TRP B 300 15.86 -46.55 -15.39
C TRP B 300 15.80 -47.78 -14.50
N ASN B 301 14.90 -47.76 -13.50
CA ASN B 301 14.73 -48.92 -12.63
C ASN B 301 14.14 -50.12 -13.34
N GLY B 302 13.51 -49.90 -14.50
CA GLY B 302 12.96 -51.02 -15.25
C GLY B 302 14.04 -51.97 -15.73
N LEU B 303 13.62 -53.20 -16.01
CA LEU B 303 14.53 -54.25 -16.42
C LEU B 303 14.65 -54.30 -17.95
N TYR B 304 15.69 -55.00 -18.42
CA TYR B 304 16.04 -55.01 -19.83
C TYR B 304 16.50 -56.41 -20.24
N ARG B 305 16.24 -56.75 -21.49
CA ARG B 305 16.70 -58.01 -22.09
C ARG B 305 17.07 -57.71 -23.54
N PHE B 306 18.36 -57.79 -23.86
CA PHE B 306 18.85 -57.41 -25.18
C PHE B 306 18.77 -58.57 -26.15
N LYS B 307 18.56 -58.25 -27.43
CA LYS B 307 18.32 -59.23 -28.48
C LYS B 307 19.34 -59.05 -29.59
N HIS B 308 19.86 -60.16 -30.12
CA HIS B 308 20.64 -60.10 -31.35
C HIS B 308 19.70 -59.99 -32.54
N LEU B 309 20.06 -59.14 -33.51
CA LEU B 309 19.15 -58.79 -34.58
C LEU B 309 18.99 -59.94 -35.59
N ALA B 310 20.09 -60.40 -36.17
CA ALA B 310 20.00 -61.38 -37.25
C ALA B 310 19.68 -62.77 -36.70
N THR B 311 20.57 -63.31 -35.87
CA THR B 311 20.34 -64.64 -35.30
C THR B 311 19.06 -64.70 -34.47
N GLY B 312 18.71 -63.60 -33.82
CA GLY B 312 17.53 -63.58 -32.97
C GLY B 312 17.75 -64.16 -31.59
N ASN B 313 18.98 -64.11 -31.08
CA ASN B 313 19.34 -64.72 -29.80
C ASN B 313 19.60 -63.62 -28.77
N TYR B 314 19.31 -63.94 -27.51
CA TYR B 314 19.35 -62.97 -26.43
C TYR B 314 20.63 -63.11 -25.59
N LEU B 315 21.06 -61.99 -25.03
CA LEU B 315 22.20 -61.99 -24.12
C LEU B 315 21.83 -62.63 -22.78
N ALA B 316 22.80 -63.27 -22.15
CA ALA B 316 22.59 -63.91 -20.86
C ALA B 316 23.97 -64.15 -20.23
N ALA B 317 23.97 -64.86 -19.09
CA ALA B 317 25.19 -65.12 -18.33
C ALA B 317 25.19 -66.58 -17.89
N GLU B 318 26.41 -67.11 -17.73
CA GLU B 318 26.59 -68.49 -17.29
C GLU B 318 27.85 -68.56 -16.44
N GLU B 319 28.07 -69.73 -15.84
CA GLU B 319 29.27 -69.98 -15.06
C GLU B 319 30.51 -69.90 -15.95
N TYR B 352 31.15 -65.01 -13.72
CA TYR B 352 30.20 -65.56 -14.68
C TYR B 352 30.46 -65.02 -16.07
N CYS B 353 30.60 -65.93 -17.04
CA CYS B 353 30.80 -65.54 -18.42
C CYS B 353 29.49 -65.04 -19.02
N LEU B 354 29.51 -64.73 -20.31
CA LEU B 354 28.34 -64.26 -21.05
C LEU B 354 28.26 -64.99 -22.38
N VAL B 355 27.06 -65.47 -22.72
CA VAL B 355 26.79 -66.16 -23.97
C VAL B 355 25.44 -65.67 -24.51
N ALA B 356 25.05 -66.22 -25.65
CA ALA B 356 23.75 -65.96 -26.26
C ALA B 356 22.80 -67.11 -25.98
N VAL B 357 21.51 -66.80 -25.91
CA VAL B 357 20.46 -67.78 -25.61
C VAL B 357 19.33 -67.57 -26.62
N PRO B 358 18.79 -68.62 -27.30
CA PRO B 358 17.80 -68.37 -28.35
C PRO B 358 16.38 -68.14 -27.86
N HIS B 359 16.20 -67.86 -26.58
CA HIS B 359 14.86 -67.61 -26.02
C HIS B 359 14.99 -66.72 -24.81
N GLY B 360 14.07 -65.76 -24.69
CA GLY B 360 14.12 -64.75 -23.65
C GLY B 360 13.05 -64.92 -22.59
N ASN B 361 12.81 -66.15 -22.15
CA ASN B 361 11.96 -66.44 -21.02
C ASN B 361 12.73 -66.75 -19.75
N ASP B 362 14.04 -66.90 -19.82
CA ASP B 362 14.86 -67.16 -18.65
C ASP B 362 14.91 -65.91 -17.75
N ILE B 363 15.57 -66.07 -16.61
CA ILE B 363 15.73 -65.01 -15.62
C ILE B 363 17.15 -64.47 -15.68
N ALA B 364 18.10 -65.32 -16.09
CA ALA B 364 19.50 -64.90 -16.19
C ALA B 364 19.73 -63.86 -17.27
N SER B 365 18.83 -63.75 -18.25
CA SER B 365 18.99 -62.81 -19.35
C SER B 365 18.51 -61.40 -19.01
N LEU B 366 18.27 -61.10 -17.74
CA LEU B 366 17.78 -59.79 -17.31
C LEU B 366 18.93 -58.96 -16.74
N PHE B 367 18.89 -57.65 -17.01
CA PHE B 367 19.88 -56.70 -16.53
C PHE B 367 19.14 -55.44 -16.09
N GLU B 368 19.90 -54.45 -15.62
CA GLU B 368 19.32 -53.18 -15.19
C GLU B 368 20.35 -52.08 -15.36
N LEU B 369 19.86 -50.87 -15.64
CA LEU B 369 20.71 -49.71 -15.84
C LEU B 369 20.90 -48.97 -14.51
N ASP B 370 22.10 -48.39 -14.35
CA ASP B 370 22.47 -47.67 -13.14
C ASP B 370 23.28 -46.46 -13.57
N PRO B 371 22.66 -45.29 -13.74
CA PRO B 371 23.34 -44.19 -14.45
C PRO B 371 24.49 -43.59 -13.66
N THR B 372 25.40 -42.97 -14.42
CA THR B 372 26.42 -42.08 -13.86
C THR B 372 25.92 -40.64 -13.79
N THR B 373 25.13 -40.22 -14.77
CA THR B 373 24.59 -38.87 -14.78
C THR B 373 23.54 -38.70 -13.70
N LEU B 374 23.51 -37.51 -13.10
CA LEU B 374 22.56 -37.20 -12.03
C LEU B 374 21.23 -36.84 -12.68
N GLN B 375 20.29 -37.80 -12.65
CA GLN B 375 18.98 -37.62 -13.27
C GLN B 375 18.01 -38.55 -12.55
N LYS B 376 16.75 -38.10 -12.47
CA LYS B 376 15.74 -38.89 -11.77
C LYS B 376 15.53 -40.22 -12.48
N THR B 377 15.05 -41.21 -11.70
CA THR B 377 14.99 -42.59 -12.17
C THR B 377 13.70 -42.90 -12.93
N ASP B 378 12.62 -42.17 -12.68
CA ASP B 378 11.36 -42.44 -13.37
C ASP B 378 11.36 -41.94 -14.81
N SER B 379 12.23 -41.00 -15.15
CA SER B 379 12.28 -40.49 -16.51
C SER B 379 12.75 -41.56 -17.48
N PHE B 380 12.39 -41.41 -18.75
CA PHE B 380 12.79 -42.34 -19.78
C PHE B 380 14.29 -42.20 -20.07
N VAL B 381 14.87 -43.29 -20.57
CA VAL B 381 16.28 -43.32 -20.93
C VAL B 381 16.49 -42.41 -22.14
N PRO B 382 17.32 -41.37 -22.07
CA PRO B 382 17.55 -40.56 -23.27
C PRO B 382 18.36 -41.32 -24.31
N ARG B 383 18.36 -40.77 -25.53
CA ARG B 383 19.06 -41.40 -26.64
C ARG B 383 20.55 -41.48 -26.37
N ASN B 384 21.15 -42.59 -26.82
CA ASN B 384 22.58 -42.92 -26.81
C ASN B 384 23.32 -42.40 -25.58
N SER B 385 22.83 -42.74 -24.39
CA SER B 385 23.40 -42.25 -23.15
C SER B 385 24.44 -43.24 -22.60
N TYR B 386 25.41 -42.70 -21.88
CA TYR B 386 26.41 -43.51 -21.22
C TYR B 386 25.82 -44.11 -19.95
N VAL B 387 25.94 -45.43 -19.80
CA VAL B 387 25.30 -46.18 -18.72
C VAL B 387 26.23 -47.26 -18.20
N ARG B 388 25.88 -47.79 -17.03
CA ARG B 388 26.47 -48.99 -16.47
C ARG B 388 25.49 -50.15 -16.64
N LEU B 389 26.02 -51.36 -16.54
CA LEU B 389 25.24 -52.59 -16.71
C LEU B 389 25.45 -53.49 -15.50
N ARG B 390 24.36 -54.08 -15.02
CA ARG B 390 24.37 -54.90 -13.81
C ARG B 390 23.56 -56.15 -14.04
N HIS B 391 24.08 -57.29 -13.57
CA HIS B 391 23.34 -58.54 -13.60
C HIS B 391 22.40 -58.60 -12.41
N LEU B 392 21.25 -59.23 -12.61
CA LEU B 392 20.15 -59.15 -11.65
C LEU B 392 20.25 -60.19 -10.55
N CYS B 393 20.26 -61.48 -10.92
CA CYS B 393 20.22 -62.54 -9.93
C CYS B 393 21.52 -62.60 -9.13
N THR B 394 22.64 -62.84 -9.81
CA THR B 394 23.92 -62.94 -9.14
C THR B 394 24.35 -61.64 -8.49
N ASN B 395 23.80 -60.50 -8.93
CA ASN B 395 24.19 -59.19 -8.43
C ASN B 395 25.67 -58.92 -8.70
N THR B 396 26.02 -58.94 -9.98
CA THR B 396 27.38 -58.75 -10.44
C THR B 396 27.44 -57.58 -11.43
N TRP B 397 28.66 -57.19 -11.79
CA TRP B 397 28.93 -56.10 -12.72
C TRP B 397 29.81 -56.63 -13.85
N ILE B 398 29.50 -56.21 -15.08
CA ILE B 398 30.25 -56.70 -16.23
C ILE B 398 31.65 -56.10 -16.22
N GLN B 399 32.61 -56.90 -16.69
CA GLN B 399 34.02 -56.49 -16.71
C GLN B 399 34.68 -57.14 -17.92
N SER B 400 35.19 -56.31 -18.82
CA SER B 400 35.93 -56.77 -19.98
C SER B 400 37.42 -56.77 -19.64
N THR B 401 38.06 -57.93 -19.78
CA THR B 401 39.45 -58.11 -19.40
C THR B 401 40.27 -58.54 -20.61
N ASN B 402 41.59 -58.39 -20.48
CA ASN B 402 42.53 -58.75 -21.55
C ASN B 402 42.86 -60.23 -21.43
N VAL B 403 41.91 -61.05 -21.91
CA VAL B 403 42.06 -62.50 -21.94
C VAL B 403 41.65 -62.96 -23.33
N PRO B 404 42.56 -62.93 -24.32
CA PRO B 404 42.20 -63.41 -25.66
C PRO B 404 41.84 -64.89 -25.64
N ILE B 405 40.59 -65.18 -26.04
CA ILE B 405 40.18 -66.57 -26.19
C ILE B 405 40.99 -67.24 -27.30
N ASP B 406 41.27 -66.51 -28.38
CA ASP B 406 41.88 -67.07 -29.58
C ASP B 406 43.39 -66.82 -29.62
N ILE B 407 44.09 -67.40 -28.64
CA ILE B 407 45.55 -67.34 -28.67
C ILE B 407 46.12 -68.25 -29.76
N GLU B 408 45.34 -69.24 -30.21
CA GLU B 408 45.84 -70.18 -31.21
C GLU B 408 46.07 -69.49 -32.55
N GLU B 409 45.11 -68.71 -33.02
CA GLU B 409 45.24 -68.01 -34.29
C GLU B 409 46.19 -66.84 -34.15
N GLU B 410 46.62 -66.31 -35.30
CA GLU B 410 47.45 -65.12 -35.32
C GLU B 410 46.57 -63.90 -35.11
N ARG B 411 47.14 -62.89 -34.43
CA ARG B 411 46.42 -61.66 -34.10
C ARG B 411 45.17 -61.98 -33.29
N PRO B 412 45.31 -62.40 -32.03
CA PRO B 412 44.12 -62.65 -31.21
C PRO B 412 43.28 -61.39 -31.04
N ILE B 413 41.98 -61.53 -31.29
CA ILE B 413 41.03 -60.43 -31.10
C ILE B 413 39.78 -60.84 -30.34
N ARG B 414 39.52 -62.13 -30.13
CA ARG B 414 38.29 -62.59 -29.48
C ARG B 414 38.54 -62.59 -27.98
N LEU B 415 38.33 -61.44 -27.36
CA LEU B 415 38.58 -61.26 -25.94
C LEU B 415 37.45 -61.85 -25.10
N MET B 416 37.77 -62.14 -23.85
CA MET B 416 36.78 -62.63 -22.90
C MET B 416 35.95 -61.47 -22.34
N LEU B 417 34.71 -61.78 -21.97
CA LEU B 417 33.82 -60.79 -21.37
C LEU B 417 32.92 -61.52 -20.37
N GLY B 418 33.04 -61.15 -19.09
CA GLY B 418 32.26 -61.76 -18.04
C GLY B 418 31.78 -60.76 -17.00
N THR B 419 31.60 -61.22 -15.77
CA THR B 419 31.13 -60.38 -14.68
C THR B 419 31.95 -60.70 -13.42
N CYS B 420 31.79 -59.84 -12.40
CA CYS B 420 32.38 -60.07 -11.09
C CYS B 420 31.45 -59.46 -10.05
N PRO B 421 31.49 -59.94 -8.79
CA PRO B 421 30.56 -59.41 -7.78
C PRO B 421 30.96 -58.08 -7.18
N THR B 422 32.00 -57.44 -7.71
CA THR B 422 32.44 -56.13 -7.24
C THR B 422 32.07 -55.06 -8.26
N LYS B 423 32.24 -53.80 -7.86
CA LYS B 423 31.81 -52.65 -8.64
C LYS B 423 32.95 -52.22 -9.56
N GLU B 424 32.75 -52.34 -10.87
CA GLU B 424 33.69 -51.85 -11.88
C GLU B 424 33.04 -50.66 -12.58
N ASP B 425 33.49 -49.45 -12.20
CA ASP B 425 33.04 -48.26 -12.89
C ASP B 425 33.81 -48.06 -14.20
N LYS B 426 35.05 -48.56 -14.25
CA LYS B 426 35.85 -48.42 -15.47
C LYS B 426 35.24 -49.19 -16.63
N GLU B 427 34.66 -50.36 -16.36
CA GLU B 427 33.99 -51.16 -17.38
C GLU B 427 32.49 -50.84 -17.35
N ALA B 428 32.07 -50.00 -18.29
CA ALA B 428 30.67 -49.60 -18.42
C ALA B 428 30.42 -49.27 -19.89
N PHE B 429 29.76 -50.18 -20.60
CA PHE B 429 29.48 -49.97 -22.00
C PHE B 429 28.31 -48.99 -22.18
N ALA B 430 28.30 -48.34 -23.34
CA ALA B 430 27.39 -47.25 -23.65
C ALA B 430 26.49 -47.66 -24.81
N ILE B 431 25.70 -46.70 -25.31
CA ILE B 431 24.76 -46.92 -26.39
C ILE B 431 25.02 -45.86 -27.45
N VAL B 432 24.83 -46.24 -28.72
CA VAL B 432 24.99 -45.34 -29.86
C VAL B 432 23.86 -45.63 -30.84
N SER B 433 23.39 -44.57 -31.50
CA SER B 433 22.28 -44.69 -32.45
C SER B 433 22.74 -45.45 -33.69
N VAL B 434 21.82 -45.62 -34.64
CA VAL B 434 22.11 -46.30 -35.89
C VAL B 434 21.15 -45.82 -36.97
N PRO B 435 21.58 -45.69 -38.25
CA PRO B 435 20.60 -45.42 -39.31
C PRO B 435 19.64 -46.58 -39.53
N VAL B 436 18.72 -46.41 -40.49
CA VAL B 436 17.71 -47.42 -40.78
C VAL B 436 17.98 -48.18 -42.07
N SER B 437 18.76 -47.61 -43.00
CA SER B 437 19.03 -48.29 -44.27
C SER B 437 19.83 -49.57 -44.06
N GLU B 438 20.71 -49.59 -43.06
CA GLU B 438 21.48 -50.80 -42.79
C GLU B 438 20.58 -51.92 -42.28
N ILE B 439 19.58 -51.59 -41.47
CA ILE B 439 18.67 -52.60 -40.94
C ILE B 439 17.84 -53.21 -42.06
N ARG B 440 17.45 -52.41 -43.04
CA ARG B 440 16.70 -52.93 -44.18
C ARG B 440 17.57 -53.85 -45.03
N ASP B 441 18.78 -53.41 -45.36
CA ASP B 441 19.69 -54.25 -46.13
C ASP B 441 20.07 -55.51 -45.37
N LEU B 442 20.12 -55.42 -44.03
CA LEU B 442 20.41 -56.59 -43.20
C LEU B 442 19.31 -57.64 -43.34
N ASP B 443 18.04 -57.22 -43.22
CA ASP B 443 16.93 -58.15 -43.33
C ASP B 443 16.87 -58.78 -44.70
N PHE B 444 17.28 -58.06 -45.73
CA PHE B 444 17.36 -58.63 -47.07
C PHE B 444 18.41 -59.74 -47.14
N ALA B 445 19.43 -59.68 -46.28
CA ALA B 445 20.47 -60.70 -46.28
C ALA B 445 20.01 -61.96 -45.57
N ASN B 446 19.47 -61.81 -44.35
CA ASN B 446 19.01 -62.98 -43.60
C ASN B 446 17.81 -63.64 -44.27
N ASP B 447 16.93 -62.85 -44.91
CA ASP B 447 15.88 -63.44 -45.72
C ASP B 447 16.46 -64.22 -46.89
N ALA B 448 17.59 -63.78 -47.43
CA ALA B 448 18.28 -64.52 -48.49
C ALA B 448 19.07 -65.70 -47.92
N SER B 449 19.74 -65.49 -46.79
CA SER B 449 20.52 -66.57 -46.18
C SER B 449 19.62 -67.73 -45.75
N SER B 450 18.46 -67.42 -45.16
CA SER B 450 17.52 -68.46 -44.80
C SER B 450 16.97 -69.16 -46.04
N MET B 451 16.90 -68.45 -47.17
CA MET B 451 16.40 -69.05 -48.40
C MET B 451 17.51 -69.81 -49.14
N LEU B 452 18.74 -69.28 -49.11
CA LEU B 452 19.84 -69.95 -49.80
C LEU B 452 20.40 -71.11 -48.99
N ALA B 453 20.41 -70.99 -47.66
CA ALA B 453 20.95 -72.07 -46.83
C ALA B 453 20.14 -73.35 -46.98
N SER B 454 18.83 -73.22 -47.16
CA SER B 454 18.01 -74.40 -47.43
C SER B 454 18.29 -74.96 -48.82
N ALA B 455 18.66 -74.10 -49.77
CA ALA B 455 18.94 -74.56 -51.13
C ALA B 455 20.22 -75.40 -51.19
N VAL B 456 21.16 -75.18 -50.26
CA VAL B 456 22.38 -75.99 -50.22
C VAL B 456 22.03 -77.43 -49.93
N GLU B 457 21.33 -77.68 -48.81
CA GLU B 457 20.92 -79.04 -48.48
C GLU B 457 19.92 -79.58 -49.50
N LYS B 458 19.17 -78.70 -50.16
CA LYS B 458 18.18 -79.15 -51.13
C LYS B 458 18.83 -79.86 -52.31
N LEU B 459 19.90 -79.29 -52.86
CA LEU B 459 20.60 -79.90 -53.98
C LEU B 459 21.46 -81.08 -53.56
N ASN B 460 21.82 -81.18 -52.28
CA ASN B 460 22.65 -82.29 -51.81
C ASN B 460 21.86 -83.59 -51.66
N GLU B 461 20.52 -83.52 -51.57
CA GLU B 461 19.73 -84.73 -51.43
C GLU B 461 19.77 -85.56 -52.70
N GLY B 462 19.57 -84.93 -53.86
CA GLY B 462 19.50 -85.61 -55.14
C GLY B 462 18.24 -85.34 -55.92
N PHE B 463 17.57 -84.22 -55.63
CA PHE B 463 16.35 -83.86 -56.35
C PHE B 463 15.98 -82.44 -55.99
N ILE B 464 15.43 -81.72 -56.96
CA ILE B 464 14.95 -80.36 -56.76
C ILE B 464 13.70 -80.15 -57.61
N SER B 465 12.80 -79.32 -57.11
CA SER B 465 11.57 -79.01 -57.81
C SER B 465 11.78 -77.93 -58.86
N GLN B 466 10.90 -77.90 -59.86
CA GLN B 466 11.01 -76.92 -60.92
C GLN B 466 10.74 -75.51 -60.41
N ASN B 467 9.89 -75.37 -59.39
CA ASN B 467 9.63 -74.05 -58.81
C ASN B 467 10.81 -73.57 -57.98
N ASP B 468 11.54 -74.49 -57.34
CA ASP B 468 12.69 -74.09 -56.54
C ASP B 468 13.79 -73.49 -57.42
N ARG B 469 14.18 -74.20 -58.48
CA ARG B 469 15.18 -73.67 -59.41
C ARG B 469 14.68 -72.38 -60.06
N ARG B 470 13.38 -72.30 -60.33
CA ARG B 470 12.82 -71.09 -60.91
C ARG B 470 12.89 -69.92 -59.93
N PHE B 471 12.92 -70.19 -58.63
CA PHE B 471 12.88 -69.16 -57.61
C PHE B 471 14.28 -68.74 -57.14
N VAL B 472 15.18 -69.71 -56.92
CA VAL B 472 16.51 -69.40 -56.43
C VAL B 472 17.28 -68.55 -57.45
N ILE B 473 17.04 -68.77 -58.74
CA ILE B 473 17.72 -67.99 -59.77
C ILE B 473 17.30 -66.52 -59.68
N GLN B 474 16.00 -66.27 -59.54
CA GLN B 474 15.51 -64.89 -59.45
C GLN B 474 16.04 -64.20 -58.20
N LEU B 475 16.35 -64.97 -57.14
CA LEU B 475 16.91 -64.37 -55.94
C LEU B 475 18.35 -63.94 -56.16
N LEU B 476 19.14 -64.75 -56.87
CA LEU B 476 20.52 -64.38 -57.15
C LEU B 476 20.60 -63.17 -58.07
N GLU B 477 19.63 -63.00 -58.97
CA GLU B 477 19.63 -61.86 -59.87
C GLU B 477 19.47 -60.55 -59.10
N ASP B 478 18.72 -60.56 -58.00
CA ASP B 478 18.56 -59.35 -57.20
C ASP B 478 19.83 -59.01 -56.43
N LEU B 479 20.60 -60.03 -56.01
CA LEU B 479 21.82 -59.78 -55.26
C LEU B 479 22.85 -59.00 -56.07
N VAL B 480 22.84 -59.17 -57.40
CA VAL B 480 23.78 -58.44 -58.25
C VAL B 480 23.47 -56.95 -58.21
N PHE B 481 22.22 -56.58 -58.51
CA PHE B 481 21.82 -55.18 -58.43
C PHE B 481 21.70 -54.69 -56.99
N PHE B 482 21.56 -55.61 -56.03
CA PHE B 482 21.58 -55.20 -54.62
C PHE B 482 22.93 -54.59 -54.25
N VAL B 483 24.02 -55.22 -54.71
CA VAL B 483 25.36 -54.68 -54.47
C VAL B 483 25.60 -53.47 -55.37
N SER B 484 25.43 -53.66 -56.68
CA SER B 484 25.82 -52.67 -57.68
C SER B 484 24.82 -51.53 -57.85
N ASP B 485 23.72 -51.52 -57.07
CA ASP B 485 22.63 -50.54 -57.06
C ASP B 485 22.33 -49.96 -58.45
N VAL B 486 22.24 -50.83 -59.45
CA VAL B 486 21.87 -50.44 -60.81
C VAL B 486 20.35 -50.47 -60.87
N PRO B 487 19.67 -49.51 -61.51
CA PRO B 487 18.21 -49.54 -61.52
C PRO B 487 17.68 -50.73 -62.32
N ASN B 488 16.41 -51.05 -62.06
CA ASN B 488 15.76 -52.21 -62.66
C ASN B 488 15.09 -51.81 -63.97
N ASN B 489 15.93 -51.47 -64.95
CA ASN B 489 15.46 -51.12 -66.29
C ASN B 489 15.17 -52.33 -67.16
N GLY B 490 15.48 -53.55 -66.69
CA GLY B 490 15.22 -54.74 -67.46
C GLY B 490 16.30 -55.07 -68.47
N GLN B 491 17.56 -55.05 -68.01
CA GLN B 491 18.71 -55.38 -68.83
C GLN B 491 19.27 -56.73 -68.41
N ASN B 492 20.40 -57.11 -68.99
CA ASN B 492 21.09 -58.33 -68.60
C ASN B 492 21.83 -58.13 -67.29
N VAL B 493 21.60 -59.04 -66.34
CA VAL B 493 22.32 -59.00 -65.07
C VAL B 493 23.82 -59.22 -65.28
N LEU B 494 24.22 -59.84 -66.38
CA LEU B 494 25.61 -60.22 -66.59
C LEU B 494 26.45 -59.01 -67.00
N ASP B 495 26.12 -58.40 -68.15
CA ASP B 495 26.89 -57.29 -68.69
C ASP B 495 26.38 -56.00 -68.06
N ILE B 496 27.03 -55.59 -66.97
CA ILE B 496 26.75 -54.33 -66.30
C ILE B 496 28.08 -53.71 -65.87
N MET B 497 28.01 -52.55 -65.21
CA MET B 497 29.17 -51.84 -64.74
C MET B 497 28.93 -51.30 -63.33
N VAL B 498 30.03 -51.10 -62.60
CA VAL B 498 30.00 -50.57 -61.25
C VAL B 498 30.95 -49.38 -61.19
N THR B 499 30.42 -48.21 -60.85
CA THR B 499 31.20 -47.01 -60.61
C THR B 499 30.78 -46.46 -59.26
N LYS B 500 31.76 -46.21 -58.38
CA LYS B 500 31.51 -45.77 -57.01
C LYS B 500 30.65 -46.80 -56.29
N PRO B 501 31.17 -47.98 -55.99
CA PRO B 501 30.37 -48.98 -55.27
C PRO B 501 30.08 -48.55 -53.84
N ASN B 502 29.10 -49.24 -53.25
CA ASN B 502 28.70 -48.99 -51.87
C ASN B 502 29.48 -49.94 -50.96
N ARG B 503 30.41 -49.40 -50.19
CA ARG B 503 31.22 -50.22 -49.30
C ARG B 503 30.41 -50.81 -48.15
N GLU B 504 29.25 -50.22 -47.83
CA GLU B 504 28.36 -50.85 -46.86
C GLU B 504 27.90 -52.22 -47.34
N ARG B 505 27.52 -52.31 -48.62
CA ARG B 505 27.07 -53.58 -49.18
C ARG B 505 28.21 -54.58 -49.32
N GLN B 506 29.45 -54.11 -49.40
CA GLN B 506 30.59 -55.03 -49.50
C GLN B 506 30.79 -55.78 -48.19
N LYS B 507 30.75 -55.07 -47.06
CA LYS B 507 30.98 -55.68 -45.76
C LYS B 507 29.82 -56.54 -45.29
N LEU B 508 28.62 -56.35 -45.86
CA LEU B 508 27.44 -57.03 -45.35
C LEU B 508 27.52 -58.54 -45.53
N MET B 509 28.24 -59.02 -46.54
CA MET B 509 28.24 -60.42 -46.93
C MET B 509 29.46 -61.19 -46.43
N ARG B 510 30.26 -60.61 -45.54
CA ARG B 510 31.44 -61.29 -45.01
C ARG B 510 31.12 -62.02 -43.70
N GLU B 511 30.69 -61.28 -42.68
CA GLU B 511 30.48 -61.88 -41.36
C GLU B 511 29.19 -62.68 -41.27
N GLN B 512 28.21 -62.39 -42.13
CA GLN B 512 26.94 -63.12 -42.13
C GLN B 512 27.01 -64.45 -42.87
N ASN B 513 28.18 -64.82 -43.40
CA ASN B 513 28.35 -66.09 -44.13
C ASN B 513 27.40 -66.17 -45.33
N ILE B 514 27.19 -65.03 -45.99
CA ILE B 514 26.41 -65.02 -47.22
C ILE B 514 27.17 -65.74 -48.33
N LEU B 515 28.40 -65.30 -48.61
CA LEU B 515 29.20 -65.92 -49.65
C LEU B 515 29.57 -67.36 -49.29
N LYS B 516 29.66 -67.67 -47.99
CA LYS B 516 29.92 -69.05 -47.56
C LYS B 516 28.85 -70.00 -48.10
N GLN B 517 27.61 -69.52 -48.21
CA GLN B 517 26.53 -70.33 -48.78
C GLN B 517 26.51 -70.30 -50.30
N VAL B 518 27.14 -69.30 -50.92
CA VAL B 518 27.19 -69.24 -52.37
C VAL B 518 28.09 -70.36 -52.92
N PHE B 519 29.26 -70.54 -52.30
CA PHE B 519 30.16 -71.61 -52.74
C PHE B 519 29.55 -72.98 -52.53
N GLY B 520 28.67 -73.12 -51.54
CA GLY B 520 27.96 -74.38 -51.36
C GLY B 520 27.04 -74.67 -52.53
N ILE B 521 26.26 -73.67 -52.96
CA ILE B 521 25.42 -73.83 -54.14
C ILE B 521 26.27 -74.01 -55.40
N LEU B 522 27.53 -73.60 -55.37
CA LEU B 522 28.36 -73.59 -56.58
C LEU B 522 28.84 -74.99 -56.95
N LYS B 523 29.40 -75.73 -55.98
CA LYS B 523 29.96 -77.05 -56.24
C LYS B 523 28.95 -78.18 -55.99
N ALA B 524 27.95 -77.95 -55.15
CA ALA B 524 27.01 -79.01 -54.79
C ALA B 524 26.31 -79.69 -55.96
N PRO B 525 25.92 -79.01 -57.06
CA PRO B 525 25.15 -79.70 -58.10
C PRO B 525 25.87 -80.88 -58.73
N PHE B 526 27.19 -80.96 -58.65
CA PHE B 526 27.95 -82.07 -59.24
C PHE B 526 29.11 -82.53 -58.38
N ARG B 527 29.19 -82.12 -57.11
CA ARG B 527 30.29 -82.56 -56.25
C ARG B 527 30.22 -84.07 -56.02
N GLU B 528 29.04 -84.57 -55.66
CA GLU B 528 28.86 -85.99 -55.39
C GLU B 528 28.58 -86.75 -56.69
N PRO B 534 25.36 -87.30 -59.27
CA PRO B 534 25.33 -85.85 -59.49
C PRO B 534 24.15 -85.41 -60.36
N LEU B 535 23.53 -84.29 -59.98
CA LEU B 535 22.40 -83.78 -60.76
C LEU B 535 22.84 -83.33 -62.15
N VAL B 536 24.02 -82.70 -62.24
CA VAL B 536 24.56 -82.18 -63.48
C VAL B 536 25.99 -82.72 -63.61
N ARG B 537 26.45 -82.84 -64.85
CA ARG B 537 27.83 -83.23 -65.13
C ARG B 537 28.65 -81.99 -65.48
N LEU B 538 29.94 -82.03 -65.13
CA LEU B 538 30.81 -80.88 -65.35
C LEU B 538 31.00 -80.55 -66.83
N GLU B 539 30.73 -81.50 -67.73
CA GLU B 539 30.87 -81.29 -69.17
C GLU B 539 29.54 -81.05 -69.88
N GLU B 540 28.41 -81.38 -69.23
CA GLU B 540 27.09 -81.29 -69.86
C GLU B 540 26.40 -79.96 -69.59
N LEU B 541 27.16 -78.89 -69.37
CA LEU B 541 26.54 -77.59 -69.12
C LEU B 541 25.95 -76.99 -70.38
N SER B 542 26.44 -77.39 -71.55
CA SER B 542 25.99 -76.84 -72.82
C SER B 542 24.66 -77.42 -73.30
N ASP B 543 24.04 -78.32 -72.55
CA ASP B 543 22.79 -78.92 -72.97
C ASP B 543 21.66 -77.89 -72.92
N GLN B 544 20.52 -78.29 -73.48
CA GLN B 544 19.33 -77.43 -73.50
C GLN B 544 18.53 -77.56 -72.21
N LYS B 545 18.47 -78.76 -71.62
CA LYS B 545 17.67 -78.95 -70.41
C LYS B 545 18.26 -78.18 -69.23
N ASN B 546 19.58 -78.05 -69.16
CA ASN B 546 20.27 -77.45 -68.03
C ASN B 546 20.66 -76.00 -68.28
N ALA B 547 19.80 -75.25 -68.97
CA ALA B 547 20.12 -73.87 -69.32
C ALA B 547 19.99 -72.94 -68.12
N PRO B 548 18.93 -73.02 -67.31
CA PRO B 548 18.89 -72.18 -66.10
C PRO B 548 19.99 -72.52 -65.10
N TYR B 549 20.44 -73.77 -65.05
CA TYR B 549 21.67 -74.08 -64.33
C TYR B 549 22.83 -73.27 -64.91
N GLN B 550 23.02 -73.36 -66.23
CA GLN B 550 24.06 -72.59 -66.91
C GLN B 550 23.92 -71.10 -66.66
N HIS B 551 22.68 -70.61 -66.47
CA HIS B 551 22.48 -69.24 -66.06
C HIS B 551 22.73 -69.05 -64.57
N MET B 552 22.50 -70.09 -63.76
CA MET B 552 22.74 -69.99 -62.33
C MET B 552 24.23 -69.86 -62.01
N PHE B 553 25.05 -70.69 -62.65
CA PHE B 553 26.49 -70.66 -62.37
C PHE B 553 27.09 -69.32 -62.77
N ARG B 554 26.61 -68.74 -63.87
CA ARG B 554 27.13 -67.44 -64.31
C ARG B 554 26.85 -66.35 -63.29
N LEU B 555 25.72 -66.43 -62.58
CA LEU B 555 25.41 -65.47 -61.54
C LEU B 555 26.21 -65.70 -60.26
N CYS B 556 26.66 -66.94 -60.03
CA CYS B 556 27.47 -67.23 -58.85
C CYS B 556 28.86 -66.59 -58.97
N TYR B 557 29.42 -66.59 -60.18
CA TYR B 557 30.70 -65.93 -60.40
C TYR B 557 30.55 -64.42 -60.59
N ARG B 558 29.40 -63.98 -61.11
CA ARG B 558 29.20 -62.56 -61.38
C ARG B 558 29.14 -61.76 -60.08
N VAL B 559 28.45 -62.29 -59.07
CA VAL B 559 28.32 -61.56 -57.80
C VAL B 559 29.68 -61.42 -57.13
N LEU B 560 30.58 -62.39 -57.32
CA LEU B 560 31.90 -62.29 -56.70
C LEU B 560 32.71 -61.16 -57.30
N ARG B 561 32.54 -60.90 -58.60
CA ARG B 561 33.23 -59.78 -59.22
C ARG B 561 32.76 -58.45 -58.64
N HIS B 562 31.45 -58.35 -58.36
CA HIS B 562 30.90 -57.10 -57.84
C HIS B 562 31.17 -56.93 -56.35
N SER B 563 31.27 -58.02 -55.59
CA SER B 563 31.53 -57.97 -54.16
C SER B 563 33.02 -58.06 -53.83
N GLN B 564 33.87 -57.59 -54.74
CA GLN B 564 35.32 -57.66 -54.58
C GLN B 564 36.05 -56.37 -54.93
N GLU B 565 35.47 -55.46 -55.70
CA GLU B 565 36.21 -54.32 -56.23
C GLU B 565 36.63 -53.37 -55.12
N ASP B 566 37.94 -53.07 -55.08
CA ASP B 566 38.51 -52.09 -54.15
C ASP B 566 38.24 -52.50 -52.71
N TYR B 567 38.77 -53.67 -52.34
CA TYR B 567 38.45 -54.28 -51.05
C TYR B 567 39.40 -55.44 -50.82
N ARG B 568 39.85 -55.61 -49.57
CA ARG B 568 40.93 -56.54 -49.25
C ARG B 568 40.45 -57.86 -48.65
N LYS B 569 39.45 -57.85 -47.76
CA LYS B 569 39.11 -59.08 -47.06
C LYS B 569 38.53 -60.13 -47.99
N ASN B 570 37.87 -59.73 -49.07
CA ASN B 570 37.36 -60.71 -50.03
C ASN B 570 38.48 -61.32 -50.85
N GLN B 571 39.56 -60.56 -51.10
CA GLN B 571 40.72 -61.13 -51.75
C GLN B 571 41.31 -62.27 -50.93
N GLU B 572 41.41 -62.07 -49.61
CA GLU B 572 41.93 -63.11 -48.73
C GLU B 572 40.88 -64.16 -48.40
N HIS B 573 39.61 -63.76 -48.30
CA HIS B 573 38.55 -64.71 -47.97
C HIS B 573 38.26 -65.63 -49.14
N ILE B 574 38.15 -65.08 -50.35
CA ILE B 574 37.87 -65.90 -51.53
C ILE B 574 39.10 -66.75 -51.88
N ALA B 575 40.30 -66.30 -51.49
CA ALA B 575 41.52 -67.04 -51.80
C ALA B 575 41.67 -68.31 -50.95
N LYS B 576 40.84 -68.50 -49.93
CA LYS B 576 40.95 -69.71 -49.12
C LYS B 576 40.46 -70.93 -49.90
N GLN B 577 39.41 -70.75 -50.70
CA GLN B 577 38.89 -71.80 -51.59
C GLN B 577 39.39 -71.59 -53.01
N PHE B 578 40.63 -71.14 -53.15
CA PHE B 578 41.16 -70.77 -54.47
C PHE B 578 41.36 -71.99 -55.36
N GLY B 579 41.81 -73.10 -54.79
CA GLY B 579 42.14 -74.26 -55.60
C GLY B 579 40.95 -74.86 -56.31
N MET B 580 39.75 -74.68 -55.76
CA MET B 580 38.56 -75.23 -56.39
C MET B 580 38.26 -74.55 -57.71
N MET B 581 38.42 -73.23 -57.78
CA MET B 581 38.08 -72.48 -58.99
C MET B 581 39.01 -72.82 -60.15
N GLN B 582 40.17 -73.44 -59.88
CA GLN B 582 41.08 -73.81 -60.96
C GLN B 582 40.44 -74.84 -61.90
N SER B 583 39.46 -75.60 -61.42
CA SER B 583 38.79 -76.61 -62.24
C SER B 583 37.59 -76.06 -62.99
N GLN B 584 36.82 -75.15 -62.38
CA GLN B 584 35.61 -74.61 -62.99
C GLN B 584 35.92 -73.40 -63.87
N ILE B 585 36.90 -73.53 -64.77
CA ILE B 585 37.32 -72.43 -65.64
C ILE B 585 37.42 -72.87 -67.10
N GLY B 586 37.41 -74.17 -67.36
CA GLY B 586 37.58 -74.66 -68.72
C GLY B 586 36.28 -74.88 -69.47
N TYR B 587 35.30 -74.00 -69.25
CA TYR B 587 33.98 -74.13 -69.87
C TYR B 587 33.42 -72.74 -70.14
N ASP B 588 32.24 -72.71 -70.75
CA ASP B 588 31.62 -71.45 -71.16
C ASP B 588 31.05 -70.65 -69.99
N ILE B 589 31.09 -71.16 -68.76
CA ILE B 589 30.66 -70.37 -67.62
C ILE B 589 31.57 -69.16 -67.49
N LEU B 590 31.00 -68.01 -67.12
CA LEU B 590 31.75 -66.76 -67.03
C LEU B 590 32.45 -66.65 -65.67
N ALA B 591 33.33 -67.62 -65.41
CA ALA B 591 34.14 -67.64 -64.19
C ALA B 591 35.46 -66.89 -64.35
N GLU B 592 35.92 -66.67 -65.57
CA GLU B 592 37.14 -65.88 -65.79
C GLU B 592 36.93 -64.42 -65.45
N ASP B 593 35.67 -63.96 -65.41
CA ASP B 593 35.41 -62.58 -64.97
C ASP B 593 35.72 -62.40 -63.50
N THR B 594 35.71 -63.49 -62.71
CA THR B 594 35.98 -63.39 -61.29
C THR B 594 37.49 -63.44 -60.99
N ILE B 595 38.24 -64.26 -61.73
CA ILE B 595 39.64 -64.51 -61.39
C ILE B 595 40.48 -63.27 -61.67
N THR B 596 40.17 -62.53 -62.73
CA THR B 596 41.01 -61.40 -63.13
C THR B 596 40.85 -60.22 -62.18
N ALA B 597 39.59 -59.84 -61.89
CA ALA B 597 39.35 -58.76 -60.94
C ALA B 597 39.84 -59.13 -59.55
N LEU B 598 39.84 -60.43 -59.22
CA LEU B 598 40.36 -60.89 -57.94
C LEU B 598 41.86 -60.69 -57.82
N LEU B 599 42.57 -60.54 -58.95
CA LEU B 599 44.02 -60.35 -58.95
C LEU B 599 44.47 -59.13 -59.74
N HIS B 600 43.55 -58.33 -60.28
CA HIS B 600 43.94 -57.17 -61.06
C HIS B 600 44.65 -56.14 -60.20
N ASN B 601 44.03 -55.76 -59.08
CA ASN B 601 44.60 -54.73 -58.21
C ASN B 601 45.67 -55.32 -57.29
N ASN B 602 45.44 -56.50 -56.74
CA ASN B 602 46.32 -57.08 -55.74
C ASN B 602 47.54 -57.71 -56.40
N ARG B 603 48.65 -57.72 -55.66
CA ARG B 603 49.93 -58.26 -56.11
C ARG B 603 50.36 -59.50 -55.34
N LYS B 604 50.07 -59.57 -54.04
CA LYS B 604 50.55 -60.68 -53.22
C LYS B 604 49.93 -62.00 -53.66
N LEU B 605 48.63 -62.00 -53.92
CA LEU B 605 47.95 -63.22 -54.35
C LEU B 605 48.34 -63.65 -55.76
N LEU B 606 48.95 -62.76 -56.56
CA LEU B 606 49.34 -63.12 -57.91
C LEU B 606 50.62 -63.95 -57.92
N GLU B 607 51.69 -63.43 -57.32
CA GLU B 607 52.96 -64.14 -57.27
C GLU B 607 52.90 -65.40 -56.41
N LYS B 608 51.89 -65.53 -55.56
CA LYS B 608 51.84 -66.61 -54.57
C LYS B 608 51.19 -67.87 -55.12
N HIS B 609 49.92 -67.79 -55.53
CA HIS B 609 49.16 -68.98 -55.87
C HIS B 609 49.54 -69.57 -57.24
N ILE B 610 49.82 -68.72 -58.21
CA ILE B 610 49.86 -69.11 -59.61
C ILE B 610 51.21 -69.73 -59.92
N THR B 611 51.18 -70.77 -60.76
CA THR B 611 52.37 -71.53 -61.14
C THR B 611 52.31 -71.77 -62.65
N LYS B 612 53.20 -72.63 -63.15
CA LYS B 612 53.19 -73.00 -64.56
C LYS B 612 51.87 -73.68 -64.94
N THR B 613 51.36 -74.54 -64.06
CA THR B 613 50.21 -75.36 -64.40
C THR B 613 48.96 -74.51 -64.62
N GLU B 614 48.80 -73.45 -63.85
CA GLU B 614 47.62 -72.60 -64.00
C GLU B 614 47.64 -71.84 -65.32
N VAL B 615 48.83 -71.59 -65.88
CA VAL B 615 48.91 -70.92 -67.17
C VAL B 615 48.54 -71.89 -68.29
N GLU B 616 48.87 -73.19 -68.13
CA GLU B 616 48.46 -74.18 -69.11
C GLU B 616 46.94 -74.25 -69.23
N THR B 617 46.23 -73.96 -68.14
CA THR B 617 44.77 -73.92 -68.18
C THR B 617 44.29 -72.87 -69.16
N PHE B 618 44.94 -71.70 -69.18
CA PHE B 618 44.58 -70.67 -70.15
C PHE B 618 45.04 -71.04 -71.55
N VAL B 619 46.26 -71.56 -71.67
CA VAL B 619 46.79 -71.95 -72.98
C VAL B 619 45.99 -73.12 -73.54
N SER B 620 45.56 -74.05 -72.69
CA SER B 620 44.73 -75.16 -73.16
C SER B 620 43.35 -74.68 -73.60
N LEU B 621 42.87 -73.57 -73.05
CA LEU B 621 41.53 -73.09 -73.36
C LEU B 621 41.50 -72.35 -74.69
N VAL B 622 42.53 -71.57 -75.00
CA VAL B 622 42.55 -70.82 -76.25
C VAL B 622 42.74 -71.77 -77.43
N ARG B 623 43.52 -72.84 -77.25
CA ARG B 623 43.70 -73.81 -78.32
C ARG B 623 42.38 -74.49 -78.66
N LYS B 624 41.49 -74.64 -77.68
CA LYS B 624 40.20 -75.30 -77.91
C LYS B 624 39.20 -74.35 -78.56
N ASN B 625 39.00 -73.17 -77.97
CA ASN B 625 37.99 -72.23 -78.44
C ASN B 625 38.55 -71.22 -79.44
N ARG B 626 39.73 -70.66 -79.16
CA ARG B 626 40.37 -69.66 -80.02
C ARG B 626 39.46 -68.44 -80.19
N GLU B 627 39.23 -67.75 -79.07
CA GLU B 627 38.45 -66.53 -79.00
C GLU B 627 39.32 -65.39 -78.48
N PRO B 628 38.98 -64.12 -78.79
CA PRO B 628 39.83 -63.01 -78.34
C PRO B 628 39.65 -62.65 -76.88
N ARG B 629 38.46 -62.93 -76.33
CA ARG B 629 38.14 -62.46 -74.98
C ARG B 629 38.99 -63.14 -73.91
N PHE B 630 39.55 -64.31 -74.20
CA PHE B 630 40.38 -65.02 -73.22
C PHE B 630 41.83 -64.54 -73.21
N LEU B 631 42.33 -64.01 -74.32
CA LEU B 631 43.70 -63.51 -74.34
C LEU B 631 43.85 -62.21 -73.54
N ASP B 632 42.80 -61.40 -73.49
CA ASP B 632 42.85 -60.19 -72.67
C ASP B 632 43.00 -60.54 -71.20
N TYR B 633 42.38 -61.64 -70.77
CA TYR B 633 42.49 -62.06 -69.37
C TYR B 633 43.85 -62.70 -69.09
N LEU B 634 44.48 -63.31 -70.11
CA LEU B 634 45.83 -63.82 -69.92
C LEU B 634 46.82 -62.67 -69.73
N SER B 635 46.59 -61.55 -70.41
CA SER B 635 47.44 -60.39 -70.27
C SER B 635 47.16 -59.63 -68.98
N ASP B 636 45.93 -59.73 -68.46
CA ASP B 636 45.56 -59.01 -67.25
C ASP B 636 46.29 -59.54 -66.02
N LEU B 637 46.73 -60.80 -66.04
CA LEU B 637 47.45 -61.40 -64.92
C LEU B 637 48.92 -61.00 -64.88
N CYS B 638 49.37 -60.08 -65.74
CA CYS B 638 50.77 -59.66 -65.79
C CYS B 638 51.03 -58.37 -65.03
N VAL B 639 50.04 -57.48 -64.91
CA VAL B 639 50.23 -56.15 -64.39
C VAL B 639 49.20 -55.86 -63.31
N SER B 640 49.61 -55.07 -62.32
CA SER B 640 48.70 -54.54 -61.31
C SER B 640 49.10 -53.11 -61.01
N ASN B 641 48.14 -52.19 -61.05
CA ASN B 641 48.39 -50.76 -60.85
C ASN B 641 49.32 -50.21 -61.93
N HIS B 642 49.28 -50.81 -63.13
CA HIS B 642 50.10 -50.38 -64.26
C HIS B 642 51.59 -50.43 -63.94
N ILE B 643 52.01 -51.42 -63.15
CA ILE B 643 53.41 -51.65 -62.84
C ILE B 643 53.71 -53.13 -63.08
N ALA B 644 54.80 -53.40 -63.78
CA ALA B 644 55.12 -54.76 -64.17
C ALA B 644 55.47 -55.62 -62.95
N ILE B 645 55.29 -56.93 -63.11
CA ILE B 645 55.59 -57.92 -62.08
C ILE B 645 56.43 -59.01 -62.75
N PRO B 646 57.77 -58.99 -62.62
CA PRO B 646 58.57 -59.98 -63.36
C PRO B 646 58.42 -61.41 -62.88
N VAL B 647 57.78 -61.64 -61.74
CA VAL B 647 57.58 -63.01 -61.25
C VAL B 647 56.67 -63.77 -62.20
N THR B 648 55.63 -63.11 -62.71
CA THR B 648 54.67 -63.75 -63.61
C THR B 648 55.14 -63.79 -65.04
N GLN B 649 55.96 -62.82 -65.47
CA GLN B 649 56.42 -62.78 -66.85
C GLN B 649 57.31 -63.97 -67.19
N GLU B 650 58.00 -64.54 -66.20
CA GLU B 650 58.88 -65.67 -66.46
C GLU B 650 58.11 -66.97 -66.64
N LEU B 651 56.94 -67.10 -66.00
CA LEU B 651 56.19 -68.35 -66.10
C LEU B 651 55.38 -68.41 -67.39
N ILE B 652 54.67 -67.34 -67.72
CA ILE B 652 53.85 -67.33 -68.94
C ILE B 652 54.74 -67.36 -70.18
N CYS B 653 55.76 -66.49 -70.22
CA CYS B 653 56.56 -66.32 -71.43
C CYS B 653 57.31 -67.61 -71.79
N LYS B 654 57.64 -68.44 -70.80
CA LYS B 654 58.33 -69.69 -71.05
C LYS B 654 57.38 -70.83 -71.44
N CYS B 655 56.10 -70.53 -71.72
CA CYS B 655 55.16 -71.56 -72.15
C CYS B 655 54.21 -71.09 -73.25
N VAL B 656 54.37 -69.87 -73.76
CA VAL B 656 53.59 -69.41 -74.91
C VAL B 656 54.45 -68.81 -76.01
N LEU B 657 55.69 -68.38 -75.75
CA LEU B 657 56.60 -67.95 -76.81
C LEU B 657 57.34 -69.12 -77.46
N ASP B 658 57.37 -70.29 -76.82
CA ASP B 658 58.14 -71.41 -77.33
C ASP B 658 57.55 -71.91 -78.65
N PRO B 659 58.33 -72.66 -79.44
CA PRO B 659 57.77 -73.23 -80.68
C PRO B 659 56.81 -74.39 -80.44
N LYS B 660 56.69 -74.88 -79.20
CA LYS B 660 55.78 -75.99 -78.93
C LYS B 660 54.33 -75.62 -79.23
N ASN B 661 53.97 -74.35 -79.06
CA ASN B 661 52.61 -73.87 -79.25
C ASN B 661 52.61 -72.54 -80.00
N SER B 662 53.43 -72.46 -81.05
CA SER B 662 53.49 -71.28 -81.89
C SER B 662 52.31 -71.15 -82.85
N ASP B 663 51.49 -72.20 -82.99
CA ASP B 663 50.32 -72.12 -83.86
C ASP B 663 49.31 -71.10 -83.33
N ILE B 664 49.28 -70.90 -82.01
CA ILE B 664 48.36 -69.92 -81.43
C ILE B 664 48.87 -68.50 -81.66
N LEU B 665 50.19 -68.31 -81.62
CA LEU B 665 50.78 -67.01 -81.98
C LEU B 665 50.65 -66.79 -83.48
N ILE B 666 49.94 -65.73 -83.87
CA ILE B 666 49.84 -65.38 -85.28
C ILE B 666 51.20 -64.92 -85.78
N ARG B 667 51.62 -65.45 -86.93
CA ARG B 667 52.93 -65.14 -87.50
C ARG B 667 52.79 -63.98 -88.48
N THR B 668 53.68 -63.01 -88.37
CA THR B 668 53.72 -61.83 -89.24
C THR B 668 54.99 -61.85 -90.06
N GLU B 669 54.90 -61.42 -91.31
CA GLU B 669 56.06 -61.36 -92.19
C GLU B 669 55.74 -60.49 -93.39
N LEU B 670 56.78 -59.90 -93.97
CA LEU B 670 56.67 -59.02 -95.12
C LEU B 670 57.12 -59.76 -96.38
N ARG B 671 57.05 -59.05 -97.50
CA ARG B 671 57.66 -59.50 -98.75
C ARG B 671 57.75 -58.29 -99.67
N PRO B 672 58.77 -58.22 -100.55
CA PRO B 672 58.82 -57.10 -101.50
C PRO B 672 57.68 -57.10 -102.53
N VAL B 673 56.92 -58.18 -102.65
CA VAL B 673 55.81 -58.24 -103.60
C VAL B 673 54.76 -57.22 -103.18
N LYS B 674 54.44 -56.29 -104.07
CA LYS B 674 53.45 -55.24 -103.80
C LYS B 674 52.06 -55.69 -104.23
N GLU B 690 56.70 -53.44 -101.04
CA GLU B 690 56.73 -53.95 -99.68
C GLU B 690 55.35 -53.84 -99.04
N GLU B 691 54.80 -54.98 -98.60
CA GLU B 691 53.48 -55.03 -98.00
C GLU B 691 53.48 -56.06 -96.88
N VAL B 692 52.39 -56.07 -96.11
CA VAL B 692 52.24 -56.94 -94.95
C VAL B 692 51.33 -58.10 -95.34
N TRP B 693 51.60 -59.26 -94.75
CA TRP B 693 50.81 -60.47 -94.98
C TRP B 693 50.72 -61.25 -93.68
N LEU B 694 49.49 -61.48 -93.22
CA LEU B 694 49.24 -62.20 -91.97
C LEU B 694 48.95 -63.66 -92.26
N THR B 695 49.38 -64.52 -91.35
CA THR B 695 49.22 -65.96 -91.47
C THR B 695 48.81 -66.52 -90.11
N TRP B 696 47.63 -67.12 -90.04
CA TRP B 696 47.07 -67.69 -88.82
C TRP B 696 46.72 -69.15 -89.05
N THR B 697 46.15 -69.77 -88.02
CA THR B 697 45.74 -71.18 -88.08
C THR B 697 44.40 -71.32 -87.38
N ASP B 698 43.49 -72.07 -88.01
CA ASP B 698 42.21 -72.38 -87.39
C ASP B 698 42.38 -73.54 -86.41
N LYS B 699 41.35 -73.76 -85.58
CA LYS B 699 41.40 -74.85 -84.62
C LYS B 699 41.41 -76.20 -85.30
N ASN B 700 40.85 -76.29 -86.52
CA ASN B 700 40.81 -77.54 -87.28
C ASN B 700 42.05 -77.74 -88.15
N ASN B 701 43.15 -77.07 -87.84
CA ASN B 701 44.42 -77.25 -88.55
C ASN B 701 44.27 -76.88 -90.02
N GLU B 702 43.96 -75.60 -90.27
CA GLU B 702 43.83 -75.05 -91.61
C GLU B 702 44.67 -73.79 -91.72
N HIS B 703 45.39 -73.65 -92.83
CA HIS B 703 46.28 -72.54 -93.08
C HIS B 703 45.64 -71.54 -94.03
N HIS B 704 45.93 -70.25 -93.80
CA HIS B 704 45.39 -69.17 -94.61
C HIS B 704 46.45 -68.09 -94.78
N GLU B 705 46.28 -67.30 -95.84
CA GLU B 705 47.20 -66.22 -96.17
C GLU B 705 46.41 -65.05 -96.73
N LYS B 706 46.43 -63.92 -96.03
CA LYS B 706 45.73 -62.72 -96.47
C LYS B 706 46.52 -61.50 -96.02
N SER B 707 46.20 -60.36 -96.64
CA SER B 707 46.89 -59.11 -96.36
C SER B 707 46.22 -58.38 -95.20
N VAL B 708 46.70 -57.17 -94.92
CA VAL B 708 46.08 -56.28 -93.94
C VAL B 708 45.15 -55.28 -94.61
N ARG B 709 45.49 -54.84 -95.82
CA ARG B 709 44.68 -53.85 -96.53
C ARG B 709 43.40 -54.47 -97.06
N GLN B 710 43.51 -55.59 -97.79
CA GLN B 710 42.32 -56.28 -98.27
C GLN B 710 41.48 -56.80 -97.11
N LEU B 711 42.13 -57.21 -96.01
CA LEU B 711 41.40 -57.69 -94.84
C LEU B 711 40.65 -56.55 -94.16
N ALA B 712 41.17 -55.32 -94.27
CA ALA B 712 40.49 -54.17 -93.67
C ALA B 712 39.27 -53.75 -94.47
N GLN B 713 39.32 -53.87 -95.80
CA GLN B 713 38.18 -53.46 -96.63
C GLN B 713 36.97 -54.36 -96.40
N GLU B 714 37.20 -55.63 -96.06
CA GLU B 714 36.08 -56.54 -95.79
C GLU B 714 35.35 -56.15 -94.52
N ALA B 715 36.05 -55.54 -93.56
CA ALA B 715 35.39 -55.12 -92.32
C ALA B 715 34.38 -53.99 -92.59
N ARG B 716 34.71 -53.09 -93.52
CA ARG B 716 33.79 -52.01 -93.86
C ARG B 716 32.52 -52.55 -94.49
N ALA B 717 32.65 -53.61 -95.30
CA ALA B 717 31.49 -54.22 -95.93
C ALA B 717 30.74 -55.15 -94.98
N GLY B 718 31.42 -55.68 -93.96
CA GLY B 718 30.79 -56.56 -93.00
C GLY B 718 31.14 -58.02 -93.23
N ASN B 719 31.99 -58.59 -92.37
CA ASN B 719 32.39 -59.98 -92.49
C ASN B 719 32.81 -60.48 -91.13
N ALA B 720 32.26 -61.63 -90.72
CA ALA B 720 32.55 -62.18 -89.41
C ALA B 720 33.89 -62.92 -89.39
N HIS B 721 34.19 -63.69 -90.45
CA HIS B 721 35.44 -64.44 -90.49
C HIS B 721 36.65 -63.51 -90.53
N ASP B 722 36.50 -62.32 -91.11
CA ASP B 722 37.59 -61.35 -91.14
C ASP B 722 37.64 -60.51 -89.87
N GLU B 723 36.49 -60.00 -89.43
CA GLU B 723 36.46 -59.15 -88.24
C GLU B 723 36.85 -59.95 -86.99
N ASN B 724 36.47 -61.23 -86.93
CA ASN B 724 36.84 -62.06 -85.78
C ASN B 724 38.34 -62.32 -85.76
N VAL B 725 38.93 -62.65 -86.91
CA VAL B 725 40.37 -62.85 -86.98
C VAL B 725 41.10 -61.51 -86.87
N LEU B 726 40.49 -60.42 -87.37
CA LEU B 726 41.09 -59.11 -87.21
C LEU B 726 41.00 -58.64 -85.76
N SER B 727 39.83 -58.79 -85.14
CA SER B 727 39.70 -58.48 -83.72
C SER B 727 40.57 -59.40 -82.88
N TYR B 728 40.81 -60.62 -83.35
CA TYR B 728 41.74 -61.51 -82.66
C TYR B 728 43.15 -60.95 -82.67
N TYR B 729 43.51 -60.18 -83.70
CA TYR B 729 44.87 -59.70 -83.82
C TYR B 729 45.18 -58.57 -82.85
N ARG B 730 44.19 -57.72 -82.54
CA ARG B 730 44.42 -56.57 -81.67
C ARG B 730 44.82 -57.02 -80.26
N TYR B 731 43.97 -57.84 -79.63
CA TYR B 731 44.31 -58.38 -78.32
C TYR B 731 45.55 -59.27 -78.40
N GLN B 732 45.76 -59.94 -79.53
CA GLN B 732 46.98 -60.71 -79.73
C GLN B 732 48.20 -59.79 -79.78
N LEU B 733 48.08 -58.66 -80.47
CA LEU B 733 49.18 -57.69 -80.52
C LEU B 733 49.35 -56.96 -79.20
N LYS B 734 48.24 -56.71 -78.48
CA LYS B 734 48.33 -56.06 -77.18
C LYS B 734 49.09 -56.93 -76.18
N LEU B 735 49.08 -58.24 -76.37
CA LEU B 735 49.78 -59.14 -75.46
C LEU B 735 51.29 -58.88 -75.48
N PHE B 736 51.87 -58.83 -76.67
CA PHE B 736 53.32 -58.65 -76.81
C PHE B 736 53.80 -57.37 -76.12
N ALA B 737 52.96 -56.34 -76.08
CA ALA B 737 53.32 -55.12 -75.37
C ALA B 737 53.21 -55.30 -73.86
N ARG B 738 52.23 -56.10 -73.41
CA ARG B 738 52.02 -56.27 -71.98
C ARG B 738 53.05 -57.22 -71.37
N MET B 739 53.50 -58.23 -72.13
CA MET B 739 54.45 -59.20 -71.59
C MET B 739 55.77 -58.55 -71.19
N CYS B 740 56.16 -57.48 -71.88
CA CYS B 740 57.42 -56.78 -71.64
C CYS B 740 57.16 -55.32 -71.27
N LEU B 741 56.25 -55.09 -70.33
CA LEU B 741 55.80 -53.74 -69.99
C LEU B 741 56.98 -52.84 -69.62
N ASP B 742 57.66 -53.16 -68.52
CA ASP B 742 58.81 -52.36 -68.10
C ASP B 742 60.07 -52.80 -68.84
N ARG B 743 60.50 -54.03 -68.61
CA ARG B 743 61.67 -54.58 -69.30
C ARG B 743 61.74 -56.09 -69.12
N GLN B 744 61.72 -56.82 -70.23
CA GLN B 744 61.79 -58.29 -70.17
C GLN B 744 62.36 -58.78 -71.50
N TYR B 745 63.64 -59.13 -71.50
CA TYR B 745 64.32 -59.56 -72.71
C TYR B 745 64.02 -61.00 -73.10
N LEU B 746 63.32 -61.76 -72.24
CA LEU B 746 62.92 -63.10 -72.63
C LEU B 746 61.94 -63.09 -73.78
N ALA B 747 61.14 -62.02 -73.91
CA ALA B 747 60.17 -61.87 -74.99
C ALA B 747 60.61 -60.88 -76.05
N ILE B 748 61.39 -59.85 -75.68
CA ILE B 748 61.84 -58.87 -76.66
C ILE B 748 62.78 -59.52 -77.67
N ASP B 749 63.68 -60.37 -77.19
CA ASP B 749 64.62 -61.04 -78.10
C ASP B 749 63.90 -61.96 -79.08
N GLU B 750 62.77 -62.53 -78.67
CA GLU B 750 61.98 -63.39 -79.55
C GLU B 750 61.03 -62.61 -80.44
N ILE B 751 60.47 -61.50 -79.93
CA ILE B 751 59.49 -60.75 -80.70
C ILE B 751 60.15 -59.72 -81.61
N SER B 752 61.36 -59.24 -81.27
CA SER B 752 62.04 -58.27 -82.11
C SER B 752 62.39 -58.84 -83.48
N GLN B 753 62.67 -60.15 -83.54
CA GLN B 753 62.95 -60.78 -84.82
C GLN B 753 61.69 -60.91 -85.67
N GLN B 754 60.53 -61.09 -85.03
CA GLN B 754 59.29 -61.23 -85.78
C GLN B 754 58.82 -59.88 -86.32
N LEU B 755 58.74 -58.87 -85.44
CA LEU B 755 58.31 -57.52 -85.80
C LEU B 755 59.48 -56.57 -85.59
N GLY B 756 59.97 -55.96 -86.68
CA GLY B 756 61.04 -55.00 -86.62
C GLY B 756 60.55 -53.57 -86.57
N VAL B 757 61.50 -52.64 -86.67
CA VAL B 757 61.18 -51.22 -86.64
C VAL B 757 60.56 -50.80 -87.97
N ASP B 758 61.20 -51.17 -89.08
CA ASP B 758 60.71 -50.76 -90.40
C ASP B 758 59.34 -51.35 -90.71
N LEU B 759 59.09 -52.58 -90.26
CA LEU B 759 57.80 -53.21 -90.54
C LEU B 759 56.67 -52.47 -89.82
N ILE B 760 56.85 -52.18 -88.54
CA ILE B 760 55.80 -51.53 -87.77
C ILE B 760 55.54 -50.11 -88.27
N PHE B 761 56.51 -49.48 -88.92
CA PHE B 761 56.32 -48.10 -89.36
C PHE B 761 55.29 -48.02 -90.48
N LEU B 762 55.34 -48.96 -91.43
CA LEU B 762 54.49 -48.89 -92.61
C LEU B 762 53.01 -48.96 -92.22
N CYS B 763 52.67 -49.82 -91.25
CA CYS B 763 51.27 -49.99 -90.86
C CYS B 763 50.77 -48.81 -90.03
N MET B 764 51.65 -48.16 -89.27
CA MET B 764 51.26 -46.92 -88.59
C MET B 764 51.00 -45.80 -89.59
N ALA B 765 51.66 -45.82 -90.75
CA ALA B 765 51.43 -44.82 -91.78
C ALA B 765 50.25 -45.17 -92.68
N ASP B 766 49.93 -46.47 -92.82
CA ASP B 766 48.83 -46.89 -93.68
C ASP B 766 47.51 -46.38 -93.11
N GLU B 767 46.85 -45.49 -93.85
CA GLU B 767 45.56 -44.95 -93.47
C GLU B 767 44.39 -45.79 -94.00
N MET B 768 44.65 -47.00 -94.47
CA MET B 768 43.63 -47.87 -95.06
C MET B 768 43.22 -48.99 -94.13
N LEU B 769 43.10 -48.71 -92.83
CA LEU B 769 42.69 -49.71 -91.86
C LEU B 769 41.95 -49.01 -90.72
N PRO B 770 41.13 -49.74 -89.96
CA PRO B 770 40.36 -49.08 -88.89
C PRO B 770 41.26 -48.45 -87.84
N PHE B 771 40.82 -47.31 -87.33
CA PHE B 771 41.65 -46.48 -86.47
C PHE B 771 42.05 -47.21 -85.18
N ASP B 772 41.12 -47.99 -84.61
CA ASP B 772 41.43 -48.71 -83.37
C ASP B 772 42.57 -49.69 -83.55
N LEU B 773 42.69 -50.29 -84.74
CA LEU B 773 43.78 -51.20 -85.02
C LEU B 773 45.11 -50.46 -85.14
N ARG B 774 45.08 -49.23 -85.64
CA ARG B 774 46.30 -48.43 -85.81
C ARG B 774 46.97 -48.10 -84.50
N ALA B 775 46.25 -48.15 -83.37
CA ALA B 775 46.78 -47.68 -82.09
C ALA B 775 47.64 -48.74 -81.40
N SER B 776 47.36 -50.03 -81.63
CA SER B 776 48.08 -51.08 -80.93
C SER B 776 49.50 -51.28 -81.43
N PHE B 777 49.83 -50.76 -82.62
CA PHE B 777 51.17 -50.95 -83.18
C PHE B 777 52.19 -50.03 -82.52
N CYS B 778 51.88 -48.72 -82.44
CA CYS B 778 52.72 -47.82 -81.67
C CYS B 778 52.76 -48.20 -80.19
N HIS B 779 51.74 -48.90 -79.71
CA HIS B 779 51.74 -49.41 -78.34
C HIS B 779 52.77 -50.52 -78.14
N LEU B 780 53.14 -51.24 -79.22
CA LEU B 780 54.13 -52.29 -79.09
C LEU B 780 55.53 -51.69 -78.92
N MET B 781 55.94 -50.84 -79.85
CA MET B 781 57.32 -50.33 -79.85
C MET B 781 57.63 -49.49 -78.60
N LEU B 782 56.60 -48.99 -77.91
CA LEU B 782 56.81 -48.34 -76.62
C LEU B 782 57.48 -49.30 -75.63
N HIS B 783 57.15 -50.59 -75.73
CA HIS B 783 57.63 -51.58 -74.78
C HIS B 783 58.70 -52.51 -75.35
N VAL B 784 58.95 -52.47 -76.66
CA VAL B 784 59.86 -53.41 -77.32
C VAL B 784 61.19 -52.75 -77.68
N HIS B 785 61.15 -51.73 -78.54
CA HIS B 785 62.36 -51.20 -79.16
C HIS B 785 62.96 -50.01 -78.43
N VAL B 786 62.13 -49.11 -77.88
CA VAL B 786 62.68 -47.96 -77.17
C VAL B 786 63.26 -48.38 -75.83
N ASP B 787 62.66 -49.36 -75.17
CA ASP B 787 63.13 -49.85 -73.87
C ASP B 787 64.12 -50.97 -74.11
N ARG B 788 65.39 -50.61 -74.29
CA ARG B 788 66.46 -51.56 -74.53
C ARG B 788 67.68 -51.15 -73.72
N ASP B 789 68.76 -51.92 -73.87
CA ASP B 789 69.95 -51.72 -73.05
C ASP B 789 70.62 -50.35 -73.24
N PRO B 790 70.96 -49.92 -74.46
CA PRO B 790 71.76 -48.69 -74.55
C PRO B 790 71.00 -47.43 -74.16
N GLN B 791 69.70 -47.37 -74.41
CA GLN B 791 68.91 -46.19 -74.07
C GLN B 791 68.51 -46.24 -72.60
N GLU B 792 68.82 -45.17 -71.87
CA GLU B 792 68.56 -45.09 -70.43
C GLU B 792 67.97 -43.73 -70.10
N LEU B 793 67.46 -43.63 -68.87
CA LEU B 793 66.82 -42.40 -68.41
C LEU B 793 67.83 -41.27 -68.34
N VAL B 794 67.32 -40.04 -68.48
CA VAL B 794 68.13 -38.82 -68.45
C VAL B 794 67.62 -37.95 -67.30
N THR B 795 68.51 -37.58 -66.41
CA THR B 795 68.20 -36.59 -65.38
C THR B 795 68.40 -35.20 -65.97
N PRO B 796 67.35 -34.35 -66.06
CA PRO B 796 67.58 -33.02 -66.65
C PRO B 796 68.44 -32.12 -65.78
N VAL B 797 68.19 -32.10 -64.48
CA VAL B 797 68.94 -31.25 -63.57
C VAL B 797 70.17 -32.03 -63.13
N LYS B 798 71.32 -31.72 -63.73
CA LYS B 798 72.60 -32.34 -63.40
C LYS B 798 73.38 -31.36 -62.51
N PHE B 799 73.20 -31.49 -61.20
CA PHE B 799 73.94 -30.66 -60.26
C PHE B 799 75.44 -30.89 -60.39
N ALA B 800 75.86 -32.15 -60.40
CA ALA B 800 77.27 -32.48 -60.53
C ALA B 800 77.78 -32.06 -61.90
N ARG B 801 78.73 -31.13 -61.92
CA ARG B 801 79.28 -30.58 -63.14
C ARG B 801 80.78 -30.35 -62.98
N LEU B 802 81.53 -30.61 -64.03
CA LEU B 802 82.97 -30.45 -64.02
C LEU B 802 83.36 -29.03 -64.36
N TRP B 803 84.46 -28.57 -63.76
CA TRP B 803 84.94 -27.21 -63.98
C TRP B 803 85.70 -27.07 -65.29
N THR B 804 86.30 -28.15 -65.79
CA THR B 804 87.14 -28.12 -66.98
C THR B 804 86.41 -28.61 -68.23
N GLU B 805 85.09 -28.36 -68.30
CA GLU B 805 84.26 -28.85 -69.40
C GLU B 805 83.28 -27.82 -69.94
N ILE B 806 83.01 -26.73 -69.23
CA ILE B 806 81.82 -25.92 -69.47
C ILE B 806 82.17 -24.80 -70.46
N PRO B 807 81.25 -24.40 -71.37
CA PRO B 807 81.56 -23.25 -72.26
C PRO B 807 81.66 -21.93 -71.51
N THR B 808 81.90 -20.86 -72.27
CA THR B 808 81.91 -19.49 -71.75
C THR B 808 80.61 -18.75 -71.98
N ALA B 809 79.93 -19.03 -73.10
CA ALA B 809 78.62 -18.47 -73.40
C ALA B 809 77.77 -19.57 -74.00
N ILE B 810 76.45 -19.46 -73.82
CA ILE B 810 75.50 -20.49 -74.20
C ILE B 810 74.37 -19.89 -75.01
N THR B 811 73.77 -20.72 -75.87
CA THR B 811 72.60 -20.35 -76.65
C THR B 811 71.65 -21.55 -76.67
N ILE B 812 70.51 -21.37 -77.33
CA ILE B 812 69.52 -22.45 -77.41
C ILE B 812 70.10 -23.64 -78.17
N LYS B 813 70.96 -23.38 -79.15
CA LYS B 813 71.57 -24.45 -79.94
C LYS B 813 72.92 -24.89 -79.39
N ASP B 814 73.70 -23.96 -78.84
CA ASP B 814 75.05 -24.30 -78.38
C ASP B 814 75.02 -25.23 -77.18
N TYR B 815 73.97 -25.15 -76.35
CA TYR B 815 73.91 -25.98 -75.16
C TYR B 815 73.83 -27.46 -75.50
N ASP B 816 73.23 -27.80 -76.65
CA ASP B 816 73.09 -29.19 -77.08
C ASP B 816 74.27 -29.67 -77.92
N SER B 817 75.44 -29.08 -77.74
CA SER B 817 76.62 -29.50 -78.49
C SER B 817 77.10 -30.87 -78.05
N ASN B 818 77.10 -31.14 -76.74
CA ASN B 818 77.60 -32.41 -76.24
C ASN B 818 76.63 -33.54 -76.50
N LEU B 819 75.32 -33.28 -76.37
CA LEU B 819 74.32 -34.32 -76.59
C LEU B 819 74.17 -34.70 -78.06
N ASN B 820 74.74 -33.92 -78.97
CA ASN B 820 74.63 -34.21 -80.40
C ASN B 820 75.51 -35.37 -80.85
N ALA B 821 76.36 -35.90 -79.97
CA ALA B 821 77.27 -36.97 -80.35
C ALA B 821 76.58 -38.34 -80.34
N SER B 822 76.10 -38.77 -79.18
CA SER B 822 75.46 -40.07 -79.04
C SER B 822 74.00 -40.06 -79.48
N ARG B 823 73.44 -38.90 -79.84
CA ARG B 823 72.04 -38.81 -80.20
C ARG B 823 71.81 -39.16 -81.67
N ASP B 824 72.77 -38.83 -82.54
CA ASP B 824 72.63 -39.13 -83.96
C ASP B 824 72.87 -40.61 -84.25
N ASP B 825 73.61 -41.30 -83.39
CA ASP B 825 73.88 -42.72 -83.62
C ASP B 825 72.59 -43.54 -83.56
N LYS B 826 71.78 -43.32 -82.53
CA LYS B 826 70.49 -44.00 -82.41
C LYS B 826 69.41 -43.36 -83.27
N LYS B 827 69.63 -42.13 -83.75
CA LYS B 827 68.67 -41.47 -84.62
C LYS B 827 68.44 -42.23 -85.92
N ASN B 828 69.39 -43.06 -86.35
CA ASN B 828 69.30 -43.69 -87.68
C ASN B 828 68.09 -44.60 -87.78
N LYS B 829 67.87 -45.45 -86.77
CA LYS B 829 66.74 -46.38 -86.82
C LYS B 829 65.46 -45.70 -86.36
N PHE B 830 65.54 -44.81 -85.37
CA PHE B 830 64.40 -43.99 -84.94
C PHE B 830 64.34 -42.68 -85.73
N ALA B 831 64.39 -42.78 -87.05
CA ALA B 831 64.40 -41.62 -87.93
C ALA B 831 63.02 -41.28 -88.47
N ASN B 832 62.37 -42.24 -89.13
CA ASN B 832 61.09 -41.97 -89.76
C ASN B 832 59.96 -41.90 -88.74
N THR B 833 60.10 -42.60 -87.61
CA THR B 833 59.07 -42.55 -86.57
C THR B 833 59.00 -41.17 -85.92
N MET B 834 60.11 -40.43 -85.93
CA MET B 834 60.12 -39.09 -85.35
C MET B 834 59.18 -38.15 -86.11
N GLU B 835 59.33 -38.09 -87.43
CA GLU B 835 58.48 -37.23 -88.25
C GLU B 835 57.01 -37.61 -88.16
N PHE B 836 56.71 -38.88 -87.84
CA PHE B 836 55.32 -39.29 -87.70
C PHE B 836 54.64 -38.56 -86.55
N VAL B 837 55.40 -38.17 -85.52
CA VAL B 837 54.82 -37.44 -84.40
C VAL B 837 54.49 -36.01 -84.81
N GLU B 838 55.49 -35.28 -85.34
CA GLU B 838 55.29 -33.90 -85.73
C GLU B 838 54.28 -33.78 -86.87
N ASP B 839 54.34 -34.71 -87.83
CA ASP B 839 53.39 -34.69 -88.93
C ASP B 839 51.98 -34.97 -88.46
N TYR B 840 51.82 -35.80 -87.41
CA TYR B 840 50.50 -36.19 -86.96
C TYR B 840 49.87 -35.12 -86.09
N LEU B 841 50.57 -34.69 -85.02
CA LEU B 841 49.99 -33.75 -84.07
C LEU B 841 49.65 -32.41 -84.70
N ASN B 842 50.34 -32.03 -85.78
CA ASN B 842 50.00 -30.79 -86.47
C ASN B 842 48.62 -30.85 -87.10
N ASN B 843 48.20 -32.03 -87.57
CA ASN B 843 46.86 -32.18 -88.11
C ASN B 843 45.80 -32.04 -87.02
N VAL B 844 46.13 -32.45 -85.79
CA VAL B 844 45.17 -32.33 -84.68
C VAL B 844 44.94 -30.87 -84.32
N VAL B 845 45.96 -30.02 -84.47
CA VAL B 845 45.80 -28.60 -84.16
C VAL B 845 44.90 -27.92 -85.19
N SER B 846 45.03 -28.30 -86.45
CA SER B 846 44.20 -27.69 -87.50
C SER B 846 42.73 -28.01 -87.31
N GLU B 847 42.41 -29.14 -86.69
CA GLU B 847 41.02 -29.51 -86.43
C GLU B 847 40.48 -28.74 -85.24
N ALA B 848 39.24 -28.26 -85.36
CA ALA B 848 38.64 -27.47 -84.29
C ALA B 848 38.19 -28.35 -83.14
N VAL B 849 37.50 -29.45 -83.45
CA VAL B 849 37.05 -30.42 -82.45
C VAL B 849 37.93 -31.66 -82.62
N PRO B 850 39.13 -31.70 -82.03
CA PRO B 850 39.99 -32.89 -82.23
C PRO B 850 39.44 -34.13 -81.55
N PHE B 851 38.96 -33.97 -80.31
CA PHE B 851 38.41 -35.08 -79.53
C PHE B 851 36.95 -35.30 -79.94
N ALA B 852 36.80 -35.86 -81.14
CA ALA B 852 35.50 -36.12 -81.74
C ALA B 852 35.19 -37.61 -81.82
N ASN B 853 36.03 -38.39 -82.48
CA ASN B 853 35.81 -39.81 -82.67
C ASN B 853 36.41 -40.61 -81.52
N GLU B 854 35.75 -41.71 -81.16
CA GLU B 854 36.23 -42.53 -80.07
C GLU B 854 37.53 -43.26 -80.44
N GLU B 855 37.57 -43.84 -81.64
CA GLU B 855 38.76 -44.56 -82.06
C GLU B 855 39.93 -43.61 -82.34
N LYS B 856 39.62 -42.40 -82.84
CA LYS B 856 40.66 -41.38 -83.02
C LYS B 856 41.33 -41.05 -81.69
N ASN B 857 40.57 -41.08 -80.60
CA ASN B 857 41.11 -40.71 -79.30
C ASN B 857 41.92 -41.84 -78.66
N LYS B 858 41.69 -43.08 -79.09
CA LYS B 858 42.48 -44.19 -78.57
C LYS B 858 43.93 -44.10 -79.00
N LEU B 859 44.19 -43.53 -80.18
CA LEU B 859 45.56 -43.26 -80.60
C LEU B 859 46.09 -41.98 -79.98
N THR B 860 45.22 -40.98 -79.80
CA THR B 860 45.64 -39.73 -79.19
C THR B 860 46.19 -39.95 -77.78
N PHE B 861 45.74 -41.02 -77.12
CA PHE B 861 46.35 -41.40 -75.85
C PHE B 861 47.74 -41.99 -76.05
N GLU B 862 47.94 -42.75 -77.13
CA GLU B 862 49.11 -43.62 -77.20
C GLU B 862 50.35 -42.93 -77.75
N VAL B 863 50.25 -42.29 -78.92
CA VAL B 863 51.41 -41.61 -79.51
C VAL B 863 51.89 -40.51 -78.57
N VAL B 864 50.98 -39.88 -77.84
CA VAL B 864 51.39 -39.01 -76.74
C VAL B 864 52.18 -39.82 -75.73
N SER B 865 51.71 -41.03 -75.40
CA SER B 865 52.44 -41.91 -74.49
C SER B 865 53.74 -42.42 -75.10
N LEU B 866 53.85 -42.40 -76.43
CA LEU B 866 55.15 -42.65 -77.06
C LEU B 866 56.07 -41.45 -76.86
N ALA B 867 55.63 -40.28 -77.34
CA ALA B 867 56.40 -39.05 -77.13
C ALA B 867 56.61 -38.76 -75.65
N HIS B 868 55.70 -39.24 -74.79
CA HIS B 868 55.94 -39.26 -73.36
C HIS B 868 57.27 -39.95 -73.05
N ASN B 869 57.45 -41.17 -73.55
CA ASN B 869 58.64 -41.95 -73.25
C ASN B 869 59.83 -41.56 -74.10
N LEU B 870 59.59 -41.09 -75.33
CA LEU B 870 60.70 -40.77 -76.23
C LEU B 870 61.56 -39.64 -75.68
N ILE B 871 60.96 -38.70 -74.94
CA ILE B 871 61.69 -37.50 -74.53
C ILE B 871 62.60 -37.80 -73.35
N TYR B 872 62.30 -38.83 -72.55
CA TYR B 872 63.16 -39.14 -71.40
C TYR B 872 64.54 -39.62 -71.85
N PHE B 873 64.59 -40.40 -72.93
CA PHE B 873 65.85 -40.95 -73.41
C PHE B 873 66.62 -39.98 -74.32
N GLY B 874 66.30 -38.69 -74.29
CA GLY B 874 67.10 -37.69 -74.96
C GLY B 874 67.14 -37.80 -76.47
N PHE B 875 65.96 -37.83 -77.10
CA PHE B 875 65.87 -37.86 -78.56
C PHE B 875 65.71 -36.47 -79.17
N TYR B 876 65.03 -35.56 -78.48
CA TYR B 876 64.80 -34.20 -78.96
C TYR B 876 65.81 -33.26 -78.32
N SER B 877 66.44 -32.42 -79.15
CA SER B 877 67.28 -31.36 -78.64
C SER B 877 66.43 -30.31 -77.94
N PHE B 878 67.10 -29.45 -77.15
CA PHE B 878 66.39 -28.41 -76.42
C PHE B 878 65.66 -27.46 -77.37
N SER B 879 66.25 -27.18 -78.53
CA SER B 879 65.60 -26.30 -79.49
C SER B 879 64.34 -26.92 -80.06
N GLU B 880 64.35 -28.24 -80.31
CA GLU B 880 63.18 -28.89 -80.89
C GLU B 880 62.01 -28.94 -79.92
N LEU B 881 62.29 -28.97 -78.61
CA LEU B 881 61.22 -29.08 -77.63
C LEU B 881 60.37 -27.82 -77.58
N LEU B 882 61.02 -26.64 -77.64
CA LEU B 882 60.26 -25.39 -77.62
C LEU B 882 59.37 -25.27 -78.85
N ARG B 883 59.77 -25.87 -79.98
CA ARG B 883 58.91 -25.92 -81.14
C ARG B 883 57.76 -26.91 -80.94
N LEU B 884 57.98 -27.95 -80.13
CA LEU B 884 56.94 -28.96 -79.91
C LEU B 884 55.75 -28.39 -79.15
N THR B 885 56.02 -27.61 -78.11
CA THR B 885 54.96 -27.20 -77.18
C THR B 885 53.92 -26.32 -77.86
N ARG B 886 54.33 -25.49 -78.82
CA ARG B 886 53.37 -24.66 -79.53
C ARG B 886 52.37 -25.51 -80.31
N THR B 887 52.81 -26.66 -80.82
CA THR B 887 51.92 -27.60 -81.49
C THR B 887 51.16 -28.48 -80.51
N LEU B 888 51.62 -28.58 -79.26
CA LEU B 888 51.03 -29.48 -78.27
C LEU B 888 49.90 -28.82 -77.50
N LEU B 889 50.06 -27.55 -77.13
CA LEU B 889 49.03 -26.87 -76.34
C LEU B 889 47.76 -26.60 -77.14
N GLY B 890 47.87 -26.52 -78.46
CA GLY B 890 46.68 -26.31 -79.31
C GLY B 890 45.69 -27.46 -79.27
N ILE B 891 46.09 -28.62 -78.75
CA ILE B 891 45.20 -29.76 -78.69
C ILE B 891 44.12 -29.56 -77.64
N ILE B 892 44.48 -28.95 -76.51
CA ILE B 892 43.65 -28.91 -75.32
C ILE B 892 43.17 -27.48 -75.01
N ASP B 893 43.16 -26.60 -76.00
CA ASP B 893 42.72 -25.22 -75.81
C ASP B 893 41.24 -25.10 -76.13
N CYS B 894 40.48 -24.49 -75.22
CA CYS B 894 39.05 -24.29 -75.37
C CYS B 894 38.32 -25.61 -75.59
N ASP B 961 34.37 -40.56 -71.02
CA ASP B 961 35.49 -39.99 -71.76
C ASP B 961 36.77 -40.02 -70.93
N ILE B 962 37.03 -41.16 -70.28
CA ILE B 962 38.20 -41.25 -69.41
C ILE B 962 39.48 -41.22 -70.22
N VAL B 963 39.46 -41.73 -71.46
CA VAL B 963 40.63 -41.66 -72.32
C VAL B 963 40.96 -40.22 -72.66
N VAL B 964 39.95 -39.36 -72.78
CA VAL B 964 40.18 -37.94 -73.05
C VAL B 964 40.82 -37.27 -71.85
N MET B 965 40.59 -37.80 -70.64
CA MET B 965 41.16 -37.19 -69.44
C MET B 965 42.58 -37.67 -69.19
N GLU B 966 42.82 -38.98 -69.27
CA GLU B 966 44.13 -39.52 -68.92
C GLU B 966 45.18 -39.22 -69.97
N THR B 967 44.78 -39.00 -71.23
CA THR B 967 45.74 -38.59 -72.25
C THR B 967 46.33 -37.22 -71.93
N LYS B 968 45.55 -36.36 -71.29
CA LYS B 968 46.03 -35.02 -70.96
C LYS B 968 47.10 -35.07 -69.87
N LEU B 969 47.02 -36.04 -68.96
CA LEU B 969 48.03 -36.18 -67.90
C LEU B 969 49.42 -36.34 -68.49
N LYS B 970 49.55 -37.16 -69.53
CA LYS B 970 50.85 -37.37 -70.14
C LYS B 970 51.34 -36.10 -70.84
N ILE B 971 50.42 -35.21 -71.24
CA ILE B 971 50.84 -33.92 -71.77
C ILE B 971 51.41 -33.06 -70.64
N LEU B 972 50.80 -33.11 -69.46
CA LEU B 972 51.32 -32.35 -68.32
C LEU B 972 52.73 -32.78 -67.97
N GLU B 973 52.97 -34.10 -67.96
CA GLU B 973 54.30 -34.59 -67.57
C GLU B 973 55.34 -34.23 -68.62
N ILE B 974 54.95 -34.16 -69.90
CA ILE B 974 55.84 -33.58 -70.89
C ILE B 974 56.01 -32.09 -70.62
N LEU B 975 54.91 -31.40 -70.30
CA LEU B 975 55.00 -29.99 -69.89
C LEU B 975 55.74 -29.86 -68.56
N GLN B 976 55.79 -30.91 -67.76
CA GLN B 976 56.59 -30.89 -66.55
C GLN B 976 58.07 -31.02 -66.88
N PHE B 977 58.42 -31.96 -67.77
CA PHE B 977 59.82 -32.25 -68.05
C PHE B 977 60.49 -31.11 -68.80
N ILE B 978 59.78 -30.52 -69.77
CA ILE B 978 60.37 -29.44 -70.58
C ILE B 978 60.71 -28.23 -69.72
N LEU B 979 60.01 -28.02 -68.60
CA LEU B 979 60.33 -26.92 -67.72
C LEU B 979 61.51 -27.23 -66.81
N ASN B 980 61.78 -28.51 -66.55
CA ASN B 980 62.94 -28.87 -65.74
C ASN B 980 64.24 -28.68 -66.52
N VAL B 981 64.28 -29.14 -67.77
CA VAL B 981 65.46 -28.93 -68.60
C VAL B 981 65.67 -27.44 -68.87
N ARG B 982 64.59 -26.66 -68.88
CA ARG B 982 64.74 -25.21 -69.01
C ARG B 982 65.53 -24.64 -67.85
N LEU B 983 65.24 -25.10 -66.62
CA LEU B 983 66.02 -24.69 -65.46
C LEU B 983 67.49 -25.03 -65.65
N ASP B 984 67.78 -26.18 -66.26
CA ASP B 984 69.16 -26.56 -66.52
C ASP B 984 69.83 -25.55 -67.45
N TYR B 985 69.09 -25.07 -68.45
CA TYR B 985 69.62 -24.02 -69.31
C TYR B 985 69.73 -22.69 -68.59
N ARG B 986 68.80 -22.42 -67.66
CA ARG B 986 68.84 -21.16 -66.92
C ARG B 986 70.02 -21.11 -65.95
N ILE B 987 70.16 -22.15 -65.13
CA ILE B 987 71.23 -22.16 -64.13
C ILE B 987 72.60 -22.20 -64.81
N SER B 988 72.68 -22.78 -66.01
CA SER B 988 73.92 -22.79 -66.75
C SER B 988 74.36 -21.38 -67.14
N TYR B 989 73.39 -20.48 -67.37
CA TYR B 989 73.74 -19.11 -67.71
C TYR B 989 74.41 -18.40 -66.53
N LEU B 990 73.77 -18.44 -65.36
CA LEU B 990 74.35 -17.83 -64.17
C LEU B 990 75.68 -18.47 -63.82
N LEU B 991 75.84 -19.77 -64.12
CA LEU B 991 77.15 -20.39 -64.03
C LEU B 991 78.07 -19.89 -65.13
N SER B 992 77.56 -19.76 -66.35
CA SER B 992 78.38 -19.33 -67.48
C SER B 992 78.95 -17.92 -67.26
N VAL B 993 78.22 -17.08 -66.53
CA VAL B 993 78.74 -15.76 -66.17
C VAL B 993 79.75 -15.88 -65.06
N PHE B 994 79.60 -16.87 -64.16
CA PHE B 994 80.58 -17.07 -63.11
C PHE B 994 81.93 -17.49 -63.68
N LYS B 995 81.92 -18.42 -64.64
CA LYS B 995 83.15 -18.80 -65.32
C LYS B 995 83.68 -17.65 -66.18
N LYS B 996 82.78 -16.78 -66.65
CA LYS B 996 83.21 -15.67 -67.50
C LYS B 996 84.04 -14.66 -66.72
N GLU B 997 83.53 -14.21 -65.57
CA GLU B 997 84.18 -13.13 -64.84
C GLU B 997 85.45 -13.58 -64.13
N PHE B 998 85.48 -14.82 -63.61
CA PHE B 998 86.63 -15.25 -62.82
C PHE B 998 87.89 -15.35 -63.66
N VAL B 999 87.75 -15.74 -64.94
CA VAL B 999 88.92 -15.85 -65.81
C VAL B 999 89.50 -14.46 -66.08
N GLU B 1000 88.64 -13.45 -66.25
CA GLU B 1000 89.13 -12.11 -66.54
C GLU B 1000 89.74 -11.44 -65.32
N VAL B 1001 89.25 -11.76 -64.12
CA VAL B 1001 89.79 -11.18 -62.90
C VAL B 1001 91.05 -11.92 -62.47
N PHE B 1002 90.96 -13.25 -62.34
CA PHE B 1002 92.08 -14.13 -61.99
C PHE B 1002 92.30 -15.11 -63.13
N PRO B 1003 92.96 -14.69 -64.22
CA PRO B 1003 93.30 -15.67 -65.26
C PRO B 1003 94.36 -16.66 -64.83
N MET B 1004 95.28 -16.25 -63.96
CA MET B 1004 96.31 -17.15 -63.46
C MET B 1004 95.76 -18.03 -62.33
N ASN B 1022 89.00 -7.88 -58.64
CA ASN B 1022 87.78 -7.95 -57.84
C ASN B 1022 86.58 -8.27 -58.73
N MET B 1023 85.79 -9.27 -58.32
CA MET B 1023 84.60 -9.66 -59.08
C MET B 1023 83.46 -8.69 -58.78
N ASN B 1024 82.91 -8.09 -59.84
CA ASN B 1024 81.78 -7.20 -59.70
C ASN B 1024 80.48 -8.01 -59.65
N LEU B 1025 79.55 -7.57 -58.81
CA LEU B 1025 78.25 -8.19 -58.67
C LEU B 1025 77.14 -7.42 -59.38
N ASP B 1026 77.43 -6.23 -59.90
CA ASP B 1026 76.46 -5.52 -60.71
C ASP B 1026 76.29 -6.18 -62.07
N ARG B 1027 77.41 -6.60 -62.68
CA ARG B 1027 77.35 -7.25 -63.99
C ARG B 1027 76.63 -8.59 -63.90
N ILE B 1028 76.89 -9.35 -62.84
CA ILE B 1028 76.25 -10.65 -62.70
C ILE B 1028 74.75 -10.49 -62.48
N GLY B 1029 74.35 -9.45 -61.74
CA GLY B 1029 72.95 -9.25 -61.41
C GLY B 1029 72.14 -8.67 -62.56
N GLU B 1030 72.71 -7.66 -63.25
CA GLU B 1030 72.03 -7.12 -64.42
C GLU B 1030 71.84 -8.18 -65.49
N GLN B 1031 72.83 -9.05 -65.67
CA GLN B 1031 72.71 -10.15 -66.62
C GLN B 1031 71.73 -11.22 -66.15
N ALA B 1032 71.44 -11.27 -64.85
CA ALA B 1032 70.53 -12.28 -64.33
C ALA B 1032 69.07 -11.88 -64.54
N GLU B 1033 68.74 -10.60 -64.32
CA GLU B 1033 67.36 -10.16 -64.40
C GLU B 1033 66.82 -10.29 -65.83
N ALA B 1034 67.68 -10.07 -66.83
CA ALA B 1034 67.26 -10.12 -68.22
C ALA B 1034 67.35 -11.53 -68.82
N MET B 1035 67.31 -12.57 -67.99
CA MET B 1035 67.39 -13.95 -68.44
C MET B 1035 66.13 -14.75 -68.13
N PHE B 1036 65.53 -14.54 -66.95
CA PHE B 1036 64.44 -15.40 -66.51
C PHE B 1036 63.24 -15.30 -67.44
N GLY B 1037 62.78 -14.09 -67.70
CA GLY B 1037 61.65 -13.89 -68.60
C GLY B 1037 60.96 -12.55 -68.40
N VAL B 1038 60.59 -11.92 -69.51
CA VAL B 1038 59.90 -10.64 -69.50
C VAL B 1038 58.41 -10.90 -69.63
N GLY B 1039 58.01 -11.53 -70.72
CA GLY B 1039 56.62 -11.86 -70.96
C GLY B 1039 55.76 -10.63 -71.18
N SER B 1043 65.84 -15.36 -72.72
CA SER B 1043 65.13 -14.14 -73.11
C SER B 1043 63.99 -14.46 -74.07
N MET B 1044 64.34 -14.82 -75.32
CA MET B 1044 63.33 -15.13 -76.31
C MET B 1044 62.66 -16.47 -76.07
N LEU B 1045 63.22 -17.32 -75.21
CA LEU B 1045 62.60 -18.61 -74.92
C LEU B 1045 61.25 -18.41 -74.26
N GLU B 1046 60.28 -19.20 -74.69
CA GLU B 1046 58.94 -19.21 -74.12
C GLU B 1046 58.16 -20.36 -74.72
N VAL B 1047 57.24 -20.90 -73.94
CA VAL B 1047 56.39 -22.00 -74.41
C VAL B 1047 55.55 -21.54 -75.59
N ASP B 1048 54.81 -20.45 -75.41
CA ASP B 1048 53.92 -19.90 -76.43
C ASP B 1048 54.60 -18.74 -77.15
N ASP B 1049 54.22 -18.56 -78.41
CA ASP B 1049 54.61 -17.35 -79.14
C ASP B 1049 54.11 -16.11 -78.43
N GLU B 1050 52.85 -16.11 -78.02
CA GLU B 1050 52.26 -14.99 -77.32
C GLU B 1050 52.90 -14.86 -75.93
N GLY B 1051 52.53 -13.80 -75.21
CA GLY B 1051 53.09 -13.54 -73.90
C GLY B 1051 52.49 -14.44 -72.83
N GLY B 1052 52.76 -15.74 -72.93
CA GLY B 1052 52.26 -16.69 -71.94
C GLY B 1052 50.76 -16.77 -71.84
N ARG B 1053 50.03 -16.32 -72.87
CA ARG B 1053 48.57 -16.36 -72.81
C ARG B 1053 48.06 -17.80 -72.86
N MET B 1054 48.56 -18.59 -73.81
CA MET B 1054 48.11 -19.98 -73.94
C MET B 1054 48.39 -20.78 -72.67
N PHE B 1055 49.57 -20.60 -72.08
CA PHE B 1055 49.93 -21.38 -70.90
C PHE B 1055 48.99 -21.14 -69.75
N LEU B 1056 48.41 -19.93 -69.64
CA LEU B 1056 47.41 -19.67 -68.63
C LEU B 1056 46.01 -20.07 -69.11
N ARG B 1057 45.70 -19.84 -70.38
CA ARG B 1057 44.40 -20.27 -70.90
C ARG B 1057 44.21 -21.78 -70.83
N VAL B 1058 45.30 -22.55 -70.82
CA VAL B 1058 45.20 -24.00 -70.69
C VAL B 1058 44.93 -24.37 -69.23
N LEU B 1059 45.88 -24.08 -68.34
CA LEU B 1059 45.84 -24.63 -66.99
C LEU B 1059 44.61 -24.18 -66.21
N ILE B 1060 44.13 -22.96 -66.45
CA ILE B 1060 42.91 -22.49 -65.82
C ILE B 1060 41.70 -23.27 -66.30
N HIS B 1061 41.80 -23.94 -67.45
CA HIS B 1061 40.70 -24.72 -68.01
C HIS B 1061 40.70 -26.17 -67.53
N LEU B 1062 41.87 -26.73 -67.22
CA LEU B 1062 41.96 -28.14 -66.88
C LEU B 1062 41.41 -28.45 -65.49
N THR B 1063 41.55 -27.51 -64.56
CA THR B 1063 41.05 -27.75 -63.20
C THR B 1063 39.54 -27.98 -63.18
N MET B 1064 38.83 -27.42 -64.16
CA MET B 1064 37.37 -27.53 -64.18
C MET B 1064 36.90 -28.98 -64.34
N HIS B 1065 37.73 -29.84 -64.91
CA HIS B 1065 37.30 -31.19 -65.23
C HIS B 1065 37.08 -32.01 -63.97
N ASP B 1066 36.14 -32.96 -64.06
CA ASP B 1066 35.80 -33.79 -62.91
C ASP B 1066 36.93 -34.75 -62.54
N TYR B 1067 37.73 -35.16 -63.52
CA TYR B 1067 38.82 -36.10 -63.29
C TYR B 1067 39.86 -35.43 -62.38
N ALA B 1068 39.99 -35.96 -61.15
CA ALA B 1068 40.74 -35.32 -60.08
C ALA B 1068 42.26 -35.22 -60.29
N PRO B 1069 42.94 -36.25 -60.80
CA PRO B 1069 44.42 -36.17 -60.86
C PRO B 1069 44.98 -35.01 -61.67
N LEU B 1070 44.21 -34.40 -62.57
CA LEU B 1070 44.72 -33.27 -63.32
C LEU B 1070 44.93 -32.06 -62.41
N VAL B 1071 44.06 -31.90 -61.41
CA VAL B 1071 44.20 -30.77 -60.48
C VAL B 1071 45.51 -30.88 -59.71
N SER B 1072 45.90 -32.10 -59.36
CA SER B 1072 47.17 -32.31 -58.65
C SER B 1072 48.35 -31.94 -59.52
N GLY B 1073 48.27 -32.17 -60.83
CA GLY B 1073 49.35 -31.88 -61.74
C GLY B 1073 49.25 -30.50 -62.35
N ALA B 1074 48.02 -30.00 -62.50
CA ALA B 1074 47.82 -28.69 -63.13
C ALA B 1074 48.24 -27.56 -62.20
N LEU B 1075 47.83 -27.62 -60.93
CA LEU B 1075 48.19 -26.58 -59.99
C LEU B 1075 49.69 -26.55 -59.75
N GLN B 1076 50.34 -27.72 -59.76
CA GLN B 1076 51.77 -27.78 -59.48
C GLN B 1076 52.58 -26.94 -60.46
N LEU B 1077 52.07 -26.74 -61.67
CA LEU B 1077 52.73 -25.91 -62.68
C LEU B 1077 52.30 -24.45 -62.58
N LEU B 1078 51.06 -24.19 -62.19
CA LEU B 1078 50.58 -22.81 -62.12
C LEU B 1078 51.32 -22.03 -61.04
N PHE B 1079 51.66 -22.69 -59.93
CA PHE B 1079 52.40 -22.06 -58.84
C PHE B 1079 53.91 -22.07 -59.05
N LYS B 1080 54.40 -22.70 -60.12
CA LYS B 1080 55.82 -22.70 -60.46
C LYS B 1080 56.16 -21.78 -61.61
N HIS B 1081 55.22 -21.49 -62.50
CA HIS B 1081 55.50 -20.63 -63.65
C HIS B 1081 55.83 -19.21 -63.21
N PHE B 1082 55.30 -18.79 -62.06
CA PHE B 1082 55.64 -17.50 -61.47
C PHE B 1082 56.75 -17.61 -60.44
N SER B 1083 56.69 -18.61 -59.56
CA SER B 1083 57.75 -18.85 -58.58
C SER B 1083 58.90 -19.58 -59.26
N GLN B 1084 59.57 -18.85 -60.17
CA GLN B 1084 60.71 -19.37 -60.93
C GLN B 1084 62.04 -18.95 -60.32
N ARG B 1085 62.16 -17.66 -59.96
CA ARG B 1085 63.38 -17.20 -59.31
C ARG B 1085 63.56 -17.83 -57.94
N GLN B 1086 62.46 -18.23 -57.29
CA GLN B 1086 62.56 -18.97 -56.04
C GLN B 1086 63.32 -20.28 -56.24
N GLU B 1087 62.80 -21.14 -57.13
CA GLU B 1087 63.44 -22.43 -57.36
C GLU B 1087 64.78 -22.28 -58.07
N ALA B 1088 64.94 -21.24 -58.88
CA ALA B 1088 66.21 -21.02 -59.56
C ALA B 1088 67.34 -20.78 -58.55
N MET B 1089 67.01 -20.13 -57.43
CA MET B 1089 68.01 -19.89 -56.38
C MET B 1089 68.14 -21.09 -55.45
N HIS B 1090 67.07 -21.86 -55.27
CA HIS B 1090 67.15 -23.07 -54.45
C HIS B 1090 68.11 -24.08 -55.08
N THR B 1091 68.11 -24.15 -56.42
CA THR B 1091 69.03 -25.05 -57.11
C THR B 1091 70.45 -24.50 -57.13
N PHE B 1092 70.59 -23.17 -57.17
CA PHE B 1092 71.92 -22.55 -57.15
C PHE B 1092 72.66 -22.82 -55.86
N LYS B 1093 71.95 -23.19 -54.79
CA LYS B 1093 72.61 -23.60 -53.55
C LYS B 1093 73.18 -25.01 -53.63
N GLN B 1094 72.53 -25.89 -54.40
CA GLN B 1094 72.87 -27.31 -54.43
C GLN B 1094 73.81 -27.68 -55.58
N VAL B 1095 74.11 -26.75 -56.48
CA VAL B 1095 75.05 -27.04 -57.56
C VAL B 1095 76.45 -27.20 -56.97
N GLN B 1096 77.24 -28.07 -57.62
CA GLN B 1096 78.61 -28.35 -57.19
C GLN B 1096 79.55 -28.22 -58.39
N LEU B 1097 80.81 -27.90 -58.08
CA LEU B 1097 81.85 -27.66 -59.09
C LEU B 1097 83.05 -28.52 -58.73
N LEU B 1098 83.27 -29.58 -59.48
CA LEU B 1098 84.36 -30.51 -59.20
C LEU B 1098 85.63 -30.02 -59.90
N ILE B 1099 86.67 -29.73 -59.11
CA ILE B 1099 87.93 -29.18 -59.60
C ILE B 1099 89.11 -30.12 -59.33
N SER B 1100 89.21 -30.62 -58.10
CA SER B 1100 90.34 -31.45 -57.72
C SER B 1100 90.34 -32.75 -58.50
N ALA B 1101 91.55 -33.22 -58.86
CA ALA B 1101 91.68 -34.45 -59.64
C ALA B 1101 91.11 -35.65 -58.90
N GLN B 1102 91.15 -35.64 -57.57
CA GLN B 1102 90.51 -36.70 -56.80
C GLN B 1102 89.01 -36.72 -57.04
N ASP B 1103 88.41 -35.54 -57.25
CA ASP B 1103 86.97 -35.47 -57.50
C ASP B 1103 86.65 -35.68 -58.97
N VAL B 1104 87.45 -35.10 -59.87
CA VAL B 1104 87.25 -35.31 -61.29
C VAL B 1104 87.44 -36.77 -61.66
N GLU B 1105 88.40 -37.43 -61.00
CA GLU B 1105 88.56 -38.88 -61.17
C GLU B 1105 87.34 -39.62 -60.63
N ASN B 1106 86.79 -39.14 -59.51
CA ASN B 1106 85.60 -39.77 -58.94
C ASN B 1106 84.39 -39.60 -59.86
N TYR B 1107 84.31 -38.48 -60.57
CA TYR B 1107 83.17 -38.25 -61.46
C TYR B 1107 83.11 -39.26 -62.59
N LYS B 1108 84.27 -39.82 -62.99
CA LYS B 1108 84.32 -40.72 -64.12
C LYS B 1108 84.13 -42.18 -63.72
N VAL B 1109 84.74 -42.61 -62.62
CA VAL B 1109 84.59 -44.00 -62.20
C VAL B 1109 83.17 -44.27 -61.73
N ILE B 1110 82.51 -43.28 -61.11
CA ILE B 1110 81.16 -43.51 -60.61
C ILE B 1110 80.19 -43.66 -61.77
N LYS B 1111 80.42 -42.93 -62.87
CA LYS B 1111 79.57 -43.06 -64.05
C LYS B 1111 79.98 -44.26 -64.90
N SER B 1112 81.29 -44.47 -65.06
CA SER B 1112 81.77 -45.57 -65.89
C SER B 1112 81.36 -46.92 -65.32
N GLU B 1113 81.20 -47.02 -64.00
CA GLU B 1113 80.85 -48.27 -63.35
C GLU B 1113 79.33 -48.44 -63.20
N LEU B 1114 78.63 -47.39 -62.77
CA LEU B 1114 77.18 -47.48 -62.62
C LEU B 1114 76.50 -47.63 -63.97
N ASP B 1115 77.11 -47.12 -65.04
CA ASP B 1115 76.55 -47.33 -66.37
C ASP B 1115 76.52 -48.82 -66.70
N ARG B 1116 77.55 -49.57 -66.31
CA ARG B 1116 77.53 -51.01 -66.47
C ARG B 1116 76.60 -51.69 -65.47
N LEU B 1117 76.45 -51.11 -64.28
CA LEU B 1117 75.59 -51.72 -63.27
C LEU B 1117 74.13 -51.70 -63.71
N ARG B 1118 73.70 -50.63 -64.37
CA ARG B 1118 72.32 -50.55 -64.85
C ARG B 1118 72.02 -51.66 -65.86
N THR B 1119 73.03 -52.10 -66.62
CA THR B 1119 72.82 -53.12 -67.63
C THR B 1119 72.69 -54.51 -67.04
N MET B 1120 73.37 -54.78 -65.92
CA MET B 1120 73.40 -56.12 -65.35
C MET B 1120 72.27 -56.38 -64.37
N VAL B 1121 71.94 -55.40 -63.52
CA VAL B 1121 70.82 -55.58 -62.59
C VAL B 1121 69.51 -55.72 -63.34
N GLU B 1122 69.41 -55.15 -64.54
CA GLU B 1122 68.18 -55.17 -65.33
C GLU B 1122 68.09 -56.40 -66.22
N LYS B 1123 69.18 -56.73 -66.90
CA LYS B 1123 69.28 -57.99 -67.66
C LYS B 1123 69.47 -59.12 -66.66
N SER B 1124 68.37 -59.44 -65.95
CA SER B 1124 68.39 -60.32 -64.80
C SER B 1124 67.48 -61.52 -64.99
N GLU B 1125 67.33 -61.98 -66.24
CA GLU B 1125 66.55 -63.16 -66.57
C GLU B 1125 67.27 -64.10 -67.53
N LEU B 1126 68.55 -63.83 -67.84
CA LEU B 1126 69.34 -64.66 -68.75
C LEU B 1126 70.55 -65.30 -68.10
N TRP B 1127 70.97 -64.84 -66.91
CA TRP B 1127 72.17 -65.36 -66.26
C TRP B 1127 72.01 -65.60 -64.75
N VAL B 1128 70.86 -65.28 -64.16
CA VAL B 1128 70.72 -65.39 -62.71
C VAL B 1128 70.42 -66.84 -62.33
N ASP B 1129 69.25 -67.33 -62.75
CA ASP B 1129 68.77 -68.67 -62.39
C ASP B 1129 67.82 -69.13 -63.48
N LYS B 1130 67.37 -70.37 -63.36
CA LYS B 1130 66.42 -70.96 -64.31
C LYS B 1130 64.98 -70.79 -63.80
N SER B 1166 77.90 -67.67 -63.10
CA SER B 1166 78.34 -66.98 -64.31
C SER B 1166 79.37 -65.91 -63.98
N GLU B 1167 79.85 -65.21 -65.00
CA GLU B 1167 80.87 -64.19 -64.82
C GLU B 1167 80.28 -62.89 -64.27
N ASN B 1168 79.00 -62.62 -64.53
CA ASN B 1168 78.39 -61.37 -64.09
C ASN B 1168 78.32 -61.26 -62.57
N TYR B 1169 78.32 -62.40 -61.85
CA TYR B 1169 78.32 -62.35 -60.39
C TYR B 1169 79.56 -61.64 -59.86
N GLN B 1170 80.72 -61.90 -60.48
CA GLN B 1170 81.96 -61.25 -60.06
C GLN B 1170 81.92 -59.75 -60.33
N ILE B 1171 81.25 -59.34 -61.41
CA ILE B 1171 81.21 -57.93 -61.76
C ILE B 1171 80.39 -57.14 -60.75
N VAL B 1172 79.30 -57.73 -60.25
CA VAL B 1172 78.48 -57.05 -59.25
C VAL B 1172 79.25 -56.90 -57.95
N LYS B 1173 80.02 -57.92 -57.55
CA LYS B 1173 80.81 -57.83 -56.34
C LYS B 1173 81.95 -56.83 -56.49
N GLY B 1174 82.50 -56.69 -57.70
CA GLY B 1174 83.59 -55.76 -57.90
C GLY B 1174 83.15 -54.31 -57.81
N ILE B 1175 81.95 -54.02 -58.33
CA ILE B 1175 81.45 -52.64 -58.28
C ILE B 1175 81.11 -52.25 -56.84
N LEU B 1176 80.35 -53.10 -56.15
CA LEU B 1176 79.94 -52.78 -54.79
C LEU B 1176 81.14 -52.76 -53.82
N GLU B 1177 82.10 -53.65 -54.02
CA GLU B 1177 83.33 -53.58 -53.24
C GLU B 1177 84.11 -52.30 -53.52
N ARG B 1178 84.01 -51.79 -54.76
CA ARG B 1178 84.67 -50.53 -55.09
C ARG B 1178 83.94 -49.34 -54.48
N LEU B 1179 82.60 -49.37 -54.48
CA LEU B 1179 81.83 -48.25 -53.98
C LEU B 1179 81.83 -48.20 -52.45
N ASN B 1180 81.92 -49.34 -51.78
CA ASN B 1180 82.01 -49.34 -50.33
C ASN B 1180 83.32 -48.70 -49.86
N LYS B 1181 84.39 -48.86 -50.64
CA LYS B 1181 85.66 -48.20 -50.34
C LYS B 1181 85.68 -46.75 -50.82
N MET B 1182 84.76 -46.36 -51.70
CA MET B 1182 84.69 -44.97 -52.16
C MET B 1182 84.41 -44.02 -51.00
N CYS B 1183 83.43 -44.36 -50.17
CA CYS B 1183 83.04 -43.47 -49.08
C CYS B 1183 84.17 -43.28 -48.08
N GLY B 1184 84.88 -44.36 -47.74
CA GLY B 1184 86.01 -44.28 -46.85
C GLY B 1184 85.65 -43.82 -45.45
N VAL B 1185 86.69 -43.53 -44.68
CA VAL B 1185 86.59 -43.10 -43.29
C VAL B 1185 86.82 -41.60 -43.23
N GLY B 1186 86.01 -40.90 -42.45
CA GLY B 1186 86.15 -39.47 -42.28
C GLY B 1186 84.86 -38.85 -41.81
N GLU B 1187 84.95 -37.55 -41.52
CA GLU B 1187 83.82 -36.75 -41.07
C GLU B 1187 83.44 -35.70 -42.10
N GLN B 1188 84.37 -34.84 -42.51
CA GLN B 1188 84.09 -33.84 -43.53
C GLN B 1188 84.17 -34.44 -44.93
N MET B 1189 85.14 -35.32 -45.16
CA MET B 1189 85.22 -36.02 -46.44
C MET B 1189 84.01 -36.92 -46.66
N ARG B 1190 83.39 -37.40 -45.57
CA ARG B 1190 82.23 -38.26 -45.68
C ARG B 1190 81.02 -37.50 -46.22
N LYS B 1191 80.80 -36.28 -45.73
CA LYS B 1191 79.65 -35.50 -46.19
C LYS B 1191 79.74 -35.19 -47.68
N LYS B 1192 80.94 -34.96 -48.19
CA LYS B 1192 81.11 -34.63 -49.60
C LYS B 1192 80.72 -35.81 -50.49
N GLN B 1193 81.16 -37.02 -50.13
CA GLN B 1193 80.94 -38.17 -50.98
C GLN B 1193 79.49 -38.66 -50.91
N GLN B 1194 78.85 -38.55 -49.75
CA GLN B 1194 77.43 -38.85 -49.66
C GLN B 1194 76.61 -37.88 -50.50
N ARG B 1195 77.07 -36.63 -50.63
CA ARG B 1195 76.37 -35.65 -51.44
C ARG B 1195 76.54 -35.93 -52.93
N LEU B 1196 77.69 -36.46 -53.33
CA LEU B 1196 77.94 -36.71 -54.75
C LEU B 1196 77.05 -37.81 -55.29
N LEU B 1197 76.78 -38.84 -54.48
CA LEU B 1197 75.92 -39.93 -54.93
C LEU B 1197 74.48 -39.45 -55.12
N LYS B 1198 74.02 -38.51 -54.31
CA LYS B 1198 72.68 -37.98 -54.47
C LYS B 1198 72.52 -37.31 -55.83
N ASN B 1199 73.54 -36.59 -56.28
CA ASN B 1199 73.44 -35.84 -57.52
C ASN B 1199 73.62 -36.73 -58.75
N MET B 1200 74.47 -37.74 -58.66
CA MET B 1200 74.63 -38.70 -59.73
C MET B 1200 73.50 -39.71 -59.81
N ASP B 1201 72.56 -39.69 -58.85
CA ASP B 1201 71.35 -40.52 -58.90
C ASP B 1201 71.70 -42.01 -58.85
N ALA B 1202 72.47 -42.39 -57.82
CA ALA B 1202 72.85 -43.77 -57.62
C ALA B 1202 71.84 -44.55 -56.78
N HIS B 1203 71.05 -43.86 -55.95
CA HIS B 1203 70.13 -44.56 -55.06
C HIS B 1203 69.02 -45.26 -55.84
N LYS B 1204 68.59 -44.70 -56.97
CA LYS B 1204 67.56 -45.34 -57.76
C LYS B 1204 68.05 -46.64 -58.38
N VAL B 1205 69.35 -46.76 -58.62
CA VAL B 1205 69.91 -47.99 -59.16
C VAL B 1205 69.98 -49.07 -58.08
N MET B 1206 70.10 -48.67 -56.81
CA MET B 1206 70.31 -49.63 -55.73
C MET B 1206 69.00 -50.21 -55.19
N LEU B 1207 67.88 -49.52 -55.38
CA LEU B 1207 66.60 -50.04 -54.89
C LEU B 1207 65.99 -51.02 -55.88
N ASP B 1208 66.18 -50.80 -57.18
CA ASP B 1208 65.74 -51.76 -58.17
C ASP B 1208 66.61 -53.02 -58.17
N LEU B 1209 67.73 -52.99 -57.47
CA LEU B 1209 68.54 -54.17 -57.19
C LEU B 1209 67.92 -55.08 -56.14
N LEU B 1210 66.78 -54.70 -55.56
CA LEU B 1210 65.99 -55.55 -54.68
C LEU B 1210 64.67 -55.98 -55.31
N GLN B 1211 64.39 -55.57 -56.55
CA GLN B 1211 63.21 -56.01 -57.29
C GLN B 1211 63.56 -57.15 -58.24
N ILE B 1212 64.46 -58.03 -57.80
CA ILE B 1212 64.93 -59.16 -58.59
C ILE B 1212 63.98 -60.32 -58.28
N PRO B 1213 63.75 -61.26 -59.21
CA PRO B 1213 62.89 -62.41 -58.85
C PRO B 1213 63.43 -63.22 -57.67
N TYR B 1214 64.75 -63.38 -57.59
CA TYR B 1214 65.41 -63.89 -56.39
C TYR B 1214 64.93 -65.30 -56.03
N ASP B 1215 65.27 -66.24 -56.92
CA ASP B 1215 65.00 -67.65 -56.66
C ASP B 1215 65.70 -68.05 -55.36
N LYS B 1216 64.90 -68.32 -54.32
CA LYS B 1216 65.45 -68.55 -53.00
C LYS B 1216 66.22 -69.87 -52.95
N GLY B 1217 67.45 -69.80 -52.46
CA GLY B 1217 68.31 -70.97 -52.37
C GLY B 1217 69.75 -70.66 -52.74
N ASP B 1218 69.94 -69.69 -53.63
CA ASP B 1218 71.29 -69.33 -54.06
C ASP B 1218 71.99 -68.53 -52.98
N ALA B 1219 73.29 -68.78 -52.83
CA ALA B 1219 74.13 -68.06 -51.89
C ALA B 1219 74.86 -66.87 -52.52
N LYS B 1220 75.19 -66.96 -53.82
CA LYS B 1220 75.85 -65.86 -54.49
C LYS B 1220 74.99 -64.59 -54.48
N MET B 1221 73.67 -64.74 -54.49
CA MET B 1221 72.80 -63.59 -54.33
C MET B 1221 72.85 -63.06 -52.92
N MET B 1222 72.94 -63.94 -51.92
CA MET B 1222 73.07 -63.48 -50.55
C MET B 1222 74.39 -62.75 -50.30
N GLU B 1223 75.41 -63.01 -51.12
CA GLU B 1223 76.66 -62.28 -51.00
C GLU B 1223 76.48 -60.81 -51.34
N ILE B 1224 75.97 -60.52 -52.54
CA ILE B 1224 75.88 -59.13 -53.00
C ILE B 1224 74.88 -58.34 -52.18
N LEU B 1225 73.83 -58.98 -51.66
CA LEU B 1225 72.79 -58.23 -50.94
C LEU B 1225 73.29 -57.67 -49.62
N ARG B 1226 74.32 -58.29 -49.03
CA ARG B 1226 74.94 -57.72 -47.84
C ARG B 1226 75.67 -56.43 -48.17
N TYR B 1227 76.34 -56.38 -49.32
CA TYR B 1227 77.00 -55.16 -49.75
C TYR B 1227 76.01 -54.04 -50.05
N THR B 1228 74.82 -54.40 -50.54
CA THR B 1228 73.78 -53.40 -50.77
C THR B 1228 73.33 -52.78 -49.47
N HIS B 1229 72.88 -53.61 -48.53
CA HIS B 1229 72.49 -53.13 -47.21
C HIS B 1229 73.66 -52.61 -46.39
N GLN B 1230 74.90 -52.91 -46.81
CA GLN B 1230 76.06 -52.27 -46.21
C GLN B 1230 76.34 -50.90 -46.82
N PHE B 1231 76.00 -50.72 -48.11
CA PHE B 1231 76.32 -49.48 -48.79
C PHE B 1231 75.27 -48.40 -48.49
N LEU B 1232 73.99 -48.77 -48.46
CA LEU B 1232 72.95 -47.78 -48.20
C LEU B 1232 73.08 -47.17 -46.81
N GLN B 1233 73.64 -47.93 -45.86
CA GLN B 1233 73.93 -47.37 -44.54
C GLN B 1233 74.96 -46.26 -44.64
N LYS B 1234 75.93 -46.40 -45.54
CA LYS B 1234 76.92 -45.35 -45.79
C LYS B 1234 76.33 -44.17 -46.54
N PHE B 1235 75.09 -44.26 -47.02
CA PHE B 1235 74.46 -43.22 -47.82
C PHE B 1235 73.58 -42.28 -47.00
N CYS B 1236 73.05 -42.72 -45.86
CA CYS B 1236 72.05 -41.96 -45.10
C CYS B 1236 72.35 -42.00 -43.61
N ALA B 1237 73.64 -41.99 -43.25
CA ALA B 1237 74.01 -42.05 -41.83
C ALA B 1237 73.92 -40.69 -41.17
N GLY B 1238 74.73 -39.73 -41.63
CA GLY B 1238 74.80 -38.40 -41.05
C GLY B 1238 74.37 -37.32 -42.02
N ASN B 1239 73.37 -37.63 -42.85
CA ASN B 1239 72.83 -36.68 -43.81
C ASN B 1239 71.32 -36.90 -43.88
N PRO B 1240 70.55 -36.18 -43.06
CA PRO B 1240 69.08 -36.33 -43.12
C PRO B 1240 68.49 -35.99 -44.48
N GLY B 1241 69.19 -35.22 -45.31
CA GLY B 1241 68.70 -34.96 -46.66
C GLY B 1241 68.55 -36.23 -47.47
N ASN B 1242 69.47 -37.18 -47.28
CA ASN B 1242 69.36 -38.48 -47.93
C ASN B 1242 68.34 -39.38 -47.24
N GLN B 1243 68.13 -39.19 -45.94
CA GLN B 1243 67.20 -40.04 -45.21
C GLN B 1243 65.77 -39.86 -45.70
N ALA B 1244 65.41 -38.68 -46.18
CA ALA B 1244 64.06 -38.45 -46.67
C ALA B 1244 63.79 -39.20 -47.97
N LEU B 1245 64.82 -39.42 -48.78
CA LEU B 1245 64.63 -40.08 -50.07
C LEU B 1245 64.28 -41.56 -49.89
N LEU B 1246 65.08 -42.27 -49.09
CA LEU B 1246 64.84 -43.70 -48.89
C LEU B 1246 63.55 -43.94 -48.12
N HIS B 1247 63.10 -42.96 -47.31
CA HIS B 1247 61.84 -43.13 -46.59
C HIS B 1247 60.65 -43.19 -47.55
N LYS B 1248 60.75 -42.54 -48.71
CA LYS B 1248 59.67 -42.61 -49.68
C LYS B 1248 59.59 -43.97 -50.35
N HIS B 1249 60.71 -44.70 -50.40
CA HIS B 1249 60.77 -46.05 -50.95
C HIS B 1249 60.75 -47.11 -49.86
N LEU B 1250 59.97 -46.86 -48.81
CA LEU B 1250 59.87 -47.77 -47.67
C LEU B 1250 59.12 -49.06 -47.98
N HIS B 1251 58.52 -49.19 -49.17
CA HIS B 1251 57.59 -50.27 -49.46
C HIS B 1251 58.26 -51.62 -49.69
N LEU B 1252 59.58 -51.75 -49.48
CA LEU B 1252 60.23 -53.06 -49.51
C LEU B 1252 61.27 -53.27 -48.41
N PHE B 1253 61.47 -52.30 -47.52
CA PHE B 1253 62.39 -52.47 -46.40
C PHE B 1253 61.77 -53.21 -45.21
N LEU B 1254 60.50 -53.58 -45.28
CA LEU B 1254 59.80 -54.26 -44.19
C LEU B 1254 59.65 -55.75 -44.41
N THR B 1255 60.37 -56.33 -45.38
CA THR B 1255 60.17 -57.73 -45.68
C THR B 1255 60.76 -58.61 -44.59
N PRO B 1256 60.25 -59.84 -44.40
CA PRO B 1256 60.90 -60.76 -43.46
C PRO B 1256 62.31 -61.10 -43.90
N GLY B 1257 63.28 -60.78 -43.04
CA GLY B 1257 64.68 -61.06 -43.31
C GLY B 1257 65.60 -60.39 -42.31
N LEU B 1258 66.80 -60.96 -42.15
CA LEU B 1258 67.69 -60.51 -41.08
C LEU B 1258 68.29 -59.14 -41.37
N LEU B 1259 68.49 -58.80 -42.65
CA LEU B 1259 69.25 -57.62 -43.03
C LEU B 1259 68.39 -56.39 -43.33
N GLU B 1260 67.11 -56.58 -43.65
CA GLU B 1260 66.27 -55.43 -43.99
C GLU B 1260 66.03 -54.55 -42.77
N ALA B 1261 65.74 -55.16 -41.62
CA ALA B 1261 65.61 -54.40 -40.39
C ALA B 1261 66.94 -53.78 -39.98
N GLU B 1262 68.05 -54.42 -40.34
CA GLU B 1262 69.36 -53.84 -40.07
C GLU B 1262 69.56 -52.57 -40.88
N THR B 1263 68.97 -52.50 -42.07
CA THR B 1263 69.01 -51.26 -42.86
C THR B 1263 68.15 -50.18 -42.21
N MET B 1264 67.05 -50.57 -41.57
CA MET B 1264 66.18 -49.61 -40.90
C MET B 1264 66.83 -48.96 -39.69
N GLN B 1265 67.90 -49.56 -39.16
CA GLN B 1265 68.56 -49.01 -37.98
C GLN B 1265 69.13 -47.62 -38.26
N HIS B 1266 69.67 -47.41 -39.46
CA HIS B 1266 70.41 -46.20 -39.79
C HIS B 1266 69.57 -45.15 -40.52
N ILE B 1267 68.38 -45.51 -41.00
CA ILE B 1267 67.53 -44.52 -41.67
C ILE B 1267 67.01 -43.50 -40.66
N PHE B 1268 66.41 -43.98 -39.57
CA PHE B 1268 65.85 -43.12 -38.53
C PHE B 1268 66.86 -42.78 -37.45
N LEU B 1269 68.15 -42.96 -37.70
CA LEU B 1269 69.18 -42.73 -36.69
C LEU B 1269 69.38 -41.22 -36.53
N ASN B 1270 69.02 -40.70 -35.36
CA ASN B 1270 69.20 -39.28 -35.02
C ASN B 1270 68.47 -38.38 -36.03
N ASN B 1271 67.15 -38.52 -36.06
CA ASN B 1271 66.30 -37.67 -36.89
C ASN B 1271 64.98 -37.46 -36.15
N TYR B 1272 64.89 -36.34 -35.43
CA TYR B 1272 63.68 -36.01 -34.70
C TYR B 1272 62.49 -35.76 -35.63
N GLN B 1273 62.75 -35.41 -36.89
CA GLN B 1273 61.66 -35.14 -37.84
C GLN B 1273 60.88 -36.41 -38.13
N LEU B 1274 61.54 -37.43 -38.70
CA LEU B 1274 60.82 -38.61 -39.15
C LEU B 1274 60.33 -39.45 -37.98
N CYS B 1275 61.07 -39.46 -36.87
CA CYS B 1275 60.67 -40.27 -35.73
C CYS B 1275 59.37 -39.77 -35.12
N SER B 1276 59.05 -38.49 -35.29
CA SER B 1276 57.83 -37.92 -34.74
C SER B 1276 56.61 -38.16 -35.63
N GLU B 1277 56.77 -38.79 -36.80
CA GLU B 1277 55.67 -38.98 -37.73
C GLU B 1277 55.71 -40.39 -38.32
N ILE B 1278 55.93 -41.40 -37.46
CA ILE B 1278 55.95 -42.79 -37.89
C ILE B 1278 54.53 -43.29 -38.06
N SER B 1279 54.30 -44.08 -39.10
CA SER B 1279 52.98 -44.63 -39.36
C SER B 1279 52.71 -45.82 -38.45
N GLU B 1280 51.49 -46.34 -38.52
CA GLU B 1280 51.03 -47.39 -37.61
C GLU B 1280 51.52 -48.78 -38.01
N PRO B 1281 51.48 -49.18 -39.30
CA PRO B 1281 51.91 -50.57 -39.61
C PRO B 1281 53.39 -50.84 -39.38
N VAL B 1282 54.22 -49.81 -39.27
CA VAL B 1282 55.66 -50.03 -39.10
C VAL B 1282 55.93 -50.71 -37.76
N LEU B 1283 55.46 -50.11 -36.67
CA LEU B 1283 55.69 -50.68 -35.34
C LEU B 1283 54.97 -52.01 -35.19
N GLN B 1284 53.74 -52.10 -35.69
CA GLN B 1284 52.96 -53.33 -35.53
C GLN B 1284 53.56 -54.50 -36.31
N HIS B 1285 54.28 -54.22 -37.41
CA HIS B 1285 54.81 -55.30 -38.23
C HIS B 1285 55.97 -55.99 -37.53
N PHE B 1286 56.91 -55.21 -36.99
CA PHE B 1286 58.05 -55.82 -36.28
C PHE B 1286 57.59 -56.56 -35.04
N VAL B 1287 56.55 -56.06 -34.37
CA VAL B 1287 55.98 -56.79 -33.24
C VAL B 1287 55.24 -58.02 -33.74
N HIS B 1288 54.44 -57.87 -34.80
CA HIS B 1288 53.80 -59.03 -35.42
C HIS B 1288 54.84 -59.98 -35.97
N LEU B 1289 55.98 -59.47 -36.45
CA LEU B 1289 57.08 -60.32 -36.85
C LEU B 1289 57.71 -60.99 -35.63
N LEU B 1290 57.96 -60.20 -34.57
CA LEU B 1290 58.59 -60.73 -33.37
C LEU B 1290 57.73 -61.80 -32.72
N ALA B 1291 56.40 -61.66 -32.81
CA ALA B 1291 55.51 -62.72 -32.37
C ALA B 1291 55.44 -63.86 -33.38
N THR B 1292 55.68 -63.57 -34.65
CA THR B 1292 55.68 -64.61 -35.67
C THR B 1292 56.92 -65.50 -35.56
N HIS B 1293 58.10 -64.90 -35.72
CA HIS B 1293 59.35 -65.64 -35.67
C HIS B 1293 59.91 -65.71 -34.25
N GLY B 1294 60.17 -64.55 -33.65
CA GLY B 1294 60.74 -64.52 -32.32
C GLY B 1294 62.10 -65.17 -32.22
N ARG B 1295 62.87 -65.16 -33.31
CA ARG B 1295 64.18 -65.79 -33.36
C ARG B 1295 65.31 -64.81 -33.10
N HIS B 1296 65.37 -63.73 -33.88
CA HIS B 1296 66.50 -62.82 -33.91
C HIS B 1296 66.23 -61.57 -33.07
N VAL B 1297 67.31 -60.83 -32.80
CA VAL B 1297 67.25 -59.66 -31.94
C VAL B 1297 67.32 -58.35 -32.73
N GLN B 1298 67.78 -58.37 -33.98
CA GLN B 1298 68.04 -57.14 -34.71
C GLN B 1298 66.75 -56.38 -35.05
N TYR B 1299 65.61 -57.07 -35.10
CA TYR B 1299 64.34 -56.36 -35.24
C TYR B 1299 64.05 -55.50 -34.02
N LEU B 1300 64.48 -55.94 -32.84
CA LEU B 1300 64.28 -55.19 -31.61
C LEU B 1300 65.21 -53.99 -31.50
N ASP B 1301 66.35 -54.02 -32.21
CA ASP B 1301 67.26 -52.88 -32.18
C ASP B 1301 66.61 -51.63 -32.76
N PHE B 1302 65.67 -51.79 -33.69
CA PHE B 1302 65.03 -50.63 -34.30
C PHE B 1302 64.24 -49.83 -33.27
N LEU B 1303 63.61 -50.51 -32.30
CA LEU B 1303 62.85 -49.81 -31.29
C LEU B 1303 63.74 -49.09 -30.28
N HIS B 1304 65.02 -49.50 -30.16
CA HIS B 1304 65.96 -48.81 -29.29
C HIS B 1304 66.48 -47.51 -29.90
N THR B 1305 66.46 -47.40 -31.23
CA THR B 1305 66.99 -46.22 -31.92
C THR B 1305 65.94 -45.15 -32.14
N VAL B 1306 64.75 -45.55 -32.61
CA VAL B 1306 63.69 -44.57 -32.88
C VAL B 1306 63.25 -43.89 -31.59
N ILE B 1307 63.30 -44.60 -30.46
CA ILE B 1307 62.86 -44.01 -29.20
C ILE B 1307 63.81 -42.92 -28.75
N LYS B 1308 65.09 -43.02 -29.10
CA LYS B 1308 66.10 -42.02 -28.75
C LYS B 1308 66.35 -41.13 -29.96
N ALA B 1309 65.87 -39.90 -29.90
CA ALA B 1309 66.13 -38.92 -30.95
C ALA B 1309 67.51 -38.32 -30.73
N GLU B 1310 67.81 -37.24 -31.44
CA GLU B 1310 69.10 -36.56 -31.28
C GLU B 1310 69.28 -36.05 -29.85
N GLY B 1311 68.27 -35.36 -29.33
CA GLY B 1311 68.31 -34.82 -27.98
C GLY B 1311 66.96 -34.78 -27.30
N LYS B 1312 66.04 -35.65 -27.74
CA LYS B 1312 64.69 -35.69 -27.18
C LYS B 1312 64.21 -37.13 -27.18
N TYR B 1313 63.12 -37.36 -26.45
CA TYR B 1313 62.39 -38.61 -26.45
C TYR B 1313 60.98 -38.34 -26.92
N VAL B 1314 60.52 -39.12 -27.89
CA VAL B 1314 59.27 -38.87 -28.62
C VAL B 1314 58.17 -39.70 -27.96
N LYS B 1315 57.21 -39.01 -27.32
CA LYS B 1315 56.10 -39.69 -26.66
C LYS B 1315 55.20 -40.43 -27.64
N LYS B 1316 55.22 -40.06 -28.93
CA LYS B 1316 54.38 -40.75 -29.90
C LYS B 1316 54.70 -42.24 -29.98
N CYS B 1317 55.96 -42.61 -29.69
CA CYS B 1317 56.38 -44.01 -29.69
C CYS B 1317 56.69 -44.57 -28.31
N GLN B 1318 56.72 -43.73 -27.27
CA GLN B 1318 56.84 -44.27 -25.92
C GLN B 1318 55.67 -45.19 -25.59
N ASP B 1319 54.46 -44.74 -25.90
CA ASP B 1319 53.26 -45.46 -25.49
C ASP B 1319 53.00 -46.66 -26.41
N MET B 1320 53.07 -46.44 -27.72
CA MET B 1320 52.65 -47.45 -28.67
C MET B 1320 53.52 -48.70 -28.61
N ILE B 1321 54.78 -48.57 -28.21
CA ILE B 1321 55.63 -49.75 -28.05
C ILE B 1321 55.15 -50.58 -26.86
N MET B 1322 54.70 -49.92 -25.80
CA MET B 1322 54.24 -50.65 -24.62
C MET B 1322 52.90 -51.33 -24.87
N THR B 1323 52.02 -50.69 -25.64
CA THR B 1323 50.71 -51.27 -25.93
C THR B 1323 50.85 -52.55 -26.74
N GLU B 1324 51.73 -52.54 -27.73
CA GLU B 1324 51.92 -53.71 -28.59
C GLU B 1324 52.73 -54.81 -27.94
N LEU B 1325 53.43 -54.53 -26.84
CA LEU B 1325 54.21 -55.52 -26.11
C LEU B 1325 53.54 -56.01 -24.82
N THR B 1326 52.63 -55.22 -24.25
CA THR B 1326 51.98 -55.62 -23.00
C THR B 1326 51.11 -56.85 -23.21
N ASN B 1327 50.35 -56.89 -24.30
CA ASN B 1327 49.42 -57.96 -24.61
C ASN B 1327 49.87 -58.76 -25.84
N ALA B 1328 51.18 -58.93 -25.98
CA ALA B 1328 51.72 -59.62 -27.15
C ALA B 1328 51.65 -61.13 -26.98
N GLY B 1329 52.33 -61.66 -25.97
CA GLY B 1329 52.33 -63.10 -25.73
C GLY B 1329 53.47 -63.48 -24.82
N ASP B 1330 54.01 -64.69 -25.07
CA ASP B 1330 55.10 -65.25 -24.27
C ASP B 1330 56.45 -65.10 -24.96
N ASP B 1331 56.52 -65.42 -26.25
CA ASP B 1331 57.78 -65.32 -26.98
C ASP B 1331 58.26 -63.87 -27.07
N VAL B 1332 57.32 -62.91 -27.07
CA VAL B 1332 57.69 -61.51 -27.20
C VAL B 1332 58.32 -60.99 -25.91
N VAL B 1333 57.76 -61.37 -24.76
CA VAL B 1333 58.25 -60.94 -23.45
C VAL B 1333 58.90 -62.17 -22.80
N VAL B 1334 60.23 -62.20 -22.81
CA VAL B 1334 61.00 -63.34 -22.31
C VAL B 1334 61.63 -62.88 -20.99
N PHE B 1335 60.93 -63.15 -19.90
CA PHE B 1335 61.43 -62.94 -18.53
C PHE B 1335 61.55 -64.28 -17.83
N TYR B 1336 62.25 -64.25 -16.69
CA TYR B 1336 62.50 -65.47 -15.91
C TYR B 1336 62.48 -65.07 -14.43
N ASN B 1337 61.33 -65.26 -13.78
CA ASN B 1337 61.13 -64.90 -12.38
C ASN B 1337 60.88 -66.10 -11.47
N ASP B 1338 60.07 -67.07 -11.89
CA ASP B 1338 59.82 -68.25 -11.08
C ASP B 1338 61.10 -69.06 -10.91
N LYS B 1339 61.03 -70.06 -10.02
CA LYS B 1339 62.20 -70.88 -9.71
C LYS B 1339 62.62 -71.71 -10.92
N ALA B 1340 61.66 -72.40 -11.55
CA ALA B 1340 61.96 -73.16 -12.75
C ALA B 1340 62.44 -72.25 -13.88
N SER B 1341 61.81 -71.08 -14.03
CA SER B 1341 62.24 -70.14 -15.06
C SER B 1341 63.60 -69.54 -14.72
N LEU B 1342 63.83 -69.22 -13.44
CA LEU B 1342 65.15 -68.75 -13.02
C LEU B 1342 66.22 -69.80 -13.28
N ALA B 1343 65.87 -71.07 -13.08
CA ALA B 1343 66.85 -72.14 -13.26
C ALA B 1343 67.30 -72.24 -14.71
N HIS B 1344 66.43 -71.88 -15.66
CA HIS B 1344 66.83 -71.91 -17.06
C HIS B 1344 67.76 -70.74 -17.40
N LEU B 1345 67.50 -69.57 -16.84
CA LEU B 1345 68.34 -68.40 -17.13
C LEU B 1345 69.65 -68.44 -16.37
N LEU B 1346 69.62 -68.93 -15.12
CA LEU B 1346 70.86 -69.01 -14.35
C LEU B 1346 71.83 -70.00 -14.97
N ASP B 1347 71.33 -71.12 -15.49
CA ASP B 1347 72.18 -72.05 -16.22
C ASP B 1347 72.75 -71.41 -17.48
N MET B 1348 72.03 -70.43 -18.06
CA MET B 1348 72.54 -69.70 -19.22
C MET B 1348 73.61 -68.70 -18.83
N MET B 1349 73.51 -68.11 -17.64
CA MET B 1349 74.54 -67.18 -17.18
C MET B 1349 75.87 -67.89 -16.95
N LYS B 1350 75.83 -69.16 -16.52
CA LYS B 1350 77.06 -69.89 -16.25
C LYS B 1350 77.85 -70.11 -17.53
N ALA B 1351 77.21 -70.64 -18.57
CA ALA B 1351 77.89 -70.89 -19.83
C ALA B 1351 78.30 -69.60 -20.54
N ALA B 1352 77.63 -68.49 -20.25
CA ALA B 1352 77.90 -67.19 -20.87
C ALA B 1352 78.74 -66.30 -19.97
N ARG B 1353 79.69 -66.89 -19.23
CA ARG B 1353 80.51 -66.12 -18.30
C ARG B 1353 81.30 -65.04 -19.02
N ASP B 1354 81.87 -65.36 -20.18
CA ASP B 1354 82.67 -64.44 -20.96
C ASP B 1354 82.36 -64.61 -22.44
N GLY B 1355 82.48 -63.52 -23.18
CA GLY B 1355 82.27 -63.56 -24.62
C GLY B 1355 80.84 -63.85 -25.01
N VAL B 1356 79.94 -62.91 -24.72
CA VAL B 1356 78.53 -63.08 -25.08
C VAL B 1356 78.38 -63.09 -26.59
N GLU B 1357 77.50 -63.95 -27.09
CA GLU B 1357 77.25 -64.05 -28.52
C GLU B 1357 76.24 -63.00 -28.96
N ASP B 1358 76.28 -62.66 -30.25
CA ASP B 1358 75.32 -61.71 -30.81
C ASP B 1358 73.96 -62.37 -31.02
N HIS B 1359 73.93 -63.46 -31.79
CA HIS B 1359 72.70 -64.21 -32.03
C HIS B 1359 72.57 -65.25 -30.93
N SER B 1360 71.84 -64.91 -29.87
CA SER B 1360 71.66 -65.80 -28.73
C SER B 1360 70.47 -65.30 -27.92
N PRO B 1361 69.81 -66.19 -27.16
CA PRO B 1361 68.69 -65.73 -26.34
C PRO B 1361 69.10 -64.81 -25.20
N LEU B 1362 70.35 -64.87 -24.74
CA LEU B 1362 70.80 -63.97 -23.69
C LEU B 1362 70.83 -62.53 -24.18
N MET B 1363 71.36 -62.31 -25.39
CA MET B 1363 71.37 -60.97 -25.96
C MET B 1363 69.97 -60.45 -26.18
N TYR B 1364 69.01 -61.35 -26.44
CA TYR B 1364 67.62 -60.92 -26.59
C TYR B 1364 67.08 -60.34 -25.29
N HIS B 1365 67.45 -60.93 -24.15
CA HIS B 1365 66.95 -60.46 -22.86
C HIS B 1365 67.65 -59.19 -22.40
N ILE B 1366 68.92 -59.02 -22.75
CA ILE B 1366 69.64 -57.81 -22.33
C ILE B 1366 69.02 -56.58 -23.00
N SER B 1367 68.87 -56.63 -24.32
CA SER B 1367 68.34 -55.48 -25.05
C SER B 1367 66.85 -55.28 -24.77
N LEU B 1368 66.12 -56.35 -24.44
CA LEU B 1368 64.70 -56.22 -24.13
C LEU B 1368 64.50 -55.40 -22.87
N VAL B 1369 65.28 -55.69 -21.82
CA VAL B 1369 65.22 -54.89 -20.60
C VAL B 1369 65.72 -53.48 -20.87
N ASP B 1370 66.66 -53.33 -21.82
CA ASP B 1370 67.16 -52.00 -22.16
C ASP B 1370 66.08 -51.14 -22.79
N LEU B 1371 65.24 -51.74 -23.64
CA LEU B 1371 64.15 -50.99 -24.26
C LEU B 1371 63.13 -50.54 -23.22
N LEU B 1372 62.62 -51.48 -22.43
CA LEU B 1372 61.66 -51.13 -21.39
C LEU B 1372 62.27 -50.17 -20.37
N ALA B 1373 63.58 -50.27 -20.14
CA ALA B 1373 64.26 -49.33 -19.24
C ALA B 1373 64.49 -47.99 -19.92
N ALA B 1374 64.68 -47.99 -21.25
CA ALA B 1374 64.96 -46.75 -21.97
C ALA B 1374 63.69 -45.97 -22.30
N CYS B 1375 62.55 -46.65 -22.44
CA CYS B 1375 61.33 -45.98 -22.83
C CYS B 1375 60.77 -45.14 -21.68
N ALA B 1376 60.73 -45.71 -20.47
CA ALA B 1376 60.12 -45.06 -19.32
C ALA B 1376 61.11 -44.24 -18.51
N GLU B 1377 62.16 -43.72 -19.14
CA GLU B 1377 63.14 -42.90 -18.41
C GLU B 1377 62.51 -41.58 -17.95
N GLY B 1378 61.77 -40.92 -18.83
CA GLY B 1378 61.12 -39.68 -18.48
C GLY B 1378 59.90 -39.89 -17.61
N LYS B 1379 59.30 -38.77 -17.20
CA LYS B 1379 58.12 -38.79 -16.35
C LYS B 1379 56.90 -39.04 -17.24
N ASN B 1380 56.50 -40.32 -17.31
CA ASN B 1380 55.35 -40.75 -18.10
C ASN B 1380 54.60 -41.78 -17.27
N VAL B 1381 53.53 -41.35 -16.61
CA VAL B 1381 52.78 -42.24 -15.71
C VAL B 1381 52.14 -43.37 -16.49
N TYR B 1382 51.87 -43.17 -17.79
CA TYR B 1382 51.21 -44.19 -18.58
C TYR B 1382 52.10 -45.43 -18.72
N THR B 1383 53.30 -45.25 -19.26
CA THR B 1383 54.19 -46.40 -19.48
C THR B 1383 54.73 -46.95 -18.17
N GLU B 1384 54.84 -46.12 -17.12
CA GLU B 1384 55.48 -46.55 -15.88
C GLU B 1384 54.58 -47.45 -15.04
N ILE B 1385 53.27 -47.22 -15.05
CA ILE B 1385 52.35 -48.15 -14.37
C ILE B 1385 52.47 -49.53 -15.02
N LYS B 1386 52.67 -49.58 -16.34
CA LYS B 1386 52.84 -50.85 -17.02
C LYS B 1386 54.15 -51.53 -16.62
N CYS B 1387 55.26 -50.80 -16.72
CA CYS B 1387 56.59 -51.39 -16.51
C CYS B 1387 56.72 -52.03 -15.12
N THR B 1388 56.04 -51.47 -14.12
CA THR B 1388 56.01 -52.12 -12.82
C THR B 1388 55.28 -53.45 -12.88
N SER B 1389 54.32 -53.60 -13.80
CA SER B 1389 53.58 -54.85 -13.93
C SER B 1389 54.31 -55.86 -14.81
N LEU B 1390 55.11 -55.39 -15.78
CA LEU B 1390 55.85 -56.31 -16.64
C LEU B 1390 56.90 -57.08 -15.85
N LEU B 1391 57.52 -56.43 -14.86
CA LEU B 1391 58.58 -57.03 -14.07
C LEU B 1391 58.58 -56.44 -12.66
N PRO B 1392 58.31 -57.22 -11.59
CA PRO B 1392 58.32 -56.63 -10.24
C PRO B 1392 59.73 -56.33 -9.74
N LEU B 1393 59.83 -55.77 -8.53
CA LEU B 1393 61.12 -55.38 -7.98
C LEU B 1393 61.80 -56.54 -7.28
N GLU B 1394 61.05 -57.35 -6.53
CA GLU B 1394 61.66 -58.36 -5.66
C GLU B 1394 62.35 -59.45 -6.47
N ASP B 1395 61.88 -59.72 -7.70
CA ASP B 1395 62.50 -60.76 -8.51
C ASP B 1395 63.84 -60.28 -9.08
N VAL B 1396 64.02 -58.97 -9.24
CA VAL B 1396 65.27 -58.45 -9.77
C VAL B 1396 66.38 -58.51 -8.72
N VAL B 1397 66.04 -58.27 -7.45
CA VAL B 1397 67.05 -58.26 -6.40
C VAL B 1397 67.65 -59.64 -6.19
N SER B 1398 66.86 -60.70 -6.40
CA SER B 1398 67.38 -62.06 -6.22
C SER B 1398 68.46 -62.39 -7.23
N VAL B 1399 68.41 -61.78 -8.41
CA VAL B 1399 69.41 -62.05 -9.45
C VAL B 1399 70.71 -61.31 -9.13
N VAL B 1400 70.61 -60.06 -8.66
CA VAL B 1400 71.81 -59.26 -8.42
C VAL B 1400 72.60 -59.79 -7.24
N THR B 1401 71.92 -60.36 -6.24
CA THR B 1401 72.56 -60.78 -4.99
C THR B 1401 73.06 -62.23 -5.11
N HIS B 1402 73.92 -62.44 -6.11
CA HIS B 1402 74.59 -63.73 -6.32
C HIS B 1402 76.08 -63.55 -6.49
N GLU B 1403 76.51 -62.41 -7.06
CA GLU B 1403 77.91 -62.12 -7.32
C GLU B 1403 78.55 -63.16 -8.24
N ASP B 1404 77.73 -63.74 -9.14
CA ASP B 1404 78.20 -64.65 -10.16
C ASP B 1404 77.64 -64.32 -11.54
N CYS B 1405 76.87 -63.24 -11.68
CA CYS B 1405 76.27 -62.88 -12.95
C CYS B 1405 77.29 -62.18 -13.84
N ILE B 1406 76.85 -61.82 -15.04
CA ILE B 1406 77.71 -61.16 -16.04
C ILE B 1406 77.67 -59.66 -15.78
N THR B 1407 78.80 -59.00 -16.05
CA THR B 1407 78.92 -57.58 -15.77
C THR B 1407 77.96 -56.76 -16.63
N GLU B 1408 77.83 -57.12 -17.91
CA GLU B 1408 76.92 -56.41 -18.80
C GLU B 1408 75.48 -56.55 -18.34
N VAL B 1409 75.10 -57.73 -17.83
CA VAL B 1409 73.74 -57.93 -17.36
C VAL B 1409 73.44 -57.05 -16.15
N LYS B 1410 74.45 -56.78 -15.32
CA LYS B 1410 74.25 -55.92 -14.16
C LYS B 1410 73.91 -54.49 -14.58
N MET B 1411 74.33 -54.07 -15.77
CA MET B 1411 74.02 -52.72 -16.24
C MET B 1411 72.52 -52.55 -16.42
N ALA B 1412 71.89 -53.43 -17.20
CA ALA B 1412 70.51 -53.20 -17.65
C ALA B 1412 69.54 -53.22 -16.48
N TYR B 1413 69.71 -54.15 -15.55
CA TYR B 1413 68.81 -54.22 -14.40
C TYR B 1413 68.95 -52.98 -13.52
N VAL B 1414 70.18 -52.51 -13.30
CA VAL B 1414 70.37 -51.24 -12.62
C VAL B 1414 69.84 -50.09 -13.47
N ASN B 1415 70.01 -50.19 -14.80
CA ASN B 1415 69.42 -49.23 -15.71
C ASN B 1415 67.90 -49.27 -15.63
N PHE B 1416 67.32 -50.44 -15.34
CA PHE B 1416 65.86 -50.55 -15.24
C PHE B 1416 65.34 -49.99 -13.93
N VAL B 1417 65.99 -50.33 -12.81
CA VAL B 1417 65.49 -49.89 -11.51
C VAL B 1417 65.75 -48.40 -11.30
N ASN B 1418 66.84 -47.87 -11.85
CA ASN B 1418 67.14 -46.45 -11.71
C ASN B 1418 66.10 -45.59 -12.41
N HIS B 1419 65.64 -46.02 -13.58
CA HIS B 1419 64.84 -45.19 -14.47
C HIS B 1419 63.37 -45.57 -14.53
N CYS B 1420 62.94 -46.60 -13.79
CA CYS B 1420 61.55 -47.02 -13.76
C CYS B 1420 60.92 -46.86 -12.39
N TYR B 1421 61.50 -47.44 -11.34
CA TYR B 1421 60.87 -47.44 -10.02
C TYR B 1421 61.15 -46.15 -9.26
N VAL B 1422 62.29 -45.50 -9.51
CA VAL B 1422 62.59 -44.23 -8.84
C VAL B 1422 61.59 -43.18 -9.29
N ASP B 1423 61.42 -43.01 -10.60
CA ASP B 1423 60.47 -42.06 -11.16
C ASP B 1423 59.07 -42.65 -11.14
N ALA B 1460 60.56 -51.45 0.49
CA ALA B 1460 61.31 -50.23 0.74
C ALA B 1460 62.77 -50.56 1.05
N ASP B 1461 62.97 -51.50 1.97
CA ASP B 1461 64.32 -51.89 2.36
C ASP B 1461 65.04 -52.67 1.28
N PRO B 1462 64.30 -53.30 0.35
CA PRO B 1462 64.93 -54.08 -0.70
C PRO B 1462 65.73 -53.23 -1.67
N THR B 1463 65.42 -51.93 -1.78
CA THR B 1463 66.16 -51.06 -2.68
C THR B 1463 67.60 -50.87 -2.22
N LEU B 1464 67.83 -50.88 -0.90
CA LEU B 1464 69.18 -50.76 -0.37
C LEU B 1464 69.97 -52.06 -0.47
N GLU B 1465 69.29 -53.20 -0.62
CA GLU B 1465 70.01 -54.47 -0.77
C GLU B 1465 70.87 -54.48 -2.03
N LYS B 1466 70.36 -53.91 -3.12
CA LYS B 1466 71.16 -53.81 -4.33
C LYS B 1466 72.34 -52.86 -4.13
N TYR B 1467 72.14 -51.81 -3.35
CA TYR B 1467 73.23 -50.89 -3.05
C TYR B 1467 74.31 -51.56 -2.20
N VAL B 1468 73.93 -52.55 -1.39
CA VAL B 1468 74.92 -53.27 -0.58
C VAL B 1468 75.89 -54.03 -1.46
N LEU B 1469 75.37 -54.86 -2.38
CA LEU B 1469 76.24 -55.59 -3.29
C LEU B 1469 76.97 -54.65 -4.24
N SER B 1470 76.37 -53.50 -4.56
CA SER B 1470 77.05 -52.52 -5.40
C SER B 1470 78.28 -51.95 -4.73
N VAL B 1471 78.25 -51.81 -3.40
CA VAL B 1471 79.42 -51.34 -2.67
C VAL B 1471 80.56 -52.35 -2.74
N VAL B 1472 80.25 -53.62 -2.47
CA VAL B 1472 81.27 -54.66 -2.59
C VAL B 1472 81.71 -54.84 -4.04
N LEU B 1473 80.76 -54.74 -4.97
CA LEU B 1473 81.11 -54.86 -6.39
C LEU B 1473 82.00 -53.71 -6.84
N ASP B 1474 81.82 -52.52 -6.26
CA ASP B 1474 82.67 -51.38 -6.62
C ASP B 1474 84.10 -51.62 -6.21
N THR B 1475 84.33 -52.32 -5.09
CA THR B 1475 85.69 -52.62 -4.64
C THR B 1475 86.33 -53.72 -5.46
N ILE B 1476 85.54 -54.55 -6.15
CA ILE B 1476 86.10 -55.62 -6.96
C ILE B 1476 86.96 -55.07 -8.08
N ASN B 1477 86.51 -54.00 -8.74
CA ASN B 1477 87.30 -53.37 -9.79
C ASN B 1477 88.41 -52.50 -9.23
N ALA B 1478 88.20 -51.89 -8.06
CA ALA B 1478 89.24 -51.08 -7.43
C ALA B 1478 90.44 -51.93 -7.03
N PHE B 1479 90.22 -53.21 -6.74
CA PHE B 1479 91.34 -54.10 -6.38
C PHE B 1479 92.28 -54.32 -7.55
N PHE B 1480 91.76 -54.31 -8.78
CA PHE B 1480 92.58 -54.51 -9.97
C PHE B 1480 93.43 -53.26 -10.24
N TRP B 1513 88.57 -57.21 -20.22
CA TRP B 1513 87.76 -57.92 -19.22
C TRP B 1513 87.41 -56.98 -18.06
N LEU B 1514 88.44 -56.47 -17.40
CA LEU B 1514 88.21 -55.56 -16.27
C LEU B 1514 87.60 -54.24 -16.71
N GLN B 1515 87.85 -53.83 -17.95
CA GLN B 1515 87.27 -52.58 -18.45
C GLN B 1515 85.76 -52.64 -18.53
N GLN B 1516 85.20 -53.84 -18.76
CA GLN B 1516 83.74 -53.97 -18.82
C GLN B 1516 83.12 -53.70 -17.45
N GLN B 1517 83.69 -54.26 -16.39
CA GLN B 1517 83.17 -54.03 -15.05
C GLN B 1517 83.32 -52.57 -14.63
N HIS B 1518 84.32 -51.87 -15.18
CA HIS B 1518 84.49 -50.46 -14.86
C HIS B 1518 83.31 -49.63 -15.32
N LYS B 1519 82.62 -50.06 -16.38
CA LYS B 1519 81.44 -49.33 -16.85
C LYS B 1519 80.33 -49.37 -15.81
N GLY B 1520 80.21 -50.49 -15.09
CA GLY B 1520 79.19 -50.58 -14.04
C GLY B 1520 79.52 -49.65 -12.87
N SER B 1521 80.81 -49.35 -12.66
CA SER B 1521 81.19 -48.46 -11.57
C SER B 1521 80.65 -47.05 -11.81
N VAL B 1522 81.00 -46.46 -12.95
CA VAL B 1522 80.49 -45.12 -13.27
C VAL B 1522 78.98 -45.13 -13.46
N GLU B 1523 78.44 -46.23 -14.02
CA GLU B 1523 77.00 -46.31 -14.21
C GLU B 1523 76.28 -46.41 -12.87
N ALA B 1524 76.71 -47.34 -12.02
CA ALA B 1524 76.07 -47.49 -10.71
C ALA B 1524 76.35 -46.30 -9.81
N CYS B 1525 77.48 -45.62 -10.03
CA CYS B 1525 77.78 -44.41 -9.24
C CYS B 1525 76.74 -43.33 -9.48
N ILE B 1526 76.28 -43.18 -10.73
CA ILE B 1526 75.23 -42.24 -11.03
C ILE B 1526 73.91 -42.63 -10.38
N ARG B 1527 73.69 -43.93 -10.17
CA ARG B 1527 72.46 -44.40 -9.54
C ARG B 1527 72.46 -44.17 -8.03
N THR B 1528 73.62 -44.28 -7.39
CA THR B 1528 73.69 -44.04 -5.94
C THR B 1528 73.30 -42.61 -5.60
N LEU B 1529 73.67 -41.66 -6.46
CA LEU B 1529 73.30 -40.26 -6.25
C LEU B 1529 71.87 -39.99 -6.66
N ALA B 1530 71.43 -40.57 -7.80
CA ALA B 1530 70.09 -40.29 -8.30
C ALA B 1530 69.03 -41.01 -7.48
N MET B 1531 69.29 -42.27 -7.10
CA MET B 1531 68.32 -43.01 -6.31
C MET B 1531 68.12 -42.39 -4.94
N VAL B 1532 69.21 -41.90 -4.32
CA VAL B 1532 69.11 -41.27 -3.02
C VAL B 1532 68.51 -39.87 -3.13
N ALA B 1533 69.00 -39.06 -4.07
CA ALA B 1533 68.59 -37.66 -4.18
C ALA B 1533 67.13 -37.50 -4.61
N LYS B 1534 66.47 -38.57 -5.04
CA LYS B 1534 65.06 -38.46 -5.45
C LYS B 1534 64.18 -38.02 -4.29
N GLY B 1535 64.11 -38.86 -3.25
CA GLY B 1535 63.30 -38.54 -2.07
C GLY B 1535 63.65 -39.46 -0.92
N ARG B 1536 65.95 -47.70 8.52
CA ARG B 1536 66.50 -46.40 8.87
C ARG B 1536 67.99 -46.52 9.20
N ALA B 1537 68.29 -47.07 10.38
CA ALA B 1537 69.68 -47.22 10.79
C ALA B 1537 70.42 -48.22 9.90
N ILE B 1538 69.71 -49.21 9.35
CA ILE B 1538 70.34 -50.16 8.45
C ILE B 1538 70.80 -49.48 7.16
N LEU B 1539 69.94 -48.65 6.57
CA LEU B 1539 70.31 -47.91 5.38
C LEU B 1539 71.25 -46.74 5.71
N LEU B 1540 71.15 -46.18 6.91
CA LEU B 1540 72.03 -45.08 7.30
C LEU B 1540 73.47 -45.57 7.49
N PRO B 1541 73.63 -46.69 8.20
CA PRO B 1541 74.98 -47.24 8.39
C PRO B 1541 75.58 -47.71 7.08
N MET B 1542 74.76 -48.17 6.14
CA MET B 1542 75.24 -48.62 4.84
C MET B 1542 75.42 -47.47 3.85
N ASP B 1543 74.76 -46.33 4.08
CA ASP B 1543 74.90 -45.20 3.17
C ASP B 1543 76.31 -44.66 3.15
N LEU B 1544 77.02 -44.73 4.29
CA LEU B 1544 78.39 -44.24 4.34
C LEU B 1544 79.35 -45.15 3.58
N ASP B 1545 79.00 -46.43 3.43
CA ASP B 1545 79.88 -47.36 2.72
C ASP B 1545 79.96 -47.02 1.24
N ALA B 1546 78.89 -46.48 0.66
CA ALA B 1546 78.93 -46.10 -0.75
C ALA B 1546 79.95 -45.01 -1.01
N HIS B 1547 80.06 -44.05 -0.08
CA HIS B 1547 81.00 -42.95 -0.23
C HIS B 1547 82.36 -43.24 0.40
N ILE B 1548 82.40 -44.14 1.39
CA ILE B 1548 83.67 -44.44 2.06
C ILE B 1548 84.67 -45.04 1.08
N SER B 1549 84.23 -45.96 0.22
CA SER B 1549 85.11 -46.54 -0.78
C SER B 1549 85.27 -45.65 -1.99
N SER B 1550 84.28 -44.81 -2.29
CA SER B 1550 84.40 -43.91 -3.44
C SER B 1550 85.50 -42.88 -3.24
N MET B 1551 85.59 -42.31 -2.04
CA MET B 1551 86.63 -41.33 -1.76
C MET B 1551 88.01 -41.98 -1.69
N LEU B 1552 88.08 -43.23 -1.22
CA LEU B 1552 89.35 -43.93 -1.14
C LEU B 1552 89.93 -44.16 -2.53
N SER B 1553 89.11 -44.68 -3.44
CA SER B 1553 89.58 -44.91 -4.82
C SER B 1553 89.80 -43.59 -5.55
N SER B 1554 89.06 -42.54 -5.19
CA SER B 1554 89.21 -41.24 -5.84
C SER B 1554 90.58 -40.64 -5.55
N GLY B 1555 89.25 -41.22 -16.59
CA GLY B 1555 89.66 -40.46 -15.41
C GLY B 1555 88.77 -39.25 -15.19
N ALA B 1556 88.26 -38.68 -16.30
CA ALA B 1556 87.37 -37.54 -16.19
C ALA B 1556 86.08 -37.91 -15.45
N SER B 1557 85.52 -39.08 -15.76
CA SER B 1557 84.32 -39.52 -15.07
C SER B 1557 84.61 -39.90 -13.62
N CYS B 1558 85.83 -40.35 -13.34
CA CYS B 1558 86.19 -40.70 -11.96
C CYS B 1558 86.19 -39.47 -11.06
N ALA B 1559 86.80 -38.37 -11.52
CA ALA B 1559 86.79 -37.14 -10.75
C ALA B 1559 85.39 -36.57 -10.64
N ALA B 1560 84.60 -36.66 -11.71
CA ALA B 1560 83.22 -36.22 -11.66
C ALA B 1560 82.38 -37.13 -10.77
N ALA B 1561 82.58 -38.45 -10.88
CA ALA B 1561 81.87 -39.37 -10.01
C ALA B 1561 82.35 -39.23 -8.57
N ALA B 1562 83.63 -38.91 -8.38
CA ALA B 1562 84.14 -38.69 -7.03
C ALA B 1562 83.47 -37.48 -6.39
N GLN B 1563 83.20 -36.44 -7.19
CA GLN B 1563 82.50 -35.27 -6.66
C GLN B 1563 81.01 -35.55 -6.51
N ARG B 1564 80.40 -36.23 -7.49
CA ARG B 1564 78.99 -36.56 -7.40
C ARG B 1564 78.73 -37.55 -6.26
N ASN B 1565 79.60 -38.55 -6.12
CA ASN B 1565 79.49 -39.45 -4.97
C ASN B 1565 79.75 -38.69 -3.67
N ALA B 1566 80.74 -37.81 -3.67
CA ALA B 1566 81.00 -36.97 -2.50
C ALA B 1566 79.96 -35.89 -2.30
N SER B 1567 79.23 -35.51 -3.37
CA SER B 1567 78.15 -34.55 -3.22
C SER B 1567 77.02 -35.14 -2.36
N SER B 1568 76.58 -36.35 -2.70
CA SER B 1568 75.60 -37.03 -1.85
C SER B 1568 76.22 -37.44 -0.52
N TYR B 1569 77.52 -37.70 -0.49
CA TYR B 1569 78.20 -37.97 0.78
C TYR B 1569 78.29 -36.71 1.62
N LYS B 1570 78.56 -35.57 0.97
CA LYS B 1570 78.57 -34.28 1.66
C LYS B 1570 77.25 -34.01 2.38
N ALA B 1571 76.16 -34.56 1.85
CA ALA B 1571 74.85 -34.51 2.49
C ALA B 1571 74.58 -35.75 3.35
N THR B 1572 75.61 -36.31 3.97
CA THR B 1572 75.41 -37.36 4.97
C THR B 1572 74.82 -36.81 6.26
N THR B 1573 74.74 -35.49 6.42
CA THR B 1573 74.01 -34.89 7.52
C THR B 1573 73.66 -33.45 7.15
N ARG B 1574 89.74 -39.15 10.38
CA ARG B 1574 90.72 -38.55 9.48
C ARG B 1574 90.18 -38.48 8.06
N ALA B 1575 89.96 -39.65 7.46
CA ALA B 1575 89.40 -39.71 6.12
C ALA B 1575 87.97 -39.19 6.09
N PHE B 1576 87.26 -39.25 7.22
CA PHE B 1576 85.91 -38.72 7.26
C PHE B 1576 85.89 -37.21 7.07
N PRO B 1577 86.87 -36.50 7.64
CA PRO B 1577 86.93 -35.05 7.49
C PRO B 1577 87.53 -34.63 6.17
N ARG B 1578 88.38 -35.47 5.56
CA ARG B 1578 89.07 -35.09 4.33
C ARG B 1578 88.11 -34.96 3.15
N VAL B 1579 86.94 -35.58 3.20
CA VAL B 1579 86.00 -35.49 2.09
C VAL B 1579 85.50 -34.06 1.91
N THR B 1580 85.28 -33.35 3.02
CA THR B 1580 84.83 -31.97 2.95
C THR B 1580 85.87 -31.09 2.28
N PRO B 1581 87.16 -31.30 2.60
CA PRO B 1581 88.22 -30.56 1.92
C PRO B 1581 88.24 -30.88 0.43
N THR B 1582 87.87 -32.11 0.06
CA THR B 1582 87.71 -32.46 -1.35
C THR B 1582 86.41 -31.89 -1.92
N ALA B 1583 85.39 -31.71 -1.08
CA ALA B 1583 84.12 -31.15 -1.54
C ALA B 1583 84.21 -29.64 -1.71
N ASN B 1584 84.96 -28.96 -0.85
CA ASN B 1584 85.09 -27.51 -0.94
C ASN B 1584 85.84 -27.12 -2.21
N GLN B 1585 86.94 -27.81 -2.52
CA GLN B 1585 87.72 -27.53 -3.72
C GLN B 1585 86.91 -27.83 -4.97
N TRP B 1586 94.60 -25.68 -60.69
CA TRP B 1586 93.42 -24.85 -60.44
C TRP B 1586 93.29 -24.53 -58.96
N ASP B 1587 92.96 -23.27 -58.66
CA ASP B 1587 92.76 -22.86 -57.27
C ASP B 1587 91.44 -23.40 -56.76
N TYR B 1588 91.47 -24.02 -55.58
CA TYR B 1588 90.30 -24.63 -54.97
C TYR B 1588 89.66 -23.75 -53.90
N LYS B 1589 90.47 -23.11 -53.05
CA LYS B 1589 89.96 -22.27 -51.98
C LYS B 1589 89.71 -20.83 -52.42
N ASN B 1590 89.56 -20.58 -53.73
CA ASN B 1590 89.21 -19.26 -54.25
C ASN B 1590 88.09 -19.37 -55.27
N ILE B 1591 87.27 -20.42 -55.18
CA ILE B 1591 86.15 -20.65 -56.08
C ILE B 1591 84.87 -20.76 -55.26
N ILE B 1592 84.83 -21.72 -54.34
CA ILE B 1592 83.63 -21.96 -53.56
C ILE B 1592 83.34 -20.78 -52.63
N GLU B 1593 84.40 -20.14 -52.13
CA GLU B 1593 84.19 -18.98 -51.26
C GLU B 1593 83.64 -17.80 -52.04
N LYS B 1594 84.12 -17.60 -53.27
CA LYS B 1594 83.57 -16.55 -54.12
C LYS B 1594 82.17 -16.89 -54.60
N LEU B 1595 81.87 -18.19 -54.75
CA LEU B 1595 80.51 -18.59 -55.13
C LEU B 1595 79.51 -18.26 -54.03
N GLN B 1596 79.91 -18.42 -52.77
CA GLN B 1596 79.00 -18.13 -51.67
C GLN B 1596 78.80 -16.63 -51.47
N ASP B 1597 79.77 -15.81 -51.89
CA ASP B 1597 79.54 -14.37 -51.92
C ASP B 1597 78.42 -14.02 -52.90
N ILE B 1598 78.26 -14.81 -53.95
CA ILE B 1598 77.22 -14.55 -54.95
C ILE B 1598 75.87 -15.11 -54.50
N ILE B 1599 75.85 -16.12 -53.63
CA ILE B 1599 74.57 -16.62 -53.11
C ILE B 1599 73.88 -15.54 -52.30
N THR B 1600 74.61 -14.95 -51.34
CA THR B 1600 74.04 -13.87 -50.53
C THR B 1600 73.68 -12.66 -51.38
N ALA B 1601 74.49 -12.36 -52.39
CA ALA B 1601 74.24 -11.17 -53.21
C ALA B 1601 73.01 -11.33 -54.07
N LEU B 1602 72.95 -12.41 -54.86
CA LEU B 1602 71.81 -12.63 -55.74
C LEU B 1602 70.52 -12.78 -54.96
N GLU B 1603 70.54 -13.52 -53.86
CA GLU B 1603 69.33 -13.72 -53.07
C GLU B 1603 68.80 -12.40 -52.53
N GLU B 1604 69.71 -11.48 -52.18
CA GLU B 1604 69.29 -10.14 -51.78
C GLU B 1604 68.95 -9.28 -52.98
N ARG B 1605 69.67 -9.44 -54.09
CA ARG B 1605 69.34 -8.75 -55.33
C ARG B 1605 67.96 -9.20 -55.83
N LEU B 1606 67.67 -10.49 -55.72
CA LEU B 1606 66.42 -11.05 -56.19
C LEU B 1606 65.36 -11.15 -55.10
N LYS B 1607 65.59 -10.53 -53.93
CA LYS B 1607 64.68 -10.68 -52.80
C LYS B 1607 63.28 -10.15 -53.10
N PRO B 1608 63.09 -8.89 -53.51
CA PRO B 1608 61.73 -8.45 -53.84
C PRO B 1608 61.16 -9.09 -55.09
N LEU B 1609 62.01 -9.66 -55.94
CA LEU B 1609 61.51 -10.26 -57.18
C LEU B 1609 60.71 -11.52 -56.92
N VAL B 1610 61.01 -12.24 -55.84
CA VAL B 1610 60.31 -13.49 -55.54
C VAL B 1610 58.84 -13.20 -55.24
N GLN B 1611 58.58 -12.38 -54.22
CA GLN B 1611 57.21 -12.10 -53.83
C GLN B 1611 56.45 -11.34 -54.91
N ALA B 1612 57.16 -10.59 -55.76
CA ALA B 1612 56.50 -9.89 -56.86
C ALA B 1612 55.85 -10.88 -57.82
N GLU B 1613 56.47 -12.04 -58.01
CA GLU B 1613 55.90 -13.06 -58.88
C GLU B 1613 54.60 -13.63 -58.30
N LEU B 1614 54.49 -13.67 -56.97
CA LEU B 1614 53.25 -14.11 -56.34
C LEU B 1614 52.23 -13.00 -56.25
N SER B 1615 52.66 -11.74 -56.28
CA SER B 1615 51.71 -10.63 -56.32
C SER B 1615 50.93 -10.61 -57.62
N VAL B 1616 51.58 -10.99 -58.73
CA VAL B 1616 50.89 -11.11 -60.01
C VAL B 1616 50.15 -12.43 -60.14
N LEU B 1617 50.27 -13.33 -59.17
CA LEU B 1617 49.45 -14.54 -59.14
C LEU B 1617 48.05 -14.23 -58.63
N VAL B 1618 47.98 -13.56 -57.48
CA VAL B 1618 46.72 -13.46 -56.75
C VAL B 1618 45.68 -12.65 -57.52
N ASP B 1619 46.12 -11.64 -58.28
CA ASP B 1619 45.17 -10.88 -59.09
C ASP B 1619 44.60 -11.70 -60.23
N VAL B 1620 45.36 -12.68 -60.73
CA VAL B 1620 44.81 -13.61 -61.70
C VAL B 1620 43.76 -14.50 -61.04
N LEU B 1621 43.91 -14.77 -59.74
CA LEU B 1621 42.91 -15.52 -58.98
C LEU B 1621 41.75 -14.62 -58.53
N HIS B 1622 41.92 -13.31 -58.59
CA HIS B 1622 40.81 -12.37 -58.45
C HIS B 1622 40.24 -11.94 -59.80
N TRP B 1623 41.03 -12.04 -60.87
CA TRP B 1623 40.57 -11.81 -62.24
C TRP B 1623 40.95 -13.00 -63.13
N PRO B 1624 40.33 -14.19 -62.90
CA PRO B 1624 40.48 -15.31 -63.85
C PRO B 1624 39.40 -15.27 -64.93
N GLU B 1625 39.22 -14.10 -65.56
CA GLU B 1625 38.13 -13.84 -66.50
C GLU B 1625 38.60 -13.27 -67.83
N LEU B 1626 39.63 -12.43 -67.83
CA LEU B 1626 40.03 -11.68 -69.02
C LEU B 1626 40.99 -12.44 -69.91
N LEU B 1627 41.06 -13.77 -69.79
CA LEU B 1627 41.82 -14.60 -70.72
C LEU B 1627 40.94 -15.20 -71.81
N PHE B 1628 39.75 -15.67 -71.43
CA PHE B 1628 38.77 -16.18 -72.39
C PHE B 1628 37.84 -15.06 -72.82
N LEU B 1629 37.49 -15.04 -74.11
CA LEU B 1629 36.58 -14.04 -74.64
C LEU B 1629 35.14 -14.41 -74.28
N GLU B 1630 34.25 -13.43 -74.46
CA GLU B 1630 32.86 -13.57 -74.01
C GLU B 1630 31.98 -14.19 -75.09
N GLY B 1631 32.42 -15.31 -75.65
CA GLY B 1631 31.67 -16.04 -76.64
C GLY B 1631 31.78 -17.55 -76.48
N SER B 1632 32.05 -17.99 -75.24
CA SER B 1632 32.19 -19.41 -74.95
C SER B 1632 31.78 -19.64 -73.51
N GLU B 1633 31.99 -20.87 -73.02
CA GLU B 1633 31.62 -21.24 -71.65
C GLU B 1633 32.70 -20.93 -70.64
N ALA B 1634 33.98 -20.99 -71.03
CA ALA B 1634 35.06 -20.74 -70.09
C ALA B 1634 34.99 -19.34 -69.50
N TYR B 1635 34.44 -18.38 -70.24
CA TYR B 1635 34.28 -17.04 -69.71
C TYR B 1635 33.12 -16.96 -68.73
N GLN B 1636 31.96 -17.51 -69.13
CA GLN B 1636 30.76 -17.40 -68.29
C GLN B 1636 30.93 -18.15 -66.97
N ARG B 1637 31.63 -19.28 -67.00
CA ARG B 1637 31.83 -20.04 -65.77
C ARG B 1637 32.68 -19.28 -64.75
N CYS B 1638 33.60 -18.44 -65.24
CA CYS B 1638 34.43 -17.65 -64.34
C CYS B 1638 33.75 -16.38 -63.87
N GLU B 1639 32.83 -15.84 -64.67
CA GLU B 1639 32.08 -14.65 -64.26
C GLU B 1639 31.15 -14.98 -63.10
N SER B 1640 30.41 -16.09 -63.20
CA SER B 1640 29.49 -16.49 -62.15
C SER B 1640 30.21 -17.07 -60.93
N GLY B 1641 31.53 -17.28 -60.99
CA GLY B 1641 32.27 -17.84 -59.88
C GLY B 1641 32.26 -19.35 -59.87
N GLY B 1642 32.68 -19.95 -60.99
CA GLY B 1642 32.75 -21.39 -61.12
C GLY B 1642 34.15 -21.93 -60.86
N PHE B 1643 35.15 -21.05 -60.92
CA PHE B 1643 36.54 -21.49 -60.77
C PHE B 1643 36.84 -21.92 -59.34
N LEU B 1644 36.69 -21.00 -58.39
CA LEU B 1644 36.98 -21.33 -57.01
C LEU B 1644 35.99 -22.33 -56.43
N SER B 1645 34.80 -22.46 -57.01
CA SER B 1645 33.89 -23.52 -56.63
C SER B 1645 34.53 -24.89 -56.85
N LYS B 1646 35.41 -25.00 -57.85
CA LYS B 1646 36.10 -26.24 -58.15
C LYS B 1646 37.39 -26.40 -57.36
N LEU B 1647 38.03 -25.29 -57.00
CA LEU B 1647 39.34 -25.36 -56.35
C LEU B 1647 39.23 -25.64 -54.85
N ILE B 1648 38.17 -25.15 -54.20
CA ILE B 1648 37.98 -25.42 -52.78
C ILE B 1648 37.34 -26.79 -52.57
N GLN B 1649 36.33 -27.12 -53.38
CA GLN B 1649 35.66 -28.41 -53.24
C GLN B 1649 36.59 -29.57 -53.57
N HIS B 1650 37.63 -29.33 -54.36
CA HIS B 1650 38.65 -30.34 -54.60
C HIS B 1650 39.77 -30.29 -53.57
N THR B 1651 39.98 -29.13 -52.93
CA THR B 1651 40.98 -29.04 -51.86
C THR B 1651 40.65 -30.01 -50.73
N LYS B 1652 39.36 -30.23 -50.48
CA LYS B 1652 38.96 -31.20 -49.46
C LYS B 1652 39.27 -32.64 -49.90
N ASP B 1653 39.33 -32.89 -51.20
CA ASP B 1653 39.51 -34.26 -51.68
C ASP B 1653 40.94 -34.75 -51.47
N LEU B 1654 41.92 -33.85 -51.56
CA LEU B 1654 43.33 -34.21 -51.38
C LEU B 1654 43.80 -34.07 -49.93
N MET B 1655 42.87 -34.20 -48.97
CA MET B 1655 43.21 -33.99 -47.57
C MET B 1655 44.28 -34.96 -47.08
N GLU B 1656 44.37 -36.14 -47.70
CA GLU B 1656 45.39 -37.14 -47.35
C GLU B 1656 46.19 -37.65 -48.54
N SER B 1657 45.72 -37.44 -49.77
CA SER B 1657 46.46 -37.92 -50.94
C SER B 1657 47.78 -37.16 -51.09
N GLU B 1658 47.69 -35.84 -51.24
CA GLU B 1658 48.85 -34.95 -51.39
C GLU B 1658 48.69 -33.83 -50.38
N GLU B 1659 49.16 -34.06 -49.15
CA GLU B 1659 48.99 -33.09 -48.09
C GLU B 1659 49.81 -31.82 -48.30
N LYS B 1660 50.82 -31.86 -49.19
CA LYS B 1660 51.67 -30.70 -49.38
C LYS B 1660 50.91 -29.53 -49.99
N LEU B 1661 49.98 -29.81 -50.90
CA LEU B 1661 49.33 -28.74 -51.66
C LEU B 1661 48.45 -27.86 -50.77
N CYS B 1662 47.90 -28.41 -49.68
CA CYS B 1662 47.09 -27.60 -48.79
C CYS B 1662 47.87 -26.43 -48.22
N ILE B 1663 49.17 -26.62 -47.99
CA ILE B 1663 49.99 -25.55 -47.43
C ILE B 1663 50.33 -24.51 -48.49
N LYS B 1664 50.27 -24.86 -49.78
CA LYS B 1664 50.57 -23.92 -50.85
C LYS B 1664 49.34 -23.11 -51.25
N VAL B 1665 48.21 -23.78 -51.43
CA VAL B 1665 47.00 -23.10 -51.90
C VAL B 1665 46.47 -22.14 -50.84
N LEU B 1666 46.67 -22.46 -49.56
CA LEU B 1666 46.08 -21.66 -48.49
C LEU B 1666 46.95 -20.47 -48.12
N ARG B 1667 48.28 -20.62 -48.20
CA ARG B 1667 49.16 -19.50 -47.90
C ARG B 1667 48.94 -18.36 -48.87
N THR B 1668 48.80 -18.67 -50.16
CA THR B 1668 48.51 -17.64 -51.14
C THR B 1668 47.08 -17.12 -51.01
N LEU B 1669 46.15 -17.98 -50.59
CA LEU B 1669 44.77 -17.56 -50.39
C LEU B 1669 44.66 -16.53 -49.27
N GLN B 1670 45.63 -16.49 -48.36
CA GLN B 1670 45.70 -15.41 -47.39
C GLN B 1670 46.00 -14.08 -48.06
N GLN B 1671 46.85 -14.10 -49.09
CA GLN B 1671 47.27 -12.87 -49.74
C GLN B 1671 46.14 -12.20 -50.52
N MET B 1672 45.09 -12.95 -50.86
CA MET B 1672 43.95 -12.35 -51.56
C MET B 1672 43.29 -11.28 -50.72
N LEU B 1673 43.30 -11.44 -49.40
CA LEU B 1673 42.73 -10.46 -48.48
C LEU B 1673 43.77 -9.52 -47.89
N LEU B 1674 45.06 -9.79 -48.08
CA LEU B 1674 46.08 -8.86 -47.63
C LEU B 1674 46.00 -7.57 -48.41
N LYS B 1675 46.35 -6.46 -47.75
CA LYS B 1675 46.28 -5.16 -48.37
C LYS B 1675 47.30 -5.05 -49.50
N LYS B 1676 47.07 -4.07 -50.38
CA LYS B 1676 47.99 -3.82 -51.48
C LYS B 1676 49.33 -3.35 -50.94
N THR B 1677 50.38 -4.13 -51.23
CA THR B 1677 51.72 -3.82 -50.75
C THR B 1677 52.37 -2.78 -51.67
N LYS B 1678 53.66 -2.54 -51.45
CA LYS B 1678 54.42 -1.59 -52.23
C LYS B 1678 55.85 -2.10 -52.34
N TYR B 1679 56.50 -1.79 -53.47
CA TYR B 1679 57.88 -2.18 -53.73
C TYR B 1679 58.66 -0.97 -54.23
N GLY B 1680 59.95 -1.19 -54.49
CA GLY B 1680 60.79 -0.14 -55.03
C GLY B 1680 60.48 0.18 -56.47
N ASP B 1681 61.42 0.81 -57.17
CA ASP B 1681 61.21 1.19 -58.56
C ASP B 1681 61.23 0.00 -59.52
N ARG B 1682 61.65 -1.18 -59.06
CA ARG B 1682 61.72 -2.36 -59.92
C ARG B 1682 60.43 -3.16 -59.89
N GLY B 1683 60.00 -3.57 -58.69
CA GLY B 1683 58.81 -4.39 -58.59
C GLY B 1683 57.56 -3.66 -59.06
N ASN B 1684 57.47 -2.37 -58.76
CA ASN B 1684 56.32 -1.59 -59.21
C ASN B 1684 56.31 -1.46 -60.73
N GLN B 1685 57.47 -1.16 -61.33
CA GLN B 1685 57.55 -1.14 -62.79
C GLN B 1685 57.35 -2.54 -63.36
N LEU B 1686 57.89 -3.56 -62.67
CA LEU B 1686 57.72 -4.93 -63.12
C LEU B 1686 56.25 -5.34 -63.08
N ARG B 1687 55.64 -5.24 -61.90
CA ARG B 1687 54.27 -5.73 -61.68
C ARG B 1687 53.26 -5.09 -62.64
N LYS B 1688 53.55 -3.92 -63.18
CA LYS B 1688 52.61 -3.27 -64.09
C LYS B 1688 52.48 -4.04 -65.40
N MET B 1689 53.61 -4.42 -66.00
CA MET B 1689 53.60 -4.94 -67.36
C MET B 1689 53.23 -6.41 -67.44
N LEU B 1690 53.38 -7.18 -66.35
CA LEU B 1690 53.02 -8.60 -66.40
C LEU B 1690 51.52 -8.78 -66.61
N LEU B 1691 50.71 -7.80 -66.18
CA LEU B 1691 49.28 -7.84 -66.43
C LEU B 1691 48.91 -7.43 -67.86
N GLN B 1692 49.76 -6.64 -68.52
CA GLN B 1692 49.45 -6.18 -69.87
C GLN B 1692 49.38 -7.34 -70.85
N ASN B 1693 50.34 -8.26 -70.77
CA ASN B 1693 50.40 -9.37 -71.72
C ASN B 1693 49.44 -10.50 -71.37
N TYR B 1694 48.96 -10.55 -70.12
CA TYR B 1694 48.01 -11.59 -69.69
C TYR B 1694 46.57 -11.10 -69.80
N LEU B 1695 46.25 -10.02 -69.09
CA LEU B 1695 44.85 -9.62 -68.90
C LEU B 1695 44.33 -8.67 -69.96
N GLN B 1696 45.21 -7.96 -70.68
CA GLN B 1696 44.88 -6.97 -71.70
C GLN B 1696 44.30 -5.68 -71.12
N ASN B 1697 44.07 -5.60 -69.80
CA ASN B 1697 43.40 -4.47 -69.19
C ASN B 1697 44.14 -4.03 -67.92
N ASP B 1717 40.46 1.39 -48.32
CA ASP B 1717 41.16 0.12 -48.55
C ASP B 1717 40.34 -1.02 -47.97
N TRP B 1718 39.78 -0.81 -46.78
CA TRP B 1718 38.94 -1.83 -46.16
C TRP B 1718 37.69 -2.11 -46.99
N SER B 1719 37.19 -1.11 -47.70
CA SER B 1719 36.02 -1.32 -48.54
C SER B 1719 36.34 -2.25 -49.71
N ALA B 1720 37.53 -2.11 -50.29
CA ALA B 1720 37.93 -2.98 -51.38
C ALA B 1720 38.03 -4.43 -50.95
N ILE B 1721 38.40 -4.67 -49.68
CA ILE B 1721 38.53 -6.04 -49.20
C ILE B 1721 37.16 -6.69 -49.08
N ALA B 1722 36.13 -5.91 -48.75
CA ALA B 1722 34.81 -6.48 -48.49
C ALA B 1722 34.25 -7.19 -49.71
N ALA B 1723 34.38 -6.59 -50.89
CA ALA B 1723 33.96 -7.26 -52.12
C ALA B 1723 34.88 -8.44 -52.44
N THR B 1724 36.17 -8.31 -52.13
CA THR B 1724 37.10 -9.43 -52.26
C THR B 1724 36.80 -10.54 -51.28
N GLN B 1725 36.09 -10.25 -50.19
CA GLN B 1725 35.99 -11.14 -49.04
C GLN B 1725 34.68 -11.91 -49.01
N CYS B 1726 33.53 -11.23 -49.19
CA CYS B 1726 32.26 -11.93 -49.20
C CYS B 1726 32.16 -12.93 -50.35
N ARG B 1727 32.92 -12.71 -51.42
CA ARG B 1727 32.91 -13.62 -52.55
C ARG B 1727 33.47 -14.98 -52.17
N LEU B 1728 34.38 -15.04 -51.20
CA LEU B 1728 34.90 -16.33 -50.77
C LEU B 1728 33.83 -17.16 -50.07
N ASP B 1729 32.96 -16.50 -49.30
CA ASP B 1729 31.85 -17.21 -48.67
C ASP B 1729 30.88 -17.72 -49.73
N LYS B 1730 30.70 -16.98 -50.83
CA LYS B 1730 29.87 -17.45 -51.92
C LYS B 1730 30.40 -18.74 -52.52
N GLU B 1731 31.72 -18.92 -52.51
CA GLU B 1731 32.36 -20.07 -53.13
C GLU B 1731 32.60 -21.21 -52.13
N GLY B 1732 31.97 -21.16 -50.97
CA GLY B 1732 32.11 -22.23 -49.99
C GLY B 1732 33.47 -22.27 -49.32
N ALA B 1733 34.10 -21.11 -49.11
CA ALA B 1733 35.39 -21.08 -48.45
C ALA B 1733 35.27 -21.38 -46.97
N THR B 1734 34.23 -20.86 -46.32
CA THR B 1734 34.05 -21.09 -44.89
C THR B 1734 33.72 -22.55 -44.61
N LYS B 1735 33.09 -23.24 -45.55
CA LYS B 1735 32.79 -24.66 -45.37
C LYS B 1735 34.07 -25.48 -45.24
N LEU B 1736 35.14 -25.08 -45.93
CA LEU B 1736 36.40 -25.80 -45.81
C LEU B 1736 36.99 -25.62 -44.42
N VAL B 1737 37.02 -24.38 -43.94
CA VAL B 1737 37.62 -24.11 -42.63
C VAL B 1737 36.89 -24.86 -41.53
N CYS B 1738 35.57 -25.02 -41.69
CA CYS B 1738 34.79 -25.76 -40.71
C CYS B 1738 35.03 -27.26 -40.79
N ASP B 1739 35.50 -27.77 -41.93
CA ASP B 1739 35.70 -29.20 -42.14
C ASP B 1739 37.12 -29.48 -42.62
N LEU B 1740 38.09 -28.75 -42.10
CA LEU B 1740 39.50 -28.99 -42.37
C LEU B 1740 40.36 -28.98 -41.11
N ILE B 1741 39.79 -28.60 -39.96
CA ILE B 1741 40.57 -28.34 -38.75
C ILE B 1741 40.33 -29.43 -37.71
N THR B 1742 39.16 -30.07 -37.77
CA THR B 1742 38.83 -31.18 -36.88
C THR B 1742 39.02 -32.54 -37.55
N SER B 1743 38.89 -32.63 -38.87
CA SER B 1743 38.96 -33.90 -39.56
C SER B 1743 40.37 -34.27 -40.01
N THR B 1744 41.38 -33.45 -39.72
CA THR B 1744 42.76 -33.72 -40.08
C THR B 1744 43.53 -34.20 -38.85
N LYS B 1745 44.85 -34.37 -39.02
CA LYS B 1745 45.73 -34.77 -37.93
C LYS B 1745 47.04 -34.01 -37.91
N ASN B 1746 47.26 -33.05 -38.82
CA ASN B 1746 48.54 -32.39 -38.97
C ASN B 1746 48.58 -31.10 -38.17
N GLU B 1747 49.79 -30.54 -38.05
CA GLU B 1747 50.03 -29.30 -37.34
C GLU B 1747 49.98 -28.09 -38.27
N LYS B 1748 50.59 -28.21 -39.45
CA LYS B 1748 50.67 -27.07 -40.35
C LYS B 1748 49.32 -26.76 -40.99
N ILE B 1749 48.54 -27.79 -41.29
CA ILE B 1749 47.21 -27.57 -41.87
C ILE B 1749 46.32 -26.86 -40.86
N PHE B 1750 46.30 -27.36 -39.62
CA PHE B 1750 45.51 -26.72 -38.57
C PHE B 1750 46.05 -25.33 -38.25
N GLN B 1751 47.34 -25.10 -38.47
CA GLN B 1751 47.91 -23.77 -38.25
C GLN B 1751 47.43 -22.79 -39.30
N GLU B 1752 47.70 -23.09 -40.58
CA GLU B 1752 47.34 -22.17 -41.65
C GLU B 1752 45.83 -22.12 -41.89
N SER B 1753 45.09 -23.12 -41.44
CA SER B 1753 43.63 -23.08 -41.58
C SER B 1753 43.04 -21.99 -40.71
N ILE B 1754 43.25 -22.08 -39.40
CA ILE B 1754 42.93 -20.97 -38.51
C ILE B 1754 43.80 -19.77 -38.85
N GLY B 1755 45.03 -20.03 -39.30
CA GLY B 1755 45.86 -18.94 -39.80
C GLY B 1755 45.21 -18.20 -40.94
N LEU B 1756 44.53 -18.93 -41.83
CA LEU B 1756 43.71 -18.29 -42.84
C LEU B 1756 42.46 -17.67 -42.21
N ALA B 1757 41.85 -18.37 -41.26
CA ALA B 1757 40.55 -17.97 -40.74
C ALA B 1757 40.61 -16.60 -40.08
N ILE B 1758 41.76 -16.20 -39.56
CA ILE B 1758 41.88 -14.86 -38.99
C ILE B 1758 42.00 -13.82 -40.09
N HIS B 1759 42.61 -14.18 -41.23
CA HIS B 1759 42.68 -13.24 -42.34
C HIS B 1759 41.30 -12.96 -42.93
N LEU B 1760 40.36 -13.90 -42.79
CA LEU B 1760 39.00 -13.68 -43.26
C LEU B 1760 38.37 -12.52 -42.50
N LEU B 1761 38.19 -12.67 -41.20
CA LEU B 1761 37.47 -11.70 -40.39
C LEU B 1761 38.34 -10.52 -39.94
N ASP B 1762 39.47 -10.26 -40.61
CA ASP B 1762 40.26 -9.08 -40.29
C ASP B 1762 39.47 -7.83 -40.66
N GLY B 1763 38.97 -7.13 -39.65
CA GLY B 1763 38.10 -5.98 -39.82
C GLY B 1763 36.75 -6.12 -39.17
N GLY B 1764 36.33 -7.34 -38.84
CA GLY B 1764 35.07 -7.56 -38.16
C GLY B 1764 33.87 -7.41 -39.05
N ASN B 1765 33.74 -8.29 -40.04
CA ASN B 1765 32.59 -8.27 -40.93
C ASN B 1765 31.43 -9.05 -40.31
N THR B 1766 30.21 -8.61 -40.64
CA THR B 1766 29.01 -9.21 -40.08
C THR B 1766 28.46 -10.35 -40.92
N GLU B 1767 28.66 -10.31 -42.25
CA GLU B 1767 28.05 -11.30 -43.11
C GLU B 1767 28.65 -12.68 -42.89
N ILE B 1768 29.95 -12.75 -42.62
CA ILE B 1768 30.60 -14.05 -42.45
C ILE B 1768 30.29 -14.61 -41.06
N GLN B 1769 30.14 -13.74 -40.06
CA GLN B 1769 29.74 -14.21 -38.74
C GLN B 1769 28.38 -14.89 -38.78
N LYS B 1770 27.47 -14.38 -39.63
CA LYS B 1770 26.16 -14.99 -39.76
C LYS B 1770 26.26 -16.33 -40.50
N SER B 1771 26.97 -16.35 -41.64
CA SER B 1771 27.13 -17.58 -42.38
C SER B 1771 27.93 -18.60 -41.58
N PHE B 1772 28.97 -18.14 -40.87
CA PHE B 1772 29.72 -19.03 -39.99
C PHE B 1772 28.86 -19.53 -38.84
N HIS B 1773 27.86 -18.76 -38.43
CA HIS B 1773 26.92 -19.23 -37.41
C HIS B 1773 25.97 -20.26 -37.98
N ASN B 1774 25.58 -20.12 -39.25
CA ASN B 1774 24.65 -21.05 -39.86
C ASN B 1774 25.28 -22.43 -40.03
N LEU B 1775 26.56 -22.48 -40.37
CA LEU B 1775 27.22 -23.76 -40.58
C LEU B 1775 27.30 -24.55 -39.28
N MET B 1776 27.59 -23.88 -38.17
CA MET B 1776 27.68 -24.53 -36.87
C MET B 1776 26.33 -24.62 -36.17
N MET B 1777 25.23 -24.36 -36.88
CA MET B 1777 23.87 -24.56 -36.37
C MET B 1777 23.16 -25.71 -37.06
N SER B 1778 23.22 -25.76 -38.39
CA SER B 1778 22.51 -26.79 -39.14
C SER B 1778 23.26 -28.12 -39.12
N ASP B 1779 24.56 -28.08 -39.40
CA ASP B 1779 25.35 -29.30 -39.46
C ASP B 1779 25.53 -29.91 -38.06
N LYS B 1780 25.73 -31.22 -38.04
CA LYS B 1780 25.98 -31.93 -36.80
C LYS B 1780 27.40 -31.75 -36.30
N LYS B 1781 28.32 -31.28 -37.15
CA LYS B 1781 29.73 -31.16 -36.77
C LYS B 1781 30.01 -30.01 -35.81
N SER B 1782 28.99 -29.26 -35.39
CA SER B 1782 29.23 -28.19 -34.43
C SER B 1782 29.76 -28.71 -33.11
N GLU B 1783 29.40 -29.95 -32.74
CA GLU B 1783 29.96 -30.55 -31.54
C GLU B 1783 31.43 -30.90 -31.75
N ARG B 1784 31.76 -31.50 -32.89
CA ARG B 1784 33.16 -31.79 -33.18
C ARG B 1784 33.97 -30.51 -33.33
N PHE B 1785 33.33 -29.42 -33.75
CA PHE B 1785 34.04 -28.14 -33.92
C PHE B 1785 34.65 -27.69 -32.60
N PHE B 1786 33.83 -27.57 -31.56
CA PHE B 1786 34.30 -27.16 -30.25
C PHE B 1786 35.01 -28.27 -29.50
N LYS B 1787 35.10 -29.48 -30.08
CA LYS B 1787 35.78 -30.57 -29.41
C LYS B 1787 37.30 -30.38 -29.43
N VAL B 1788 37.85 -30.14 -30.63
CA VAL B 1788 39.30 -30.01 -30.76
C VAL B 1788 39.80 -28.76 -30.05
N LEU B 1789 39.06 -27.65 -30.18
CA LEU B 1789 39.51 -26.40 -29.58
C LEU B 1789 39.54 -26.50 -28.06
N HIS B 1790 38.55 -27.17 -27.47
CA HIS B 1790 38.61 -27.42 -26.03
C HIS B 1790 39.79 -28.29 -25.66
N ASP B 1791 40.22 -29.17 -26.58
CA ASP B 1791 41.36 -30.04 -26.32
C ASP B 1791 42.67 -29.31 -26.56
N ARG B 1792 42.80 -28.65 -27.71
CA ARG B 1792 44.04 -27.96 -28.03
C ARG B 1792 44.30 -26.83 -27.03
N MET B 1793 43.26 -26.07 -26.67
CA MET B 1793 43.42 -25.04 -25.66
C MET B 1793 43.80 -25.66 -24.32
N LYS B 1794 43.18 -26.79 -23.97
CA LYS B 1794 43.57 -27.51 -22.77
C LYS B 1794 44.91 -28.20 -22.93
N ARG B 1795 45.32 -28.49 -24.17
CA ARG B 1795 46.62 -29.11 -24.38
C ARG B 1795 47.75 -28.14 -24.08
N ALA B 1796 47.56 -26.86 -24.45
CA ALA B 1796 48.58 -25.86 -24.15
C ALA B 1796 48.75 -25.65 -22.66
N GLN B 1797 47.69 -25.89 -21.88
CA GLN B 1797 47.81 -25.85 -20.43
C GLN B 1797 48.83 -26.86 -19.92
N GLN B 1798 48.94 -28.00 -20.61
CA GLN B 1798 49.88 -29.04 -20.17
C GLN B 1798 51.32 -28.60 -20.33
N GLU B 1799 51.68 -28.10 -21.52
CA GLU B 1799 53.06 -27.72 -21.76
C GLU B 1799 53.46 -26.50 -20.97
N THR B 1800 52.55 -25.53 -20.83
CA THR B 1800 52.84 -24.34 -20.03
C THR B 1800 53.10 -24.71 -18.58
N LYS B 1801 52.25 -25.56 -18.01
CA LYS B 1801 52.43 -25.99 -16.63
C LYS B 1801 53.67 -26.87 -16.46
N SER B 1802 54.11 -27.54 -17.53
CA SER B 1802 55.27 -28.42 -17.44
C SER B 1802 56.58 -27.65 -17.51
N THR B 1803 56.63 -26.55 -18.24
CA THR B 1803 57.86 -25.77 -18.42
C THR B 1803 58.07 -24.73 -17.32
N VAL B 1804 57.37 -24.87 -16.19
CA VAL B 1804 57.54 -23.96 -15.07
C VAL B 1804 58.92 -24.16 -14.47
N MET B 1863 59.15 -20.95 -23.81
CA MET B 1863 59.15 -21.51 -25.16
C MET B 1863 58.30 -22.77 -25.20
N GLY B 1864 57.87 -23.14 -26.40
CA GLY B 1864 57.04 -24.32 -26.57
C GLY B 1864 56.26 -24.24 -27.86
N THR B 1865 55.81 -25.42 -28.30
CA THR B 1865 55.03 -25.52 -29.54
C THR B 1865 53.54 -25.32 -29.32
N SER B 1866 53.00 -25.78 -28.19
CA SER B 1866 51.61 -25.51 -27.84
C SER B 1866 51.44 -24.14 -27.20
N VAL B 1867 52.54 -23.46 -26.87
CA VAL B 1867 52.47 -22.05 -26.49
C VAL B 1867 52.24 -21.19 -27.73
N LEU B 1868 52.99 -21.47 -28.80
CA LEU B 1868 52.92 -20.65 -30.00
C LEU B 1868 51.56 -20.75 -30.67
N ILE B 1869 50.87 -21.88 -30.54
CA ILE B 1869 49.62 -22.08 -31.26
C ILE B 1869 48.45 -21.31 -30.66
N MET B 1870 48.55 -20.85 -29.42
CA MET B 1870 47.40 -20.24 -28.75
C MET B 1870 47.08 -18.84 -29.26
N GLN B 1871 47.94 -18.24 -30.10
CA GLN B 1871 47.68 -16.89 -30.54
C GLN B 1871 46.55 -16.81 -31.56
N PRO B 1872 46.60 -17.52 -32.69
CA PRO B 1872 45.55 -17.33 -33.70
C PRO B 1872 44.17 -17.82 -33.26
N ILE B 1873 44.09 -18.84 -32.41
CA ILE B 1873 42.77 -19.33 -32.00
C ILE B 1873 42.06 -18.28 -31.15
N LEU B 1874 42.73 -17.74 -30.13
CA LEU B 1874 42.13 -16.67 -29.37
C LEU B 1874 41.96 -15.41 -30.20
N ARG B 1875 42.79 -15.23 -31.24
CA ARG B 1875 42.52 -14.19 -32.23
C ARG B 1875 41.29 -14.54 -33.04
N PHE B 1876 41.11 -15.84 -33.36
CA PHE B 1876 39.93 -16.26 -34.11
C PHE B 1876 38.67 -15.99 -33.31
N LEU B 1877 38.62 -16.49 -32.06
CA LEU B 1877 37.46 -16.25 -31.21
C LEU B 1877 37.26 -14.77 -30.96
N GLN B 1878 38.34 -13.98 -30.96
CA GLN B 1878 38.20 -12.53 -30.85
C GLN B 1878 37.46 -11.97 -32.06
N LEU B 1879 37.87 -12.36 -33.27
CA LEU B 1879 37.28 -11.82 -34.47
C LEU B 1879 35.85 -12.29 -34.69
N LEU B 1880 35.37 -13.29 -33.94
CA LEU B 1880 33.99 -13.71 -34.07
C LEU B 1880 33.03 -12.75 -33.38
N CYS B 1881 33.44 -12.20 -32.23
CA CYS B 1881 32.57 -11.37 -31.41
C CYS B 1881 32.76 -9.89 -31.66
N GLU B 1882 33.34 -9.50 -32.79
CA GLU B 1882 33.50 -8.09 -33.10
C GLU B 1882 32.14 -7.42 -33.30
N ASN B 1883 32.10 -6.13 -32.99
CA ASN B 1883 30.91 -5.30 -33.19
C ASN B 1883 29.69 -5.84 -32.44
N HIS B 1884 29.92 -6.58 -31.37
CA HIS B 1884 28.87 -7.01 -30.44
C HIS B 1884 27.82 -7.87 -31.14
N ASN B 1885 28.27 -9.01 -31.66
CA ASN B 1885 27.37 -10.04 -32.16
C ASN B 1885 26.87 -10.84 -30.96
N ARG B 1886 25.67 -10.50 -30.49
CA ARG B 1886 25.15 -11.11 -29.28
C ARG B 1886 24.97 -12.61 -29.43
N ASP B 1887 24.74 -13.08 -30.65
CA ASP B 1887 24.49 -14.51 -30.87
C ASP B 1887 25.73 -15.33 -30.52
N LEU B 1888 26.88 -14.98 -31.10
CA LEU B 1888 28.07 -15.81 -30.94
C LEU B 1888 28.64 -15.69 -29.53
N GLN B 1889 28.41 -14.57 -28.85
CA GLN B 1889 28.93 -14.43 -27.49
C GLN B 1889 28.31 -15.44 -26.54
N ASN B 1890 27.06 -15.83 -26.79
CA ASN B 1890 26.41 -16.87 -26.00
C ASN B 1890 26.62 -18.26 -26.59
N PHE B 1891 26.78 -18.36 -27.92
CA PHE B 1891 26.92 -19.66 -28.55
C PHE B 1891 28.25 -20.32 -28.20
N LEU B 1892 29.31 -19.53 -27.99
CA LEU B 1892 30.59 -20.11 -27.61
C LEU B 1892 30.55 -20.75 -26.24
N ARG B 1893 29.62 -20.34 -25.38
CA ARG B 1893 29.45 -20.94 -24.07
C ARG B 1893 28.49 -22.13 -24.12
N CYS B 1894 27.25 -21.89 -24.56
CA CYS B 1894 26.19 -22.89 -24.54
C CYS B 1894 25.75 -23.16 -25.98
N GLN B 1895 26.08 -24.35 -26.48
CA GLN B 1895 25.64 -24.79 -27.79
C GLN B 1895 24.41 -25.69 -27.64
N ASN B 1896 23.84 -26.07 -28.78
CA ASN B 1896 22.64 -26.89 -28.82
C ASN B 1896 22.95 -28.39 -28.87
N ASN B 1897 24.15 -28.80 -28.47
CA ASN B 1897 24.57 -30.19 -28.51
C ASN B 1897 24.64 -30.77 -27.10
N LYS B 1898 25.07 -32.02 -27.01
CA LYS B 1898 25.07 -32.73 -25.73
C LYS B 1898 26.21 -32.25 -24.84
N THR B 1899 27.45 -32.45 -25.27
CA THR B 1899 28.62 -32.12 -24.46
C THR B 1899 29.06 -30.70 -24.83
N ASN B 1900 28.26 -29.73 -24.37
CA ASN B 1900 28.50 -28.34 -24.71
C ASN B 1900 29.68 -27.82 -23.89
N TYR B 1901 30.63 -27.18 -24.56
CA TYR B 1901 31.87 -26.72 -23.95
C TYR B 1901 31.82 -25.22 -23.69
N ASN B 1902 32.52 -24.80 -22.64
CA ASN B 1902 32.55 -23.40 -22.20
C ASN B 1902 33.95 -22.87 -22.45
N LEU B 1903 34.16 -22.28 -23.63
CA LEU B 1903 35.45 -21.71 -23.97
C LEU B 1903 35.78 -20.48 -23.13
N VAL B 1904 34.77 -19.82 -22.56
CA VAL B 1904 35.01 -18.60 -21.78
C VAL B 1904 35.85 -18.92 -20.56
N CYS B 1905 35.37 -19.83 -19.71
CA CYS B 1905 36.11 -20.18 -18.50
C CYS B 1905 37.42 -20.88 -18.84
N GLU B 1906 37.47 -21.62 -19.94
CA GLU B 1906 38.72 -22.26 -20.36
C GLU B 1906 39.76 -21.21 -20.75
N THR B 1907 39.32 -20.11 -21.36
CA THR B 1907 40.23 -19.01 -21.65
C THR B 1907 40.79 -18.42 -20.37
N LEU B 1908 39.93 -18.20 -19.38
CA LEU B 1908 40.40 -17.74 -18.07
C LEU B 1908 41.27 -18.79 -17.41
N GLN B 1909 40.92 -20.07 -17.58
CA GLN B 1909 41.74 -21.15 -17.04
C GLN B 1909 43.14 -21.10 -17.64
N PHE B 1910 43.24 -20.79 -18.93
CA PHE B 1910 44.56 -20.63 -19.55
C PHE B 1910 45.26 -19.38 -19.04
N LEU B 1911 44.50 -18.35 -18.68
CA LEU B 1911 45.10 -17.13 -18.15
C LEU B 1911 45.61 -17.33 -16.74
N ASP B 1912 44.78 -17.93 -15.88
CA ASP B 1912 45.15 -18.09 -14.47
C ASP B 1912 46.37 -18.99 -14.31
N ILE B 1913 46.50 -20.01 -15.16
CA ILE B 1913 47.55 -21.00 -15.01
C ILE B 1913 48.89 -20.51 -15.55
N MET B 1914 48.89 -19.54 -16.45
CA MET B 1914 50.12 -19.11 -17.11
C MET B 1914 51.12 -18.57 -16.10
N CYS B 1915 50.78 -17.48 -15.43
CA CYS B 1915 51.58 -16.97 -14.32
C CYS B 1915 51.30 -17.84 -13.10
N GLY B 1916 51.85 -17.46 -11.95
CA GLY B 1916 51.54 -18.18 -10.73
C GLY B 1916 50.07 -18.06 -10.40
N SER B 1917 49.31 -19.13 -10.59
CA SER B 1917 47.87 -19.08 -10.39
C SER B 1917 47.51 -18.82 -8.94
N THR B 1918 48.34 -19.31 -8.00
CA THR B 1918 48.07 -19.20 -6.57
C THR B 1918 49.19 -18.53 -5.80
N THR B 1919 50.42 -18.52 -6.31
CA THR B 1919 51.52 -17.78 -5.73
C THR B 1919 51.87 -16.51 -6.49
N GLY B 1920 51.52 -16.45 -7.78
CA GLY B 1920 51.77 -15.23 -8.53
C GLY B 1920 50.95 -14.06 -8.04
N GLY B 1921 49.66 -14.31 -7.75
CA GLY B 1921 48.81 -13.27 -7.18
C GLY B 1921 49.33 -12.68 -5.89
N LEU B 1922 50.17 -13.42 -5.16
CA LEU B 1922 50.84 -12.92 -3.97
C LEU B 1922 52.09 -12.09 -4.30
N GLY B 1923 52.32 -11.76 -5.58
CA GLY B 1923 53.37 -10.84 -5.96
C GLY B 1923 54.60 -11.45 -6.60
N LEU B 1924 54.41 -12.41 -7.52
CA LEU B 1924 55.51 -13.04 -8.24
C LEU B 1924 55.20 -13.12 -9.73
N LEU B 1925 54.80 -11.99 -10.31
CA LEU B 1925 54.48 -11.95 -11.74
C LEU B 1925 55.72 -11.81 -12.60
N GLY B 1926 56.78 -11.18 -12.08
CA GLY B 1926 57.94 -10.82 -12.90
C GLY B 1926 58.71 -12.01 -13.45
N LEU B 1927 58.60 -13.18 -12.82
CA LEU B 1927 59.37 -14.33 -13.28
C LEU B 1927 58.65 -15.08 -14.39
N TYR B 1928 57.31 -15.13 -14.33
CA TYR B 1928 56.55 -15.83 -15.36
C TYR B 1928 56.43 -15.00 -16.63
N ILE B 1929 56.22 -13.70 -16.50
CA ILE B 1929 56.18 -12.82 -17.66
C ILE B 1929 57.56 -12.74 -18.29
N ASN B 1930 57.59 -12.59 -19.61
CA ASN B 1930 58.85 -12.57 -20.35
C ASN B 1930 58.61 -11.83 -21.65
N GLU B 1931 59.70 -11.44 -22.31
CA GLU B 1931 59.58 -10.71 -23.57
C GLU B 1931 58.93 -11.54 -24.68
N ASP B 1932 58.95 -12.87 -24.57
CA ASP B 1932 58.37 -13.72 -25.60
C ASP B 1932 56.91 -14.06 -25.33
N ASN B 1933 56.54 -14.31 -24.08
CA ASN B 1933 55.17 -14.65 -23.73
C ASN B 1933 54.28 -13.43 -23.50
N VAL B 1934 54.85 -12.23 -23.43
CA VAL B 1934 54.04 -11.03 -23.25
C VAL B 1934 53.16 -10.79 -24.47
N GLY B 1935 53.69 -11.08 -25.67
CA GLY B 1935 52.89 -10.91 -26.88
C GLY B 1935 51.69 -11.82 -26.94
N LEU B 1936 51.71 -12.94 -26.23
CA LEU B 1936 50.59 -13.88 -26.23
C LEU B 1936 49.50 -13.44 -25.26
N VAL B 1937 49.88 -13.09 -24.03
CA VAL B 1937 48.92 -12.84 -22.97
C VAL B 1937 48.05 -11.61 -23.26
N ILE B 1938 48.49 -10.72 -24.15
CA ILE B 1938 47.65 -9.58 -24.53
C ILE B 1938 46.36 -10.07 -25.16
N GLN B 1939 46.48 -10.94 -26.17
CA GLN B 1939 45.30 -11.46 -26.85
C GLN B 1939 44.44 -12.30 -25.92
N THR B 1940 45.03 -12.87 -24.88
CA THR B 1940 44.24 -13.65 -23.91
C THR B 1940 43.26 -12.76 -23.18
N LEU B 1941 43.60 -11.48 -22.98
CA LEU B 1941 42.69 -10.56 -22.32
C LEU B 1941 41.70 -9.95 -23.30
N GLU B 1942 42.18 -9.56 -24.48
CA GLU B 1942 41.31 -8.90 -25.46
C GLU B 1942 40.14 -9.79 -25.85
N THR B 1943 40.39 -11.08 -26.01
CA THR B 1943 39.31 -12.00 -26.34
C THR B 1943 38.28 -12.07 -25.21
N LEU B 1944 38.72 -11.93 -23.96
CA LEU B 1944 37.78 -11.90 -22.84
C LEU B 1944 36.97 -10.61 -22.83
N THR B 1945 37.55 -9.51 -23.32
CA THR B 1945 36.80 -8.27 -23.44
C THR B 1945 35.60 -8.47 -24.35
N GLU B 1946 35.85 -8.85 -25.60
CA GLU B 1946 34.79 -8.98 -26.58
C GLU B 1946 33.87 -10.15 -26.31
N TYR B 1947 34.24 -11.07 -25.41
CA TYR B 1947 33.27 -12.04 -24.92
C TYR B 1947 32.19 -11.36 -24.10
N CYS B 1948 32.56 -10.29 -23.38
CA CYS B 1948 31.64 -9.58 -22.49
C CYS B 1948 31.80 -8.07 -22.59
N GLN B 1949 32.32 -7.55 -23.71
CA GLN B 1949 32.41 -6.11 -23.89
C GLN B 1949 31.03 -5.47 -23.91
N GLY B 1950 30.03 -6.19 -24.41
CA GLY B 1950 28.68 -5.69 -24.44
C GLY B 1950 28.06 -5.71 -23.07
N PRO B 1951 26.76 -5.42 -22.98
CA PRO B 1951 26.05 -5.57 -21.70
C PRO B 1951 26.16 -6.98 -21.17
N CYS B 1952 25.66 -7.94 -21.95
CA CYS B 1952 26.05 -9.37 -21.92
C CYS B 1952 26.27 -9.90 -20.50
N HIS B 1953 25.20 -9.82 -19.69
CA HIS B 1953 25.31 -10.14 -18.27
C HIS B 1953 25.68 -11.59 -17.99
N GLU B 1954 25.61 -12.48 -18.99
CA GLU B 1954 25.91 -13.89 -18.75
C GLU B 1954 27.41 -14.13 -18.66
N ASN B 1955 28.15 -13.74 -19.71
CA ASN B 1955 29.59 -13.98 -19.74
C ASN B 1955 30.31 -13.22 -18.63
N GLN B 1956 29.74 -12.08 -18.20
CA GLN B 1956 30.37 -11.32 -17.13
C GLN B 1956 30.42 -12.12 -15.84
N THR B 1957 29.30 -12.73 -15.45
CA THR B 1957 29.23 -13.46 -14.19
C THR B 1957 30.10 -14.70 -14.24
N CYS B 1958 30.16 -15.38 -15.39
CA CYS B 1958 30.85 -16.66 -15.47
C CYS B 1958 32.35 -16.51 -15.31
N ILE B 1959 32.92 -15.38 -15.73
CA ILE B 1959 34.33 -15.12 -15.48
C ILE B 1959 34.59 -14.82 -14.00
N VAL B 1960 33.56 -14.38 -13.28
CA VAL B 1960 33.71 -13.91 -11.92
C VAL B 1960 33.30 -15.00 -10.94
N THR B 1961 32.32 -15.82 -11.32
CA THR B 1961 31.84 -16.92 -10.50
C THR B 1961 32.62 -18.20 -10.72
N HIS B 1962 33.84 -18.12 -11.28
CA HIS B 1962 34.69 -19.27 -11.50
C HIS B 1962 35.53 -19.53 -10.25
N GLU B 1963 35.57 -20.79 -9.81
CA GLU B 1963 36.29 -21.13 -8.60
C GLU B 1963 37.79 -20.86 -8.71
N SER B 1964 38.33 -20.82 -9.93
CA SER B 1964 39.74 -20.52 -10.11
C SER B 1964 40.09 -19.13 -9.58
N ASN B 1965 39.15 -18.19 -9.66
CA ASN B 1965 39.35 -16.83 -9.17
C ASN B 1965 40.54 -16.18 -9.86
N GLY B 1966 40.67 -16.40 -11.16
CA GLY B 1966 41.72 -15.76 -11.95
C GLY B 1966 41.57 -14.27 -12.10
N ILE B 1967 40.41 -13.71 -11.71
CA ILE B 1967 40.21 -12.27 -11.73
C ILE B 1967 41.19 -11.56 -10.81
N ASP B 1968 41.71 -12.25 -9.80
CA ASP B 1968 42.76 -11.67 -8.97
C ASP B 1968 44.00 -11.34 -9.78
N ILE B 1969 44.28 -12.14 -10.81
CA ILE B 1969 45.44 -11.86 -11.67
C ILE B 1969 45.22 -10.58 -12.44
N ILE B 1970 43.98 -10.26 -12.79
CA ILE B 1970 43.68 -9.01 -13.49
C ILE B 1970 44.05 -7.82 -12.61
N THR B 1971 43.81 -7.94 -11.30
CA THR B 1971 44.20 -6.88 -10.38
C THR B 1971 45.71 -6.79 -10.26
N ALA B 1972 46.39 -7.94 -10.30
CA ALA B 1972 47.84 -7.95 -10.15
C ALA B 1972 48.53 -7.26 -11.32
N LEU B 1973 47.94 -7.33 -12.51
CA LEU B 1973 48.56 -6.70 -13.67
C LEU B 1973 48.53 -5.19 -13.56
N ILE B 1974 47.59 -4.63 -12.81
CA ILE B 1974 47.53 -3.18 -12.57
C ILE B 1974 48.42 -2.80 -11.40
N LEU B 1975 48.27 -3.47 -10.26
CA LEU B 1975 48.98 -3.09 -9.04
C LEU B 1975 50.45 -3.47 -9.10
N ASN B 1976 50.73 -4.76 -9.24
CA ASN B 1976 52.11 -5.26 -9.20
C ASN B 1976 52.82 -4.87 -10.49
N ASP B 1977 53.58 -3.78 -10.44
CA ASP B 1977 54.46 -3.45 -11.56
C ASP B 1977 55.52 -4.53 -11.70
N ILE B 1978 56.03 -4.67 -12.92
CA ILE B 1978 56.92 -5.76 -13.29
C ILE B 1978 58.35 -5.21 -13.29
N SER B 1979 59.07 -5.44 -12.20
CA SER B 1979 60.44 -4.94 -12.08
C SER B 1979 61.38 -5.50 -13.14
N PRO B 1980 61.36 -6.78 -13.51
CA PRO B 1980 62.29 -7.26 -14.55
C PRO B 1980 62.10 -6.58 -15.89
N LEU B 1981 60.89 -6.12 -16.21
CA LEU B 1981 60.58 -5.54 -17.52
C LEU B 1981 60.60 -4.02 -17.52
N CYS B 1982 60.62 -3.38 -16.36
CA CYS B 1982 60.78 -1.92 -16.33
C CYS B 1982 62.16 -1.51 -16.82
N LYS B 1983 63.19 -2.30 -16.50
CA LYS B 1983 64.51 -2.04 -17.04
C LYS B 1983 64.52 -2.21 -18.55
N TYR B 1984 63.99 -3.33 -19.04
CA TYR B 1984 63.81 -3.56 -20.46
C TYR B 1984 62.55 -2.84 -20.92
N ARG B 1985 62.04 -3.18 -22.11
CA ARG B 1985 60.91 -2.52 -22.74
C ARG B 1985 59.74 -2.34 -21.78
N MET B 1986 59.35 -1.08 -21.56
CA MET B 1986 58.19 -0.74 -20.74
C MET B 1986 56.92 -0.58 -21.56
N ASP B 1987 57.04 -0.34 -22.87
CA ASP B 1987 55.86 -0.11 -23.69
C ASP B 1987 54.93 -1.32 -23.69
N LEU B 1988 55.50 -2.53 -23.75
CA LEU B 1988 54.67 -3.73 -23.74
C LEU B 1988 53.97 -3.91 -22.40
N VAL B 1989 54.57 -3.42 -21.32
CA VAL B 1989 53.91 -3.48 -20.02
C VAL B 1989 52.69 -2.57 -20.01
N LEU B 1990 52.83 -1.36 -20.57
CA LEU B 1990 51.74 -0.41 -20.56
C LEU B 1990 50.55 -0.91 -21.38
N GLN B 1991 50.80 -1.74 -22.39
CA GLN B 1991 49.70 -2.33 -23.15
C GLN B 1991 48.84 -3.20 -22.25
N LEU B 1992 49.47 -3.98 -21.36
CA LEU B 1992 48.73 -4.88 -20.49
C LEU B 1992 47.79 -4.09 -19.58
N LYS B 1993 48.32 -3.08 -18.90
CA LYS B 1993 47.48 -2.27 -18.02
C LYS B 1993 46.43 -1.51 -18.82
N ASP B 1994 46.75 -1.13 -20.06
CA ASP B 1994 45.77 -0.50 -20.93
C ASP B 1994 44.72 -1.51 -21.38
N ASN B 1995 45.18 -2.67 -21.87
CA ASN B 1995 44.24 -3.72 -22.26
C ASN B 1995 43.45 -4.25 -21.07
N ALA B 1996 44.08 -4.32 -19.90
CA ALA B 1996 43.39 -4.80 -18.71
C ALA B 1996 42.37 -3.80 -18.22
N SER B 1997 42.68 -2.50 -18.35
CA SER B 1997 41.73 -1.47 -17.93
C SER B 1997 40.44 -1.56 -18.72
N LYS B 1998 40.54 -1.86 -20.01
CA LYS B 1998 39.34 -2.03 -20.82
C LYS B 1998 38.52 -3.22 -20.34
N LEU B 1999 39.17 -4.24 -19.80
CA LEU B 1999 38.46 -5.44 -19.37
C LEU B 1999 37.56 -5.14 -18.17
N LEU B 2000 38.15 -4.60 -17.11
CA LEU B 2000 37.38 -4.39 -15.88
C LEU B 2000 36.26 -3.37 -16.06
N LEU B 2001 36.37 -2.49 -17.06
CA LEU B 2001 35.25 -1.59 -17.36
C LEU B 2001 34.11 -2.34 -18.04
N ALA B 2002 34.44 -3.40 -18.80
CA ALA B 2002 33.40 -4.15 -19.50
C ALA B 2002 32.50 -4.88 -18.54
N LEU B 2003 33.00 -5.25 -17.37
CA LEU B 2003 32.21 -6.04 -16.42
C LEU B 2003 31.13 -5.22 -15.71
N MET B 2004 31.10 -3.90 -15.91
CA MET B 2004 30.20 -3.03 -15.14
C MET B 2004 29.57 -1.97 -16.03
N GLU B 2005 29.47 -2.21 -17.33
CA GLU B 2005 28.88 -1.21 -18.22
C GLU B 2005 27.41 -0.99 -17.91
N SER B 2006 26.61 -2.05 -18.03
CA SER B 2006 25.16 -1.97 -17.86
C SER B 2006 24.69 -2.47 -16.50
N ARG B 2007 25.52 -3.18 -15.75
CA ARG B 2007 25.11 -3.70 -14.45
C ARG B 2007 25.12 -2.56 -13.44
N HIS B 2008 23.93 -2.17 -12.98
CA HIS B 2008 23.81 -1.21 -11.89
C HIS B 2008 24.09 -1.83 -10.53
N ASP B 2009 24.04 -3.16 -10.42
CA ASP B 2009 24.21 -3.82 -9.15
C ASP B 2009 25.67 -3.75 -8.69
N SER B 2010 25.92 -4.25 -7.48
CA SER B 2010 27.24 -4.27 -6.88
C SER B 2010 27.95 -5.61 -7.03
N GLU B 2011 27.42 -6.50 -7.88
CA GLU B 2011 27.97 -7.85 -7.98
C GLU B 2011 29.39 -7.84 -8.52
N ASN B 2012 29.56 -7.36 -9.76
CA ASN B 2012 30.90 -7.30 -10.34
C ASN B 2012 31.79 -6.31 -9.60
N ALA B 2013 31.20 -5.25 -9.03
CA ALA B 2013 32.00 -4.24 -8.39
C ALA B 2013 32.54 -4.74 -7.05
N GLU B 2014 31.65 -5.23 -6.19
CA GLU B 2014 32.05 -5.59 -4.83
C GLU B 2014 33.06 -6.73 -4.82
N ARG B 2015 32.94 -7.67 -5.76
CA ARG B 2015 33.88 -8.78 -5.81
C ARG B 2015 35.28 -8.31 -6.14
N ILE B 2016 35.41 -7.32 -7.01
CA ILE B 2016 36.73 -6.86 -7.45
C ILE B 2016 37.38 -6.03 -6.35
N LEU B 2017 36.59 -5.33 -5.55
CA LEU B 2017 37.16 -4.49 -4.49
C LEU B 2017 37.86 -5.32 -3.43
N ILE B 2018 37.41 -6.56 -3.21
CA ILE B 2018 38.07 -7.42 -2.24
C ILE B 2018 39.50 -7.71 -2.69
N SER B 2019 39.71 -7.86 -4.00
CA SER B 2019 41.04 -8.09 -4.52
C SER B 2019 41.83 -6.79 -4.63
N LEU B 2020 41.20 -5.73 -5.13
CA LEU B 2020 41.85 -4.44 -5.23
C LEU B 2020 42.08 -3.86 -3.83
N ARG B 2021 42.89 -2.80 -3.80
CA ARG B 2021 43.08 -1.99 -2.60
C ARG B 2021 43.16 -0.53 -3.04
N PRO B 2022 42.30 0.37 -2.54
CA PRO B 2022 42.20 1.68 -3.18
C PRO B 2022 43.43 2.55 -3.03
N GLN B 2023 44.15 2.46 -1.91
CA GLN B 2023 45.30 3.31 -1.69
C GLN B 2023 46.42 3.05 -2.69
N GLU B 2024 46.47 1.86 -3.29
CA GLU B 2024 47.51 1.53 -4.25
C GLU B 2024 47.15 1.90 -5.68
N LEU B 2025 45.87 2.12 -5.98
CA LEU B 2025 45.49 2.54 -7.33
C LEU B 2025 46.02 3.94 -7.63
N VAL B 2026 45.89 4.87 -6.68
CA VAL B 2026 46.45 6.20 -6.88
C VAL B 2026 47.96 6.13 -7.00
N ASP B 2027 48.59 5.16 -6.34
CA ASP B 2027 50.04 5.05 -6.40
C ASP B 2027 50.51 4.72 -7.81
N VAL B 2028 49.76 3.86 -8.52
CA VAL B 2028 50.17 3.48 -9.88
C VAL B 2028 49.70 4.52 -10.89
N ILE B 2029 48.57 5.18 -10.65
CA ILE B 2029 48.14 6.27 -11.53
C ILE B 2029 49.17 7.40 -11.49
N LYS B 2030 49.59 7.79 -10.28
CA LYS B 2030 50.61 8.82 -10.15
C LYS B 2030 51.92 8.38 -10.77
N LYS B 2031 52.30 7.11 -10.58
CA LYS B 2031 53.48 6.59 -11.25
C LYS B 2031 53.34 6.69 -12.76
N ALA B 2032 52.12 6.50 -13.27
CA ALA B 2032 51.89 6.71 -14.69
C ALA B 2032 51.83 8.20 -15.02
N TYR B 2033 51.37 9.03 -14.09
CA TYR B 2033 51.33 10.47 -14.32
C TYR B 2033 52.74 11.03 -14.48
N LEU B 2034 53.73 10.43 -13.82
CA LEU B 2034 55.12 10.89 -13.87
C LEU B 2034 55.96 10.15 -14.91
N GLN B 2035 55.44 9.06 -15.49
CA GLN B 2035 56.21 8.24 -16.42
C GLN B 2035 56.34 8.87 -17.81
N GLU B 2036 55.60 9.94 -18.10
CA GLU B 2036 55.60 10.52 -19.44
C GLU B 2036 56.98 11.04 -19.86
N GLU B 2037 57.87 11.31 -18.91
CA GLU B 2037 59.21 11.77 -19.26
C GLU B 2037 59.94 10.76 -20.12
N GLU B 2038 59.64 9.47 -19.96
CA GLU B 2038 60.23 8.41 -20.77
C GLU B 2038 59.20 7.84 -21.73
N VAL B 2044 52.18 5.39 -28.19
CA VAL B 2044 51.52 5.23 -26.90
C VAL B 2044 52.28 6.00 -25.84
N SER B 2045 51.56 6.50 -24.83
CA SER B 2045 52.14 7.20 -23.70
C SER B 2045 51.41 6.77 -22.43
N PRO B 2046 52.05 6.88 -21.26
CA PRO B 2046 51.34 6.54 -20.02
C PRO B 2046 50.17 7.45 -19.71
N ARG B 2047 50.09 8.62 -20.34
CA ARG B 2047 48.98 9.53 -20.07
C ARG B 2047 47.64 8.87 -20.38
N GLU B 2048 47.55 8.15 -21.49
CA GLU B 2048 46.34 7.41 -21.81
C GLU B 2048 46.16 6.21 -20.90
N VAL B 2049 47.24 5.69 -20.34
CA VAL B 2049 47.15 4.48 -19.53
C VAL B 2049 46.42 4.76 -18.23
N GLY B 2050 46.97 5.66 -17.42
CA GLY B 2050 46.40 5.91 -16.11
C GLY B 2050 45.02 6.52 -16.17
N HIS B 2051 44.71 7.25 -17.26
CA HIS B 2051 43.40 7.84 -17.38
C HIS B 2051 42.33 6.76 -17.51
N ASN B 2052 42.59 5.73 -18.30
CA ASN B 2052 41.67 4.60 -18.36
C ASN B 2052 41.56 3.91 -17.02
N ILE B 2053 42.64 3.91 -16.23
CA ILE B 2053 42.57 3.39 -14.87
C ILE B 2053 41.78 4.36 -13.98
N TYR B 2054 41.93 5.66 -14.24
CA TYR B 2054 41.17 6.64 -13.47
C TYR B 2054 39.67 6.48 -13.69
N ILE B 2055 39.27 6.07 -14.90
CA ILE B 2055 37.87 5.80 -15.17
C ILE B 2055 37.40 4.61 -14.33
N LEU B 2056 38.28 3.62 -14.14
CA LEU B 2056 37.88 2.42 -13.40
C LEU B 2056 37.56 2.73 -11.95
N ALA B 2057 38.23 3.73 -11.37
CA ALA B 2057 37.99 4.05 -9.97
C ALA B 2057 36.67 4.78 -9.79
N LEU B 2058 36.32 5.67 -10.71
CA LEU B 2058 35.09 6.44 -10.57
C LEU B 2058 33.86 5.53 -10.61
N GLN B 2059 33.84 4.56 -11.51
CA GLN B 2059 32.75 3.60 -11.53
C GLN B 2059 32.74 2.75 -10.27
N LEU B 2060 33.92 2.50 -9.69
CA LEU B 2060 34.01 1.75 -8.44
C LEU B 2060 33.80 2.64 -7.22
N SER B 2061 34.13 3.93 -7.33
CA SER B 2061 34.06 4.81 -6.18
C SER B 2061 32.62 5.03 -5.69
N ARG B 2062 31.62 4.67 -6.50
CA ARG B 2062 30.24 4.70 -6.02
C ARG B 2062 30.06 3.79 -4.81
N HIS B 2063 30.52 2.55 -4.93
CA HIS B 2063 30.35 1.54 -3.90
C HIS B 2063 31.52 1.49 -2.93
N ASN B 2064 32.27 2.58 -2.80
CA ASN B 2064 33.33 2.68 -1.80
C ASN B 2064 33.58 4.15 -1.56
N LYS B 2065 33.22 4.64 -0.37
CA LYS B 2065 33.32 6.06 -0.07
C LYS B 2065 34.78 6.52 0.09
N GLN B 2066 35.72 5.58 0.24
CA GLN B 2066 37.12 5.97 0.33
C GLN B 2066 37.59 6.61 -0.97
N LEU B 2067 37.26 5.98 -2.11
CA LEU B 2067 37.68 6.52 -3.40
C LEU B 2067 37.04 7.87 -3.67
N GLN B 2068 35.86 8.13 -3.11
CA GLN B 2068 35.22 9.44 -3.29
C GLN B 2068 36.09 10.56 -2.73
N HIS B 2069 36.81 10.30 -1.65
CA HIS B 2069 37.66 11.30 -1.02
C HIS B 2069 39.09 11.27 -1.54
N LEU B 2070 39.62 10.10 -1.90
CA LEU B 2070 40.99 10.03 -2.41
C LEU B 2070 41.14 10.77 -3.72
N LEU B 2071 40.12 10.72 -4.57
CA LEU B 2071 40.19 11.24 -5.93
C LEU B 2071 39.79 12.71 -6.02
N LYS B 2072 39.85 13.45 -4.91
CA LYS B 2072 39.64 14.89 -4.93
C LYS B 2072 41.00 15.57 -5.02
N PRO B 2073 41.35 16.25 -6.14
CA PRO B 2073 42.66 16.90 -6.20
C PRO B 2073 42.84 17.99 -5.16
N VAL B 2074 43.76 17.77 -4.22
CA VAL B 2074 44.07 18.74 -3.18
C VAL B 2074 42.82 19.06 -2.36
N GLU B 2111 50.64 21.49 -11.51
CA GLU B 2111 50.96 20.18 -12.05
C GLU B 2111 50.70 19.11 -10.98
N ASP B 2112 49.42 18.83 -10.74
CA ASP B 2112 49.00 17.78 -9.82
C ASP B 2112 48.57 16.55 -10.59
N PRO B 2113 48.63 15.35 -9.98
CA PRO B 2113 48.29 14.15 -10.75
C PRO B 2113 46.81 14.00 -11.04
N LEU B 2114 45.96 14.24 -10.04
CA LEU B 2114 44.53 14.00 -10.22
C LEU B 2114 43.83 15.17 -10.89
N ALA B 2115 44.34 16.40 -10.70
CA ALA B 2115 43.71 17.55 -11.32
C ALA B 2115 43.75 17.45 -12.84
N TYR B 2116 44.84 16.91 -13.39
CA TYR B 2116 44.93 16.73 -14.83
C TYR B 2116 43.92 15.70 -15.32
N TYR B 2117 43.70 14.63 -14.56
CA TYR B 2117 42.71 13.62 -14.89
C TYR B 2117 41.30 13.96 -14.38
N GLU B 2118 41.12 15.12 -13.75
CA GLU B 2118 39.79 15.57 -13.34
C GLU B 2118 39.18 16.52 -14.38
N ASN B 2119 40.01 17.38 -14.98
CA ASN B 2119 39.51 18.35 -15.94
C ASN B 2119 39.37 17.78 -17.34
N HIS B 2120 40.04 16.67 -17.64
CA HIS B 2120 39.97 16.03 -18.95
C HIS B 2120 39.05 14.82 -18.96
N THR B 2121 38.01 14.83 -18.12
CA THR B 2121 36.97 13.82 -18.10
C THR B 2121 35.63 14.47 -18.40
N SER B 2122 34.57 13.69 -18.31
CA SER B 2122 33.22 14.17 -18.57
C SER B 2122 32.24 13.20 -17.93
N GLN B 2123 30.95 13.39 -18.20
CA GLN B 2123 29.91 12.65 -17.51
C GLN B 2123 28.60 12.81 -18.28
N ILE B 2124 28.02 11.70 -18.73
CA ILE B 2124 26.85 11.70 -19.60
C ILE B 2124 25.83 10.71 -19.05
N GLU B 2125 24.56 11.05 -19.19
CA GLU B 2125 23.46 10.12 -19.08
C GLU B 2125 22.92 9.82 -20.46
N ILE B 2126 22.62 8.54 -20.72
CA ILE B 2126 22.32 8.06 -22.06
C ILE B 2126 21.21 7.03 -22.01
N VAL B 2127 20.50 6.92 -23.14
CA VAL B 2127 19.33 6.07 -23.27
C VAL B 2127 19.65 4.94 -24.26
N ARG B 2128 19.00 3.80 -24.06
CA ARG B 2128 19.12 2.63 -24.92
C ARG B 2128 17.73 2.21 -25.40
N GLN B 2129 17.69 1.08 -26.12
CA GLN B 2129 16.44 0.62 -26.73
C GLN B 2129 15.38 0.34 -25.68
N ASP B 2130 15.74 -0.34 -24.61
CA ASP B 2130 14.78 -0.77 -23.59
C ASP B 2130 14.38 0.33 -22.62
N ARG B 2131 14.77 1.58 -22.87
CA ARG B 2131 14.46 2.71 -21.99
C ARG B 2131 15.00 2.49 -20.58
N SER B 2132 16.10 1.74 -20.47
CA SER B 2132 16.82 1.52 -19.22
C SER B 2132 18.12 2.30 -19.32
N MET B 2133 18.09 3.56 -18.89
CA MET B 2133 19.22 4.45 -19.07
C MET B 2133 20.40 4.03 -18.21
N GLU B 2134 21.54 4.66 -18.46
CA GLU B 2134 22.79 4.33 -17.79
C GLU B 2134 23.70 5.55 -17.86
N GLN B 2135 24.98 5.35 -17.55
CA GLN B 2135 25.93 6.44 -17.38
C GLN B 2135 27.31 5.95 -17.76
N ILE B 2136 28.09 6.82 -18.42
CA ILE B 2136 29.40 6.46 -18.96
C ILE B 2136 30.41 7.56 -18.66
N VAL B 2137 31.68 7.24 -18.93
CA VAL B 2137 32.80 8.16 -18.77
C VAL B 2137 33.80 7.83 -19.87
N PHE B 2138 34.56 8.83 -20.31
CA PHE B 2138 35.52 8.62 -21.38
C PHE B 2138 36.53 9.76 -21.36
N PRO B 2139 37.66 9.61 -22.08
CA PRO B 2139 38.60 10.73 -22.22
C PRO B 2139 38.16 11.71 -23.29
N VAL B 2140 38.21 12.99 -22.97
CA VAL B 2140 38.08 14.01 -24.01
C VAL B 2140 39.32 13.99 -24.89
N PRO B 2141 39.21 13.96 -26.22
CA PRO B 2141 40.41 14.05 -27.04
C PRO B 2141 41.12 15.38 -26.87
N GLY B 2142 42.41 15.40 -27.20
CA GLY B 2142 43.19 16.61 -27.11
C GLY B 2142 42.87 17.64 -28.17
N ILE B 2143 42.14 17.25 -29.21
CA ILE B 2143 41.84 18.19 -30.29
C ILE B 2143 40.74 19.16 -29.86
N CYS B 2144 39.81 18.72 -29.02
CA CYS B 2144 38.68 19.56 -28.68
C CYS B 2144 39.02 20.66 -27.69
N GLN B 2145 40.16 20.57 -27.01
CA GLN B 2145 40.57 21.65 -26.12
C GLN B 2145 40.79 22.95 -26.89
N PHE B 2146 41.20 22.85 -28.15
CA PHE B 2146 41.31 24.01 -29.03
C PHE B 2146 39.89 24.40 -29.45
N LEU B 2147 39.19 25.07 -28.53
CA LEU B 2147 37.85 25.58 -28.79
C LEU B 2147 37.72 26.95 -28.13
N THR B 2148 37.00 27.83 -28.80
CA THR B 2148 36.91 29.24 -28.42
C THR B 2148 35.69 29.46 -27.55
N GLU B 2149 35.89 30.16 -26.42
CA GLU B 2149 34.77 30.58 -25.60
C GLU B 2149 33.80 31.47 -26.38
N GLU B 2150 34.32 32.21 -27.36
CA GLU B 2150 33.46 33.05 -28.19
C GLU B 2150 32.46 32.20 -28.96
N THR B 2151 32.92 31.06 -29.50
CA THR B 2151 32.01 30.15 -30.17
C THR B 2151 31.02 29.54 -29.18
N LYS B 2152 31.42 29.37 -27.92
CA LYS B 2152 30.53 28.76 -26.94
C LYS B 2152 29.32 29.65 -26.66
N HIS B 2153 29.56 30.94 -26.45
CA HIS B 2153 28.46 31.84 -26.11
C HIS B 2153 27.56 32.09 -27.31
N ARG B 2154 28.15 32.15 -28.51
CA ARG B 2154 27.35 32.33 -29.72
C ARG B 2154 26.40 31.16 -29.92
N LEU B 2155 26.84 29.96 -29.57
CA LEU B 2155 26.05 28.76 -29.80
C LEU B 2155 24.98 28.60 -28.73
N PHE B 2156 25.31 28.94 -27.48
CA PHE B 2156 24.39 28.74 -26.37
C PHE B 2156 23.13 29.58 -26.48
N THR B 2157 23.16 30.66 -27.26
CA THR B 2157 22.01 31.56 -27.42
C THR B 2157 21.40 31.51 -28.82
N THR B 2158 22.23 31.37 -29.85
CA THR B 2158 21.71 31.33 -31.22
C THR B 2158 20.82 30.11 -31.47
N THR B 2159 20.97 29.06 -30.66
CA THR B 2159 20.19 27.84 -30.86
C THR B 2159 18.70 28.14 -30.71
N GLU B 2160 17.90 27.57 -31.61
CA GLU B 2160 16.47 27.77 -31.63
C GLU B 2160 15.75 26.54 -31.09
N GLN B 2161 14.52 26.77 -30.63
CA GLN B 2161 13.67 25.72 -30.09
C GLN B 2161 12.74 25.22 -31.18
N ASP B 2162 12.77 23.93 -31.45
CA ASP B 2162 11.96 23.34 -32.52
C ASP B 2162 10.50 23.26 -32.07
N GLU B 2163 9.67 22.60 -32.89
CA GLU B 2163 8.25 22.51 -32.57
C GLU B 2163 8.01 21.63 -31.35
N GLN B 2164 8.64 20.46 -31.31
CA GLN B 2164 8.46 19.55 -30.18
C GLN B 2164 9.03 20.12 -28.89
N GLY B 2165 9.98 21.05 -28.97
CA GLY B 2165 10.52 21.69 -27.79
C GLY B 2165 11.78 21.03 -27.27
N SER B 2166 12.75 20.83 -28.14
CA SER B 2166 14.03 20.26 -27.77
C SER B 2166 15.12 20.93 -28.59
N LYS B 2167 16.03 21.62 -27.92
CA LYS B 2167 17.15 22.29 -28.58
C LYS B 2167 18.28 21.29 -28.83
N VAL B 2168 17.96 20.26 -29.62
CA VAL B 2168 18.84 19.12 -29.84
C VAL B 2168 19.11 18.92 -31.34
N SER B 2169 18.04 18.94 -32.14
CA SER B 2169 18.19 18.67 -33.57
C SER B 2169 19.07 19.71 -34.24
N ASP B 2170 18.81 20.99 -33.97
CA ASP B 2170 19.67 22.05 -34.48
C ASP B 2170 21.07 21.95 -33.87
N PHE B 2171 21.17 21.44 -32.65
CA PHE B 2171 22.48 21.30 -32.01
C PHE B 2171 23.29 20.19 -32.67
N PHE B 2172 22.65 19.08 -33.01
CA PHE B 2172 23.38 17.93 -33.52
C PHE B 2172 23.84 18.14 -34.96
N ASP B 2173 23.08 18.87 -35.76
CA ASP B 2173 23.45 19.06 -37.15
C ASP B 2173 24.73 19.88 -37.29
N GLN B 2174 25.01 20.74 -36.30
CA GLN B 2174 26.20 21.58 -36.35
C GLN B 2174 27.44 20.89 -35.80
N SER B 2175 27.35 19.61 -35.41
CA SER B 2175 28.50 18.94 -34.84
C SER B 2175 29.63 18.80 -35.85
N SER B 2176 29.31 18.40 -37.07
CA SER B 2176 30.33 18.22 -38.09
C SER B 2176 31.04 19.52 -38.40
N PHE B 2177 30.30 20.63 -38.40
CA PHE B 2177 30.90 21.93 -38.68
C PHE B 2177 31.87 22.32 -37.57
N LEU B 2178 31.56 21.98 -36.32
CA LEU B 2178 32.44 22.34 -35.22
C LEU B 2178 33.74 21.53 -35.27
N HIS B 2179 33.65 20.25 -35.63
CA HIS B 2179 34.84 19.40 -35.62
C HIS B 2179 35.88 19.90 -36.61
N ASN B 2180 35.45 20.37 -37.78
CA ASN B 2180 36.40 20.92 -38.73
C ASN B 2180 36.93 22.27 -38.26
N GLU B 2181 36.12 23.02 -37.51
CA GLU B 2181 36.63 24.25 -36.90
C GLU B 2181 37.71 23.93 -35.88
N MET B 2182 37.54 22.85 -35.12
CA MET B 2182 38.56 22.43 -34.17
C MET B 2182 39.85 22.09 -34.88
N GLU B 2183 39.76 21.38 -36.02
CA GLU B 2183 40.96 21.03 -36.76
C GLU B 2183 41.68 22.27 -37.27
N TRP B 2184 40.93 23.32 -37.60
CA TRP B 2184 41.57 24.55 -38.05
C TRP B 2184 42.37 25.20 -36.94
N GLN B 2185 41.93 25.05 -35.69
CA GLN B 2185 42.64 25.68 -34.58
C GLN B 2185 43.98 25.01 -34.33
N ARG B 2186 44.05 23.68 -34.48
CA ARG B 2186 45.34 23.00 -34.36
C ARG B 2186 46.29 23.45 -35.46
N LYS B 2187 45.81 23.51 -36.69
CA LYS B 2187 46.60 24.03 -37.80
C LYS B 2187 46.94 25.50 -37.60
N LEU B 2188 46.17 26.23 -36.80
CA LEU B 2188 46.38 27.65 -36.64
C LEU B 2188 47.57 27.95 -35.74
N ARG B 2189 47.67 27.25 -34.60
CA ARG B 2189 48.73 27.54 -33.65
C ARG B 2189 50.11 27.24 -34.20
N SER B 2190 50.21 26.41 -35.24
CA SER B 2190 51.49 26.22 -35.91
C SER B 2190 51.97 27.48 -36.61
N MET B 2191 51.07 28.41 -36.92
CA MET B 2191 51.39 29.70 -37.54
C MET B 2191 51.00 30.80 -36.55
N PRO B 2192 51.90 31.21 -35.65
CA PRO B 2192 51.53 32.27 -34.70
C PRO B 2192 51.18 33.59 -35.35
N LEU B 2193 51.56 33.81 -36.61
CA LEU B 2193 51.33 35.09 -37.25
C LEU B 2193 49.85 35.39 -37.40
N ILE B 2194 49.07 34.40 -37.83
CA ILE B 2194 47.62 34.57 -37.91
C ILE B 2194 47.02 34.55 -36.51
N TYR B 2195 47.58 33.75 -35.60
CA TYR B 2195 47.13 33.78 -34.22
C TYR B 2195 47.46 35.12 -33.56
N TRP B 2196 48.53 35.77 -34.00
CA TRP B 2196 48.83 37.12 -33.56
C TRP B 2196 47.80 38.12 -34.06
N PHE B 2197 47.05 37.77 -35.12
CA PHE B 2197 45.90 38.55 -35.57
C PHE B 2197 44.62 38.07 -34.89
N SER B 2198 44.29 36.79 -35.04
CA SER B 2198 42.96 36.30 -34.69
C SER B 2198 42.69 36.37 -33.19
N ARG B 2199 43.74 36.35 -32.37
CA ARG B 2199 43.52 36.45 -30.93
C ARG B 2199 42.94 37.81 -30.55
N ARG B 2200 43.21 38.84 -31.36
CA ARG B 2200 42.68 40.18 -31.15
C ARG B 2200 41.83 40.55 -32.35
N MET B 2201 40.51 40.48 -32.19
CA MET B 2201 39.55 40.80 -33.24
C MET B 2201 38.84 42.12 -32.99
N THR B 2202 38.50 42.43 -31.74
CA THR B 2202 37.78 43.66 -31.45
C THR B 2202 38.59 44.90 -31.80
N LEU B 2203 39.91 44.81 -31.70
CA LEU B 2203 40.76 45.98 -31.92
C LEU B 2203 40.69 46.45 -33.37
N TRP B 2204 41.06 45.56 -34.31
CA TRP B 2204 41.14 45.95 -35.71
C TRP B 2204 39.78 46.34 -36.26
N GLY B 2205 38.71 45.70 -35.78
CA GLY B 2205 37.38 46.09 -36.21
C GLY B 2205 36.90 47.38 -35.55
N SER B 2206 37.45 47.70 -34.37
CA SER B 2206 37.04 48.93 -33.69
C SER B 2206 37.66 50.16 -34.36
N ILE B 2207 38.97 50.15 -34.55
CA ILE B 2207 39.66 51.34 -35.05
C ILE B 2207 39.22 51.65 -36.48
N SER B 2208 38.89 50.62 -37.26
CA SER B 2208 38.36 50.87 -38.60
C SER B 2208 37.07 51.66 -38.53
N PHE B 2209 36.21 51.36 -37.56
CA PHE B 2209 35.01 52.16 -37.36
C PHE B 2209 35.36 53.54 -36.82
N ASN B 2210 36.37 53.62 -35.95
CA ASN B 2210 36.75 54.91 -35.39
C ASN B 2210 37.29 55.83 -36.48
N LEU B 2211 38.26 55.34 -37.27
CA LEU B 2211 38.88 56.17 -38.30
C LEU B 2211 37.85 56.71 -39.28
N ALA B 2212 36.76 55.96 -39.52
CA ALA B 2212 35.76 56.42 -40.46
C ALA B 2212 35.04 57.66 -39.95
N VAL B 2213 34.72 57.70 -38.66
CA VAL B 2213 33.93 58.80 -38.13
C VAL B 2213 34.78 60.03 -37.83
N PHE B 2214 36.10 59.87 -37.66
CA PHE B 2214 36.96 61.04 -37.58
C PHE B 2214 37.00 61.79 -38.89
N ILE B 2215 37.13 61.06 -40.00
CA ILE B 2215 37.39 61.72 -41.28
C ILE B 2215 36.15 62.41 -41.80
N ASN B 2216 34.98 61.81 -41.61
CA ASN B 2216 33.75 62.44 -42.07
C ASN B 2216 33.53 63.78 -41.38
N ILE B 2217 34.06 63.95 -40.16
CA ILE B 2217 34.08 65.26 -39.54
C ILE B 2217 35.05 66.18 -40.29
N ILE B 2218 36.19 65.63 -40.73
CA ILE B 2218 37.13 66.42 -41.52
C ILE B 2218 36.50 66.78 -42.86
N ILE B 2219 35.78 65.83 -43.47
CA ILE B 2219 35.05 66.13 -44.70
C ILE B 2219 33.95 67.15 -44.44
N ALA B 2220 33.36 67.13 -43.25
CA ALA B 2220 32.17 67.93 -42.99
C ALA B 2220 32.51 69.38 -42.70
N PHE B 2221 33.48 69.62 -41.81
CA PHE B 2221 33.74 70.99 -41.37
C PHE B 2221 34.31 71.85 -42.49
N PHE B 2222 35.00 71.27 -43.47
CA PHE B 2222 35.33 72.01 -44.69
C PHE B 2222 35.62 71.02 -45.82
N TYR B 2223 34.68 70.94 -46.77
CA TYR B 2223 34.87 70.13 -47.96
C TYR B 2223 35.62 70.83 -49.09
N PRO B 2224 35.26 72.05 -49.50
CA PRO B 2224 35.87 72.62 -50.71
C PRO B 2224 37.27 73.15 -50.46
N TYR B 2225 38.00 73.32 -51.57
CA TYR B 2225 39.36 73.83 -51.53
C TYR B 2225 39.61 74.75 -52.72
N LEU B 2238 46.40 78.09 -44.62
CA LEU B 2238 46.07 78.72 -43.35
C LEU B 2238 44.57 78.61 -43.08
N ILE B 2239 44.14 77.42 -42.62
CA ILE B 2239 42.74 77.16 -42.32
C ILE B 2239 42.59 76.36 -41.04
N SER B 2240 43.50 76.56 -40.08
CA SER B 2240 43.50 75.84 -38.82
C SER B 2240 43.41 76.75 -37.59
N LEU B 2241 43.70 78.03 -37.72
CA LEU B 2241 43.65 78.93 -36.57
C LEU B 2241 42.22 79.40 -36.28
N LEU B 2242 41.47 79.71 -37.33
CA LEU B 2242 40.10 80.21 -37.19
C LEU B 2242 39.04 79.14 -37.41
N PHE B 2243 39.40 77.98 -37.94
CA PHE B 2243 38.43 76.93 -38.22
C PHE B 2243 37.85 76.38 -36.92
N TRP B 2244 36.76 75.64 -37.06
CA TRP B 2244 36.07 75.07 -35.91
C TRP B 2244 36.65 73.74 -35.46
N ILE B 2245 37.32 73.01 -36.36
CA ILE B 2245 37.92 71.73 -35.99
C ILE B 2245 39.00 71.91 -34.94
N LEU B 2246 39.80 72.97 -35.05
CA LEU B 2246 40.87 73.21 -34.10
C LEU B 2246 40.31 73.54 -32.72
N ILE B 2247 39.35 74.46 -32.66
CA ILE B 2247 38.73 74.81 -31.39
C ILE B 2247 37.92 73.63 -30.83
N CYS B 2248 37.35 72.81 -31.70
CA CYS B 2248 36.61 71.63 -31.24
C CYS B 2248 37.55 70.51 -30.79
N PHE B 2249 38.77 70.47 -31.33
CA PHE B 2249 39.72 69.44 -30.94
C PHE B 2249 40.12 69.57 -29.48
N SER B 2250 40.32 70.81 -29.01
CA SER B 2250 40.69 71.03 -27.62
C SER B 2250 39.56 70.62 -26.67
N ILE B 2251 38.31 70.67 -27.14
CA ILE B 2251 37.20 70.26 -26.29
C ILE B 2251 37.23 68.76 -26.03
N ALA B 2252 37.31 67.96 -27.09
CA ALA B 2252 37.39 66.52 -26.93
C ALA B 2252 38.74 66.11 -26.33
N ALA B 2253 39.77 66.92 -26.52
CA ALA B 2253 41.07 66.63 -25.91
C ALA B 2253 40.98 66.69 -24.39
N LEU B 2254 40.30 67.70 -23.86
CA LEU B 2254 40.09 67.77 -22.42
C LEU B 2254 39.22 66.61 -21.93
N PHE B 2255 38.16 66.30 -22.67
CA PHE B 2255 37.36 65.12 -22.36
C PHE B 2255 38.18 63.85 -22.53
N THR B 2256 39.06 63.82 -23.52
CA THR B 2256 39.96 62.67 -23.68
C THR B 2256 40.91 62.56 -22.50
N LYS B 2257 41.45 63.69 -22.04
CA LYS B 2257 42.30 63.68 -20.85
C LYS B 2257 41.49 63.42 -19.59
N ARG B 2258 40.21 63.81 -19.58
CA ARG B 2258 39.37 63.57 -18.42
C ARG B 2258 39.03 62.09 -18.28
N TYR B 2259 38.83 61.40 -19.39
CA TYR B 2259 38.48 59.99 -19.36
C TYR B 2259 39.64 59.15 -18.83
N SER B 2260 41.37 55.72 -23.89
CA SER B 2260 42.34 54.64 -24.05
C SER B 2260 42.95 54.68 -25.45
N ILE B 2261 42.16 54.31 -26.45
CA ILE B 2261 42.61 54.30 -27.84
C ILE B 2261 42.29 55.63 -28.52
N ARG B 2262 41.16 56.24 -28.19
CA ARG B 2262 40.77 57.49 -28.83
C ARG B 2262 41.73 58.65 -28.55
N PRO B 2263 42.26 58.87 -27.34
CA PRO B 2263 43.10 60.06 -27.13
C PRO B 2263 44.37 60.08 -27.96
N LEU B 2264 45.06 58.93 -28.10
CA LEU B 2264 46.33 58.93 -28.81
C LEU B 2264 46.16 59.06 -30.32
N ILE B 2265 44.97 58.77 -30.85
CA ILE B 2265 44.74 58.90 -32.29
C ILE B 2265 44.45 60.36 -32.64
N VAL B 2266 43.61 61.02 -31.85
CA VAL B 2266 43.23 62.40 -32.16
C VAL B 2266 44.41 63.34 -31.98
N ALA B 2267 45.37 62.99 -31.12
CA ALA B 2267 46.51 63.86 -30.90
C ALA B 2267 47.39 63.95 -32.14
N LEU B 2268 47.49 62.85 -32.90
CA LEU B 2268 48.28 62.86 -34.13
C LEU B 2268 47.66 63.78 -35.17
N ILE B 2269 46.34 63.86 -35.20
CA ILE B 2269 45.66 64.64 -36.25
C ILE B 2269 45.99 66.12 -36.10
N LEU B 2270 46.01 66.62 -34.86
CA LEU B 2270 46.31 68.04 -34.64
C LEU B 2270 47.72 68.38 -35.11
N ARG B 2271 48.68 67.48 -34.85
CA ARG B 2271 50.05 67.71 -35.32
C ARG B 2271 50.16 67.62 -36.83
N SER B 2272 49.30 66.81 -37.46
CA SER B 2272 49.32 66.71 -38.92
C SER B 2272 48.87 68.02 -39.55
N ILE B 2273 47.82 68.63 -39.00
CA ILE B 2273 47.33 69.89 -39.54
C ILE B 2273 48.34 71.00 -39.29
N TYR B 2274 48.97 71.00 -38.12
CA TYR B 2274 49.89 72.08 -37.77
C TYR B 2274 51.16 72.03 -38.61
N TYR B 2275 51.58 70.84 -39.03
CA TYR B 2275 52.76 70.67 -39.85
C TYR B 2275 52.47 70.69 -41.35
N LEU B 2276 51.49 69.89 -41.79
CA LEU B 2276 51.17 69.73 -43.20
C LEU B 2276 49.84 70.43 -43.51
N GLY B 2277 49.50 70.43 -44.79
CA GLY B 2277 48.22 70.95 -45.24
C GLY B 2277 47.09 69.98 -45.00
N ILE B 2278 46.26 69.75 -46.01
CA ILE B 2278 45.12 68.84 -45.92
C ILE B 2278 45.23 67.72 -46.93
N GLY B 2279 45.55 68.06 -48.18
CA GLY B 2279 45.75 67.11 -49.24
C GLY B 2279 46.59 65.89 -48.87
N PRO B 2280 47.71 66.10 -48.18
CA PRO B 2280 48.49 64.93 -47.72
C PRO B 2280 47.75 64.02 -46.76
N THR B 2281 47.09 64.59 -45.74
CA THR B 2281 46.61 63.78 -44.62
C THR B 2281 45.29 63.08 -44.89
N LEU B 2282 44.63 63.34 -46.02
CA LEU B 2282 43.45 62.56 -46.38
C LEU B 2282 43.80 61.31 -47.16
N ASN B 2283 44.87 61.34 -47.94
CA ASN B 2283 45.31 60.15 -48.67
C ASN B 2283 45.85 59.07 -47.74
N ILE B 2284 46.27 59.43 -46.52
CA ILE B 2284 46.89 58.47 -45.61
C ILE B 2284 45.85 57.86 -44.67
N LEU B 2285 44.81 58.63 -44.31
CA LEU B 2285 43.79 58.10 -43.41
C LEU B 2285 42.91 57.07 -44.12
N GLY B 2286 42.44 57.40 -45.31
CA GLY B 2286 41.73 56.40 -46.10
C GLY B 2286 42.60 55.22 -46.45
N ALA B 2287 43.88 55.48 -46.73
CA ALA B 2287 44.82 54.39 -46.95
C ALA B 2287 45.06 53.59 -45.67
N LEU B 2288 45.16 54.29 -44.53
CA LEU B 2288 45.28 53.60 -43.26
C LEU B 2288 44.02 52.81 -42.96
N ASN B 2289 42.86 53.31 -43.40
CA ASN B 2289 41.61 52.55 -43.28
C ASN B 2289 41.71 51.24 -44.07
N LEU B 2290 42.37 51.27 -45.23
CA LEU B 2290 42.51 50.06 -46.03
C LEU B 2290 43.33 49.02 -45.28
N THR B 2291 44.41 49.44 -44.64
CA THR B 2291 45.30 48.50 -43.96
C THR B 2291 44.64 47.85 -42.76
N ASN B 2292 43.57 48.43 -42.22
CA ASN B 2292 42.92 47.84 -41.06
C ASN B 2292 42.09 46.63 -41.46
N LYS B 2293 41.28 46.74 -42.51
CA LYS B 2293 40.34 45.68 -42.83
C LYS B 2293 41.01 44.48 -43.46
N ILE B 2294 42.07 44.70 -44.26
CA ILE B 2294 42.83 43.59 -44.81
C ILE B 2294 43.45 42.74 -43.71
N VAL B 2295 43.65 43.32 -42.52
CA VAL B 2295 43.97 42.52 -41.34
C VAL B 2295 42.70 41.88 -40.78
N PHE B 2296 41.59 42.60 -40.81
CA PHE B 2296 40.34 42.09 -40.24
C PHE B 2296 39.81 40.91 -41.03
N VAL B 2297 39.81 41.03 -42.36
CA VAL B 2297 39.23 39.99 -43.21
C VAL B 2297 40.03 38.69 -43.08
N VAL B 2298 41.36 38.79 -43.17
CA VAL B 2298 42.19 37.60 -43.10
C VAL B 2298 42.08 36.94 -41.73
N SER B 2299 41.94 37.74 -40.68
CA SER B 2299 41.75 37.18 -39.35
C SER B 2299 40.34 36.64 -39.19
N PHE B 2300 39.35 37.31 -39.78
CA PHE B 2300 37.96 36.88 -39.66
C PHE B 2300 37.76 35.49 -40.23
N VAL B 2301 38.28 35.24 -41.44
CA VAL B 2301 38.21 33.91 -42.02
C VAL B 2301 39.02 32.93 -41.18
N GLY B 2302 40.12 33.38 -40.58
CA GLY B 2302 40.92 32.50 -39.76
C GLY B 2302 40.27 32.15 -38.45
N ASN B 2303 39.52 33.08 -37.87
CA ASN B 2303 38.88 32.84 -36.58
C ASN B 2303 37.65 31.97 -36.73
N ARG B 2304 36.75 32.34 -37.65
CA ARG B 2304 35.50 31.61 -37.83
C ARG B 2304 35.66 30.39 -38.73
N GLY B 2305 36.66 30.39 -39.62
CA GLY B 2305 36.80 29.31 -40.56
C GLY B 2305 35.64 29.27 -41.53
N THR B 2306 35.56 30.28 -42.40
CA THR B 2306 34.43 30.40 -43.30
C THR B 2306 34.57 29.53 -44.54
N PHE B 2307 35.80 29.37 -45.06
CA PHE B 2307 36.05 28.54 -46.23
C PHE B 2307 36.29 27.08 -45.87
N ILE B 2308 35.91 26.67 -44.66
CA ILE B 2308 35.97 25.25 -44.31
C ILE B 2308 34.98 24.46 -45.15
N ARG B 2309 33.76 24.98 -45.31
CA ARG B 2309 32.75 24.30 -46.11
C ARG B 2309 33.12 24.29 -47.59
N GLY B 2310 33.88 25.28 -48.05
CA GLY B 2310 34.29 25.33 -49.43
C GLY B 2310 34.65 26.74 -49.84
N TYR B 2311 35.44 26.83 -50.92
CA TYR B 2311 35.84 28.13 -51.43
C TYR B 2311 34.64 28.93 -51.93
N LYS B 2312 33.67 28.25 -52.52
CA LYS B 2312 32.45 28.90 -53.01
C LYS B 2312 31.37 29.02 -51.94
N ALA B 2313 31.66 28.63 -50.70
CA ALA B 2313 30.71 28.77 -49.61
C ALA B 2313 30.76 30.16 -48.98
N MET B 2314 31.90 30.85 -49.08
CA MET B 2314 32.02 32.19 -48.52
C MET B 2314 31.07 33.17 -49.19
N VAL B 2315 30.81 32.98 -50.49
CA VAL B 2315 30.01 33.93 -51.25
C VAL B 2315 28.58 33.99 -50.74
N MET B 2316 28.09 32.92 -50.11
CA MET B 2316 26.76 32.92 -49.53
C MET B 2316 26.73 33.57 -48.16
N ASP B 2317 27.86 33.53 -47.43
CA ASP B 2317 27.93 34.16 -46.12
C ASP B 2317 27.79 35.67 -46.28
N MET B 2318 26.68 36.21 -45.79
CA MET B 2318 26.41 37.64 -45.96
C MET B 2318 27.40 38.49 -45.18
N GLU B 2319 27.93 37.97 -44.07
CA GLU B 2319 28.89 38.73 -43.28
C GLU B 2319 30.14 39.03 -44.08
N PHE B 2320 30.71 38.00 -44.74
CA PHE B 2320 31.90 38.21 -45.55
C PHE B 2320 31.64 39.15 -46.71
N LEU B 2321 30.39 39.23 -47.18
CA LEU B 2321 30.06 40.14 -48.26
C LEU B 2321 30.00 41.59 -47.78
N TYR B 2322 29.50 41.80 -46.57
CA TYR B 2322 29.40 43.17 -46.06
C TYR B 2322 30.78 43.78 -45.84
N HIS B 2323 31.77 42.96 -45.50
CA HIS B 2323 33.07 43.49 -45.14
C HIS B 2323 33.94 43.77 -46.37
N VAL B 2324 33.75 43.01 -47.45
CA VAL B 2324 34.49 43.30 -48.67
C VAL B 2324 33.93 44.54 -49.36
N GLY B 2325 32.62 44.76 -49.27
CA GLY B 2325 32.06 45.99 -49.79
C GLY B 2325 32.51 47.20 -49.00
N TYR B 2326 32.71 47.03 -47.69
CA TYR B 2326 33.28 48.09 -46.86
C TYR B 2326 34.65 48.50 -47.34
N ILE B 2327 35.38 47.59 -48.00
CA ILE B 2327 36.68 47.92 -48.57
C ILE B 2327 36.51 48.71 -49.86
N LEU B 2328 35.61 48.25 -50.75
CA LEU B 2328 35.44 48.90 -52.04
C LEU B 2328 35.06 50.36 -51.87
N THR B 2329 34.24 50.66 -50.87
CA THR B 2329 33.95 52.06 -50.57
C THR B 2329 35.21 52.79 -50.12
N SER B 2330 36.08 52.10 -49.38
CA SER B 2330 37.32 52.71 -48.94
C SER B 2330 38.31 52.86 -50.09
N VAL B 2331 38.37 51.85 -50.97
CA VAL B 2331 39.24 51.93 -52.13
C VAL B 2331 38.71 52.97 -53.11
N LEU B 2332 37.41 52.93 -53.38
CA LEU B 2332 36.82 53.84 -54.36
C LEU B 2332 36.93 55.29 -53.90
N GLY B 2333 36.85 55.53 -52.59
CA GLY B 2333 36.90 56.89 -52.09
C GLY B 2333 38.30 57.47 -52.01
N LEU B 2334 39.33 56.63 -52.03
CA LEU B 2334 40.70 57.13 -51.97
C LEU B 2334 41.16 57.71 -53.29
N PHE B 2335 40.72 57.14 -54.41
CA PHE B 2335 41.18 57.53 -55.73
C PHE B 2335 40.14 58.32 -56.52
N ALA B 2336 38.90 57.83 -56.57
CA ALA B 2336 37.91 58.45 -57.45
C ALA B 2336 37.45 59.79 -56.92
N HIS B 2337 36.94 59.82 -55.69
CA HIS B 2337 36.27 61.01 -55.16
C HIS B 2337 36.10 60.83 -53.66
N GLU B 2338 36.38 61.90 -52.91
CA GLU B 2338 36.55 61.78 -51.47
C GLU B 2338 35.28 61.38 -50.73
N LEU B 2339 34.10 61.57 -51.33
CA LEU B 2339 32.85 61.47 -50.58
C LEU B 2339 32.26 60.08 -50.53
N PHE B 2340 32.93 59.05 -51.07
CA PHE B 2340 32.42 57.70 -50.92
C PHE B 2340 32.57 57.18 -49.49
N TYR B 2341 33.43 57.80 -48.68
CA TYR B 2341 33.66 57.34 -47.32
C TYR B 2341 32.46 57.53 -46.42
N SER B 2342 31.45 58.30 -46.84
CA SER B 2342 30.26 58.48 -46.02
C SER B 2342 29.52 57.17 -45.80
N ILE B 2343 29.63 56.25 -46.76
CA ILE B 2343 28.99 54.94 -46.64
C ILE B 2343 29.56 54.15 -45.47
N LEU B 2344 30.79 54.45 -45.04
CA LEU B 2344 31.43 53.66 -44.00
C LEU B 2344 30.70 53.73 -42.66
N LEU B 2345 29.85 54.73 -42.45
CA LEU B 2345 29.24 54.91 -41.14
C LEU B 2345 28.18 53.85 -40.85
N PHE B 2346 27.67 53.16 -41.86
CA PHE B 2346 26.71 52.09 -41.63
C PHE B 2346 27.35 50.88 -40.94
N ASP B 2347 28.67 50.87 -40.75
CA ASP B 2347 29.31 49.87 -39.91
C ASP B 2347 28.88 49.99 -38.46
N LEU B 2348 28.31 51.14 -38.07
CA LEU B 2348 27.77 51.30 -36.72
C LEU B 2348 26.73 50.22 -36.42
N ILE B 2349 25.93 49.85 -37.41
CA ILE B 2349 24.87 48.88 -37.18
C ILE B 2349 25.47 47.51 -36.87
N TYR B 2350 26.55 47.14 -37.55
CA TYR B 2350 27.23 45.89 -37.28
C TYR B 2350 28.22 46.00 -36.13
N ARG B 2351 28.79 47.18 -35.92
CA ARG B 2351 29.73 47.39 -34.82
C ARG B 2351 29.08 47.19 -33.46
N GLU B 2352 27.76 47.30 -33.37
CA GLU B 2352 27.07 47.28 -32.09
C GLU B 2352 25.74 46.56 -32.23
N GLU B 2353 25.33 45.89 -31.15
CA GLU B 2353 24.13 45.06 -31.13
C GLU B 2353 22.93 45.75 -30.49
N THR B 2354 23.16 46.76 -29.63
CA THR B 2354 22.07 47.44 -28.97
C THR B 2354 21.14 48.11 -29.99
N LEU B 2355 21.71 48.69 -31.04
CA LEU B 2355 20.90 49.35 -32.05
C LEU B 2355 20.19 48.37 -32.96
N PHE B 2356 20.85 47.28 -33.32
CA PHE B 2356 20.36 46.42 -34.40
C PHE B 2356 19.02 45.81 -34.06
N ASN B 2357 18.71 45.63 -32.77
CA ASN B 2357 17.40 45.12 -32.39
C ASN B 2357 16.28 46.06 -32.79
N VAL B 2358 16.57 47.36 -32.94
CA VAL B 2358 15.55 48.31 -33.35
C VAL B 2358 15.09 48.02 -34.78
N ILE B 2359 16.03 48.08 -35.74
CA ILE B 2359 15.65 47.92 -37.14
C ILE B 2359 15.22 46.51 -37.49
N LYS B 2360 15.39 45.53 -36.59
CA LYS B 2360 14.67 44.27 -36.74
C LYS B 2360 13.18 44.51 -36.89
N SER B 2361 12.65 45.51 -36.17
CA SER B 2361 11.22 45.79 -36.21
C SER B 2361 10.76 46.19 -37.60
N VAL B 2362 11.41 47.20 -38.19
CA VAL B 2362 11.08 47.61 -39.54
C VAL B 2362 11.38 46.51 -40.54
N THR B 2363 12.31 45.60 -40.22
CA THR B 2363 12.69 44.51 -41.09
C THR B 2363 11.78 43.30 -40.92
N ARG B 2364 11.38 42.99 -39.69
CA ARG B 2364 10.65 41.76 -39.41
C ARG B 2364 9.29 41.76 -40.11
N ASN B 2365 8.40 42.67 -39.68
CA ASN B 2365 7.11 42.85 -40.35
C ASN B 2365 7.20 43.95 -41.41
N GLY B 2366 8.19 43.82 -42.30
CA GLY B 2366 8.35 44.79 -43.37
C GLY B 2366 7.30 44.63 -44.44
N ARG B 2367 6.82 43.40 -44.67
CA ARG B 2367 5.79 43.15 -45.67
C ARG B 2367 4.51 43.89 -45.34
N SER B 2368 4.25 44.14 -44.06
CA SER B 2368 3.05 44.85 -43.64
C SER B 2368 3.20 46.36 -43.67
N ILE B 2369 4.38 46.88 -44.00
CA ILE B 2369 4.62 48.32 -44.06
C ILE B 2369 4.46 48.85 -45.49
N LEU B 2370 5.09 48.20 -46.46
CA LEU B 2370 5.05 48.68 -47.82
C LEU B 2370 3.63 48.62 -48.38
N LEU B 2371 2.94 47.49 -48.17
CA LEU B 2371 1.56 47.39 -48.60
C LEU B 2371 0.68 48.41 -47.88
N THR B 2372 0.98 48.66 -46.60
CA THR B 2372 0.31 49.73 -45.88
C THR B 2372 0.64 51.08 -46.51
N ALA B 2373 1.87 51.26 -46.95
CA ALA B 2373 2.23 52.49 -47.66
C ALA B 2373 1.55 52.57 -49.00
N LEU B 2374 1.32 51.42 -49.66
CA LEU B 2374 0.57 51.44 -50.90
C LEU B 2374 -0.91 51.71 -50.65
N LEU B 2375 -1.42 51.31 -49.49
CA LEU B 2375 -2.79 51.65 -49.13
C LEU B 2375 -2.97 53.16 -49.07
N ALA B 2376 -1.92 53.89 -48.72
CA ALA B 2376 -1.93 55.34 -48.88
C ALA B 2376 -1.90 55.72 -50.36
N LEU B 2377 -1.12 54.98 -51.15
CA LEU B 2377 -1.00 55.28 -52.57
C LEU B 2377 -2.27 54.95 -53.33
N ILE B 2378 -3.06 54.00 -52.83
CA ILE B 2378 -4.31 53.65 -53.53
C ILE B 2378 -5.40 54.65 -53.19
N LEU B 2379 -5.43 55.18 -51.97
CA LEU B 2379 -6.48 56.12 -51.60
C LEU B 2379 -6.25 57.49 -52.19
N VAL B 2380 -4.99 57.95 -52.21
CA VAL B 2380 -4.67 59.21 -52.88
C VAL B 2380 -5.00 59.12 -54.36
N TYR B 2381 -4.88 57.93 -54.95
CA TYR B 2381 -5.26 57.73 -56.34
C TYR B 2381 -6.75 57.97 -56.55
N LEU B 2382 -7.57 57.83 -55.50
CA LEU B 2382 -9.00 58.10 -55.60
C LEU B 2382 -9.30 59.58 -55.38
N PHE B 2383 -8.79 60.15 -54.29
CA PHE B 2383 -9.06 61.56 -54.00
C PHE B 2383 -8.48 62.46 -55.08
N SER B 2384 -7.38 62.06 -55.70
CA SER B 2384 -6.82 62.84 -56.80
C SER B 2384 -7.79 62.89 -57.97
N ILE B 2385 -8.47 61.77 -58.26
CA ILE B 2385 -9.40 61.74 -59.37
C ILE B 2385 -10.61 62.63 -59.08
N VAL B 2386 -11.02 62.71 -57.81
CA VAL B 2386 -12.10 63.59 -57.42
C VAL B 2386 -11.73 65.04 -57.69
N GLY B 2387 -10.44 65.37 -57.58
CA GLY B 2387 -9.98 66.72 -57.84
C GLY B 2387 -9.95 67.07 -59.31
N PHE B 2388 -9.47 66.14 -60.13
CA PHE B 2388 -9.35 66.41 -61.57
C PHE B 2388 -10.69 66.67 -62.23
N LEU B 2389 -11.79 66.16 -61.66
CA LEU B 2389 -13.10 66.31 -62.26
C LEU B 2389 -13.83 67.56 -61.79
N PHE B 2390 -13.85 67.79 -60.47
CA PHE B 2390 -14.58 68.89 -59.87
C PHE B 2390 -13.70 70.05 -59.42
N LEU B 2391 -12.58 69.76 -58.76
CA LEU B 2391 -11.71 70.80 -58.18
C LEU B 2391 -10.46 71.03 -59.02
N LYS B 2392 -10.61 70.99 -60.35
CA LYS B 2392 -9.46 71.13 -61.25
C LYS B 2392 -8.81 72.50 -61.08
N ASP B 2393 -9.60 73.57 -61.19
CA ASP B 2393 -9.06 74.92 -61.12
C ASP B 2393 -8.48 75.27 -59.76
N ASP B 2394 -8.75 74.48 -58.72
CA ASP B 2394 -8.39 74.84 -57.36
C ASP B 2394 -7.01 74.34 -56.95
N PHE B 2395 -6.45 73.36 -57.66
CA PHE B 2395 -5.09 72.86 -57.36
C PHE B 2395 -4.09 73.87 -57.93
N ILE B 2396 -3.93 74.97 -57.18
CA ILE B 2396 -2.99 76.03 -57.48
C ILE B 2396 -1.80 75.90 -56.54
N LEU B 2397 -0.64 76.33 -57.00
CA LEU B 2397 0.59 76.28 -56.22
C LEU B 2397 1.40 77.54 -56.43
N GLU B 2398 1.90 78.12 -55.34
CA GLU B 2398 2.87 79.18 -55.43
C GLU B 2398 4.19 78.62 -55.97
N VAL B 2399 4.92 79.47 -56.68
CA VAL B 2399 6.14 79.06 -57.37
C VAL B 2399 7.14 80.19 -57.33
N ASP B 2400 8.42 79.83 -57.18
CA ASP B 2400 9.54 80.76 -57.25
C ASP B 2400 10.35 80.43 -58.50
N ARG B 2401 10.28 81.31 -59.49
CA ARG B 2401 10.86 81.02 -60.79
C ARG B 2401 12.38 81.09 -60.73
N LEU B 2402 13.02 80.83 -61.88
CA LEU B 2402 14.46 80.78 -62.02
C LEU B 2402 14.85 81.35 -63.39
N PRO B 2403 15.56 82.48 -63.47
CA PRO B 2403 15.87 82.97 -64.82
C PRO B 2403 16.88 82.08 -65.56
N ASP B 2449 4.38 86.24 -63.11
CA ASP B 2449 3.97 84.85 -63.24
C ASP B 2449 4.48 84.02 -62.07
N SER B 2450 3.95 84.31 -60.88
CA SER B 2450 4.31 83.61 -59.65
C SER B 2450 3.23 82.63 -59.22
N THR B 2451 2.53 82.04 -60.19
CA THR B 2451 1.50 81.05 -59.93
C THR B 2451 1.59 79.97 -60.98
N GLU B 2452 0.84 78.88 -60.77
CA GLU B 2452 0.87 77.77 -61.70
C GLU B 2452 -0.28 76.82 -61.39
N ARG B 2453 -0.92 76.31 -62.44
CA ARG B 2453 -1.88 75.23 -62.32
C ARG B 2453 -1.15 73.90 -62.43
N ALA B 2454 -1.51 72.95 -61.56
CA ALA B 2454 -0.79 71.69 -61.43
C ALA B 2454 -1.75 70.52 -61.33
N CYS B 2455 -2.83 70.55 -62.11
CA CYS B 2455 -3.68 69.36 -62.25
C CYS B 2455 -4.24 69.25 -63.67
N ASP B 2456 -3.55 69.83 -64.66
CA ASP B 2456 -4.01 69.71 -66.03
C ASP B 2456 -4.02 68.27 -66.53
N THR B 2457 -3.22 67.40 -65.93
CA THR B 2457 -3.20 65.98 -66.24
C THR B 2457 -3.20 65.19 -64.95
N LEU B 2458 -3.81 64.00 -64.99
CA LEU B 2458 -4.00 63.20 -63.78
C LEU B 2458 -2.69 62.82 -63.12
N LEU B 2459 -1.60 62.76 -63.87
CA LEU B 2459 -0.30 62.42 -63.27
C LEU B 2459 0.09 63.47 -62.25
N MET B 2460 0.13 64.74 -62.66
CA MET B 2460 0.48 65.81 -61.73
C MET B 2460 -0.56 65.96 -60.64
N CYS B 2461 -1.82 65.58 -60.92
CA CYS B 2461 -2.85 65.64 -59.89
C CYS B 2461 -2.53 64.72 -58.72
N ILE B 2462 -1.73 63.68 -58.94
CA ILE B 2462 -1.25 62.82 -57.86
C ILE B 2462 -0.02 63.43 -57.20
N VAL B 2463 0.89 64.01 -57.99
CA VAL B 2463 2.17 64.47 -57.46
C VAL B 2463 1.96 65.61 -56.48
N THR B 2464 1.02 66.51 -56.77
CA THR B 2464 0.75 67.62 -55.86
C THR B 2464 0.25 67.11 -54.52
N VAL B 2465 -0.69 66.17 -54.54
CA VAL B 2465 -1.18 65.59 -53.30
C VAL B 2465 -0.17 64.63 -52.71
N MET B 2466 0.63 63.96 -53.56
CA MET B 2466 1.67 63.08 -53.05
C MET B 2466 2.69 63.87 -52.25
N ASN B 2467 3.04 65.07 -52.71
CA ASN B 2467 3.91 65.94 -51.92
C ASN B 2467 3.10 66.70 -50.88
N HIS B 2468 2.26 67.64 -51.32
CA HIS B 2468 1.69 68.61 -50.41
C HIS B 2468 0.50 68.08 -49.64
N GLY B 2469 0.08 66.83 -49.87
CA GLY B 2469 -1.05 66.26 -49.16
C GLY B 2469 -0.62 65.43 -47.96
N LEU B 2470 0.53 64.79 -48.07
CA LEU B 2470 1.02 63.90 -47.01
C LEU B 2470 1.91 64.64 -46.02
N ARG B 2471 3.00 65.22 -46.51
CA ARG B 2471 4.02 65.77 -45.62
C ARG B 2471 3.60 67.09 -45.00
N ASN B 2472 2.72 67.84 -45.65
CA ASN B 2472 2.38 69.19 -45.19
C ASN B 2472 1.81 69.18 -43.78
N GLY B 2473 1.15 68.09 -43.39
CA GLY B 2473 0.54 68.03 -42.08
C GLY B 2473 -0.80 68.72 -42.12
N GLY B 2474 -1.83 68.02 -41.68
CA GLY B 2474 -3.18 68.49 -41.88
C GLY B 2474 -3.75 68.24 -43.25
N GLY B 2475 -3.13 67.36 -44.03
CA GLY B 2475 -3.68 67.04 -45.33
C GLY B 2475 -3.30 68.05 -46.39
N VAL B 2476 -4.23 68.27 -47.31
CA VAL B 2476 -3.94 69.00 -48.55
C VAL B 2476 -4.42 70.44 -48.53
N GLY B 2477 -5.41 70.77 -47.71
CA GLY B 2477 -6.02 72.08 -47.80
C GLY B 2477 -5.15 73.25 -47.42
N ASP B 2478 -3.93 73.00 -46.91
CA ASP B 2478 -3.04 74.09 -46.55
C ASP B 2478 -2.59 74.86 -47.79
N ILE B 2479 -1.98 74.15 -48.76
CA ILE B 2479 -1.47 74.80 -49.96
C ILE B 2479 -2.59 75.38 -50.82
N LEU B 2480 -3.76 74.78 -50.78
CA LEU B 2480 -4.80 75.15 -51.74
C LEU B 2480 -5.36 76.53 -51.44
N ARG B 2481 -5.77 77.22 -52.51
CA ARG B 2481 -6.36 78.53 -52.35
C ARG B 2481 -7.63 78.43 -51.53
N LYS B 2482 -7.71 79.22 -50.47
CA LYS B 2482 -8.76 79.10 -49.47
C LYS B 2482 -10.02 79.78 -49.98
N PRO B 2483 -11.08 79.06 -50.31
CA PRO B 2483 -12.26 79.69 -50.90
C PRO B 2483 -13.10 80.41 -49.83
N SER B 2484 -14.15 81.06 -50.29
CA SER B 2484 -15.11 81.74 -49.43
C SER B 2484 -16.29 80.82 -49.14
N LYS B 2485 -17.19 81.32 -48.31
CA LYS B 2485 -18.44 80.61 -48.04
C LYS B 2485 -19.49 80.89 -49.10
N ASP B 2486 -19.42 82.05 -49.76
CA ASP B 2486 -20.42 82.42 -50.75
C ASP B 2486 -20.43 81.50 -51.96
N GLU B 2487 -19.31 80.82 -52.24
CA GLU B 2487 -19.26 79.92 -53.38
C GLU B 2487 -20.22 78.75 -53.17
N SER B 2488 -20.49 78.03 -54.25
CA SER B 2488 -21.46 76.94 -54.23
C SER B 2488 -20.83 75.61 -53.82
N LEU B 2489 -19.61 75.33 -54.30
CA LEU B 2489 -18.95 74.08 -54.01
C LEU B 2489 -18.23 74.08 -52.65
N PHE B 2490 -18.47 75.08 -51.81
CA PHE B 2490 -17.78 75.13 -50.52
C PHE B 2490 -18.08 73.93 -49.62
N PRO B 2491 -19.32 73.45 -49.49
CA PRO B 2491 -19.53 72.28 -48.62
C PRO B 2491 -18.76 71.05 -49.07
N ALA B 2492 -18.91 70.65 -50.33
CA ALA B 2492 -18.13 69.52 -50.83
C ALA B 2492 -16.64 69.79 -50.81
N ARG B 2493 -16.26 71.06 -50.93
CA ARG B 2493 -14.85 71.43 -50.85
C ARG B 2493 -14.31 71.16 -49.45
N VAL B 2494 -15.11 71.45 -48.42
CA VAL B 2494 -14.69 71.15 -47.05
C VAL B 2494 -14.47 69.65 -46.90
N VAL B 2495 -15.46 68.86 -47.32
CA VAL B 2495 -15.44 67.41 -47.08
C VAL B 2495 -14.26 66.76 -47.79
N TYR B 2496 -13.75 67.39 -48.86
CA TYR B 2496 -12.57 66.85 -49.52
C TYR B 2496 -11.34 66.90 -48.61
N ASP B 2497 -11.30 67.87 -47.68
CA ASP B 2497 -10.18 67.96 -46.75
C ASP B 2497 -10.35 67.02 -45.58
N LEU B 2498 -11.59 66.88 -45.07
CA LEU B 2498 -11.82 66.05 -43.89
C LEU B 2498 -11.50 64.60 -44.18
N LEU B 2499 -12.09 64.04 -45.25
CA LEU B 2499 -11.87 62.63 -45.54
C LEU B 2499 -10.44 62.35 -45.98
N PHE B 2500 -9.71 63.36 -46.41
CA PHE B 2500 -8.27 63.25 -46.61
C PHE B 2500 -7.49 63.45 -45.31
N PHE B 2501 -8.19 63.60 -44.17
CA PHE B 2501 -7.56 63.81 -42.88
C PHE B 2501 -7.86 62.73 -41.86
N PHE B 2502 -9.07 62.19 -41.84
CA PHE B 2502 -9.44 61.13 -40.91
C PHE B 2502 -9.31 59.73 -41.51
N ILE B 2503 -8.97 59.62 -42.79
CA ILE B 2503 -8.83 58.34 -43.46
C ILE B 2503 -7.37 57.96 -43.65
N VAL B 2504 -6.51 58.94 -43.95
CA VAL B 2504 -5.13 58.69 -44.32
C VAL B 2504 -4.14 59.27 -43.31
N ILE B 2505 -4.39 60.48 -42.82
CA ILE B 2505 -3.40 61.13 -41.94
C ILE B 2505 -3.40 60.48 -40.57
N ILE B 2506 -4.52 60.55 -39.85
CA ILE B 2506 -4.55 60.00 -38.50
C ILE B 2506 -4.39 58.49 -38.54
N ILE B 2507 -4.87 57.84 -39.60
CA ILE B 2507 -4.84 56.39 -39.67
C ILE B 2507 -3.59 55.89 -40.37
N VAL B 2508 -3.48 56.15 -41.67
CA VAL B 2508 -2.61 55.34 -42.52
C VAL B 2508 -1.15 55.68 -42.30
N LEU B 2509 -0.83 56.98 -42.28
CA LEU B 2509 0.54 57.38 -41.97
C LEU B 2509 0.95 56.91 -40.58
N ASN B 2510 -0.01 56.84 -39.66
CA ASN B 2510 0.26 56.39 -38.30
C ASN B 2510 0.06 54.89 -38.12
N LEU B 2511 -0.67 54.22 -39.02
CA LEU B 2511 -0.67 52.76 -39.04
C LEU B 2511 0.74 52.24 -39.28
N ILE B 2512 1.51 52.95 -40.11
CA ILE B 2512 2.90 52.60 -40.34
C ILE B 2512 3.65 52.60 -39.02
N PHE B 2513 3.36 53.58 -38.16
CA PHE B 2513 3.99 53.64 -36.85
C PHE B 2513 3.36 52.69 -35.85
N GLY B 2514 2.11 52.28 -36.09
CA GLY B 2514 1.45 51.38 -35.14
C GLY B 2514 2.15 50.05 -35.04
N VAL B 2515 2.44 49.43 -36.19
CA VAL B 2515 3.09 48.13 -36.20
C VAL B 2515 4.47 48.20 -35.58
N ILE B 2516 5.15 49.33 -35.70
CA ILE B 2516 6.53 49.43 -35.25
C ILE B 2516 6.61 49.35 -33.73
N ILE B 2517 5.55 49.76 -33.03
CA ILE B 2517 5.46 49.50 -31.60
C ILE B 2517 5.16 48.04 -31.35
N ASP B 2518 4.04 47.57 -31.91
CA ASP B 2518 3.58 46.21 -31.67
C ASP B 2518 4.60 45.17 -32.12
N THR B 2519 5.52 45.54 -33.01
CA THR B 2519 6.60 44.65 -33.36
C THR B 2519 7.63 44.54 -32.24
N PHE B 2520 7.85 45.62 -31.48
CA PHE B 2520 8.75 45.54 -30.33
C PHE B 2520 8.22 44.54 -29.31
N ALA B 2521 6.93 44.65 -28.97
CA ALA B 2521 6.36 43.76 -27.97
C ALA B 2521 6.43 42.30 -28.40
N ASP B 2522 6.47 42.04 -29.71
CA ASP B 2522 6.67 40.69 -30.18
C ASP B 2522 8.06 40.20 -29.83
N LEU B 2523 9.05 41.09 -29.87
CA LEU B 2523 10.42 40.68 -29.55
C LEU B 2523 10.57 40.36 -28.07
N ARG B 2524 10.02 41.21 -27.21
CA ARG B 2524 10.14 40.97 -25.77
C ARG B 2524 9.37 39.72 -25.35
N SER B 2525 8.20 39.49 -25.95
CA SER B 2525 7.51 38.23 -25.74
C SER B 2525 8.31 37.06 -26.31
N GLU B 2526 9.19 37.33 -27.28
CA GLU B 2526 10.10 36.31 -27.81
C GLU B 2526 11.43 36.30 -27.09
N LYS B 2527 11.88 37.43 -26.55
CA LYS B 2527 13.20 37.53 -25.95
C LYS B 2527 13.17 37.09 -24.49
N GLN B 2528 12.20 37.59 -23.71
CA GLN B 2528 12.05 37.10 -22.34
C GLN B 2528 11.80 35.61 -22.32
N LYS B 2529 10.94 35.13 -23.22
CA LYS B 2529 10.68 33.70 -23.31
C LYS B 2529 11.94 32.94 -23.71
N LYS B 2530 12.85 33.57 -24.44
CA LYS B 2530 14.08 32.90 -24.84
C LYS B 2530 15.10 32.91 -23.71
N GLU B 2531 15.29 34.06 -23.07
CA GLU B 2531 16.29 34.17 -22.01
C GLU B 2531 15.83 33.55 -20.69
N GLU B 2532 14.52 33.39 -20.50
CA GLU B 2532 14.02 32.80 -19.27
C GLU B 2532 14.27 31.30 -19.20
N ILE B 2533 14.23 30.62 -20.36
CA ILE B 2533 14.39 29.17 -20.33
C ILE B 2533 15.85 28.79 -20.10
N LEU B 2534 16.79 29.60 -20.57
CA LEU B 2534 18.21 29.27 -20.37
C LEU B 2534 18.56 29.28 -18.89
N LYS B 2535 17.98 30.21 -18.13
CA LYS B 2535 18.23 30.24 -16.69
C LYS B 2535 17.39 29.19 -15.96
N THR B 2536 16.24 28.83 -16.51
CA THR B 2536 15.31 27.88 -15.89
C THR B 2536 15.44 26.49 -16.48
N THR B 2537 15.28 26.38 -17.79
CA THR B 2537 15.25 25.10 -18.48
C THR B 2537 16.67 24.67 -18.86
N CYS B 2538 16.88 23.36 -18.89
CA CYS B 2538 18.16 22.83 -19.34
C CYS B 2538 18.24 22.88 -20.86
N PHE B 2539 19.47 22.88 -21.36
CA PHE B 2539 19.67 22.86 -22.80
C PHE B 2539 19.24 21.53 -23.42
N ILE B 2540 19.11 20.47 -22.63
CA ILE B 2540 18.88 19.12 -23.15
C ILE B 2540 17.59 18.54 -22.60
N CYS B 2541 17.54 18.33 -21.28
CA CYS B 2541 16.48 17.54 -20.69
C CYS B 2541 15.14 18.26 -20.63
N GLY B 2542 15.12 19.59 -20.75
CA GLY B 2542 13.88 20.32 -20.72
C GLY B 2542 13.27 20.51 -19.36
N LEU B 2543 13.87 19.96 -18.31
CA LEU B 2543 13.30 20.08 -16.98
C LEU B 2543 13.48 21.49 -16.43
N GLU B 2544 12.58 21.88 -15.54
CA GLU B 2544 12.61 23.17 -14.89
C GLU B 2544 13.42 23.10 -13.60
N ARG B 2545 13.59 24.25 -12.95
CA ARG B 2545 14.28 24.30 -11.66
C ARG B 2545 13.40 23.84 -10.51
N ASP B 2546 12.07 23.88 -10.67
CA ASP B 2546 11.18 23.56 -9.57
C ASP B 2546 11.35 22.12 -9.10
N LYS B 2547 11.73 21.22 -10.00
CA LYS B 2547 11.98 19.84 -9.61
C LYS B 2547 13.19 19.75 -8.69
N PHE B 2548 14.35 20.18 -9.17
CA PHE B 2548 15.57 20.19 -8.38
C PHE B 2548 15.49 21.36 -7.38
N ASP B 2549 14.71 21.13 -6.34
CA ASP B 2549 14.47 22.09 -5.27
C ASP B 2549 14.81 21.54 -3.89
N ASN B 2550 14.56 20.26 -3.65
CA ASN B 2550 14.81 19.62 -2.36
C ASN B 2550 15.84 18.51 -2.42
N LYS B 2551 16.25 18.07 -3.60
CA LYS B 2551 17.16 16.95 -3.72
C LYS B 2551 18.60 17.41 -3.46
N THR B 2552 19.49 16.44 -3.26
CA THR B 2552 20.87 16.74 -2.90
C THR B 2552 21.60 17.46 -4.03
N VAL B 2553 21.27 17.15 -5.28
CA VAL B 2553 21.93 17.78 -6.42
C VAL B 2553 21.38 19.17 -6.63
N SER B 2554 22.27 20.11 -6.93
CA SER B 2554 21.88 21.46 -7.30
C SER B 2554 21.63 21.54 -8.79
N PHE B 2555 20.77 22.47 -9.19
CA PHE B 2555 20.49 22.67 -10.61
C PHE B 2555 21.75 23.07 -11.37
N GLU B 2556 22.65 23.80 -10.72
CA GLU B 2556 23.90 24.19 -11.37
C GLU B 2556 24.76 22.96 -11.64
N GLU B 2557 24.78 22.01 -10.71
CA GLU B 2557 25.51 20.77 -10.94
C GLU B 2557 24.92 19.99 -12.11
N HIS B 2558 23.60 20.08 -12.31
CA HIS B 2558 22.97 19.38 -13.42
C HIS B 2558 23.42 19.96 -14.76
N ILE B 2559 23.48 21.29 -14.86
CA ILE B 2559 23.95 21.93 -16.08
C ILE B 2559 25.45 21.76 -16.26
N LYS B 2560 26.19 21.51 -15.17
CA LYS B 2560 27.64 21.48 -15.23
C LYS B 2560 28.21 20.10 -15.48
N LEU B 2561 27.65 19.06 -14.84
CA LEU B 2561 28.22 17.72 -14.87
C LEU B 2561 27.33 16.71 -15.59
N GLU B 2562 26.08 16.55 -15.15
CA GLU B 2562 25.28 15.42 -15.62
C GLU B 2562 24.81 15.61 -17.05
N HIS B 2563 23.99 16.64 -17.30
CA HIS B 2563 23.46 16.94 -18.61
C HIS B 2563 24.09 18.20 -19.20
N ASN B 2564 25.38 18.38 -18.95
CA ASN B 2564 26.11 19.48 -19.59
C ASN B 2564 26.13 19.28 -21.09
N MET B 2565 25.68 20.31 -21.83
CA MET B 2565 25.57 20.20 -23.27
C MET B 2565 26.90 19.89 -23.93
N TRP B 2566 27.98 20.43 -23.37
CA TRP B 2566 29.27 20.32 -24.03
C TRP B 2566 29.84 18.91 -23.90
N ASN B 2567 29.62 18.25 -22.75
CA ASN B 2567 30.11 16.90 -22.58
C ASN B 2567 29.48 15.94 -23.57
N TYR B 2568 28.28 16.22 -24.05
CA TYR B 2568 27.71 15.42 -25.12
C TYR B 2568 28.52 15.54 -26.39
N LEU B 2569 29.00 16.76 -26.70
CA LEU B 2569 29.68 16.98 -27.97
C LEU B 2569 31.03 16.28 -27.99
N TYR B 2570 31.77 16.32 -26.87
CA TYR B 2570 33.04 15.62 -26.80
C TYR B 2570 32.87 14.13 -27.07
N PHE B 2571 31.73 13.56 -26.69
CA PHE B 2571 31.48 12.15 -26.94
C PHE B 2571 31.28 11.88 -28.42
N ILE B 2572 30.59 12.77 -29.13
CA ILE B 2572 30.29 12.53 -30.54
C ILE B 2572 31.56 12.71 -31.38
N VAL B 2573 32.50 13.53 -30.92
CA VAL B 2573 33.77 13.65 -31.61
C VAL B 2573 34.61 12.38 -31.43
N LEU B 2574 34.43 11.69 -30.31
CA LEU B 2574 35.17 10.46 -30.05
C LEU B 2574 34.85 9.37 -31.06
N VAL B 2575 33.63 9.36 -31.58
CA VAL B 2575 33.20 8.27 -32.45
C VAL B 2575 33.89 8.37 -33.80
N ARG B 2576 33.87 9.55 -34.41
CA ARG B 2576 34.40 9.71 -35.76
C ARG B 2576 35.92 9.52 -35.84
N VAL B 2577 36.62 9.66 -34.72
CA VAL B 2577 38.08 9.59 -34.70
C VAL B 2577 38.58 8.19 -34.33
N LYS B 2578 37.86 7.50 -33.44
CA LYS B 2578 38.31 6.20 -32.98
C LYS B 2578 38.02 5.13 -34.03
N ASN B 2579 38.87 4.09 -34.03
CA ASN B 2579 38.64 2.94 -34.88
C ASN B 2579 37.29 2.28 -34.56
N LYS B 2580 36.78 1.53 -35.53
CA LYS B 2580 35.47 0.90 -35.36
C LYS B 2580 35.54 -0.27 -34.40
N THR B 2581 36.68 -0.96 -34.33
CA THR B 2581 36.75 -2.18 -33.53
C THR B 2581 36.81 -1.89 -32.04
N ASP B 2582 37.42 -0.77 -31.65
CA ASP B 2582 37.63 -0.45 -30.24
C ASP B 2582 36.45 0.25 -29.59
N TYR B 2583 35.32 0.36 -30.28
CA TYR B 2583 34.13 0.89 -29.64
C TYR B 2583 33.71 -0.03 -28.50
N THR B 2584 33.34 0.57 -27.37
CA THR B 2584 32.82 -0.17 -26.23
C THR B 2584 31.37 -0.55 -26.52
N GLY B 2585 30.69 -1.08 -25.50
CA GLY B 2585 29.30 -1.47 -25.64
C GLY B 2585 28.42 -0.28 -26.00
N PRO B 2586 28.42 0.74 -25.14
CA PRO B 2586 27.64 1.94 -25.48
C PRO B 2586 28.10 2.62 -26.76
N GLU B 2587 29.41 2.78 -26.94
CA GLU B 2587 29.92 3.49 -28.10
C GLU B 2587 29.52 2.80 -29.40
N SER B 2588 29.54 1.47 -29.42
CA SER B 2588 29.12 0.75 -30.61
C SER B 2588 27.65 0.95 -30.90
N TYR B 2589 26.85 1.24 -29.87
CA TYR B 2589 25.42 1.45 -30.08
C TYR B 2589 25.14 2.82 -30.68
N VAL B 2590 25.87 3.83 -30.25
CA VAL B 2590 25.56 5.20 -30.65
C VAL B 2590 25.83 5.40 -32.13
N ALA B 2591 26.92 4.83 -32.64
CA ALA B 2591 27.26 4.99 -34.05
C ALA B 2591 26.21 4.37 -34.95
N GLN B 2592 25.57 3.29 -34.51
CA GLN B 2592 24.45 2.74 -35.27
C GLN B 2592 23.29 3.72 -35.31
N MET B 2593 23.15 4.55 -34.27
CA MET B 2593 22.06 5.51 -34.19
C MET B 2593 22.36 6.82 -34.90
N ILE B 2594 23.63 7.13 -35.17
CA ILE B 2594 23.97 8.37 -35.86
C ILE B 2594 23.67 8.25 -37.34
N LYS B 2595 24.21 7.21 -38.00
CA LYS B 2595 24.03 7.07 -39.44
C LYS B 2595 22.57 6.88 -39.81
N ASN B 2596 21.79 6.24 -38.94
CA ASN B 2596 20.35 6.14 -39.15
C ASN B 2596 19.62 7.44 -38.89
N LYS B 2597 20.31 8.46 -38.36
CA LYS B 2597 19.73 9.78 -38.14
C LYS B 2597 18.52 9.70 -37.20
N ASN B 2598 18.80 9.28 -35.98
CA ASN B 2598 17.81 9.25 -34.90
C ASN B 2598 18.43 9.85 -33.66
N LEU B 2599 17.57 10.45 -32.83
CA LEU B 2599 18.00 11.19 -31.64
C LEU B 2599 17.27 10.72 -30.39
N ASP B 2600 16.81 9.47 -30.37
CA ASP B 2600 16.15 8.94 -29.19
C ASP B 2600 17.12 8.62 -28.06
N TRP B 2601 18.43 8.62 -28.34
CA TRP B 2601 19.40 8.23 -27.32
C TRP B 2601 19.78 9.38 -26.39
N PHE B 2602 19.51 10.63 -26.78
CA PHE B 2602 19.58 11.71 -25.81
C PHE B 2602 18.43 11.58 -24.82
N PRO B 2603 18.64 11.94 -23.56
CA PRO B 2603 17.53 11.89 -22.60
C PRO B 2603 16.49 12.95 -22.92
N ARG B 2604 15.31 12.77 -22.32
CA ARG B 2604 14.20 13.69 -22.56
C ARG B 2604 13.28 13.61 -21.35
N MET B 2605 13.35 14.62 -20.50
CA MET B 2605 12.49 14.72 -19.31
C MET B 2605 12.72 13.54 -18.36
N ARG B 2606 13.99 13.20 -18.15
CA ARG B 2606 14.34 12.21 -17.14
C ARG B 2606 15.80 12.42 -16.76
N ALA B 2607 16.20 11.76 -15.68
CA ALA B 2607 17.58 11.84 -15.18
C ALA B 2607 17.73 10.81 -14.07
N MET B 2608 18.96 10.70 -13.55
CA MET B 2608 19.28 9.73 -12.51
C MET B 2608 19.12 10.29 -11.10
N SER B 2609 19.11 11.62 -10.95
CA SER B 2609 19.09 12.20 -9.61
C SER B 2609 17.73 12.08 -8.93
N LEU B 2610 16.66 11.79 -9.68
CA LEU B 2610 15.32 11.68 -9.12
C LEU B 2610 14.97 10.23 -8.76
N VAL B 2611 14.98 9.35 -9.77
CA VAL B 2611 14.52 7.96 -9.68
C VAL B 2611 13.27 7.79 -8.83
N SER C 5 -42.01 -26.04 20.69
CA SER C 5 -43.13 -25.11 20.56
C SER C 5 -42.80 -24.00 19.56
N SER C 6 -43.81 -23.22 19.19
CA SER C 6 -43.63 -22.14 18.23
C SER C 6 -44.76 -21.14 18.41
N PHE C 7 -44.47 -19.88 18.08
CA PHE C 7 -45.46 -18.82 18.20
C PHE C 7 -46.45 -18.86 17.05
N LEU C 8 -47.71 -18.57 17.36
CA LEU C 8 -48.73 -18.45 16.33
C LEU C 8 -48.62 -17.11 15.63
N HIS C 9 -48.98 -17.09 14.35
CA HIS C 9 -48.92 -15.88 13.54
C HIS C 9 -50.15 -15.83 12.63
N ILE C 10 -50.40 -14.64 12.09
CA ILE C 10 -51.53 -14.45 11.20
C ILE C 10 -51.32 -15.25 9.93
N GLY C 11 -52.40 -15.85 9.42
CA GLY C 11 -52.35 -16.64 8.22
C GLY C 11 -52.05 -18.11 8.43
N ASP C 12 -51.54 -18.50 9.60
CA ASP C 12 -51.21 -19.89 9.85
C ASP C 12 -52.47 -20.74 9.94
N ILE C 13 -52.42 -21.92 9.35
CA ILE C 13 -53.52 -22.89 9.39
C ILE C 13 -53.25 -23.84 10.55
N VAL C 14 -54.29 -24.15 11.32
CA VAL C 14 -54.19 -24.98 12.52
C VAL C 14 -55.40 -25.92 12.55
N SER C 15 -55.42 -26.79 13.56
CA SER C 15 -56.49 -27.76 13.75
C SER C 15 -56.97 -27.66 15.19
N LEU C 16 -58.08 -26.96 15.40
CA LEU C 16 -58.61 -26.78 16.74
C LEU C 16 -59.15 -28.09 17.28
N TYR C 17 -58.94 -28.33 18.58
CA TYR C 17 -59.34 -29.56 19.24
C TYR C 17 -60.00 -29.23 20.57
N ALA C 18 -61.25 -29.65 20.73
CA ALA C 18 -61.97 -29.41 21.97
C ALA C 18 -61.62 -30.47 23.01
N GLU C 19 -61.72 -30.08 24.28
CA GLU C 19 -61.56 -31.00 25.39
C GLU C 19 -62.48 -30.59 26.52
N GLY C 20 -63.10 -31.57 27.16
CA GLY C 20 -64.07 -31.32 28.20
C GLY C 20 -65.11 -32.43 28.25
N SER C 21 -66.39 -32.07 28.18
CA SER C 21 -67.43 -33.07 28.09
C SER C 21 -67.34 -33.86 26.78
N VAL C 22 -66.78 -33.26 25.74
CA VAL C 22 -66.71 -33.87 24.41
C VAL C 22 -65.30 -33.65 23.87
N ASN C 23 -64.58 -34.75 23.65
CA ASN C 23 -63.24 -34.73 23.07
C ASN C 23 -63.35 -34.98 21.57
N GLY C 24 -62.79 -34.07 20.76
CA GLY C 24 -62.81 -34.27 19.33
C GLY C 24 -62.51 -32.97 18.59
N PHE C 25 -62.31 -33.12 17.28
CA PHE C 25 -62.06 -32.01 16.38
C PHE C 25 -63.36 -31.44 15.83
N ILE C 26 -63.27 -30.28 15.19
CA ILE C 26 -64.42 -29.69 14.51
C ILE C 26 -64.65 -30.44 13.21
N SER C 27 -65.92 -30.57 12.83
CA SER C 27 -66.32 -31.21 11.59
C SER C 27 -67.46 -30.43 10.97
N THR C 28 -67.62 -30.61 9.65
CA THR C 28 -68.63 -29.91 8.86
C THR C 28 -69.49 -30.95 8.14
N LEU C 29 -70.45 -30.47 7.35
CA LEU C 29 -71.34 -31.31 6.57
C LEU C 29 -71.51 -30.76 5.16
N GLY C 30 -70.39 -30.38 4.54
CA GLY C 30 -70.42 -29.96 3.16
C GLY C 30 -70.77 -28.50 2.97
N LEU C 31 -71.04 -28.16 1.71
CA LEU C 31 -71.37 -26.80 1.32
C LEU C 31 -72.86 -26.50 1.41
N VAL C 32 -73.71 -27.52 1.30
CA VAL C 32 -75.15 -27.33 1.45
C VAL C 32 -75.46 -26.85 2.87
N ASP C 33 -74.94 -27.56 3.86
CA ASP C 33 -75.14 -27.25 5.27
C ASP C 33 -73.98 -26.41 5.76
N ASP C 34 -74.28 -25.36 6.55
CA ASP C 34 -73.29 -24.46 7.09
C ASP C 34 -73.09 -24.62 8.60
N ARG C 35 -73.61 -25.70 9.18
CA ARG C 35 -73.46 -25.93 10.61
C ARG C 35 -72.10 -26.56 10.92
N CYS C 36 -71.74 -26.55 12.19
CA CYS C 36 -70.50 -27.12 12.69
C CYS C 36 -70.80 -28.13 13.78
N VAL C 37 -70.10 -29.27 13.73
CA VAL C 37 -70.31 -30.38 14.66
C VAL C 37 -68.95 -30.94 15.07
N VAL C 38 -68.99 -31.95 15.93
CA VAL C 38 -67.80 -32.60 16.47
C VAL C 38 -67.93 -34.10 16.23
N GLU C 39 -66.79 -34.78 16.06
CA GLU C 39 -66.73 -36.21 15.79
C GLU C 39 -65.82 -36.88 16.81
N PRO C 40 -66.32 -37.19 18.02
CA PRO C 40 -65.46 -37.83 19.02
C PRO C 40 -65.01 -39.23 18.65
N ALA C 41 -65.71 -39.91 17.74
CA ALA C 41 -65.33 -41.28 17.38
C ALA C 41 -63.96 -41.31 16.73
N ALA C 42 -63.77 -40.52 15.67
CA ALA C 42 -62.50 -40.43 14.96
C ALA C 42 -61.61 -39.29 15.43
N GLY C 43 -62.16 -38.33 16.18
CA GLY C 43 -61.37 -37.21 16.65
C GLY C 43 -60.42 -37.57 17.77
N ASP C 44 -59.12 -37.54 17.48
CA ASP C 44 -58.12 -37.86 18.48
C ASP C 44 -56.76 -37.37 17.99
N LEU C 45 -55.85 -37.10 18.93
CA LEU C 45 -54.51 -36.65 18.58
C LEU C 45 -53.80 -37.70 17.73
N ASP C 46 -53.69 -38.92 18.26
CA ASP C 46 -53.30 -40.06 17.44
C ASP C 46 -54.43 -40.40 16.47
N ASN C 47 -54.13 -41.34 15.56
CA ASN C 47 -55.01 -41.92 14.52
C ASN C 47 -56.05 -40.93 14.01
N PRO C 48 -55.62 -39.83 13.39
CA PRO C 48 -56.56 -38.75 13.06
C PRO C 48 -57.61 -39.21 12.06
N PRO C 49 -58.69 -38.46 11.90
CA PRO C 49 -59.75 -38.90 10.97
C PRO C 49 -59.26 -38.91 9.55
N LYS C 50 -59.86 -39.78 8.74
CA LYS C 50 -59.47 -39.89 7.34
C LYS C 50 -59.89 -38.66 6.55
N LYS C 51 -60.91 -37.94 7.03
CA LYS C 51 -61.22 -36.60 6.51
C LYS C 51 -60.54 -35.53 7.34
N PHE C 52 -59.22 -35.67 7.53
CA PHE C 52 -58.47 -34.68 8.31
C PHE C 52 -58.41 -33.34 7.59
N ARG C 53 -58.50 -33.34 6.27
CA ARG C 53 -58.43 -32.11 5.48
C ARG C 53 -59.57 -31.15 5.81
N ASP C 54 -60.68 -31.66 6.32
CA ASP C 54 -61.81 -30.81 6.70
C ASP C 54 -61.57 -30.03 7.99
N CYS C 55 -60.67 -30.51 8.85
CA CYS C 55 -60.45 -29.91 10.16
C CYS C 55 -59.48 -28.72 10.13
N LEU C 56 -59.16 -28.19 8.95
CA LEU C 56 -58.23 -27.08 8.83
C LEU C 56 -58.97 -25.76 8.98
N PHE C 57 -58.34 -24.81 9.67
CA PHE C 57 -58.90 -23.48 9.86
C PHE C 57 -57.76 -22.46 9.80
N LYS C 58 -57.99 -21.37 9.08
CA LYS C 58 -56.98 -20.32 8.86
C LYS C 58 -57.37 -19.08 9.65
N VAL C 59 -56.47 -18.64 10.54
CA VAL C 59 -56.65 -17.38 11.25
C VAL C 59 -56.52 -16.24 10.25
N CYS C 60 -57.24 -15.15 10.50
CA CYS C 60 -57.22 -13.97 9.66
C CYS C 60 -57.37 -12.75 10.56
N PRO C 61 -56.89 -11.58 10.12
CA PRO C 61 -56.88 -10.40 10.99
C PRO C 61 -58.23 -9.70 10.98
N MET C 62 -58.31 -8.61 11.74
CA MET C 62 -59.52 -7.82 11.89
C MET C 62 -59.75 -6.98 10.63
N ASN C 63 -60.69 -7.41 9.80
CA ASN C 63 -61.14 -6.61 8.66
C ASN C 63 -62.22 -5.66 9.15
N ARG C 64 -62.90 -4.98 8.21
CA ARG C 64 -64.00 -4.06 8.53
C ARG C 64 -65.22 -4.45 7.71
N TYR C 65 -66.40 -4.26 8.31
CA TYR C 65 -67.67 -4.61 7.68
C TYR C 65 -68.69 -3.51 7.94
N SER C 66 -68.27 -2.26 7.78
CA SER C 66 -69.16 -1.12 8.02
C SER C 66 -70.02 -0.83 6.79
N ALA C 67 -69.37 -0.52 5.66
CA ALA C 67 -70.11 -0.07 4.49
C ALA C 67 -70.98 -1.18 3.90
N GLN C 68 -70.57 -2.44 4.04
CA GLN C 68 -71.37 -3.54 3.51
C GLN C 68 -72.69 -3.66 4.27
N LYS C 69 -72.65 -3.54 5.59
CA LYS C 69 -73.87 -3.58 6.39
C LYS C 69 -74.81 -2.43 6.04
N GLN C 70 -74.24 -1.26 5.68
CA GLN C 70 -75.08 -0.13 5.30
C GLN C 70 -75.88 -0.43 4.03
N TYR C 71 -75.28 -1.18 3.11
CA TYR C 71 -75.97 -1.55 1.88
C TYR C 71 -76.86 -2.79 2.08
N TRP C 72 -76.49 -3.66 3.02
CA TRP C 72 -77.32 -4.84 3.29
C TRP C 72 -78.67 -4.44 3.87
N LYS C 73 -78.73 -3.35 4.62
CA LYS C 73 -80.00 -2.82 5.09
C LYS C 73 -80.77 -2.10 3.99
N ALA C 74 -80.09 -1.69 2.91
CA ALA C 74 -80.74 -0.88 1.88
C ALA C 74 -81.59 -1.73 0.95
N LYS C 75 -81.00 -2.76 0.33
CA LYS C 75 -81.73 -3.55 -0.65
C LYS C 75 -82.78 -4.45 -0.02
N GLN C 76 -82.83 -4.56 1.30
CA GLN C 76 -83.89 -5.32 1.95
C GLN C 76 -85.25 -4.70 1.69
N THR C 77 -85.41 -3.41 2.03
CA THR C 77 -86.70 -2.72 1.91
C THR C 77 -86.88 -2.30 0.45
N LYS C 78 -87.84 -2.94 -0.22
CA LYS C 78 -88.34 -2.57 -1.55
C LYS C 78 -87.34 -2.83 -2.67
N GLN C 79 -86.11 -3.25 -2.37
CA GLN C 79 -85.04 -3.30 -3.36
C GLN C 79 -84.88 -1.96 -4.07
N ALA C 85 -87.31 5.44 -2.80
CA ALA C 85 -86.10 4.86 -3.39
C ALA C 85 -85.41 5.87 -4.30
N ASP C 86 -84.09 5.79 -4.36
CA ASP C 86 -83.27 6.67 -5.20
C ASP C 86 -82.20 5.83 -5.86
N VAL C 87 -82.23 5.78 -7.20
CA VAL C 87 -81.23 5.01 -7.95
C VAL C 87 -79.84 5.58 -7.72
N VAL C 88 -79.73 6.88 -7.51
CA VAL C 88 -78.43 7.50 -7.26
C VAL C 88 -77.87 7.04 -5.91
N LEU C 89 -78.73 6.78 -4.94
CA LEU C 89 -78.28 6.27 -3.65
C LEU C 89 -77.62 4.89 -3.80
N LEU C 90 -78.33 3.96 -4.43
CA LEU C 90 -77.85 2.59 -4.52
C LEU C 90 -76.57 2.48 -5.34
N GLN C 91 -76.35 3.43 -6.27
CA GLN C 91 -75.10 3.44 -7.02
C GLN C 91 -73.92 3.83 -6.13
N LYS C 92 -74.13 4.72 -5.17
CA LYS C 92 -73.04 5.18 -4.32
C LYS C 92 -72.64 4.14 -3.28
N LEU C 93 -73.60 3.36 -2.78
CA LEU C 93 -73.27 2.33 -1.80
C LEU C 93 -72.42 1.22 -2.40
N GLN C 94 -72.49 1.03 -3.73
CA GLN C 94 -71.58 0.10 -4.39
C GLN C 94 -70.15 0.56 -4.26
N HIS C 95 -69.90 1.84 -4.52
CA HIS C 95 -68.54 2.38 -4.44
C HIS C 95 -68.01 2.29 -3.02
N ALA C 96 -68.85 2.56 -2.02
CA ALA C 96 -68.41 2.49 -0.63
C ALA C 96 -68.22 1.04 -0.18
N ALA C 97 -69.00 0.12 -0.72
CA ALA C 97 -68.96 -1.28 -0.32
C ALA C 97 -67.96 -2.10 -1.12
N GLN C 98 -67.86 -1.86 -2.43
CA GLN C 98 -66.98 -2.67 -3.26
C GLN C 98 -65.51 -2.37 -2.98
N MET C 99 -65.17 -1.10 -2.80
CA MET C 99 -63.76 -0.74 -2.59
C MET C 99 -63.25 -1.21 -1.23
N GLU C 100 -64.11 -1.22 -0.22
CA GLU C 100 -63.68 -1.69 1.09
C GLU C 100 -63.37 -3.19 1.06
N GLN C 101 -64.01 -3.94 0.17
CA GLN C 101 -63.65 -5.35 -0.03
C GLN C 101 -62.24 -5.50 -0.59
N LYS C 102 -61.73 -4.47 -1.29
CA LYS C 102 -60.34 -4.45 -1.73
C LYS C 102 -59.41 -3.85 -0.69
N GLN C 103 -59.93 -2.94 0.15
CA GLN C 103 -59.09 -2.29 1.14
C GLN C 103 -58.75 -3.24 2.29
N ASN C 104 -59.72 -4.03 2.74
CA ASN C 104 -59.48 -4.93 3.86
C ASN C 104 -58.51 -6.06 3.47
N ASP C 105 -58.54 -6.48 2.21
CA ASP C 105 -57.55 -7.46 1.74
C ASP C 105 -56.16 -6.83 1.72
N THR C 106 -56.06 -5.57 1.27
CA THR C 106 -54.80 -4.84 1.37
C THR C 106 -54.37 -4.71 2.84
N GLU C 107 -55.32 -4.42 3.72
CA GLU C 107 -55.03 -4.42 5.15
C GLU C 107 -54.70 -5.82 5.63
N ASN C 108 -55.36 -6.85 5.07
CA ASN C 108 -55.04 -8.22 5.42
C ASN C 108 -53.63 -8.58 4.99
N LYS C 109 -53.27 -8.23 3.74
CA LYS C 109 -51.94 -8.52 3.23
C LYS C 109 -50.87 -7.82 4.07
N LYS C 110 -51.17 -6.64 4.59
CA LYS C 110 -50.22 -5.95 5.47
C LYS C 110 -50.06 -6.69 6.79
N VAL C 111 -51.15 -7.22 7.34
CA VAL C 111 -51.11 -7.94 8.60
C VAL C 111 -50.81 -9.43 8.41
N HIS C 112 -50.92 -9.94 7.18
CA HIS C 112 -50.71 -11.36 6.92
C HIS C 112 -49.30 -11.78 7.30
N GLY C 113 -49.18 -12.70 8.25
CA GLY C 113 -47.91 -13.22 8.71
C GLY C 113 -47.37 -12.58 9.98
N ASP C 114 -48.13 -11.70 10.63
CA ASP C 114 -47.67 -11.01 11.83
C ASP C 114 -48.07 -11.76 13.09
N VAL C 115 -47.66 -11.23 14.24
CA VAL C 115 -47.81 -11.91 15.51
C VAL C 115 -49.28 -11.85 15.96
N VAL C 116 -49.71 -12.92 16.65
CA VAL C 116 -51.01 -12.96 17.31
C VAL C 116 -50.77 -12.69 18.79
N LYS C 117 -51.73 -12.02 19.43
CA LYS C 117 -51.65 -11.69 20.84
C LYS C 117 -52.97 -12.00 21.53
N TYR C 118 -52.88 -12.41 22.79
CA TYR C 118 -54.08 -12.71 23.57
C TYR C 118 -54.85 -11.43 23.85
N GLY C 119 -56.17 -11.50 23.67
CA GLY C 119 -57.03 -10.36 23.86
C GLY C 119 -57.32 -9.56 22.61
N SER C 120 -56.56 -9.76 21.54
CA SER C 120 -56.76 -9.04 20.30
C SER C 120 -57.89 -9.67 19.48
N VAL C 121 -58.23 -9.01 18.38
CA VAL C 121 -59.28 -9.47 17.47
C VAL C 121 -58.65 -10.36 16.41
N ILE C 122 -59.27 -11.51 16.17
CA ILE C 122 -58.82 -12.45 15.15
C ILE C 122 -60.02 -12.85 14.28
N GLN C 123 -59.79 -13.76 13.35
CA GLN C 123 -60.84 -14.17 12.43
C GLN C 123 -60.45 -15.50 11.80
N LEU C 124 -61.34 -16.49 11.89
CA LEU C 124 -61.08 -17.83 11.40
C LEU C 124 -61.75 -18.04 10.05
N LEU C 125 -61.09 -18.82 9.19
CA LEU C 125 -61.57 -19.13 7.85
C LEU C 125 -61.43 -20.62 7.59
N HIS C 126 -62.45 -21.19 6.94
CA HIS C 126 -62.46 -22.59 6.57
C HIS C 126 -62.00 -22.71 5.13
N MET C 127 -60.88 -23.42 4.91
CA MET C 127 -60.22 -23.40 3.61
C MET C 127 -61.06 -24.09 2.55
N LYS C 128 -61.49 -25.33 2.82
CA LYS C 128 -62.23 -26.11 1.82
C LYS C 128 -63.54 -25.42 1.44
N SER C 129 -64.13 -24.63 2.33
CA SER C 129 -65.37 -23.93 2.08
C SER C 129 -65.17 -22.45 1.75
N ASN C 130 -64.09 -21.84 2.23
CA ASN C 130 -63.85 -20.41 2.07
C ASN C 130 -65.01 -19.61 2.67
N LYS C 131 -65.30 -19.90 3.94
CA LYS C 131 -66.41 -19.26 4.65
C LYS C 131 -65.98 -19.00 6.09
N TYR C 132 -66.02 -17.74 6.50
CA TYR C 132 -65.60 -17.36 7.84
C TYR C 132 -66.61 -17.85 8.88
N LEU C 133 -66.13 -17.94 10.13
CA LEU C 133 -66.99 -18.34 11.23
C LEU C 133 -67.90 -17.19 11.64
N THR C 134 -69.07 -17.55 12.18
CA THR C 134 -70.09 -16.56 12.50
C THR C 134 -70.94 -17.09 13.65
N VAL C 135 -71.40 -16.15 14.50
CA VAL C 135 -72.30 -16.45 15.62
C VAL C 135 -73.44 -15.43 15.54
N ASN C 136 -74.61 -15.88 15.10
CA ASN C 136 -75.76 -14.99 14.96
C ASN C 136 -76.37 -14.69 16.33
N LYS C 137 -76.97 -13.50 16.44
CA LYS C 137 -77.52 -13.00 17.70
C LYS C 137 -79.02 -12.76 17.67
N ARG C 138 -79.62 -12.63 16.49
CA ARG C 138 -80.99 -12.15 16.43
C ARG C 138 -82.03 -13.25 16.64
N LEU C 139 -81.65 -14.51 16.56
CA LEU C 139 -82.60 -15.61 16.71
C LEU C 139 -81.90 -16.83 17.29
N PRO C 140 -82.65 -17.77 17.92
CA PRO C 140 -82.00 -18.92 18.54
C PRO C 140 -81.74 -20.07 17.57
N ALA C 141 -81.19 -21.19 18.08
CA ALA C 141 -80.71 -22.28 17.27
C ALA C 141 -81.78 -23.37 17.12
N LEU C 142 -81.36 -24.53 16.59
CA LEU C 142 -82.28 -25.61 16.23
C LEU C 142 -82.57 -26.55 17.40
N LEU C 143 -81.55 -26.98 18.15
CA LEU C 143 -81.77 -28.00 19.16
C LEU C 143 -82.36 -27.42 20.43
N GLU C 144 -81.62 -26.54 21.11
CA GLU C 144 -82.10 -25.83 22.29
C GLU C 144 -82.45 -24.40 21.91
N LYS C 145 -83.62 -23.95 22.35
CA LYS C 145 -84.28 -22.79 21.75
C LYS C 145 -84.09 -21.49 22.54
N ASN C 146 -83.42 -21.53 23.69
CA ASN C 146 -83.08 -20.31 24.42
C ASN C 146 -81.88 -19.58 23.83
N ALA C 147 -81.43 -19.96 22.64
CA ALA C 147 -79.99 -20.12 22.44
C ALA C 147 -79.55 -19.84 21.01
N MET C 148 -78.58 -18.93 20.86
CA MET C 148 -78.03 -18.54 19.57
C MET C 148 -77.48 -19.74 18.81
N ARG C 149 -77.23 -19.55 17.51
CA ARG C 149 -76.64 -20.56 16.65
C ARG C 149 -75.31 -20.09 16.09
N VAL C 150 -74.53 -21.06 15.61
CA VAL C 150 -73.26 -20.82 14.91
C VAL C 150 -73.49 -21.08 13.44
N THR C 151 -72.94 -20.20 12.60
CA THR C 151 -73.12 -20.28 11.15
C THR C 151 -71.79 -20.02 10.46
N LEU C 152 -71.75 -20.38 9.18
CA LEU C 152 -70.62 -20.10 8.30
C LEU C 152 -71.08 -19.19 7.18
N ASP C 153 -70.32 -18.13 6.92
CA ASP C 153 -70.65 -17.15 5.89
C ASP C 153 -69.42 -16.87 5.04
N ALA C 154 -69.66 -16.56 3.76
CA ALA C 154 -68.55 -16.34 2.83
C ALA C 154 -67.80 -15.06 3.17
N THR C 155 -68.48 -13.92 3.11
CA THR C 155 -67.84 -12.64 3.39
C THR C 155 -67.67 -12.39 4.89
N GLY C 156 -68.54 -12.97 5.71
CA GLY C 156 -68.47 -12.76 7.14
C GLY C 156 -69.28 -11.54 7.58
N ASN C 157 -69.10 -11.18 8.84
CA ASN C 157 -69.78 -10.04 9.42
C ASN C 157 -69.03 -9.63 10.68
N GLU C 158 -69.61 -8.67 11.42
CA GLU C 158 -68.98 -8.21 12.65
C GLU C 158 -68.90 -9.31 13.69
N GLY C 159 -69.84 -10.26 13.67
CA GLY C 159 -69.80 -11.37 14.60
C GLY C 159 -68.66 -12.34 14.37
N SER C 160 -68.05 -12.32 13.19
CA SER C 160 -66.93 -13.21 12.91
C SER C 160 -65.70 -12.89 13.75
N TRP C 161 -65.60 -11.67 14.29
CA TRP C 161 -64.50 -11.30 15.16
C TRP C 161 -64.52 -12.17 16.41
N LEU C 162 -63.34 -12.36 17.01
CA LEU C 162 -63.20 -13.21 18.18
C LEU C 162 -62.11 -12.65 19.09
N PHE C 163 -62.49 -12.30 20.32
CA PHE C 163 -61.51 -12.02 21.38
C PHE C 163 -60.86 -13.34 21.76
N ILE C 164 -59.62 -13.56 21.31
CA ILE C 164 -58.85 -14.74 21.72
C ILE C 164 -58.29 -14.48 23.10
N GLN C 165 -58.36 -15.50 23.96
CA GLN C 165 -57.88 -15.41 25.33
C GLN C 165 -57.33 -16.78 25.74
N PRO C 166 -56.52 -16.84 26.79
CA PRO C 166 -56.02 -18.14 27.26
C PRO C 166 -56.99 -18.75 28.26
N PHE C 167 -56.69 -20.00 28.62
CA PHE C 167 -57.45 -20.74 29.62
C PHE C 167 -56.68 -20.90 30.93
N TRP C 168 -55.42 -21.31 30.86
CA TRP C 168 -54.60 -21.43 32.05
C TRP C 168 -54.22 -20.06 32.59
N LYS C 169 -53.95 -20.02 33.90
CA LYS C 169 -53.56 -18.79 34.58
C LYS C 169 -52.04 -18.58 34.59
N LEU C 170 -51.29 -19.29 33.75
CA LEU C 170 -49.85 -19.13 33.69
C LEU C 170 -49.40 -17.90 32.91
N ARG C 171 -50.31 -17.28 32.15
CA ARG C 171 -49.99 -16.06 31.42
C ARG C 171 -51.22 -15.15 31.47
N SER C 172 -51.12 -14.01 30.77
CA SER C 172 -52.18 -13.01 30.77
C SER C 172 -52.27 -12.42 29.36
N ASN C 173 -53.21 -11.48 29.18
CA ASN C 173 -53.38 -10.83 27.89
C ASN C 173 -52.14 -10.02 27.54
N GLY C 174 -51.98 -9.75 26.25
CA GLY C 174 -50.82 -9.04 25.73
C GLY C 174 -49.71 -9.98 25.28
N ASP C 175 -49.53 -11.10 25.97
CA ASP C 175 -48.54 -12.09 25.58
C ASP C 175 -48.90 -12.70 24.23
N ASN C 176 -47.93 -13.40 23.64
CA ASN C 176 -48.07 -13.96 22.30
C ASN C 176 -48.59 -15.38 22.37
N VAL C 177 -49.35 -15.76 21.33
CA VAL C 177 -49.95 -17.09 21.24
C VAL C 177 -48.90 -18.09 20.76
N VAL C 178 -49.04 -19.34 21.22
CA VAL C 178 -48.14 -20.43 20.84
C VAL C 178 -48.99 -21.63 20.44
N VAL C 179 -48.32 -22.65 19.91
CA VAL C 179 -48.97 -23.89 19.51
C VAL C 179 -49.20 -24.75 20.75
N GLY C 180 -50.33 -25.43 20.79
CA GLY C 180 -50.66 -26.31 21.88
C GLY C 180 -51.28 -25.64 23.09
N ASP C 181 -51.47 -24.32 23.07
CA ASP C 181 -52.05 -23.62 24.21
C ASP C 181 -53.57 -23.71 24.16
N LYS C 182 -54.16 -23.98 25.32
CA LYS C 182 -55.61 -24.02 25.45
C LYS C 182 -56.16 -22.60 25.53
N VAL C 183 -57.02 -22.23 24.58
CA VAL C 183 -57.46 -20.86 24.38
C VAL C 183 -58.98 -20.79 24.44
N ILE C 184 -59.50 -19.58 24.29
CA ILE C 184 -60.92 -19.27 24.38
C ILE C 184 -61.29 -18.41 23.18
N LEU C 185 -62.30 -18.83 22.42
CA LEU C 185 -62.74 -18.11 21.22
C LEU C 185 -64.00 -17.30 21.57
N ASN C 186 -63.78 -16.07 22.03
CA ASN C 186 -64.86 -15.23 22.54
C ASN C 186 -65.26 -14.18 21.50
N PRO C 187 -66.49 -14.17 20.98
CA PRO C 187 -66.86 -13.17 19.96
C PRO C 187 -67.12 -11.79 20.55
N VAL C 188 -67.45 -10.85 19.67
CA VAL C 188 -67.56 -9.43 20.00
C VAL C 188 -69.01 -9.09 20.32
N ASN C 189 -69.89 -9.22 19.32
CA ASN C 189 -71.28 -8.81 19.51
C ASN C 189 -72.01 -9.76 20.45
N ALA C 190 -71.85 -11.08 20.25
CA ALA C 190 -72.37 -12.04 21.20
C ALA C 190 -71.71 -11.87 22.57
N GLY C 191 -70.39 -12.05 22.63
CA GLY C 191 -69.64 -11.81 23.84
C GLY C 191 -69.49 -13.00 24.77
N GLN C 192 -69.70 -14.23 24.29
CA GLN C 192 -69.56 -15.43 25.10
C GLN C 192 -68.93 -16.53 24.24
N PRO C 193 -67.89 -17.22 24.69
CA PRO C 193 -67.14 -18.10 23.80
C PRO C 193 -67.84 -19.44 23.55
N LEU C 194 -67.35 -20.15 22.53
CA LEU C 194 -67.98 -21.36 22.02
C LEU C 194 -67.26 -22.62 22.49
N HIS C 195 -68.01 -23.71 22.62
CA HIS C 195 -67.48 -25.02 23.00
C HIS C 195 -68.48 -26.09 22.57
N ALA C 196 -68.26 -27.33 23.02
CA ALA C 196 -69.04 -28.48 22.59
C ALA C 196 -70.12 -28.81 23.62
N SER C 197 -70.95 -29.81 23.31
CA SER C 197 -72.06 -30.20 24.17
C SER C 197 -72.59 -31.55 23.71
N ASN C 198 -73.68 -31.98 24.36
CA ASN C 198 -74.22 -33.33 24.19
C ASN C 198 -75.50 -33.37 23.34
N TYR C 199 -76.03 -32.22 22.93
CA TYR C 199 -77.28 -32.20 22.17
C TYR C 199 -77.02 -32.81 20.80
N GLU C 200 -77.48 -34.05 20.61
CA GLU C 200 -77.23 -34.78 19.38
C GLU C 200 -78.20 -34.36 18.28
N LEU C 201 -77.73 -34.46 17.04
CA LEU C 201 -78.52 -34.09 15.87
C LEU C 201 -79.29 -35.28 15.34
N SER C 202 -80.32 -34.98 14.55
CA SER C 202 -81.14 -35.99 13.89
C SER C 202 -80.68 -36.30 12.47
N ASP C 203 -79.84 -35.45 11.87
CA ASP C 203 -79.39 -35.67 10.51
C ASP C 203 -78.51 -36.92 10.42
N ASN C 204 -77.42 -36.94 11.19
CA ASN C 204 -76.48 -38.05 11.20
C ASN C 204 -76.03 -38.32 12.63
N ALA C 205 -75.85 -39.59 12.95
CA ALA C 205 -75.46 -39.96 14.30
C ALA C 205 -73.98 -39.63 14.54
N GLY C 206 -73.64 -39.46 15.82
CA GLY C 206 -72.29 -39.14 16.23
C GLY C 206 -71.95 -37.66 16.21
N CYS C 207 -72.76 -36.84 15.54
CA CYS C 207 -72.51 -35.41 15.46
C CYS C 207 -73.16 -34.70 16.64
N LYS C 208 -72.44 -33.75 17.23
CA LYS C 208 -72.91 -32.99 18.37
C LYS C 208 -72.70 -31.50 18.10
N GLU C 209 -73.68 -30.69 18.49
CA GLU C 209 -73.66 -29.27 18.16
C GLU C 209 -72.64 -28.52 19.01
N VAL C 210 -71.89 -27.64 18.35
CA VAL C 210 -71.01 -26.69 19.02
C VAL C 210 -71.87 -25.56 19.57
N ASN C 211 -71.66 -25.22 20.85
CA ASN C 211 -72.47 -24.18 21.48
C ASN C 211 -71.64 -23.36 22.45
N SER C 212 -72.07 -22.12 22.63
CA SER C 212 -71.42 -21.10 23.45
C SER C 212 -72.24 -20.81 24.71
N VAL C 213 -71.89 -21.46 25.81
CA VAL C 213 -72.32 -21.06 27.15
C VAL C 213 -71.07 -20.90 28.01
N ASN C 214 -71.14 -19.98 28.97
CA ASN C 214 -69.98 -19.61 29.77
C ASN C 214 -69.65 -20.74 30.74
N CYS C 215 -68.98 -21.76 30.21
CA CYS C 215 -68.47 -22.89 30.97
C CYS C 215 -67.00 -23.09 30.58
N ASN C 216 -66.39 -24.14 31.11
CA ASN C 216 -65.00 -24.43 30.78
C ASN C 216 -64.85 -24.80 29.31
N THR C 217 -63.72 -24.40 28.73
CA THR C 217 -63.48 -24.55 27.30
C THR C 217 -61.98 -24.60 27.06
N SER C 218 -61.58 -25.40 26.08
CA SER C 218 -60.17 -25.49 25.69
C SER C 218 -60.11 -25.97 24.24
N TRP C 219 -59.79 -25.04 23.34
CA TRP C 219 -59.58 -25.35 21.92
C TRP C 219 -58.07 -25.41 21.68
N LYS C 220 -57.51 -26.61 21.89
CA LYS C 220 -56.07 -26.81 21.73
C LYS C 220 -55.65 -26.55 20.29
N ILE C 221 -54.91 -25.47 20.07
CA ILE C 221 -54.44 -25.14 18.73
C ILE C 221 -53.33 -26.13 18.36
N ASN C 222 -53.52 -26.84 17.25
CA ASN C 222 -52.55 -27.80 16.73
C ASN C 222 -52.08 -27.30 15.37
N LEU C 223 -50.78 -27.09 15.23
CA LEU C 223 -50.22 -26.55 14.00
C LEU C 223 -50.21 -27.61 12.90
N PHE C 224 -50.51 -27.16 11.67
CA PHE C 224 -50.45 -28.01 10.49
C PHE C 224 -49.62 -27.35 9.39
N MET C 225 -49.61 -26.02 9.35
CA MET C 225 -48.96 -25.30 8.25
C MET C 225 -48.68 -23.88 8.70
N GLN C 226 -47.45 -23.42 8.51
CA GLN C 226 -47.06 -22.05 8.81
C GLN C 226 -47.16 -21.18 7.57
N PHE C 227 -47.14 -19.87 7.78
CA PHE C 227 -47.06 -18.95 6.65
C PHE C 227 -45.75 -19.11 5.91
N ARG C 228 -44.68 -19.49 6.61
CA ARG C 228 -43.42 -19.79 5.95
C ARG C 228 -43.56 -20.99 5.02
N ASP C 229 -44.43 -21.94 5.35
CA ASP C 229 -44.62 -23.11 4.52
C ASP C 229 -45.55 -22.83 3.34
N HIS C 230 -46.53 -21.94 3.51
CA HIS C 230 -47.55 -21.69 2.49
C HIS C 230 -46.91 -20.90 1.35
N LEU C 231 -46.19 -21.63 0.49
CA LEU C 231 -45.55 -21.09 -0.69
C LEU C 231 -46.16 -21.73 -1.93
N GLU C 232 -45.78 -21.20 -3.10
CA GLU C 232 -46.34 -21.61 -4.38
C GLU C 232 -45.47 -22.62 -5.13
N GLU C 233 -44.18 -22.73 -4.79
CA GLU C 233 -43.22 -23.54 -5.54
C GLU C 233 -42.66 -24.68 -4.68
N VAL C 234 -43.48 -25.27 -3.81
CA VAL C 234 -43.07 -26.41 -3.01
C VAL C 234 -44.25 -27.36 -2.83
N LEU C 235 -43.93 -28.65 -2.73
CA LEU C 235 -44.93 -29.66 -2.39
C LEU C 235 -45.12 -29.68 -0.88
N LYS C 236 -46.33 -30.03 -0.46
CA LYS C 236 -46.70 -30.00 0.95
C LYS C 236 -47.66 -31.14 1.25
N GLY C 237 -47.83 -31.40 2.55
CA GLY C 237 -48.73 -32.45 2.97
C GLY C 237 -50.17 -31.97 2.99
N GLY C 238 -51.09 -32.88 2.66
CA GLY C 238 -52.50 -32.56 2.59
C GLY C 238 -52.95 -31.99 1.25
N ASP C 239 -52.03 -31.69 0.34
CA ASP C 239 -52.39 -31.19 -0.97
C ASP C 239 -52.65 -32.35 -1.93
N VAL C 240 -53.50 -32.08 -2.92
CA VAL C 240 -53.93 -33.07 -3.91
C VAL C 240 -53.12 -32.84 -5.18
N VAL C 241 -52.67 -33.94 -5.79
CA VAL C 241 -51.88 -33.90 -7.02
C VAL C 241 -52.27 -35.08 -7.89
N ARG C 242 -51.75 -35.08 -9.12
CA ARG C 242 -51.91 -36.18 -10.07
C ARG C 242 -50.63 -37.01 -10.09
N LEU C 243 -50.63 -38.05 -10.93
CA LEU C 243 -49.44 -38.87 -11.17
C LEU C 243 -49.38 -39.17 -12.66
N PHE C 244 -48.54 -38.43 -13.38
CA PHE C 244 -48.34 -38.60 -14.80
C PHE C 244 -47.00 -39.28 -15.08
N HIS C 245 -46.97 -40.09 -16.13
CA HIS C 245 -45.79 -40.84 -16.53
C HIS C 245 -45.43 -40.50 -17.98
N ALA C 246 -44.13 -40.55 -18.28
CA ALA C 246 -43.62 -40.04 -19.55
C ALA C 246 -43.53 -41.13 -20.63
N GLU C 247 -42.99 -42.30 -20.32
CA GLU C 247 -42.75 -43.30 -21.36
C GLU C 247 -44.06 -43.87 -21.88
N GLN C 248 -44.83 -44.53 -21.02
CA GLN C 248 -46.13 -45.05 -21.40
C GLN C 248 -47.12 -43.96 -21.77
N GLU C 249 -46.90 -42.73 -21.29
CA GLU C 249 -47.83 -41.61 -21.51
C GLU C 249 -49.21 -41.93 -20.93
N LYS C 250 -49.23 -42.27 -19.64
CA LYS C 250 -50.45 -42.70 -18.97
C LYS C 250 -50.44 -42.23 -17.52
N PHE C 251 -51.63 -42.04 -16.97
CA PHE C 251 -51.82 -41.66 -15.58
C PHE C 251 -51.97 -42.90 -14.69
N LEU C 252 -51.94 -42.67 -13.38
CA LEU C 252 -52.29 -43.67 -12.39
C LEU C 252 -53.73 -43.43 -11.93
N THR C 253 -54.52 -44.50 -11.86
CA THR C 253 -55.89 -44.43 -11.38
C THR C 253 -56.23 -45.71 -10.63
N CYS C 254 -57.39 -45.69 -9.99
CA CYS C 254 -57.94 -46.88 -9.35
C CYS C 254 -59.46 -46.76 -9.34
N ASP C 255 -60.12 -47.84 -9.77
CA ASP C 255 -61.57 -47.81 -9.91
C ASP C 255 -62.11 -49.19 -9.57
N GLU C 256 -63.41 -49.23 -9.23
CA GLU C 256 -64.02 -50.45 -8.74
C GLU C 256 -64.20 -51.47 -9.85
N TYR C 257 -63.75 -52.70 -9.59
CA TYR C 257 -64.04 -53.85 -10.44
C TYR C 257 -64.14 -55.07 -9.53
N LYS C 258 -65.18 -55.88 -9.73
CA LYS C 258 -65.67 -56.77 -8.67
C LYS C 258 -65.98 -55.94 -7.42
N GLY C 259 -66.62 -54.78 -7.64
CA GLY C 259 -66.94 -53.87 -6.56
C GLY C 259 -65.81 -53.49 -5.63
N LYS C 260 -64.57 -53.70 -6.05
CA LYS C 260 -63.40 -53.49 -5.21
C LYS C 260 -62.33 -52.77 -6.03
N LEU C 261 -61.45 -52.08 -5.31
CA LEU C 261 -60.52 -51.16 -5.94
C LEU C 261 -59.27 -51.89 -6.36
N GLN C 262 -58.99 -51.86 -7.67
CA GLN C 262 -57.77 -52.40 -8.25
C GLN C 262 -57.08 -51.28 -9.00
N VAL C 263 -55.84 -50.98 -8.61
CA VAL C 263 -55.10 -49.90 -9.27
C VAL C 263 -54.81 -50.28 -10.71
N PHE C 264 -54.83 -49.27 -11.59
CA PHE C 264 -54.49 -49.48 -12.99
C PHE C 264 -54.12 -48.13 -13.61
N LEU C 265 -53.73 -48.18 -14.88
CA LEU C 265 -53.32 -47.01 -15.64
C LEU C 265 -54.32 -46.76 -16.76
N ARG C 266 -54.61 -45.49 -17.04
CA ARG C 266 -55.59 -45.14 -18.07
C ARG C 266 -54.95 -45.18 -19.45
N THR C 267 -55.67 -45.77 -20.40
CA THR C 267 -55.23 -45.86 -21.79
C THR C 267 -55.91 -44.75 -22.58
N THR C 268 -55.38 -43.53 -22.44
CA THR C 268 -55.89 -42.41 -23.19
C THR C 268 -55.58 -42.60 -24.68
N LEU C 269 -56.61 -42.43 -25.51
CA LEU C 269 -56.49 -42.54 -26.96
C LEU C 269 -56.77 -41.21 -27.65
N ARG C 270 -56.40 -40.11 -27.00
CA ARG C 270 -56.50 -38.77 -27.56
C ARG C 270 -55.10 -38.27 -27.90
N GLN C 271 -55.06 -37.25 -28.77
CA GLN C 271 -53.78 -36.72 -29.21
C GLN C 271 -52.99 -36.12 -28.06
N SER C 272 -53.57 -35.11 -27.40
CA SER C 272 -52.94 -34.46 -26.24
C SER C 272 -53.38 -35.18 -24.98
N ALA C 273 -52.41 -35.77 -24.27
CA ALA C 273 -52.70 -36.41 -22.99
C ALA C 273 -53.00 -35.42 -21.88
N THR C 274 -52.87 -34.12 -22.12
CA THR C 274 -53.20 -33.08 -21.14
C THR C 274 -54.70 -32.75 -21.18
N SER C 275 -55.55 -33.78 -21.02
CA SER C 275 -56.98 -33.59 -21.00
C SER C 275 -57.72 -34.51 -20.03
N ALA C 276 -57.04 -35.44 -19.36
CA ALA C 276 -57.68 -36.46 -18.53
C ALA C 276 -57.55 -36.05 -17.08
N THR C 277 -58.51 -35.25 -16.61
CA THR C 277 -58.59 -34.82 -15.22
C THR C 277 -59.52 -35.74 -14.41
N SER C 278 -59.26 -37.03 -14.50
CA SER C 278 -60.11 -38.02 -13.84
C SER C 278 -60.03 -37.87 -12.32
N SER C 279 -61.19 -37.96 -11.67
CA SER C 279 -61.24 -37.82 -10.22
C SER C 279 -60.49 -38.94 -9.53
N ASN C 280 -60.49 -40.15 -10.10
CA ASN C 280 -59.73 -41.26 -9.54
C ASN C 280 -58.23 -41.12 -9.77
N ALA C 281 -57.79 -40.18 -10.61
CA ALA C 281 -56.38 -39.94 -10.85
C ALA C 281 -55.73 -39.03 -9.81
N LEU C 282 -56.48 -38.59 -8.80
CA LEU C 282 -55.99 -37.64 -7.81
C LEU C 282 -55.62 -38.36 -6.52
N TRP C 283 -54.56 -37.86 -5.88
CA TRP C 283 -54.02 -38.49 -4.68
C TRP C 283 -53.49 -37.42 -3.74
N GLU C 284 -54.00 -37.40 -2.52
CA GLU C 284 -53.60 -36.43 -1.51
C GLU C 284 -52.39 -36.94 -0.74
N VAL C 285 -51.46 -36.03 -0.47
CA VAL C 285 -50.20 -36.35 0.20
C VAL C 285 -50.39 -36.20 1.71
N GLU C 286 -49.68 -37.03 2.47
CA GLU C 286 -49.66 -36.93 3.94
C GLU C 286 -48.23 -37.21 4.40
N VAL C 287 -47.45 -36.15 4.58
CA VAL C 287 -46.08 -36.29 5.07
C VAL C 287 -46.13 -36.80 6.50
N VAL C 288 -45.58 -38.00 6.71
CA VAL C 288 -45.59 -38.62 8.03
C VAL C 288 -44.38 -38.14 8.82
N HIS C 289 -44.61 -37.79 10.08
CA HIS C 289 -43.54 -37.43 11.01
C HIS C 289 -43.71 -38.27 12.28
N HIS C 290 -42.93 -37.95 13.33
CA HIS C 290 -43.15 -38.60 14.62
C HIS C 290 -44.54 -38.30 15.15
N ASP C 291 -45.09 -37.13 14.83
CA ASP C 291 -46.46 -36.78 15.21
C ASP C 291 -47.39 -37.17 14.06
N PRO C 292 -48.34 -38.11 14.27
CA PRO C 292 -49.27 -38.41 13.16
C PRO C 292 -50.13 -37.22 12.75
N CYS C 293 -50.62 -36.44 13.71
CA CYS C 293 -51.46 -35.28 13.42
C CYS C 293 -50.60 -34.05 13.15
N ARG C 294 -49.77 -34.17 12.11
CA ARG C 294 -48.86 -33.10 11.73
C ARG C 294 -48.55 -33.26 10.25
N GLY C 295 -48.36 -32.12 9.58
CA GLY C 295 -48.09 -32.11 8.15
C GLY C 295 -47.22 -30.94 7.76
N GLY C 296 -47.61 -30.26 6.69
CA GLY C 296 -46.80 -29.19 6.14
C GLY C 296 -45.89 -29.68 5.03
N ALA C 297 -44.74 -29.03 4.86
CA ALA C 297 -43.81 -29.43 3.83
C ALA C 297 -43.21 -30.79 4.14
N GLY C 298 -42.45 -31.32 3.18
CA GLY C 298 -41.84 -32.64 3.30
C GLY C 298 -40.43 -32.69 2.76
N HIS C 299 -39.57 -33.46 3.41
CA HIS C 299 -38.19 -33.62 2.99
C HIS C 299 -38.06 -34.79 2.01
N TRP C 300 -36.87 -34.89 1.39
CA TRP C 300 -36.62 -35.98 0.46
C TRP C 300 -36.48 -37.30 1.21
N ASN C 301 -35.62 -37.33 2.22
CA ASN C 301 -35.44 -38.54 3.01
C ASN C 301 -36.68 -38.87 3.85
N GLY C 302 -37.57 -37.92 4.06
CA GLY C 302 -38.79 -38.19 4.81
C GLY C 302 -39.67 -39.19 4.09
N LEU C 303 -40.54 -39.83 4.88
CA LEU C 303 -41.42 -40.88 4.38
C LEU C 303 -42.76 -40.28 3.94
N TYR C 304 -43.50 -41.06 3.16
CA TYR C 304 -44.74 -40.60 2.54
C TYR C 304 -45.79 -41.71 2.57
N ARG C 305 -47.05 -41.30 2.64
CA ARG C 305 -48.20 -42.21 2.57
C ARG C 305 -49.30 -41.50 1.80
N PHE C 306 -49.59 -41.99 0.60
CA PHE C 306 -50.54 -41.32 -0.29
C PHE C 306 -51.98 -41.76 0.00
N LYS C 307 -52.91 -40.84 -0.23
CA LYS C 307 -54.32 -41.01 0.11
C LYS C 307 -55.18 -40.83 -1.13
N HIS C 308 -56.20 -41.68 -1.28
CA HIS C 308 -57.22 -41.44 -2.29
C HIS C 308 -58.20 -40.40 -1.77
N LEU C 309 -58.60 -39.47 -2.64
CA LEU C 309 -59.35 -38.31 -2.20
C LEU C 309 -60.80 -38.68 -1.85
N ALA C 310 -61.54 -39.26 -2.80
CA ALA C 310 -62.95 -39.50 -2.59
C ALA C 310 -63.19 -40.67 -1.64
N THR C 311 -62.74 -41.87 -2.02
CA THR C 311 -62.92 -43.05 -1.19
C THR C 311 -62.24 -42.88 0.16
N GLY C 312 -61.12 -42.17 0.21
CA GLY C 312 -60.39 -42.01 1.46
C GLY C 312 -59.50 -43.17 1.81
N ASN C 313 -59.01 -43.92 0.80
CA ASN C 313 -58.21 -45.12 1.02
C ASN C 313 -56.77 -44.85 0.60
N TYR C 314 -55.84 -45.53 1.26
CA TYR C 314 -54.42 -45.29 1.11
C TYR C 314 -53.76 -46.35 0.22
N LEU C 315 -52.71 -45.93 -0.47
CA LEU C 315 -51.92 -46.84 -1.28
C LEU C 315 -51.10 -47.76 -0.39
N ALA C 316 -50.87 -48.98 -0.87
CA ALA C 316 -50.07 -49.97 -0.14
C ALA C 316 -49.64 -51.05 -1.12
N ALA C 317 -49.01 -52.11 -0.59
CA ALA C 317 -48.49 -53.20 -1.41
C ALA C 317 -48.84 -54.53 -0.74
N GLU C 318 -48.96 -55.56 -1.58
CA GLU C 318 -49.28 -56.91 -1.12
C GLU C 318 -48.57 -57.90 -2.02
N GLU C 319 -48.65 -59.18 -1.63
CA GLU C 319 -48.09 -60.27 -2.42
C GLU C 319 -48.81 -60.35 -3.76
N TYR C 352 -44.41 -57.87 -5.70
CA TYR C 352 -45.52 -57.44 -4.86
C TYR C 352 -46.45 -56.50 -5.62
N CYS C 353 -47.74 -56.84 -5.63
CA CYS C 353 -48.74 -56.01 -6.28
C CYS C 353 -49.01 -54.76 -5.43
N LEU C 354 -49.98 -53.95 -5.87
CA LEU C 354 -50.38 -52.74 -5.19
C LEU C 354 -51.90 -52.67 -5.14
N VAL C 355 -52.44 -52.34 -3.96
CA VAL C 355 -53.87 -52.20 -3.74
C VAL C 355 -54.09 -50.98 -2.84
N ALA C 356 -55.36 -50.71 -2.54
CA ALA C 356 -55.75 -49.65 -1.63
C ALA C 356 -56.11 -50.24 -0.27
N VAL C 357 -55.90 -49.45 0.77
CA VAL C 357 -56.14 -49.87 2.16
C VAL C 357 -56.92 -48.74 2.86
N PRO C 358 -58.03 -49.02 3.58
CA PRO C 358 -58.82 -47.90 4.13
C PRO C 358 -58.29 -47.30 5.42
N HIS C 359 -57.04 -47.58 5.78
CA HIS C 359 -56.45 -47.05 7.00
C HIS C 359 -54.94 -46.95 6.82
N GLY C 360 -54.37 -45.85 7.31
CA GLY C 360 -52.96 -45.56 7.11
C GLY C 360 -52.13 -45.68 8.37
N ASN C 361 -52.38 -46.72 9.16
CA ASN C 361 -51.55 -47.07 10.31
C ASN C 361 -50.61 -48.23 10.03
N ASP C 362 -50.74 -48.90 8.89
CA ASP C 362 -49.85 -49.99 8.53
C ASP C 362 -48.45 -49.45 8.22
N ILE C 363 -47.54 -50.39 7.94
CA ILE C 363 -46.14 -50.08 7.63
C ILE C 363 -45.92 -50.28 6.14
N ALA C 364 -46.69 -51.18 5.52
CA ALA C 364 -46.55 -51.44 4.10
C ALA C 364 -46.97 -50.25 3.23
N SER C 365 -47.77 -49.32 3.77
CA SER C 365 -48.23 -48.17 3.01
C SER C 365 -47.23 -47.02 2.97
N LEU C 366 -45.98 -47.24 3.37
CA LEU C 366 -44.96 -46.21 3.40
C LEU C 366 -44.04 -46.35 2.19
N PHE C 367 -43.61 -45.19 1.66
CA PHE C 367 -42.72 -45.12 0.52
C PHE C 367 -41.69 -44.01 0.79
N GLU C 368 -40.80 -43.80 -0.17
CA GLU C 368 -39.78 -42.76 -0.03
C GLU C 368 -39.37 -42.28 -1.42
N LEU C 369 -39.00 -41.01 -1.50
CA LEU C 369 -38.58 -40.40 -2.76
C LEU C 369 -37.06 -40.52 -2.91
N ASP C 370 -36.63 -40.67 -4.17
CA ASP C 370 -35.21 -40.82 -4.49
C ASP C 370 -34.97 -40.07 -5.79
N PRO C 371 -34.53 -38.80 -5.72
CA PRO C 371 -34.58 -37.94 -6.91
C PRO C 371 -33.59 -38.35 -7.99
N THR C 372 -33.92 -37.94 -9.22
CA THR C 372 -33.00 -37.96 -10.35
C THR C 372 -32.21 -36.66 -10.44
N THR C 373 -32.85 -35.53 -10.12
CA THR C 373 -32.18 -34.24 -10.16
C THR C 373 -31.16 -34.13 -9.04
N LEU C 374 -30.05 -33.46 -9.33
CA LEU C 374 -28.98 -33.28 -8.35
C LEU C 374 -29.36 -32.11 -7.45
N GLN C 375 -29.82 -32.44 -6.24
CA GLN C 375 -30.28 -31.43 -5.28
C GLN C 375 -30.13 -32.03 -3.89
N LYS C 376 -29.84 -31.17 -2.91
CA LYS C 376 -29.64 -31.63 -1.55
C LYS C 376 -30.92 -32.25 -1.00
N THR C 377 -30.76 -33.15 -0.03
CA THR C 377 -31.86 -33.97 0.46
C THR C 377 -32.69 -33.29 1.55
N ASP C 378 -32.10 -32.36 2.30
CA ASP C 378 -32.84 -31.70 3.36
C ASP C 378 -33.83 -30.65 2.85
N SER C 379 -33.65 -30.17 1.62
CA SER C 379 -34.56 -29.18 1.06
C SER C 379 -35.94 -29.79 0.83
N PHE C 380 -36.95 -28.94 0.80
CA PHE C 380 -38.32 -29.38 0.56
C PHE C 380 -38.49 -29.81 -0.90
N VAL C 381 -39.47 -30.69 -1.11
CA VAL C 381 -39.78 -31.20 -2.44
C VAL C 381 -40.36 -30.05 -3.26
N PRO C 382 -39.77 -29.63 -4.38
CA PRO C 382 -40.41 -28.57 -5.18
C PRO C 382 -41.68 -29.06 -5.85
N ARG C 383 -42.45 -28.10 -6.34
CA ARG C 383 -43.73 -28.39 -6.98
C ARG C 383 -43.53 -29.26 -8.23
N ASN C 384 -44.48 -30.17 -8.44
CA ASN C 384 -44.62 -31.07 -9.58
C ASN C 384 -43.29 -31.55 -10.17
N SER C 385 -42.44 -32.13 -9.32
CA SER C 385 -41.11 -32.57 -9.73
C SER C 385 -41.13 -34.04 -10.15
N TYR C 386 -40.23 -34.38 -11.06
CA TYR C 386 -40.06 -35.76 -11.49
C TYR C 386 -39.27 -36.53 -10.43
N VAL C 387 -39.81 -37.68 -10.00
CA VAL C 387 -39.26 -38.43 -8.89
C VAL C 387 -39.36 -39.93 -9.18
N ARG C 388 -38.61 -40.70 -8.40
CA ARG C 388 -38.73 -42.15 -8.33
C ARG C 388 -39.47 -42.53 -7.05
N LEU C 389 -40.00 -43.75 -7.03
CA LEU C 389 -40.76 -44.27 -5.90
C LEU C 389 -40.18 -45.60 -5.46
N ARG C 390 -40.05 -45.78 -4.15
CA ARG C 390 -39.43 -46.96 -3.57
C ARG C 390 -40.26 -47.46 -2.40
N HIS C 391 -40.43 -48.79 -2.34
CA HIS C 391 -41.08 -49.41 -1.19
C HIS C 391 -40.09 -49.56 -0.05
N LEU C 392 -40.59 -49.44 1.18
CA LEU C 392 -39.74 -49.31 2.35
C LEU C 392 -39.31 -50.66 2.91
N CYS C 393 -40.28 -51.49 3.31
CA CYS C 393 -39.96 -52.75 3.99
C CYS C 393 -39.29 -53.74 3.04
N THR C 394 -40.00 -54.11 1.96
CA THR C 394 -39.46 -55.08 1.02
C THR C 394 -38.23 -54.55 0.28
N ASN C 395 -38.04 -53.23 0.24
CA ASN C 395 -36.95 -52.60 -0.50
C ASN C 395 -37.03 -52.95 -1.99
N THR C 396 -38.15 -52.55 -2.60
CA THR C 396 -38.45 -52.81 -4.00
C THR C 396 -38.71 -51.48 -4.72
N TRP C 397 -38.82 -51.57 -6.05
CA TRP C 397 -39.07 -50.43 -6.92
C TRP C 397 -40.31 -50.73 -7.76
N ILE C 398 -41.16 -49.71 -7.93
CA ILE C 398 -42.39 -49.91 -8.67
C ILE C 398 -42.08 -50.09 -10.16
N GLN C 399 -42.87 -50.92 -10.83
CA GLN C 399 -42.68 -51.23 -12.24
C GLN C 399 -44.04 -51.49 -12.87
N SER C 400 -44.40 -50.67 -13.84
CA SER C 400 -45.63 -50.83 -14.60
C SER C 400 -45.32 -51.66 -15.85
N THR C 401 -46.03 -52.78 -16.01
CA THR C 401 -45.79 -53.72 -17.09
C THR C 401 -47.04 -53.87 -17.95
N ASN C 402 -46.85 -54.41 -19.15
CA ASN C 402 -47.94 -54.62 -20.10
C ASN C 402 -48.59 -55.98 -19.79
N VAL C 403 -49.41 -55.97 -18.74
CA VAL C 403 -50.17 -57.15 -18.32
C VAL C 403 -51.61 -56.69 -18.11
N PRO C 404 -52.43 -56.64 -19.15
CA PRO C 404 -53.84 -56.24 -18.96
C PRO C 404 -54.57 -57.22 -18.05
N ILE C 405 -55.08 -56.72 -16.93
CA ILE C 405 -55.92 -57.53 -16.05
C ILE C 405 -57.20 -57.91 -16.77
N ASP C 406 -57.75 -57.00 -17.56
CA ASP C 406 -59.08 -57.17 -18.16
C ASP C 406 -58.98 -57.63 -19.62
N ILE C 407 -58.42 -58.83 -19.81
CA ILE C 407 -58.40 -59.43 -21.14
C ILE C 407 -59.80 -59.90 -21.54
N GLU C 408 -60.70 -60.12 -20.57
CA GLU C 408 -62.04 -60.61 -20.89
C GLU C 408 -62.83 -59.59 -21.67
N GLU C 409 -62.85 -58.35 -21.21
CA GLU C 409 -63.60 -57.30 -21.89
C GLU C 409 -62.87 -56.87 -23.17
N GLU C 410 -63.60 -56.15 -24.01
CA GLU C 410 -63.02 -55.58 -25.23
C GLU C 410 -62.22 -54.34 -24.87
N ARG C 411 -61.12 -54.12 -25.60
CA ARG C 411 -60.23 -53.00 -25.36
C ARG C 411 -59.69 -53.05 -23.92
N PRO C 412 -58.81 -54.00 -23.60
CA PRO C 412 -58.24 -54.03 -22.25
C PRO C 412 -57.45 -52.76 -21.94
N ILE C 413 -57.75 -52.16 -20.78
CA ILE C 413 -57.05 -50.97 -20.32
C ILE C 413 -56.60 -51.07 -18.87
N ARG C 414 -57.09 -52.03 -18.08
CA ARG C 414 -56.76 -52.13 -16.66
C ARG C 414 -55.46 -52.92 -16.54
N LEU C 415 -54.34 -52.21 -16.65
CA LEU C 415 -53.02 -52.83 -16.62
C LEU C 415 -52.61 -53.15 -15.18
N MET C 416 -51.66 -54.08 -15.06
CA MET C 416 -51.10 -54.44 -13.78
C MET C 416 -50.05 -53.43 -13.35
N LEU C 417 -49.88 -53.27 -12.04
CA LEU C 417 -48.87 -52.37 -11.48
C LEU C 417 -48.38 -52.98 -10.17
N GLY C 418 -47.09 -53.32 -10.12
CA GLY C 418 -46.49 -53.92 -8.94
C GLY C 418 -45.10 -53.40 -8.66
N THR C 419 -44.26 -54.22 -8.04
CA THR C 419 -42.89 -53.86 -7.70
C THR C 419 -41.97 -55.02 -8.01
N CYS C 420 -40.66 -54.75 -7.96
CA CYS C 420 -39.65 -55.78 -8.10
C CYS C 420 -38.44 -55.36 -7.26
N PRO C 421 -37.59 -56.31 -6.83
CA PRO C 421 -36.47 -55.94 -5.95
C PRO C 421 -35.28 -55.36 -6.69
N THR C 422 -35.39 -55.09 -7.99
CA THR C 422 -34.32 -54.49 -8.78
C THR C 422 -34.67 -53.04 -9.09
N LYS C 423 -33.69 -52.32 -9.63
CA LYS C 423 -33.79 -50.88 -9.88
C LYS C 423 -34.35 -50.66 -11.28
N GLU C 424 -35.55 -50.07 -11.35
CA GLU C 424 -36.17 -49.66 -12.62
C GLU C 424 -36.17 -48.14 -12.66
N ASP C 425 -35.23 -47.58 -13.43
CA ASP C 425 -35.23 -46.14 -13.65
C ASP C 425 -36.25 -45.75 -14.72
N LYS C 426 -36.54 -46.66 -15.65
CA LYS C 426 -37.52 -46.37 -16.70
C LYS C 426 -38.91 -46.17 -16.12
N GLU C 427 -39.27 -46.94 -15.09
CA GLU C 427 -40.57 -46.80 -14.41
C GLU C 427 -40.38 -45.89 -13.20
N ALA C 428 -40.79 -44.64 -13.37
CA ALA C 428 -40.70 -43.64 -12.30
C ALA C 428 -41.79 -42.61 -12.54
N PHE C 429 -42.87 -42.69 -11.76
CA PHE C 429 -43.99 -41.78 -11.91
C PHE C 429 -43.65 -40.42 -11.30
N ALA C 430 -44.32 -39.39 -11.81
CA ALA C 430 -44.05 -37.99 -11.49
C ALA C 430 -45.26 -37.39 -10.79
N ILE C 431 -45.20 -36.08 -10.58
CA ILE C 431 -46.26 -35.34 -9.90
C ILE C 431 -46.64 -34.15 -10.78
N VAL C 432 -47.93 -33.79 -10.75
CA VAL C 432 -48.46 -32.66 -11.51
C VAL C 432 -49.45 -31.93 -10.61
N SER C 433 -49.50 -30.61 -10.76
CA SER C 433 -50.38 -29.78 -9.95
C SER C 433 -51.84 -30.02 -10.35
N VAL C 434 -52.74 -29.31 -9.68
CA VAL C 434 -54.17 -29.41 -9.97
C VAL C 434 -54.87 -28.12 -9.54
N PRO C 435 -55.90 -27.63 -10.27
CA PRO C 435 -56.69 -26.51 -9.75
C PRO C 435 -57.47 -26.87 -8.50
N VAL C 436 -58.21 -25.90 -7.96
CA VAL C 436 -58.98 -26.10 -6.74
C VAL C 436 -60.48 -26.22 -6.99
N SER C 437 -60.98 -25.71 -8.11
CA SER C 437 -62.42 -25.79 -8.39
C SER C 437 -62.88 -27.24 -8.56
N GLU C 438 -62.02 -28.10 -9.11
CA GLU C 438 -62.39 -29.51 -9.26
C GLU C 438 -62.53 -30.19 -7.91
N ILE C 439 -61.67 -29.84 -6.96
CA ILE C 439 -61.72 -30.46 -5.64
C ILE C 439 -63.01 -30.06 -4.93
N ARG C 440 -63.45 -28.81 -5.11
CA ARG C 440 -64.71 -28.38 -4.50
C ARG C 440 -65.89 -29.11 -5.11
N ASP C 441 -65.96 -29.15 -6.45
CA ASP C 441 -67.04 -29.87 -7.11
C ASP C 441 -67.00 -31.36 -6.79
N LEU C 442 -65.81 -31.90 -6.55
CA LEU C 442 -65.68 -33.30 -6.17
C LEU C 442 -66.34 -33.56 -4.82
N ASP C 443 -66.02 -32.73 -3.83
CA ASP C 443 -66.59 -32.89 -2.49
C ASP C 443 -68.10 -32.74 -2.51
N PHE C 444 -68.62 -31.90 -3.41
CA PHE C 444 -70.08 -31.78 -3.56
C PHE C 444 -70.69 -33.08 -4.08
N ALA C 445 -69.91 -33.87 -4.82
CA ALA C 445 -70.41 -35.14 -5.36
C ALA C 445 -70.44 -36.23 -4.29
N ASN C 446 -69.32 -36.41 -3.59
CA ASN C 446 -69.25 -37.44 -2.56
C ASN C 446 -70.18 -37.11 -1.39
N ASP C 447 -70.34 -35.83 -1.06
CA ASP C 447 -71.34 -35.44 -0.07
C ASP C 447 -72.74 -35.78 -0.56
N ALA C 448 -72.97 -35.71 -1.88
CA ALA C 448 -74.25 -36.12 -2.44
C ALA C 448 -74.36 -37.62 -2.56
N SER C 449 -73.27 -38.29 -2.97
CA SER C 449 -73.29 -39.74 -3.12
C SER C 449 -73.51 -40.41 -1.77
N SER C 450 -72.85 -39.93 -0.72
CA SER C 450 -73.07 -40.47 0.61
C SER C 450 -74.49 -40.20 1.08
N MET C 451 -75.11 -39.12 0.61
CA MET C 451 -76.48 -38.80 1.00
C MET C 451 -77.49 -39.56 0.14
N LEU C 452 -77.20 -39.72 -1.16
CA LEU C 452 -78.12 -40.42 -2.05
C LEU C 452 -78.01 -41.93 -1.91
N ALA C 453 -76.80 -42.44 -1.66
CA ALA C 453 -76.62 -43.89 -1.54
C ALA C 453 -77.40 -44.44 -0.35
N SER C 454 -77.50 -43.68 0.72
CA SER C 454 -78.34 -44.10 1.85
C SER C 454 -79.81 -44.03 1.49
N ALA C 455 -80.20 -43.11 0.60
CA ALA C 455 -81.61 -42.99 0.23
C ALA C 455 -82.06 -44.18 -0.61
N VAL C 456 -81.14 -44.84 -1.31
CA VAL C 456 -81.51 -46.04 -2.09
C VAL C 456 -82.00 -47.14 -1.15
N GLU C 457 -81.16 -47.50 -0.17
CA GLU C 457 -81.56 -48.53 0.79
C GLU C 457 -82.72 -48.03 1.66
N LYS C 458 -82.85 -46.71 1.83
CA LYS C 458 -83.93 -46.18 2.67
C LYS C 458 -85.29 -46.50 2.09
N LEU C 459 -85.47 -46.29 0.78
CA LEU C 459 -86.74 -46.57 0.13
C LEU C 459 -86.98 -48.06 -0.08
N ASN C 460 -85.93 -48.88 -0.07
CA ASN C 460 -86.07 -50.32 -0.26
C ASN C 460 -86.59 -51.04 0.97
N GLU C 461 -86.50 -50.42 2.15
CA GLU C 461 -86.99 -51.06 3.36
C GLU C 461 -88.51 -51.15 3.36
N GLY C 462 -89.19 -50.05 3.03
CA GLY C 462 -90.64 -49.98 3.04
C GLY C 462 -91.18 -48.85 3.88
N PHE C 463 -90.38 -47.82 4.13
CA PHE C 463 -90.81 -46.67 4.91
C PHE C 463 -89.78 -45.56 4.77
N ILE C 464 -90.27 -44.32 4.77
CA ILE C 464 -89.41 -43.13 4.72
C ILE C 464 -90.05 -42.04 5.55
N SER C 465 -89.20 -41.21 6.15
CA SER C 465 -89.66 -40.11 6.98
C SER C 465 -90.02 -38.90 6.12
N GLN C 466 -90.87 -38.04 6.67
CA GLN C 466 -91.30 -36.84 5.95
C GLN C 466 -90.14 -35.87 5.77
N ASN C 467 -89.20 -35.84 6.70
CA ASN C 467 -88.04 -34.96 6.57
C ASN C 467 -87.07 -35.49 5.52
N ASP C 468 -86.97 -36.82 5.37
CA ASP C 468 -86.08 -37.38 4.36
C ASP C 468 -86.53 -37.02 2.95
N ARG C 469 -87.80 -37.28 2.63
CA ARG C 469 -88.32 -36.89 1.33
C ARG C 469 -88.23 -35.39 1.12
N ARG C 470 -88.44 -34.62 2.19
CA ARG C 470 -88.32 -33.16 2.09
C ARG C 470 -86.90 -32.72 1.80
N PHE C 471 -85.90 -33.54 2.19
CA PHE C 471 -84.50 -33.18 2.05
C PHE C 471 -83.88 -33.70 0.76
N VAL C 472 -84.19 -34.94 0.38
CA VAL C 472 -83.58 -35.52 -0.83
C VAL C 472 -84.04 -34.76 -2.07
N ILE C 473 -85.26 -34.24 -2.07
CA ILE C 473 -85.75 -33.48 -3.22
C ILE C 473 -84.94 -32.20 -3.39
N GLN C 474 -84.70 -31.48 -2.29
CA GLN C 474 -83.92 -30.24 -2.36
C GLN C 474 -82.50 -30.51 -2.81
N LEU C 475 -81.97 -31.71 -2.55
CA LEU C 475 -80.62 -32.04 -3.01
C LEU C 475 -80.58 -32.25 -4.51
N LEU C 476 -81.61 -32.92 -5.06
CA LEU C 476 -81.65 -33.13 -6.51
C LEU C 476 -81.84 -31.81 -7.26
N GLU C 477 -82.53 -30.84 -6.65
CA GLU C 477 -82.73 -29.55 -7.31
C GLU C 477 -81.40 -28.82 -7.50
N ASP C 478 -80.46 -28.98 -6.57
CA ASP C 478 -79.17 -28.33 -6.70
C ASP C 478 -78.32 -28.99 -7.80
N LEU C 479 -78.47 -30.31 -7.99
CA LEU C 479 -77.69 -31.00 -9.00
C LEU C 479 -77.99 -30.49 -10.41
N VAL C 480 -79.22 -30.03 -10.64
CA VAL C 480 -79.58 -29.51 -11.95
C VAL C 480 -78.80 -28.24 -12.25
N PHE C 481 -78.89 -27.25 -11.35
CA PHE C 481 -78.11 -26.03 -11.51
C PHE C 481 -76.62 -26.25 -11.26
N PHE C 482 -76.25 -27.32 -10.55
CA PHE C 482 -74.83 -27.63 -10.40
C PHE C 482 -74.21 -27.94 -11.76
N VAL C 483 -74.91 -28.72 -12.59
CA VAL C 483 -74.41 -29.00 -13.94
C VAL C 483 -74.58 -27.77 -14.83
N SER C 484 -75.80 -27.26 -14.92
CA SER C 484 -76.17 -26.22 -15.87
C SER C 484 -75.74 -24.81 -15.46
N ASP C 485 -75.08 -24.66 -14.30
CA ASP C 485 -74.59 -23.42 -13.70
C ASP C 485 -75.48 -22.22 -13.98
N VAL C 486 -76.79 -22.40 -13.79
CA VAL C 486 -77.77 -21.33 -13.93
C VAL C 486 -77.84 -20.63 -12.56
N PRO C 487 -77.92 -19.30 -12.48
CA PRO C 487 -77.96 -18.66 -11.17
C PRO C 487 -79.25 -18.99 -10.41
N ASN C 488 -79.19 -18.78 -9.10
CA ASN C 488 -80.30 -19.12 -8.20
C ASN C 488 -81.23 -17.91 -8.07
N ASN C 489 -81.90 -17.60 -9.19
CA ASN C 489 -82.88 -16.51 -9.21
C ASN C 489 -84.24 -16.93 -8.68
N GLY C 490 -84.46 -18.20 -8.38
CA GLY C 490 -85.73 -18.67 -7.87
C GLY C 490 -86.75 -18.96 -8.94
N GLN C 491 -86.35 -19.71 -9.96
CA GLN C 491 -87.20 -20.12 -11.07
C GLN C 491 -87.51 -21.61 -10.94
N ASN C 492 -88.20 -22.14 -11.94
CA ASN C 492 -88.48 -23.57 -11.99
C ASN C 492 -87.24 -24.33 -12.43
N VAL C 493 -86.88 -25.36 -11.66
CA VAL C 493 -85.76 -26.22 -12.02
C VAL C 493 -86.04 -26.98 -13.32
N LEU C 494 -87.31 -27.14 -13.69
CA LEU C 494 -87.67 -27.96 -14.84
C LEU C 494 -87.42 -27.22 -16.15
N ASP C 495 -88.09 -26.10 -16.35
CA ASP C 495 -88.00 -25.33 -17.59
C ASP C 495 -86.81 -24.39 -17.50
N ILE C 496 -85.65 -24.86 -17.98
CA ILE C 496 -84.43 -24.06 -18.06
C ILE C 496 -83.74 -24.37 -19.38
N MET C 497 -82.59 -23.73 -19.60
CA MET C 497 -81.82 -23.92 -20.83
C MET C 497 -80.34 -24.03 -20.48
N VAL C 498 -79.60 -24.68 -21.37
CA VAL C 498 -78.16 -24.88 -21.24
C VAL C 498 -77.50 -24.41 -22.54
N THR C 499 -76.63 -23.42 -22.43
CA THR C 499 -75.80 -22.96 -23.54
C THR C 499 -74.36 -22.95 -23.06
N LYS C 500 -73.48 -23.59 -23.83
CA LYS C 500 -72.08 -23.74 -23.46
C LYS C 500 -71.97 -24.48 -22.12
N PRO C 501 -72.30 -25.77 -22.07
CA PRO C 501 -72.20 -26.49 -20.80
C PRO C 501 -70.75 -26.67 -20.37
N ASN C 502 -70.58 -27.03 -19.10
CA ASN C 502 -69.28 -27.29 -18.52
C ASN C 502 -68.97 -28.77 -18.64
N ARG C 503 -68.02 -29.12 -19.49
CA ARG C 503 -67.66 -30.52 -19.70
C ARG C 503 -66.98 -31.12 -18.48
N GLU C 504 -66.41 -30.29 -17.61
CA GLU C 504 -65.89 -30.80 -16.34
C GLU C 504 -67.00 -31.44 -15.51
N ARG C 505 -68.15 -30.77 -15.43
CA ARG C 505 -69.28 -31.30 -14.67
C ARG C 505 -69.90 -32.52 -15.34
N GLN C 506 -69.72 -32.69 -16.65
CA GLN C 506 -70.26 -33.86 -17.33
C GLN C 506 -69.51 -35.12 -16.92
N LYS C 507 -68.18 -35.05 -16.89
CA LYS C 507 -67.36 -36.21 -16.56
C LYS C 507 -67.41 -36.57 -15.08
N LEU C 508 -67.81 -35.63 -14.22
CA LEU C 508 -67.71 -35.84 -12.78
C LEU C 508 -68.63 -36.97 -12.31
N MET C 509 -69.74 -37.21 -13.02
CA MET C 509 -70.79 -38.12 -12.55
C MET C 509 -70.73 -39.48 -13.24
N ARG C 510 -69.67 -39.80 -13.97
CA ARG C 510 -69.54 -41.09 -14.64
C ARG C 510 -68.79 -42.10 -13.77
N GLU C 511 -67.53 -41.79 -13.43
CA GLU C 511 -66.70 -42.74 -12.71
C GLU C 511 -67.03 -42.82 -11.22
N GLN C 512 -67.63 -41.79 -10.66
CA GLN C 512 -68.00 -41.78 -9.25
C GLN C 512 -69.32 -42.49 -8.97
N ASN C 513 -69.96 -43.07 -9.98
CA ASN C 513 -71.22 -43.80 -9.82
C ASN C 513 -72.30 -42.91 -9.23
N ILE C 514 -72.31 -41.64 -9.64
CA ILE C 514 -73.37 -40.72 -9.22
C ILE C 514 -74.68 -41.12 -9.88
N LEU C 515 -74.69 -41.21 -11.21
CA LEU C 515 -75.90 -41.58 -11.92
C LEU C 515 -76.32 -43.02 -11.62
N LYS C 516 -75.35 -43.88 -11.28
CA LYS C 516 -75.67 -45.26 -10.87
C LYS C 516 -76.61 -45.27 -9.68
N GLN C 517 -76.50 -44.28 -8.78
CA GLN C 517 -77.39 -44.18 -7.64
C GLN C 517 -78.69 -43.46 -7.99
N VAL C 518 -78.72 -42.69 -9.08
CA VAL C 518 -79.95 -42.02 -9.49
C VAL C 518 -80.97 -43.05 -9.98
N PHE C 519 -80.52 -43.99 -10.82
CA PHE C 519 -81.43 -45.02 -11.31
C PHE C 519 -81.95 -45.90 -10.18
N GLY C 520 -81.16 -46.07 -9.12
CA GLY C 520 -81.65 -46.79 -7.96
C GLY C 520 -82.82 -46.08 -7.29
N ILE C 521 -82.69 -44.76 -7.10
CA ILE C 521 -83.80 -43.97 -6.56
C ILE C 521 -84.97 -43.93 -7.53
N LEU C 522 -84.73 -44.20 -8.81
CA LEU C 522 -85.75 -44.02 -9.84
C LEU C 522 -86.77 -45.15 -9.81
N LYS C 523 -86.31 -46.41 -9.80
CA LYS C 523 -87.20 -47.56 -9.85
C LYS C 523 -87.57 -48.09 -8.46
N ALA C 524 -86.73 -47.85 -7.46
CA ALA C 524 -86.96 -48.40 -6.12
C ALA C 524 -88.32 -48.08 -5.50
N PRO C 525 -88.92 -46.89 -5.67
CA PRO C 525 -90.18 -46.61 -4.96
C PRO C 525 -91.32 -47.57 -5.29
N PHE C 526 -91.27 -48.25 -6.44
CA PHE C 526 -92.33 -49.19 -6.81
C PHE C 526 -91.82 -50.46 -7.48
N ARG C 527 -90.51 -50.75 -7.41
CA ARG C 527 -89.99 -51.96 -8.03
C ARG C 527 -90.55 -53.20 -7.32
N GLU C 528 -90.50 -53.22 -6.00
CA GLU C 528 -90.99 -54.35 -5.22
C GLU C 528 -92.49 -54.24 -4.98
N PRO C 534 -95.03 -52.06 -2.48
CA PRO C 534 -94.47 -50.82 -3.06
C PRO C 534 -95.01 -49.57 -2.39
N LEU C 535 -94.13 -48.59 -2.18
CA LEU C 535 -94.55 -47.34 -1.55
C LEU C 535 -95.52 -46.57 -2.44
N VAL C 536 -95.28 -46.57 -3.75
CA VAL C 536 -96.08 -45.86 -4.73
C VAL C 536 -96.46 -46.85 -5.82
N ARG C 537 -97.58 -46.61 -6.48
CA ARG C 537 -98.01 -47.40 -7.63
C ARG C 537 -97.68 -46.65 -8.92
N LEU C 538 -97.39 -47.42 -9.97
CA LEU C 538 -96.99 -46.81 -11.25
C LEU C 538 -98.11 -45.99 -11.87
N GLU C 539 -99.36 -46.19 -11.48
CA GLU C 539 -100.49 -45.44 -12.02
C GLU C 539 -101.00 -44.36 -11.08
N GLU C 540 -100.62 -44.38 -9.80
CA GLU C 540 -101.11 -43.45 -8.79
C GLU C 540 -100.22 -42.22 -8.64
N LEU C 541 -99.48 -41.84 -9.67
CA LEU C 541 -98.61 -40.67 -9.57
C LEU C 541 -99.41 -39.37 -9.56
N SER C 542 -100.62 -39.38 -10.12
CA SER C 542 -101.43 -38.18 -10.22
C SER C 542 -102.16 -37.82 -8.92
N ASP C 543 -101.96 -38.58 -7.85
CA ASP C 543 -102.63 -38.29 -6.59
C ASP C 543 -102.08 -37.01 -5.97
N GLN C 544 -102.77 -36.54 -4.92
CA GLN C 544 -102.36 -35.35 -4.20
C GLN C 544 -101.32 -35.66 -3.13
N LYS C 545 -101.41 -36.82 -2.48
CA LYS C 545 -100.46 -37.16 -1.42
C LYS C 545 -99.05 -37.35 -1.96
N ASN C 546 -98.93 -37.87 -3.18
CA ASN C 546 -97.64 -38.24 -3.77
C ASN C 546 -97.12 -37.17 -4.72
N ALA C 547 -97.34 -35.90 -4.41
CA ALA C 547 -96.95 -34.82 -5.30
C ALA C 547 -95.44 -34.58 -5.27
N PRO C 548 -94.79 -34.53 -4.10
CA PRO C 548 -93.32 -34.40 -4.12
C PRO C 548 -92.63 -35.61 -4.74
N TYR C 549 -93.21 -36.81 -4.64
CA TYR C 549 -92.74 -37.91 -5.47
C TYR C 549 -92.82 -37.55 -6.94
N GLN C 550 -94.00 -37.12 -7.38
CA GLN C 550 -94.20 -36.69 -8.76
C GLN C 550 -93.23 -35.58 -9.15
N HIS C 551 -92.83 -34.73 -8.20
CA HIS C 551 -91.78 -33.76 -8.45
C HIS C 551 -90.40 -34.40 -8.40
N MET C 552 -90.23 -35.47 -7.61
CA MET C 552 -88.94 -36.13 -7.53
C MET C 552 -88.59 -36.85 -8.82
N PHE C 553 -89.56 -37.58 -9.40
CA PHE C 553 -89.30 -38.32 -10.63
C PHE C 553 -88.96 -37.37 -11.78
N ARG C 554 -89.62 -36.21 -11.83
CA ARG C 554 -89.34 -35.25 -12.89
C ARG C 554 -87.90 -34.73 -12.82
N LEU C 555 -87.35 -34.61 -11.61
CA LEU C 555 -85.95 -34.20 -11.47
C LEU C 555 -84.97 -35.31 -11.80
N CYS C 556 -85.39 -36.57 -11.67
CA CYS C 556 -84.51 -37.69 -12.01
C CYS C 556 -84.29 -37.77 -13.52
N TYR C 557 -85.32 -37.47 -14.31
CA TYR C 557 -85.18 -37.43 -15.76
C TYR C 557 -84.59 -36.12 -16.24
N ARG C 558 -84.82 -35.03 -15.50
CA ARG C 558 -84.34 -33.72 -15.94
C ARG C 558 -82.81 -33.65 -15.89
N VAL C 559 -82.20 -34.21 -14.84
CA VAL C 559 -80.75 -34.17 -14.71
C VAL C 559 -80.08 -34.97 -15.82
N LEU C 560 -80.72 -36.04 -16.30
CA LEU C 560 -80.14 -36.83 -17.37
C LEU C 560 -80.07 -36.04 -18.67
N ARG C 561 -81.08 -35.19 -18.92
CA ARG C 561 -81.05 -34.35 -20.11
C ARG C 561 -79.87 -33.37 -20.06
N HIS C 562 -79.58 -32.85 -18.88
CA HIS C 562 -78.51 -31.86 -18.73
C HIS C 562 -77.13 -32.52 -18.71
N SER C 563 -77.03 -33.74 -18.19
CA SER C 563 -75.77 -34.46 -18.11
C SER C 563 -75.52 -35.34 -19.33
N GLN C 564 -76.07 -34.96 -20.49
CA GLN C 564 -75.95 -35.73 -21.72
C GLN C 564 -75.59 -34.92 -22.96
N GLU C 565 -75.81 -33.60 -22.96
CA GLU C 565 -75.68 -32.81 -24.18
C GLU C 565 -74.24 -32.78 -24.67
N ASP C 566 -74.05 -33.14 -25.95
CA ASP C 566 -72.76 -33.06 -26.61
C ASP C 566 -71.71 -33.91 -25.88
N TYR C 567 -71.98 -35.21 -25.82
CA TYR C 567 -71.18 -36.10 -25.00
C TYR C 567 -71.56 -37.54 -25.35
N ARG C 568 -70.57 -38.43 -25.39
CA ARG C 568 -70.76 -39.78 -25.92
C ARG C 568 -70.91 -40.86 -24.85
N LYS C 569 -70.14 -40.80 -23.76
CA LYS C 569 -70.14 -41.91 -22.81
C LYS C 569 -71.49 -42.04 -22.11
N ASN C 570 -72.22 -40.94 -21.92
CA ASN C 570 -73.55 -41.05 -21.31
C ASN C 570 -74.56 -41.66 -22.27
N GLN C 571 -74.38 -41.44 -23.58
CA GLN C 571 -75.23 -42.12 -24.56
C GLN C 571 -75.09 -43.63 -24.45
N GLU C 572 -73.85 -44.11 -24.31
CA GLU C 572 -73.61 -45.55 -24.17
C GLU C 572 -73.86 -46.03 -22.75
N HIS C 573 -73.58 -45.19 -21.74
CA HIS C 573 -73.78 -45.60 -20.36
C HIS C 573 -75.27 -45.65 -20.02
N ILE C 574 -76.03 -44.63 -20.41
CA ILE C 574 -77.46 -44.62 -20.12
C ILE C 574 -78.17 -45.67 -20.97
N ALA C 575 -77.61 -46.04 -22.12
CA ALA C 575 -78.25 -47.02 -23.00
C ALA C 575 -78.16 -48.44 -22.45
N LYS C 576 -77.37 -48.68 -21.40
CA LYS C 576 -77.29 -50.02 -20.84
C LYS C 576 -78.57 -50.39 -20.11
N GLN C 577 -79.19 -49.42 -19.43
CA GLN C 577 -80.48 -49.60 -18.77
C GLN C 577 -81.61 -49.04 -19.63
N PHE C 578 -81.49 -49.17 -20.95
CA PHE C 578 -82.43 -48.54 -21.86
C PHE C 578 -83.82 -49.17 -21.77
N GLY C 579 -83.89 -50.50 -21.62
CA GLY C 579 -85.17 -51.17 -21.65
C GLY C 579 -86.10 -50.78 -20.53
N MET C 580 -85.53 -50.35 -19.40
CA MET C 580 -86.35 -49.95 -18.26
C MET C 580 -87.16 -48.70 -18.57
N MET C 581 -86.54 -47.73 -19.22
CA MET C 581 -87.23 -46.46 -19.50
C MET C 581 -88.38 -46.62 -20.47
N GLN C 582 -88.47 -47.73 -21.21
CA GLN C 582 -89.58 -47.94 -22.12
C GLN C 582 -90.91 -48.02 -21.37
N SER C 583 -90.89 -48.39 -20.09
CA SER C 583 -92.10 -48.51 -19.29
C SER C 583 -92.49 -47.20 -18.60
N GLN C 584 -91.51 -46.43 -18.13
CA GLN C 584 -91.76 -45.20 -17.40
C GLN C 584 -91.91 -44.00 -18.35
N ILE C 585 -92.75 -44.14 -19.37
CA ILE C 585 -92.95 -43.09 -20.38
C ILE C 585 -94.43 -42.81 -20.64
N GLY C 586 -95.31 -43.70 -20.19
CA GLY C 586 -96.73 -43.55 -20.46
C GLY C 586 -97.48 -42.79 -19.40
N TYR C 587 -96.86 -41.77 -18.80
CA TYR C 587 -97.47 -41.01 -17.72
C TYR C 587 -97.01 -39.56 -17.82
N ASP C 588 -97.52 -38.72 -16.91
CA ASP C 588 -97.24 -37.29 -16.93
C ASP C 588 -95.84 -36.94 -16.47
N ILE C 589 -95.03 -37.91 -16.03
CA ILE C 589 -93.64 -37.61 -15.68
C ILE C 589 -92.92 -37.15 -16.94
N LEU C 590 -92.03 -36.18 -16.77
CA LEU C 590 -91.31 -35.58 -17.91
C LEU C 590 -90.08 -36.42 -18.25
N ALA C 591 -90.34 -37.68 -18.62
CA ALA C 591 -89.29 -38.60 -19.05
C ALA C 591 -89.04 -38.55 -20.55
N GLU C 592 -89.99 -38.04 -21.33
CA GLU C 592 -89.76 -37.88 -22.77
C GLU C 592 -88.74 -36.81 -23.06
N ASP C 593 -88.47 -35.91 -22.12
CA ASP C 593 -87.42 -34.92 -22.30
C ASP C 593 -86.04 -35.58 -22.31
N THR C 594 -85.91 -36.76 -21.71
CA THR C 594 -84.63 -37.46 -21.66
C THR C 594 -84.39 -38.30 -22.91
N ILE C 595 -85.44 -38.94 -23.44
CA ILE C 595 -85.25 -39.91 -24.51
C ILE C 595 -84.88 -39.22 -25.82
N THR C 596 -85.41 -38.02 -26.06
CA THR C 596 -85.18 -37.35 -27.34
C THR C 596 -83.78 -36.79 -27.42
N ALA C 597 -83.34 -36.06 -26.39
CA ALA C 597 -81.97 -35.54 -26.37
C ALA C 597 -80.96 -36.68 -26.34
N LEU C 598 -81.33 -37.82 -25.76
CA LEU C 598 -80.45 -38.99 -25.75
C LEU C 598 -80.24 -39.57 -27.14
N LEU C 599 -81.13 -39.27 -28.10
CA LEU C 599 -81.02 -39.77 -29.47
C LEU C 599 -81.10 -38.67 -30.52
N HIS C 600 -81.17 -37.40 -30.13
CA HIS C 600 -81.25 -36.32 -31.11
C HIS C 600 -79.98 -36.24 -31.94
N ASN C 601 -78.82 -36.16 -31.27
CA ASN C 601 -77.56 -36.02 -31.98
C ASN C 601 -77.04 -37.36 -32.49
N ASN C 602 -77.17 -38.41 -31.70
CA ASN C 602 -76.59 -39.70 -32.04
C ASN C 602 -77.48 -40.45 -33.04
N ARG C 603 -76.83 -41.29 -33.85
CA ARG C 603 -77.49 -42.08 -34.89
C ARG C 603 -77.44 -43.58 -34.63
N LYS C 604 -76.36 -44.08 -34.03
CA LYS C 604 -76.21 -45.52 -33.86
C LYS C 604 -77.26 -46.07 -32.89
N LEU C 605 -77.50 -45.37 -31.78
CA LEU C 605 -78.48 -45.81 -30.81
C LEU C 605 -79.91 -45.68 -31.31
N LEU C 606 -80.14 -44.93 -32.39
CA LEU C 606 -81.50 -44.76 -32.91
C LEU C 606 -81.92 -45.98 -33.73
N GLU C 607 -81.12 -46.32 -34.75
CA GLU C 607 -81.44 -47.46 -35.60
C GLU C 607 -81.33 -48.79 -34.87
N LYS C 608 -80.67 -48.83 -33.72
CA LYS C 608 -80.36 -50.08 -33.03
C LYS C 608 -81.47 -50.52 -32.08
N HIS C 609 -81.80 -49.69 -31.09
CA HIS C 609 -82.70 -50.13 -30.02
C HIS C 609 -84.16 -50.14 -30.45
N ILE C 610 -84.57 -49.17 -31.26
CA ILE C 610 -85.98 -48.87 -31.46
C ILE C 610 -86.56 -49.82 -32.50
N THR C 611 -87.81 -50.22 -32.28
CA THR C 611 -88.52 -51.17 -33.12
C THR C 611 -89.93 -50.65 -33.34
N LYS C 612 -90.79 -51.50 -33.91
CA LYS C 612 -92.20 -51.14 -34.08
C LYS C 612 -92.88 -50.91 -32.74
N THR C 613 -92.56 -51.73 -31.74
CA THR C 613 -93.28 -51.70 -30.48
C THR C 613 -93.05 -50.39 -29.74
N GLU C 614 -91.83 -49.83 -29.83
CA GLU C 614 -91.55 -48.58 -29.14
C GLU C 614 -92.31 -47.42 -29.76
N VAL C 615 -92.66 -47.51 -31.04
CA VAL C 615 -93.44 -46.44 -31.66
C VAL C 615 -94.89 -46.53 -31.23
N GLU C 616 -95.40 -47.74 -30.98
CA GLU C 616 -96.76 -47.89 -30.45
C GLU C 616 -96.91 -47.21 -29.11
N THR C 617 -95.82 -47.16 -28.32
CA THR C 617 -95.84 -46.45 -27.04
C THR C 617 -96.17 -44.97 -27.25
N PHE C 618 -95.59 -44.36 -28.28
CA PHE C 618 -95.90 -42.97 -28.58
C PHE C 618 -97.30 -42.83 -29.18
N VAL C 619 -97.66 -43.73 -30.09
CA VAL C 619 -98.98 -43.68 -30.72
C VAL C 619 -100.06 -43.97 -29.69
N SER C 620 -99.80 -44.88 -28.74
CA SER C 620 -100.76 -45.16 -27.69
C SER C 620 -100.91 -43.98 -26.74
N LEU C 621 -99.87 -43.15 -26.61
CA LEU C 621 -99.91 -42.03 -25.67
C LEU C 621 -100.69 -40.85 -26.23
N VAL C 622 -100.55 -40.57 -27.53
CA VAL C 622 -101.26 -39.44 -28.13
C VAL C 622 -102.76 -39.72 -28.20
N ARG C 623 -103.13 -40.98 -28.44
CA ARG C 623 -104.55 -41.33 -28.47
C ARG C 623 -105.20 -41.12 -27.11
N LYS C 624 -104.42 -41.27 -26.03
CA LYS C 624 -104.96 -41.10 -24.68
C LYS C 624 -105.05 -39.62 -24.31
N ASN C 625 -103.95 -38.89 -24.45
CA ASN C 625 -103.89 -37.49 -24.02
C ASN C 625 -104.23 -36.51 -25.14
N ARG C 626 -103.70 -36.74 -26.35
CA ARG C 626 -103.93 -35.87 -27.50
C ARG C 626 -103.48 -34.44 -27.19
N GLU C 627 -102.16 -34.32 -27.00
CA GLU C 627 -101.49 -33.05 -26.76
C GLU C 627 -100.45 -32.79 -27.85
N PRO C 628 -100.10 -31.51 -28.11
CA PRO C 628 -99.14 -31.24 -29.19
C PRO C 628 -97.69 -31.54 -28.82
N ARG C 629 -97.37 -31.47 -27.53
CA ARG C 629 -95.98 -31.56 -27.12
C ARG C 629 -95.39 -32.96 -27.35
N PHE C 630 -96.22 -33.98 -27.48
CA PHE C 630 -95.72 -35.34 -27.72
C PHE C 630 -95.47 -35.62 -29.19
N LEU C 631 -96.15 -34.94 -30.11
CA LEU C 631 -95.91 -35.16 -31.53
C LEU C 631 -94.57 -34.59 -31.97
N ASP C 632 -94.11 -33.50 -31.34
CA ASP C 632 -92.79 -32.96 -31.66
C ASP C 632 -91.71 -33.97 -31.33
N TYR C 633 -91.89 -34.73 -30.25
CA TYR C 633 -90.90 -35.73 -29.86
C TYR C 633 -90.97 -36.95 -30.76
N LEU C 634 -92.14 -37.26 -31.32
CA LEU C 634 -92.24 -38.34 -32.29
C LEU C 634 -91.49 -37.98 -33.57
N SER C 635 -91.52 -36.71 -33.95
CA SER C 635 -90.80 -36.25 -35.14
C SER C 635 -89.30 -36.12 -34.87
N ASP C 636 -88.92 -35.87 -33.62
CA ASP C 636 -87.50 -35.71 -33.28
C ASP C 636 -86.72 -36.99 -33.45
N LEU C 637 -87.36 -38.15 -33.35
CA LEU C 637 -86.69 -39.44 -33.50
C LEU C 637 -86.45 -39.81 -34.97
N CYS C 638 -86.73 -38.91 -35.92
CA CYS C 638 -86.54 -39.20 -37.34
C CYS C 638 -85.24 -38.66 -37.90
N VAL C 639 -84.70 -37.59 -37.33
CA VAL C 639 -83.56 -36.87 -37.89
C VAL C 639 -82.49 -36.67 -36.83
N SER C 640 -81.24 -36.69 -37.27
CA SER C 640 -80.10 -36.32 -36.43
C SER C 640 -79.12 -35.53 -37.28
N ASN C 641 -78.70 -34.37 -36.78
CA ASN C 641 -77.80 -33.47 -37.51
C ASN C 641 -78.46 -32.98 -38.80
N HIS C 642 -79.79 -32.89 -38.81
CA HIS C 642 -80.55 -32.40 -39.96
C HIS C 642 -80.29 -33.26 -41.21
N ILE C 643 -80.11 -34.57 -41.01
CA ILE C 643 -79.94 -35.52 -42.11
C ILE C 643 -80.88 -36.69 -41.86
N ALA C 644 -81.63 -37.08 -42.90
CA ALA C 644 -82.65 -38.10 -42.75
C ALA C 644 -82.03 -39.45 -42.44
N ILE C 645 -82.83 -40.32 -41.82
CA ILE C 645 -82.43 -41.68 -41.46
C ILE C 645 -83.54 -42.61 -41.95
N PRO C 646 -83.43 -43.25 -43.12
CA PRO C 646 -84.56 -44.04 -43.64
C PRO C 646 -84.87 -45.29 -42.83
N VAL C 647 -84.00 -45.69 -41.90
CA VAL C 647 -84.27 -46.87 -41.09
C VAL C 647 -85.49 -46.64 -40.20
N THR C 648 -85.60 -45.43 -39.64
CA THR C 648 -86.70 -45.08 -38.74
C THR C 648 -87.96 -44.69 -39.49
N GLN C 649 -87.83 -44.12 -40.69
CA GLN C 649 -89.00 -43.67 -41.43
C GLN C 649 -89.88 -44.83 -41.86
N GLU C 650 -89.31 -46.03 -42.02
CA GLU C 650 -90.10 -47.18 -42.43
C GLU C 650 -90.92 -47.77 -41.28
N LEU C 651 -90.45 -47.63 -40.05
CA LEU C 651 -91.16 -48.21 -38.92
C LEU C 651 -92.31 -47.32 -38.46
N ILE C 652 -92.06 -46.01 -38.32
CA ILE C 652 -93.11 -45.09 -37.88
C ILE C 652 -94.19 -44.97 -38.94
N CYS C 653 -93.78 -44.72 -40.20
CA CYS C 653 -94.74 -44.43 -41.26
C CYS C 653 -95.69 -45.59 -41.52
N LYS C 654 -95.25 -46.82 -41.26
CA LYS C 654 -96.10 -47.98 -41.45
C LYS C 654 -97.02 -48.26 -40.26
N CYS C 655 -97.11 -47.34 -39.30
CA CYS C 655 -98.02 -47.51 -38.16
C CYS C 655 -98.72 -46.23 -37.75
N VAL C 656 -98.55 -45.12 -38.47
CA VAL C 656 -99.32 -43.90 -38.22
C VAL C 656 -99.97 -43.34 -39.48
N LEU C 657 -99.52 -43.68 -40.69
CA LEU C 657 -100.21 -43.28 -41.91
C LEU C 657 -101.35 -44.22 -42.28
N ASP C 658 -101.38 -45.43 -41.71
CA ASP C 658 -102.38 -46.41 -42.08
C ASP C 658 -103.78 -45.94 -41.66
N PRO C 659 -104.83 -46.52 -42.25
CA PRO C 659 -106.19 -46.15 -41.82
C PRO C 659 -106.59 -46.72 -40.46
N LYS C 660 -105.77 -47.60 -39.88
CA LYS C 660 -106.10 -48.17 -38.57
C LYS C 660 -106.18 -47.09 -37.50
N ASN C 661 -105.39 -46.03 -37.62
CA ASN C 661 -105.32 -44.96 -36.63
C ASN C 661 -105.29 -43.61 -37.33
N SER C 662 -106.16 -43.44 -38.32
CA SER C 662 -106.29 -42.17 -39.03
C SER C 662 -107.06 -41.12 -38.24
N ASP C 663 -107.72 -41.50 -37.14
CA ASP C 663 -108.43 -40.52 -36.33
C ASP C 663 -107.47 -39.52 -35.70
N ILE C 664 -106.22 -39.94 -35.43
CA ILE C 664 -105.23 -39.02 -34.86
C ILE C 664 -104.71 -38.06 -35.92
N LEU C 665 -104.58 -38.51 -37.17
CA LEU C 665 -104.23 -37.62 -38.26
C LEU C 665 -105.41 -36.72 -38.59
N ILE C 666 -105.23 -35.41 -38.45
CA ILE C 666 -106.27 -34.45 -38.82
C ILE C 666 -106.45 -34.49 -40.33
N ARG C 667 -107.71 -34.58 -40.77
CA ARG C 667 -108.04 -34.66 -42.19
C ARG C 667 -108.31 -33.27 -42.74
N THR C 668 -107.70 -32.97 -43.89
CA THR C 668 -107.85 -31.69 -44.57
C THR C 668 -108.57 -31.91 -45.90
N GLU C 669 -109.44 -30.97 -46.26
CA GLU C 669 -110.16 -31.04 -47.53
C GLU C 669 -110.76 -29.69 -47.85
N LEU C 670 -110.95 -29.45 -49.15
CA LEU C 670 -111.51 -28.20 -49.65
C LEU C 670 -112.96 -28.41 -50.06
N ARG C 671 -113.57 -27.33 -50.54
CA ARG C 671 -114.87 -27.38 -51.19
C ARG C 671 -115.06 -26.08 -51.95
N PRO C 672 -115.77 -26.10 -53.09
CA PRO C 672 -116.04 -24.82 -53.80
C PRO C 672 -116.92 -23.84 -53.01
N VAL C 673 -117.57 -24.29 -51.93
CA VAL C 673 -118.43 -23.40 -51.15
C VAL C 673 -117.55 -22.33 -50.51
N LYS C 674 -117.87 -21.07 -50.78
CA LYS C 674 -117.12 -19.95 -50.24
C LYS C 674 -117.72 -19.48 -48.93
N GLU C 690 -113.79 -21.25 -53.20
CA GLU C 690 -112.88 -22.27 -52.71
C GLU C 690 -112.29 -21.85 -51.37
N GLU C 691 -112.49 -22.67 -50.35
CA GLU C 691 -112.01 -22.40 -49.00
C GLU C 691 -111.56 -23.69 -48.35
N VAL C 692 -110.90 -23.55 -47.20
CA VAL C 692 -110.34 -24.68 -46.45
C VAL C 692 -111.26 -25.00 -45.29
N TRP C 693 -111.34 -26.28 -44.94
CA TRP C 693 -112.15 -26.75 -43.82
C TRP C 693 -111.42 -27.90 -43.14
N LEU C 694 -111.14 -27.73 -41.85
CA LEU C 694 -110.43 -28.73 -41.06
C LEU C 694 -111.42 -29.60 -40.30
N THR C 695 -111.07 -30.87 -40.15
CA THR C 695 -111.90 -31.85 -39.47
C THR C 695 -111.02 -32.71 -38.59
N TRP C 696 -111.26 -32.68 -37.28
CA TRP C 696 -110.50 -33.41 -36.29
C TRP C 696 -111.44 -34.28 -35.46
N THR C 697 -110.88 -34.96 -34.47
CA THR C 697 -111.62 -35.84 -33.58
C THR C 697 -111.11 -35.65 -32.16
N ASP C 698 -112.02 -35.55 -31.21
CA ASP C 698 -111.66 -35.49 -29.80
C ASP C 698 -111.40 -36.90 -29.27
N LYS C 699 -110.80 -36.98 -28.08
CA LYS C 699 -110.52 -38.28 -27.48
C LYS C 699 -111.80 -39.02 -27.13
N ASN C 700 -112.89 -38.30 -26.88
CA ASN C 700 -114.18 -38.90 -26.53
C ASN C 700 -115.02 -39.22 -27.76
N ASN C 701 -114.41 -39.35 -28.94
CA ASN C 701 -115.10 -39.72 -30.16
C ASN C 701 -116.20 -38.71 -30.51
N GLU C 702 -115.76 -37.48 -30.80
CA GLU C 702 -116.64 -36.39 -31.19
C GLU C 702 -116.09 -35.74 -32.46
N HIS C 703 -116.99 -35.47 -33.41
CA HIS C 703 -116.62 -34.90 -34.70
C HIS C 703 -116.95 -33.40 -34.73
N HIS C 704 -116.10 -32.65 -35.42
CA HIS C 704 -116.25 -31.20 -35.54
C HIS C 704 -115.86 -30.77 -36.95
N GLU C 705 -116.38 -29.60 -37.36
CA GLU C 705 -116.10 -29.04 -38.67
C GLU C 705 -116.01 -27.53 -38.54
N LYS C 706 -114.83 -26.98 -38.83
CA LYS C 706 -114.60 -25.54 -38.77
C LYS C 706 -113.60 -25.15 -39.83
N SER C 707 -113.55 -23.85 -40.14
CA SER C 707 -112.68 -23.32 -41.17
C SER C 707 -111.31 -22.98 -40.58
N VAL C 708 -110.46 -22.38 -41.41
CA VAL C 708 -109.17 -21.85 -40.97
C VAL C 708 -109.26 -20.36 -40.68
N ARG C 709 -110.08 -19.63 -41.44
CA ARG C 709 -110.19 -18.19 -41.27
C ARG C 709 -110.97 -17.86 -40.00
N GLN C 710 -112.16 -18.44 -39.84
CA GLN C 710 -112.92 -18.23 -38.61
C GLN C 710 -112.19 -18.77 -37.41
N LEU C 711 -111.46 -19.87 -37.58
CA LEU C 711 -110.69 -20.44 -36.46
C LEU C 711 -109.53 -19.53 -36.08
N ALA C 712 -109.00 -18.75 -37.03
CA ALA C 712 -107.91 -17.84 -36.73
C ALA C 712 -108.40 -16.59 -35.98
N GLN C 713 -109.60 -16.12 -36.30
CA GLN C 713 -110.12 -14.92 -35.63
C GLN C 713 -110.38 -15.18 -34.15
N GLU C 714 -110.73 -16.41 -33.78
CA GLU C 714 -110.96 -16.74 -32.38
C GLU C 714 -109.67 -16.67 -31.57
N ALA C 715 -108.53 -16.94 -32.21
CA ALA C 715 -107.26 -16.87 -31.49
C ALA C 715 -106.93 -15.44 -31.10
N ARG C 716 -107.26 -14.47 -31.95
CA ARG C 716 -107.01 -13.07 -31.62
C ARG C 716 -107.85 -12.64 -30.43
N ALA C 717 -109.08 -13.15 -30.32
CA ALA C 717 -109.94 -12.81 -29.19
C ALA C 717 -109.60 -13.63 -27.94
N GLY C 718 -108.98 -14.78 -28.11
CA GLY C 718 -108.59 -15.63 -26.99
C GLY C 718 -109.54 -16.80 -26.79
N ASN C 719 -109.06 -18.01 -27.13
CA ASN C 719 -109.87 -19.21 -26.99
C ASN C 719 -108.94 -20.40 -26.85
N ALA C 720 -109.18 -21.22 -25.82
CA ALA C 720 -108.32 -22.37 -25.57
C ALA C 720 -108.67 -23.55 -26.46
N HIS C 721 -109.96 -23.79 -26.69
CA HIS C 721 -110.37 -24.91 -27.52
C HIS C 721 -109.93 -24.74 -28.97
N ASP C 722 -109.83 -23.49 -29.44
CA ASP C 722 -109.37 -23.22 -30.78
C ASP C 722 -107.84 -23.17 -30.86
N GLU C 723 -107.21 -22.44 -29.94
CA GLU C 723 -105.76 -22.31 -29.96
C GLU C 723 -105.09 -23.66 -29.71
N ASN C 724 -105.68 -24.50 -28.85
CA ASN C 724 -105.10 -25.82 -28.61
C ASN C 724 -105.20 -26.71 -29.84
N VAL C 725 -106.36 -26.71 -30.50
CA VAL C 725 -106.51 -27.48 -31.73
C VAL C 725 -105.74 -26.82 -32.87
N LEU C 726 -105.62 -25.50 -32.86
CA LEU C 726 -104.82 -24.81 -33.87
C LEU C 726 -103.34 -25.06 -33.64
N SER C 727 -102.88 -24.93 -32.39
CA SER C 727 -101.50 -25.27 -32.06
C SER C 727 -101.23 -26.75 -32.29
N TYR C 728 -102.25 -27.59 -32.14
CA TYR C 728 -102.10 -29.00 -32.47
C TYR C 728 -101.82 -29.20 -33.95
N TYR C 729 -102.32 -28.31 -34.81
CA TYR C 729 -102.16 -28.49 -36.25
C TYR C 729 -100.75 -28.19 -36.72
N ARG C 730 -100.06 -27.23 -36.09
CA ARG C 730 -98.73 -26.85 -36.54
C ARG C 730 -97.75 -28.00 -36.39
N TYR C 731 -97.61 -28.52 -35.17
CA TYR C 731 -96.75 -29.69 -34.97
C TYR C 731 -97.26 -30.90 -35.75
N GLN C 732 -98.58 -31.00 -35.94
CA GLN C 732 -99.13 -32.05 -36.79
C GLN C 732 -98.70 -31.87 -38.24
N LEU C 733 -98.72 -30.63 -38.73
CA LEU C 733 -98.28 -30.35 -40.09
C LEU C 733 -96.76 -30.45 -40.21
N LYS C 734 -96.03 -30.08 -39.17
CA LYS C 734 -94.57 -30.22 -39.19
C LYS C 734 -94.14 -31.67 -39.30
N LEU C 735 -94.98 -32.61 -38.84
CA LEU C 735 -94.64 -34.02 -38.91
C LEU C 735 -94.51 -34.48 -40.35
N PHE C 736 -95.52 -34.17 -41.18
CA PHE C 736 -95.53 -34.61 -42.57
C PHE C 736 -94.29 -34.16 -43.33
N ALA C 737 -93.73 -33.01 -42.96
CA ALA C 737 -92.51 -32.54 -43.59
C ALA C 737 -91.30 -33.31 -43.07
N ARG C 738 -91.32 -33.69 -41.79
CA ARG C 738 -90.17 -34.37 -41.21
C ARG C 738 -90.12 -35.84 -41.62
N MET C 739 -91.27 -36.48 -41.80
CA MET C 739 -91.29 -37.89 -42.15
C MET C 739 -90.62 -38.17 -43.49
N CYS C 740 -90.67 -37.20 -44.41
CA CYS C 740 -90.10 -37.33 -45.75
C CYS C 740 -89.05 -36.27 -46.00
N LEU C 741 -88.12 -36.09 -45.05
CA LEU C 741 -87.15 -35.01 -45.10
C LEU C 741 -86.37 -35.01 -46.41
N ASP C 742 -85.57 -36.05 -46.64
CA ASP C 742 -84.81 -36.14 -47.88
C ASP C 742 -85.66 -36.70 -49.00
N ARG C 743 -86.08 -37.97 -48.86
CA ARG C 743 -86.95 -38.59 -49.85
C ARG C 743 -87.55 -39.87 -49.30
N GLN C 744 -88.88 -39.94 -49.25
CA GLN C 744 -89.56 -41.13 -48.74
C GLN C 744 -90.95 -41.16 -49.36
N TYR C 745 -91.12 -42.02 -50.38
CA TYR C 745 -92.38 -42.10 -51.09
C TYR C 745 -93.45 -42.91 -50.35
N LEU C 746 -93.09 -43.56 -49.25
CA LEU C 746 -94.10 -44.26 -48.46
C LEU C 746 -95.11 -43.28 -47.86
N ALA C 747 -94.68 -42.05 -47.58
CA ALA C 747 -95.54 -41.01 -47.02
C ALA C 747 -95.95 -39.95 -48.04
N ILE C 748 -95.11 -39.69 -49.05
CA ILE C 748 -95.46 -38.68 -50.05
C ILE C 748 -96.65 -39.15 -50.89
N ASP C 749 -96.67 -40.44 -51.24
CA ASP C 749 -97.78 -40.96 -52.04
C ASP C 749 -99.09 -40.92 -51.27
N GLU C 750 -99.03 -41.03 -49.94
CA GLU C 750 -100.23 -40.95 -49.11
C GLU C 750 -100.61 -39.52 -48.77
N ILE C 751 -99.63 -38.64 -48.58
CA ILE C 751 -99.90 -37.27 -48.17
C ILE C 751 -100.17 -36.36 -49.37
N SER C 752 -99.62 -36.69 -50.55
CA SER C 752 -99.86 -35.87 -51.73
C SER C 752 -101.33 -35.86 -52.14
N GLN C 753 -102.04 -36.96 -51.90
CA GLN C 753 -103.46 -37.00 -52.21
C GLN C 753 -104.27 -36.15 -51.22
N GLN C 754 -103.81 -36.06 -49.97
CA GLN C 754 -104.54 -35.27 -48.98
C GLN C 754 -104.32 -33.78 -49.21
N LEU C 755 -103.06 -33.36 -49.32
CA LEU C 755 -102.69 -31.95 -49.54
C LEU C 755 -102.02 -31.84 -50.90
N GLY C 756 -102.65 -31.11 -51.82
CA GLY C 756 -102.11 -30.88 -53.14
C GLY C 756 -101.35 -29.57 -53.24
N VAL C 757 -100.96 -29.24 -54.47
CA VAL C 757 -100.22 -28.00 -54.72
C VAL C 757 -101.16 -26.80 -54.64
N ASP C 758 -102.30 -26.88 -55.32
CA ASP C 758 -103.23 -25.75 -55.35
C ASP C 758 -103.81 -25.46 -53.97
N LEU C 759 -104.05 -26.49 -53.16
CA LEU C 759 -104.60 -26.27 -51.84
C LEU C 759 -103.63 -25.52 -50.94
N ILE C 760 -102.37 -25.94 -50.93
CA ILE C 760 -101.38 -25.32 -50.05
C ILE C 760 -101.10 -23.88 -50.49
N PHE C 761 -101.33 -23.54 -51.76
CA PHE C 761 -101.02 -22.19 -52.21
C PHE C 761 -101.96 -21.17 -51.58
N LEU C 762 -103.26 -21.50 -51.48
CA LEU C 762 -104.24 -20.52 -51.02
C LEU C 762 -103.95 -20.08 -49.58
N CYS C 763 -103.55 -21.02 -48.72
CA CYS C 763 -103.30 -20.71 -47.33
C CYS C 763 -101.99 -19.93 -47.14
N MET C 764 -101.00 -20.17 -48.01
CA MET C 764 -99.79 -19.34 -47.98
C MET C 764 -100.08 -17.91 -48.40
N ALA C 765 -101.10 -17.72 -49.25
CA ALA C 765 -101.48 -16.38 -49.67
C ALA C 765 -102.46 -15.71 -48.69
N ASP C 766 -103.23 -16.50 -47.95
CA ASP C 766 -104.19 -15.96 -46.99
C ASP C 766 -103.44 -15.22 -45.87
N GLU C 767 -103.65 -13.91 -45.80
CA GLU C 767 -103.05 -13.07 -44.76
C GLU C 767 -103.93 -12.96 -43.53
N MET C 768 -104.95 -13.81 -43.40
CA MET C 768 -105.91 -13.75 -42.29
C MET C 768 -105.67 -14.85 -41.27
N LEU C 769 -104.40 -15.16 -40.97
CA LEU C 769 -104.08 -16.19 -40.00
C LEU C 769 -102.74 -15.83 -39.34
N PRO C 770 -102.46 -16.37 -38.15
CA PRO C 770 -101.22 -16.00 -37.47
C PRO C 770 -99.99 -16.38 -38.28
N PHE C 771 -98.97 -15.52 -38.19
CA PHE C 771 -97.81 -15.65 -39.07
C PHE C 771 -97.06 -16.96 -38.84
N ASP C 772 -96.96 -17.41 -37.57
CA ASP C 772 -96.25 -18.65 -37.28
C ASP C 772 -96.90 -19.85 -37.97
N LEU C 773 -98.22 -19.82 -38.13
CA LEU C 773 -98.93 -20.90 -38.82
C LEU C 773 -98.64 -20.87 -40.32
N ARG C 774 -98.44 -19.68 -40.88
CA ARG C 774 -98.20 -19.54 -42.31
C ARG C 774 -96.88 -20.17 -42.74
N ALA C 775 -95.94 -20.38 -41.80
CA ALA C 775 -94.60 -20.84 -42.16
C ALA C 775 -94.53 -22.35 -42.37
N SER C 776 -95.38 -23.12 -41.68
CA SER C 776 -95.30 -24.58 -41.75
C SER C 776 -95.83 -25.14 -43.06
N PHE C 777 -96.59 -24.35 -43.84
CA PHE C 777 -97.16 -24.85 -45.08
C PHE C 777 -96.12 -24.89 -46.20
N CYS C 778 -95.40 -23.78 -46.41
CA CYS C 778 -94.26 -23.81 -47.32
C CYS C 778 -93.19 -24.78 -46.87
N HIS C 779 -93.13 -25.08 -45.57
CA HIS C 779 -92.21 -26.09 -45.07
C HIS C 779 -92.59 -27.50 -45.51
N LEU C 780 -93.87 -27.73 -45.81
CA LEU C 780 -94.28 -29.04 -46.27
C LEU C 780 -93.84 -29.30 -47.71
N MET C 781 -94.20 -28.40 -48.63
CA MET C 781 -93.93 -28.64 -50.05
C MET C 781 -92.44 -28.67 -50.36
N LEU C 782 -91.59 -28.14 -49.47
CA LEU C 782 -90.15 -28.31 -49.62
C LEU C 782 -89.77 -29.79 -49.61
N HIS C 783 -90.50 -30.61 -48.84
CA HIS C 783 -90.19 -32.01 -48.67
C HIS C 783 -91.15 -32.95 -49.39
N VAL C 784 -92.25 -32.45 -49.94
CA VAL C 784 -93.30 -33.28 -50.54
C VAL C 784 -93.26 -33.20 -52.06
N HIS C 785 -93.49 -32.02 -52.63
CA HIS C 785 -93.75 -31.87 -54.05
C HIS C 785 -92.51 -31.54 -54.88
N VAL C 786 -91.59 -30.73 -54.37
CA VAL C 786 -90.39 -30.41 -55.13
C VAL C 786 -89.44 -31.59 -55.17
N ASP C 787 -89.37 -32.38 -54.11
CA ASP C 787 -88.50 -33.54 -54.03
C ASP C 787 -89.25 -34.75 -54.55
N ARG C 788 -89.22 -34.96 -55.86
CA ARG C 788 -89.91 -36.07 -56.50
C ARG C 788 -88.99 -36.67 -57.56
N ASP C 789 -89.51 -37.67 -58.27
CA ASP C 789 -88.68 -38.42 -59.22
C ASP C 789 -88.16 -37.59 -60.38
N PRO C 790 -88.98 -36.86 -61.15
CA PRO C 790 -88.45 -36.22 -62.36
C PRO C 790 -87.47 -35.08 -62.07
N GLN C 791 -87.67 -34.34 -60.99
CA GLN C 791 -86.79 -33.23 -60.66
C GLN C 791 -85.53 -33.75 -59.95
N GLU C 792 -84.37 -33.38 -60.46
CA GLU C 792 -83.09 -33.85 -59.93
C GLU C 792 -82.11 -32.69 -59.85
N LEU C 793 -81.02 -32.92 -59.14
CA LEU C 793 -79.99 -31.90 -58.93
C LEU C 793 -79.36 -31.51 -60.26
N VAL C 794 -78.85 -30.27 -60.31
CA VAL C 794 -78.21 -29.70 -61.48
C VAL C 794 -76.79 -29.31 -61.11
N THR C 795 -75.82 -29.83 -61.85
CA THR C 795 -74.44 -29.38 -61.71
C THR C 795 -74.24 -28.13 -62.56
N PRO C 796 -73.90 -26.97 -61.97
CA PRO C 796 -73.75 -25.78 -62.83
C PRO C 796 -72.53 -25.87 -63.74
N VAL C 797 -71.40 -26.32 -63.23
CA VAL C 797 -70.17 -26.41 -64.01
C VAL C 797 -70.19 -27.77 -64.71
N LYS C 798 -70.54 -27.76 -66.00
CA LYS C 798 -70.55 -28.98 -66.81
C LYS C 798 -69.30 -28.96 -67.68
N PHE C 799 -68.23 -29.58 -67.17
CA PHE C 799 -66.99 -29.68 -67.93
C PHE C 799 -67.22 -30.47 -69.22
N ALA C 800 -67.85 -31.63 -69.11
CA ALA C 800 -68.13 -32.46 -70.27
C ALA C 800 -69.09 -31.75 -71.21
N ARG C 801 -68.63 -31.46 -72.42
CA ARG C 801 -69.41 -30.73 -73.41
C ARG C 801 -69.14 -31.30 -74.79
N LEU C 802 -70.19 -31.36 -75.61
CA LEU C 802 -70.08 -31.90 -76.96
C LEU C 802 -69.65 -30.82 -77.93
N TRP C 803 -68.89 -31.23 -78.95
CA TRP C 803 -68.39 -30.29 -79.95
C TRP C 803 -69.45 -29.93 -80.99
N THR C 804 -70.42 -30.81 -81.22
CA THR C 804 -71.43 -30.64 -82.27
C THR C 804 -72.76 -30.13 -81.70
N GLU C 805 -72.70 -29.31 -80.65
CA GLU C 805 -73.91 -28.81 -79.97
C GLU C 805 -73.85 -27.34 -79.60
N ILE C 806 -72.69 -26.69 -79.63
CA ILE C 806 -72.51 -25.43 -78.94
C ILE C 806 -72.79 -24.28 -79.90
N PRO C 807 -73.37 -23.14 -79.45
CA PRO C 807 -73.56 -22.01 -80.36
C PRO C 807 -72.26 -21.36 -80.80
N THR C 808 -72.37 -20.29 -81.59
CA THR C 808 -71.23 -19.49 -82.02
C THR C 808 -71.06 -18.22 -81.19
N ALA C 809 -72.17 -17.63 -80.74
CA ALA C 809 -72.16 -16.48 -79.86
C ALA C 809 -73.24 -16.67 -78.80
N ILE C 810 -73.02 -16.07 -77.62
CA ILE C 810 -73.88 -16.28 -76.47
C ILE C 810 -74.29 -14.94 -75.87
N THR C 811 -75.44 -14.93 -75.23
CA THR C 811 -75.95 -13.77 -74.50
C THR C 811 -76.57 -14.26 -73.20
N ILE C 812 -77.07 -13.31 -72.40
CA ILE C 812 -77.67 -13.66 -71.12
C ILE C 812 -78.93 -14.49 -71.35
N LYS C 813 -79.64 -14.25 -72.45
CA LYS C 813 -80.86 -14.99 -72.77
C LYS C 813 -80.60 -16.19 -73.68
N ASP C 814 -79.65 -16.07 -74.61
CA ASP C 814 -79.41 -17.14 -75.58
C ASP C 814 -78.85 -18.39 -74.90
N TYR C 815 -78.10 -18.22 -73.81
CA TYR C 815 -77.49 -19.37 -73.16
C TYR C 815 -78.54 -20.32 -72.59
N ASP C 816 -79.71 -19.80 -72.20
CA ASP C 816 -80.77 -20.61 -71.63
C ASP C 816 -81.73 -21.15 -72.70
N SER C 817 -81.27 -21.30 -73.93
CA SER C 817 -82.13 -21.81 -74.99
C SER C 817 -82.44 -23.29 -74.80
N ASN C 818 -81.44 -24.08 -74.38
CA ASN C 818 -81.64 -25.51 -74.23
C ASN C 818 -82.45 -25.84 -72.98
N LEU C 819 -82.21 -25.10 -71.88
CA LEU C 819 -82.93 -25.36 -70.65
C LEU C 819 -84.40 -24.93 -70.71
N ASN C 820 -84.79 -24.17 -71.72
CA ASN C 820 -86.17 -23.69 -71.85
C ASN C 820 -87.13 -24.79 -72.28
N ALA C 821 -86.64 -25.98 -72.64
CA ALA C 821 -87.51 -27.05 -73.13
C ALA C 821 -88.18 -27.79 -71.98
N SER C 822 -87.40 -28.43 -71.12
CA SER C 822 -87.95 -29.21 -70.01
C SER C 822 -88.33 -28.35 -68.81
N ARG C 823 -88.05 -27.05 -68.85
CA ARG C 823 -88.33 -26.18 -67.71
C ARG C 823 -89.78 -25.69 -67.71
N ASP C 824 -90.35 -25.48 -68.90
CA ASP C 824 -91.73 -25.01 -68.99
C ASP C 824 -92.73 -26.12 -68.69
N ASP C 825 -92.34 -27.38 -68.89
CA ASP C 825 -93.24 -28.50 -68.65
C ASP C 825 -93.62 -28.58 -67.16
N LYS C 826 -92.61 -28.51 -66.28
CA LYS C 826 -92.86 -28.51 -64.85
C LYS C 826 -93.29 -27.14 -64.33
N LYS C 827 -93.09 -26.08 -65.11
CA LYS C 827 -93.51 -24.74 -64.70
C LYS C 827 -95.01 -24.65 -64.49
N ASN C 828 -95.80 -25.52 -65.14
CA ASN C 828 -97.26 -25.38 -65.12
C ASN C 828 -97.81 -25.48 -63.70
N LYS C 829 -97.38 -26.50 -62.95
CA LYS C 829 -97.90 -26.68 -61.59
C LYS C 829 -97.17 -25.78 -60.60
N PHE C 830 -95.86 -25.58 -60.79
CA PHE C 830 -95.09 -24.63 -59.99
C PHE C 830 -95.10 -23.24 -60.63
N ALA C 831 -96.30 -22.74 -60.93
CA ALA C 831 -96.47 -21.45 -61.60
C ALA C 831 -96.77 -20.34 -60.62
N ASN C 832 -97.84 -20.48 -59.83
CA ASN C 832 -98.25 -19.42 -58.93
C ASN C 832 -97.34 -19.31 -57.71
N THR C 833 -96.71 -20.43 -57.30
CA THR C 833 -95.80 -20.38 -56.17
C THR C 833 -94.54 -19.59 -56.49
N MET C 834 -94.17 -19.51 -57.76
CA MET C 834 -92.99 -18.73 -58.15
C MET C 834 -93.19 -17.26 -57.84
N GLU C 835 -94.30 -16.67 -58.31
CA GLU C 835 -94.56 -15.27 -58.07
C GLU C 835 -94.69 -14.94 -56.60
N PHE C 836 -95.06 -15.92 -55.76
CA PHE C 836 -95.15 -15.68 -54.32
C PHE C 836 -93.79 -15.33 -53.73
N VAL C 837 -92.70 -15.83 -54.32
CA VAL C 837 -91.37 -15.49 -53.83
C VAL C 837 -91.01 -14.06 -54.18
N GLU C 838 -91.09 -13.73 -55.48
CA GLU C 838 -90.73 -12.38 -55.92
C GLU C 838 -91.67 -11.33 -55.33
N ASP C 839 -92.96 -11.64 -55.26
CA ASP C 839 -93.90 -10.70 -54.67
C ASP C 839 -93.64 -10.50 -53.18
N TYR C 840 -93.16 -11.54 -52.49
CA TYR C 840 -92.98 -11.44 -51.05
C TYR C 840 -91.68 -10.73 -50.69
N LEU C 841 -90.55 -11.19 -51.23
CA LEU C 841 -89.26 -10.63 -50.86
C LEU C 841 -89.13 -9.16 -51.22
N ASN C 842 -89.86 -8.69 -52.23
CA ASN C 842 -89.82 -7.27 -52.56
C ASN C 842 -90.41 -6.42 -51.45
N ASN C 843 -91.41 -6.93 -50.73
CA ASN C 843 -91.96 -6.20 -49.60
C ASN C 843 -90.96 -6.10 -48.46
N VAL C 844 -90.10 -7.11 -48.31
CA VAL C 844 -89.10 -7.09 -47.24
C VAL C 844 -88.05 -6.03 -47.52
N VAL C 845 -87.76 -5.75 -48.79
CA VAL C 845 -86.76 -4.73 -49.13
C VAL C 845 -87.31 -3.34 -48.83
N SER C 846 -88.60 -3.12 -49.07
CA SER C 846 -89.20 -1.82 -48.82
C SER C 846 -89.20 -1.48 -47.33
N GLU C 847 -89.23 -2.49 -46.47
CA GLU C 847 -89.21 -2.27 -45.03
C GLU C 847 -87.79 -1.96 -44.57
N ALA C 848 -87.67 -0.98 -43.68
CA ALA C 848 -86.35 -0.57 -43.19
C ALA C 848 -85.80 -1.58 -42.18
N VAL C 849 -86.62 -1.98 -41.22
CA VAL C 849 -86.25 -2.97 -40.22
C VAL C 849 -87.02 -4.25 -40.55
N PRO C 850 -86.53 -5.09 -41.48
CA PRO C 850 -87.28 -6.30 -41.84
C PRO C 850 -87.33 -7.31 -40.70
N PHE C 851 -86.18 -7.53 -40.05
CA PHE C 851 -86.08 -8.49 -38.95
C PHE C 851 -86.55 -7.83 -37.67
N ALA C 852 -87.88 -7.65 -37.59
CA ALA C 852 -88.53 -6.99 -36.46
C ALA C 852 -89.35 -7.97 -35.63
N ASN C 853 -90.31 -8.65 -36.24
CA ASN C 853 -91.19 -9.57 -35.53
C ASN C 853 -90.61 -10.97 -35.50
N GLU C 854 -90.84 -11.69 -34.40
CA GLU C 854 -90.31 -13.03 -34.26
C GLU C 854 -91.00 -14.01 -35.22
N GLU C 855 -92.33 -13.94 -35.31
CA GLU C 855 -93.05 -14.84 -36.21
C GLU C 855 -92.80 -14.49 -37.67
N LYS C 856 -92.62 -13.20 -37.99
CA LYS C 856 -92.26 -12.81 -39.33
C LYS C 856 -90.94 -13.46 -39.76
N ASN C 857 -90.00 -13.62 -38.82
CA ASN C 857 -88.70 -14.16 -39.15
C ASN C 857 -88.72 -15.67 -39.29
N LYS C 858 -89.71 -16.34 -38.70
CA LYS C 858 -89.82 -17.79 -38.85
C LYS C 858 -90.14 -18.17 -40.30
N LEU C 859 -90.87 -17.33 -41.01
CA LEU C 859 -91.09 -17.54 -42.45
C LEU C 859 -89.90 -17.07 -43.26
N THR C 860 -89.25 -15.98 -42.83
CA THR C 860 -88.08 -15.48 -43.54
C THR C 860 -86.99 -16.53 -43.62
N PHE C 861 -86.94 -17.46 -42.65
CA PHE C 861 -86.05 -18.59 -42.75
C PHE C 861 -86.50 -19.58 -43.82
N GLU C 862 -87.82 -19.77 -43.96
CA GLU C 862 -88.31 -20.94 -44.68
C GLU C 862 -88.42 -20.71 -46.19
N VAL C 863 -89.12 -19.65 -46.61
CA VAL C 863 -89.27 -19.38 -48.04
C VAL C 863 -87.91 -19.16 -48.69
N VAL C 864 -86.96 -18.60 -47.93
CA VAL C 864 -85.58 -18.61 -48.39
C VAL C 864 -85.10 -20.05 -48.55
N SER C 865 -85.43 -20.91 -47.59
CA SER C 865 -85.08 -22.33 -47.70
C SER C 865 -85.87 -23.03 -48.79
N LEU C 866 -87.01 -22.48 -49.21
CA LEU C 866 -87.66 -22.97 -50.42
C LEU C 866 -86.89 -22.54 -51.66
N ALA C 867 -86.70 -21.23 -51.83
CA ALA C 867 -85.91 -20.71 -52.93
C ALA C 867 -84.48 -21.26 -52.89
N HIS C 868 -83.99 -21.60 -51.70
CA HIS C 868 -82.75 -22.37 -51.57
C HIS C 868 -82.82 -23.63 -52.42
N ASN C 869 -83.87 -24.43 -52.22
CA ASN C 869 -83.99 -25.71 -52.92
C ASN C 869 -84.53 -25.56 -54.33
N LEU C 870 -85.36 -24.54 -54.59
CA LEU C 870 -85.96 -24.38 -55.92
C LEU C 870 -84.91 -24.14 -56.99
N ILE C 871 -83.81 -23.48 -56.64
CA ILE C 871 -82.85 -23.06 -57.66
C ILE C 871 -81.96 -24.23 -58.09
N TYR C 872 -81.79 -25.26 -57.24
CA TYR C 872 -80.96 -26.38 -57.62
C TYR C 872 -81.57 -27.19 -58.76
N PHE C 873 -82.89 -27.33 -58.77
CA PHE C 873 -83.59 -28.10 -59.79
C PHE C 873 -83.88 -27.29 -61.06
N GLY C 874 -83.20 -26.16 -61.26
CA GLY C 874 -83.27 -25.44 -62.52
C GLY C 874 -84.63 -24.88 -62.86
N PHE C 875 -85.20 -24.09 -61.95
CA PHE C 875 -86.47 -23.41 -62.19
C PHE C 875 -86.30 -22.00 -62.72
N TYR C 876 -85.25 -21.30 -62.30
CA TYR C 876 -84.98 -19.93 -62.74
C TYR C 876 -83.95 -19.94 -63.86
N SER C 877 -84.24 -19.20 -64.93
CA SER C 877 -83.25 -18.99 -65.97
C SER C 877 -82.12 -18.10 -65.45
N PHE C 878 -81.02 -18.09 -66.20
CA PHE C 878 -79.86 -17.30 -65.79
C PHE C 878 -80.20 -15.82 -65.72
N SER C 879 -81.06 -15.34 -66.63
CA SER C 879 -81.45 -13.94 -66.63
C SER C 879 -82.26 -13.59 -65.37
N GLU C 880 -83.13 -14.51 -64.94
CA GLU C 880 -83.98 -14.23 -63.78
C GLU C 880 -83.17 -14.18 -62.49
N LEU C 881 -82.05 -14.91 -62.42
CA LEU C 881 -81.27 -14.96 -61.20
C LEU C 881 -80.60 -13.62 -60.92
N LEU C 882 -80.05 -12.98 -61.95
CA LEU C 882 -79.41 -11.68 -61.76
C LEU C 882 -80.41 -10.63 -61.30
N ARG C 883 -81.68 -10.77 -61.69
CA ARG C 883 -82.73 -9.91 -61.16
C ARG C 883 -83.05 -10.24 -59.71
N LEU C 884 -82.88 -11.51 -59.31
CA LEU C 884 -83.21 -11.92 -57.95
C LEU C 884 -82.26 -11.30 -56.94
N THR C 885 -80.97 -11.27 -57.24
CA THR C 885 -79.96 -10.90 -56.24
C THR C 885 -80.12 -9.44 -55.79
N ARG C 886 -80.53 -8.56 -56.70
CA ARG C 886 -80.73 -7.16 -56.33
C ARG C 886 -81.83 -7.02 -55.29
N THR C 887 -82.85 -7.88 -55.36
CA THR C 887 -83.91 -7.91 -54.36
C THR C 887 -83.51 -8.68 -53.11
N LEU C 888 -82.48 -9.53 -53.20
CA LEU C 888 -82.09 -10.39 -52.10
C LEU C 888 -81.08 -9.73 -51.15
N LEU C 889 -80.13 -8.97 -51.70
CA LEU C 889 -79.12 -8.35 -50.86
C LEU C 889 -79.68 -7.21 -50.02
N GLY C 890 -80.78 -6.60 -50.45
CA GLY C 890 -81.40 -5.54 -49.66
C GLY C 890 -81.97 -5.99 -48.33
N ILE C 891 -82.10 -7.31 -48.12
CA ILE C 891 -82.64 -7.81 -46.87
C ILE C 891 -81.62 -7.64 -45.74
N ILE C 892 -80.34 -7.84 -46.04
CA ILE C 892 -79.29 -7.95 -45.03
C ILE C 892 -78.31 -6.79 -45.08
N ASP C 893 -78.72 -5.66 -45.65
CA ASP C 893 -77.86 -4.48 -45.73
C ASP C 893 -78.09 -3.57 -44.53
N CYS C 894 -76.99 -3.17 -43.89
CA CYS C 894 -77.04 -2.30 -42.71
C CYS C 894 -77.91 -2.89 -41.62
N ASP C 961 -81.53 -14.73 -31.26
CA ASP C 961 -81.86 -14.45 -32.65
C ASP C 961 -81.16 -15.43 -33.61
N ILE C 962 -81.16 -16.71 -33.24
CA ILE C 962 -80.46 -17.71 -34.04
C ILE C 962 -81.14 -17.90 -35.40
N VAL C 963 -82.46 -17.72 -35.46
CA VAL C 963 -83.16 -17.81 -36.73
C VAL C 963 -82.72 -16.69 -37.67
N VAL C 964 -82.40 -15.51 -37.11
CA VAL C 964 -81.92 -14.40 -37.93
C VAL C 964 -80.53 -14.70 -38.48
N MET C 965 -79.75 -15.56 -37.81
CA MET C 965 -78.41 -15.88 -38.27
C MET C 965 -78.43 -17.01 -39.29
N GLU C 966 -79.17 -18.08 -39.02
CA GLU C 966 -79.12 -19.26 -39.90
C GLU C 966 -79.88 -19.01 -41.20
N THR C 967 -80.85 -18.10 -41.21
CA THR C 967 -81.52 -17.76 -42.47
C THR C 967 -80.55 -17.11 -43.44
N LYS C 968 -79.56 -16.38 -42.93
CA LYS C 968 -78.60 -15.72 -43.81
C LYS C 968 -77.68 -16.72 -44.48
N LEU C 969 -77.39 -17.85 -43.82
CA LEU C 969 -76.53 -18.87 -44.43
C LEU C 969 -77.12 -19.37 -45.75
N LYS C 970 -78.43 -19.59 -45.79
CA LYS C 970 -79.05 -20.06 -47.02
C LYS C 970 -79.01 -18.98 -48.10
N ILE C 971 -78.91 -17.71 -47.72
CA ILE C 971 -78.71 -16.66 -48.70
C ILE C 971 -77.31 -16.75 -49.28
N LEU C 972 -76.31 -17.05 -48.44
CA LEU C 972 -74.95 -17.20 -48.94
C LEU C 972 -74.86 -18.34 -49.96
N GLU C 973 -75.50 -19.47 -49.66
CA GLU C 973 -75.42 -20.61 -50.56
C GLU C 973 -76.13 -20.33 -51.88
N ILE C 974 -77.19 -19.53 -51.86
CA ILE C 974 -77.75 -19.03 -53.11
C ILE C 974 -76.77 -18.08 -53.76
N LEU C 975 -76.15 -17.19 -52.97
CA LEU C 975 -75.09 -16.34 -53.51
C LEU C 975 -73.87 -17.16 -53.90
N GLN C 976 -73.71 -18.36 -53.35
CA GLN C 976 -72.64 -19.25 -53.81
C GLN C 976 -72.99 -19.86 -55.15
N PHE C 977 -74.23 -20.34 -55.30
CA PHE C 977 -74.60 -21.06 -56.51
C PHE C 977 -74.67 -20.15 -57.72
N ILE C 978 -75.22 -18.94 -57.55
CA ILE C 978 -75.37 -18.02 -58.67
C ILE C 978 -74.02 -17.62 -59.24
N LEU C 979 -72.95 -17.65 -58.43
CA LEU C 979 -71.63 -17.33 -58.94
C LEU C 979 -70.99 -18.51 -59.66
N ASN C 980 -71.41 -19.74 -59.36
CA ASN C 980 -70.89 -20.90 -60.07
C ASN C 980 -71.46 -20.98 -61.48
N VAL C 981 -72.77 -20.79 -61.62
CA VAL C 981 -73.37 -20.80 -62.95
C VAL C 981 -72.85 -19.62 -63.78
N ARG C 982 -72.48 -18.53 -63.12
CA ARG C 982 -71.85 -17.42 -63.84
C ARG C 982 -70.55 -17.85 -64.51
N LEU C 983 -69.73 -18.62 -63.77
CA LEU C 983 -68.52 -19.18 -64.36
C LEU C 983 -68.85 -20.02 -65.58
N ASP C 984 -69.95 -20.76 -65.55
CA ASP C 984 -70.36 -21.56 -66.69
C ASP C 984 -70.64 -20.67 -67.89
N TYR C 985 -71.26 -19.51 -67.65
CA TYR C 985 -71.49 -18.55 -68.73
C TYR C 985 -70.18 -17.90 -69.17
N ARG C 986 -69.25 -17.68 -68.23
CA ARG C 986 -67.98 -17.06 -68.57
C ARG C 986 -67.12 -17.99 -69.42
N ILE C 987 -66.93 -19.23 -68.96
CA ILE C 987 -66.06 -20.16 -69.69
C ILE C 987 -66.66 -20.50 -71.04
N SER C 988 -67.99 -20.45 -71.17
CA SER C 988 -68.62 -20.68 -72.46
C SER C 988 -68.25 -19.62 -73.47
N TYR C 989 -67.99 -18.38 -73.02
CA TYR C 989 -67.59 -17.33 -73.94
C TYR C 989 -66.22 -17.60 -74.52
N LEU C 990 -65.23 -17.88 -73.66
CA LEU C 990 -63.89 -18.20 -74.15
C LEU C 990 -63.91 -19.46 -75.00
N LEU C 991 -64.82 -20.38 -74.72
CA LEU C 991 -65.04 -21.50 -75.64
C LEU C 991 -65.73 -21.03 -76.90
N SER C 992 -66.72 -20.15 -76.77
CA SER C 992 -67.47 -19.69 -77.94
C SER C 992 -66.58 -18.95 -78.93
N VAL C 993 -65.52 -18.30 -78.44
CA VAL C 993 -64.56 -17.67 -79.33
C VAL C 993 -63.63 -18.73 -79.93
N PHE C 994 -63.36 -19.81 -79.21
CA PHE C 994 -62.54 -20.89 -79.77
C PHE C 994 -63.25 -21.56 -80.93
N LYS C 995 -64.55 -21.85 -80.79
CA LYS C 995 -65.32 -22.39 -81.91
C LYS C 995 -65.49 -21.35 -83.00
N LYS C 996 -65.45 -20.06 -82.66
CA LYS C 996 -65.62 -19.02 -83.67
C LYS C 996 -64.44 -18.96 -84.61
N GLU C 997 -63.22 -18.91 -84.07
CA GLU C 997 -62.04 -18.68 -84.90
C GLU C 997 -61.65 -19.93 -85.69
N PHE C 998 -61.82 -21.13 -85.12
CA PHE C 998 -61.35 -22.33 -85.79
C PHE C 998 -62.12 -22.59 -87.08
N VAL C 999 -63.42 -22.27 -87.10
CA VAL C 999 -64.21 -22.48 -88.30
C VAL C 999 -63.75 -21.55 -89.42
N GLU C 1000 -63.39 -20.31 -89.08
CA GLU C 1000 -62.97 -19.35 -90.09
C GLU C 1000 -61.56 -19.66 -90.63
N VAL C 1001 -60.70 -20.23 -89.78
CA VAL C 1001 -59.35 -20.57 -90.21
C VAL C 1001 -59.35 -21.90 -90.95
N PHE C 1002 -59.91 -22.94 -90.32
CA PHE C 1002 -60.03 -24.28 -90.91
C PHE C 1002 -61.51 -24.62 -90.99
N PRO C 1003 -62.23 -24.11 -91.99
CA PRO C 1003 -63.63 -24.54 -92.16
C PRO C 1003 -63.74 -25.99 -92.63
N MET C 1004 -62.78 -26.48 -93.40
CA MET C 1004 -62.80 -27.85 -93.86
C MET C 1004 -62.27 -28.79 -92.78
N ASN C 1022 -54.00 -19.58 -89.78
CA ASN C 1022 -53.36 -19.43 -88.49
C ASN C 1022 -54.30 -18.74 -87.49
N MET C 1023 -54.46 -19.34 -86.32
CA MET C 1023 -55.30 -18.78 -85.28
C MET C 1023 -54.57 -17.64 -84.57
N ASN C 1024 -55.19 -16.47 -84.54
CA ASN C 1024 -54.62 -15.32 -83.84
C ASN C 1024 -55.00 -15.39 -82.36
N LEU C 1025 -54.05 -15.01 -81.51
CA LEU C 1025 -54.25 -14.97 -80.06
C LEU C 1025 -54.49 -13.56 -79.54
N ASP C 1026 -54.33 -12.53 -80.38
CA ASP C 1026 -54.68 -11.18 -79.97
C ASP C 1026 -56.19 -11.01 -79.89
N ARG C 1027 -56.92 -11.56 -80.86
CA ARG C 1027 -58.38 -11.44 -80.85
C ARG C 1027 -58.99 -12.20 -79.68
N ILE C 1028 -58.45 -13.38 -79.37
CA ILE C 1028 -58.99 -14.17 -78.26
C ILE C 1028 -58.73 -13.46 -76.94
N GLY C 1029 -57.57 -12.82 -76.80
CA GLY C 1029 -57.19 -12.17 -75.56
C GLY C 1029 -57.89 -10.85 -75.33
N GLU C 1030 -57.98 -10.01 -76.37
CA GLU C 1030 -58.72 -8.77 -76.27
C GLU C 1030 -60.17 -9.02 -75.93
N GLN C 1031 -60.76 -10.06 -76.52
CA GLN C 1031 -62.14 -10.43 -76.21
C GLN C 1031 -62.28 -11.03 -74.82
N ALA C 1032 -61.19 -11.51 -74.22
CA ALA C 1032 -61.25 -12.11 -72.90
C ALA C 1032 -61.24 -11.06 -71.80
N GLU C 1033 -60.40 -10.03 -71.95
CA GLU C 1033 -60.27 -9.03 -70.90
C GLU C 1033 -61.56 -8.25 -70.71
N ALA C 1034 -62.31 -8.02 -71.78
CA ALA C 1034 -63.54 -7.25 -71.73
C ALA C 1034 -64.77 -8.09 -71.40
N MET C 1035 -64.59 -9.26 -70.77
CA MET C 1035 -65.66 -10.16 -70.41
C MET C 1035 -65.81 -10.36 -68.91
N PHE C 1036 -64.69 -10.44 -68.18
CA PHE C 1036 -64.74 -10.83 -66.77
C PHE C 1036 -65.50 -9.79 -65.94
N GLY C 1037 -65.13 -8.52 -66.07
CA GLY C 1037 -65.80 -7.47 -65.34
C GLY C 1037 -64.97 -6.21 -65.21
N VAL C 1038 -65.61 -5.06 -65.37
CA VAL C 1038 -64.95 -3.76 -65.25
C VAL C 1038 -65.20 -3.24 -63.84
N GLY C 1039 -66.47 -3.06 -63.50
CA GLY C 1039 -66.85 -2.57 -62.18
C GLY C 1039 -66.42 -1.14 -61.93
N SER C 1043 -70.07 -8.63 -69.48
CA SER C 1043 -69.81 -7.19 -69.40
C SER C 1043 -70.81 -6.50 -68.49
N MET C 1044 -72.05 -6.37 -68.95
CA MET C 1044 -73.07 -5.71 -68.15
C MET C 1044 -73.55 -6.55 -66.97
N LEU C 1045 -73.23 -7.86 -66.96
CA LEU C 1045 -73.64 -8.70 -65.85
C LEU C 1045 -72.97 -8.24 -64.55
N GLU C 1046 -73.76 -8.22 -63.48
CA GLU C 1046 -73.26 -7.88 -62.16
C GLU C 1046 -74.38 -8.14 -61.15
N VAL C 1047 -73.98 -8.51 -59.93
CA VAL C 1047 -74.95 -8.76 -58.87
C VAL C 1047 -75.73 -7.50 -58.57
N ASP C 1048 -75.03 -6.40 -58.28
CA ASP C 1048 -75.64 -5.12 -57.94
C ASP C 1048 -75.68 -4.21 -59.16
N ASP C 1049 -76.68 -3.33 -59.17
CA ASP C 1049 -76.70 -2.25 -60.17
C ASP C 1049 -75.46 -1.38 -60.03
N GLU C 1050 -75.11 -1.00 -58.81
CA GLU C 1050 -73.94 -0.19 -58.56
C GLU C 1050 -72.67 -0.99 -58.85
N GLY C 1051 -71.53 -0.33 -58.77
CA GLY C 1051 -70.27 -0.97 -59.05
C GLY C 1051 -69.79 -1.88 -57.94
N GLY C 1052 -70.53 -2.95 -57.68
CA GLY C 1052 -70.16 -3.91 -56.66
C GLY C 1052 -70.13 -3.34 -55.25
N ARG C 1053 -70.79 -2.21 -55.01
CA ARG C 1053 -70.78 -1.61 -53.68
C ARG C 1053 -71.54 -2.46 -52.68
N MET C 1054 -72.76 -2.88 -53.04
CA MET C 1054 -73.58 -3.69 -52.15
C MET C 1054 -72.87 -5.00 -51.79
N PHE C 1055 -72.27 -5.66 -52.77
CA PHE C 1055 -71.64 -6.95 -52.53
C PHE C 1055 -70.53 -6.86 -51.50
N LEU C 1056 -69.84 -5.71 -51.43
CA LEU C 1056 -68.83 -5.51 -50.39
C LEU C 1056 -69.45 -4.98 -49.11
N ARG C 1057 -70.45 -4.10 -49.21
CA ARG C 1057 -71.12 -3.61 -48.01
C ARG C 1057 -71.82 -4.72 -47.25
N VAL C 1058 -72.19 -5.81 -47.92
CA VAL C 1058 -72.81 -6.95 -47.23
C VAL C 1058 -71.75 -7.76 -46.51
N LEU C 1059 -70.82 -8.36 -47.27
CA LEU C 1059 -69.93 -9.38 -46.72
C LEU C 1059 -69.04 -8.83 -45.60
N ILE C 1060 -68.64 -7.56 -45.71
CA ILE C 1060 -67.85 -6.94 -44.65
C ILE C 1060 -68.68 -6.78 -43.37
N HIS C 1061 -70.01 -6.82 -43.47
CA HIS C 1061 -70.88 -6.68 -42.32
C HIS C 1061 -71.22 -8.02 -41.66
N LEU C 1062 -71.22 -9.11 -42.42
CA LEU C 1062 -71.64 -10.40 -41.86
C LEU C 1062 -70.60 -11.01 -40.94
N THR C 1063 -69.31 -10.78 -41.20
CA THR C 1063 -68.26 -11.34 -40.36
C THR C 1063 -68.37 -10.85 -38.92
N MET C 1064 -68.94 -9.66 -38.71
CA MET C 1064 -69.02 -9.08 -37.38
C MET C 1064 -69.89 -9.90 -36.44
N HIS C 1065 -70.82 -10.68 -36.98
CA HIS C 1065 -71.78 -11.40 -36.15
C HIS C 1065 -71.11 -12.50 -35.34
N ASP C 1066 -71.66 -12.77 -34.15
CA ASP C 1066 -71.10 -13.78 -33.27
C ASP C 1066 -71.25 -15.18 -33.83
N TYR C 1067 -72.30 -15.42 -34.61
CA TYR C 1067 -72.56 -16.75 -35.17
C TYR C 1067 -71.45 -17.11 -36.14
N ALA C 1068 -70.65 -18.12 -35.78
CA ALA C 1068 -69.40 -18.44 -36.44
C ALA C 1068 -69.52 -18.95 -37.88
N PRO C 1069 -70.47 -19.83 -38.22
CA PRO C 1069 -70.48 -20.41 -39.58
C PRO C 1069 -70.59 -19.39 -40.72
N LEU C 1070 -71.07 -18.18 -40.46
CA LEU C 1070 -71.13 -17.19 -41.54
C LEU C 1070 -69.73 -16.76 -41.98
N VAL C 1071 -68.79 -16.69 -41.04
CA VAL C 1071 -67.42 -16.31 -41.38
C VAL C 1071 -66.81 -17.33 -42.33
N SER C 1072 -67.11 -18.60 -42.12
CA SER C 1072 -66.60 -19.65 -43.00
C SER C 1072 -67.16 -19.51 -44.41
N GLY C 1073 -68.41 -19.07 -44.55
CA GLY C 1073 -69.04 -18.91 -45.84
C GLY C 1073 -68.86 -17.51 -46.42
N ALA C 1074 -68.75 -16.51 -45.55
CA ALA C 1074 -68.64 -15.14 -46.02
C ALA C 1074 -67.27 -14.87 -46.62
N LEU C 1075 -66.21 -15.31 -45.93
CA LEU C 1075 -64.86 -15.08 -46.44
C LEU C 1075 -64.63 -15.84 -47.73
N GLN C 1076 -65.22 -17.01 -47.87
CA GLN C 1076 -65.01 -17.84 -49.06
C GLN C 1076 -65.42 -17.12 -50.34
N LEU C 1077 -66.38 -16.18 -50.23
CA LEU C 1077 -66.81 -15.40 -51.38
C LEU C 1077 -65.99 -14.12 -51.54
N LEU C 1078 -65.53 -13.53 -50.43
CA LEU C 1078 -64.78 -12.29 -50.52
C LEU C 1078 -63.45 -12.50 -51.23
N PHE C 1079 -62.83 -13.66 -51.03
CA PHE C 1079 -61.56 -13.98 -51.67
C PHE C 1079 -61.74 -14.58 -53.06
N LYS C 1080 -62.97 -14.82 -53.51
CA LYS C 1080 -63.26 -15.30 -54.86
C LYS C 1080 -63.78 -14.22 -55.79
N HIS C 1081 -64.42 -13.18 -55.25
CA HIS C 1081 -64.97 -12.13 -56.11
C HIS C 1081 -63.87 -11.37 -56.84
N PHE C 1082 -62.67 -11.33 -56.27
CA PHE C 1082 -61.51 -10.75 -56.94
C PHE C 1082 -60.67 -11.80 -57.65
N SER C 1083 -60.41 -12.93 -57.00
CA SER C 1083 -59.68 -14.04 -57.64
C SER C 1083 -60.63 -14.81 -58.55
N GLN C 1084 -61.04 -14.15 -59.62
CA GLN C 1084 -61.95 -14.71 -60.61
C GLN C 1084 -61.21 -15.25 -61.83
N ARG C 1085 -60.25 -14.49 -62.35
CA ARG C 1085 -59.45 -14.97 -63.46
C ARG C 1085 -58.58 -16.15 -63.06
N GLN C 1086 -58.23 -16.25 -61.79
CA GLN C 1086 -57.52 -17.43 -61.29
C GLN C 1086 -58.35 -18.69 -61.50
N GLU C 1087 -59.56 -18.73 -60.92
CA GLU C 1087 -60.40 -19.90 -61.05
C GLU C 1087 -60.93 -20.07 -62.47
N ALA C 1088 -61.10 -18.98 -63.20
CA ALA C 1088 -61.56 -19.07 -64.59
C ALA C 1088 -60.57 -19.85 -65.44
N MET C 1089 -59.27 -19.70 -65.14
CA MET C 1089 -58.25 -20.43 -65.88
C MET C 1089 -58.05 -21.84 -65.32
N HIS C 1090 -58.28 -22.03 -64.03
CA HIS C 1090 -58.19 -23.38 -63.45
C HIS C 1090 -59.23 -24.30 -64.06
N THR C 1091 -60.43 -23.75 -64.34
CA THR C 1091 -61.47 -24.55 -64.98
C THR C 1091 -61.20 -24.75 -66.47
N PHE C 1092 -60.57 -23.78 -67.12
CA PHE C 1092 -60.23 -23.90 -68.54
C PHE C 1092 -59.24 -25.02 -68.80
N LYS C 1093 -58.52 -25.48 -67.76
CA LYS C 1093 -57.64 -26.63 -67.92
C LYS C 1093 -58.42 -27.94 -67.88
N GLN C 1094 -59.53 -27.99 -67.14
CA GLN C 1094 -60.28 -29.23 -66.92
C GLN C 1094 -61.45 -29.41 -67.88
N VAL C 1095 -61.76 -28.43 -68.72
CA VAL C 1095 -62.82 -28.59 -69.70
C VAL C 1095 -62.40 -29.61 -70.75
N GLN C 1096 -63.38 -30.35 -71.27
CA GLN C 1096 -63.15 -31.36 -72.29
C GLN C 1096 -64.11 -31.16 -73.45
N LEU C 1097 -63.69 -31.61 -74.63
CA LEU C 1097 -64.42 -31.44 -75.88
C LEU C 1097 -64.52 -32.81 -76.55
N LEU C 1098 -65.73 -33.39 -76.51
CA LEU C 1098 -65.94 -34.72 -77.06
C LEU C 1098 -66.29 -34.60 -78.54
N ILE C 1099 -65.45 -35.21 -79.40
CA ILE C 1099 -65.58 -35.12 -80.85
C ILE C 1099 -65.82 -36.50 -81.47
N SER C 1100 -65.01 -37.47 -81.08
CA SER C 1100 -65.10 -38.81 -81.69
C SER C 1100 -66.44 -39.46 -81.37
N ALA C 1101 -66.97 -40.19 -82.35
CA ALA C 1101 -68.27 -40.85 -82.17
C ALA C 1101 -68.24 -41.86 -81.04
N GLN C 1102 -67.08 -42.47 -80.77
CA GLN C 1102 -66.95 -43.34 -79.61
C GLN C 1102 -67.19 -42.58 -78.32
N ASP C 1103 -66.77 -41.31 -78.28
CA ASP C 1103 -66.96 -40.49 -77.08
C ASP C 1103 -68.33 -39.86 -77.06
N VAL C 1104 -68.81 -39.36 -78.21
CA VAL C 1104 -70.15 -38.78 -78.27
C VAL C 1104 -71.19 -39.85 -77.97
N GLU C 1105 -70.96 -41.08 -78.41
CA GLU C 1105 -71.83 -42.19 -78.04
C GLU C 1105 -71.75 -42.47 -76.55
N ASN C 1106 -70.54 -42.35 -75.97
CA ASN C 1106 -70.38 -42.55 -74.54
C ASN C 1106 -71.09 -41.48 -73.74
N TYR C 1107 -71.14 -40.24 -74.25
CA TYR C 1107 -71.79 -39.15 -73.53
C TYR C 1107 -73.28 -39.40 -73.36
N LYS C 1108 -73.90 -40.17 -74.26
CA LYS C 1108 -75.34 -40.38 -74.24
C LYS C 1108 -75.73 -41.60 -73.40
N VAL C 1109 -74.99 -42.71 -73.52
CA VAL C 1109 -75.33 -43.91 -72.76
C VAL C 1109 -75.06 -43.69 -71.27
N ILE C 1110 -74.04 -42.91 -70.92
CA ILE C 1110 -73.73 -42.69 -69.52
C ILE C 1110 -74.82 -41.85 -68.86
N LYS C 1111 -75.40 -40.90 -69.61
CA LYS C 1111 -76.49 -40.09 -69.06
C LYS C 1111 -77.82 -40.82 -69.17
N SER C 1112 -78.06 -41.49 -70.30
CA SER C 1112 -79.33 -42.19 -70.49
C SER C 1112 -79.52 -43.31 -69.47
N GLU C 1113 -78.43 -43.89 -68.99
CA GLU C 1113 -78.50 -45.00 -68.03
C GLU C 1113 -78.47 -44.52 -66.60
N LEU C 1114 -77.56 -43.59 -66.27
CA LEU C 1114 -77.49 -43.09 -64.90
C LEU C 1114 -78.74 -42.28 -64.54
N ASP C 1115 -79.40 -41.67 -65.53
CA ASP C 1115 -80.67 -41.00 -65.26
C ASP C 1115 -81.70 -41.98 -64.73
N ARG C 1116 -81.73 -43.20 -65.27
CA ARG C 1116 -82.61 -44.23 -64.74
C ARG C 1116 -82.09 -44.78 -63.42
N LEU C 1117 -80.77 -44.81 -63.23
CA LEU C 1117 -80.21 -45.33 -61.99
C LEU C 1117 -80.59 -44.48 -60.80
N ARG C 1118 -80.63 -43.15 -60.98
CA ARG C 1118 -81.01 -42.27 -59.89
C ARG C 1118 -82.44 -42.53 -59.43
N THR C 1119 -83.31 -42.98 -60.34
CA THR C 1119 -84.70 -43.22 -59.99
C THR C 1119 -84.89 -44.51 -59.20
N MET C 1120 -84.05 -45.52 -59.45
CA MET C 1120 -84.23 -46.83 -58.83
C MET C 1120 -83.53 -46.96 -57.48
N VAL C 1121 -82.31 -46.44 -57.36
CA VAL C 1121 -81.60 -46.49 -56.09
C VAL C 1121 -82.33 -45.67 -55.03
N GLU C 1122 -83.08 -44.65 -55.44
CA GLU C 1122 -83.76 -43.75 -54.53
C GLU C 1122 -85.16 -44.26 -54.18
N LYS C 1123 -85.92 -44.71 -55.18
CA LYS C 1123 -87.20 -45.38 -54.95
C LYS C 1123 -86.91 -46.79 -54.45
N SER C 1124 -86.47 -46.87 -53.20
CA SER C 1124 -85.91 -48.07 -52.60
C SER C 1124 -86.69 -48.51 -51.37
N GLU C 1125 -88.00 -48.23 -51.35
CA GLU C 1125 -88.88 -48.65 -50.27
C GLU C 1125 -90.19 -49.26 -50.78
N LEU C 1126 -90.31 -49.48 -52.09
CA LEU C 1126 -91.51 -50.07 -52.69
C LEU C 1126 -91.26 -51.40 -53.39
N TRP C 1127 -90.00 -51.78 -53.66
CA TRP C 1127 -89.69 -53.01 -54.37
C TRP C 1127 -88.52 -53.79 -53.80
N VAL C 1128 -87.84 -53.30 -52.76
CA VAL C 1128 -86.65 -53.97 -52.25
C VAL C 1128 -87.05 -55.12 -51.33
N ASP C 1129 -87.67 -54.80 -50.20
CA ASP C 1129 -88.03 -55.77 -49.17
C ASP C 1129 -89.22 -55.21 -48.40
N LYS C 1130 -89.76 -56.03 -47.49
CA LYS C 1130 -90.86 -55.62 -46.63
C LYS C 1130 -90.36 -55.08 -45.29
N SER C 1166 -88.09 -58.78 -57.88
CA SER C 1166 -88.79 -57.91 -58.81
C SER C 1166 -87.96 -57.70 -60.07
N GLU C 1167 -88.48 -56.90 -61.00
CA GLU C 1167 -87.79 -56.66 -62.27
C GLU C 1167 -86.67 -55.64 -62.12
N ASN C 1168 -86.78 -54.73 -61.13
CA ASN C 1168 -85.76 -53.70 -60.97
C ASN C 1168 -84.40 -54.26 -60.59
N TYR C 1169 -84.36 -55.46 -60.00
CA TYR C 1169 -83.08 -56.07 -59.68
C TYR C 1169 -82.25 -56.33 -60.94
N GLN C 1170 -82.91 -56.77 -62.01
CA GLN C 1170 -82.20 -57.01 -63.27
C GLN C 1170 -81.69 -55.72 -63.87
N ILE C 1171 -82.41 -54.61 -63.68
CA ILE C 1171 -82.00 -53.34 -64.28
C ILE C 1171 -80.74 -52.83 -63.61
N VAL C 1172 -80.61 -53.01 -62.30
CA VAL C 1172 -79.41 -52.57 -61.59
C VAL C 1172 -78.20 -53.38 -62.04
N LYS C 1173 -78.38 -54.69 -62.23
CA LYS C 1173 -77.28 -55.52 -62.70
C LYS C 1173 -76.90 -55.19 -64.14
N GLY C 1174 -77.87 -54.79 -64.97
CA GLY C 1174 -77.56 -54.47 -66.35
C GLY C 1174 -76.76 -53.19 -66.48
N ILE C 1175 -77.05 -52.19 -65.65
CA ILE C 1175 -76.33 -50.93 -65.72
C ILE C 1175 -74.89 -51.13 -65.24
N LEU C 1176 -74.72 -51.75 -64.06
CA LEU C 1176 -73.39 -51.93 -63.52
C LEU C 1176 -72.54 -52.87 -64.36
N GLU C 1177 -73.16 -53.91 -64.93
CA GLU C 1177 -72.43 -54.76 -65.86
C GLU C 1177 -72.04 -53.99 -67.12
N ARG C 1178 -72.84 -53.00 -67.52
CA ARG C 1178 -72.49 -52.18 -68.67
C ARG C 1178 -71.36 -51.20 -68.33
N LEU C 1179 -71.39 -50.63 -67.13
CA LEU C 1179 -70.40 -49.63 -66.76
C LEU C 1179 -69.05 -50.28 -66.42
N ASN C 1180 -69.05 -51.50 -65.90
CA ASN C 1180 -67.79 -52.19 -65.65
C ASN C 1180 -67.07 -52.49 -66.95
N LYS C 1181 -67.81 -52.74 -68.03
CA LYS C 1181 -67.21 -52.95 -69.35
C LYS C 1181 -66.88 -51.63 -70.03
N MET C 1182 -67.45 -50.51 -69.57
CA MET C 1182 -67.15 -49.21 -70.16
C MET C 1182 -65.68 -48.86 -70.01
N CYS C 1183 -65.13 -49.06 -68.80
CA CYS C 1183 -63.75 -48.68 -68.54
C CYS C 1183 -62.78 -49.49 -69.39
N GLY C 1184 -63.04 -50.79 -69.53
CA GLY C 1184 -62.21 -51.64 -70.37
C GLY C 1184 -60.77 -51.75 -69.89
N VAL C 1185 -59.95 -52.35 -70.76
CA VAL C 1185 -58.54 -52.58 -70.51
C VAL C 1185 -57.73 -51.55 -71.28
N GLY C 1186 -56.71 -51.01 -70.65
CA GLY C 1186 -55.84 -50.04 -71.28
C GLY C 1186 -55.13 -49.18 -70.27
N GLU C 1187 -54.22 -48.36 -70.78
CA GLU C 1187 -53.44 -47.42 -69.97
C GLU C 1187 -53.81 -45.98 -70.27
N GLN C 1188 -53.71 -45.57 -71.54
CA GLN C 1188 -54.09 -44.20 -71.90
C GLN C 1188 -55.60 -44.07 -72.06
N MET C 1189 -56.24 -45.09 -72.65
CA MET C 1189 -57.70 -45.08 -72.74
C MET C 1189 -58.34 -45.14 -71.36
N ARG C 1190 -57.65 -45.72 -70.38
CA ARG C 1190 -58.19 -45.81 -69.03
C ARG C 1190 -58.28 -44.45 -68.37
N LYS C 1191 -57.24 -43.62 -68.53
CA LYS C 1191 -57.24 -42.29 -67.92
C LYS C 1191 -58.38 -41.43 -68.45
N LYS C 1192 -58.70 -41.57 -69.74
CA LYS C 1192 -59.75 -40.75 -70.34
C LYS C 1192 -61.11 -41.08 -69.75
N GLN C 1193 -61.41 -42.38 -69.59
CA GLN C 1193 -62.73 -42.79 -69.15
C GLN C 1193 -62.93 -42.55 -67.66
N GLN C 1194 -61.87 -42.69 -66.85
CA GLN C 1194 -61.96 -42.33 -65.44
C GLN C 1194 -62.19 -40.84 -65.28
N ARG C 1195 -61.67 -40.02 -66.20
CA ARG C 1195 -61.88 -38.58 -66.14
C ARG C 1195 -63.30 -38.20 -66.53
N LEU C 1196 -63.91 -38.95 -67.45
CA LEU C 1196 -65.26 -38.62 -67.91
C LEU C 1196 -66.29 -38.84 -66.81
N LEU C 1197 -66.11 -39.88 -65.98
CA LEU C 1197 -67.05 -40.12 -64.90
C LEU C 1197 -66.99 -39.03 -63.84
N LYS C 1198 -65.80 -38.45 -63.61
CA LYS C 1198 -65.69 -37.36 -62.65
C LYS C 1198 -66.53 -36.16 -63.07
N ASN C 1199 -66.55 -35.86 -64.37
CA ASN C 1199 -67.24 -34.68 -64.86
C ASN C 1199 -68.75 -34.91 -64.96
N MET C 1200 -69.17 -36.11 -65.30
CA MET C 1200 -70.59 -36.44 -65.33
C MET C 1200 -71.17 -36.68 -63.95
N ASP C 1201 -70.35 -36.67 -62.89
CA ASP C 1201 -70.81 -36.74 -61.51
C ASP C 1201 -71.51 -38.08 -61.23
N ALA C 1202 -70.81 -39.17 -61.54
CA ALA C 1202 -71.34 -40.51 -61.30
C ALA C 1202 -71.01 -41.02 -59.91
N HIS C 1203 -69.95 -40.52 -59.27
CA HIS C 1203 -69.54 -41.03 -57.97
C HIS C 1203 -70.57 -40.74 -56.89
N LYS C 1204 -71.26 -39.59 -56.99
CA LYS C 1204 -72.29 -39.27 -56.00
C LYS C 1204 -73.47 -40.22 -56.08
N VAL C 1205 -73.73 -40.79 -57.25
CA VAL C 1205 -74.81 -41.75 -57.40
C VAL C 1205 -74.43 -43.10 -56.80
N MET C 1206 -73.13 -43.42 -56.76
CA MET C 1206 -72.68 -44.74 -56.33
C MET C 1206 -72.52 -44.84 -54.82
N LEU C 1207 -72.33 -43.71 -54.13
CA LEU C 1207 -72.18 -43.76 -52.68
C LEU C 1207 -73.53 -43.80 -51.97
N ASP C 1208 -74.54 -43.13 -52.52
CA ASP C 1208 -75.89 -43.24 -51.99
C ASP C 1208 -76.52 -44.60 -52.28
N LEU C 1209 -75.88 -45.40 -53.14
CA LEU C 1209 -76.24 -46.80 -53.35
C LEU C 1209 -75.80 -47.69 -52.19
N LEU C 1210 -75.10 -47.14 -51.19
CA LEU C 1210 -74.78 -47.84 -49.96
C LEU C 1210 -75.55 -47.30 -48.75
N GLN C 1211 -76.41 -46.31 -48.95
CA GLN C 1211 -77.28 -45.77 -47.89
C GLN C 1211 -78.68 -46.39 -48.00
N ILE C 1212 -78.73 -47.67 -48.35
CA ILE C 1212 -79.99 -48.39 -48.52
C ILE C 1212 -80.32 -49.01 -47.16
N PRO C 1213 -81.59 -49.22 -46.80
CA PRO C 1213 -81.87 -49.89 -45.51
C PRO C 1213 -81.26 -51.28 -45.41
N TYR C 1214 -81.26 -52.03 -46.50
CA TYR C 1214 -80.46 -53.26 -46.62
C TYR C 1214 -80.88 -54.29 -45.56
N ASP C 1215 -82.11 -54.77 -45.71
CA ASP C 1215 -82.60 -55.86 -44.87
C ASP C 1215 -81.67 -57.06 -45.03
N LYS C 1216 -80.93 -57.37 -43.98
CA LYS C 1216 -79.89 -58.40 -44.08
C LYS C 1216 -80.51 -59.77 -44.24
N GLY C 1217 -80.05 -60.51 -45.26
CA GLY C 1217 -80.55 -61.83 -45.56
C GLY C 1217 -80.71 -62.07 -47.04
N ASP C 1218 -80.99 -61.02 -47.80
CA ASP C 1218 -81.18 -61.14 -49.24
C ASP C 1218 -79.83 -61.33 -49.93
N ALA C 1219 -79.82 -62.18 -50.95
CA ALA C 1219 -78.64 -62.41 -51.76
C ALA C 1219 -78.59 -61.55 -53.01
N LYS C 1220 -79.74 -61.18 -53.57
CA LYS C 1220 -79.75 -60.32 -54.75
C LYS C 1220 -79.11 -58.97 -54.47
N MET C 1221 -79.21 -58.48 -53.23
CA MET C 1221 -78.50 -57.27 -52.87
C MET C 1221 -77.01 -57.52 -52.78
N MET C 1222 -76.59 -58.69 -52.31
CA MET C 1222 -75.17 -59.00 -52.27
C MET C 1222 -74.59 -59.15 -53.67
N GLU C 1223 -75.42 -59.43 -54.67
CA GLU C 1223 -74.94 -59.49 -56.05
C GLU C 1223 -74.48 -58.12 -56.52
N ILE C 1224 -75.38 -57.12 -56.46
CA ILE C 1224 -75.08 -55.81 -57.02
C ILE C 1224 -73.97 -55.11 -56.24
N LEU C 1225 -73.85 -55.37 -54.93
CA LEU C 1225 -72.87 -54.64 -54.13
C LEU C 1225 -71.44 -55.03 -54.49
N ARG C 1226 -71.24 -56.24 -55.04
CA ARG C 1226 -69.92 -56.61 -55.52
C ARG C 1226 -69.55 -55.78 -56.75
N TYR C 1227 -70.51 -55.54 -57.64
CA TYR C 1227 -70.26 -54.70 -58.80
C TYR C 1227 -69.97 -53.27 -58.41
N THR C 1228 -70.58 -52.78 -57.32
CA THR C 1228 -70.28 -51.43 -56.84
C THR C 1228 -68.84 -51.33 -56.36
N HIS C 1229 -68.45 -52.21 -55.43
CA HIS C 1229 -67.08 -52.25 -54.96
C HIS C 1229 -66.10 -52.74 -56.01
N GLN C 1230 -66.59 -53.33 -57.11
CA GLN C 1230 -65.75 -53.64 -58.26
C GLN C 1230 -65.60 -52.42 -59.17
N PHE C 1231 -66.62 -51.56 -59.23
CA PHE C 1231 -66.57 -50.42 -60.15
C PHE C 1231 -65.77 -49.26 -59.57
N LEU C 1232 -65.94 -48.98 -58.27
CA LEU C 1232 -65.22 -47.87 -57.66
C LEU C 1232 -63.72 -48.09 -57.69
N GLN C 1233 -63.27 -49.35 -57.68
CA GLN C 1233 -61.85 -49.64 -57.85
C GLN C 1233 -61.37 -49.19 -59.22
N LYS C 1234 -62.22 -49.34 -60.24
CA LYS C 1234 -61.90 -48.86 -61.58
C LYS C 1234 -61.96 -47.34 -61.69
N PHE C 1235 -62.41 -46.64 -60.65
CA PHE C 1235 -62.58 -45.20 -60.68
C PHE C 1235 -61.41 -44.43 -60.07
N CYS C 1236 -60.65 -45.05 -59.17
CA CYS C 1236 -59.62 -44.36 -58.39
C CYS C 1236 -58.35 -45.20 -58.29
N ALA C 1237 -58.02 -45.93 -59.36
CA ALA C 1237 -56.83 -46.78 -59.33
C ALA C 1237 -55.57 -45.98 -59.64
N GLY C 1238 -55.48 -45.40 -60.83
CA GLY C 1238 -54.30 -44.67 -61.27
C GLY C 1238 -54.60 -43.20 -61.52
N ASN C 1239 -55.48 -42.62 -60.71
CA ASN C 1239 -55.84 -41.21 -60.82
C ASN C 1239 -56.01 -40.67 -59.40
N PRO C 1240 -54.94 -40.13 -58.79
CA PRO C 1240 -55.09 -39.56 -57.44
C PRO C 1240 -56.09 -38.42 -57.36
N GLY C 1241 -56.41 -37.76 -58.47
CA GLY C 1241 -57.45 -36.74 -58.45
C GLY C 1241 -58.80 -37.30 -58.02
N ASN C 1242 -59.09 -38.53 -58.42
CA ASN C 1242 -60.32 -39.19 -57.97
C ASN C 1242 -60.19 -39.75 -56.56
N GLN C 1243 -58.97 -40.07 -56.14
CA GLN C 1243 -58.78 -40.65 -54.81
C GLN C 1243 -59.12 -39.65 -53.71
N ALA C 1244 -58.93 -38.35 -53.97
CA ALA C 1244 -59.25 -37.35 -52.96
C ALA C 1244 -60.75 -37.24 -52.73
N LEU C 1245 -61.56 -37.50 -53.75
CA LEU C 1245 -63.00 -37.34 -53.62
C LEU C 1245 -63.59 -38.42 -52.71
N LEU C 1246 -63.26 -39.68 -52.97
CA LEU C 1246 -63.80 -40.76 -52.14
C LEU C 1246 -63.28 -40.71 -50.72
N HIS C 1247 -62.10 -40.12 -50.51
CA HIS C 1247 -61.56 -40.00 -49.16
C HIS C 1247 -62.43 -39.10 -48.29
N LYS C 1248 -63.09 -38.12 -48.90
CA LYS C 1248 -63.98 -37.25 -48.14
C LYS C 1248 -65.24 -37.96 -47.69
N HIS C 1249 -65.64 -39.00 -48.42
CA HIS C 1249 -66.81 -39.83 -48.09
C HIS C 1249 -66.40 -41.12 -47.40
N LEU C 1250 -65.37 -41.05 -46.56
CA LEU C 1250 -64.84 -42.22 -45.86
C LEU C 1250 -65.77 -42.74 -44.77
N HIS C 1251 -66.86 -42.04 -44.46
CA HIS C 1251 -67.67 -42.33 -43.27
C HIS C 1251 -68.54 -43.57 -43.41
N LEU C 1252 -68.42 -44.37 -44.49
CA LEU C 1252 -69.09 -45.65 -44.57
C LEU C 1252 -68.24 -46.77 -45.16
N PHE C 1253 -66.99 -46.51 -45.51
CA PHE C 1253 -66.10 -47.56 -46.01
C PHE C 1253 -65.45 -48.38 -44.90
N LEU C 1254 -65.71 -48.07 -43.63
CA LEU C 1254 -65.11 -48.76 -42.49
C LEU C 1254 -66.07 -49.76 -41.84
N THR C 1255 -67.17 -50.09 -42.48
CA THR C 1255 -68.15 -50.95 -41.83
C THR C 1255 -67.64 -52.38 -41.77
N PRO C 1256 -68.11 -53.18 -40.80
CA PRO C 1256 -67.76 -54.61 -40.80
C PRO C 1256 -68.30 -55.31 -42.03
N GLY C 1257 -67.38 -55.89 -42.82
CA GLY C 1257 -67.76 -56.61 -44.02
C GLY C 1257 -66.56 -56.96 -44.88
N LEU C 1258 -66.68 -58.00 -45.69
CA LEU C 1258 -65.53 -58.53 -46.42
C LEU C 1258 -65.09 -57.61 -47.55
N LEU C 1259 -66.02 -56.87 -48.15
CA LEU C 1259 -65.75 -56.13 -49.37
C LEU C 1259 -65.40 -54.67 -49.15
N GLU C 1260 -65.77 -54.09 -48.01
CA GLU C 1260 -65.49 -52.68 -47.78
C GLU C 1260 -64.00 -52.43 -47.61
N ALA C 1261 -63.32 -53.28 -46.85
CA ALA C 1261 -61.87 -53.19 -46.75
C ALA C 1261 -61.20 -53.48 -48.08
N GLU C 1262 -61.82 -54.33 -48.91
CA GLU C 1262 -61.29 -54.58 -50.24
C GLU C 1262 -61.34 -53.33 -51.11
N THR C 1263 -62.35 -52.48 -50.88
CA THR C 1263 -62.40 -51.18 -51.56
C THR C 1263 -61.30 -50.26 -51.06
N MET C 1264 -60.94 -50.35 -49.77
CA MET C 1264 -59.89 -49.51 -49.22
C MET C 1264 -58.51 -49.85 -49.77
N GLN C 1265 -58.35 -51.03 -50.39
CA GLN C 1265 -57.05 -51.42 -50.90
C GLN C 1265 -56.59 -50.49 -52.01
N HIS C 1266 -57.52 -50.03 -52.86
CA HIS C 1266 -57.18 -49.28 -54.06
C HIS C 1266 -57.28 -47.77 -53.88
N ILE C 1267 -57.89 -47.29 -52.79
CA ILE C 1267 -57.98 -45.85 -52.57
C ILE C 1267 -56.60 -45.28 -52.26
N PHE C 1268 -55.90 -45.87 -51.30
CA PHE C 1268 -54.59 -45.42 -50.88
C PHE C 1268 -53.45 -46.09 -51.66
N LEU C 1269 -53.75 -46.70 -52.80
CA LEU C 1269 -52.75 -47.43 -53.57
C LEU C 1269 -51.86 -46.43 -54.29
N ASN C 1270 -50.59 -46.38 -53.91
CA ASN C 1270 -49.59 -45.52 -54.54
C ASN C 1270 -50.00 -44.05 -54.46
N ASN C 1271 -50.11 -43.55 -53.23
CA ASN C 1271 -50.40 -42.14 -53.00
C ASN C 1271 -49.66 -41.72 -51.73
N TYR C 1272 -48.47 -41.14 -51.91
CA TYR C 1272 -47.69 -40.66 -50.79
C TYR C 1272 -48.38 -39.53 -50.04
N GLN C 1273 -49.28 -38.80 -50.70
CA GLN C 1273 -49.96 -37.69 -50.05
C GLN C 1273 -50.88 -38.18 -48.92
N LEU C 1274 -51.86 -39.00 -49.26
CA LEU C 1274 -52.87 -39.39 -48.26
C LEU C 1274 -52.28 -40.35 -47.23
N CYS C 1275 -51.32 -41.19 -47.64
CA CYS C 1275 -50.74 -42.14 -46.70
C CYS C 1275 -49.97 -41.46 -45.59
N SER C 1276 -49.48 -40.24 -45.84
CA SER C 1276 -48.73 -39.50 -44.84
C SER C 1276 -49.62 -38.73 -43.86
N GLU C 1277 -50.94 -38.77 -44.03
CA GLU C 1277 -51.86 -38.01 -43.19
C GLU C 1277 -53.07 -38.86 -42.82
N ILE C 1278 -52.83 -40.11 -42.42
CA ILE C 1278 -53.91 -41.01 -42.02
C ILE C 1278 -54.32 -40.67 -40.59
N SER C 1279 -55.63 -40.72 -40.33
CA SER C 1279 -56.13 -40.43 -38.99
C SER C 1279 -55.94 -41.64 -38.08
N GLU C 1280 -56.27 -41.45 -36.80
CA GLU C 1280 -56.03 -42.47 -35.78
C GLU C 1280 -57.07 -43.59 -35.78
N PRO C 1281 -58.38 -43.31 -35.88
CA PRO C 1281 -59.35 -44.42 -35.80
C PRO C 1281 -59.28 -45.39 -36.96
N VAL C 1282 -58.66 -45.03 -38.09
CA VAL C 1282 -58.61 -45.93 -39.24
C VAL C 1282 -57.80 -47.17 -38.90
N LEU C 1283 -56.56 -46.99 -38.47
CA LEU C 1283 -55.70 -48.12 -38.15
C LEU C 1283 -56.24 -48.90 -36.96
N GLN C 1284 -56.73 -48.19 -35.94
CA GLN C 1284 -57.22 -48.86 -34.74
C GLN C 1284 -58.47 -49.67 -35.00
N HIS C 1285 -59.27 -49.30 -36.00
CA HIS C 1285 -60.53 -50.00 -36.25
C HIS C 1285 -60.27 -51.38 -36.87
N PHE C 1286 -59.40 -51.44 -37.88
CA PHE C 1286 -59.08 -52.73 -38.50
C PHE C 1286 -58.38 -53.66 -37.51
N VAL C 1287 -57.56 -53.10 -36.62
CA VAL C 1287 -56.96 -53.92 -35.56
C VAL C 1287 -58.02 -54.32 -34.55
N HIS C 1288 -58.86 -53.36 -34.14
CA HIS C 1288 -59.98 -53.69 -33.27
C HIS C 1288 -60.95 -54.65 -33.95
N LEU C 1289 -61.08 -54.54 -35.27
CA LEU C 1289 -61.84 -55.52 -36.02
C LEU C 1289 -61.13 -56.86 -36.05
N LEU C 1290 -59.82 -56.84 -36.34
CA LEU C 1290 -59.05 -58.08 -36.42
C LEU C 1290 -59.02 -58.80 -35.08
N ALA C 1291 -59.04 -58.06 -33.98
CA ALA C 1291 -59.20 -58.68 -32.67
C ALA C 1291 -60.65 -59.08 -32.40
N THR C 1292 -61.60 -58.39 -33.02
CA THR C 1292 -63.01 -58.73 -32.85
C THR C 1292 -63.34 -60.02 -33.59
N HIS C 1293 -63.19 -60.03 -34.91
CA HIS C 1293 -63.51 -61.18 -35.74
C HIS C 1293 -62.32 -62.11 -35.88
N GLY C 1294 -61.21 -61.61 -36.43
CA GLY C 1294 -60.04 -62.44 -36.63
C GLY C 1294 -60.27 -63.60 -37.57
N ARG C 1295 -61.20 -63.45 -38.52
CA ARG C 1295 -61.55 -64.50 -39.46
C ARG C 1295 -60.83 -64.36 -40.80
N HIS C 1296 -60.96 -63.21 -41.44
CA HIS C 1296 -60.52 -63.01 -42.81
C HIS C 1296 -59.16 -62.29 -42.84
N VAL C 1297 -58.55 -62.33 -44.03
CA VAL C 1297 -57.22 -61.78 -44.25
C VAL C 1297 -57.24 -60.44 -44.98
N GLN C 1298 -58.33 -60.11 -45.67
CA GLN C 1298 -58.33 -58.95 -46.54
C GLN C 1298 -58.24 -57.63 -45.77
N TYR C 1299 -58.65 -57.62 -44.49
CA TYR C 1299 -58.43 -56.44 -43.66
C TYR C 1299 -56.93 -56.20 -43.46
N LEU C 1300 -56.14 -57.26 -43.39
CA LEU C 1300 -54.70 -57.14 -43.22
C LEU C 1300 -53.99 -56.68 -44.49
N ASP C 1301 -54.61 -56.89 -45.66
CA ASP C 1301 -54.00 -56.44 -46.91
C ASP C 1301 -53.87 -54.92 -46.94
N PHE C 1302 -54.76 -54.21 -46.26
CA PHE C 1302 -54.71 -52.75 -46.26
C PHE C 1302 -53.42 -52.24 -45.64
N LEU C 1303 -52.93 -52.92 -44.60
CA LEU C 1303 -51.71 -52.50 -43.94
C LEU C 1303 -50.48 -52.79 -44.79
N HIS C 1304 -50.57 -53.72 -45.74
CA HIS C 1304 -49.46 -54.00 -46.64
C HIS C 1304 -49.34 -52.97 -47.75
N THR C 1305 -50.42 -52.27 -48.09
CA THR C 1305 -50.43 -51.30 -49.17
C THR C 1305 -50.07 -49.90 -48.69
N VAL C 1306 -50.69 -49.45 -47.59
CA VAL C 1306 -50.43 -48.10 -47.08
C VAL C 1306 -48.98 -47.95 -46.65
N ILE C 1307 -48.36 -49.03 -46.16
CA ILE C 1307 -46.98 -48.95 -45.70
C ILE C 1307 -46.03 -48.73 -46.87
N LYS C 1308 -46.38 -49.24 -48.06
CA LYS C 1308 -45.56 -49.07 -49.26
C LYS C 1308 -46.16 -47.95 -50.11
N ALA C 1309 -45.49 -46.80 -50.13
CA ALA C 1309 -45.90 -45.70 -50.98
C ALA C 1309 -45.40 -45.96 -52.41
N GLU C 1310 -45.47 -44.93 -53.26
CA GLU C 1310 -44.98 -45.06 -54.63
C GLU C 1310 -43.49 -45.39 -54.65
N GLY C 1311 -42.69 -44.63 -53.90
CA GLY C 1311 -41.26 -44.84 -53.83
C GLY C 1311 -40.66 -44.51 -52.48
N LYS C 1312 -41.48 -44.56 -51.43
CA LYS C 1312 -41.03 -44.25 -50.08
C LYS C 1312 -41.76 -45.14 -49.09
N TYR C 1313 -41.25 -45.16 -47.86
CA TYR C 1313 -41.89 -45.80 -46.73
C TYR C 1313 -42.17 -44.74 -45.67
N VAL C 1314 -43.41 -44.71 -45.19
CA VAL C 1314 -43.91 -43.62 -44.34
C VAL C 1314 -43.76 -44.06 -42.89
N LYS C 1315 -42.87 -43.38 -42.15
CA LYS C 1315 -42.65 -43.70 -40.74
C LYS C 1315 -43.88 -43.43 -39.87
N LYS C 1316 -44.80 -42.58 -40.33
CA LYS C 1316 -46.00 -42.29 -39.55
C LYS C 1316 -46.81 -43.56 -39.28
N CYS C 1317 -46.74 -44.55 -40.18
CA CYS C 1317 -47.45 -45.81 -40.03
C CYS C 1317 -46.54 -47.00 -39.78
N GLN C 1318 -45.22 -46.84 -39.88
CA GLN C 1318 -44.31 -47.92 -39.47
C GLN C 1318 -44.51 -48.25 -37.99
N ASP C 1319 -44.56 -47.21 -37.15
CA ASP C 1319 -44.57 -47.42 -35.70
C ASP C 1319 -45.97 -47.81 -35.23
N MET C 1320 -46.99 -47.08 -35.69
CA MET C 1320 -48.33 -47.25 -35.14
C MET C 1320 -48.90 -48.64 -35.41
N ILE C 1321 -48.48 -49.28 -36.50
CA ILE C 1321 -48.93 -50.65 -36.77
C ILE C 1321 -48.33 -51.60 -35.74
N MET C 1322 -47.08 -51.37 -35.35
CA MET C 1322 -46.43 -52.25 -34.38
C MET C 1322 -47.00 -52.06 -32.99
N THR C 1323 -47.34 -50.83 -32.63
CA THR C 1323 -47.89 -50.57 -31.29
C THR C 1323 -49.25 -51.25 -31.11
N GLU C 1324 -50.10 -51.20 -32.14
CA GLU C 1324 -51.42 -51.80 -32.05
C GLU C 1324 -51.41 -53.31 -32.21
N LEU C 1325 -50.31 -53.90 -32.67
CA LEU C 1325 -50.17 -55.34 -32.83
C LEU C 1325 -49.32 -55.99 -31.74
N THR C 1326 -48.43 -55.23 -31.10
CA THR C 1326 -47.55 -55.80 -30.08
C THR C 1326 -48.36 -56.27 -28.87
N ASN C 1327 -49.33 -55.48 -28.43
CA ASN C 1327 -50.15 -55.74 -27.26
C ASN C 1327 -51.60 -56.00 -27.64
N ALA C 1328 -51.80 -56.66 -28.78
CA ALA C 1328 -53.16 -56.92 -29.27
C ALA C 1328 -53.78 -58.13 -28.59
N GLY C 1329 -53.16 -59.29 -28.74
CA GLY C 1329 -53.68 -60.51 -28.15
C GLY C 1329 -53.08 -61.74 -28.80
N ASP C 1330 -53.89 -62.79 -28.88
CA ASP C 1330 -53.49 -64.07 -29.45
C ASP C 1330 -54.01 -64.27 -30.87
N ASP C 1331 -55.29 -63.96 -31.11
CA ASP C 1331 -55.85 -64.12 -32.45
C ASP C 1331 -55.20 -63.18 -33.45
N VAL C 1332 -54.72 -62.02 -32.99
CA VAL C 1332 -54.11 -61.04 -33.88
C VAL C 1332 -52.73 -61.50 -34.34
N VAL C 1333 -51.93 -62.06 -33.44
CA VAL C 1333 -50.59 -62.54 -33.72
C VAL C 1333 -50.65 -64.06 -33.69
N VAL C 1334 -50.67 -64.68 -34.87
CA VAL C 1334 -50.79 -66.13 -35.00
C VAL C 1334 -49.43 -66.65 -35.43
N PHE C 1335 -48.62 -67.04 -34.45
CA PHE C 1335 -47.34 -67.71 -34.67
C PHE C 1335 -47.39 -69.12 -34.10
N TYR C 1336 -46.40 -69.92 -34.46
CA TYR C 1336 -46.33 -71.32 -34.04
C TYR C 1336 -44.86 -71.67 -33.83
N ASN C 1337 -44.41 -71.59 -32.58
CA ASN C 1337 -43.01 -71.85 -32.22
C ASN C 1337 -42.83 -73.07 -31.33
N ASP C 1338 -43.69 -73.27 -30.31
CA ASP C 1338 -43.59 -74.43 -29.45
C ASP C 1338 -43.84 -75.72 -30.25
N LYS C 1339 -43.57 -76.86 -29.60
CA LYS C 1339 -43.72 -78.15 -30.25
C LYS C 1339 -45.19 -78.43 -30.58
N ALA C 1340 -46.08 -78.25 -29.60
CA ALA C 1340 -47.50 -78.44 -29.87
C ALA C 1340 -48.00 -77.45 -30.90
N SER C 1341 -47.55 -76.20 -30.82
CA SER C 1341 -47.96 -75.20 -31.80
C SER C 1341 -47.35 -75.49 -33.17
N LEU C 1342 -46.09 -75.93 -33.22
CA LEU C 1342 -45.48 -76.34 -34.47
C LEU C 1342 -46.24 -77.52 -35.09
N ALA C 1343 -46.70 -78.44 -34.24
CA ALA C 1343 -47.39 -79.62 -34.73
C ALA C 1343 -48.69 -79.25 -35.44
N HIS C 1344 -49.34 -78.15 -35.02
CA HIS C 1344 -50.56 -77.72 -35.69
C HIS C 1344 -50.25 -77.11 -37.05
N LEU C 1345 -49.18 -76.32 -37.15
CA LEU C 1345 -48.84 -75.66 -38.40
C LEU C 1345 -48.19 -76.63 -39.38
N LEU C 1346 -47.37 -77.55 -38.89
CA LEU C 1346 -46.72 -78.51 -39.78
C LEU C 1346 -47.75 -79.44 -40.42
N ASP C 1347 -48.77 -79.84 -39.65
CA ASP C 1347 -49.87 -80.62 -40.22
C ASP C 1347 -50.63 -79.81 -41.27
N MET C 1348 -50.63 -78.48 -41.14
CA MET C 1348 -51.27 -77.62 -42.13
C MET C 1348 -50.42 -77.50 -43.39
N MET C 1349 -49.09 -77.54 -43.26
CA MET C 1349 -48.23 -77.49 -44.43
C MET C 1349 -48.37 -78.74 -45.29
N LYS C 1350 -48.64 -79.89 -44.67
CA LYS C 1350 -48.77 -81.13 -45.42
C LYS C 1350 -49.99 -81.08 -46.35
N ALA C 1351 -51.16 -80.74 -45.80
CA ALA C 1351 -52.37 -80.67 -46.60
C ALA C 1351 -52.32 -79.54 -47.63
N ALA C 1352 -51.52 -78.51 -47.39
CA ALA C 1352 -51.40 -77.35 -48.28
C ALA C 1352 -50.16 -77.45 -49.16
N ARG C 1353 -49.81 -78.65 -49.62
CA ARG C 1353 -48.62 -78.84 -50.42
C ARG C 1353 -48.69 -78.04 -51.72
N ASP C 1354 -49.85 -78.03 -52.37
CA ASP C 1354 -50.04 -77.32 -53.63
C ASP C 1354 -51.42 -76.66 -53.63
N GLY C 1355 -51.52 -75.53 -54.32
CA GLY C 1355 -52.77 -74.83 -54.45
C GLY C 1355 -53.27 -74.23 -53.15
N VAL C 1356 -52.55 -73.23 -52.64
CA VAL C 1356 -52.94 -72.57 -51.40
C VAL C 1356 -54.25 -71.82 -51.62
N GLU C 1357 -55.13 -71.88 -50.61
CA GLU C 1357 -56.41 -71.20 -50.68
C GLU C 1357 -56.27 -69.73 -50.28
N ASP C 1358 -57.22 -68.91 -50.75
CA ASP C 1358 -57.23 -67.50 -50.39
C ASP C 1358 -57.75 -67.31 -48.98
N HIS C 1359 -58.96 -67.78 -48.70
CA HIS C 1359 -59.55 -67.71 -47.37
C HIS C 1359 -59.13 -68.94 -46.60
N SER C 1360 -58.06 -68.83 -45.83
CA SER C 1360 -57.52 -69.95 -45.07
C SER C 1360 -56.57 -69.39 -44.00
N PRO C 1361 -56.37 -70.12 -42.89
CA PRO C 1361 -55.43 -69.63 -41.88
C PRO C 1361 -53.98 -69.61 -42.33
N LEU C 1362 -53.62 -70.43 -43.33
CA LEU C 1362 -52.25 -70.41 -43.83
C LEU C 1362 -51.95 -69.09 -44.53
N MET C 1363 -52.87 -68.61 -45.37
CA MET C 1363 -52.69 -67.33 -46.03
C MET C 1363 -52.63 -66.19 -45.02
N TYR C 1364 -53.31 -66.34 -43.88
CA TYR C 1364 -53.23 -65.32 -42.84
C TYR C 1364 -51.82 -65.22 -42.28
N HIS C 1365 -51.14 -66.35 -42.12
CA HIS C 1365 -49.80 -66.35 -41.55
C HIS C 1365 -48.75 -65.87 -42.56
N ILE C 1366 -48.94 -66.15 -43.84
CA ILE C 1366 -47.97 -65.74 -44.85
C ILE C 1366 -47.94 -64.21 -44.93
N SER C 1367 -49.10 -63.58 -45.09
CA SER C 1367 -49.15 -62.14 -45.22
C SER C 1367 -48.82 -61.43 -43.91
N LEU C 1368 -49.08 -62.08 -42.77
CA LEU C 1368 -48.76 -61.47 -41.48
C LEU C 1368 -47.25 -61.33 -41.32
N VAL C 1369 -46.49 -62.37 -41.66
CA VAL C 1369 -45.04 -62.26 -41.63
C VAL C 1369 -44.55 -61.28 -42.69
N ASP C 1370 -45.29 -61.15 -43.80
CA ASP C 1370 -44.90 -60.21 -44.84
C ASP C 1370 -45.03 -58.77 -44.34
N LEU C 1371 -46.06 -58.47 -43.55
CA LEU C 1371 -46.23 -57.13 -43.03
C LEU C 1371 -45.12 -56.79 -42.04
N LEU C 1372 -44.91 -57.65 -41.05
CA LEU C 1372 -43.83 -57.41 -40.08
C LEU C 1372 -42.47 -57.41 -40.75
N ALA C 1373 -42.31 -58.17 -41.84
CA ALA C 1373 -41.07 -58.15 -42.60
C ALA C 1373 -40.97 -56.92 -43.48
N ALA C 1374 -42.11 -56.40 -43.95
CA ALA C 1374 -42.10 -55.25 -44.85
C ALA C 1374 -42.01 -53.93 -44.09
N CYS C 1375 -42.48 -53.89 -42.85
CA CYS C 1375 -42.48 -52.63 -42.09
C CYS C 1375 -41.08 -52.25 -41.65
N ALA C 1376 -40.32 -53.21 -41.12
CA ALA C 1376 -39.00 -52.96 -40.56
C ALA C 1376 -37.87 -53.13 -41.58
N GLU C 1377 -38.15 -52.92 -42.86
CA GLU C 1377 -37.10 -53.05 -43.87
C GLU C 1377 -36.05 -51.96 -43.73
N GLY C 1378 -36.48 -50.72 -43.52
CA GLY C 1378 -35.56 -49.62 -43.34
C GLY C 1378 -34.91 -49.62 -41.96
N LYS C 1379 -34.00 -48.68 -41.77
CA LYS C 1379 -33.29 -48.54 -40.50
C LYS C 1379 -34.19 -47.79 -39.52
N ASN C 1380 -34.89 -48.57 -38.70
CA ASN C 1380 -35.80 -48.03 -37.68
C ASN C 1380 -35.62 -48.86 -36.42
N VAL C 1381 -34.82 -48.35 -35.48
CA VAL C 1381 -34.50 -49.09 -34.27
C VAL C 1381 -35.76 -49.33 -33.43
N TYR C 1382 -36.77 -48.48 -33.57
CA TYR C 1382 -37.98 -48.61 -32.77
C TYR C 1382 -38.72 -49.90 -33.12
N THR C 1383 -39.09 -50.07 -34.39
CA THR C 1383 -39.85 -51.25 -34.79
C THR C 1383 -38.99 -52.51 -34.76
N GLU C 1384 -37.67 -52.38 -34.93
CA GLU C 1384 -36.81 -53.56 -35.04
C GLU C 1384 -36.54 -54.23 -33.71
N ILE C 1385 -36.45 -53.46 -32.61
CA ILE C 1385 -36.34 -54.08 -31.29
C ILE C 1385 -37.58 -54.90 -31.01
N LYS C 1386 -38.74 -54.44 -31.47
CA LYS C 1386 -39.98 -55.19 -31.30
C LYS C 1386 -39.97 -56.48 -32.11
N CYS C 1387 -39.68 -56.37 -33.42
CA CYS C 1387 -39.79 -57.53 -34.31
C CYS C 1387 -38.92 -58.69 -33.86
N THR C 1388 -37.77 -58.41 -33.24
CA THR C 1388 -36.97 -59.48 -32.67
C THR C 1388 -37.70 -60.16 -31.51
N SER C 1389 -38.57 -59.43 -30.82
CA SER C 1389 -39.33 -59.99 -29.71
C SER C 1389 -40.59 -60.71 -30.18
N LEU C 1390 -41.19 -60.27 -31.29
CA LEU C 1390 -42.39 -60.93 -31.79
C LEU C 1390 -42.09 -62.35 -32.26
N LEU C 1391 -40.90 -62.57 -32.82
CA LEU C 1391 -40.52 -63.87 -33.36
C LEU C 1391 -39.00 -64.04 -33.26
N PRO C 1392 -38.47 -65.01 -32.46
CA PRO C 1392 -37.01 -65.16 -32.40
C PRO C 1392 -36.42 -65.78 -33.66
N LEU C 1393 -35.09 -65.93 -33.68
CA LEU C 1393 -34.40 -66.46 -34.86
C LEU C 1393 -34.39 -67.99 -34.86
N GLU C 1394 -34.15 -68.60 -33.71
CA GLU C 1394 -33.92 -70.04 -33.66
C GLU C 1394 -35.16 -70.84 -34.04
N ASP C 1395 -36.35 -70.29 -33.80
CA ASP C 1395 -37.57 -71.00 -34.15
C ASP C 1395 -37.82 -70.98 -35.65
N VAL C 1396 -37.28 -69.98 -36.36
CA VAL C 1396 -37.48 -69.90 -37.80
C VAL C 1396 -36.59 -70.91 -38.52
N VAL C 1397 -35.39 -71.15 -38.02
CA VAL C 1397 -34.45 -72.06 -38.68
C VAL C 1397 -34.97 -73.49 -38.63
N SER C 1398 -35.69 -73.87 -37.57
CA SER C 1398 -36.22 -75.22 -37.46
C SER C 1398 -37.26 -75.51 -38.55
N VAL C 1399 -37.97 -74.49 -39.02
CA VAL C 1399 -38.99 -74.68 -40.03
C VAL C 1399 -38.35 -74.83 -41.41
N VAL C 1400 -37.31 -74.04 -41.70
CA VAL C 1400 -36.68 -74.06 -43.01
C VAL C 1400 -35.92 -75.36 -43.23
N THR C 1401 -35.35 -75.94 -42.19
CA THR C 1401 -34.49 -77.12 -42.31
C THR C 1401 -35.31 -78.41 -42.23
N HIS C 1402 -36.28 -78.51 -43.14
CA HIS C 1402 -37.11 -79.70 -43.28
C HIS C 1402 -37.16 -80.16 -44.73
N GLU C 1403 -37.06 -79.22 -45.68
CA GLU C 1403 -37.14 -79.51 -47.11
C GLU C 1403 -38.45 -80.19 -47.49
N ASP C 1404 -39.52 -79.86 -46.75
CA ASP C 1404 -40.87 -80.32 -47.04
C ASP C 1404 -41.89 -79.20 -46.99
N CYS C 1405 -41.47 -77.96 -46.76
CA CYS C 1405 -42.39 -76.84 -46.65
C CYS C 1405 -42.81 -76.35 -48.04
N ILE C 1406 -43.67 -75.34 -48.06
CA ILE C 1406 -44.18 -74.78 -49.30
C ILE C 1406 -43.21 -73.72 -49.80
N THR C 1407 -43.09 -73.59 -51.12
CA THR C 1407 -42.13 -72.66 -51.71
C THR C 1407 -42.47 -71.22 -51.37
N GLU C 1408 -43.75 -70.86 -51.42
CA GLU C 1408 -44.17 -69.51 -51.08
C GLU C 1408 -43.85 -69.17 -49.63
N VAL C 1409 -44.01 -70.14 -48.73
CA VAL C 1409 -43.72 -69.90 -47.31
C VAL C 1409 -42.24 -69.63 -47.11
N LYS C 1410 -41.37 -70.24 -47.93
CA LYS C 1410 -39.94 -70.00 -47.80
C LYS C 1410 -39.57 -68.56 -48.15
N MET C 1411 -40.39 -67.89 -48.96
CA MET C 1411 -40.12 -66.51 -49.31
C MET C 1411 -40.20 -65.61 -48.09
N ALA C 1412 -41.32 -65.65 -47.36
CA ALA C 1412 -41.60 -64.67 -46.32
C ALA C 1412 -40.61 -64.76 -45.17
N TYR C 1413 -40.26 -65.98 -44.75
CA TYR C 1413 -39.32 -66.14 -43.66
C TYR C 1413 -37.94 -65.64 -44.06
N VAL C 1414 -37.51 -65.92 -45.29
CA VAL C 1414 -36.27 -65.34 -45.79
C VAL C 1414 -36.44 -63.84 -45.95
N ASN C 1415 -37.62 -63.40 -46.38
CA ASN C 1415 -37.92 -61.97 -46.43
C ASN C 1415 -37.89 -61.36 -45.03
N PHE C 1416 -38.23 -62.14 -44.00
CA PHE C 1416 -38.22 -61.62 -42.63
C PHE C 1416 -36.80 -61.53 -42.08
N VAL C 1417 -36.00 -62.59 -42.27
CA VAL C 1417 -34.66 -62.60 -41.69
C VAL C 1417 -33.73 -61.66 -42.44
N ASN C 1418 -33.93 -61.50 -43.76
CA ASN C 1418 -33.08 -60.60 -44.54
C ASN C 1418 -33.27 -59.15 -44.10
N HIS C 1419 -34.50 -58.75 -43.80
CA HIS C 1419 -34.85 -57.35 -43.62
C HIS C 1419 -35.10 -56.96 -42.16
N CYS C 1420 -34.99 -57.89 -41.22
CA CYS C 1420 -35.18 -57.61 -39.80
C CYS C 1420 -33.91 -57.81 -38.98
N TYR C 1421 -33.30 -59.00 -39.03
CA TYR C 1421 -32.17 -59.30 -38.17
C TYR C 1421 -30.86 -58.77 -38.73
N VAL C 1422 -30.74 -58.68 -40.06
CA VAL C 1422 -29.53 -58.12 -40.66
C VAL C 1422 -29.38 -56.65 -40.28
N ASP C 1423 -30.43 -55.87 -40.49
CA ASP C 1423 -30.43 -54.46 -40.15
C ASP C 1423 -30.73 -54.28 -38.66
N ALA C 1460 -25.12 -66.98 -33.91
CA ALA C 1460 -24.29 -66.48 -35.00
C ALA C 1460 -24.17 -67.53 -36.10
N ASP C 1461 -23.85 -68.76 -35.71
CA ASP C 1461 -23.70 -69.84 -36.67
C ASP C 1461 -25.03 -70.29 -37.26
N PRO C 1462 -26.15 -70.03 -36.57
CA PRO C 1462 -27.45 -70.44 -37.08
C PRO C 1462 -27.85 -69.70 -38.35
N THR C 1463 -27.29 -68.51 -38.59
CA THR C 1463 -27.63 -67.77 -39.80
C THR C 1463 -27.12 -68.48 -41.04
N LEU C 1464 -25.99 -69.19 -40.95
CA LEU C 1464 -25.46 -69.93 -42.08
C LEU C 1464 -26.20 -71.25 -42.30
N GLU C 1465 -26.92 -71.75 -41.29
CA GLU C 1465 -27.67 -72.99 -41.48
C GLU C 1465 -28.76 -72.82 -42.54
N LYS C 1466 -29.42 -71.66 -42.56
CA LYS C 1466 -30.41 -71.39 -43.59
C LYS C 1466 -29.76 -71.28 -44.96
N TYR C 1467 -28.54 -70.73 -45.01
CA TYR C 1467 -27.81 -70.65 -46.27
C TYR C 1467 -27.41 -72.03 -46.78
N VAL C 1468 -27.22 -72.99 -45.87
CA VAL C 1468 -26.87 -74.34 -46.29
C VAL C 1468 -28.01 -74.99 -47.06
N LEU C 1469 -29.23 -74.97 -46.49
CA LEU C 1469 -30.38 -75.52 -47.20
C LEU C 1469 -30.71 -74.70 -48.44
N SER C 1470 -30.42 -73.40 -48.41
CA SER C 1470 -30.64 -72.56 -49.59
C SER C 1470 -29.77 -72.98 -50.75
N VAL C 1471 -28.55 -73.46 -50.48
CA VAL C 1471 -27.67 -73.94 -51.53
C VAL C 1471 -28.24 -75.20 -52.18
N VAL C 1472 -28.65 -76.18 -51.35
CA VAL C 1472 -29.27 -77.37 -51.88
C VAL C 1472 -30.60 -77.07 -52.54
N LEU C 1473 -31.37 -76.14 -51.96
CA LEU C 1473 -32.65 -75.76 -52.55
C LEU C 1473 -32.46 -75.06 -53.89
N ASP C 1474 -31.36 -74.32 -54.05
CA ASP C 1474 -31.09 -73.67 -55.33
C ASP C 1474 -30.84 -74.68 -56.43
N THR C 1475 -30.23 -75.82 -56.10
CA THR C 1475 -29.99 -76.86 -57.09
C THR C 1475 -31.25 -77.64 -57.44
N ILE C 1476 -32.27 -77.61 -56.57
CA ILE C 1476 -33.50 -78.33 -56.85
C ILE C 1476 -34.19 -77.79 -58.09
N ASN C 1477 -34.21 -76.47 -58.25
CA ASN C 1477 -34.79 -75.86 -59.43
C ASN C 1477 -33.86 -75.95 -60.64
N ALA C 1478 -32.55 -75.90 -60.41
CA ALA C 1478 -31.60 -76.03 -61.51
C ALA C 1478 -31.67 -77.40 -62.16
N PHE C 1479 -32.07 -78.42 -61.40
CA PHE C 1479 -32.20 -79.77 -61.97
C PHE C 1479 -33.31 -79.84 -63.00
N PHE C 1480 -34.38 -79.05 -62.83
CA PHE C 1480 -35.49 -79.03 -63.76
C PHE C 1480 -35.10 -78.33 -65.06
N TRP C 1513 -45.73 -74.73 -61.50
CA TRP C 1513 -45.23 -75.35 -60.28
C TRP C 1513 -43.77 -75.00 -60.06
N LEU C 1514 -42.92 -75.36 -61.03
CA LEU C 1514 -41.49 -75.06 -60.91
C LEU C 1514 -41.22 -73.57 -60.97
N GLN C 1515 -42.08 -72.79 -61.64
CA GLN C 1515 -41.88 -71.35 -61.72
C GLN C 1515 -41.99 -70.69 -60.36
N GLN C 1516 -42.79 -71.26 -59.46
CA GLN C 1516 -42.92 -70.68 -58.12
C GLN C 1516 -41.61 -70.80 -57.35
N GLN C 1517 -40.98 -71.98 -57.40
CA GLN C 1517 -39.70 -72.16 -56.71
C GLN C 1517 -38.61 -71.29 -57.32
N HIS C 1518 -38.71 -70.95 -58.60
CA HIS C 1518 -37.72 -70.08 -59.23
C HIS C 1518 -37.71 -68.71 -58.60
N LYS C 1519 -38.85 -68.26 -58.06
CA LYS C 1519 -38.89 -66.95 -57.40
C LYS C 1519 -38.02 -66.94 -56.15
N GLY C 1520 -37.97 -68.07 -55.43
CA GLY C 1520 -37.10 -68.16 -54.26
C GLY C 1520 -35.64 -68.11 -54.63
N SER C 1521 -35.29 -68.55 -55.84
CA SER C 1521 -33.90 -68.52 -56.28
C SER C 1521 -33.39 -67.09 -56.39
N VAL C 1522 -34.07 -66.27 -57.20
CA VAL C 1522 -33.68 -64.87 -57.33
C VAL C 1522 -33.87 -64.12 -56.03
N GLU C 1523 -34.90 -64.46 -55.25
CA GLU C 1523 -35.12 -63.80 -53.97
C GLU C 1523 -34.02 -64.15 -52.98
N ALA C 1524 -33.74 -65.44 -52.81
CA ALA C 1524 -32.69 -65.86 -51.88
C ALA C 1524 -31.31 -65.47 -52.40
N CYS C 1525 -31.14 -65.35 -53.71
CA CYS C 1525 -29.86 -64.91 -54.26
C CYS C 1525 -29.53 -63.50 -53.80
N ILE C 1526 -30.54 -62.63 -53.74
CA ILE C 1526 -30.32 -61.28 -53.23
C ILE C 1526 -29.97 -61.29 -51.74
N ARG C 1527 -30.44 -62.29 -51.01
CA ARG C 1527 -30.15 -62.38 -49.58
C ARG C 1527 -28.74 -62.87 -49.32
N THR C 1528 -28.22 -63.76 -50.16
CA THR C 1528 -26.86 -64.26 -49.98
C THR C 1528 -25.83 -63.14 -50.11
N LEU C 1529 -26.10 -62.18 -51.00
CA LEU C 1529 -25.21 -61.03 -51.16
C LEU C 1529 -25.44 -59.99 -50.07
N ALA C 1530 -26.71 -59.74 -49.74
CA ALA C 1530 -27.02 -58.69 -48.76
C ALA C 1530 -26.67 -59.14 -47.34
N MET C 1531 -26.98 -60.40 -47.00
CA MET C 1531 -26.69 -60.89 -45.66
C MET C 1531 -25.18 -60.94 -45.41
N VAL C 1532 -24.41 -61.31 -46.42
CA VAL C 1532 -22.95 -61.37 -46.27
C VAL C 1532 -22.35 -59.97 -46.30
N ALA C 1533 -22.75 -59.15 -47.28
CA ALA C 1533 -22.14 -57.83 -47.47
C ALA C 1533 -22.44 -56.86 -46.33
N LYS C 1534 -23.36 -57.20 -45.42
CA LYS C 1534 -23.66 -56.30 -44.31
C LYS C 1534 -22.45 -56.09 -43.42
N GLY C 1535 -21.97 -57.16 -42.80
CA GLY C 1535 -20.81 -57.08 -41.92
C GLY C 1535 -20.27 -58.47 -41.60
N ARG C 1536 -16.26 -70.09 -38.30
CA ARG C 1536 -15.30 -69.50 -39.22
C ARG C 1536 -15.06 -70.41 -40.43
N ALA C 1537 -14.32 -71.50 -40.21
CA ALA C 1537 -14.04 -72.43 -41.30
C ALA C 1537 -15.30 -73.13 -41.79
N ILE C 1538 -16.28 -73.32 -40.89
CA ILE C 1538 -17.54 -73.95 -41.31
C ILE C 1538 -18.30 -73.05 -42.26
N LEU C 1539 -18.39 -71.75 -41.95
CA LEU C 1539 -19.04 -70.81 -42.85
C LEU C 1539 -18.18 -70.48 -44.06
N LEU C 1540 -16.85 -70.55 -43.91
CA LEU C 1540 -15.96 -70.26 -45.03
C LEU C 1540 -16.04 -71.37 -46.08
N PRO C 1541 -15.98 -72.62 -45.64
CA PRO C 1541 -16.08 -73.74 -46.57
C PRO C 1541 -17.45 -73.79 -47.25
N MET C 1542 -18.50 -73.36 -46.54
CA MET C 1542 -19.85 -73.34 -47.11
C MET C 1542 -20.11 -72.09 -47.94
N ASP C 1543 -19.35 -71.01 -47.73
CA ASP C 1543 -19.57 -69.80 -48.50
C ASP C 1543 -19.29 -70.00 -49.98
N LEU C 1544 -18.35 -70.87 -50.32
CA LEU C 1544 -18.04 -71.13 -51.72
C LEU C 1544 -19.16 -71.93 -52.40
N ASP C 1545 -19.93 -72.71 -51.64
CA ASP C 1545 -21.00 -73.50 -52.22
C ASP C 1545 -22.12 -72.61 -52.78
N ALA C 1546 -22.35 -71.44 -52.16
CA ALA C 1546 -23.38 -70.54 -52.66
C ALA C 1546 -23.04 -70.04 -54.05
N HIS C 1547 -21.77 -69.77 -54.32
CA HIS C 1547 -21.32 -69.27 -55.61
C HIS C 1547 -20.92 -70.39 -56.55
N ILE C 1548 -20.52 -71.54 -56.03
CA ILE C 1548 -20.09 -72.64 -56.89
C ILE C 1548 -21.22 -73.12 -57.79
N SER C 1549 -22.44 -73.24 -57.22
CA SER C 1549 -23.58 -73.64 -58.02
C SER C 1549 -24.18 -72.49 -58.80
N SER C 1550 -24.02 -71.26 -58.31
CA SER C 1550 -24.56 -70.10 -59.02
C SER C 1550 -23.86 -69.89 -60.35
N MET C 1551 -22.53 -70.02 -60.37
CA MET C 1551 -21.80 -69.85 -61.62
C MET C 1551 -22.05 -71.01 -62.58
N LEU C 1552 -22.28 -72.22 -62.05
CA LEU C 1552 -22.56 -73.37 -62.90
C LEU C 1552 -23.87 -73.18 -63.66
N SER C 1553 -24.93 -72.81 -62.94
CA SER C 1553 -26.21 -72.57 -63.58
C SER C 1553 -26.19 -71.33 -64.46
N SER C 1554 -25.35 -70.35 -64.12
CA SER C 1554 -25.25 -69.12 -64.90
C SER C 1554 -24.70 -69.41 -66.29
N GLY C 1555 -34.52 -64.30 -67.43
CA GLY C 1555 -33.12 -64.43 -67.83
C GLY C 1555 -32.33 -63.18 -67.45
N ALA C 1556 -32.99 -62.03 -67.46
CA ALA C 1556 -32.33 -60.79 -67.08
C ALA C 1556 -31.89 -60.83 -65.62
N SER C 1557 -32.75 -61.34 -64.74
CA SER C 1557 -32.38 -61.45 -63.33
C SER C 1557 -31.33 -62.52 -63.11
N CYS C 1558 -31.30 -63.55 -63.96
CA CYS C 1558 -30.28 -64.60 -63.83
C CYS C 1558 -28.89 -64.05 -64.09
N ALA C 1559 -28.73 -63.28 -65.17
CA ALA C 1559 -27.44 -62.67 -65.46
C ALA C 1559 -27.06 -61.65 -64.38
N ALA C 1560 -28.04 -60.88 -63.90
CA ALA C 1560 -27.78 -59.93 -62.83
C ALA C 1560 -27.48 -60.66 -61.52
N ALA C 1561 -28.24 -61.72 -61.23
CA ALA C 1561 -27.96 -62.51 -60.04
C ALA C 1561 -26.64 -63.26 -60.18
N ALA C 1562 -26.31 -63.68 -61.40
CA ALA C 1562 -25.02 -64.34 -61.63
C ALA C 1562 -23.87 -63.39 -61.35
N GLN C 1563 -24.03 -62.11 -61.69
CA GLN C 1563 -23.00 -61.12 -61.40
C GLN C 1563 -23.01 -60.75 -59.91
N ARG C 1564 -24.20 -60.55 -59.35
CA ARG C 1564 -24.30 -60.21 -57.93
C ARG C 1564 -23.82 -61.37 -57.06
N ASN C 1565 -24.19 -62.60 -57.41
CA ASN C 1565 -23.66 -63.75 -56.71
C ASN C 1565 -22.16 -63.88 -56.92
N ALA C 1566 -21.70 -63.63 -58.15
CA ALA C 1566 -20.27 -63.63 -58.44
C ALA C 1566 -19.55 -62.41 -57.88
N SER C 1567 -20.29 -61.32 -57.62
CA SER C 1567 -19.68 -60.16 -56.99
C SER C 1567 -19.25 -60.48 -55.57
N SER C 1568 -20.15 -61.08 -54.77
CA SER C 1568 -19.77 -61.55 -53.45
C SER C 1568 -18.82 -62.73 -53.52
N TYR C 1569 -18.92 -63.54 -54.59
CA TYR C 1569 -17.96 -64.61 -54.78
C TYR C 1569 -16.60 -64.05 -55.16
N LYS C 1570 -16.57 -63.01 -55.99
CA LYS C 1570 -15.32 -62.33 -56.34
C LYS C 1570 -14.58 -61.85 -55.10
N ALA C 1571 -15.33 -61.54 -54.03
CA ALA C 1571 -14.75 -61.21 -52.73
C ALA C 1571 -14.65 -62.41 -51.82
N THR C 1572 -14.38 -63.60 -52.38
CA THR C 1572 -14.05 -64.77 -51.57
C THR C 1572 -12.66 -64.67 -50.95
N THR C 1573 -11.86 -63.69 -51.36
CA THR C 1573 -10.61 -63.38 -50.68
C THR C 1573 -10.20 -61.94 -51.00
N ARG C 1574 -10.19 -75.01 -62.42
CA ARG C 1574 -10.65 -74.59 -63.74
C ARG C 1574 -11.86 -73.66 -63.60
N ALA C 1575 -12.98 -74.20 -63.11
CA ALA C 1575 -14.16 -73.38 -62.89
C ALA C 1575 -13.93 -72.33 -61.82
N PHE C 1576 -12.99 -72.56 -60.90
CA PHE C 1576 -12.69 -71.56 -59.89
C PHE C 1576 -12.10 -70.30 -60.51
N PRO C 1577 -11.24 -70.45 -61.51
CA PRO C 1577 -10.64 -69.29 -62.16
C PRO C 1577 -11.57 -68.64 -63.17
N ARG C 1578 -12.50 -69.40 -63.75
CA ARG C 1578 -13.37 -68.86 -64.79
C ARG C 1578 -14.34 -67.80 -64.26
N VAL C 1579 -14.61 -67.78 -62.95
CA VAL C 1579 -15.53 -66.78 -62.42
C VAL C 1579 -14.96 -65.39 -62.55
N THR C 1580 -13.64 -65.24 -62.38
CA THR C 1580 -13.02 -63.93 -62.53
C THR C 1580 -13.14 -63.41 -63.95
N PRO C 1581 -12.96 -64.30 -64.94
CA PRO C 1581 -13.18 -63.91 -66.33
C PRO C 1581 -14.62 -63.49 -66.57
N THR C 1582 -15.56 -64.10 -65.85
CA THR C 1582 -16.95 -63.67 -65.90
C THR C 1582 -17.16 -62.39 -65.10
N ALA C 1583 -16.36 -62.18 -64.06
CA ALA C 1583 -16.49 -60.97 -63.25
C ALA C 1583 -15.87 -59.75 -63.95
N ASN C 1584 -14.77 -59.96 -64.68
CA ASN C 1584 -14.13 -58.85 -65.38
C ASN C 1584 -15.02 -58.32 -66.49
N GLN C 1585 -15.63 -59.21 -67.27
CA GLN C 1585 -16.50 -58.80 -68.36
C GLN C 1585 -17.76 -58.12 -67.81
N TRP C 1586 -64.72 -34.92 -88.40
CA TRP C 1586 -64.10 -33.86 -87.61
C TRP C 1586 -62.65 -34.22 -87.28
N ASP C 1587 -61.76 -33.24 -87.40
CA ASP C 1587 -60.36 -33.45 -87.06
C ASP C 1587 -60.19 -33.51 -85.55
N TYR C 1588 -59.49 -34.53 -85.07
CA TYR C 1588 -59.28 -34.74 -83.64
C TYR C 1588 -57.92 -34.26 -83.16
N LYS C 1589 -56.86 -34.51 -83.93
CA LYS C 1589 -55.51 -34.11 -83.56
C LYS C 1589 -55.16 -32.69 -84.00
N ASN C 1590 -56.17 -31.85 -84.26
CA ASN C 1590 -55.96 -30.43 -84.58
C ASN C 1590 -56.90 -29.55 -83.77
N ILE C 1591 -57.35 -30.04 -82.60
CA ILE C 1591 -58.26 -29.30 -81.73
C ILE C 1591 -57.62 -29.18 -80.36
N ILE C 1592 -57.31 -30.32 -79.74
CA ILE C 1592 -56.76 -30.32 -78.39
C ILE C 1592 -55.37 -29.69 -78.37
N GLU C 1593 -54.59 -29.89 -79.44
CA GLU C 1593 -53.27 -29.30 -79.51
C GLU C 1593 -53.35 -27.78 -79.65
N LYS C 1594 -54.31 -27.30 -80.44
CA LYS C 1594 -54.51 -25.86 -80.54
C LYS C 1594 -55.11 -25.28 -79.27
N LEU C 1595 -55.89 -26.07 -78.54
CA LEU C 1595 -56.43 -25.61 -77.27
C LEU C 1595 -55.32 -25.39 -76.25
N GLN C 1596 -54.31 -26.26 -76.25
CA GLN C 1596 -53.21 -26.13 -75.30
C GLN C 1596 -52.29 -24.97 -75.66
N ASP C 1597 -52.24 -24.58 -76.92
CA ASP C 1597 -51.54 -23.35 -77.28
C ASP C 1597 -52.20 -22.14 -76.65
N ILE C 1598 -53.52 -22.21 -76.44
CA ILE C 1598 -54.26 -21.09 -75.84
C ILE C 1598 -54.17 -21.12 -74.32
N ILE C 1599 -53.93 -22.28 -73.70
CA ILE C 1599 -53.74 -22.32 -72.25
C ILE C 1599 -52.49 -21.53 -71.86
N THR C 1600 -51.36 -21.84 -72.52
CA THR C 1600 -50.12 -21.12 -72.24
C THR C 1600 -50.24 -19.63 -72.57
N ALA C 1601 -50.96 -19.32 -73.65
CA ALA C 1601 -51.06 -17.92 -74.08
C ALA C 1601 -51.90 -17.10 -73.11
N LEU C 1602 -53.12 -17.57 -72.82
CA LEU C 1602 -54.01 -16.82 -71.93
C LEU C 1602 -53.42 -16.70 -70.53
N GLU C 1603 -52.84 -17.79 -70.02
CA GLU C 1603 -52.26 -17.75 -68.68
C GLU C 1603 -51.13 -16.73 -68.59
N GLU C 1604 -50.36 -16.57 -69.67
CA GLU C 1604 -49.34 -15.53 -69.71
C GLU C 1604 -49.95 -14.18 -70.03
N ARG C 1605 -50.99 -14.14 -70.87
CA ARG C 1605 -51.71 -12.89 -71.12
C ARG C 1605 -52.38 -12.39 -69.84
N LEU C 1606 -52.93 -13.31 -69.05
CA LEU C 1606 -53.64 -12.98 -67.82
C LEU C 1606 -52.74 -13.06 -66.58
N LYS C 1607 -51.42 -13.22 -66.77
CA LYS C 1607 -50.52 -13.43 -65.63
C LYS C 1607 -50.54 -12.26 -64.66
N PRO C 1608 -50.25 -11.01 -65.07
CA PRO C 1608 -50.31 -9.91 -64.09
C PRO C 1608 -51.72 -9.59 -63.63
N LEU C 1609 -52.75 -10.03 -64.36
CA LEU C 1609 -54.11 -9.71 -63.98
C LEU C 1609 -54.54 -10.44 -62.71
N VAL C 1610 -53.96 -11.62 -62.45
CA VAL C 1610 -54.34 -12.40 -61.28
C VAL C 1610 -53.95 -11.67 -60.01
N GLN C 1611 -52.65 -11.36 -59.86
CA GLN C 1611 -52.18 -10.71 -58.65
C GLN C 1611 -52.72 -9.30 -58.52
N ALA C 1612 -53.08 -8.65 -59.63
CA ALA C 1612 -53.69 -7.33 -59.57
C ALA C 1612 -55.01 -7.36 -58.83
N GLU C 1613 -55.76 -8.46 -58.98
CA GLU C 1613 -57.03 -8.59 -58.28
C GLU C 1613 -56.82 -8.71 -56.76
N LEU C 1614 -55.70 -9.30 -56.33
CA LEU C 1614 -55.39 -9.36 -54.92
C LEU C 1614 -54.75 -8.08 -54.41
N SER C 1615 -54.13 -7.29 -55.29
CA SER C 1615 -53.62 -5.99 -54.88
C SER C 1615 -54.74 -5.03 -54.49
N VAL C 1616 -55.88 -5.11 -55.18
CA VAL C 1616 -57.06 -4.33 -54.81
C VAL C 1616 -57.85 -4.96 -53.68
N LEU C 1617 -57.45 -6.14 -53.21
CA LEU C 1617 -58.04 -6.72 -52.01
C LEU C 1617 -57.46 -6.09 -50.76
N VAL C 1618 -56.12 -6.05 -50.68
CA VAL C 1618 -55.45 -5.73 -49.42
C VAL C 1618 -55.71 -4.29 -49.00
N ASP C 1619 -55.86 -3.37 -49.95
CA ASP C 1619 -56.18 -1.99 -49.58
C ASP C 1619 -57.58 -1.87 -49.02
N VAL C 1620 -58.49 -2.74 -49.43
CA VAL C 1620 -59.82 -2.78 -48.81
C VAL C 1620 -59.69 -3.28 -47.38
N LEU C 1621 -58.71 -4.15 -47.11
CA LEU C 1621 -58.44 -4.60 -45.75
C LEU C 1621 -57.61 -3.60 -44.96
N HIS C 1622 -56.99 -2.63 -45.63
CA HIS C 1622 -56.40 -1.47 -44.96
C HIS C 1622 -57.35 -0.28 -44.93
N TRP C 1623 -58.33 -0.24 -45.85
CA TRP C 1623 -59.39 0.76 -45.85
C TRP C 1623 -60.76 0.08 -45.93
N PRO C 1624 -61.17 -0.67 -44.87
CA PRO C 1624 -62.56 -1.16 -44.79
C PRO C 1624 -63.48 -0.17 -44.09
N GLU C 1625 -63.42 1.09 -44.52
CA GLU C 1625 -64.11 2.20 -43.86
C GLU C 1625 -64.97 3.03 -44.82
N LEU C 1626 -64.54 3.22 -46.06
CA LEU C 1626 -65.19 4.15 -46.97
C LEU C 1626 -66.34 3.53 -47.75
N LEU C 1627 -66.90 2.42 -47.27
CA LEU C 1627 -68.12 1.85 -47.84
C LEU C 1627 -69.36 2.27 -47.08
N PHE C 1628 -69.29 2.27 -45.75
CA PHE C 1628 -70.38 2.76 -44.91
C PHE C 1628 -70.19 4.24 -44.60
N LEU C 1629 -71.30 4.97 -44.60
CA LEU C 1629 -71.25 6.39 -44.29
C LEU C 1629 -71.13 6.60 -42.78
N GLU C 1630 -70.80 7.83 -42.39
CA GLU C 1630 -70.50 8.14 -40.99
C GLU C 1630 -71.74 8.54 -40.22
N GLY C 1631 -72.79 7.73 -40.32
CA GLY C 1631 -74.02 7.95 -39.60
C GLY C 1631 -74.63 6.67 -39.07
N SER C 1632 -73.79 5.65 -38.85
CA SER C 1632 -74.26 4.36 -38.37
C SER C 1632 -73.12 3.71 -37.58
N GLU C 1633 -73.33 2.45 -37.18
CA GLU C 1633 -72.34 1.73 -36.39
C GLU C 1633 -71.29 1.02 -37.25
N ALA C 1634 -71.66 0.58 -38.46
CA ALA C 1634 -70.71 -0.14 -39.30
C ALA C 1634 -69.50 0.70 -39.63
N TYR C 1635 -69.66 2.03 -39.68
CA TYR C 1635 -68.52 2.91 -39.94
C TYR C 1635 -67.65 3.05 -38.69
N GLN C 1636 -68.27 3.32 -37.54
CA GLN C 1636 -67.50 3.57 -36.32
C GLN C 1636 -66.74 2.32 -35.88
N ARG C 1637 -67.33 1.14 -36.08
CA ARG C 1637 -66.65 -0.09 -35.68
C ARG C 1637 -65.39 -0.33 -36.49
N CYS C 1638 -65.36 0.11 -37.75
CA CYS C 1638 -64.19 -0.06 -38.60
C CYS C 1638 -63.15 1.03 -38.36
N GLU C 1639 -63.58 2.22 -37.94
CA GLU C 1639 -62.63 3.29 -37.64
C GLU C 1639 -61.79 2.94 -36.40
N SER C 1640 -62.45 2.46 -35.34
CA SER C 1640 -61.74 2.08 -34.12
C SER C 1640 -60.98 0.77 -34.26
N GLY C 1641 -61.13 0.04 -35.37
CA GLY C 1641 -60.46 -1.21 -35.56
C GLY C 1641 -61.21 -2.39 -34.97
N GLY C 1642 -62.47 -2.54 -35.37
CA GLY C 1642 -63.30 -3.63 -34.91
C GLY C 1642 -63.36 -4.78 -35.89
N PHE C 1643 -62.95 -4.54 -37.14
CA PHE C 1643 -63.05 -5.56 -38.17
C PHE C 1643 -62.01 -6.66 -37.95
N LEU C 1644 -60.74 -6.31 -37.94
CA LEU C 1644 -59.70 -7.32 -37.76
C LEU C 1644 -59.72 -7.91 -36.35
N SER C 1645 -60.29 -7.20 -35.38
CA SER C 1645 -60.51 -7.80 -34.06
C SER C 1645 -61.38 -9.05 -34.15
N LYS C 1646 -62.30 -9.07 -35.13
CA LYS C 1646 -63.18 -10.21 -35.34
C LYS C 1646 -62.57 -11.27 -36.25
N LEU C 1647 -61.68 -10.86 -37.17
CA LEU C 1647 -61.15 -11.79 -38.16
C LEU C 1647 -60.00 -12.64 -37.61
N ILE C 1648 -59.21 -12.07 -36.70
CA ILE C 1648 -58.12 -12.83 -36.10
C ILE C 1648 -58.63 -13.69 -34.95
N GLN C 1649 -59.50 -13.13 -34.10
CA GLN C 1649 -60.03 -13.89 -32.97
C GLN C 1649 -60.88 -15.06 -33.43
N HIS C 1650 -61.46 -14.98 -34.64
CA HIS C 1650 -62.17 -16.11 -35.23
C HIS C 1650 -61.24 -17.05 -36.00
N THR C 1651 -60.11 -16.53 -36.49
CA THR C 1651 -59.14 -17.39 -37.16
C THR C 1651 -58.64 -18.49 -36.24
N LYS C 1652 -58.54 -18.21 -34.94
CA LYS C 1652 -58.16 -19.23 -33.98
C LYS C 1652 -59.25 -20.27 -33.80
N ASP C 1653 -60.51 -19.91 -34.06
CA ASP C 1653 -61.62 -20.84 -33.81
C ASP C 1653 -61.67 -21.96 -34.84
N LEU C 1654 -61.29 -21.67 -36.09
CA LEU C 1654 -61.30 -22.65 -37.17
C LEU C 1654 -59.98 -23.40 -37.30
N MET C 1655 -59.23 -23.52 -36.21
CA MET C 1655 -57.90 -24.13 -36.26
C MET C 1655 -57.96 -25.58 -36.73
N GLU C 1656 -59.09 -26.27 -36.50
CA GLU C 1656 -59.29 -27.64 -36.94
C GLU C 1656 -60.57 -27.87 -37.74
N SER C 1657 -61.53 -26.95 -37.69
CA SER C 1657 -62.77 -27.13 -38.44
C SER C 1657 -62.52 -27.06 -39.93
N GLU C 1658 -61.98 -25.92 -40.41
CA GLU C 1658 -61.65 -25.71 -41.81
C GLU C 1658 -60.22 -25.21 -41.87
N GLU C 1659 -59.27 -26.15 -41.92
CA GLU C 1659 -57.86 -25.80 -41.89
C GLU C 1659 -57.40 -25.10 -43.16
N LYS C 1660 -58.17 -25.18 -44.25
CA LYS C 1660 -57.75 -24.59 -45.51
C LYS C 1660 -57.70 -23.06 -45.43
N LEU C 1661 -58.62 -22.45 -44.68
CA LEU C 1661 -58.75 -21.00 -44.70
C LEU C 1661 -57.55 -20.31 -44.05
N CYS C 1662 -56.89 -20.98 -43.10
CA CYS C 1662 -55.71 -20.39 -42.47
C CYS C 1662 -54.62 -20.10 -43.48
N ILE C 1663 -54.50 -20.92 -44.52
CA ILE C 1663 -53.49 -20.72 -45.55
C ILE C 1663 -53.87 -19.60 -46.49
N LYS C 1664 -55.16 -19.28 -46.60
CA LYS C 1664 -55.61 -18.20 -47.47
C LYS C 1664 -55.56 -16.84 -46.78
N VAL C 1665 -56.07 -16.76 -45.55
CA VAL C 1665 -56.13 -15.48 -44.85
C VAL C 1665 -54.73 -14.98 -44.50
N LEU C 1666 -53.79 -15.90 -44.25
CA LEU C 1666 -52.46 -15.48 -43.78
C LEU C 1666 -51.54 -15.12 -44.94
N ARG C 1667 -51.67 -15.80 -46.09
CA ARG C 1667 -50.84 -15.46 -47.23
C ARG C 1667 -51.10 -14.04 -47.70
N THR C 1668 -52.38 -13.65 -47.75
CA THR C 1668 -52.71 -12.28 -48.12
C THR C 1668 -52.34 -11.29 -47.02
N LEU C 1669 -52.43 -11.73 -45.75
CA LEU C 1669 -52.04 -10.88 -44.64
C LEU C 1669 -50.55 -10.53 -44.67
N GLN C 1670 -49.74 -11.35 -45.35
CA GLN C 1670 -48.35 -10.98 -45.60
C GLN C 1670 -48.27 -9.78 -46.53
N GLN C 1671 -49.16 -9.72 -47.53
CA GLN C 1671 -49.10 -8.66 -48.53
C GLN C 1671 -49.44 -7.29 -47.96
N MET C 1672 -50.13 -7.24 -46.81
CA MET C 1672 -50.44 -5.96 -46.18
C MET C 1672 -49.16 -5.21 -45.81
N LEU C 1673 -48.10 -5.94 -45.46
CA LEU C 1673 -46.82 -5.34 -45.11
C LEU C 1673 -45.83 -5.34 -46.26
N LEU C 1674 -46.14 -6.04 -47.35
CA LEU C 1674 -45.26 -5.98 -48.51
C LEU C 1674 -45.28 -4.59 -49.13
N LYS C 1675 -44.15 -4.20 -49.70
CA LYS C 1675 -44.03 -2.87 -50.29
C LYS C 1675 -44.94 -2.74 -51.51
N LYS C 1676 -45.21 -1.50 -51.88
CA LYS C 1676 -46.03 -1.22 -53.06
C LYS C 1676 -45.33 -1.71 -54.31
N THR C 1677 -45.96 -2.64 -55.02
CA THR C 1677 -45.37 -3.22 -56.22
C THR C 1677 -45.64 -2.31 -57.41
N LYS C 1678 -45.32 -2.80 -58.61
CA LYS C 1678 -45.52 -2.05 -59.84
C LYS C 1678 -45.86 -3.04 -60.94
N TYR C 1679 -46.66 -2.59 -61.91
CA TYR C 1679 -47.08 -3.38 -63.05
C TYR C 1679 -46.90 -2.58 -64.33
N GLY C 1680 -47.23 -3.21 -65.45
CA GLY C 1680 -47.16 -2.55 -66.73
C GLY C 1680 -48.24 -1.50 -66.91
N ASP C 1681 -48.52 -1.13 -68.15
CA ASP C 1681 -49.53 -0.12 -68.44
C ASP C 1681 -50.96 -0.62 -68.22
N ARG C 1682 -51.16 -1.92 -68.03
CA ARG C 1682 -52.50 -2.48 -67.85
C ARG C 1682 -52.87 -2.54 -66.37
N GLY C 1683 -52.06 -3.19 -65.55
CA GLY C 1683 -52.39 -3.33 -64.14
C GLY C 1683 -52.43 -2.00 -63.42
N ASN C 1684 -51.52 -1.09 -63.77
CA ASN C 1684 -51.53 0.23 -63.16
C ASN C 1684 -52.77 1.01 -63.54
N GLN C 1685 -53.13 1.00 -64.83
CA GLN C 1685 -54.38 1.63 -65.25
C GLN C 1685 -55.58 0.88 -64.67
N LEU C 1686 -55.50 -0.44 -64.59
CA LEU C 1686 -56.58 -1.23 -64.01
C LEU C 1686 -56.76 -0.91 -62.53
N ARG C 1687 -55.69 -1.08 -61.75
CA ARG C 1687 -55.76 -0.94 -60.30
C ARG C 1687 -56.28 0.43 -59.86
N LYS C 1688 -56.15 1.46 -60.69
CA LYS C 1688 -56.61 2.78 -60.32
C LYS C 1688 -58.13 2.84 -60.22
N MET C 1689 -58.83 2.30 -61.21
CA MET C 1689 -60.27 2.51 -61.32
C MET C 1689 -61.09 1.58 -60.43
N LEU C 1690 -60.53 0.43 -60.03
CA LEU C 1690 -61.28 -0.48 -59.17
C LEU C 1690 -61.56 0.15 -57.81
N LEU C 1691 -60.72 1.08 -57.37
CA LEU C 1691 -60.95 1.80 -56.11
C LEU C 1691 -61.99 2.91 -56.28
N GLN C 1692 -62.16 3.45 -57.49
CA GLN C 1692 -63.08 4.55 -57.70
C GLN C 1692 -64.52 4.13 -57.44
N ASN C 1693 -64.91 2.95 -57.91
CA ASN C 1693 -66.29 2.49 -57.75
C ASN C 1693 -66.55 1.88 -56.38
N TYR C 1694 -65.52 1.50 -55.65
CA TYR C 1694 -65.67 0.93 -54.31
C TYR C 1694 -65.52 2.00 -53.23
N LEU C 1695 -64.36 2.67 -53.18
CA LEU C 1695 -64.02 3.52 -52.05
C LEU C 1695 -64.45 4.96 -52.19
N GLN C 1696 -64.71 5.44 -53.42
CA GLN C 1696 -65.10 6.81 -53.74
C GLN C 1696 -63.94 7.81 -53.59
N ASN C 1697 -62.77 7.39 -53.10
CA ASN C 1697 -61.67 8.29 -52.80
C ASN C 1697 -60.36 7.72 -53.33
N ASP C 1717 -40.72 4.77 -47.60
CA ASP C 1717 -41.55 3.59 -47.79
C ASP C 1717 -41.64 2.81 -46.48
N TRP C 1718 -40.50 2.70 -45.79
CA TRP C 1718 -40.49 2.00 -44.51
C TRP C 1718 -41.35 2.71 -43.48
N SER C 1719 -41.46 4.04 -43.57
CA SER C 1719 -42.30 4.78 -42.65
C SER C 1719 -43.77 4.43 -42.84
N ALA C 1720 -44.20 4.27 -44.10
CA ALA C 1720 -45.58 3.91 -44.38
C ALA C 1720 -45.93 2.55 -43.79
N ILE C 1721 -44.96 1.63 -43.75
CA ILE C 1721 -45.24 0.30 -43.22
C ILE C 1721 -45.48 0.36 -41.72
N ALA C 1722 -44.80 1.27 -41.02
CA ALA C 1722 -44.88 1.31 -39.56
C ALA C 1722 -46.30 1.55 -39.07
N ALA C 1723 -47.01 2.49 -39.70
CA ALA C 1723 -48.41 2.71 -39.36
C ALA C 1723 -49.27 1.54 -39.79
N THR C 1724 -48.93 0.91 -40.92
CA THR C 1724 -49.60 -0.31 -41.35
C THR C 1724 -49.32 -1.48 -40.43
N GLN C 1725 -48.23 -1.42 -39.66
CA GLN C 1725 -47.69 -2.57 -38.95
C GLN C 1725 -48.06 -2.60 -37.47
N CYS C 1726 -47.88 -1.48 -36.76
CA CYS C 1726 -48.24 -1.44 -35.35
C CYS C 1726 -49.73 -1.65 -35.15
N ARG C 1727 -50.54 -1.34 -36.16
CA ARG C 1727 -51.99 -1.54 -36.06
C ARG C 1727 -52.35 -3.01 -35.95
N LEU C 1728 -51.53 -3.90 -36.51
CA LEU C 1728 -51.80 -5.32 -36.38
C LEU C 1728 -51.63 -5.78 -34.94
N ASP C 1729 -50.63 -5.23 -34.24
CA ASP C 1729 -50.46 -5.57 -32.83
C ASP C 1729 -51.64 -5.07 -32.01
N LYS C 1730 -52.21 -3.92 -32.39
CA LYS C 1730 -53.39 -3.41 -31.72
C LYS C 1730 -54.55 -4.39 -31.84
N GLU C 1731 -54.64 -5.11 -32.95
CA GLU C 1731 -55.74 -6.01 -33.22
C GLU C 1731 -55.46 -7.45 -32.76
N GLY C 1732 -54.44 -7.64 -31.94
CA GLY C 1732 -54.13 -8.98 -31.44
C GLY C 1732 -53.57 -9.92 -32.48
N ALA C 1733 -52.79 -9.40 -33.44
CA ALA C 1733 -52.20 -10.25 -34.46
C ALA C 1733 -51.07 -11.09 -33.88
N THR C 1734 -50.25 -10.51 -33.01
CA THR C 1734 -49.14 -11.25 -32.42
C THR C 1734 -49.63 -12.36 -31.51
N LYS C 1735 -50.81 -12.19 -30.90
CA LYS C 1735 -51.36 -13.23 -30.04
C LYS C 1735 -51.65 -14.49 -30.83
N LEU C 1736 -52.05 -14.36 -32.10
CA LEU C 1736 -52.30 -15.53 -32.93
C LEU C 1736 -51.01 -16.29 -33.20
N VAL C 1737 -49.96 -15.57 -33.59
CA VAL C 1737 -48.69 -16.21 -33.94
C VAL C 1737 -48.12 -16.95 -32.74
N CYS C 1738 -48.35 -16.41 -31.53
CA CYS C 1738 -47.89 -17.07 -30.32
C CYS C 1738 -48.71 -18.29 -29.98
N ASP C 1739 -49.95 -18.40 -30.46
CA ASP C 1739 -50.85 -19.49 -30.13
C ASP C 1739 -51.40 -20.13 -31.41
N LEU C 1740 -50.57 -20.24 -32.44
CA LEU C 1740 -50.91 -20.94 -33.68
C LEU C 1740 -49.82 -21.88 -34.14
N ILE C 1741 -48.64 -21.85 -33.52
CA ILE C 1741 -47.46 -22.55 -34.03
C ILE C 1741 -47.12 -23.75 -33.16
N THR C 1742 -47.49 -23.69 -31.88
CA THR C 1742 -47.29 -24.79 -30.96
C THR C 1742 -48.54 -25.63 -30.75
N SER C 1743 -49.73 -25.04 -30.92
CA SER C 1743 -50.98 -25.74 -30.65
C SER C 1743 -51.54 -26.47 -31.87
N THR C 1744 -50.86 -26.41 -33.01
CA THR C 1744 -51.30 -27.08 -34.23
C THR C 1744 -50.48 -28.35 -34.45
N LYS C 1745 -50.71 -29.00 -35.60
CA LYS C 1745 -49.96 -30.18 -35.97
C LYS C 1745 -49.55 -30.20 -37.45
N ASN C 1746 -49.85 -29.16 -38.21
CA ASN C 1746 -49.65 -29.15 -39.65
C ASN C 1746 -48.30 -28.52 -39.99
N GLU C 1747 -47.92 -28.69 -41.26
CA GLU C 1747 -46.67 -28.17 -41.79
C GLU C 1747 -46.86 -26.79 -42.43
N LYS C 1748 -47.93 -26.63 -43.20
CA LYS C 1748 -48.14 -25.38 -43.92
C LYS C 1748 -48.54 -24.24 -42.99
N ILE C 1749 -49.33 -24.55 -41.96
CA ILE C 1749 -49.72 -23.52 -40.99
C ILE C 1749 -48.50 -23.04 -40.23
N PHE C 1750 -47.68 -23.96 -39.73
CA PHE C 1750 -46.46 -23.59 -39.04
C PHE C 1750 -45.47 -22.90 -39.97
N GLN C 1751 -45.54 -23.20 -41.27
CA GLN C 1751 -44.68 -22.54 -42.24
C GLN C 1751 -45.09 -21.09 -42.43
N GLU C 1752 -46.34 -20.86 -42.85
CA GLU C 1752 -46.81 -19.51 -43.13
C GLU C 1752 -47.00 -18.69 -41.86
N SER C 1753 -47.12 -19.33 -40.70
CA SER C 1753 -47.23 -18.58 -39.45
C SER C 1753 -45.93 -17.87 -39.14
N ILE C 1754 -44.84 -18.63 -39.00
CA ILE C 1754 -43.52 -18.01 -38.92
C ILE C 1754 -43.20 -17.34 -40.25
N GLY C 1755 -43.71 -17.87 -41.35
CA GLY C 1755 -43.58 -17.20 -42.63
C GLY C 1755 -44.20 -15.81 -42.59
N LEU C 1756 -45.34 -15.67 -41.91
CA LEU C 1756 -45.90 -14.35 -41.66
C LEU C 1756 -45.05 -13.59 -40.64
N ALA C 1757 -44.59 -14.29 -39.61
CA ALA C 1757 -43.95 -13.63 -38.48
C ALA C 1757 -42.68 -12.89 -38.90
N ILE C 1758 -42.02 -13.33 -39.96
CA ILE C 1758 -40.86 -12.61 -40.45
C ILE C 1758 -41.28 -11.36 -41.22
N HIS C 1759 -42.44 -11.40 -41.88
CA HIS C 1759 -42.93 -10.21 -42.57
C HIS C 1759 -43.29 -9.11 -41.59
N LEU C 1760 -43.65 -9.48 -40.35
CA LEU C 1760 -43.95 -8.49 -39.33
C LEU C 1760 -42.72 -7.64 -39.04
N LEU C 1761 -41.68 -8.27 -38.51
CA LEU C 1761 -40.50 -7.55 -38.05
C LEU C 1761 -39.51 -7.24 -39.18
N ASP C 1762 -39.94 -7.25 -40.44
CA ASP C 1762 -39.07 -6.83 -41.53
C ASP C 1762 -38.76 -5.34 -41.39
N GLY C 1763 -37.54 -5.02 -40.98
CA GLY C 1763 -37.11 -3.67 -40.70
C GLY C 1763 -36.64 -3.46 -39.27
N GLY C 1764 -36.97 -4.36 -38.36
CA GLY C 1764 -36.49 -4.28 -37.00
C GLY C 1764 -37.19 -3.21 -36.18
N ASN C 1765 -38.50 -3.39 -35.96
CA ASN C 1765 -39.26 -2.47 -35.14
C ASN C 1765 -39.13 -2.82 -33.66
N THR C 1766 -39.20 -1.79 -32.82
CA THR C 1766 -39.03 -1.97 -31.39
C THR C 1766 -40.33 -2.22 -30.65
N GLU C 1767 -41.44 -1.69 -31.15
CA GLU C 1767 -42.70 -1.79 -30.43
C GLU C 1767 -43.20 -3.23 -30.38
N ILE C 1768 -43.00 -3.99 -31.46
CA ILE C 1768 -43.49 -5.36 -31.49
C ILE C 1768 -42.59 -6.26 -30.68
N GLN C 1769 -41.28 -5.99 -30.64
CA GLN C 1769 -40.38 -6.77 -29.80
C GLN C 1769 -40.78 -6.65 -28.34
N LYS C 1770 -41.24 -5.48 -27.92
CA LYS C 1770 -41.69 -5.29 -26.54
C LYS C 1770 -42.99 -6.04 -26.29
N SER C 1771 -43.98 -5.87 -27.18
CA SER C 1771 -45.24 -6.56 -27.01
C SER C 1771 -45.06 -8.07 -27.15
N PHE C 1772 -44.21 -8.49 -28.08
CA PHE C 1772 -43.90 -9.91 -28.22
C PHE C 1772 -43.17 -10.43 -26.99
N HIS C 1773 -42.43 -9.57 -26.30
CA HIS C 1773 -41.78 -9.97 -25.05
C HIS C 1773 -42.80 -10.09 -23.93
N ASN C 1774 -43.82 -9.22 -23.93
CA ASN C 1774 -44.83 -9.26 -22.87
C ASN C 1774 -45.67 -10.53 -22.95
N LEU C 1775 -45.98 -10.99 -24.16
CA LEU C 1775 -46.81 -12.19 -24.30
C LEU C 1775 -46.08 -13.42 -23.76
N MET C 1776 -44.79 -13.52 -24.02
CA MET C 1776 -43.98 -14.64 -23.55
C MET C 1776 -43.43 -14.43 -22.15
N MET C 1777 -43.93 -13.42 -21.43
CA MET C 1777 -43.59 -13.19 -20.02
C MET C 1777 -44.78 -13.43 -19.11
N SER C 1778 -45.96 -12.92 -19.45
CA SER C 1778 -47.13 -13.04 -18.60
C SER C 1778 -47.77 -14.42 -18.74
N ASP C 1779 -47.99 -14.85 -19.99
CA ASP C 1779 -48.65 -16.13 -20.23
C ASP C 1779 -47.75 -17.30 -19.84
N LYS C 1780 -48.40 -18.41 -19.50
CA LYS C 1780 -47.67 -19.63 -19.17
C LYS C 1780 -47.14 -20.36 -20.40
N LYS C 1781 -47.63 -20.03 -21.59
CA LYS C 1781 -47.25 -20.73 -22.81
C LYS C 1781 -45.83 -20.41 -23.27
N SER C 1782 -45.08 -19.56 -22.56
CA SER C 1782 -43.72 -19.26 -22.96
C SER C 1782 -42.84 -20.50 -22.93
N GLU C 1783 -43.15 -21.45 -22.06
CA GLU C 1783 -42.41 -22.72 -22.05
C GLU C 1783 -42.76 -23.55 -23.27
N ARG C 1784 -44.04 -23.65 -23.60
CA ARG C 1784 -44.44 -24.37 -24.81
C ARG C 1784 -43.91 -23.69 -26.05
N PHE C 1785 -43.74 -22.36 -26.01
CA PHE C 1785 -43.23 -21.62 -27.15
C PHE C 1785 -41.86 -22.13 -27.58
N PHE C 1786 -40.90 -22.13 -26.64
CA PHE C 1786 -39.56 -22.62 -26.92
C PHE C 1786 -39.47 -24.14 -26.96
N LYS C 1787 -40.58 -24.85 -26.71
CA LYS C 1787 -40.55 -26.31 -26.75
C LYS C 1787 -40.46 -26.82 -28.17
N VAL C 1788 -41.37 -26.35 -29.04
CA VAL C 1788 -41.41 -26.84 -30.41
C VAL C 1788 -40.16 -26.42 -31.17
N LEU C 1789 -39.72 -25.18 -30.98
CA LEU C 1789 -38.57 -24.68 -31.72
C LEU C 1789 -37.30 -25.45 -31.35
N HIS C 1790 -37.14 -25.79 -30.07
CA HIS C 1790 -36.03 -26.65 -29.69
C HIS C 1790 -36.14 -28.02 -30.33
N ASP C 1791 -37.37 -28.48 -30.59
CA ASP C 1791 -37.57 -29.78 -31.21
C ASP C 1791 -37.41 -29.70 -32.72
N ARG C 1792 -38.07 -28.74 -33.35
CA ARG C 1792 -37.98 -28.61 -34.81
C ARG C 1792 -36.55 -28.30 -35.24
N MET C 1793 -35.87 -27.42 -34.52
CA MET C 1793 -34.47 -27.14 -34.83
C MET C 1793 -33.62 -28.39 -34.62
N LYS C 1794 -33.90 -29.13 -33.55
CA LYS C 1794 -33.22 -30.41 -33.33
C LYS C 1794 -33.70 -31.47 -34.30
N ARG C 1795 -34.91 -31.33 -34.84
CA ARG C 1795 -35.40 -32.29 -35.82
C ARG C 1795 -34.65 -32.18 -37.13
N ALA C 1796 -34.32 -30.95 -37.55
CA ALA C 1796 -33.56 -30.77 -38.77
C ALA C 1796 -32.16 -31.35 -38.66
N GLN C 1797 -31.62 -31.42 -37.44
CA GLN C 1797 -30.34 -32.09 -37.22
C GLN C 1797 -30.42 -33.55 -37.63
N GLN C 1798 -31.58 -34.18 -37.45
CA GLN C 1798 -31.71 -35.59 -37.78
C GLN C 1798 -31.62 -35.83 -39.27
N GLU C 1799 -32.39 -35.07 -40.06
CA GLU C 1799 -32.41 -35.29 -41.50
C GLU C 1799 -31.09 -34.88 -42.15
N THR C 1800 -30.49 -33.78 -41.67
CA THR C 1800 -29.20 -33.35 -42.20
C THR C 1800 -28.14 -34.41 -41.96
N LYS C 1801 -28.08 -34.95 -40.74
CA LYS C 1801 -27.10 -35.97 -40.42
C LYS C 1801 -27.39 -37.28 -41.15
N SER C 1802 -28.65 -37.52 -41.53
CA SER C 1802 -29.00 -38.76 -42.20
C SER C 1802 -28.67 -38.74 -43.69
N THR C 1803 -28.76 -37.57 -44.33
CA THR C 1803 -28.50 -37.44 -45.76
C THR C 1803 -27.02 -37.22 -46.09
N VAL C 1804 -26.13 -37.52 -45.16
CA VAL C 1804 -24.69 -37.39 -45.40
C VAL C 1804 -24.27 -38.45 -46.41
N MET C 1863 -30.72 -31.88 -50.03
CA MET C 1863 -32.16 -31.70 -50.12
C MET C 1863 -32.84 -32.28 -48.89
N GLY C 1864 -34.06 -31.84 -48.63
CA GLY C 1864 -34.82 -32.30 -47.48
C GLY C 1864 -35.89 -31.30 -47.11
N THR C 1865 -36.88 -31.81 -46.37
CA THR C 1865 -38.00 -31.00 -45.91
C THR C 1865 -37.71 -30.26 -44.60
N SER C 1866 -36.98 -30.88 -43.68
CA SER C 1866 -36.54 -30.20 -42.46
C SER C 1866 -35.29 -29.36 -42.70
N VAL C 1867 -34.66 -29.46 -43.86
CA VAL C 1867 -33.62 -28.52 -44.25
C VAL C 1867 -34.26 -27.20 -44.67
N LEU C 1868 -35.33 -27.28 -45.48
CA LEU C 1868 -35.96 -26.07 -46.01
C LEU C 1868 -36.59 -25.23 -44.90
N ILE C 1869 -37.04 -25.86 -43.82
CA ILE C 1869 -37.78 -25.13 -42.80
C ILE C 1869 -36.87 -24.28 -41.91
N MET C 1870 -35.57 -24.53 -41.89
CA MET C 1870 -34.69 -23.83 -40.95
C MET C 1870 -34.43 -22.38 -41.32
N GLN C 1871 -34.85 -21.92 -42.51
CA GLN C 1871 -34.54 -20.56 -42.90
C GLN C 1871 -35.39 -19.54 -42.15
N PRO C 1872 -36.74 -19.60 -42.20
CA PRO C 1872 -37.51 -18.54 -41.56
C PRO C 1872 -37.39 -18.49 -40.04
N ILE C 1873 -37.16 -19.62 -39.37
CA ILE C 1873 -37.07 -19.59 -37.91
C ILE C 1873 -35.81 -18.84 -37.48
N LEU C 1874 -34.66 -19.19 -38.06
CA LEU C 1874 -33.46 -18.43 -37.75
C LEU C 1874 -33.54 -17.01 -38.28
N ARG C 1875 -34.34 -16.78 -39.33
CA ARG C 1875 -34.67 -15.41 -39.71
C ARG C 1875 -35.56 -14.76 -38.66
N PHE C 1876 -36.49 -15.53 -38.09
CA PHE C 1876 -37.36 -15.00 -37.05
C PHE C 1876 -36.54 -14.58 -35.83
N LEU C 1877 -35.72 -15.51 -35.31
CA LEU C 1877 -34.88 -15.18 -34.17
C LEU C 1877 -33.90 -14.06 -34.50
N GLN C 1878 -33.51 -13.94 -35.77
CA GLN C 1878 -32.68 -12.80 -36.17
C GLN C 1878 -33.44 -11.50 -36.01
N LEU C 1879 -34.67 -11.45 -36.51
CA LEU C 1879 -35.45 -10.21 -36.47
C LEU C 1879 -35.89 -9.83 -35.07
N LEU C 1880 -35.73 -10.73 -34.08
CA LEU C 1880 -36.08 -10.38 -32.71
C LEU C 1880 -35.00 -9.51 -32.06
N CYS C 1881 -33.73 -9.78 -32.37
CA CYS C 1881 -32.61 -9.13 -31.72
C CYS C 1881 -32.07 -7.94 -32.52
N GLU C 1882 -32.85 -7.41 -33.45
CA GLU C 1882 -32.40 -6.25 -34.21
C GLU C 1882 -32.25 -5.03 -33.31
N ASN C 1883 -31.33 -4.15 -33.69
CA ASN C 1883 -31.10 -2.89 -33.00
C ASN C 1883 -30.73 -3.09 -31.53
N HIS C 1884 -30.17 -4.26 -31.20
CA HIS C 1884 -29.60 -4.53 -29.88
C HIS C 1884 -30.64 -4.41 -28.77
N ASN C 1885 -31.66 -5.26 -28.86
CA ASN C 1885 -32.61 -5.42 -27.77
C ASN C 1885 -31.98 -6.35 -26.74
N ARG C 1886 -31.41 -5.76 -25.69
CA ARG C 1886 -30.68 -6.54 -24.70
C ARG C 1886 -31.57 -7.56 -24.00
N ASP C 1887 -32.87 -7.27 -23.89
CA ASP C 1887 -33.78 -8.17 -23.18
C ASP C 1887 -33.88 -9.51 -23.88
N LEU C 1888 -34.20 -9.50 -25.17
CA LEU C 1888 -34.47 -10.74 -25.89
C LEU C 1888 -33.19 -11.54 -26.12
N GLN C 1889 -32.03 -10.88 -26.18
CA GLN C 1889 -30.79 -11.61 -26.39
C GLN C 1889 -30.48 -12.53 -25.23
N ASN C 1890 -30.90 -12.17 -24.02
CA ASN C 1890 -30.76 -13.03 -22.85
C ASN C 1890 -31.97 -13.93 -22.65
N PHE C 1891 -33.16 -13.49 -23.06
CA PHE C 1891 -34.36 -14.28 -22.83
C PHE C 1891 -34.38 -15.55 -23.68
N LEU C 1892 -33.80 -15.50 -24.88
CA LEU C 1892 -33.75 -16.69 -25.72
C LEU C 1892 -32.88 -17.78 -25.11
N ARG C 1893 -31.95 -17.43 -24.23
CA ARG C 1893 -31.11 -18.41 -23.55
C ARG C 1893 -31.77 -18.87 -22.25
N CYS C 1894 -32.04 -17.94 -21.34
CA CYS C 1894 -32.53 -18.24 -20.00
C CYS C 1894 -33.91 -17.60 -19.84
N GLN C 1895 -34.94 -18.44 -19.79
CA GLN C 1895 -36.30 -18.01 -19.53
C GLN C 1895 -36.63 -18.22 -18.05
N ASN C 1896 -37.81 -17.73 -17.66
CA ASN C 1896 -38.27 -17.81 -16.28
C ASN C 1896 -39.06 -19.09 -15.99
N ASN C 1897 -38.91 -20.13 -16.81
CA ASN C 1897 -39.65 -21.37 -16.68
C ASN C 1897 -38.72 -22.48 -16.18
N LYS C 1898 -39.27 -23.69 -16.05
CA LYS C 1898 -38.53 -24.80 -15.48
C LYS C 1898 -37.51 -25.35 -16.48
N THR C 1899 -37.98 -25.87 -17.61
CA THR C 1899 -37.11 -26.49 -18.60
C THR C 1899 -36.69 -25.43 -19.62
N ASN C 1900 -35.83 -24.53 -19.17
CA ASN C 1900 -35.41 -23.41 -20.01
C ASN C 1900 -34.44 -23.91 -21.07
N TYR C 1901 -34.68 -23.54 -22.32
CA TYR C 1901 -33.92 -24.02 -23.46
C TYR C 1901 -32.94 -22.95 -23.92
N ASN C 1902 -31.81 -23.40 -24.47
CA ASN C 1902 -30.72 -22.55 -24.94
C ASN C 1902 -30.67 -22.65 -26.47
N LEU C 1903 -31.38 -21.76 -27.14
CA LEU C 1903 -31.38 -21.73 -28.60
C LEU C 1903 -30.03 -21.32 -29.17
N VAL C 1904 -29.22 -20.61 -28.39
CA VAL C 1904 -27.93 -20.12 -28.89
C VAL C 1904 -27.02 -21.30 -29.24
N CYS C 1905 -26.76 -22.17 -28.26
CA CYS C 1905 -25.89 -23.31 -28.50
C CYS C 1905 -26.52 -24.29 -29.49
N GLU C 1906 -27.86 -24.38 -29.50
CA GLU C 1906 -28.51 -25.25 -30.47
C GLU C 1906 -28.32 -24.74 -31.89
N THR C 1907 -28.30 -23.41 -32.06
CA THR C 1907 -28.00 -22.85 -33.36
C THR C 1907 -26.58 -23.23 -33.80
N LEU C 1908 -25.63 -23.11 -32.89
CA LEU C 1908 -24.26 -23.54 -33.18
C LEU C 1908 -24.22 -25.05 -33.40
N GLN C 1909 -25.00 -25.80 -32.63
CA GLN C 1909 -25.08 -27.24 -32.82
C GLN C 1909 -25.57 -27.57 -34.23
N PHE C 1910 -26.52 -26.79 -34.75
CA PHE C 1910 -26.96 -26.99 -36.12
C PHE C 1910 -25.89 -26.56 -37.12
N LEU C 1911 -25.06 -25.58 -36.75
CA LEU C 1911 -23.99 -25.14 -37.63
C LEU C 1911 -22.87 -26.17 -37.68
N ASP C 1912 -22.43 -26.64 -36.51
CA ASP C 1912 -21.29 -27.56 -36.45
C ASP C 1912 -21.60 -28.88 -37.16
N ILE C 1913 -22.85 -29.34 -37.09
CA ILE C 1913 -23.22 -30.66 -37.60
C ILE C 1913 -23.43 -30.64 -39.11
N MET C 1914 -23.72 -29.47 -39.70
CA MET C 1914 -24.06 -29.39 -41.11
C MET C 1914 -22.90 -29.89 -41.98
N CYS C 1915 -21.78 -29.18 -41.94
CA CYS C 1915 -20.57 -29.65 -42.59
C CYS C 1915 -19.95 -30.74 -41.73
N GLY C 1916 -18.77 -31.22 -42.10
CA GLY C 1916 -18.08 -32.18 -41.26
C GLY C 1916 -17.73 -31.58 -39.92
N SER C 1917 -18.45 -31.98 -38.88
CA SER C 1917 -18.26 -31.38 -37.57
C SER C 1917 -16.86 -31.67 -37.01
N THR C 1918 -16.30 -32.84 -37.33
CA THR C 1918 -15.02 -33.28 -36.81
C THR C 1918 -14.01 -33.60 -37.88
N THR C 1919 -14.44 -33.92 -39.10
CA THR C 1919 -13.54 -34.11 -40.24
C THR C 1919 -13.57 -32.94 -41.22
N GLY C 1920 -14.64 -32.15 -41.23
CA GLY C 1920 -14.69 -30.99 -42.10
C GLY C 1920 -13.68 -29.93 -41.69
N GLY C 1921 -13.55 -29.69 -40.39
CA GLY C 1921 -12.55 -28.76 -39.89
C GLY C 1921 -11.13 -29.12 -40.28
N LEU C 1922 -10.87 -30.39 -40.58
CA LEU C 1922 -9.59 -30.83 -41.10
C LEU C 1922 -9.45 -30.61 -42.61
N GLY C 1923 -10.38 -29.88 -43.24
CA GLY C 1923 -10.23 -29.47 -44.63
C GLY C 1923 -11.09 -30.20 -45.64
N LEU C 1924 -12.37 -30.45 -45.31
CA LEU C 1924 -13.31 -31.12 -46.21
C LEU C 1924 -14.64 -30.37 -46.25
N LEU C 1925 -14.57 -29.05 -46.46
CA LEU C 1925 -15.79 -28.24 -46.52
C LEU C 1925 -16.45 -28.30 -47.90
N GLY C 1926 -15.67 -28.52 -48.96
CA GLY C 1926 -16.19 -28.41 -50.31
C GLY C 1926 -17.26 -29.41 -50.68
N LEU C 1927 -17.31 -30.55 -49.99
CA LEU C 1927 -18.28 -31.59 -50.33
C LEU C 1927 -19.63 -31.34 -49.66
N TYR C 1928 -19.60 -30.81 -48.43
CA TYR C 1928 -20.85 -30.55 -47.71
C TYR C 1928 -21.53 -29.29 -48.23
N ILE C 1929 -20.76 -28.24 -48.51
CA ILE C 1929 -21.33 -27.02 -49.07
C ILE C 1929 -21.81 -27.30 -50.49
N ASN C 1930 -22.88 -26.61 -50.88
CA ASN C 1930 -23.50 -26.82 -52.18
C ASN C 1930 -24.25 -25.55 -52.55
N GLU C 1931 -24.63 -25.45 -53.83
CA GLU C 1931 -25.34 -24.27 -54.30
C GLU C 1931 -26.72 -24.12 -53.65
N ASP C 1932 -27.29 -25.21 -53.13
CA ASP C 1932 -28.61 -25.15 -52.52
C ASP C 1932 -28.56 -24.86 -51.03
N ASN C 1933 -27.61 -25.46 -50.32
CA ASN C 1933 -27.49 -25.25 -48.87
C ASN C 1933 -26.69 -24.02 -48.50
N VAL C 1934 -26.02 -23.37 -49.46
CA VAL C 1934 -25.26 -22.16 -49.14
C VAL C 1934 -26.19 -21.04 -48.74
N GLY C 1935 -27.37 -20.96 -49.37
CA GLY C 1935 -28.33 -19.93 -49.01
C GLY C 1935 -28.86 -20.06 -47.60
N LEU C 1936 -28.80 -21.26 -47.02
CA LEU C 1936 -29.29 -21.48 -45.66
C LEU C 1936 -28.24 -21.08 -44.64
N VAL C 1937 -27.01 -21.55 -44.82
CA VAL C 1937 -25.96 -21.39 -43.80
C VAL C 1937 -25.60 -19.92 -43.58
N ILE C 1938 -25.91 -19.03 -44.52
CA ILE C 1938 -25.67 -17.60 -44.30
C ILE C 1938 -26.48 -17.11 -43.10
N GLN C 1939 -27.77 -17.39 -43.11
CA GLN C 1939 -28.63 -16.95 -42.01
C GLN C 1939 -28.26 -17.63 -40.70
N THR C 1940 -27.65 -18.82 -40.77
CA THR C 1940 -27.21 -19.48 -39.55
C THR C 1940 -26.14 -18.69 -38.83
N LEU C 1941 -25.32 -17.95 -39.59
CA LEU C 1941 -24.28 -17.12 -38.98
C LEU C 1941 -24.82 -15.76 -38.56
N GLU C 1942 -25.65 -15.15 -39.40
CA GLU C 1942 -26.17 -13.81 -39.11
C GLU C 1942 -26.96 -13.80 -37.83
N THR C 1943 -27.75 -14.84 -37.58
CA THR C 1943 -28.49 -14.92 -36.33
C THR C 1943 -27.57 -15.00 -35.13
N LEU C 1944 -26.41 -15.66 -35.29
CA LEU C 1944 -25.45 -15.72 -34.20
C LEU C 1944 -24.79 -14.36 -33.97
N THR C 1945 -24.65 -13.56 -35.03
CA THR C 1945 -24.14 -12.21 -34.86
C THR C 1945 -25.03 -11.41 -33.91
N GLU C 1946 -26.29 -11.26 -34.29
CA GLU C 1946 -27.22 -10.44 -33.51
C GLU C 1946 -27.58 -11.05 -32.17
N TYR C 1947 -27.27 -12.33 -31.94
CA TYR C 1947 -27.35 -12.87 -30.59
C TYR C 1947 -26.28 -12.23 -29.69
N CYS C 1948 -25.13 -11.88 -30.28
CA CYS C 1948 -24.02 -11.32 -29.52
C CYS C 1948 -23.33 -10.18 -30.27
N GLN C 1949 -24.03 -9.51 -31.19
CA GLN C 1949 -23.46 -8.36 -31.87
C GLN C 1949 -23.16 -7.24 -30.88
N GLY C 1950 -23.96 -7.12 -29.83
CA GLY C 1950 -23.74 -6.11 -28.83
C GLY C 1950 -22.58 -6.47 -27.94
N PRO C 1951 -22.37 -5.70 -26.86
CA PRO C 1951 -21.34 -6.06 -25.89
C PRO C 1951 -21.59 -7.45 -25.32
N CYS C 1952 -22.75 -7.62 -24.68
CA CYS C 1952 -23.44 -8.90 -24.47
C CYS C 1952 -22.48 -10.04 -24.13
N HIS C 1953 -21.75 -9.87 -23.04
CA HIS C 1953 -20.69 -10.81 -22.67
C HIS C 1953 -21.18 -12.22 -22.38
N GLU C 1954 -22.49 -12.43 -22.20
CA GLU C 1954 -23.00 -13.75 -21.87
C GLU C 1954 -23.03 -14.64 -23.10
N ASN C 1955 -23.74 -14.21 -24.16
CA ASN C 1955 -23.87 -15.04 -25.35
C ASN C 1955 -22.53 -15.26 -26.04
N GLN C 1956 -21.58 -14.33 -25.87
CA GLN C 1956 -20.26 -14.50 -26.48
C GLN C 1956 -19.56 -15.72 -25.91
N THR C 1957 -19.53 -15.85 -24.58
CA THR C 1957 -18.82 -16.96 -23.96
C THR C 1957 -19.48 -18.30 -24.27
N CYS C 1958 -20.82 -18.32 -24.33
CA CYS C 1958 -21.52 -19.58 -24.47
C CYS C 1958 -21.29 -20.22 -25.83
N ILE C 1959 -21.10 -19.40 -26.87
CA ILE C 1959 -20.74 -19.96 -28.18
C ILE C 1959 -19.32 -20.50 -28.17
N VAL C 1960 -18.47 -20.02 -27.26
CA VAL C 1960 -17.05 -20.34 -27.25
C VAL C 1960 -16.76 -21.44 -26.24
N THR C 1961 -17.51 -21.45 -25.13
CA THR C 1961 -17.35 -22.46 -24.09
C THR C 1961 -18.20 -23.71 -24.35
N HIS C 1962 -18.62 -23.93 -25.60
CA HIS C 1962 -19.39 -25.11 -25.97
C HIS C 1962 -18.43 -26.24 -26.32
N GLU C 1963 -18.69 -27.44 -25.77
CA GLU C 1963 -17.81 -28.57 -26.01
C GLU C 1963 -17.76 -28.98 -27.48
N SER C 1964 -18.79 -28.65 -28.26
CA SER C 1964 -18.79 -28.96 -29.68
C SER C 1964 -17.63 -28.29 -30.40
N ASN C 1965 -17.23 -27.10 -29.94
CA ASN C 1965 -16.12 -26.35 -30.54
C ASN C 1965 -16.37 -26.09 -32.01
N GLY C 1966 -17.62 -25.73 -32.34
CA GLY C 1966 -17.97 -25.36 -33.70
C GLY C 1966 -17.34 -24.06 -34.18
N ILE C 1967 -16.73 -23.29 -33.27
CA ILE C 1967 -16.02 -22.07 -33.65
C ILE C 1967 -14.86 -22.37 -34.59
N ASP C 1968 -14.33 -23.60 -34.55
CA ASP C 1968 -13.31 -24.01 -35.52
C ASP C 1968 -13.85 -23.94 -36.94
N ILE C 1969 -15.14 -24.22 -37.13
CA ILE C 1969 -15.74 -24.14 -38.46
C ILE C 1969 -15.75 -22.70 -38.94
N ILE C 1970 -15.90 -21.74 -38.03
CA ILE C 1970 -15.87 -20.33 -38.41
C ILE C 1970 -14.51 -19.97 -38.99
N THR C 1971 -13.44 -20.54 -38.43
CA THR C 1971 -12.11 -20.31 -38.97
C THR C 1971 -11.95 -20.98 -40.32
N ALA C 1972 -12.56 -22.15 -40.50
CA ALA C 1972 -12.43 -22.88 -41.76
C ALA C 1972 -13.08 -22.13 -42.92
N LEU C 1973 -14.16 -21.39 -42.64
CA LEU C 1973 -14.83 -20.66 -43.71
C LEU C 1973 -13.98 -19.52 -44.24
N ILE C 1974 -13.05 -19.00 -43.43
CA ILE C 1974 -12.12 -17.97 -43.88
C ILE C 1974 -10.90 -18.59 -44.56
N LEU C 1975 -10.27 -19.56 -43.90
CA LEU C 1975 -9.02 -20.12 -44.39
C LEU C 1975 -9.26 -21.06 -45.58
N ASN C 1976 -10.03 -22.12 -45.36
CA ASN C 1976 -10.23 -23.14 -46.39
C ASN C 1976 -11.14 -22.58 -47.47
N ASP C 1977 -10.54 -22.10 -48.57
CA ASP C 1977 -11.33 -21.74 -49.74
C ASP C 1977 -11.99 -22.99 -50.30
N ILE C 1978 -13.12 -22.78 -50.98
CA ILE C 1978 -13.98 -23.86 -51.45
C ILE C 1978 -13.70 -24.07 -52.93
N SER C 1979 -12.86 -25.07 -53.24
CA SER C 1979 -12.51 -25.34 -54.62
C SER C 1979 -13.70 -25.73 -55.50
N PRO C 1980 -14.66 -26.55 -55.07
CA PRO C 1980 -15.80 -26.86 -55.96
C PRO C 1980 -16.62 -25.64 -56.36
N LEU C 1981 -16.66 -24.61 -55.52
CA LEU C 1981 -17.50 -23.44 -55.78
C LEU C 1981 -16.73 -22.27 -56.38
N CYS C 1982 -15.40 -22.30 -56.39
CA CYS C 1982 -14.64 -21.26 -57.07
C CYS C 1982 -14.86 -21.33 -58.58
N LYS C 1983 -14.97 -22.56 -59.12
CA LYS C 1983 -15.29 -22.71 -60.54
C LYS C 1983 -16.68 -22.17 -60.82
N TYR C 1984 -17.67 -22.58 -60.03
CA TYR C 1984 -19.02 -22.04 -60.10
C TYR C 1984 -19.07 -20.71 -59.36
N ARG C 1985 -20.27 -20.21 -59.06
CA ARG C 1985 -20.47 -18.90 -58.44
C ARG C 1985 -19.58 -18.67 -57.24
N MET C 1986 -18.75 -17.62 -57.33
CA MET C 1986 -17.88 -17.21 -56.24
C MET C 1986 -18.50 -16.15 -55.36
N ASP C 1987 -19.51 -15.42 -55.85
CA ASP C 1987 -20.12 -14.35 -55.07
C ASP C 1987 -20.74 -14.87 -53.79
N LEU C 1988 -21.39 -16.03 -53.84
CA LEU C 1988 -21.99 -16.59 -52.64
C LEU C 1988 -20.93 -17.00 -51.63
N VAL C 1989 -19.75 -17.39 -52.10
CA VAL C 1989 -18.65 -17.73 -51.19
C VAL C 1989 -18.20 -16.48 -50.46
N LEU C 1990 -18.07 -15.36 -51.17
CA LEU C 1990 -17.60 -14.13 -50.55
C LEU C 1990 -18.56 -13.62 -49.49
N GLN C 1991 -19.85 -13.91 -49.65
CA GLN C 1991 -20.81 -13.55 -48.60
C GLN C 1991 -20.48 -14.24 -47.29
N LEU C 1992 -20.11 -15.51 -47.35
CA LEU C 1992 -19.80 -16.27 -46.13
C LEU C 1992 -18.63 -15.64 -45.39
N LYS C 1993 -17.53 -15.41 -46.09
CA LYS C 1993 -16.37 -14.79 -45.45
C LYS C 1993 -16.68 -13.37 -44.99
N ASP C 1994 -17.56 -12.67 -45.72
CA ASP C 1994 -18.00 -11.36 -45.28
C ASP C 1994 -18.90 -11.47 -44.05
N ASN C 1995 -19.90 -12.35 -44.12
CA ASN C 1995 -20.77 -12.56 -42.98
C ASN C 1995 -20.02 -13.15 -41.80
N ALA C 1996 -19.04 -14.01 -42.07
CA ALA C 1996 -18.27 -14.61 -40.98
C ALA C 1996 -17.34 -13.59 -40.35
N SER C 1997 -16.79 -12.68 -41.14
CA SER C 1997 -15.91 -11.64 -40.60
C SER C 1997 -16.65 -10.77 -39.60
N LYS C 1998 -17.92 -10.46 -39.87
CA LYS C 1998 -18.71 -9.70 -38.92
C LYS C 1998 -18.91 -10.46 -37.61
N LEU C 1999 -18.95 -11.80 -37.68
CA LEU C 1999 -19.18 -12.58 -36.48
C LEU C 1999 -18.01 -12.49 -35.52
N LEU C 2000 -16.81 -12.81 -36.00
CA LEU C 2000 -15.65 -12.85 -35.12
C LEU C 2000 -15.30 -11.49 -34.55
N LEU C 2001 -15.71 -10.40 -35.22
CA LEU C 2001 -15.53 -9.07 -34.64
C LEU C 2001 -16.51 -8.84 -33.49
N ALA C 2002 -17.69 -9.45 -33.55
CA ALA C 2002 -18.68 -9.26 -32.51
C ALA C 2002 -18.22 -9.85 -31.17
N LEU C 2003 -17.39 -10.88 -31.22
CA LEU C 2003 -16.98 -11.56 -29.99
C LEU C 2003 -15.95 -10.77 -29.18
N MET C 2004 -15.46 -9.64 -29.70
CA MET C 2004 -14.37 -8.91 -29.07
C MET C 2004 -14.60 -7.40 -29.10
N GLU C 2005 -15.85 -6.96 -29.22
CA GLU C 2005 -16.12 -5.53 -29.29
C GLU C 2005 -15.75 -4.84 -27.99
N SER C 2006 -16.39 -5.24 -26.89
CA SER C 2006 -16.21 -4.60 -25.60
C SER C 2006 -15.30 -5.39 -24.66
N ARG C 2007 -15.00 -6.65 -24.96
CA ARG C 2007 -14.14 -7.45 -24.09
C ARG C 2007 -12.69 -7.03 -24.30
N HIS C 2008 -12.10 -6.40 -23.28
CA HIS C 2008 -10.69 -6.09 -23.30
C HIS C 2008 -9.82 -7.31 -22.99
N ASP C 2009 -10.40 -8.36 -22.40
CA ASP C 2009 -9.63 -9.53 -22.01
C ASP C 2009 -9.20 -10.32 -23.24
N SER C 2010 -8.40 -11.36 -22.99
CA SER C 2010 -7.88 -12.24 -24.03
C SER C 2010 -8.69 -13.52 -24.16
N GLU C 2011 -9.87 -13.59 -23.56
CA GLU C 2011 -10.63 -14.85 -23.55
C GLU C 2011 -11.08 -15.23 -24.95
N ASN C 2012 -11.92 -14.38 -25.57
CA ASN C 2012 -12.37 -14.68 -26.92
C ASN C 2012 -11.23 -14.64 -27.93
N ALA C 2013 -10.22 -13.82 -27.68
CA ALA C 2013 -9.13 -13.68 -28.64
C ALA C 2013 -8.22 -14.90 -28.62
N GLU C 2014 -7.73 -15.28 -27.43
CA GLU C 2014 -6.74 -16.34 -27.34
C GLU C 2014 -7.30 -17.68 -27.80
N ARG C 2015 -8.60 -17.93 -27.54
CA ARG C 2015 -9.20 -19.20 -27.95
C ARG C 2015 -9.22 -19.32 -29.48
N ILE C 2016 -9.49 -18.20 -30.17
CA ILE C 2016 -9.62 -18.26 -31.62
C ILE C 2016 -8.25 -18.40 -32.28
N LEU C 2017 -7.20 -17.86 -31.66
CA LEU C 2017 -5.87 -17.93 -32.25
C LEU C 2017 -5.37 -19.37 -32.30
N ILE C 2018 -5.80 -20.23 -31.38
CA ILE C 2018 -5.39 -21.63 -31.41
C ILE C 2018 -5.92 -22.28 -32.68
N SER C 2019 -7.12 -21.91 -33.11
CA SER C 2019 -7.69 -22.45 -34.34
C SER C 2019 -7.12 -21.75 -35.57
N LEU C 2020 -7.02 -20.43 -35.52
CA LEU C 2020 -6.45 -19.68 -36.63
C LEU C 2020 -4.96 -19.96 -36.74
N ARG C 2021 -4.38 -19.52 -37.85
CA ARG C 2021 -2.94 -19.51 -38.05
C ARG C 2021 -2.58 -18.23 -38.80
N PRO C 2022 -1.70 -17.37 -38.25
CA PRO C 2022 -1.58 -16.01 -38.82
C PRO C 2022 -1.02 -15.97 -40.23
N GLN C 2023 -0.09 -16.87 -40.56
CA GLN C 2023 0.54 -16.82 -41.88
C GLN C 2023 -0.44 -17.08 -43.01
N GLU C 2024 -1.57 -17.75 -42.73
CA GLU C 2024 -2.56 -18.05 -43.75
C GLU C 2024 -3.61 -16.96 -43.91
N LEU C 2025 -3.76 -16.07 -42.91
CA LEU C 2025 -4.71 -14.97 -43.05
C LEU C 2025 -4.27 -13.99 -44.13
N VAL C 2026 -2.99 -13.65 -44.16
CA VAL C 2026 -2.48 -12.78 -45.21
C VAL C 2026 -2.61 -13.46 -46.57
N ASP C 2027 -2.52 -14.79 -46.61
CA ASP C 2027 -2.63 -15.51 -47.87
C ASP C 2027 -4.01 -15.34 -48.49
N VAL C 2028 -5.06 -15.34 -47.66
CA VAL C 2028 -6.41 -15.21 -48.19
C VAL C 2028 -6.77 -13.74 -48.40
N ILE C 2029 -6.23 -12.83 -47.59
CA ILE C 2029 -6.44 -11.40 -47.83
C ILE C 2029 -5.83 -11.01 -49.17
N LYS C 2030 -4.59 -11.45 -49.42
CA LYS C 2030 -3.94 -11.16 -50.70
C LYS C 2030 -4.70 -11.81 -51.84
N LYS C 2031 -5.17 -13.04 -51.64
CA LYS C 2031 -6.00 -13.68 -52.66
C LYS C 2031 -7.26 -12.87 -52.93
N ALA C 2032 -7.81 -12.23 -51.88
CA ALA C 2032 -8.93 -11.32 -52.08
C ALA C 2032 -8.47 -10.00 -52.69
N TYR C 2033 -7.25 -9.58 -52.36
CA TYR C 2033 -6.72 -8.34 -52.95
C TYR C 2033 -6.57 -8.47 -54.46
N LEU C 2034 -6.29 -9.67 -54.95
CA LEU C 2034 -6.09 -9.92 -56.37
C LEU C 2034 -7.36 -10.40 -57.09
N GLN C 2035 -8.41 -10.75 -56.34
CA GLN C 2035 -9.62 -11.31 -56.93
C GLN C 2035 -10.50 -10.27 -57.60
N GLU C 2036 -10.21 -8.97 -57.43
CA GLU C 2036 -11.08 -7.92 -57.96
C GLU C 2036 -11.18 -7.95 -59.48
N GLU C 2037 -10.21 -8.57 -60.16
CA GLU C 2037 -10.27 -8.66 -61.63
C GLU C 2037 -11.53 -9.39 -62.10
N GLU C 2038 -12.03 -10.32 -61.29
CA GLU C 2038 -13.27 -11.04 -61.59
C GLU C 2038 -14.39 -10.58 -60.67
N VAL C 2044 -21.24 -6.42 -54.96
CA VAL C 2044 -20.23 -6.83 -54.00
C VAL C 2044 -18.90 -7.06 -54.74
N SER C 2045 -17.79 -6.80 -54.05
CA SER C 2045 -16.46 -7.03 -54.58
C SER C 2045 -15.58 -7.60 -53.47
N PRO C 2046 -14.51 -8.33 -53.81
CA PRO C 2046 -13.62 -8.82 -52.76
C PRO C 2046 -12.90 -7.74 -51.99
N ARG C 2047 -12.85 -6.51 -52.51
CA ARG C 2047 -12.17 -5.43 -51.82
C ARG C 2047 -12.77 -5.20 -50.43
N GLU C 2048 -14.10 -5.22 -50.34
CA GLU C 2048 -14.75 -5.10 -49.05
C GLU C 2048 -14.58 -6.36 -48.20
N VAL C 2049 -14.35 -7.50 -48.84
CA VAL C 2049 -14.26 -8.77 -48.11
C VAL C 2049 -13.00 -8.80 -47.26
N GLY C 2050 -11.84 -8.71 -47.92
CA GLY C 2050 -10.59 -8.84 -47.20
C GLY C 2050 -10.34 -7.72 -46.21
N HIS C 2051 -10.92 -6.55 -46.47
CA HIS C 2051 -10.74 -5.44 -45.55
C HIS C 2051 -11.39 -5.73 -44.21
N ASN C 2052 -12.61 -6.30 -44.23
CA ASN C 2052 -13.24 -6.73 -42.99
C ASN C 2052 -12.41 -7.81 -42.31
N ILE C 2053 -11.73 -8.65 -43.09
CA ILE C 2053 -10.81 -9.63 -42.52
C ILE C 2053 -9.57 -8.93 -41.99
N TYR C 2054 -9.13 -7.87 -42.67
CA TYR C 2054 -7.97 -7.11 -42.19
C TYR C 2054 -8.26 -6.46 -40.85
N ILE C 2055 -9.52 -6.06 -40.61
CA ILE C 2055 -9.88 -5.53 -39.31
C ILE C 2055 -9.76 -6.60 -38.24
N LEU C 2056 -10.09 -7.85 -38.59
CA LEU C 2056 -10.07 -8.93 -37.62
C LEU C 2056 -8.66 -9.20 -37.11
N ALA C 2057 -7.65 -8.99 -37.95
CA ALA C 2057 -6.29 -9.26 -37.55
C ALA C 2057 -5.77 -8.18 -36.60
N LEU C 2058 -6.12 -6.92 -36.84
CA LEU C 2058 -5.61 -5.84 -36.01
C LEU C 2058 -6.10 -5.98 -34.57
N GLN C 2059 -7.38 -6.31 -34.40
CA GLN C 2059 -7.89 -6.55 -33.05
C GLN C 2059 -7.23 -7.77 -32.42
N LEU C 2060 -6.85 -8.75 -33.24
CA LEU C 2060 -6.15 -9.94 -32.75
C LEU C 2060 -4.65 -9.71 -32.63
N SER C 2061 -4.10 -8.80 -33.43
CA SER C 2061 -2.65 -8.60 -33.44
C SER C 2061 -2.13 -8.01 -32.14
N ARG C 2062 -3.01 -7.47 -31.29
CA ARG C 2062 -2.59 -7.04 -29.96
C ARG C 2062 -2.00 -8.21 -29.17
N HIS C 2063 -2.73 -9.33 -29.13
CA HIS C 2063 -2.36 -10.49 -28.34
C HIS C 2063 -1.54 -11.49 -29.15
N ASN C 2064 -0.88 -11.04 -30.21
CA ASN C 2064 0.05 -11.89 -30.97
C ASN C 2064 1.00 -10.97 -31.70
N LYS C 2065 2.28 -10.97 -31.28
CA LYS C 2065 3.26 -10.06 -31.86
C LYS C 2065 3.62 -10.42 -33.29
N GLN C 2066 3.29 -11.63 -33.75
CA GLN C 2066 3.57 -12.00 -35.12
C GLN C 2066 2.77 -11.14 -36.09
N LEU C 2067 1.48 -10.97 -35.82
CA LEU C 2067 0.64 -10.16 -36.71
C LEU C 2067 1.07 -8.70 -36.72
N GLN C 2068 1.69 -8.23 -35.62
CA GLN C 2068 2.18 -6.85 -35.60
C GLN C 2068 3.24 -6.62 -36.68
N HIS C 2069 4.04 -7.64 -36.97
CA HIS C 2069 5.09 -7.52 -37.97
C HIS C 2069 4.65 -7.95 -39.37
N LEU C 2070 3.74 -8.94 -39.47
CA LEU C 2070 3.29 -9.38 -40.78
C LEU C 2070 2.52 -8.29 -41.50
N LEU C 2071 1.75 -7.48 -40.76
CA LEU C 2071 0.85 -6.51 -41.34
C LEU C 2071 1.51 -5.15 -41.57
N LYS C 2072 2.83 -5.10 -41.66
CA LYS C 2072 3.55 -3.88 -42.02
C LYS C 2072 3.82 -3.93 -43.53
N PRO C 2073 3.20 -3.06 -44.35
CA PRO C 2073 3.48 -3.12 -45.80
C PRO C 2073 4.93 -2.83 -46.12
N VAL C 2074 5.64 -3.83 -46.64
CA VAL C 2074 7.03 -3.68 -47.07
C VAL C 2074 7.89 -3.25 -45.88
N GLU C 2111 1.27 -0.77 -55.92
CA GLU C 2111 0.14 -1.70 -55.81
C GLU C 2111 0.52 -2.88 -54.93
N ASP C 2112 0.59 -2.63 -53.63
CA ASP C 2112 0.85 -3.66 -52.63
C ASP C 2112 -0.46 -4.08 -51.95
N PRO C 2113 -0.52 -5.30 -51.41
CA PRO C 2113 -1.79 -5.73 -50.82
C PRO C 2113 -2.13 -5.05 -49.51
N LEU C 2114 -1.16 -4.93 -48.61
CA LEU C 2114 -1.44 -4.40 -47.28
C LEU C 2114 -1.43 -2.88 -47.26
N ALA C 2115 -0.64 -2.24 -48.13
CA ALA C 2115 -0.60 -0.79 -48.17
C ALA C 2115 -1.96 -0.20 -48.51
N TYR C 2116 -2.70 -0.86 -49.41
CA TYR C 2116 -4.04 -0.40 -49.75
C TYR C 2116 -4.99 -0.53 -48.57
N TYR C 2117 -4.87 -1.58 -47.78
CA TYR C 2117 -5.67 -1.77 -46.59
C TYR C 2117 -5.07 -1.12 -45.35
N GLU C 2118 -3.94 -0.42 -45.49
CA GLU C 2118 -3.38 0.35 -44.37
C GLU C 2118 -3.79 1.81 -44.44
N ASN C 2119 -3.87 2.38 -45.64
CA ASN C 2119 -4.21 3.79 -45.80
C ASN C 2119 -5.72 4.03 -45.78
N HIS C 2120 -6.52 3.01 -46.03
CA HIS C 2120 -7.98 3.14 -46.02
C HIS C 2120 -8.60 2.61 -44.72
N THR C 2121 -7.87 2.72 -43.61
CA THR C 2121 -8.38 2.39 -42.28
C THR C 2121 -8.31 3.64 -41.40
N SER C 2122 -8.64 3.46 -40.13
CA SER C 2122 -8.62 4.56 -39.17
C SER C 2122 -8.57 3.96 -37.78
N GLN C 2123 -8.71 4.81 -36.76
CA GLN C 2123 -8.50 4.41 -35.38
C GLN C 2123 -9.09 5.45 -34.45
N ILE C 2124 -10.05 5.05 -33.62
CA ILE C 2124 -10.80 5.98 -32.77
C ILE C 2124 -10.84 5.43 -31.35
N GLU C 2125 -10.79 6.33 -30.38
CA GLU C 2125 -11.17 6.04 -29.00
C GLU C 2125 -12.53 6.68 -28.73
N ILE C 2126 -13.39 5.94 -28.03
CA ILE C 2126 -14.80 6.30 -27.89
C ILE C 2126 -15.29 5.99 -26.49
N VAL C 2127 -16.31 6.71 -26.07
CA VAL C 2127 -16.87 6.66 -24.73
C VAL C 2127 -18.27 6.08 -24.81
N ARG C 2128 -18.68 5.40 -23.74
CA ARG C 2128 -20.02 4.83 -23.61
C ARG C 2128 -20.65 5.33 -22.31
N GLN C 2129 -21.84 4.81 -22.00
CA GLN C 2129 -22.61 5.30 -20.86
C GLN C 2129 -21.87 5.09 -19.56
N ASP C 2130 -21.27 3.91 -19.37
CA ASP C 2130 -20.62 3.56 -18.11
C ASP C 2130 -19.22 4.16 -17.94
N ARG C 2131 -18.81 5.06 -18.84
CA ARG C 2131 -17.49 5.67 -18.79
C ARG C 2131 -16.38 4.62 -18.86
N SER C 2132 -16.66 3.50 -19.54
CA SER C 2132 -15.67 2.45 -19.80
C SER C 2132 -15.36 2.51 -21.29
N MET C 2133 -14.35 3.30 -21.64
CA MET C 2133 -14.05 3.57 -23.04
C MET C 2133 -13.51 2.32 -23.73
N GLU C 2134 -13.41 2.41 -25.05
CA GLU C 2134 -12.98 1.30 -25.88
C GLU C 2134 -12.42 1.86 -27.19
N GLN C 2135 -12.26 0.99 -28.18
CA GLN C 2135 -11.55 1.33 -29.40
C GLN C 2135 -12.12 0.51 -30.54
N ILE C 2136 -12.24 1.12 -31.73
CA ILE C 2136 -12.88 0.50 -32.88
C ILE C 2136 -12.06 0.75 -34.13
N VAL C 2137 -12.45 0.07 -35.21
CA VAL C 2137 -11.85 0.19 -36.52
C VAL C 2137 -12.95 0.00 -37.55
N PHE C 2138 -12.82 0.61 -38.72
CA PHE C 2138 -13.84 0.50 -39.75
C PHE C 2138 -13.24 0.91 -41.08
N PRO C 2139 -13.93 0.62 -42.19
CA PRO C 2139 -13.48 1.12 -43.50
C PRO C 2139 -13.92 2.56 -43.74
N VAL C 2140 -12.99 3.38 -44.19
CA VAL C 2140 -13.38 4.70 -44.71
C VAL C 2140 -14.15 4.51 -46.01
N PRO C 2141 -15.30 5.13 -46.21
CA PRO C 2141 -15.96 5.03 -47.52
C PRO C 2141 -15.13 5.67 -48.61
N GLY C 2142 -15.40 5.25 -49.85
CA GLY C 2142 -14.71 5.79 -51.00
C GLY C 2142 -15.11 7.21 -51.35
N ILE C 2143 -16.21 7.70 -50.80
CA ILE C 2143 -16.67 9.04 -51.12
C ILE C 2143 -15.82 10.10 -50.43
N CYS C 2144 -15.32 9.80 -49.23
CA CYS C 2144 -14.61 10.81 -48.46
C CYS C 2144 -13.19 11.06 -48.97
N GLN C 2145 -12.63 10.17 -49.79
CA GLN C 2145 -11.32 10.43 -50.37
C GLN C 2145 -11.33 11.67 -51.24
N PHE C 2146 -12.47 11.98 -51.87
CA PHE C 2146 -12.64 13.23 -52.60
C PHE C 2146 -12.82 14.35 -51.60
N LEU C 2147 -11.70 14.77 -51.01
CA LEU C 2147 -11.66 15.87 -50.07
C LEU C 2147 -10.41 16.70 -50.33
N THR C 2148 -10.55 18.01 -50.18
CA THR C 2148 -9.51 18.96 -50.56
C THR C 2148 -8.64 19.30 -49.35
N GLU C 2149 -7.32 19.24 -49.53
CA GLU C 2149 -6.40 19.69 -48.50
C GLU C 2149 -6.65 21.16 -48.16
N GLU C 2150 -7.11 21.95 -49.14
CA GLU C 2150 -7.42 23.35 -48.89
C GLU C 2150 -8.51 23.49 -47.84
N THR C 2151 -9.54 22.65 -47.94
CA THR C 2151 -10.59 22.64 -46.93
C THR C 2151 -10.05 22.18 -45.58
N LYS C 2152 -9.04 21.31 -45.58
CA LYS C 2152 -8.51 20.80 -44.33
C LYS C 2152 -7.84 21.90 -43.52
N HIS C 2153 -6.98 22.69 -44.18
CA HIS C 2153 -6.25 23.73 -43.46
C HIS C 2153 -7.17 24.86 -43.05
N ARG C 2154 -8.17 25.19 -43.87
CA ARG C 2154 -9.12 26.24 -43.50
C ARG C 2154 -9.89 25.85 -42.26
N LEU C 2155 -10.20 24.55 -42.11
CA LEU C 2155 -11.01 24.10 -40.99
C LEU C 2155 -10.17 23.96 -39.72
N PHE C 2156 -8.92 23.53 -39.86
CA PHE C 2156 -8.07 23.28 -38.70
C PHE C 2156 -7.75 24.55 -37.92
N THR C 2157 -7.87 25.72 -38.54
CA THR C 2157 -7.57 27.00 -37.91
C THR C 2157 -8.80 27.86 -37.66
N THR C 2158 -9.77 27.85 -38.58
CA THR C 2158 -10.97 28.65 -38.43
C THR C 2158 -11.80 28.23 -37.23
N THR C 2159 -11.64 27.00 -36.76
CA THR C 2159 -12.42 26.50 -35.64
C THR C 2159 -12.15 27.33 -34.39
N GLU C 2160 -13.22 27.64 -33.67
CA GLU C 2160 -13.15 28.46 -32.47
C GLU C 2160 -13.30 27.58 -31.23
N GLN C 2161 -12.80 28.10 -30.11
CA GLN C 2161 -12.86 27.43 -28.82
C GLN C 2161 -14.07 27.96 -28.05
N ASP C 2162 -14.95 27.06 -27.64
CA ASP C 2162 -16.17 27.46 -26.94
C ASP C 2162 -15.85 27.84 -25.50
N GLU C 2163 -16.88 28.08 -24.70
CA GLU C 2163 -16.67 28.50 -23.32
C GLU C 2163 -16.05 27.38 -22.49
N GLN C 2164 -16.60 26.17 -22.59
CA GLN C 2164 -16.10 25.06 -21.82
C GLN C 2164 -14.69 24.67 -22.24
N GLY C 2165 -14.28 24.99 -23.46
CA GLY C 2165 -12.93 24.71 -23.92
C GLY C 2165 -12.80 23.40 -24.67
N SER C 2166 -13.66 23.19 -25.67
CA SER C 2166 -13.62 22.01 -26.51
C SER C 2166 -13.99 22.41 -27.92
N LYS C 2167 -13.04 22.23 -28.85
CA LYS C 2167 -13.27 22.54 -30.26
C LYS C 2167 -13.98 21.37 -30.94
N VAL C 2168 -15.19 21.07 -30.45
CA VAL C 2168 -15.96 19.90 -30.84
C VAL C 2168 -17.34 20.30 -31.35
N SER C 2169 -18.04 21.15 -30.60
CA SER C 2169 -19.41 21.51 -30.96
C SER C 2169 -19.45 22.23 -32.30
N ASP C 2170 -18.57 23.21 -32.49
CA ASP C 2170 -18.47 23.86 -33.78
C ASP C 2170 -18.00 22.90 -34.86
N PHE C 2171 -17.19 21.91 -34.47
CA PHE C 2171 -16.71 20.93 -35.43
C PHE C 2171 -17.83 20.01 -35.89
N PHE C 2172 -18.69 19.58 -34.97
CA PHE C 2172 -19.70 18.59 -35.29
C PHE C 2172 -20.83 19.18 -36.11
N ASP C 2173 -21.16 20.45 -35.89
CA ASP C 2173 -22.27 21.07 -36.63
C ASP C 2173 -21.95 21.18 -38.12
N GLN C 2174 -20.67 21.28 -38.48
CA GLN C 2174 -20.28 21.42 -39.87
C GLN C 2174 -20.15 20.08 -40.59
N SER C 2175 -20.45 18.96 -39.92
CA SER C 2175 -20.30 17.66 -40.55
C SER C 2175 -21.23 17.50 -41.75
N SER C 2176 -22.50 17.88 -41.59
CA SER C 2176 -23.46 17.74 -42.67
C SER C 2176 -23.07 18.57 -43.88
N PHE C 2177 -22.50 19.76 -43.64
CA PHE C 2177 -22.09 20.61 -44.75
C PHE C 2177 -20.93 19.99 -45.51
N LEU C 2178 -20.02 19.31 -44.81
CA LEU C 2178 -18.89 18.68 -45.48
C LEU C 2178 -19.33 17.51 -46.35
N HIS C 2179 -20.28 16.71 -45.85
CA HIS C 2179 -20.70 15.52 -46.58
C HIS C 2179 -21.30 15.88 -47.93
N ASN C 2180 -22.07 16.96 -48.00
CA ASN C 2180 -22.61 17.40 -49.28
C ASN C 2180 -21.52 17.98 -50.16
N GLU C 2181 -20.49 18.59 -49.56
CA GLU C 2181 -19.35 19.04 -50.35
C GLU C 2181 -18.62 17.85 -50.96
N MET C 2182 -18.51 16.75 -50.20
CA MET C 2182 -17.89 15.54 -50.73
C MET C 2182 -18.68 15.01 -51.93
N GLU C 2183 -20.01 15.01 -51.83
CA GLU C 2183 -20.83 14.54 -52.94
C GLU C 2183 -20.64 15.40 -54.18
N TRP C 2184 -20.40 16.70 -53.99
CA TRP C 2184 -20.17 17.57 -55.14
C TRP C 2184 -18.87 17.21 -55.85
N GLN C 2185 -17.87 16.74 -55.11
CA GLN C 2185 -16.59 16.40 -55.72
C GLN C 2185 -16.70 15.17 -56.62
N ARG C 2186 -17.50 14.18 -56.20
CA ARG C 2186 -17.73 13.02 -57.05
C ARG C 2186 -18.45 13.42 -58.33
N LYS C 2187 -19.48 14.25 -58.21
CA LYS C 2187 -20.17 14.79 -59.38
C LYS C 2187 -19.26 15.69 -60.20
N LEU C 2188 -18.20 16.23 -59.60
CA LEU C 2188 -17.34 17.17 -60.31
C LEU C 2188 -16.40 16.45 -61.27
N ARG C 2189 -15.78 15.36 -60.83
CA ARG C 2189 -14.80 14.68 -61.66
C ARG C 2189 -15.42 14.08 -62.92
N SER C 2190 -16.74 13.86 -62.93
CA SER C 2190 -17.42 13.44 -64.15
C SER C 2190 -17.38 14.51 -65.23
N MET C 2191 -17.18 15.77 -64.85
CA MET C 2191 -17.06 16.90 -65.78
C MET C 2191 -15.65 17.48 -65.62
N PRO C 2192 -14.67 16.99 -66.37
CA PRO C 2192 -13.31 17.55 -66.23
C PRO C 2192 -13.21 19.03 -66.58
N LEU C 2193 -14.19 19.58 -67.30
CA LEU C 2193 -14.09 20.97 -67.74
C LEU C 2193 -14.08 21.93 -66.55
N ILE C 2194 -14.96 21.70 -65.58
CA ILE C 2194 -14.94 22.53 -64.37
C ILE C 2194 -13.75 22.16 -63.50
N TYR C 2195 -13.36 20.87 -63.49
CA TYR C 2195 -12.16 20.48 -62.77
C TYR C 2195 -10.91 21.07 -63.43
N TRP C 2196 -10.96 21.29 -64.74
CA TRP C 2196 -9.89 22.01 -65.43
C TRP C 2196 -9.83 23.46 -65.00
N PHE C 2197 -10.92 24.01 -64.45
CA PHE C 2197 -10.92 25.32 -63.82
C PHE C 2197 -10.58 25.23 -62.33
N SER C 2198 -11.37 24.44 -61.58
CA SER C 2198 -11.32 24.52 -60.13
C SER C 2198 -9.99 24.02 -59.57
N ARG C 2199 -9.28 23.15 -60.29
CA ARG C 2199 -7.99 22.69 -59.82
C ARG C 2199 -6.99 23.82 -59.74
N ARG C 2200 -7.16 24.87 -60.55
CA ARG C 2200 -6.31 26.05 -60.56
C ARG C 2200 -7.17 27.26 -60.22
N MET C 2201 -7.07 27.72 -58.97
CA MET C 2201 -7.81 28.87 -58.48
C MET C 2201 -6.95 30.11 -58.30
N THR C 2202 -5.71 29.93 -57.82
CA THR C 2202 -4.84 31.08 -57.58
C THR C 2202 -4.51 31.82 -58.87
N LEU C 2203 -4.46 31.12 -60.00
CA LEU C 2203 -4.05 31.74 -61.24
C LEU C 2203 -5.08 32.78 -61.70
N TRP C 2204 -6.33 32.34 -61.91
CA TRP C 2204 -7.34 33.24 -62.45
C TRP C 2204 -7.63 34.41 -61.52
N GLY C 2205 -7.55 34.18 -60.21
CA GLY C 2205 -7.72 35.27 -59.27
C GLY C 2205 -6.51 36.18 -59.18
N SER C 2206 -5.33 35.67 -59.52
CA SER C 2206 -4.12 36.47 -59.48
C SER C 2206 -4.07 37.46 -60.65
N ILE C 2207 -4.23 36.94 -61.87
CA ILE C 2207 -4.07 37.78 -63.05
C ILE C 2207 -5.14 38.85 -63.11
N SER C 2208 -6.33 38.56 -62.60
CA SER C 2208 -7.37 39.59 -62.54
C SER C 2208 -6.93 40.75 -61.67
N PHE C 2209 -6.24 40.46 -60.57
CA PHE C 2209 -5.67 41.53 -59.75
C PHE C 2209 -4.51 42.20 -60.47
N ASN C 2210 -3.71 41.42 -61.20
CA ASN C 2210 -2.57 41.99 -61.92
C ASN C 2210 -3.03 42.95 -63.00
N LEU C 2211 -3.97 42.49 -63.86
CA LEU C 2211 -4.43 43.32 -64.97
C LEU C 2211 -5.02 44.64 -64.49
N ALA C 2212 -5.61 44.65 -63.29
CA ALA C 2212 -6.19 45.89 -62.78
C ALA C 2212 -5.13 46.94 -62.50
N VAL C 2213 -3.99 46.53 -61.93
CA VAL C 2213 -2.98 47.51 -61.53
C VAL C 2213 -2.10 47.93 -62.69
N PHE C 2214 -2.04 47.14 -63.76
CA PHE C 2214 -1.36 47.61 -64.97
C PHE C 2214 -2.12 48.77 -65.59
N ILE C 2215 -3.45 48.65 -65.69
CA ILE C 2215 -4.22 49.61 -66.47
C ILE C 2215 -4.33 50.94 -65.75
N ASN C 2216 -4.47 50.92 -64.42
CA ASN C 2216 -4.56 52.16 -63.68
C ASN C 2216 -3.29 52.99 -63.84
N ILE C 2217 -2.16 52.33 -64.09
CA ILE C 2217 -0.95 53.06 -64.48
C ILE C 2217 -1.13 53.65 -65.86
N ILE C 2218 -1.77 52.92 -66.77
CA ILE C 2218 -2.06 53.46 -68.10
C ILE C 2218 -3.03 54.63 -67.99
N ILE C 2219 -4.04 54.49 -67.12
CA ILE C 2219 -4.95 55.60 -66.87
C ILE C 2219 -4.23 56.76 -66.22
N ALA C 2220 -3.21 56.47 -65.40
CA ALA C 2220 -2.59 57.52 -64.59
C ALA C 2220 -1.60 58.35 -65.40
N PHE C 2221 -0.70 57.71 -66.14
CA PHE C 2221 0.37 58.45 -66.80
C PHE C 2221 -0.17 59.37 -67.90
N PHE C 2222 -1.31 59.05 -68.52
CA PHE C 2222 -1.97 60.02 -69.38
C PHE C 2222 -3.45 59.62 -69.52
N TYR C 2223 -4.31 60.41 -68.87
CA TYR C 2223 -5.75 60.24 -69.00
C TYR C 2223 -6.37 60.95 -70.20
N PRO C 2224 -6.11 62.24 -70.44
CA PRO C 2224 -6.86 62.95 -71.49
C PRO C 2224 -6.37 62.61 -72.89
N TYR C 2225 -7.24 62.90 -73.86
CA TYR C 2225 -6.94 62.68 -75.26
C TYR C 2225 -7.49 63.82 -76.12
N LEU C 2238 1.22 59.70 -81.60
CA LEU C 2238 2.62 59.77 -81.25
C LEU C 2238 2.79 60.24 -79.81
N ILE C 2239 2.60 59.32 -78.87
CA ILE C 2239 2.71 59.61 -77.44
C ILE C 2239 3.41 58.48 -76.70
N SER C 2240 4.35 57.80 -77.37
CA SER C 2240 5.08 56.67 -76.79
C SER C 2240 6.59 56.86 -76.78
N LEU C 2241 7.13 57.79 -77.57
CA LEU C 2241 8.58 57.98 -77.60
C LEU C 2241 9.05 58.85 -76.43
N LEU C 2242 8.31 59.91 -76.12
CA LEU C 2242 8.66 60.84 -75.06
C LEU C 2242 7.92 60.59 -73.76
N PHE C 2243 6.88 59.77 -73.76
CA PHE C 2243 6.11 59.53 -72.55
C PHE C 2243 6.96 58.79 -71.52
N TRP C 2244 6.44 58.74 -70.29
CA TRP C 2244 7.15 58.11 -69.18
C TRP C 2244 6.87 56.61 -69.09
N ILE C 2245 5.73 56.16 -69.63
CA ILE C 2245 5.41 54.73 -69.57
C ILE C 2245 6.42 53.91 -70.36
N LEU C 2246 6.85 54.43 -71.52
CA LEU C 2246 7.81 53.70 -72.34
C LEU C 2246 9.16 53.59 -71.64
N ILE C 2247 9.67 54.71 -71.13
CA ILE C 2247 10.93 54.68 -70.42
C ILE C 2247 10.82 53.89 -69.11
N CYS C 2248 9.64 53.90 -68.48
CA CYS C 2248 9.45 53.12 -67.27
C CYS C 2248 9.28 51.63 -67.57
N PHE C 2249 8.80 51.29 -68.77
CA PHE C 2249 8.62 49.89 -69.13
C PHE C 2249 9.96 49.16 -69.20
N SER C 2250 10.99 49.82 -69.75
CA SER C 2250 12.29 49.20 -69.83
C SER C 2250 12.89 48.95 -68.46
N ILE C 2251 12.52 49.78 -67.47
CA ILE C 2251 13.04 49.58 -66.11
C ILE C 2251 12.50 48.28 -65.51
N ALA C 2252 11.18 48.11 -65.51
CA ALA C 2252 10.59 46.87 -65.00
C ALA C 2252 10.91 45.69 -65.90
N ALA C 2253 11.17 45.94 -67.19
CA ALA C 2253 11.56 44.85 -68.09
C ALA C 2253 12.89 44.26 -67.68
N LEU C 2254 13.86 45.12 -67.34
CA LEU C 2254 15.14 44.62 -66.84
C LEU C 2254 14.97 43.90 -65.51
N PHE C 2255 14.16 44.46 -64.61
CA PHE C 2255 13.84 43.77 -63.37
C PHE C 2255 13.05 42.49 -63.65
N THR C 2256 12.19 42.51 -64.66
CA THR C 2256 11.48 41.31 -65.06
C THR C 2256 12.44 40.26 -65.59
N LYS C 2257 13.42 40.68 -66.40
CA LYS C 2257 14.44 39.76 -66.88
C LYS C 2257 15.39 39.35 -65.77
N ARG C 2258 15.59 40.23 -64.78
CA ARG C 2258 16.47 39.90 -63.66
C ARG C 2258 15.84 38.85 -62.75
N TYR C 2259 14.53 38.90 -62.57
CA TYR C 2259 13.84 37.95 -61.71
C TYR C 2259 13.89 36.55 -62.30
N SER C 2260 7.79 35.38 -63.69
CA SER C 2260 7.11 34.20 -64.18
C SER C 2260 5.93 34.57 -65.06
N ILE C 2261 4.88 35.10 -64.44
CA ILE C 2261 3.67 35.51 -65.16
C ILE C 2261 3.76 36.98 -65.56
N ARG C 2262 4.35 37.81 -64.70
CA ARG C 2262 4.42 39.24 -64.98
C ARG C 2262 5.25 39.59 -66.22
N PRO C 2263 6.41 38.97 -66.49
CA PRO C 2263 7.20 39.42 -67.66
C PRO C 2263 6.50 39.24 -68.99
N LEU C 2264 5.81 38.11 -69.20
CA LEU C 2264 5.20 37.85 -70.49
C LEU C 2264 3.96 38.71 -70.74
N ILE C 2265 3.34 39.26 -69.69
CA ILE C 2265 2.17 40.10 -69.88
C ILE C 2265 2.59 41.52 -70.25
N VAL C 2266 3.61 42.04 -69.57
CA VAL C 2266 4.04 43.42 -69.84
C VAL C 2266 4.67 43.54 -71.21
N ALA C 2267 5.25 42.45 -71.72
CA ALA C 2267 5.88 42.51 -73.04
C ALA C 2267 4.86 42.74 -74.14
N LEU C 2268 3.66 42.18 -73.99
CA LEU C 2268 2.60 42.39 -74.98
C LEU C 2268 2.16 43.85 -75.03
N ILE C 2269 2.16 44.53 -73.89
CA ILE C 2269 1.66 45.89 -73.82
C ILE C 2269 2.53 46.82 -74.64
N LEU C 2270 3.86 46.65 -74.58
CA LEU C 2270 4.75 47.51 -75.34
C LEU C 2270 4.53 47.34 -76.84
N ARG C 2271 4.30 46.11 -77.29
CA ARG C 2271 4.03 45.89 -78.71
C ARG C 2271 2.68 46.44 -79.12
N SER C 2272 1.72 46.48 -78.20
CA SER C 2272 0.42 47.04 -78.50
C SER C 2272 0.52 48.55 -78.74
N ILE C 2273 1.30 49.24 -77.92
CA ILE C 2273 1.48 50.68 -78.09
C ILE C 2273 2.26 50.97 -79.36
N TYR C 2274 3.28 50.16 -79.66
CA TYR C 2274 4.12 50.42 -80.82
C TYR C 2274 3.38 50.19 -82.12
N TYR C 2275 2.41 49.28 -82.13
CA TYR C 2275 1.63 48.98 -83.32
C TYR C 2275 0.34 49.79 -83.40
N LEU C 2276 -0.45 49.81 -82.33
CA LEU C 2276 -1.74 50.47 -82.31
C LEU C 2276 -1.67 51.74 -81.47
N GLY C 2277 -2.78 52.47 -81.46
CA GLY C 2277 -2.91 53.66 -80.62
C GLY C 2277 -3.19 53.29 -79.18
N ILE C 2278 -4.19 53.95 -78.58
CA ILE C 2278 -4.57 53.72 -77.19
C ILE C 2278 -6.02 53.26 -77.10
N GLY C 2279 -6.93 53.94 -77.80
CA GLY C 2279 -8.32 53.59 -77.86
C GLY C 2279 -8.61 52.10 -78.05
N PRO C 2280 -7.90 51.45 -78.98
CA PRO C 2280 -8.10 49.99 -79.12
C PRO C 2280 -7.72 49.20 -77.87
N THR C 2281 -6.56 49.46 -77.28
CA THR C 2281 -6.01 48.55 -76.28
C THR C 2281 -6.59 48.74 -74.88
N LEU C 2282 -7.45 49.74 -74.66
CA LEU C 2282 -8.15 49.83 -73.39
C LEU C 2282 -9.46 49.04 -73.40
N ASN C 2283 -10.11 48.94 -74.55
CA ASN C 2283 -11.34 48.16 -74.65
C ASN C 2283 -11.08 46.66 -74.50
N ILE C 2284 -9.85 46.20 -74.73
CA ILE C 2284 -9.54 44.77 -74.70
C ILE C 2284 -9.04 44.35 -73.32
N LEU C 2285 -8.34 45.25 -72.61
CA LEU C 2285 -7.84 44.89 -71.29
C LEU C 2285 -8.97 44.81 -70.27
N GLY C 2286 -9.85 45.81 -70.25
CA GLY C 2286 -11.04 45.72 -69.42
C GLY C 2286 -11.93 44.56 -69.82
N ALA C 2287 -12.03 44.31 -71.12
CA ALA C 2287 -12.76 43.15 -71.60
C ALA C 2287 -12.06 41.85 -71.21
N LEU C 2288 -10.73 41.84 -71.32
CA LEU C 2288 -9.97 40.67 -70.85
C LEU C 2288 -10.13 40.51 -69.35
N ASN C 2289 -10.25 41.60 -68.61
CA ASN C 2289 -10.55 41.53 -67.18
C ASN C 2289 -11.88 40.83 -66.94
N LEU C 2290 -12.86 41.08 -67.80
CA LEU C 2290 -14.17 40.42 -67.66
C LEU C 2290 -14.04 38.92 -67.81
N THR C 2291 -13.27 38.47 -68.80
CA THR C 2291 -13.15 37.05 -69.06
C THR C 2291 -12.44 36.29 -67.95
N ASN C 2292 -11.70 36.99 -67.09
CA ASN C 2292 -11.00 36.30 -66.01
C ASN C 2292 -11.95 35.92 -64.90
N LYS C 2293 -12.81 36.84 -64.47
CA LYS C 2293 -13.62 36.60 -63.29
C LYS C 2293 -14.78 35.64 -63.57
N ILE C 2294 -15.34 35.70 -64.78
CA ILE C 2294 -16.38 34.74 -65.17
C ILE C 2294 -15.85 33.31 -65.14
N VAL C 2295 -14.54 33.13 -65.26
CA VAL C 2295 -13.92 31.85 -64.96
C VAL C 2295 -13.75 31.67 -63.46
N PHE C 2296 -13.44 32.75 -62.74
CA PHE C 2296 -13.20 32.65 -61.30
C PHE C 2296 -14.49 32.33 -60.57
N VAL C 2297 -15.58 33.02 -60.91
CA VAL C 2297 -16.83 32.86 -60.18
C VAL C 2297 -17.38 31.44 -60.37
N VAL C 2298 -17.39 30.96 -61.61
CA VAL C 2298 -17.94 29.63 -61.89
C VAL C 2298 -17.09 28.56 -61.23
N SER C 2299 -15.77 28.78 -61.16
CA SER C 2299 -14.90 27.83 -60.46
C SER C 2299 -15.05 27.97 -58.95
N PHE C 2300 -15.23 29.19 -58.47
CA PHE C 2300 -15.34 29.43 -57.04
C PHE C 2300 -16.54 28.70 -56.45
N VAL C 2301 -17.71 28.82 -57.10
CA VAL C 2301 -18.88 28.08 -56.66
C VAL C 2301 -18.65 26.59 -56.82
N GLY C 2302 -17.89 26.18 -57.83
CA GLY C 2302 -17.63 24.77 -58.02
C GLY C 2302 -16.67 24.20 -57.00
N ASN C 2303 -15.71 25.00 -56.55
CA ASN C 2303 -14.73 24.51 -55.59
C ASN C 2303 -15.30 24.47 -54.19
N ARG C 2304 -15.91 25.57 -53.75
CA ARG C 2304 -16.44 25.65 -52.39
C ARG C 2304 -17.83 25.04 -52.27
N GLY C 2305 -18.59 24.99 -53.37
CA GLY C 2305 -19.95 24.51 -53.29
C GLY C 2305 -20.81 25.44 -52.47
N THR C 2306 -21.06 26.64 -52.99
CA THR C 2306 -21.78 27.65 -52.23
C THR C 2306 -23.29 27.46 -52.31
N PHE C 2307 -23.81 27.03 -53.46
CA PHE C 2307 -25.23 26.80 -53.63
C PHE C 2307 -25.66 25.40 -53.20
N ILE C 2308 -24.84 24.70 -52.43
CA ILE C 2308 -25.24 23.43 -51.86
C ILE C 2308 -26.37 23.64 -50.86
N ARG C 2309 -26.25 24.67 -50.01
CA ARG C 2309 -27.30 24.95 -49.03
C ARG C 2309 -28.58 25.43 -49.70
N GLY C 2310 -28.47 26.06 -50.86
CA GLY C 2310 -29.63 26.55 -51.58
C GLY C 2310 -29.28 27.65 -52.53
N TYR C 2311 -30.16 27.85 -53.51
CA TYR C 2311 -29.94 28.91 -54.50
C TYR C 2311 -29.97 30.28 -53.85
N LYS C 2312 -30.84 30.46 -52.85
CA LYS C 2312 -30.93 31.72 -52.13
C LYS C 2312 -29.95 31.83 -50.97
N ALA C 2313 -29.08 30.83 -50.79
CA ALA C 2313 -28.08 30.89 -49.73
C ALA C 2313 -26.83 31.66 -50.17
N MET C 2314 -26.56 31.72 -51.48
CA MET C 2314 -25.39 32.45 -51.96
C MET C 2314 -25.49 33.93 -51.65
N VAL C 2315 -26.70 34.49 -51.65
CA VAL C 2315 -26.89 35.93 -51.48
C VAL C 2315 -26.43 36.38 -50.10
N MET C 2316 -26.43 35.48 -49.12
CA MET C 2316 -25.94 35.83 -47.79
C MET C 2316 -24.42 35.73 -47.71
N ASP C 2317 -23.81 34.87 -48.52
CA ASP C 2317 -22.35 34.73 -48.52
C ASP C 2317 -21.73 36.04 -49.01
N MET C 2318 -21.04 36.74 -48.11
CA MET C 2318 -20.48 38.04 -48.47
C MET C 2318 -19.36 37.90 -49.50
N GLU C 2319 -18.67 36.76 -49.52
CA GLU C 2319 -17.59 36.56 -50.48
C GLU C 2319 -18.13 36.59 -51.91
N PHE C 2320 -19.20 35.84 -52.17
CA PHE C 2320 -19.79 35.82 -53.50
C PHE C 2320 -20.32 37.20 -53.90
N LEU C 2321 -20.70 38.02 -52.93
CA LEU C 2321 -21.18 39.37 -53.24
C LEU C 2321 -20.03 40.29 -53.62
N TYR C 2322 -18.88 40.14 -52.98
CA TYR C 2322 -17.76 41.01 -53.29
C TYR C 2322 -17.24 40.77 -54.71
N HIS C 2323 -17.36 39.54 -55.20
CA HIS C 2323 -16.78 39.20 -56.49
C HIS C 2323 -17.69 39.58 -57.65
N VAL C 2324 -19.00 39.55 -57.44
CA VAL C 2324 -19.91 39.99 -58.49
C VAL C 2324 -19.89 41.51 -58.63
N GLY C 2325 -19.70 42.23 -57.52
CA GLY C 2325 -19.53 43.68 -57.62
C GLY C 2325 -18.23 44.05 -58.31
N TYR C 2326 -17.19 43.24 -58.12
CA TYR C 2326 -15.93 43.43 -58.83
C TYR C 2326 -16.14 43.35 -60.34
N ILE C 2327 -17.16 42.62 -60.78
CA ILE C 2327 -17.48 42.53 -62.21
C ILE C 2327 -18.19 43.80 -62.66
N LEU C 2328 -19.19 44.25 -61.89
CA LEU C 2328 -19.98 45.41 -62.28
C LEU C 2328 -19.11 46.63 -62.47
N THR C 2329 -18.09 46.79 -61.62
CA THR C 2329 -17.13 47.86 -61.83
C THR C 2329 -16.37 47.65 -63.13
N SER C 2330 -16.07 46.40 -63.46
CA SER C 2330 -15.37 46.12 -64.71
C SER C 2330 -16.29 46.30 -65.92
N VAL C 2331 -17.55 45.89 -65.79
CA VAL C 2331 -18.51 46.08 -66.87
C VAL C 2331 -18.84 47.56 -67.03
N LEU C 2332 -19.10 48.23 -65.90
CA LEU C 2332 -19.48 49.64 -65.96
C LEU C 2332 -18.37 50.51 -66.51
N GLY C 2333 -17.11 50.15 -66.22
CA GLY C 2333 -15.99 50.94 -66.67
C GLY C 2333 -15.62 50.73 -68.13
N LEU C 2334 -16.06 49.63 -68.73
CA LEU C 2334 -15.74 49.37 -70.13
C LEU C 2334 -16.58 50.20 -71.08
N PHE C 2335 -17.84 50.47 -70.72
CA PHE C 2335 -18.78 51.15 -71.59
C PHE C 2335 -19.07 52.58 -71.15
N ALA C 2336 -19.37 52.79 -69.87
CA ALA C 2336 -19.83 54.09 -69.42
C ALA C 2336 -18.69 55.11 -69.40
N HIS C 2337 -17.61 54.80 -68.67
CA HIS C 2337 -16.57 55.79 -68.41
C HIS C 2337 -15.36 55.06 -67.84
N GLU C 2338 -14.17 55.42 -68.33
CA GLU C 2338 -12.99 54.60 -68.10
C GLU C 2338 -12.55 54.53 -66.64
N LEU C 2339 -12.98 55.47 -65.81
CA LEU C 2339 -12.39 55.62 -64.48
C LEU C 2339 -13.06 54.79 -63.39
N PHE C 2340 -14.05 53.95 -63.73
CA PHE C 2340 -14.59 53.06 -62.71
C PHE C 2340 -13.62 51.96 -62.32
N TYR C 2341 -12.61 51.68 -63.14
CA TYR C 2341 -11.67 50.61 -62.85
C TYR C 2341 -10.79 50.90 -61.64
N SER C 2342 -10.78 52.13 -61.14
CA SER C 2342 -9.99 52.44 -59.95
C SER C 2342 -10.47 51.66 -58.73
N ILE C 2343 -11.76 51.33 -58.69
CA ILE C 2343 -12.31 50.55 -57.60
C ILE C 2343 -11.70 49.15 -57.53
N LEU C 2344 -11.17 48.65 -58.64
CA LEU C 2344 -10.67 47.28 -58.67
C LEU C 2344 -9.48 47.06 -57.75
N LEU C 2345 -8.80 48.13 -57.32
CA LEU C 2345 -7.59 47.94 -56.53
C LEU C 2345 -7.87 47.48 -55.11
N PHE C 2346 -9.10 47.63 -54.62
CA PHE C 2346 -9.44 47.11 -53.30
C PHE C 2346 -9.45 45.60 -53.24
N ASP C 2347 -9.29 44.91 -54.38
CA ASP C 2347 -9.07 43.47 -54.37
C ASP C 2347 -7.75 43.10 -53.70
N LEU C 2348 -6.84 44.08 -53.54
CA LEU C 2348 -5.60 43.84 -52.81
C LEU C 2348 -5.88 43.34 -51.39
N ILE C 2349 -6.93 43.85 -50.77
CA ILE C 2349 -7.24 43.48 -49.38
C ILE C 2349 -7.65 42.01 -49.33
N TYR C 2350 -8.42 41.55 -50.31
CA TYR C 2350 -8.81 40.14 -50.37
C TYR C 2350 -7.76 39.28 -51.03
N ARG C 2351 -6.97 39.84 -51.95
CA ARG C 2351 -5.92 39.09 -52.62
C ARG C 2351 -4.85 38.61 -51.64
N GLU C 2352 -4.72 39.25 -50.48
CA GLU C 2352 -3.63 38.97 -49.56
C GLU C 2352 -4.13 39.07 -48.13
N GLU C 2353 -3.53 38.25 -47.25
CA GLU C 2353 -3.94 38.14 -45.86
C GLU C 2353 -3.05 38.93 -44.91
N THR C 2354 -1.80 39.21 -45.30
CA THR C 2354 -0.89 39.95 -44.43
C THR C 2354 -1.44 41.33 -44.09
N LEU C 2355 -2.05 42.00 -45.07
CA LEU C 2355 -2.59 43.33 -44.83
C LEU C 2355 -3.87 43.29 -44.03
N PHE C 2356 -4.74 42.31 -44.29
CA PHE C 2356 -6.09 42.35 -43.77
C PHE C 2356 -6.13 42.34 -42.25
N ASN C 2357 -5.11 41.76 -41.61
CA ASN C 2357 -5.04 41.78 -40.16
C ASN C 2357 -4.92 43.19 -39.61
N VAL C 2358 -4.40 44.13 -40.41
CA VAL C 2358 -4.27 45.51 -39.96
C VAL C 2358 -5.65 46.13 -39.77
N ILE C 2359 -6.44 46.18 -40.84
CA ILE C 2359 -7.74 46.86 -40.78
C ILE C 2359 -8.75 46.12 -39.93
N LYS C 2360 -8.47 44.89 -39.49
CA LYS C 2360 -9.24 44.30 -38.41
C LYS C 2360 -9.26 45.22 -37.19
N SER C 2361 -8.15 45.91 -36.94
CA SER C 2361 -8.04 46.79 -35.79
C SER C 2361 -9.05 47.93 -35.85
N VAL C 2362 -9.03 48.67 -36.95
CA VAL C 2362 -10.00 49.75 -37.13
C VAL C 2362 -11.42 49.21 -37.21
N THR C 2363 -11.58 47.95 -37.61
CA THR C 2363 -12.90 47.33 -37.72
C THR C 2363 -13.36 46.73 -36.41
N ARG C 2364 -12.45 46.12 -35.65
CA ARG C 2364 -12.84 45.37 -34.46
C ARG C 2364 -13.44 46.29 -33.40
N ASN C 2365 -12.63 47.20 -32.86
CA ASN C 2365 -13.13 48.23 -31.94
C ASN C 2365 -13.48 49.51 -32.69
N GLY C 2366 -14.30 49.36 -33.73
CA GLY C 2366 -14.74 50.51 -34.49
C GLY C 2366 -15.76 51.35 -33.73
N ARG C 2367 -16.57 50.71 -32.89
CA ARG C 2367 -17.57 51.43 -32.11
C ARG C 2367 -16.93 52.44 -31.18
N SER C 2368 -15.70 52.17 -30.73
CA SER C 2368 -14.98 53.06 -29.84
C SER C 2368 -14.24 54.18 -30.57
N ILE C 2369 -14.26 54.20 -31.90
CA ILE C 2369 -13.58 55.24 -32.67
C ILE C 2369 -14.54 56.35 -33.06
N LEU C 2370 -15.71 55.99 -33.60
CA LEU C 2370 -16.65 57.01 -34.06
C LEU C 2370 -17.16 57.84 -32.90
N LEU C 2371 -17.55 57.18 -31.81
CA LEU C 2371 -17.99 57.93 -30.64
C LEU C 2371 -16.85 58.78 -30.08
N THR C 2372 -15.63 58.26 -30.15
CA THR C 2372 -14.46 59.07 -29.80
C THR C 2372 -14.33 60.25 -30.75
N ALA C 2373 -14.62 60.03 -32.03
CA ALA C 2373 -14.59 61.13 -32.97
C ALA C 2373 -15.73 62.11 -32.72
N LEU C 2374 -16.87 61.62 -32.23
CA LEU C 2374 -17.95 62.52 -31.84
C LEU C 2374 -17.60 63.29 -30.58
N LEU C 2375 -16.80 62.68 -29.69
CA LEU C 2375 -16.32 63.41 -28.52
C LEU C 2375 -15.50 64.62 -28.92
N ALA C 2376 -14.83 64.57 -30.07
CA ALA C 2376 -14.24 65.76 -30.64
C ALA C 2376 -15.32 66.70 -31.16
N LEU C 2377 -16.37 66.13 -31.76
CA LEU C 2377 -17.44 66.95 -32.31
C LEU C 2377 -18.28 67.61 -31.22
N ILE C 2378 -18.33 67.01 -30.03
CA ILE C 2378 -19.11 67.61 -28.95
C ILE C 2378 -18.33 68.72 -28.28
N LEU C 2379 -17.01 68.59 -28.18
CA LEU C 2379 -16.22 69.62 -27.51
C LEU C 2379 -16.04 70.84 -28.38
N VAL C 2380 -15.82 70.64 -29.69
CA VAL C 2380 -15.76 71.77 -30.61
C VAL C 2380 -17.08 72.52 -30.63
N TYR C 2381 -18.19 71.80 -30.42
CA TYR C 2381 -19.49 72.45 -30.31
C TYR C 2381 -19.57 73.40 -29.12
N LEU C 2382 -18.74 73.18 -28.10
CA LEU C 2382 -18.70 74.08 -26.95
C LEU C 2382 -17.76 75.26 -27.19
N PHE C 2383 -16.52 74.99 -27.62
CA PHE C 2383 -15.57 76.07 -27.86
C PHE C 2383 -16.03 76.98 -28.97
N SER C 2384 -16.77 76.46 -29.94
CA SER C 2384 -17.32 77.30 -30.99
C SER C 2384 -18.32 78.30 -30.43
N ILE C 2385 -19.13 77.87 -29.46
CA ILE C 2385 -20.12 78.76 -28.86
C ILE C 2385 -19.42 79.86 -28.07
N VAL C 2386 -18.29 79.54 -27.44
CA VAL C 2386 -17.51 80.54 -26.72
C VAL C 2386 -17.01 81.61 -27.67
N GLY C 2387 -16.75 81.24 -28.92
CA GLY C 2387 -16.28 82.18 -29.91
C GLY C 2387 -17.37 83.10 -30.41
N PHE C 2388 -18.55 82.54 -30.67
CA PHE C 2388 -19.65 83.33 -31.21
C PHE C 2388 -20.10 84.43 -30.27
N LEU C 2389 -19.87 84.28 -28.97
CA LEU C 2389 -20.33 85.25 -27.98
C LEU C 2389 -19.29 86.33 -27.71
N PHE C 2390 -18.04 85.93 -27.48
CA PHE C 2390 -16.97 86.85 -27.10
C PHE C 2390 -15.99 87.14 -28.24
N LEU C 2391 -15.56 86.11 -28.98
CA LEU C 2391 -14.54 86.27 -30.01
C LEU C 2391 -15.13 86.27 -31.41
N LYS C 2392 -16.31 86.90 -31.57
CA LYS C 2392 -16.99 86.89 -32.87
C LYS C 2392 -16.15 87.57 -33.94
N ASP C 2393 -15.72 88.80 -33.67
CA ASP C 2393 -14.98 89.58 -34.65
C ASP C 2393 -13.61 88.98 -34.99
N ASP C 2394 -13.13 88.02 -34.20
CA ASP C 2394 -11.76 87.53 -34.36
C ASP C 2394 -11.65 86.34 -35.30
N PHE C 2395 -12.75 85.64 -35.59
CA PHE C 2395 -12.74 84.52 -36.53
C PHE C 2395 -12.70 85.10 -37.95
N ILE C 2396 -11.52 85.55 -38.34
CA ILE C 2396 -11.22 86.08 -39.66
C ILE C 2396 -10.48 85.02 -40.45
N LEU C 2397 -10.66 85.04 -41.77
CA LEU C 2397 -9.99 84.10 -42.66
C LEU C 2397 -9.53 84.81 -43.92
N GLU C 2398 -8.30 84.53 -44.33
CA GLU C 2398 -7.83 84.96 -45.63
C GLU C 2398 -8.58 84.18 -46.72
N VAL C 2399 -8.76 84.82 -47.86
CA VAL C 2399 -9.55 84.26 -48.96
C VAL C 2399 -8.94 84.66 -50.28
N ASP C 2400 -8.99 83.75 -51.25
CA ASP C 2400 -8.57 84.00 -52.62
C ASP C 2400 -9.80 83.94 -53.50
N ARG C 2401 -10.22 85.10 -54.01
CA ARG C 2401 -11.48 85.20 -54.73
C ARG C 2401 -11.39 84.53 -56.09
N LEU C 2402 -12.51 84.57 -56.82
CA LEU C 2402 -12.65 83.93 -58.13
C LEU C 2402 -13.54 84.81 -59.00
N PRO C 2403 -13.03 85.41 -60.10
CA PRO C 2403 -13.95 86.25 -60.88
C PRO C 2403 -15.02 85.44 -61.61
N ASP C 2449 -10.89 93.17 -51.48
CA ASP C 2449 -11.72 92.34 -50.61
C ASP C 2449 -11.12 90.95 -50.48
N SER C 2450 -9.94 90.88 -49.83
CA SER C 2450 -9.23 89.63 -49.61
C SER C 2450 -9.36 89.16 -48.16
N THR C 2451 -10.50 89.45 -47.53
CA THR C 2451 -10.78 89.04 -46.17
C THR C 2451 -12.25 88.63 -46.08
N GLU C 2452 -12.61 88.04 -44.95
CA GLU C 2452 -13.98 87.58 -44.75
C GLU C 2452 -14.19 87.23 -43.29
N ARG C 2453 -15.36 87.58 -42.77
CA ARG C 2453 -15.81 87.13 -41.47
C ARG C 2453 -16.56 85.82 -41.63
N ALA C 2454 -16.30 84.86 -40.74
CA ALA C 2454 -16.82 83.50 -40.87
C ALA C 2454 -17.33 82.98 -39.53
N CYS C 2455 -17.99 83.84 -38.75
CA CYS C 2455 -18.73 83.38 -37.58
C CYS C 2455 -20.00 84.18 -37.37
N ASP C 2456 -20.57 84.75 -38.44
CA ASP C 2456 -21.81 85.50 -38.30
C ASP C 2456 -22.96 84.61 -37.84
N THR C 2457 -22.87 83.30 -38.09
CA THR C 2457 -23.87 82.34 -37.63
C THR C 2457 -23.15 81.14 -37.02
N LEU C 2458 -23.79 80.52 -36.03
CA LEU C 2458 -23.15 79.45 -35.27
C LEU C 2458 -22.76 78.27 -36.14
N LEU C 2459 -23.44 78.06 -37.28
CA LEU C 2459 -23.08 76.95 -38.16
C LEU C 2459 -21.66 77.13 -38.69
N MET C 2460 -21.38 78.27 -39.31
CA MET C 2460 -20.03 78.53 -39.81
C MET C 2460 -19.03 78.62 -38.67
N CYS C 2461 -19.46 79.02 -37.48
CA CYS C 2461 -18.55 79.07 -36.34
C CYS C 2461 -18.00 77.69 -36.00
N ILE C 2462 -18.71 76.62 -36.37
CA ILE C 2462 -18.22 75.27 -36.22
C ILE C 2462 -17.32 74.88 -37.39
N VAL C 2463 -17.71 75.27 -38.61
CA VAL C 2463 -17.02 74.82 -39.81
C VAL C 2463 -15.59 75.35 -39.84
N THR C 2464 -15.39 76.60 -39.41
CA THR C 2464 -14.05 77.17 -39.39
C THR C 2464 -13.15 76.41 -38.43
N VAL C 2465 -13.66 76.10 -37.24
CA VAL C 2465 -12.87 75.32 -36.29
C VAL C 2465 -12.85 73.85 -36.69
N MET C 2466 -13.91 73.37 -37.33
CA MET C 2466 -13.91 71.99 -37.80
C MET C 2466 -12.82 71.78 -38.85
N ASN C 2467 -12.61 72.76 -39.72
CA ASN C 2467 -11.48 72.69 -40.64
C ASN C 2467 -10.20 73.17 -39.98
N HIS C 2468 -10.12 74.47 -39.70
CA HIS C 2468 -8.85 75.07 -39.34
C HIS C 2468 -8.45 74.85 -37.88
N GLY C 2469 -9.28 74.18 -37.10
CA GLY C 2469 -8.97 73.92 -35.71
C GLY C 2469 -8.34 72.56 -35.49
N LEU C 2470 -8.76 71.58 -36.30
CA LEU C 2470 -8.29 70.21 -36.14
C LEU C 2470 -7.06 69.94 -37.00
N ARG C 2471 -7.18 70.12 -38.31
CA ARG C 2471 -6.13 69.67 -39.22
C ARG C 2471 -4.92 70.61 -39.21
N ASN C 2472 -5.12 71.88 -38.86
CA ASN C 2472 -4.04 72.86 -38.98
C ASN C 2472 -2.83 72.48 -38.13
N GLY C 2473 -3.04 71.76 -37.03
CA GLY C 2473 -1.95 71.40 -36.18
C GLY C 2473 -1.65 72.55 -35.25
N GLY C 2474 -1.64 72.28 -33.95
CA GLY C 2474 -1.57 73.34 -32.98
C GLY C 2474 -2.89 74.02 -32.68
N GLY C 2475 -3.99 73.41 -33.08
CA GLY C 2475 -5.28 74.00 -32.76
C GLY C 2475 -5.68 75.08 -33.73
N VAL C 2476 -6.37 76.08 -33.21
CA VAL C 2476 -7.08 77.06 -34.04
C VAL C 2476 -6.34 78.39 -34.16
N GLY C 2477 -5.46 78.72 -33.22
CA GLY C 2477 -4.89 80.05 -33.19
C GLY C 2477 -3.96 80.38 -34.33
N ASP C 2478 -3.63 79.42 -35.20
CA ASP C 2478 -2.78 79.70 -36.34
C ASP C 2478 -3.45 80.65 -37.32
N ILE C 2479 -4.64 80.27 -37.81
CA ILE C 2479 -5.35 81.08 -38.81
C ILE C 2479 -5.81 82.41 -38.23
N LEU C 2480 -6.09 82.46 -36.94
CA LEU C 2480 -6.73 83.63 -36.37
C LEU C 2480 -5.78 84.82 -36.34
N ARG C 2481 -6.36 86.01 -36.48
CA ARG C 2481 -5.56 87.23 -36.42
C ARG C 2481 -4.92 87.35 -35.05
N LYS C 2482 -3.60 87.53 -35.05
CA LYS C 2482 -2.80 87.44 -33.83
C LYS C 2482 -2.91 88.77 -33.09
N PRO C 2483 -3.57 88.83 -31.93
CA PRO C 2483 -3.75 90.12 -31.27
C PRO C 2483 -2.49 90.57 -30.55
N SER C 2484 -2.55 91.75 -29.97
CA SER C 2484 -1.48 92.32 -29.17
C SER C 2484 -1.69 92.01 -27.69
N LYS C 2485 -0.74 92.44 -26.88
CA LYS C 2485 -0.86 92.33 -25.43
C LYS C 2485 -1.65 93.49 -24.84
N ASP C 2486 -1.63 94.65 -25.52
CA ASP C 2486 -2.30 95.83 -24.99
C ASP C 2486 -3.81 95.67 -24.91
N GLU C 2487 -4.38 94.77 -25.71
CA GLU C 2487 -5.83 94.55 -25.67
C GLU C 2487 -6.24 93.98 -24.31
N SER C 2488 -7.54 94.04 -24.05
CA SER C 2488 -8.08 93.62 -22.76
C SER C 2488 -8.39 92.13 -22.72
N LEU C 2489 -8.93 91.58 -23.80
CA LEU C 2489 -9.31 90.17 -23.85
C LEU C 2489 -8.14 89.25 -24.17
N PHE C 2490 -6.91 89.75 -24.16
CA PHE C 2490 -5.76 88.90 -24.49
C PHE C 2490 -5.59 87.71 -23.55
N PRO C 2491 -5.73 87.83 -22.23
CA PRO C 2491 -5.57 86.64 -21.38
C PRO C 2491 -6.58 85.54 -21.71
N ALA C 2492 -7.88 85.87 -21.72
CA ALA C 2492 -8.88 84.87 -22.08
C ALA C 2492 -8.70 84.40 -23.51
N ARG C 2493 -8.16 85.26 -24.38
CA ARG C 2493 -7.89 84.87 -25.76
C ARG C 2493 -6.82 83.79 -25.82
N VAL C 2494 -5.79 83.91 -24.98
CA VAL C 2494 -4.76 82.89 -24.91
C VAL C 2494 -5.38 81.56 -24.49
N VAL C 2495 -6.15 81.58 -23.40
CA VAL C 2495 -6.68 80.35 -22.82
C VAL C 2495 -7.61 79.64 -23.78
N TYR C 2496 -8.21 80.36 -24.72
CA TYR C 2496 -9.05 79.71 -25.73
C TYR C 2496 -8.23 78.80 -26.62
N ASP C 2497 -6.94 79.11 -26.82
CA ASP C 2497 -6.08 78.26 -27.64
C ASP C 2497 -5.54 77.08 -26.85
N LEU C 2498 -5.19 77.30 -25.58
CA LEU C 2498 -4.59 76.25 -24.78
C LEU C 2498 -5.56 75.10 -24.56
N LEU C 2499 -6.77 75.41 -24.08
CA LEU C 2499 -7.73 74.36 -23.80
C LEU C 2499 -8.24 73.70 -25.07
N PHE C 2500 -8.10 74.34 -26.22
CA PHE C 2500 -8.32 73.71 -27.51
C PHE C 2500 -7.09 72.91 -27.96
N PHE C 2501 -6.05 72.84 -27.14
CA PHE C 2501 -4.82 72.14 -27.49
C PHE C 2501 -4.49 70.98 -26.56
N PHE C 2502 -4.75 71.10 -25.27
CA PHE C 2502 -4.49 70.03 -24.31
C PHE C 2502 -5.70 69.17 -24.04
N ILE C 2503 -6.87 69.50 -24.60
CA ILE C 2503 -8.09 68.74 -24.38
C ILE C 2503 -8.43 67.89 -25.59
N VAL C 2504 -8.19 68.38 -26.80
CA VAL C 2504 -8.63 67.75 -28.02
C VAL C 2504 -7.47 67.29 -28.90
N ILE C 2505 -6.43 68.11 -29.04
CA ILE C 2505 -5.34 67.78 -29.95
C ILE C 2505 -4.48 66.66 -29.39
N ILE C 2506 -3.83 66.90 -28.25
CA ILE C 2506 -2.94 65.88 -27.70
C ILE C 2506 -3.73 64.66 -27.27
N ILE C 2507 -4.98 64.84 -26.84
CA ILE C 2507 -5.78 63.74 -26.31
C ILE C 2507 -6.63 63.12 -27.42
N VAL C 2508 -7.62 63.85 -27.91
CA VAL C 2508 -8.76 63.21 -28.56
C VAL C 2508 -8.38 62.73 -29.95
N LEU C 2509 -7.70 63.57 -30.74
CA LEU C 2509 -7.23 63.12 -32.05
C LEU C 2509 -6.26 61.96 -31.90
N ASN C 2510 -5.51 61.92 -30.80
CA ASN C 2510 -4.57 60.84 -30.56
C ASN C 2510 -5.17 59.69 -29.76
N LEU C 2511 -6.28 59.91 -29.05
CA LEU C 2511 -7.03 58.78 -28.50
C LEU C 2511 -7.50 57.86 -29.61
N ILE C 2512 -7.85 58.44 -30.77
CA ILE C 2512 -8.22 57.64 -31.92
C ILE C 2512 -7.07 56.71 -32.30
N PHE C 2513 -5.85 57.21 -32.21
CA PHE C 2513 -4.67 56.39 -32.49
C PHE C 2513 -4.29 55.49 -31.33
N GLY C 2514 -4.71 55.84 -30.11
CA GLY C 2514 -4.35 55.02 -28.96
C GLY C 2514 -4.94 53.62 -29.05
N VAL C 2515 -6.25 53.54 -29.33
CA VAL C 2515 -6.90 52.24 -29.41
C VAL C 2515 -6.32 51.39 -30.53
N ILE C 2516 -5.85 52.03 -31.61
CA ILE C 2516 -5.40 51.28 -32.77
C ILE C 2516 -4.13 50.50 -32.45
N ILE C 2517 -3.33 50.98 -31.50
CA ILE C 2517 -2.22 50.18 -31.00
C ILE C 2517 -2.75 49.07 -30.11
N ASP C 2518 -3.47 49.45 -29.06
CA ASP C 2518 -3.96 48.51 -28.06
C ASP C 2518 -4.87 47.45 -28.68
N THR C 2519 -5.44 47.73 -29.86
CA THR C 2519 -6.19 46.70 -30.56
C THR C 2519 -5.27 45.65 -31.16
N PHE C 2520 -4.06 46.05 -31.61
CA PHE C 2520 -3.11 45.07 -32.11
C PHE C 2520 -2.73 44.08 -31.02
N ALA C 2521 -2.39 44.58 -29.83
CA ALA C 2521 -1.97 43.70 -28.75
C ALA C 2521 -3.08 42.74 -28.36
N ASP C 2522 -4.34 43.12 -28.58
CA ASP C 2522 -5.44 42.18 -28.35
C ASP C 2522 -5.38 41.02 -29.33
N LEU C 2523 -4.96 41.29 -30.57
CA LEU C 2523 -4.87 40.22 -31.56
C LEU C 2523 -3.76 39.24 -31.22
N ARG C 2524 -2.59 39.76 -30.85
CA ARG C 2524 -1.47 38.87 -30.54
C ARG C 2524 -1.74 38.06 -29.28
N SER C 2525 -2.37 38.68 -28.28
CA SER C 2525 -2.84 37.92 -27.13
C SER C 2525 -3.91 36.91 -27.53
N GLU C 2526 -4.61 37.15 -28.64
CA GLU C 2526 -5.58 36.21 -29.19
C GLU C 2526 -4.96 35.27 -30.20
N LYS C 2527 -3.92 35.71 -30.91
CA LYS C 2527 -3.33 34.92 -31.99
C LYS C 2527 -2.30 33.93 -31.46
N GLN C 2528 -1.38 34.40 -30.60
CA GLN C 2528 -0.44 33.49 -29.97
C GLN C 2528 -1.18 32.43 -29.17
N LYS C 2529 -2.20 32.85 -28.42
CA LYS C 2529 -3.00 31.91 -27.66
C LYS C 2529 -3.74 30.92 -28.58
N LYS C 2530 -4.03 31.34 -29.80
CA LYS C 2530 -4.71 30.45 -30.74
C LYS C 2530 -3.72 29.48 -31.40
N GLU C 2531 -2.59 30.01 -31.86
CA GLU C 2531 -1.61 29.16 -32.55
C GLU C 2531 -0.79 28.31 -31.59
N GLU C 2532 -0.72 28.68 -30.32
CA GLU C 2532 0.05 27.89 -29.36
C GLU C 2532 -0.65 26.60 -28.99
N ILE C 2533 -1.99 26.60 -28.95
CA ILE C 2533 -2.70 25.39 -28.54
C ILE C 2533 -2.68 24.34 -29.64
N LEU C 2534 -2.67 24.76 -30.90
CA LEU C 2534 -2.66 23.79 -31.99
C LEU C 2534 -1.37 22.97 -31.98
N LYS C 2535 -0.25 23.60 -31.63
CA LYS C 2535 1.01 22.87 -31.53
C LYS C 2535 1.11 22.11 -30.21
N THR C 2536 0.44 22.60 -29.17
CA THR C 2536 0.49 22.00 -27.83
C THR C 2536 -0.72 21.13 -27.56
N THR C 2537 -1.90 21.71 -27.66
CA THR C 2537 -3.14 21.04 -27.31
C THR C 2537 -3.68 20.25 -28.50
N CYS C 2538 -4.37 19.14 -28.19
CA CYS C 2538 -5.02 18.36 -29.23
C CYS C 2538 -6.30 19.04 -29.68
N PHE C 2539 -6.73 18.72 -30.89
CA PHE C 2539 -7.99 19.26 -31.40
C PHE C 2539 -9.19 18.71 -30.64
N ILE C 2540 -9.04 17.59 -29.93
CA ILE C 2540 -10.17 16.88 -29.33
C ILE C 2540 -10.00 16.77 -27.82
N CYS C 2541 -8.97 16.05 -27.40
CA CYS C 2541 -8.86 15.64 -26.00
C CYS C 2541 -8.45 16.78 -25.08
N GLY C 2542 -7.90 17.86 -25.60
CA GLY C 2542 -7.50 18.97 -24.77
C GLY C 2542 -6.24 18.78 -23.97
N LEU C 2543 -5.60 17.61 -24.06
CA LEU C 2543 -4.39 17.36 -23.29
C LEU C 2543 -3.21 18.12 -23.87
N GLU C 2544 -2.25 18.43 -22.99
CA GLU C 2544 -1.04 19.13 -23.38
C GLU C 2544 0.04 18.13 -23.77
N ARG C 2545 1.19 18.65 -24.22
CA ARG C 2545 2.33 17.81 -24.55
C ARG C 2545 3.09 17.33 -23.32
N ASP C 2546 2.96 18.03 -22.20
CA ASP C 2546 3.74 17.68 -21.01
C ASP C 2546 3.42 16.29 -20.50
N LYS C 2547 2.19 15.82 -20.72
CA LYS C 2547 1.83 14.46 -20.31
C LYS C 2547 2.59 13.44 -21.13
N PHE C 2548 2.40 13.47 -22.45
CA PHE C 2548 3.11 12.58 -23.36
C PHE C 2548 4.55 13.07 -23.52
N ASP C 2549 5.33 12.77 -22.49
CA ASP C 2549 6.74 13.14 -22.40
C ASP C 2549 7.66 11.96 -22.17
N ASN C 2550 7.21 10.96 -21.40
CA ASN C 2550 7.99 9.78 -21.07
C ASN C 2550 7.40 8.48 -21.58
N LYS C 2551 6.15 8.49 -22.04
CA LYS C 2551 5.50 7.26 -22.46
C LYS C 2551 5.95 6.86 -23.86
N THR C 2552 5.65 5.62 -24.23
CA THR C 2552 6.12 5.08 -25.50
C THR C 2552 5.51 5.80 -26.69
N VAL C 2553 4.28 6.28 -26.56
CA VAL C 2553 3.62 6.97 -27.66
C VAL C 2553 4.13 8.40 -27.77
N SER C 2554 4.35 8.85 -28.99
CA SER C 2554 4.71 10.24 -29.24
C SER C 2554 3.45 11.08 -29.39
N PHE C 2555 3.58 12.37 -29.07
CA PHE C 2555 2.45 13.28 -29.23
C PHE C 2555 2.01 13.37 -30.69
N GLU C 2556 2.95 13.23 -31.63
CA GLU C 2556 2.58 13.26 -33.03
C GLU C 2556 1.74 12.05 -33.40
N GLU C 2557 2.06 10.88 -32.83
CA GLU C 2557 1.24 9.71 -33.06
C GLU C 2557 -0.17 9.89 -32.50
N HIS C 2558 -0.31 10.64 -31.40
CA HIS C 2558 -1.62 10.89 -30.83
C HIS C 2558 -2.47 11.73 -31.78
N ILE C 2559 -1.90 12.77 -32.35
CA ILE C 2559 -2.62 13.61 -33.31
C ILE C 2559 -2.86 12.87 -34.62
N LYS C 2560 -2.04 11.87 -34.93
CA LYS C 2560 -2.09 11.23 -36.23
C LYS C 2560 -3.00 10.00 -36.27
N LEU C 2561 -2.98 9.18 -35.22
CA LEU C 2561 -3.68 7.90 -35.22
C LEU C 2561 -4.82 7.83 -34.20
N GLU C 2562 -4.53 8.07 -32.93
CA GLU C 2562 -5.50 7.77 -31.87
C GLU C 2562 -6.64 8.77 -31.86
N HIS C 2563 -6.34 10.04 -31.58
CA HIS C 2563 -7.33 11.11 -31.53
C HIS C 2563 -7.19 12.06 -32.72
N ASN C 2564 -6.87 11.51 -33.88
CA ASN C 2564 -6.88 12.32 -35.10
C ASN C 2564 -8.27 12.83 -35.39
N MET C 2565 -8.39 14.14 -35.55
CA MET C 2565 -9.70 14.77 -35.74
C MET C 2565 -10.40 14.22 -36.97
N TRP C 2566 -9.65 13.90 -38.01
CA TRP C 2566 -10.27 13.53 -39.28
C TRP C 2566 -10.87 12.13 -39.21
N ASN C 2567 -10.21 11.22 -38.50
CA ASN C 2567 -10.73 9.86 -38.38
C ASN C 2567 -12.08 9.84 -37.67
N TYR C 2568 -12.35 10.83 -36.82
CA TYR C 2568 -13.69 10.95 -36.24
C TYR C 2568 -14.72 11.24 -37.32
N LEU C 2569 -14.37 12.10 -38.28
CA LEU C 2569 -15.35 12.53 -39.27
C LEU C 2569 -15.71 11.39 -40.22
N TYR C 2570 -14.71 10.60 -40.62
CA TYR C 2570 -15.00 9.45 -41.48
C TYR C 2570 -15.99 8.50 -40.82
N PHE C 2571 -15.95 8.40 -39.49
CA PHE C 2571 -16.89 7.54 -38.78
C PHE C 2571 -18.31 8.08 -38.85
N ILE C 2572 -18.46 9.40 -38.73
CA ILE C 2572 -19.80 9.97 -38.70
C ILE C 2572 -20.43 9.92 -40.08
N VAL C 2573 -19.61 9.93 -41.15
CA VAL C 2573 -20.15 9.77 -42.49
C VAL C 2573 -20.62 8.33 -42.70
N LEU C 2574 -20.01 7.37 -42.01
CA LEU C 2574 -20.40 5.97 -42.14
C LEU C 2574 -21.83 5.73 -41.68
N VAL C 2575 -22.29 6.49 -40.70
CA VAL C 2575 -23.59 6.23 -40.09
C VAL C 2575 -24.71 6.60 -41.06
N ARG C 2576 -24.63 7.81 -41.65
CA ARG C 2576 -25.72 8.29 -42.49
C ARG C 2576 -25.86 7.50 -43.78
N VAL C 2577 -24.83 6.78 -44.21
CA VAL C 2577 -24.85 6.07 -45.48
C VAL C 2577 -25.22 4.60 -45.30
N LYS C 2578 -24.80 3.99 -44.20
CA LYS C 2578 -25.06 2.58 -43.98
C LYS C 2578 -26.51 2.35 -43.57
N ASN C 2579 -27.03 1.17 -43.90
CA ASN C 2579 -28.35 0.76 -43.46
C ASN C 2579 -28.41 0.72 -41.94
N LYS C 2580 -29.63 0.80 -41.41
CA LYS C 2580 -29.81 0.82 -39.96
C LYS C 2580 -29.57 -0.55 -39.34
N THR C 2581 -29.86 -1.62 -40.07
CA THR C 2581 -29.78 -2.96 -39.49
C THR C 2581 -28.34 -3.42 -39.31
N ASP C 2582 -27.43 -3.01 -40.20
CA ASP C 2582 -26.06 -3.49 -40.19
C ASP C 2582 -25.14 -2.71 -39.26
N TYR C 2583 -25.70 -1.81 -38.43
CA TYR C 2583 -24.88 -1.15 -37.42
C TYR C 2583 -24.36 -2.18 -36.43
N THR C 2584 -23.09 -2.05 -36.08
CA THR C 2584 -22.48 -2.90 -35.07
C THR C 2584 -22.93 -2.42 -33.70
N GLY C 2585 -22.33 -2.98 -32.64
CA GLY C 2585 -22.64 -2.59 -31.29
C GLY C 2585 -22.36 -1.12 -31.04
N PRO C 2586 -21.12 -0.70 -31.23
CA PRO C 2586 -20.80 0.72 -31.07
C PRO C 2586 -21.56 1.61 -32.05
N GLU C 2587 -21.63 1.22 -33.32
CA GLU C 2587 -22.27 2.07 -34.32
C GLU C 2587 -23.73 2.30 -34.00
N SER C 2588 -24.42 1.27 -33.51
CA SER C 2588 -25.82 1.43 -33.14
C SER C 2588 -25.97 2.38 -31.96
N TYR C 2589 -24.95 2.51 -31.11
CA TYR C 2589 -25.04 3.40 -29.97
C TYR C 2589 -24.86 4.85 -30.38
N VAL C 2590 -23.97 5.11 -31.33
CA VAL C 2590 -23.63 6.49 -31.67
C VAL C 2590 -24.82 7.18 -32.33
N ALA C 2591 -25.53 6.48 -33.21
CA ALA C 2591 -26.66 7.08 -33.90
C ALA C 2591 -27.76 7.49 -32.93
N GLN C 2592 -27.93 6.74 -31.84
CA GLN C 2592 -28.87 7.16 -30.80
C GLN C 2592 -28.41 8.46 -30.15
N MET C 2593 -27.10 8.69 -30.11
CA MET C 2593 -26.55 9.89 -29.49
C MET C 2593 -26.50 11.08 -30.42
N ILE C 2594 -26.57 10.87 -31.75
CA ILE C 2594 -26.54 11.99 -32.68
C ILE C 2594 -27.89 12.70 -32.70
N LYS C 2595 -28.97 11.95 -32.94
CA LYS C 2595 -30.28 12.57 -33.07
C LYS C 2595 -30.71 13.23 -31.77
N ASN C 2596 -30.29 12.70 -30.62
CA ASN C 2596 -30.53 13.36 -29.35
C ASN C 2596 -29.65 14.59 -29.14
N LYS C 2597 -28.68 14.82 -30.02
CA LYS C 2597 -27.82 16.01 -29.96
C LYS C 2597 -27.06 16.07 -28.64
N ASN C 2598 -26.22 15.07 -28.43
CA ASN C 2598 -25.31 15.00 -27.30
C ASN C 2598 -23.92 14.64 -27.79
N LEU C 2599 -22.91 15.12 -27.06
CA LEU C 2599 -21.51 14.96 -27.45
C LEU C 2599 -20.67 14.35 -26.33
N ASP C 2600 -21.29 13.59 -25.43
CA ASP C 2600 -20.53 12.96 -24.37
C ASP C 2600 -19.73 11.76 -24.85
N TRP C 2601 -19.96 11.30 -26.08
CA TRP C 2601 -19.27 10.10 -26.57
C TRP C 2601 -17.88 10.41 -27.13
N PHE C 2602 -17.59 11.67 -27.46
CA PHE C 2602 -16.21 12.04 -27.72
C PHE C 2602 -15.42 12.01 -26.41
N PRO C 2603 -14.15 11.62 -26.44
CA PRO C 2603 -13.36 11.66 -25.21
C PRO C 2603 -13.10 13.09 -24.76
N ARG C 2604 -12.68 13.21 -23.50
CA ARG C 2604 -12.44 14.52 -22.92
C ARG C 2604 -11.44 14.33 -21.78
N MET C 2605 -10.19 14.70 -22.03
CA MET C 2605 -9.12 14.63 -21.04
C MET C 2605 -8.88 13.19 -20.57
N ARG C 2606 -8.87 12.25 -21.52
CA ARG C 2606 -8.50 10.89 -21.23
C ARG C 2606 -8.06 10.22 -22.52
N ALA C 2607 -7.45 9.05 -22.38
CA ALA C 2607 -6.98 8.27 -23.51
C ALA C 2607 -6.54 6.90 -23.00
N MET C 2608 -6.14 6.04 -23.93
CA MET C 2608 -5.72 4.68 -23.61
C MET C 2608 -4.23 4.55 -23.35
N SER C 2609 -3.42 5.51 -23.82
CA SER C 2609 -1.97 5.36 -23.71
C SER C 2609 -1.45 5.58 -22.29
N LEU C 2610 -2.26 6.17 -21.41
CA LEU C 2610 -1.84 6.44 -20.03
C LEU C 2610 -2.26 5.33 -19.09
N VAL C 2611 -3.57 5.09 -18.99
CA VAL C 2611 -4.20 4.18 -18.02
C VAL C 2611 -3.56 4.24 -16.63
N SER D 5 4.51 -10.15 52.87
CA SER D 5 4.84 -8.87 53.48
C SER D 5 4.54 -7.72 52.52
N SER D 6 4.61 -6.50 53.04
CA SER D 6 4.34 -5.32 52.22
C SER D 6 4.99 -4.12 52.88
N PHE D 7 5.33 -3.13 52.06
CA PHE D 7 5.98 -1.92 52.56
C PHE D 7 4.96 -0.98 53.18
N LEU D 8 5.35 -0.33 54.27
CA LEU D 8 4.51 0.69 54.88
C LEU D 8 4.60 1.99 54.10
N HIS D 9 3.50 2.75 54.11
CA HIS D 9 3.40 4.00 53.40
C HIS D 9 2.64 5.00 54.25
N ILE D 10 2.79 6.28 53.89
CA ILE D 10 2.11 7.35 54.63
C ILE D 10 0.60 7.20 54.45
N GLY D 11 -0.15 7.45 55.52
CA GLY D 11 -1.59 7.36 55.51
C GLY D 11 -2.15 6.00 55.85
N ASP D 12 -1.33 4.95 55.82
CA ASP D 12 -1.82 3.61 56.13
C ASP D 12 -2.17 3.49 57.61
N ILE D 13 -3.29 2.83 57.88
CA ILE D 13 -3.74 2.55 59.24
C ILE D 13 -3.22 1.17 59.64
N VAL D 14 -2.72 1.07 60.87
CA VAL D 14 -2.11 -0.15 61.40
C VAL D 14 -2.57 -0.34 62.83
N SER D 15 -2.14 -1.45 63.43
CA SER D 15 -2.48 -1.80 64.82
C SER D 15 -1.19 -2.14 65.54
N LEU D 16 -0.66 -1.20 66.29
CA LEU D 16 0.60 -1.42 67.02
C LEU D 16 0.39 -2.43 68.14
N TYR D 17 1.39 -3.27 68.35
CA TYR D 17 1.33 -4.35 69.34
C TYR D 17 2.63 -4.40 70.10
N ALA D 18 2.56 -4.21 71.42
CA ALA D 18 3.74 -4.26 72.27
C ALA D 18 4.11 -5.69 72.61
N GLU D 19 5.40 -5.92 72.85
CA GLU D 19 5.89 -7.21 73.32
C GLU D 19 7.07 -6.98 74.25
N GLY D 20 7.12 -7.73 75.33
CA GLY D 20 8.14 -7.57 76.36
C GLY D 20 7.61 -7.97 77.71
N SER D 21 7.72 -7.08 78.70
CA SER D 21 7.13 -7.33 80.01
C SER D 21 5.61 -7.41 79.91
N VAL D 22 5.01 -6.73 78.93
CA VAL D 22 3.56 -6.63 78.79
C VAL D 22 3.21 -6.86 77.33
N ASN D 23 2.46 -7.94 77.06
CA ASN D 23 1.99 -8.26 75.72
C ASN D 23 0.56 -7.74 75.56
N GLY D 24 0.34 -6.94 74.53
CA GLY D 24 -1.00 -6.43 74.27
C GLY D 24 -0.98 -5.25 73.33
N PHE D 25 -2.18 -4.86 72.91
CA PHE D 25 -2.39 -3.73 72.03
C PHE D 25 -2.60 -2.45 72.86
N ILE D 26 -2.56 -1.32 72.16
CA ILE D 26 -2.86 -0.03 72.79
C ILE D 26 -4.36 0.08 72.99
N SER D 27 -4.76 0.73 74.09
CA SER D 27 -6.16 0.97 74.40
C SER D 27 -6.31 2.37 74.96
N THR D 28 -7.53 2.90 74.86
CA THR D 28 -7.87 4.24 75.30
C THR D 28 -9.03 4.16 76.30
N LEU D 29 -9.47 5.33 76.78
CA LEU D 29 -10.57 5.41 77.73
C LEU D 29 -11.52 6.54 77.33
N GLY D 30 -11.85 6.62 76.05
CA GLY D 30 -12.83 7.57 75.57
C GLY D 30 -12.26 8.93 75.27
N LEU D 31 -13.18 9.89 75.09
CA LEU D 31 -12.82 11.26 74.76
C LEU D 31 -12.60 12.13 75.99
N VAL D 32 -13.23 11.77 77.12
CA VAL D 32 -13.01 12.51 78.37
C VAL D 32 -11.55 12.38 78.79
N ASP D 33 -11.05 11.15 78.84
CA ASP D 33 -9.67 10.87 79.22
C ASP D 33 -8.80 10.76 77.97
N ASP D 34 -7.61 11.35 78.03
CA ASP D 34 -6.67 11.35 76.92
C ASP D 34 -5.46 10.46 77.16
N ARG D 35 -5.50 9.60 78.18
CA ARG D 35 -4.38 8.72 78.48
C ARG D 35 -4.43 7.48 77.58
N CYS D 36 -3.31 6.76 77.56
CA CYS D 36 -3.16 5.53 76.78
C CYS D 36 -2.74 4.39 77.71
N VAL D 37 -3.35 3.23 77.52
CA VAL D 37 -3.13 2.05 78.35
C VAL D 37 -3.04 0.83 77.45
N VAL D 38 -2.81 -0.33 78.09
CA VAL D 38 -2.67 -1.62 77.40
C VAL D 38 -3.63 -2.60 78.05
N GLU D 39 -4.11 -3.56 77.25
CA GLU D 39 -5.07 -4.57 77.69
C GLU D 39 -4.51 -5.96 77.37
N PRO D 40 -3.64 -6.51 78.23
CA PRO D 40 -3.09 -7.84 77.95
C PRO D 40 -4.12 -8.97 78.01
N ALA D 41 -5.25 -8.75 78.68
CA ALA D 41 -6.24 -9.82 78.78
C ALA D 41 -6.81 -10.18 77.42
N ALA D 42 -7.32 -9.18 76.70
CA ALA D 42 -7.89 -9.38 75.36
C ALA D 42 -6.90 -9.11 74.24
N GLY D 43 -5.77 -8.46 74.53
CA GLY D 43 -4.79 -8.15 73.51
C GLY D 43 -4.00 -9.37 73.06
N ASP D 44 -4.21 -9.81 71.83
CA ASP D 44 -3.51 -10.97 71.29
C ASP D 44 -3.68 -10.98 69.78
N LEU D 45 -2.72 -11.60 69.09
CA LEU D 45 -2.79 -11.71 67.63
C LEU D 45 -4.04 -12.46 67.20
N ASP D 46 -4.20 -13.69 67.70
CA ASP D 46 -5.48 -14.37 67.60
C ASP D 46 -6.49 -13.69 68.52
N ASN D 47 -7.77 -14.15 68.41
CA ASN D 47 -8.96 -13.73 69.16
C ASN D 47 -8.92 -12.26 69.58
N PRO D 48 -8.89 -11.33 68.63
CA PRO D 48 -8.63 -9.92 68.97
C PRO D 48 -9.73 -9.36 69.84
N PRO D 49 -9.50 -8.21 70.49
CA PRO D 49 -10.52 -7.66 71.38
C PRO D 49 -11.76 -7.25 70.61
N LYS D 50 -12.90 -7.29 71.30
CA LYS D 50 -14.15 -6.93 70.66
C LYS D 50 -14.22 -5.43 70.37
N LYS D 51 -13.46 -4.62 71.11
CA LYS D 51 -13.23 -3.22 70.75
C LYS D 51 -11.95 -3.07 69.92
N PHE D 52 -11.85 -3.87 68.85
CA PHE D 52 -10.68 -3.79 67.98
C PHE D 52 -10.62 -2.47 67.23
N ARG D 53 -11.77 -1.83 67.00
CA ARG D 53 -11.82 -0.57 66.28
C ARG D 53 -11.06 0.54 66.99
N ASP D 54 -10.88 0.43 68.31
CA ASP D 54 -10.14 1.43 69.07
C ASP D 54 -8.63 1.34 68.85
N CYS D 55 -8.12 0.17 68.45
CA CYS D 55 -6.69 -0.05 68.32
C CYS D 55 -6.11 0.44 67.00
N LEU D 56 -6.85 1.23 66.22
CA LEU D 56 -6.38 1.72 64.93
C LEU D 56 -5.59 3.01 65.12
N PHE D 57 -4.51 3.14 64.35
CA PHE D 57 -3.67 4.33 64.36
C PHE D 57 -3.20 4.63 62.95
N LYS D 58 -3.28 5.90 62.55
CA LYS D 58 -2.93 6.34 61.21
C LYS D 58 -1.62 7.11 61.25
N VAL D 59 -0.62 6.64 60.50
CA VAL D 59 0.61 7.39 60.34
C VAL D 59 0.34 8.66 59.53
N CYS D 60 1.10 9.70 59.82
CA CYS D 60 0.97 10.99 59.14
C CYS D 60 2.36 11.59 59.00
N PRO D 61 2.57 12.47 58.02
CA PRO D 61 3.93 12.98 57.77
C PRO D 61 4.26 14.15 58.69
N MET D 62 5.46 14.68 58.51
CA MET D 62 5.99 15.77 59.33
C MET D 62 5.32 17.08 58.91
N ASN D 63 4.38 17.55 59.71
CA ASN D 63 3.80 18.88 59.54
C ASN D 63 4.70 19.90 60.25
N ARG D 64 4.23 21.14 60.36
CA ARG D 64 4.95 22.20 61.07
C ARG D 64 4.04 22.82 62.12
N TYR D 65 4.64 23.23 63.23
CA TYR D 65 3.91 23.83 64.35
C TYR D 65 4.69 25.02 64.90
N SER D 66 5.20 25.86 63.99
CA SER D 66 5.96 27.04 64.40
C SER D 66 5.04 28.21 64.76
N ALA D 67 4.23 28.66 63.80
CA ALA D 67 3.44 29.87 64.02
C ALA D 67 2.36 29.67 65.07
N GLN D 68 1.85 28.45 65.23
CA GLN D 68 0.83 28.20 66.24
C GLN D 68 1.40 28.36 67.65
N LYS D 69 2.62 27.85 67.87
CA LYS D 69 3.27 28.02 69.17
C LYS D 69 3.54 29.49 69.47
N GLN D 70 3.83 30.29 68.44
CA GLN D 70 4.07 31.71 68.65
C GLN D 70 2.82 32.40 69.18
N TYR D 71 1.64 31.98 68.71
CA TYR D 71 0.39 32.55 69.20
C TYR D 71 -0.07 31.91 70.51
N TRP D 72 0.31 30.65 70.75
CA TRP D 72 -0.06 30.00 72.00
C TRP D 72 0.63 30.65 73.19
N LYS D 73 1.83 31.19 72.99
CA LYS D 73 2.49 31.97 74.03
C LYS D 73 1.89 33.37 74.18
N ALA D 74 1.18 33.85 73.16
CA ALA D 74 0.70 35.23 73.17
C ALA D 74 -0.55 35.38 74.04
N LYS D 75 -1.59 34.60 73.77
CA LYS D 75 -2.85 34.75 74.50
C LYS D 75 -2.77 34.26 75.94
N GLN D 76 -1.67 33.61 76.34
CA GLN D 76 -1.51 33.21 77.73
C GLN D 76 -1.43 34.43 78.63
N THR D 77 -0.50 35.33 78.36
CA THR D 77 -0.26 36.51 79.20
C THR D 77 -1.30 37.57 78.87
N LYS D 78 -2.22 37.81 79.81
CA LYS D 78 -3.17 38.91 79.80
C LYS D 78 -4.27 38.76 78.74
N GLN D 79 -4.21 37.75 77.89
CA GLN D 79 -5.09 37.67 76.71
C GLN D 79 -5.02 38.95 75.89
N ALA D 85 -0.20 45.18 75.47
CA ALA D 85 -0.99 44.45 74.49
C ALA D 85 -1.26 45.32 73.27
N ASP D 86 -1.34 44.68 72.09
CA ASP D 86 -1.61 45.37 70.84
C ASP D 86 -2.61 44.53 70.04
N VAL D 87 -3.79 45.10 69.78
CA VAL D 87 -4.81 44.39 69.02
C VAL D 87 -4.32 44.09 67.61
N VAL D 88 -3.47 44.95 67.06
CA VAL D 88 -2.94 44.73 65.72
C VAL D 88 -2.00 43.53 65.71
N LEU D 89 -1.30 43.27 66.81
CA LEU D 89 -0.44 42.09 66.91
C LEU D 89 -1.26 40.81 66.82
N LEU D 90 -2.28 40.70 67.66
CA LEU D 90 -3.05 39.45 67.75
C LEU D 90 -3.79 39.16 66.45
N GLN D 91 -4.12 40.20 65.68
CA GLN D 91 -4.75 39.99 64.38
C GLN D 91 -3.78 39.35 63.39
N LYS D 92 -2.50 39.70 63.45
CA LYS D 92 -1.53 39.18 62.50
C LYS D 92 -1.15 37.73 62.79
N LEU D 93 -1.11 37.34 64.07
CA LEU D 93 -0.79 35.96 64.40
C LEU D 93 -1.88 34.99 63.95
N GLN D 94 -3.11 35.47 63.77
CA GLN D 94 -4.14 34.63 63.17
C GLN D 94 -3.79 34.28 61.73
N HIS D 95 -3.36 35.28 60.95
CA HIS D 95 -3.01 35.03 59.56
C HIS D 95 -1.82 34.09 59.45
N ALA D 96 -0.83 34.23 60.33
CA ALA D 96 0.33 33.34 60.29
C ALA D 96 -0.01 31.96 60.79
N ALA D 97 -0.96 31.84 61.73
CA ALA D 97 -1.31 30.56 62.32
C ALA D 97 -2.40 29.83 61.55
N GLN D 98 -3.42 30.56 61.06
CA GLN D 98 -4.54 29.91 60.39
C GLN D 98 -4.13 29.34 59.04
N MET D 99 -3.33 30.08 58.29
CA MET D 99 -2.96 29.63 56.94
C MET D 99 -2.03 28.44 56.99
N GLU D 100 -1.15 28.36 58.00
CA GLU D 100 -0.27 27.21 58.11
C GLU D 100 -1.04 25.93 58.42
N GLN D 101 -2.20 26.04 59.06
CA GLN D 101 -3.08 24.90 59.24
C GLN D 101 -3.63 24.39 57.90
N LYS D 102 -3.71 25.25 56.89
CA LYS D 102 -4.07 24.84 55.55
C LYS D 102 -2.86 24.41 54.72
N GLN D 103 -1.68 24.97 55.02
CA GLN D 103 -0.48 24.64 54.26
C GLN D 103 0.03 23.25 54.60
N ASN D 104 0.01 22.88 55.88
CA ASN D 104 0.52 21.57 56.27
C ASN D 104 -0.38 20.44 55.76
N ASP D 105 -1.69 20.69 55.65
CA ASP D 105 -2.57 19.70 55.04
C ASP D 105 -2.27 19.56 53.54
N THR D 106 -2.01 20.68 52.87
CA THR D 106 -1.54 20.63 51.49
C THR D 106 -0.22 19.88 51.40
N GLU D 107 0.69 20.14 52.34
CA GLU D 107 1.93 19.37 52.43
C GLU D 107 1.62 17.92 52.78
N ASN D 108 0.64 17.69 53.63
CA ASN D 108 0.24 16.32 53.97
C ASN D 108 -0.32 15.61 52.75
N LYS D 109 -1.20 16.27 52.00
CA LYS D 109 -1.78 15.68 50.80
C LYS D 109 -0.71 15.34 49.77
N LYS D 110 0.35 16.15 49.71
CA LYS D 110 1.46 15.86 48.79
C LYS D 110 2.23 14.63 49.26
N VAL D 111 2.43 14.48 50.57
CA VAL D 111 3.15 13.33 51.10
C VAL D 111 2.23 12.13 51.37
N HIS D 112 0.92 12.33 51.38
CA HIS D 112 -0.03 11.26 51.69
C HIS D 112 0.10 10.13 50.68
N GLY D 113 0.46 8.94 51.16
CA GLY D 113 0.61 7.77 50.33
C GLY D 113 2.02 7.44 49.91
N ASP D 114 3.03 8.18 50.39
CA ASP D 114 4.40 7.96 49.98
C ASP D 114 5.11 7.00 50.94
N VAL D 115 6.38 6.71 50.63
CA VAL D 115 7.14 5.69 51.34
C VAL D 115 7.53 6.19 52.73
N VAL D 116 7.59 5.26 53.68
CA VAL D 116 8.13 5.52 55.01
C VAL D 116 9.54 4.95 55.05
N LYS D 117 10.43 5.62 55.79
CA LYS D 117 11.81 5.21 55.93
C LYS D 117 12.24 5.27 57.38
N TYR D 118 13.11 4.34 57.76
CA TYR D 118 13.63 4.30 59.12
C TYR D 118 14.50 5.52 59.39
N GLY D 119 14.31 6.13 60.55
CA GLY D 119 15.04 7.32 60.92
C GLY D 119 14.37 8.63 60.57
N SER D 120 13.35 8.61 59.71
CA SER D 120 12.65 9.81 59.32
C SER D 120 11.61 10.21 60.38
N VAL D 121 10.99 11.36 60.17
CA VAL D 121 9.98 11.88 61.06
C VAL D 121 8.61 11.38 60.59
N ILE D 122 7.81 10.89 61.55
CA ILE D 122 6.45 10.42 61.27
C ILE D 122 5.51 11.06 62.29
N GLN D 123 4.23 10.66 62.21
CA GLN D 123 3.22 11.24 63.10
C GLN D 123 2.02 10.31 63.11
N LEU D 124 1.60 9.92 64.31
CA LEU D 124 0.48 8.99 64.49
C LEU D 124 -0.79 9.73 64.85
N LEU D 125 -1.92 9.21 64.36
CA LEU D 125 -3.24 9.79 64.59
C LEU D 125 -4.21 8.70 64.99
N HIS D 126 -5.06 9.02 65.97
CA HIS D 126 -6.10 8.10 66.44
C HIS D 126 -7.40 8.45 65.72
N MET D 127 -7.93 7.49 64.95
CA MET D 127 -9.04 7.79 64.05
C MET D 127 -10.31 8.11 64.82
N LYS D 128 -10.71 7.24 65.74
CA LYS D 128 -11.96 7.42 66.47
C LYS D 128 -11.97 8.71 67.27
N SER D 129 -10.80 9.18 67.70
CA SER D 129 -10.68 10.41 68.48
C SER D 129 -10.21 11.60 67.65
N ASN D 130 -9.47 11.36 66.56
CA ASN D 130 -8.89 12.43 65.76
C ASN D 130 -7.97 13.30 66.61
N LYS D 131 -7.03 12.66 67.30
CA LYS D 131 -6.10 13.33 68.19
C LYS D 131 -4.73 12.69 68.05
N TYR D 132 -3.73 13.50 67.70
CA TYR D 132 -2.38 13.00 67.49
C TYR D 132 -1.74 12.61 68.82
N LEU D 133 -0.71 11.77 68.72
CA LEU D 133 0.04 11.36 69.91
C LEU D 133 0.96 12.48 70.38
N THR D 134 1.25 12.49 71.68
CA THR D 134 2.02 13.56 72.28
C THR D 134 2.73 13.04 73.52
N VAL D 135 3.93 13.57 73.75
CA VAL D 135 4.73 13.27 74.94
C VAL D 135 5.18 14.60 75.54
N ASN D 136 4.56 14.98 76.64
CA ASN D 136 4.89 16.25 77.30
C ASN D 136 6.21 16.14 78.04
N LYS D 137 6.90 17.29 78.15
CA LYS D 137 8.24 17.35 78.73
C LYS D 137 8.33 18.22 79.97
N ARG D 138 7.37 19.13 80.19
CA ARG D 138 7.54 20.17 81.21
C ARG D 138 7.17 19.69 82.61
N LEU D 139 6.45 18.57 82.75
CA LEU D 139 6.02 18.09 84.05
C LEU D 139 5.92 16.57 84.04
N PRO D 140 5.98 15.91 85.22
CA PRO D 140 5.93 14.45 85.24
C PRO D 140 4.52 13.87 85.22
N ALA D 141 4.40 12.55 85.28
CA ALA D 141 3.14 11.85 85.08
C ALA D 141 2.45 11.56 86.42
N LEU D 142 1.41 10.71 86.38
CA LEU D 142 0.55 10.46 87.53
C LEU D 142 1.08 9.35 88.44
N LEU D 143 1.52 8.22 87.87
CA LEU D 143 1.87 7.07 88.70
C LEU D 143 3.27 7.22 89.29
N GLU D 144 4.29 7.26 88.45
CA GLU D 144 5.67 7.49 88.89
C GLU D 144 6.06 8.92 88.56
N LYS D 145 6.67 9.62 89.52
CA LYS D 145 6.73 11.07 89.51
C LYS D 145 8.07 11.64 89.04
N ASN D 146 9.04 10.78 88.71
CA ASN D 146 10.30 11.24 88.12
C ASN D 146 10.17 11.51 86.63
N ALA D 147 8.95 11.55 86.09
CA ALA D 147 8.71 10.86 84.83
C ALA D 147 7.62 11.53 83.98
N MET D 148 7.96 11.85 82.74
CA MET D 148 7.05 12.48 81.79
C MET D 148 5.78 11.64 81.58
N ARG D 149 4.76 12.26 80.99
CA ARG D 149 3.51 11.60 80.65
C ARG D 149 3.28 11.60 79.15
N VAL D 150 2.38 10.73 78.71
CA VAL D 150 1.91 10.64 77.33
C VAL D 150 0.50 11.21 77.28
N THR D 151 0.22 12.01 76.26
CA THR D 151 -1.05 12.68 76.11
C THR D 151 -1.52 12.59 74.66
N LEU D 152 -2.80 12.86 74.45
CA LEU D 152 -3.41 12.95 73.13
C LEU D 152 -3.92 14.38 72.93
N ASP D 153 -3.60 14.96 71.78
CA ASP D 153 -3.99 16.33 71.45
C ASP D 153 -4.58 16.36 70.04
N ALA D 154 -5.53 17.27 69.83
CA ALA D 154 -6.21 17.37 68.55
C ALA D 154 -5.27 17.85 67.46
N THR D 155 -4.74 19.07 67.62
CA THR D 155 -3.85 19.64 66.61
C THR D 155 -2.43 19.09 66.72
N GLY D 156 -2.01 18.66 67.91
CA GLY D 156 -0.68 18.16 68.11
C GLY D 156 0.30 19.26 68.45
N ASN D 157 1.58 18.90 68.44
CA ASN D 157 2.66 19.83 68.75
C ASN D 157 3.96 19.24 68.22
N GLU D 158 5.07 19.91 68.54
CA GLU D 158 6.37 19.43 68.09
C GLU D 158 6.71 18.08 68.68
N GLY D 159 6.20 17.78 69.88
CA GLY D 159 6.45 16.49 70.50
C GLY D 159 5.77 15.33 69.80
N SER D 160 4.76 15.59 68.97
CA SER D 160 4.08 14.53 68.25
C SER D 160 4.98 13.84 67.24
N TRP D 161 6.06 14.50 66.80
CA TRP D 161 7.01 13.88 65.88
C TRP D 161 7.65 12.66 66.53
N LEU D 162 8.08 11.72 65.69
CA LEU D 162 8.66 10.47 66.18
C LEU D 162 9.74 10.01 65.21
N PHE D 163 10.98 9.90 65.69
CA PHE D 163 12.03 9.19 64.97
C PHE D 163 11.71 7.70 64.99
N ILE D 164 11.21 7.18 63.87
CA ILE D 164 10.97 5.75 63.74
C ILE D 164 12.30 5.06 63.45
N GLN D 165 12.52 3.93 64.12
CA GLN D 165 13.75 3.16 63.97
C GLN D 165 13.42 1.69 64.12
N PRO D 166 14.29 0.79 63.66
CA PRO D 166 14.05 -0.64 63.83
C PRO D 166 14.60 -1.13 65.17
N PHE D 167 14.28 -2.39 65.48
CA PHE D 167 14.77 -3.06 66.68
C PHE D 167 15.81 -4.12 66.36
N TRP D 168 15.56 -4.97 65.37
CA TRP D 168 16.53 -5.98 64.98
C TRP D 168 17.69 -5.33 64.24
N LYS D 169 18.84 -6.00 64.28
CA LYS D 169 20.05 -5.54 63.62
C LYS D 169 20.18 -6.07 62.19
N LEU D 170 19.10 -6.58 61.60
CA LEU D 170 19.14 -7.10 60.24
C LEU D 170 19.10 -6.00 59.19
N ARG D 171 18.75 -4.77 59.56
CA ARG D 171 18.75 -3.64 58.64
C ARG D 171 19.23 -2.40 59.38
N SER D 172 19.22 -1.26 58.69
CA SER D 172 19.70 -0.01 59.24
C SER D 172 18.78 1.12 58.77
N ASN D 173 19.10 2.34 59.20
CA ASN D 173 18.32 3.50 58.80
C ASN D 173 18.44 3.72 57.29
N GLY D 174 17.46 4.42 56.74
CA GLY D 174 17.36 4.68 55.31
C GLY D 174 16.52 3.66 54.57
N ASP D 175 16.55 2.41 55.02
CA ASP D 175 15.72 1.37 54.42
C ASP D 175 14.24 1.67 54.66
N ASN D 176 13.39 0.94 53.94
CA ASN D 176 11.96 1.18 53.96
C ASN D 176 11.28 0.29 55.00
N VAL D 177 10.19 0.81 55.58
CA VAL D 177 9.44 0.10 56.60
C VAL D 177 8.52 -0.94 55.94
N VAL D 178 8.29 -2.03 56.65
CA VAL D 178 7.41 -3.11 56.20
C VAL D 178 6.46 -3.48 57.32
N VAL D 179 5.50 -4.33 56.98
CA VAL D 179 4.51 -4.81 57.96
C VAL D 179 5.14 -5.92 58.79
N GLY D 180 4.82 -5.95 60.08
CA GLY D 180 5.32 -6.97 60.97
C GLY D 180 6.70 -6.71 61.54
N ASP D 181 7.35 -5.60 61.19
CA ASP D 181 8.67 -5.31 61.70
C ASP D 181 8.58 -4.66 63.08
N LYS D 182 9.44 -5.12 63.99
CA LYS D 182 9.51 -4.56 65.33
C LYS D 182 10.30 -3.25 65.28
N VAL D 183 9.66 -2.15 65.68
CA VAL D 183 10.18 -0.81 65.49
C VAL D 183 10.25 -0.09 66.84
N ILE D 184 10.73 1.15 66.79
CA ILE D 184 10.95 1.99 67.96
C ILE D 184 10.36 3.36 67.67
N LEU D 185 9.48 3.85 68.56
CA LEU D 185 8.80 5.14 68.39
C LEU D 185 9.51 6.16 69.27
N ASN D 186 10.53 6.82 68.71
CA ASN D 186 11.39 7.72 69.47
C ASN D 186 11.01 9.17 69.18
N PRO D 187 10.55 9.98 70.15
CA PRO D 187 10.18 11.37 69.85
C PRO D 187 11.40 12.27 69.68
N VAL D 188 11.10 13.56 69.40
CA VAL D 188 12.11 14.55 69.03
C VAL D 188 12.55 15.33 70.26
N ASN D 189 11.62 16.07 70.86
CA ASN D 189 11.97 16.94 71.98
C ASN D 189 12.29 16.11 73.22
N ALA D 190 11.45 15.12 73.54
CA ALA D 190 11.78 14.18 74.60
C ALA D 190 13.05 13.42 74.28
N GLY D 191 13.02 12.64 73.19
CA GLY D 191 14.19 11.94 72.71
C GLY D 191 14.40 10.54 73.25
N GLN D 192 13.35 9.91 73.81
CA GLN D 192 13.46 8.55 74.35
C GLN D 192 12.16 7.81 74.00
N PRO D 193 12.21 6.60 73.45
CA PRO D 193 11.00 5.97 72.91
C PRO D 193 10.10 5.38 73.99
N LEU D 194 8.86 5.07 73.59
CA LEU D 194 7.81 4.64 74.51
C LEU D 194 7.58 3.14 74.46
N HIS D 195 7.14 2.59 75.59
CA HIS D 195 6.80 1.16 75.72
C HIS D 195 5.89 0.99 76.92
N ALA D 196 5.65 -0.27 77.31
CA ALA D 196 4.69 -0.61 78.35
C ALA D 196 5.40 -0.83 79.68
N SER D 197 4.62 -1.09 80.73
CA SER D 197 5.16 -1.27 82.07
C SER D 197 4.08 -1.88 82.97
N ASN D 198 4.40 -2.00 84.26
CA ASN D 198 3.58 -2.70 85.23
C ASN D 198 2.82 -1.79 86.17
N TYR D 199 3.05 -0.47 86.12
CA TYR D 199 2.39 0.45 87.04
C TYR D 199 0.89 0.48 86.72
N GLU D 200 0.11 -0.17 87.56
CA GLU D 200 -1.32 -0.31 87.34
C GLU D 200 -2.07 0.94 87.77
N LEU D 201 -3.18 1.20 87.11
CA LEU D 201 -4.01 2.38 87.38
C LEU D 201 -5.08 2.06 88.42
N SER D 202 -5.61 3.10 89.04
CA SER D 202 -6.70 2.99 90.00
C SER D 202 -8.08 3.18 89.37
N ASP D 203 -8.16 3.71 88.15
CA ASP D 203 -9.45 3.95 87.52
C ASP D 203 -10.15 2.64 87.19
N ASN D 204 -9.49 1.78 86.42
CA ASN D 204 -10.04 0.49 86.01
C ASN D 204 -8.93 -0.55 86.04
N ALA D 205 -9.29 -1.76 86.47
CA ALA D 205 -8.31 -2.84 86.57
C ALA D 205 -7.92 -3.35 85.19
N GLY D 206 -6.74 -3.96 85.11
CA GLY D 206 -6.22 -4.50 83.88
C GLY D 206 -5.48 -3.51 83.01
N CYS D 207 -5.65 -2.21 83.24
CA CYS D 207 -4.99 -1.18 82.45
C CYS D 207 -3.62 -0.87 83.03
N LYS D 208 -2.63 -0.72 82.15
CA LYS D 208 -1.26 -0.43 82.55
C LYS D 208 -0.73 0.73 81.72
N GLU D 209 0.00 1.62 82.38
CA GLU D 209 0.43 2.86 81.74
C GLU D 209 1.55 2.60 80.73
N VAL D 210 1.43 3.23 79.57
CA VAL D 210 2.50 3.26 78.57
C VAL D 210 3.55 4.27 79.03
N ASN D 211 4.82 3.87 79.01
CA ASN D 211 5.88 4.75 79.47
C ASN D 211 7.15 4.57 78.64
N SER D 212 7.92 5.65 78.59
CA SER D 212 9.16 5.77 77.81
C SER D 212 10.37 5.81 78.72
N VAL D 213 11.00 4.64 78.92
CA VAL D 213 12.35 4.55 79.47
C VAL D 213 13.18 3.73 78.50
N ASN D 214 14.48 4.03 78.43
CA ASN D 214 15.37 3.44 77.44
C ASN D 214 15.64 1.98 77.81
N CYS D 215 14.66 1.13 77.48
CA CYS D 215 14.75 -0.31 77.64
C CYS D 215 14.31 -0.96 76.33
N ASN D 216 14.25 -2.28 76.32
CA ASN D 216 13.85 -2.99 75.11
C ASN D 216 12.39 -2.69 74.77
N THR D 217 12.10 -2.63 73.47
CA THR D 217 10.79 -2.22 72.97
C THR D 217 10.57 -2.83 71.60
N SER D 218 9.32 -3.18 71.33
CA SER D 218 8.95 -3.72 70.02
C SER D 218 7.46 -3.47 69.81
N TRP D 219 7.15 -2.51 68.94
CA TRP D 219 5.77 -2.20 68.55
C TRP D 219 5.54 -2.83 67.18
N LYS D 220 5.13 -4.09 67.18
CA LYS D 220 4.90 -4.83 65.94
C LYS D 220 3.78 -4.18 65.14
N ILE D 221 4.15 -3.58 64.00
CA ILE D 221 3.16 -2.94 63.13
C ILE D 221 2.35 -4.04 62.45
N ASN D 222 1.03 -4.00 62.63
CA ASN D 222 0.12 -4.94 62.01
C ASN D 222 -0.81 -4.17 61.08
N LEU D 223 -0.82 -4.54 59.81
CA LEU D 223 -1.59 -3.83 58.81
C LEU D 223 -3.08 -4.15 58.95
N PHE D 224 -3.90 -3.13 58.76
CA PHE D 224 -5.35 -3.27 58.75
C PHE D 224 -5.97 -2.65 57.50
N MET D 225 -5.33 -1.61 56.97
CA MET D 225 -5.91 -0.87 55.85
C MET D 225 -4.81 -0.09 55.16
N GLN D 226 -4.73 -0.22 53.84
CA GLN D 226 -3.77 0.53 53.03
C GLN D 226 -4.41 1.80 52.48
N PHE D 227 -3.55 2.71 52.01
CA PHE D 227 -4.06 3.89 51.32
C PHE D 227 -4.79 3.50 50.03
N ARG D 228 -4.36 2.40 49.39
CA ARG D 228 -5.07 1.89 48.23
C ARG D 228 -6.48 1.45 48.59
N ASP D 229 -6.68 0.97 49.83
CA ASP D 229 -8.00 0.53 50.27
C ASP D 229 -8.87 1.69 50.69
N HIS D 230 -8.28 2.74 51.27
CA HIS D 230 -9.05 3.85 51.83
C HIS D 230 -9.64 4.68 50.69
N LEU D 231 -10.72 4.17 50.12
CA LEU D 231 -11.48 4.83 49.06
C LEU D 231 -12.88 5.18 49.57
N GLU D 232 -13.61 5.93 48.74
CA GLU D 232 -14.92 6.44 49.11
C GLU D 232 -16.07 5.61 48.54
N GLU D 233 -15.83 4.78 47.52
CA GLU D 233 -16.87 4.06 46.81
C GLU D 233 -16.70 2.54 46.94
N VAL D 234 -16.27 2.08 48.11
CA VAL D 234 -16.14 0.65 48.38
C VAL D 234 -16.48 0.37 49.83
N LEU D 235 -17.05 -0.81 50.08
CA LEU D 235 -17.26 -1.29 51.44
C LEU D 235 -15.98 -1.90 51.98
N LYS D 236 -15.80 -1.80 53.29
CA LYS D 236 -14.57 -2.24 53.93
C LYS D 236 -14.89 -2.82 55.31
N GLY D 237 -13.91 -3.52 55.87
CA GLY D 237 -14.08 -4.12 57.18
C GLY D 237 -13.82 -3.10 58.28
N GLY D 238 -14.58 -3.23 59.37
CA GLY D 238 -14.50 -2.31 60.48
C GLY D 238 -15.37 -1.07 60.35
N ASP D 239 -15.99 -0.86 59.20
CA ASP D 239 -16.88 0.29 59.02
C ASP D 239 -18.30 -0.06 59.47
N VAL D 240 -19.02 0.97 59.90
CA VAL D 240 -20.37 0.85 60.43
C VAL D 240 -21.34 1.23 59.32
N VAL D 241 -22.43 0.45 59.19
CA VAL D 241 -23.46 0.67 58.19
C VAL D 241 -24.81 0.33 58.79
N ARG D 242 -25.87 0.65 58.04
CA ARG D 242 -27.24 0.30 58.38
C ARG D 242 -27.67 -0.92 57.57
N LEU D 243 -28.92 -1.34 57.76
CA LEU D 243 -29.53 -2.40 56.97
C LEU D 243 -30.97 -2.00 56.68
N PHE D 244 -31.21 -1.49 55.47
CA PHE D 244 -32.53 -1.07 55.03
C PHE D 244 -33.09 -2.08 54.03
N HIS D 245 -34.41 -2.25 54.07
CA HIS D 245 -35.13 -3.19 53.22
C HIS D 245 -36.20 -2.44 52.42
N ALA D 246 -36.47 -2.93 51.21
CA ALA D 246 -37.31 -2.20 50.27
C ALA D 246 -38.79 -2.59 50.35
N GLU D 247 -39.12 -3.88 50.39
CA GLU D 247 -40.51 -4.30 50.33
C GLU D 247 -41.26 -3.91 51.59
N GLN D 248 -40.85 -4.45 52.74
CA GLN D 248 -41.46 -4.09 54.01
C GLN D 248 -41.23 -2.63 54.38
N GLU D 249 -40.19 -2.00 53.82
CA GLU D 249 -39.82 -0.62 54.16
C GLU D 249 -39.50 -0.50 55.66
N LYS D 250 -38.57 -1.33 56.10
CA LYS D 250 -38.21 -1.41 57.52
C LYS D 250 -36.72 -1.70 57.66
N PHE D 251 -36.16 -1.26 58.78
CA PHE D 251 -34.77 -1.50 59.14
C PHE D 251 -34.63 -2.78 59.96
N LEU D 252 -33.38 -3.21 60.15
CA LEU D 252 -33.03 -4.26 61.09
C LEU D 252 -32.52 -3.62 62.37
N THR D 253 -33.02 -4.12 63.52
CA THR D 253 -32.58 -3.66 64.82
C THR D 253 -32.58 -4.83 65.80
N CYS D 254 -32.03 -4.58 66.98
CA CYS D 254 -32.07 -5.53 68.07
C CYS D 254 -32.03 -4.75 69.38
N ASP D 255 -32.94 -5.09 70.29
CA ASP D 255 -33.07 -4.35 71.54
C ASP D 255 -33.48 -5.32 72.64
N GLU D 256 -33.20 -4.92 73.89
CA GLU D 256 -33.40 -5.80 75.03
C GLU D 256 -34.89 -6.01 75.32
N TYR D 257 -35.28 -7.27 75.46
CA TYR D 257 -36.60 -7.64 75.97
C TYR D 257 -36.43 -8.94 76.73
N LYS D 258 -37.02 -9.01 77.94
CA LYS D 258 -36.56 -9.94 78.97
C LYS D 258 -35.07 -9.72 79.21
N GLY D 259 -34.67 -8.44 79.28
CA GLY D 259 -33.28 -8.07 79.47
C GLY D 259 -32.27 -8.71 78.54
N LYS D 260 -32.73 -9.25 77.41
CA LYS D 260 -31.90 -10.00 76.48
C LYS D 260 -32.22 -9.56 75.06
N LEU D 261 -31.26 -9.75 74.18
CA LEU D 261 -31.32 -9.18 72.84
C LEU D 261 -32.05 -10.13 71.90
N GLN D 262 -33.15 -9.64 71.35
CA GLN D 262 -33.92 -10.35 70.33
C GLN D 262 -33.99 -9.47 69.11
N VAL D 263 -33.50 -9.97 67.97
CA VAL D 263 -33.51 -9.19 66.74
C VAL D 263 -34.94 -8.96 66.28
N PHE D 264 -35.19 -7.79 65.70
CA PHE D 264 -36.51 -7.47 65.15
C PHE D 264 -36.35 -6.32 64.17
N LEU D 265 -37.47 -5.97 63.53
CA LEU D 265 -37.54 -4.91 62.54
C LEU D 265 -38.39 -3.77 63.07
N ARG D 266 -37.99 -2.53 62.75
CA ARG D 266 -38.69 -1.36 63.25
C ARG D 266 -39.91 -1.06 62.38
N THR D 267 -41.04 -0.77 63.03
CA THR D 267 -42.28 -0.41 62.34
C THR D 267 -42.40 1.11 62.33
N THR D 268 -41.66 1.74 61.41
CA THR D 268 -41.75 3.18 61.26
C THR D 268 -43.12 3.56 60.71
N LEU D 269 -43.76 4.52 61.36
CA LEU D 269 -45.07 5.04 60.96
C LEU D 269 -44.99 6.49 60.52
N ARG D 270 -43.88 6.89 59.92
CA ARG D 270 -43.68 8.21 59.36
C ARG D 270 -43.71 8.12 57.84
N GLN D 271 -43.93 9.27 57.20
CA GLN D 271 -44.04 9.31 55.75
C GLN D 271 -42.74 8.89 55.09
N SER D 272 -41.66 9.63 55.37
CA SER D 272 -40.34 9.33 54.82
C SER D 272 -39.61 8.40 55.80
N ALA D 273 -39.28 7.19 55.33
CA ALA D 273 -38.51 6.26 56.13
C ALA D 273 -37.05 6.67 56.28
N THR D 274 -36.60 7.71 55.59
CA THR D 274 -35.24 8.23 55.73
C THR D 274 -35.13 9.18 56.93
N SER D 275 -35.50 8.70 58.10
CA SER D 275 -35.40 9.49 59.33
C SER D 275 -35.04 8.68 60.56
N ALA D 276 -34.92 7.36 60.48
CA ALA D 276 -34.74 6.49 61.64
C ALA D 276 -33.26 6.09 61.72
N THR D 277 -32.48 6.94 62.36
CA THR D 277 -31.05 6.67 62.59
C THR D 277 -30.82 6.03 63.96
N SER D 278 -31.55 4.95 64.22
CA SER D 278 -31.48 4.28 65.51
C SER D 278 -30.10 3.69 65.74
N SER D 279 -29.59 3.85 66.97
CA SER D 279 -28.27 3.33 67.30
C SER D 279 -28.23 1.81 67.23
N ASN D 280 -29.34 1.15 67.56
CA ASN D 280 -29.41 -0.30 67.45
C ASN D 280 -29.54 -0.77 66.01
N ALA D 281 -29.78 0.13 65.05
CA ALA D 281 -29.85 -0.22 63.64
C ALA D 281 -28.49 -0.28 62.96
N LEU D 282 -27.40 -0.06 63.69
CA LEU D 282 -26.06 0.01 63.12
C LEU D 282 -25.31 -1.28 63.37
N TRP D 283 -24.49 -1.68 62.39
CA TRP D 283 -23.78 -2.94 62.43
C TRP D 283 -22.42 -2.76 61.76
N GLU D 284 -21.36 -3.08 62.51
CA GLU D 284 -20.00 -2.96 62.00
C GLU D 284 -19.58 -4.24 61.31
N VAL D 285 -18.88 -4.10 60.18
CA VAL D 285 -18.46 -5.21 59.35
C VAL D 285 -17.09 -5.68 59.82
N GLU D 286 -16.84 -6.98 59.69
CA GLU D 286 -15.51 -7.57 59.97
C GLU D 286 -15.26 -8.64 58.92
N VAL D 287 -14.55 -8.27 57.86
CA VAL D 287 -14.19 -9.20 56.81
C VAL D 287 -13.22 -10.23 57.38
N VAL D 288 -13.63 -11.49 57.40
CA VAL D 288 -12.82 -12.55 57.97
C VAL D 288 -11.89 -13.10 56.88
N HIS D 289 -10.62 -13.28 57.24
CA HIS D 289 -9.62 -13.91 56.38
C HIS D 289 -8.95 -15.04 57.14
N HIS D 290 -7.89 -15.62 56.58
CA HIS D 290 -7.10 -16.60 57.33
C HIS D 290 -6.50 -15.97 58.58
N ASP D 291 -6.19 -14.68 58.55
CA ASP D 291 -5.71 -13.96 59.71
C ASP D 291 -6.89 -13.31 60.43
N PRO D 292 -7.20 -13.70 61.67
CA PRO D 292 -8.32 -13.02 62.37
C PRO D 292 -8.08 -11.54 62.58
N CYS D 293 -6.85 -11.15 62.94
CA CYS D 293 -6.52 -9.73 63.17
C CYS D 293 -6.13 -9.05 61.86
N ARG D 294 -7.07 -9.05 60.93
CA ARG D 294 -6.87 -8.47 59.60
C ARG D 294 -8.21 -8.07 59.05
N GLY D 295 -8.22 -6.99 58.27
CA GLY D 295 -9.45 -6.46 57.69
C GLY D 295 -9.17 -5.79 56.38
N GLY D 296 -9.76 -4.60 56.20
CA GLY D 296 -9.68 -3.89 54.93
C GLY D 296 -10.88 -4.19 54.05
N ALA D 297 -10.68 -4.13 52.74
CA ALA D 297 -11.78 -4.40 51.81
C ALA D 297 -12.19 -5.87 51.89
N GLY D 298 -13.28 -6.19 51.19
CA GLY D 298 -13.84 -7.53 51.19
C GLY D 298 -14.33 -7.96 49.82
N HIS D 299 -14.15 -9.24 49.50
CA HIS D 299 -14.58 -9.82 48.24
C HIS D 299 -16.00 -10.33 48.34
N TRP D 300 -16.59 -10.66 47.19
CA TRP D 300 -17.94 -11.20 47.17
C TRP D 300 -17.96 -12.62 47.73
N ASN D 301 -17.09 -13.49 47.21
CA ASN D 301 -17.02 -14.86 47.72
C ASN D 301 -16.48 -14.92 49.14
N GLY D 302 -15.82 -13.87 49.61
CA GLY D 302 -15.33 -13.87 50.98
C GLY D 302 -16.46 -13.92 51.99
N LEU D 303 -16.11 -14.37 53.18
CA LEU D 303 -17.08 -14.55 54.27
C LEU D 303 -17.17 -13.29 55.12
N TYR D 304 -18.24 -13.20 55.91
CA TYR D 304 -18.55 -12.01 56.68
C TYR D 304 -19.09 -12.41 58.06
N ARG D 305 -18.83 -11.54 59.04
CA ARG D 305 -19.35 -11.69 60.40
C ARG D 305 -19.68 -10.30 60.91
N PHE D 306 -20.97 -10.00 61.09
CA PHE D 306 -21.40 -8.66 61.46
C PHE D 306 -21.38 -8.48 62.97
N LYS D 307 -21.13 -7.24 63.40
CA LYS D 307 -20.92 -6.89 64.80
C LYS D 307 -21.91 -5.81 65.21
N HIS D 308 -22.48 -5.93 66.40
CA HIS D 308 -23.23 -4.83 66.98
C HIS D 308 -22.26 -3.82 67.59
N LEU D 309 -22.56 -2.53 67.38
CA LEU D 309 -21.59 -1.49 67.70
C LEU D 309 -21.48 -1.27 69.21
N ALA D 310 -22.60 -0.96 69.86
CA ALA D 310 -22.56 -0.59 71.28
C ALA D 310 -22.33 -1.81 72.16
N THR D 311 -23.27 -2.77 72.14
CA THR D 311 -23.14 -3.97 72.95
C THR D 311 -21.88 -4.76 72.60
N GLY D 312 -21.47 -4.74 71.33
CA GLY D 312 -20.32 -5.51 70.92
C GLY D 312 -20.60 -6.96 70.65
N ASN D 313 -21.83 -7.30 70.28
CA ASN D 313 -22.25 -8.68 70.08
C ASN D 313 -22.46 -8.95 68.60
N TYR D 314 -22.22 -10.20 68.19
CA TYR D 314 -22.23 -10.58 66.79
C TYR D 314 -23.52 -11.29 66.40
N LEU D 315 -23.90 -11.14 65.14
CA LEU D 315 -25.05 -11.85 64.60
C LEU D 315 -24.75 -13.34 64.44
N ALA D 316 -25.78 -14.16 64.59
CA ALA D 316 -25.63 -15.60 64.44
C ALA D 316 -27.02 -16.20 64.25
N ALA D 317 -27.10 -17.54 64.22
CA ALA D 317 -28.34 -18.25 63.98
C ALA D 317 -28.46 -19.40 64.97
N GLU D 318 -29.70 -19.77 65.27
CA GLU D 318 -29.98 -20.87 66.19
C GLU D 318 -31.27 -21.57 65.74
N GLU D 319 -31.56 -22.68 66.39
CA GLU D 319 -32.79 -23.41 66.13
C GLU D 319 -34.00 -22.56 66.50
N TYR D 352 -34.39 -21.77 61.15
CA TYR D 352 -33.45 -21.31 62.18
C TYR D 352 -33.64 -19.83 62.47
N CYS D 353 -33.83 -19.50 63.74
CA CYS D 353 -33.97 -18.11 64.15
C CYS D 353 -32.62 -17.41 64.11
N LEU D 354 -32.60 -16.15 64.55
CA LEU D 354 -31.39 -15.34 64.59
C LEU D 354 -31.33 -14.63 65.94
N VAL D 355 -30.15 -14.64 66.57
CA VAL D 355 -29.90 -13.99 67.84
C VAL D 355 -28.51 -13.34 67.77
N ALA D 356 -28.13 -12.70 68.88
CA ALA D 356 -26.80 -12.11 69.03
C ALA D 356 -25.94 -13.02 69.90
N VAL D 357 -24.63 -12.98 69.64
CA VAL D 357 -23.64 -13.80 70.35
C VAL D 357 -22.49 -12.89 70.76
N PRO D 358 -22.00 -12.92 72.03
CA PRO D 358 -20.98 -11.95 72.44
C PRO D 358 -19.55 -12.31 72.03
N HIS D 359 -19.38 -13.25 71.11
CA HIS D 359 -18.05 -13.66 70.66
C HIS D 359 -18.14 -14.19 69.24
N GLY D 360 -17.17 -13.82 68.42
CA GLY D 360 -17.17 -14.14 67.00
C GLY D 360 -16.14 -15.18 66.61
N ASN D 361 -15.98 -16.22 67.44
CA ASN D 361 -15.16 -17.38 67.10
C ASN D 361 -15.99 -18.58 66.63
N ASP D 362 -17.31 -18.52 66.75
CA ASP D 362 -18.17 -19.60 66.29
C ASP D 362 -18.16 -19.68 64.77
N ILE D 363 -18.86 -20.70 64.25
CA ILE D 363 -18.96 -20.96 62.81
C ILE D 363 -20.35 -20.54 62.33
N ALA D 364 -21.34 -20.61 63.22
CA ALA D 364 -22.70 -20.23 62.88
C ALA D 364 -22.85 -18.74 62.58
N SER D 365 -21.93 -17.91 63.06
CA SER D 365 -22.00 -16.46 62.85
C SER D 365 -21.45 -16.02 61.49
N LEU D 366 -21.20 -16.94 60.56
CA LEU D 366 -20.65 -16.62 59.26
C LEU D 366 -21.75 -16.59 58.20
N PHE D 367 -21.62 -15.66 57.25
CA PHE D 367 -22.56 -15.51 56.16
C PHE D 367 -21.76 -15.24 54.89
N GLU D 368 -22.46 -15.05 53.77
CA GLU D 368 -21.82 -14.77 52.49
C GLU D 368 -22.77 -13.98 51.62
N LEU D 369 -22.20 -13.11 50.78
CA LEU D 369 -22.98 -12.28 49.87
C LEU D 369 -23.14 -12.98 48.53
N ASP D 370 -24.30 -12.74 47.90
CA ASP D 370 -24.64 -13.36 46.62
C ASP D 370 -25.38 -12.31 45.80
N PRO D 371 -24.68 -11.56 44.94
CA PRO D 371 -25.28 -10.35 44.38
C PRO D 371 -26.41 -10.63 43.40
N THR D 372 -27.26 -9.61 43.24
CA THR D 372 -28.23 -9.53 42.16
C THR D 372 -27.64 -8.86 40.93
N THR D 373 -26.81 -7.84 41.14
CA THR D 373 -26.18 -7.13 40.03
C THR D 373 -25.15 -8.01 39.35
N LEU D 374 -25.06 -7.87 38.03
CA LEU D 374 -24.12 -8.64 37.23
C LEU D 374 -22.75 -7.99 37.33
N GLN D 375 -21.87 -8.56 38.16
CA GLN D 375 -20.54 -8.02 38.40
C GLN D 375 -19.64 -9.16 38.82
N LYS D 376 -18.36 -9.07 38.46
CA LYS D 376 -17.42 -10.12 38.79
C LYS D 376 -17.28 -10.27 40.30
N THR D 377 -16.89 -11.47 40.72
CA THR D 377 -16.89 -11.82 42.15
C THR D 377 -15.62 -11.42 42.87
N ASP D 378 -14.49 -11.30 42.16
CA ASP D 378 -13.24 -10.92 42.82
C ASP D 378 -13.17 -9.44 43.17
N SER D 379 -13.97 -8.60 42.53
CA SER D 379 -13.97 -7.17 42.83
C SER D 379 -14.49 -6.92 44.24
N PHE D 380 -14.08 -5.78 44.81
CA PHE D 380 -14.53 -5.40 46.14
C PHE D 380 -16.00 -4.99 46.11
N VAL D 381 -16.64 -5.14 47.27
CA VAL D 381 -18.06 -4.78 47.43
C VAL D 381 -18.18 -3.27 47.32
N PRO D 382 -18.94 -2.72 46.37
CA PRO D 382 -19.09 -1.26 46.34
C PRO D 382 -19.93 -0.76 47.50
N ARG D 383 -19.87 0.56 47.69
CA ARG D 383 -20.58 1.19 48.80
C ARG D 383 -22.08 1.00 48.66
N ASN D 384 -22.74 0.82 49.82
CA ASN D 384 -24.19 0.70 50.02
C ASN D 384 -24.92 -0.01 48.88
N SER D 385 -24.47 -1.22 48.54
CA SER D 385 -25.04 -1.98 47.44
C SER D 385 -26.14 -2.91 47.93
N TYR D 386 -27.10 -3.18 47.05
CA TYR D 386 -28.16 -4.13 47.33
C TYR D 386 -27.64 -5.55 47.17
N VAL D 387 -27.85 -6.38 48.20
CA VAL D 387 -27.26 -7.72 48.27
C VAL D 387 -28.27 -8.69 48.86
N ARG D 388 -27.98 -9.97 48.68
CA ARG D 388 -28.66 -11.07 49.37
C ARG D 388 -27.75 -11.59 50.47
N LEU D 389 -28.36 -12.31 51.42
CA LEU D 389 -27.65 -12.87 52.58
C LEU D 389 -27.94 -14.35 52.67
N ARG D 390 -26.89 -15.13 52.94
CA ARG D 390 -26.99 -16.59 52.98
C ARG D 390 -26.24 -17.12 54.20
N HIS D 391 -26.86 -18.09 54.88
CA HIS D 391 -26.19 -18.79 55.97
C HIS D 391 -25.29 -19.86 55.41
N LEU D 392 -24.16 -20.09 56.10
CA LEU D 392 -23.08 -20.90 55.56
C LEU D 392 -23.27 -22.39 55.84
N CYS D 393 -23.35 -22.77 57.12
CA CYS D 393 -23.40 -24.18 57.48
C CYS D 393 -24.72 -24.82 57.05
N THR D 394 -25.84 -24.32 57.57
CA THR D 394 -27.14 -24.88 57.24
C THR D 394 -27.49 -24.70 55.77
N ASN D 395 -26.87 -23.74 55.08
CA ASN D 395 -27.18 -23.43 53.68
C ASN D 395 -28.64 -23.00 53.55
N THR D 396 -28.96 -21.91 54.24
CA THR D 396 -30.31 -21.34 54.28
C THR D 396 -30.26 -19.88 53.82
N TRP D 397 -31.46 -19.32 53.64
CA TRP D 397 -31.63 -17.92 53.22
C TRP D 397 -32.52 -17.22 54.24
N ILE D 398 -32.16 -15.97 54.56
CA ILE D 398 -32.92 -15.22 55.56
C ILE D 398 -34.28 -14.84 55.00
N GLN D 399 -35.28 -14.83 55.88
CA GLN D 399 -36.66 -14.52 55.49
C GLN D 399 -37.34 -13.82 56.66
N SER D 400 -37.77 -12.58 56.42
CA SER D 400 -38.51 -11.81 57.42
C SER D 400 -40.01 -12.03 57.16
N THR D 401 -40.71 -12.50 58.19
CA THR D 401 -42.13 -12.86 58.07
C THR D 401 -42.95 -12.02 59.05
N ASN D 402 -44.26 -11.98 58.81
CA ASN D 402 -45.19 -11.23 59.65
C ASN D 402 -45.61 -12.11 60.82
N VAL D 403 -44.72 -12.20 61.80
CA VAL D 403 -44.94 -12.95 63.03
C VAL D 403 -44.55 -12.05 64.19
N PRO D 404 -45.42 -11.15 64.65
CA PRO D 404 -45.06 -10.30 65.80
C PRO D 404 -44.79 -11.14 67.04
N ILE D 405 -43.57 -11.02 67.56
CA ILE D 405 -43.24 -11.66 68.83
C ILE D 405 -44.06 -11.04 69.96
N ASP D 406 -44.28 -9.74 69.91
CA ASP D 406 -44.89 -8.99 71.01
C ASP D 406 -46.38 -8.75 70.75
N ILE D 407 -47.15 -9.84 70.68
CA ILE D 407 -48.60 -9.72 70.60
C ILE D 407 -49.19 -9.26 71.92
N GLU D 408 -48.48 -9.46 73.03
CA GLU D 408 -49.00 -9.09 74.34
C GLU D 408 -49.18 -7.59 74.47
N GLU D 409 -48.14 -6.82 74.11
CA GLU D 409 -48.20 -5.38 74.21
C GLU D 409 -49.09 -4.80 73.09
N GLU D 410 -49.47 -3.54 73.27
CA GLU D 410 -50.21 -2.83 72.25
C GLU D 410 -49.27 -2.39 71.14
N ARG D 411 -49.79 -2.39 69.90
CA ARG D 411 -49.00 -2.04 68.72
C ARG D 411 -47.79 -2.97 68.59
N PRO D 412 -47.98 -4.24 68.26
CA PRO D 412 -46.82 -5.13 68.07
C PRO D 412 -45.91 -4.64 66.96
N ILE D 413 -44.62 -4.57 67.27
CA ILE D 413 -43.60 -4.18 66.29
C ILE D 413 -42.39 -5.11 66.26
N ARG D 414 -42.21 -5.98 67.26
CA ARG D 414 -41.04 -6.84 67.34
C ARG D 414 -41.31 -8.09 66.52
N LEU D 415 -41.05 -8.00 65.22
CA LEU D 415 -41.32 -9.10 64.30
C LEU D 415 -40.25 -10.18 64.39
N MET D 416 -40.61 -11.37 63.93
CA MET D 416 -39.66 -12.48 63.88
C MET D 416 -38.78 -12.37 62.64
N LEU D 417 -37.57 -12.91 62.75
CA LEU D 417 -36.63 -12.93 61.63
C LEU D 417 -35.80 -14.20 61.73
N GLY D 418 -35.91 -15.07 60.73
CA GLY D 418 -35.19 -16.33 60.71
C GLY D 418 -34.69 -16.69 59.33
N THR D 419 -34.56 -17.98 59.05
CA THR D 419 -34.06 -18.47 57.77
C THR D 419 -34.92 -19.66 57.33
N CYS D 420 -34.73 -20.06 56.07
CA CYS D 420 -35.35 -21.26 55.53
C CYS D 420 -34.42 -21.85 54.49
N PRO D 421 -34.52 -23.16 54.21
CA PRO D 421 -33.57 -23.78 53.27
C PRO D 421 -33.90 -23.55 51.80
N THR D 422 -34.88 -22.70 51.50
CA THR D 422 -35.25 -22.37 50.13
C THR D 422 -34.79 -20.95 49.80
N LYS D 423 -34.88 -20.61 48.52
CA LYS D 423 -34.37 -19.35 48.00
C LYS D 423 -35.47 -18.29 48.08
N GLU D 424 -35.25 -17.26 48.89
CA GLU D 424 -36.14 -16.10 48.99
C GLU D 424 -35.40 -14.91 48.39
N ASP D 425 -35.78 -14.55 47.16
CA ASP D 425 -35.25 -13.34 46.54
C ASP D 425 -35.97 -12.11 47.05
N LYS D 426 -37.24 -12.26 47.45
CA LYS D 426 -38.01 -11.12 47.95
C LYS D 426 -37.41 -10.59 49.26
N GLU D 427 -36.91 -11.48 50.11
CA GLU D 427 -36.27 -11.09 51.38
C GLU D 427 -34.76 -11.02 51.15
N ALA D 428 -34.28 -9.80 50.98
CA ALA D 428 -32.86 -9.55 50.76
C ALA D 428 -32.55 -8.15 51.29
N PHE D 429 -31.93 -8.06 52.47
CA PHE D 429 -31.60 -6.79 53.06
C PHE D 429 -30.39 -6.18 52.38
N ALA D 430 -30.31 -4.85 52.45
CA ALA D 430 -29.32 -4.04 51.75
C ALA D 430 -28.43 -3.33 52.76
N ILE D 431 -27.57 -2.44 52.25
CA ILE D 431 -26.62 -1.70 53.06
C ILE D 431 -26.79 -0.22 52.74
N VAL D 432 -26.60 0.63 53.75
CA VAL D 432 -26.68 2.08 53.60
C VAL D 432 -25.54 2.70 54.42
N SER D 433 -25.00 3.80 53.90
CA SER D 433 -23.90 4.47 54.57
C SER D 433 -24.37 5.14 55.86
N VAL D 434 -23.44 5.79 56.55
CA VAL D 434 -23.75 6.49 57.79
C VAL D 434 -22.74 7.62 58.01
N PRO D 435 -23.12 8.78 58.57
CA PRO D 435 -22.11 9.76 58.96
C PRO D 435 -21.22 9.29 60.09
N VAL D 436 -20.27 10.13 60.51
CA VAL D 436 -19.32 9.78 61.55
C VAL D 436 -19.61 10.48 62.87
N SER D 437 -20.33 11.61 62.87
CA SER D 437 -20.62 12.32 64.11
C SER D 437 -21.50 11.49 65.04
N GLU D 438 -22.40 10.68 64.48
CA GLU D 438 -23.25 9.84 65.33
C GLU D 438 -22.44 8.77 66.03
N ILE D 439 -21.43 8.21 65.35
CA ILE D 439 -20.61 7.17 65.95
C ILE D 439 -19.79 7.74 67.11
N ARG D 440 -19.33 8.98 66.98
CA ARG D 440 -18.60 9.63 68.06
C ARG D 440 -19.49 9.88 69.26
N ASP D 441 -20.67 10.47 69.03
CA ASP D 441 -21.62 10.70 70.11
C ASP D 441 -22.09 9.40 70.73
N LEU D 442 -22.16 8.33 69.94
CA LEU D 442 -22.53 7.02 70.46
C LEU D 442 -21.49 6.51 71.46
N ASP D 443 -20.22 6.57 71.09
CA ASP D 443 -19.16 6.10 71.97
C ASP D 443 -19.11 6.92 73.25
N PHE D 444 -19.46 8.20 73.18
CA PHE D 444 -19.55 9.01 74.39
C PHE D 444 -20.66 8.53 75.31
N ALA D 445 -21.70 7.89 74.76
CA ALA D 445 -22.79 7.40 75.57
C ALA D 445 -22.43 6.09 76.27
N ASN D 446 -21.90 5.12 75.51
CA ASN D 446 -21.53 3.85 76.10
C ASN D 446 -20.36 3.98 77.06
N ASP D 447 -19.44 4.90 76.78
CA ASP D 447 -18.40 5.21 77.77
C ASP D 447 -19.00 5.81 79.03
N ALA D 448 -20.10 6.55 78.90
CA ALA D 448 -20.80 7.07 80.06
C ALA D 448 -21.67 6.01 80.71
N SER D 449 -22.36 5.20 79.90
CA SER D 449 -23.21 4.15 80.45
C SER D 449 -22.40 3.12 81.22
N SER D 450 -21.24 2.73 80.70
CA SER D 450 -20.36 1.82 81.42
C SER D 450 -19.83 2.46 82.69
N MET D 451 -19.70 3.78 82.71
CA MET D 451 -19.22 4.48 83.90
C MET D 451 -20.35 4.74 84.89
N LEU D 452 -21.54 5.07 84.39
CA LEU D 452 -22.67 5.35 85.26
C LEU D 452 -23.32 4.06 85.79
N ALA D 453 -23.34 3.01 84.96
CA ALA D 453 -23.97 1.77 85.39
C ALA D 453 -23.24 1.16 86.60
N SER D 454 -21.92 1.31 86.64
CA SER D 454 -21.17 0.87 87.80
C SER D 454 -21.45 1.74 89.02
N ALA D 455 -21.75 3.02 88.79
CA ALA D 455 -22.04 3.93 89.90
C ALA D 455 -23.36 3.60 90.59
N VAL D 456 -24.30 2.98 89.86
CA VAL D 456 -25.57 2.58 90.46
C VAL D 456 -25.32 1.53 91.54
N GLU D 457 -24.67 0.42 91.17
CA GLU D 457 -24.34 -0.60 92.15
C GLU D 457 -23.37 -0.10 93.20
N LYS D 458 -22.54 0.90 92.84
CA LYS D 458 -21.55 1.42 93.79
C LYS D 458 -22.23 2.06 95.00
N LEU D 459 -23.25 2.89 94.77
CA LEU D 459 -23.97 3.53 95.86
C LEU D 459 -24.91 2.59 96.59
N ASN D 460 -25.30 1.48 95.97
CA ASN D 460 -26.19 0.52 96.61
C ASN D 460 -25.50 -0.34 97.65
N GLU D 461 -24.16 -0.44 97.60
CA GLU D 461 -23.45 -1.26 98.58
C GLU D 461 -23.51 -0.63 99.96
N GLY D 462 -23.25 0.68 100.06
CA GLY D 462 -23.21 1.38 101.33
C GLY D 462 -21.92 2.13 101.58
N PHE D 463 -21.18 2.44 100.52
CA PHE D 463 -19.92 3.17 100.64
C PHE D 463 -19.47 3.63 99.27
N ILE D 464 -18.86 4.81 99.21
CA ILE D 464 -18.30 5.34 97.98
C ILE D 464 -17.03 6.11 98.31
N SER D 465 -16.08 6.10 97.38
CA SER D 465 -14.81 6.78 97.56
C SER D 465 -14.95 8.26 97.20
N GLN D 466 -14.04 9.06 97.76
CA GLN D 466 -14.07 10.50 97.50
C GLN D 466 -13.72 10.81 96.05
N ASN D 467 -12.88 9.98 95.42
CA ASN D 467 -12.56 10.19 94.02
C ASN D 467 -13.72 9.81 93.11
N ASP D 468 -14.52 8.82 93.51
CA ASP D 468 -15.67 8.42 92.70
C ASP D 468 -16.69 9.53 92.62
N ARG D 469 -17.11 10.06 93.78
CA ARG D 469 -18.05 11.18 93.78
C ARG D 469 -17.46 12.39 93.07
N ARG D 470 -16.15 12.60 93.21
CA ARG D 470 -15.51 13.71 92.52
C ARG D 470 -15.52 13.53 91.01
N PHE D 471 -15.60 12.29 90.53
CA PHE D 471 -15.52 11.99 89.11
C PHE D 471 -16.90 11.88 88.46
N VAL D 472 -17.85 11.22 89.11
CA VAL D 472 -19.18 11.05 88.52
C VAL D 472 -19.88 12.39 88.34
N ILE D 473 -19.62 13.36 89.23
CA ILE D 473 -20.23 14.68 89.10
C ILE D 473 -19.72 15.37 87.84
N GLN D 474 -18.40 15.32 87.60
CA GLN D 474 -17.84 15.96 86.42
C GLN D 474 -18.35 15.30 85.14
N LEU D 475 -18.73 14.03 85.20
CA LEU D 475 -19.28 13.36 84.02
C LEU D 475 -20.69 13.85 83.71
N LEU D 476 -21.50 14.06 84.75
CA LEU D 476 -22.85 14.56 84.54
C LEU D 476 -22.84 15.99 84.01
N GLU D 477 -21.84 16.78 84.40
CA GLU D 477 -21.75 18.16 83.92
C GLU D 477 -21.53 18.22 82.41
N ASP D 478 -20.81 17.24 81.85
CA ASP D 478 -20.59 17.21 80.41
C ASP D 478 -21.85 16.80 79.66
N LEU D 479 -22.68 15.95 80.25
CA LEU D 479 -23.90 15.51 79.59
C LEU D 479 -24.85 16.67 79.33
N VAL D 480 -24.83 17.69 80.19
CA VAL D 480 -25.71 18.85 80.00
C VAL D 480 -25.31 19.60 78.74
N PHE D 481 -24.04 20.00 78.65
CA PHE D 481 -23.54 20.66 77.44
C PHE D 481 -23.43 19.69 76.26
N PHE D 482 -23.37 18.39 76.51
CA PHE D 482 -23.39 17.43 75.41
C PHE D 482 -24.71 17.52 74.64
N VAL D 483 -25.82 17.62 75.37
CA VAL D 483 -27.12 17.77 74.73
C VAL D 483 -27.28 19.19 74.19
N SER D 484 -27.10 20.18 75.06
CA SER D 484 -27.40 21.58 74.76
C SER D 484 -26.33 22.28 73.93
N ASP D 485 -25.25 21.58 73.55
CA ASP D 485 -24.10 22.05 72.77
C ASP D 485 -23.73 23.51 73.04
N VAL D 486 -23.67 23.87 74.32
CA VAL D 486 -23.26 25.21 74.74
C VAL D 486 -21.74 25.17 74.86
N PRO D 487 -21.00 26.18 74.43
CA PRO D 487 -19.53 26.10 74.53
C PRO D 487 -19.06 26.11 75.98
N ASN D 488 -17.82 25.65 76.17
CA ASN D 488 -17.22 25.50 77.48
C ASN D 488 -16.50 26.80 77.88
N ASN D 489 -17.32 27.84 78.09
CA ASN D 489 -16.78 29.12 78.54
C ASN D 489 -16.56 29.19 80.05
N GLY D 490 -16.96 28.16 80.80
CA GLY D 490 -16.75 28.14 82.23
C GLY D 490 -17.83 28.88 83.00
N GLN D 491 -19.09 28.57 82.69
CA GLN D 491 -20.26 29.14 83.35
C GLN D 491 -20.90 28.08 84.24
N ASN D 492 -22.04 28.43 84.83
CA ASN D 492 -22.81 27.48 85.62
C ASN D 492 -23.56 26.52 84.70
N VAL D 493 -23.41 25.22 84.96
CA VAL D 493 -24.16 24.21 84.22
C VAL D 493 -25.66 24.34 84.45
N LEU D 494 -26.07 24.95 85.56
CA LEU D 494 -27.48 25.00 85.93
C LEU D 494 -28.24 26.04 85.11
N ASP D 495 -27.84 27.31 85.23
CA ASP D 495 -28.53 28.41 84.54
C ASP D 495 -27.96 28.55 83.15
N ILE D 496 -28.60 27.88 82.18
CA ILE D 496 -28.26 27.99 80.77
C ILE D 496 -29.56 28.02 79.97
N MET D 497 -29.42 28.08 78.65
CA MET D 497 -30.56 28.14 77.73
C MET D 497 -30.30 27.23 76.54
N VAL D 498 -31.40 26.79 75.93
CA VAL D 498 -31.37 25.93 74.75
C VAL D 498 -32.24 26.56 73.69
N THR D 499 -31.64 26.88 72.54
CA THR D 499 -32.36 27.35 71.36
C THR D 499 -31.93 26.49 70.19
N LYS D 500 -32.92 25.95 69.47
CA LYS D 500 -32.66 25.02 68.37
C LYS D 500 -31.87 23.82 68.87
N PRO D 501 -32.48 22.95 69.68
CA PRO D 501 -31.76 21.78 70.17
C PRO D 501 -31.47 20.79 69.05
N ASN D 502 -30.55 19.87 69.35
CA ASN D 502 -30.16 18.82 68.41
C ASN D 502 -31.02 17.59 68.69
N ARG D 503 -31.93 17.28 67.77
CA ARG D 503 -32.80 16.12 67.95
C ARG D 503 -32.06 14.80 67.86
N GLU D 504 -30.88 14.79 67.24
CA GLU D 504 -30.03 13.59 67.28
C GLU D 504 -29.66 13.24 68.70
N ARG D 505 -29.26 14.23 69.50
CA ARG D 505 -28.88 14.00 70.88
C ARG D 505 -30.07 13.63 71.76
N GLN D 506 -31.28 14.02 71.35
CA GLN D 506 -32.47 13.67 72.11
C GLN D 506 -32.75 12.17 72.04
N LYS D 507 -32.68 11.61 70.83
CA LYS D 507 -32.98 10.19 70.63
C LYS D 507 -31.88 9.28 71.16
N LEU D 508 -30.67 9.81 71.35
CA LEU D 508 -29.53 8.95 71.69
C LEU D 508 -29.70 8.28 73.06
N MET D 509 -30.44 8.92 73.97
CA MET D 509 -30.51 8.48 75.36
C MET D 509 -31.80 7.71 75.69
N ARG D 510 -32.58 7.32 74.68
CA ARG D 510 -33.81 6.57 74.92
C ARG D 510 -33.56 5.06 74.84
N GLU D 511 -33.11 4.57 73.69
CA GLU D 511 -32.95 3.13 73.48
C GLU D 511 -31.72 2.57 74.16
N GLN D 512 -30.70 3.38 74.43
CA GLN D 512 -29.49 2.92 75.09
C GLN D 512 -29.62 2.85 76.61
N ASN D 513 -30.80 3.14 77.16
CA ASN D 513 -31.03 3.08 78.61
C ASN D 513 -30.07 4.00 79.36
N ILE D 514 -29.78 5.16 78.77
CA ILE D 514 -28.97 6.17 79.46
C ILE D 514 -29.76 6.74 80.63
N LEU D 515 -30.95 7.27 80.36
CA LEU D 515 -31.76 7.86 81.42
C LEU D 515 -32.23 6.80 82.42
N LYS D 516 -32.37 5.54 81.97
CA LYS D 516 -32.71 4.45 82.89
C LYS D 516 -31.70 4.34 84.02
N GLN D 517 -30.43 4.64 83.74
CA GLN D 517 -29.39 4.62 84.76
C GLN D 517 -29.34 5.91 85.56
N VAL D 518 -29.89 7.00 85.03
CA VAL D 518 -29.91 8.26 85.77
C VAL D 518 -30.87 8.16 86.96
N PHE D 519 -32.06 7.60 86.73
CA PHE D 519 -33.02 7.45 87.82
C PHE D 519 -32.49 6.49 88.89
N GLY D 520 -31.65 5.53 88.51
CA GLY D 520 -31.02 4.68 89.50
C GLY D 520 -30.09 5.45 90.42
N ILE D 521 -29.25 6.33 89.84
CA ILE D 521 -28.40 7.20 90.64
C ILE D 521 -29.22 8.19 91.45
N LEU D 522 -30.47 8.46 91.04
CA LEU D 522 -31.27 9.52 91.63
C LEU D 522 -31.83 9.10 93.00
N LYS D 523 -32.45 7.92 93.07
CA LYS D 523 -33.07 7.45 94.30
C LYS D 523 -32.16 6.59 95.16
N ALA D 524 -31.16 5.95 94.55
CA ALA D 524 -30.28 5.03 95.28
C ALA D 524 -29.61 5.61 96.52
N PRO D 525 -29.15 6.87 96.55
CA PRO D 525 -28.41 7.34 97.74
C PRO D 525 -29.18 7.27 99.05
N PHE D 526 -30.52 7.24 99.00
CA PHE D 526 -31.32 7.17 100.21
C PHE D 526 -32.54 6.26 100.09
N ARG D 527 -32.62 5.42 99.06
CA ARG D 527 -33.75 4.51 98.92
C ARG D 527 -33.78 3.50 100.06
N GLU D 528 -32.64 2.87 100.34
CA GLU D 528 -32.55 1.87 101.40
C GLU D 528 -32.30 2.54 102.75
N PRO D 534 -29.06 4.25 104.74
CA PRO D 534 -28.94 5.21 103.64
C PRO D 534 -27.72 6.12 103.79
N LEU D 535 -27.04 6.38 102.68
CA LEU D 535 -25.86 7.25 102.71
C LEU D 535 -26.25 8.68 103.07
N VAL D 536 -27.38 9.15 102.55
CA VAL D 536 -27.87 10.50 102.76
C VAL D 536 -29.32 10.40 103.21
N ARG D 537 -29.77 11.40 103.97
CA ARG D 537 -31.16 11.50 104.38
C ARG D 537 -31.90 12.50 103.49
N LEU D 538 -33.19 12.24 103.29
CA LEU D 538 -33.99 13.09 102.40
C LEU D 538 -34.12 14.53 102.92
N GLU D 539 -33.89 14.76 104.21
CA GLU D 539 -33.99 16.09 104.80
C GLU D 539 -32.63 16.74 105.06
N GLU D 540 -31.54 15.97 105.02
CA GLU D 540 -30.20 16.47 105.34
C GLU D 540 -29.44 16.93 104.10
N LEU D 541 -30.14 17.36 103.05
CA LEU D 541 -29.44 17.82 101.84
C LEU D 541 -28.79 19.18 102.06
N SER D 542 -29.28 19.98 103.01
CA SER D 542 -28.76 21.31 103.25
C SER D 542 -27.47 21.33 104.05
N ASP D 543 -26.92 20.18 104.43
CA ASP D 543 -25.70 20.15 105.21
C ASP D 543 -24.51 20.61 104.37
N GLN D 544 -23.38 20.81 105.05
CA GLN D 544 -22.15 21.21 104.39
C GLN D 544 -21.37 20.02 103.83
N LYS D 545 -21.41 18.89 104.52
CA LYS D 545 -20.65 17.72 104.07
C LYS D 545 -21.21 17.17 102.76
N ASN D 546 -22.52 17.25 102.55
CA ASN D 546 -23.20 16.65 101.41
C ASN D 546 -23.49 17.67 100.31
N ALA D 547 -22.57 18.61 100.09
CA ALA D 547 -22.79 19.66 99.11
C ALA D 547 -22.63 19.15 97.67
N PRO D 548 -21.58 18.37 97.35
CA PRO D 548 -21.53 17.81 95.99
C PRO D 548 -22.67 16.84 95.69
N TYR D 549 -23.20 16.14 96.70
CA TYR D 549 -24.46 15.44 96.52
C TYR D 549 -25.55 16.41 96.10
N GLN D 550 -25.72 17.49 96.88
CA GLN D 550 -26.70 18.53 96.56
C GLN D 550 -26.46 19.11 95.18
N HIS D 551 -25.21 19.16 94.72
CA HIS D 551 -24.92 19.54 93.34
C HIS D 551 -25.20 18.39 92.37
N MET D 552 -25.06 17.14 92.83
CA MET D 552 -25.31 16.01 91.95
C MET D 552 -26.80 15.88 91.62
N PHE D 553 -27.66 16.02 92.63
CA PHE D 553 -29.09 15.87 92.39
C PHE D 553 -29.60 16.96 91.45
N ARG D 554 -29.07 18.18 91.58
CA ARG D 554 -29.49 19.27 90.70
C ARG D 554 -29.16 18.99 89.25
N LEU D 555 -28.06 18.29 88.98
CA LEU D 555 -27.71 17.91 87.61
C LEU D 555 -28.55 16.76 87.10
N CYS D 556 -29.08 15.92 87.99
CA CYS D 556 -29.94 14.81 87.55
C CYS D 556 -31.27 15.32 87.03
N TYR D 557 -31.82 16.37 87.65
CA TYR D 557 -33.04 16.98 87.16
C TYR D 557 -32.79 17.94 86.01
N ARG D 558 -31.60 18.56 85.98
CA ARG D 558 -31.31 19.53 84.93
C ARG D 558 -31.22 18.88 83.56
N VAL D 559 -30.59 17.70 83.48
CA VAL D 559 -30.45 17.02 82.20
C VAL D 559 -31.81 16.60 81.65
N LEU D 560 -32.76 16.28 82.53
CA LEU D 560 -34.09 15.88 82.06
C LEU D 560 -34.81 17.04 81.40
N ARG D 561 -34.60 18.26 81.90
CA ARG D 561 -35.20 19.43 81.27
C ARG D 561 -34.65 19.62 79.86
N HIS D 562 -33.36 19.37 79.66
CA HIS D 562 -32.75 19.58 78.36
C HIS D 562 -33.03 18.44 77.39
N SER D 563 -33.21 17.22 77.91
CA SER D 563 -33.50 16.05 77.08
C SER D 563 -34.99 15.81 76.91
N GLN D 564 -35.80 16.87 76.97
CA GLN D 564 -37.25 16.77 76.88
C GLN D 564 -37.90 17.79 75.95
N GLU D 565 -37.24 18.90 75.63
CA GLU D 565 -37.90 20.00 74.93
C GLU D 565 -38.29 19.60 73.51
N ASP D 566 -39.57 19.80 73.19
CA ASP D 566 -40.10 19.57 71.85
C ASP D 566 -39.89 18.12 71.41
N TYR D 567 -40.49 17.21 72.18
CA TYR D 567 -40.24 15.79 72.00
C TYR D 567 -41.26 15.00 72.82
N ARG D 568 -41.74 13.89 72.26
CA ARG D 568 -42.89 13.17 72.83
C ARG D 568 -42.51 11.94 73.64
N LYS D 569 -41.53 11.14 73.19
CA LYS D 569 -41.27 9.86 73.85
C LYS D 569 -40.75 10.05 75.27
N ASN D 570 -40.03 11.16 75.54
CA ASN D 570 -39.57 11.41 76.90
C ASN D 570 -40.72 11.81 77.81
N GLN D 571 -41.74 12.50 77.27
CA GLN D 571 -42.92 12.80 78.05
C GLN D 571 -43.59 11.52 78.54
N GLU D 572 -43.71 10.53 77.65
CA GLU D 572 -44.31 9.25 78.02
C GLU D 572 -43.33 8.35 78.77
N HIS D 573 -42.04 8.42 78.44
CA HIS D 573 -41.05 7.58 79.10
C HIS D 573 -40.80 8.05 80.53
N ILE D 574 -40.63 9.37 80.72
CA ILE D 574 -40.38 9.89 82.05
C ILE D 574 -41.65 9.80 82.90
N ALA D 575 -42.83 9.77 82.27
CA ALA D 575 -44.08 9.69 83.00
C ALA D 575 -44.33 8.31 83.61
N LYS D 576 -43.54 7.30 83.26
CA LYS D 576 -43.73 5.97 83.83
C LYS D 576 -43.30 5.94 85.29
N GLN D 577 -42.24 6.66 85.62
CA GLN D 577 -41.76 6.83 87.00
C GLN D 577 -42.22 8.16 87.58
N PHE D 578 -43.43 8.59 87.22
CA PHE D 578 -43.90 9.91 87.59
C PHE D 578 -44.16 10.02 89.10
N GLY D 579 -44.69 8.96 89.70
CA GLY D 579 -45.08 9.03 91.10
C GLY D 579 -43.91 9.25 92.04
N MET D 580 -42.72 8.83 91.64
CA MET D 580 -41.54 8.99 92.49
C MET D 580 -41.18 10.45 92.65
N MET D 581 -41.25 11.23 91.57
CA MET D 581 -40.84 12.63 91.61
C MET D 581 -41.77 13.48 92.48
N GLN D 582 -42.96 12.98 92.81
CA GLN D 582 -43.88 13.73 93.67
C GLN D 582 -43.29 13.94 95.06
N SER D 583 -42.36 13.07 95.49
CA SER D 583 -41.74 13.18 96.81
C SER D 583 -40.49 14.05 96.80
N GLN D 584 -39.69 13.98 95.75
CA GLN D 584 -38.44 14.73 95.67
C GLN D 584 -38.64 16.14 95.11
N ILE D 585 -39.60 16.87 95.67
CA ILE D 585 -39.94 18.21 95.20
C ILE D 585 -40.04 19.22 96.34
N GLY D 586 -40.11 18.74 97.58
CA GLY D 586 -40.28 19.62 98.72
C GLY D 586 -38.99 20.07 99.36
N TYR D 587 -37.95 20.31 98.55
CA TYR D 587 -36.64 20.68 99.05
C TYR D 587 -35.98 21.63 98.05
N ASP D 588 -34.79 22.11 98.40
CA ASP D 588 -34.08 23.10 97.59
C ASP D 588 -33.49 22.52 96.31
N ILE D 589 -33.60 21.21 96.06
CA ILE D 589 -33.13 20.66 94.80
C ILE D 589 -33.97 21.25 93.69
N LEU D 590 -33.33 21.51 92.55
CA LEU D 590 -34.01 22.15 91.41
C LEU D 590 -34.72 21.10 90.55
N ALA D 591 -35.67 20.42 91.19
CA ALA D 591 -36.51 19.42 90.51
C ALA D 591 -37.77 20.02 89.91
N GLU D 592 -38.19 21.20 90.37
CA GLU D 592 -39.35 21.85 89.78
C GLU D 592 -39.06 22.35 88.37
N ASP D 593 -37.78 22.50 88.01
CA ASP D 593 -37.44 22.87 86.65
C ASP D 593 -37.76 21.73 85.67
N THR D 594 -37.84 20.50 86.16
CA THR D 594 -38.14 19.35 85.31
C THR D 594 -39.65 19.16 85.12
N ILE D 595 -40.43 19.38 86.18
CA ILE D 595 -41.84 19.03 86.13
C ILE D 595 -42.61 19.97 85.22
N THR D 596 -42.22 21.25 85.18
CA THR D 596 -42.99 22.23 84.42
C THR D 596 -42.77 22.07 82.92
N ALA D 597 -41.51 21.97 82.49
CA ALA D 597 -41.22 21.74 81.08
C ALA D 597 -41.75 20.38 80.62
N LEU D 598 -41.84 19.41 81.53
CA LEU D 598 -42.41 18.11 81.20
C LEU D 598 -43.90 18.19 80.91
N LEU D 599 -44.58 19.25 81.36
CA LEU D 599 -46.01 19.44 81.15
C LEU D 599 -46.37 20.78 80.53
N HIS D 600 -45.38 21.62 80.20
CA HIS D 600 -45.69 22.92 79.62
C HIS D 600 -46.35 22.79 78.26
N ASN D 601 -45.74 22.02 77.36
CA ASN D 601 -46.27 21.88 76.01
C ASN D 601 -47.38 20.84 75.95
N ASN D 602 -47.23 19.72 76.66
CA ASN D 602 -48.17 18.62 76.56
C ASN D 602 -49.42 18.90 77.41
N ARG D 603 -50.53 18.32 76.96
CA ARG D 603 -51.83 18.48 77.62
C ARG D 603 -52.37 17.18 78.22
N LYS D 604 -52.10 16.04 77.58
CA LYS D 604 -52.67 14.77 78.05
C LYS D 604 -52.12 14.40 79.43
N LEU D 605 -50.81 14.56 79.63
CA LEU D 605 -50.21 14.23 80.91
C LEU D 605 -50.59 15.20 82.02
N LEU D 606 -51.13 16.37 81.68
CA LEU D 606 -51.52 17.34 82.70
C LEU D 606 -52.85 16.97 83.34
N GLU D 607 -53.89 16.80 82.54
CA GLU D 607 -55.20 16.45 83.06
C GLU D 607 -55.24 15.04 83.65
N LYS D 608 -54.26 14.18 83.34
CA LYS D 608 -54.30 12.79 83.72
C LYS D 608 -53.71 12.52 85.10
N HIS D 609 -52.44 12.86 85.30
CA HIS D 609 -51.74 12.46 86.53
C HIS D 609 -52.14 13.31 87.73
N ILE D 610 -52.34 14.60 87.53
CA ILE D 610 -52.38 15.56 88.63
C ILE D 610 -53.76 15.57 89.26
N THR D 611 -53.77 15.72 90.59
CA THR D 611 -54.99 15.69 91.39
C THR D 611 -54.92 16.83 92.40
N LYS D 612 -55.85 16.82 93.35
CA LYS D 612 -55.84 17.82 94.42
C LYS D 612 -54.57 17.70 95.26
N THR D 613 -54.12 16.46 95.53
CA THR D 613 -53.01 16.25 96.46
C THR D 613 -51.72 16.84 95.92
N GLU D 614 -51.50 16.75 94.60
CA GLU D 614 -50.27 17.28 94.02
C GLU D 614 -50.21 18.80 94.10
N VAL D 615 -51.38 19.46 94.13
CA VAL D 615 -51.39 20.91 94.27
C VAL D 615 -51.06 21.31 95.71
N GLU D 616 -51.47 20.49 96.69
CA GLU D 616 -51.10 20.77 98.08
C GLU D 616 -49.58 20.74 98.27
N THR D 617 -48.88 19.94 97.47
CA THR D 617 -47.42 19.93 97.51
C THR D 617 -46.85 21.30 97.17
N PHE D 618 -47.43 21.98 96.19
CA PHE D 618 -46.98 23.33 95.85
C PHE D 618 -47.45 24.34 96.90
N VAL D 619 -48.69 24.21 97.35
CA VAL D 619 -49.21 25.13 98.37
C VAL D 619 -48.49 24.94 99.69
N SER D 620 -48.13 23.69 100.02
CA SER D 620 -47.36 23.45 101.24
C SER D 620 -45.94 24.00 101.14
N LEU D 621 -45.41 24.12 99.92
CA LEU D 621 -44.03 24.57 99.74
C LEU D 621 -43.93 26.09 99.84
N VAL D 622 -44.91 26.82 99.31
CA VAL D 622 -44.85 28.28 99.36
C VAL D 622 -45.07 28.77 100.78
N ARG D 623 -45.93 28.08 101.55
CA ARG D 623 -46.13 28.46 102.95
C ARG D 623 -44.85 28.31 103.76
N LYS D 624 -44.00 27.36 103.39
CA LYS D 624 -42.75 27.14 104.12
C LYS D 624 -41.68 28.16 103.71
N ASN D 625 -41.42 28.28 102.41
CA ASN D 625 -40.35 29.13 101.92
C ASN D 625 -40.82 30.54 101.57
N ARG D 626 -41.97 30.67 100.91
CA ARG D 626 -42.53 31.96 100.51
C ARG D 626 -41.53 32.72 99.61
N GLU D 627 -41.29 32.12 98.44
CA GLU D 627 -40.44 32.69 97.41
C GLU D 627 -41.24 32.91 96.12
N PRO D 628 -40.82 33.84 95.25
CA PRO D 628 -41.61 34.10 94.04
C PRO D 628 -41.43 33.05 92.96
N ARG D 629 -40.28 32.39 92.93
CA ARG D 629 -39.96 31.49 91.83
C ARG D 629 -40.86 30.26 91.79
N PHE D 630 -41.49 29.89 92.91
CA PHE D 630 -42.38 28.74 92.94
C PHE D 630 -43.79 29.06 92.47
N LEU D 631 -44.24 30.32 92.60
CA LEU D 631 -45.57 30.66 92.13
C LEU D 631 -45.66 30.70 90.61
N ASP D 632 -44.56 31.05 89.93
CA ASP D 632 -44.55 31.00 88.47
C ASP D 632 -44.77 29.59 87.97
N TYR D 633 -44.22 28.60 88.68
CA TYR D 633 -44.39 27.20 88.28
C TYR D 633 -45.78 26.69 88.61
N LEU D 634 -46.43 27.25 89.64
CA LEU D 634 -47.81 26.89 89.91
C LEU D 634 -48.73 27.39 88.81
N SER D 635 -48.42 28.57 88.25
CA SER D 635 -49.20 29.12 87.16
C SER D 635 -48.89 28.42 85.83
N ASP D 636 -47.69 27.87 85.68
CA ASP D 636 -47.30 27.22 84.44
C ASP D 636 -48.09 25.93 84.19
N LEU D 637 -48.60 25.29 85.25
CA LEU D 637 -49.37 24.07 85.11
C LEU D 637 -50.83 24.32 84.70
N CYS D 638 -51.20 25.57 84.37
CA CYS D 638 -52.56 25.90 83.99
C CYS D 638 -52.77 25.97 82.48
N VAL D 639 -51.72 26.30 81.72
CA VAL D 639 -51.84 26.59 80.30
C VAL D 639 -50.81 25.78 79.52
N SER D 640 -51.19 25.40 78.29
CA SER D 640 -50.28 24.78 77.35
C SER D 640 -50.60 25.33 75.97
N ASN D 641 -49.57 25.81 75.26
CA ASN D 641 -49.74 26.42 73.94
C ASN D 641 -50.61 27.67 74.02
N HIS D 642 -50.59 28.35 75.17
CA HIS D 642 -51.35 29.59 75.39
C HIS D 642 -52.85 29.36 75.20
N ILE D 643 -53.34 28.19 75.58
CA ILE D 643 -54.76 27.87 75.55
C ILE D 643 -55.15 27.29 76.91
N ALA D 644 -56.24 27.79 77.48
CA ALA D 644 -56.64 27.39 78.82
C ALA D 644 -57.06 25.93 78.86
N ILE D 645 -56.96 25.35 80.05
CA ILE D 645 -57.34 23.96 80.31
C ILE D 645 -58.24 23.98 81.55
N PRO D 646 -59.58 23.95 81.42
CA PRO D 646 -60.43 24.09 82.62
C PRO D 646 -60.36 22.90 83.56
N VAL D 647 -59.76 21.79 83.17
CA VAL D 647 -59.66 20.64 84.06
C VAL D 647 -58.78 20.97 85.25
N THR D 648 -57.69 21.71 85.02
CA THR D 648 -56.75 22.06 86.08
C THR D 648 -57.21 23.27 86.87
N GLN D 649 -57.95 24.19 86.25
CA GLN D 649 -58.37 25.41 86.94
C GLN D 649 -59.33 25.10 88.09
N GLU D 650 -60.07 23.99 88.00
CA GLU D 650 -61.02 23.64 89.05
C GLU D 650 -60.33 23.06 90.28
N LEU D 651 -59.19 22.39 90.10
CA LEU D 651 -58.51 21.76 91.23
C LEU D 651 -57.68 22.77 92.01
N ILE D 652 -56.89 23.59 91.32
CA ILE D 652 -56.06 24.58 92.00
C ILE D 652 -56.92 25.64 92.66
N CYS D 653 -57.88 26.21 91.91
CA CYS D 653 -58.65 27.36 92.40
C CYS D 653 -59.46 27.01 93.63
N LYS D 654 -59.87 25.75 93.78
CA LYS D 654 -60.63 25.31 94.94
C LYS D 654 -59.75 24.99 96.15
N CYS D 655 -58.45 25.31 96.10
CA CYS D 655 -57.56 25.07 97.24
C CYS D 655 -56.56 26.20 97.48
N VAL D 656 -56.63 27.30 96.72
CA VAL D 656 -55.81 28.48 96.99
C VAL D 656 -56.60 29.77 97.05
N LEU D 657 -57.82 29.84 96.50
CA LEU D 657 -58.67 31.01 96.67
C LEU D 657 -59.48 30.96 97.97
N ASP D 658 -59.60 29.79 98.60
CA ASP D 658 -60.42 29.66 99.78
C ASP D 658 -59.84 30.47 100.94
N PRO D 659 -60.65 30.77 101.97
CA PRO D 659 -60.09 31.47 103.14
C PRO D 659 -59.22 30.61 104.02
N LYS D 660 -59.15 29.30 103.78
CA LYS D 660 -58.31 28.42 104.60
C LYS D 660 -56.84 28.80 104.51
N ASN D 661 -56.41 29.32 103.36
CA ASN D 661 -55.01 29.68 103.12
C ASN D 661 -54.92 31.02 102.41
N SER D 662 -55.70 31.99 102.88
CA SER D 662 -55.67 33.34 102.33
C SER D 662 -54.47 34.14 102.80
N ASP D 663 -53.72 33.65 103.79
CA ASP D 663 -52.52 34.37 104.24
C ASP D 663 -51.47 34.42 103.13
N ILE D 664 -51.44 33.42 102.25
CA ILE D 664 -50.48 33.40 101.16
C ILE D 664 -50.90 34.39 100.07
N LEU D 665 -52.20 34.54 99.84
CA LEU D 665 -52.69 35.56 98.92
C LEU D 665 -52.53 36.94 99.54
N ILE D 666 -51.75 37.80 98.89
CA ILE D 666 -51.59 39.17 99.37
C ILE D 666 -52.91 39.91 99.19
N ARG D 667 -53.35 40.61 100.24
CA ARG D 667 -54.62 41.32 100.23
C ARG D 667 -54.39 42.77 99.80
N THR D 668 -55.22 43.24 98.88
CA THR D 668 -55.16 44.60 98.36
C THR D 668 -56.43 45.35 98.76
N GLU D 669 -56.27 46.64 99.09
CA GLU D 669 -57.41 47.47 99.46
C GLU D 669 -57.01 48.93 99.39
N LEU D 670 -58.00 49.79 99.16
CA LEU D 670 -57.81 51.22 99.06
C LEU D 670 -58.29 51.90 100.33
N ARG D 671 -58.15 53.23 100.35
CA ARG D 671 -58.75 54.07 101.37
C ARG D 671 -58.76 55.50 100.86
N PRO D 672 -59.75 56.32 101.22
CA PRO D 672 -59.71 57.73 100.80
C PRO D 672 -58.55 58.53 101.39
N VAL D 673 -57.86 58.01 102.41
CA VAL D 673 -56.73 58.73 103.01
C VAL D 673 -55.63 58.87 101.97
N LYS D 674 -55.23 60.11 101.69
CA LYS D 674 -54.19 60.39 100.71
C LYS D 674 -52.82 60.44 101.38
N GLU D 690 -57.38 59.20 97.56
CA GLU D 690 -57.46 57.78 97.25
C GLU D 690 -56.09 57.24 96.87
N GLU D 691 -55.62 56.23 97.62
CA GLU D 691 -54.32 55.63 97.39
C GLU D 691 -54.41 54.14 97.65
N VAL D 692 -53.34 53.42 97.29
CA VAL D 692 -53.27 51.97 97.40
C VAL D 692 -52.42 51.63 98.62
N TRP D 693 -52.78 50.52 99.28
CA TRP D 693 -52.06 50.03 100.44
C TRP D 693 -52.05 48.50 100.40
N LEU D 694 -50.85 47.93 100.39
CA LEU D 694 -50.66 46.49 100.32
C LEU D 694 -50.46 45.92 101.73
N THR D 695 -50.96 44.71 101.94
CA THR D 695 -50.89 44.03 103.23
C THR D 695 -50.55 42.57 102.98
N TRP D 696 -49.40 42.13 103.50
CA TRP D 696 -48.92 40.77 103.33
C TRP D 696 -48.65 40.16 104.70
N THR D 697 -48.14 38.93 104.70
CA THR D 697 -47.81 38.20 105.91
C THR D 697 -46.49 37.46 105.72
N ASP D 698 -45.62 37.54 106.71
CA ASP D 698 -44.38 36.79 106.69
C ASP D 698 -44.63 35.35 107.14
N LYS D 699 -43.64 34.49 106.91
CA LYS D 699 -43.78 33.09 107.30
C LYS D 699 -43.86 32.94 108.82
N ASN D 700 -43.29 33.87 109.58
CA ASN D 700 -43.30 33.84 111.03
C ASN D 700 -44.53 34.53 111.63
N ASN D 701 -45.60 34.68 110.84
CA ASN D 701 -46.86 35.25 111.33
C ASN D 701 -46.66 36.69 111.83
N GLU D 702 -46.27 37.56 110.90
CA GLU D 702 -46.07 38.98 111.16
C GLU D 702 -46.83 39.79 110.12
N HIS D 703 -47.52 40.84 110.58
CA HIS D 703 -48.34 41.69 109.74
C HIS D 703 -47.60 43.00 109.43
N HIS D 704 -47.82 43.51 108.23
CA HIS D 704 -47.20 44.75 107.78
C HIS D 704 -48.19 45.53 106.92
N GLU D 705 -47.95 46.85 106.83
CA GLU D 705 -48.80 47.75 106.07
C GLU D 705 -47.92 48.81 105.42
N LYS D 706 -47.89 48.83 104.09
CA LYS D 706 -47.11 49.81 103.35
C LYS D 706 -47.82 50.13 102.04
N SER D 707 -47.42 51.24 101.44
CA SER D 707 -48.04 51.72 100.21
C SER D 707 -47.35 51.10 99.00
N VAL D 708 -47.75 51.55 97.81
CA VAL D 708 -47.11 51.17 96.56
C VAL D 708 -46.10 52.23 96.11
N ARG D 709 -46.39 53.49 96.39
CA ARG D 709 -45.50 54.57 95.97
C ARG D 709 -44.25 54.62 96.83
N GLN D 710 -44.42 54.64 98.16
CA GLN D 710 -43.26 54.61 99.05
C GLN D 710 -42.48 53.31 98.89
N LEU D 711 -43.18 52.21 98.62
CA LEU D 711 -42.51 50.93 98.42
C LEU D 711 -41.70 50.93 97.13
N ALA D 712 -42.13 51.71 96.13
CA ALA D 712 -41.39 51.79 94.87
C ALA D 712 -40.13 52.63 95.00
N GLN D 713 -40.16 53.69 95.81
CA GLN D 713 -38.99 54.54 95.97
C GLN D 713 -37.85 53.80 96.65
N GLU D 714 -38.16 52.85 97.53
CA GLU D 714 -37.11 52.08 98.19
C GLU D 714 -36.37 51.18 97.21
N ALA D 715 -37.05 50.73 96.14
CA ALA D 715 -36.39 49.89 95.14
C ALA D 715 -35.32 50.67 94.39
N ARG D 716 -35.57 51.95 94.11
CA ARG D 716 -34.57 52.76 93.43
C ARG D 716 -33.33 52.95 94.28
N ALA D 717 -33.51 53.06 95.59
CA ALA D 717 -32.37 53.20 96.51
C ALA D 717 -31.70 51.87 96.80
N GLY D 718 -32.43 50.76 96.66
CA GLY D 718 -31.88 49.43 96.92
C GLY D 718 -32.32 48.87 98.25
N ASN D 719 -33.21 47.88 98.23
CA ASN D 719 -33.70 47.26 99.45
C ASN D 719 -34.17 45.86 99.11
N ALA D 720 -33.71 44.88 99.89
CA ALA D 720 -34.06 43.48 99.62
C ALA D 720 -35.44 43.13 100.19
N HIS D 721 -35.77 43.63 101.38
CA HIS D 721 -37.05 43.33 101.98
C HIS D 721 -38.21 43.91 101.18
N ASP D 722 -37.98 45.04 100.50
CA ASP D 722 -39.00 45.64 99.66
C ASP D 722 -39.03 45.02 98.26
N GLU D 723 -37.86 44.89 97.64
CA GLU D 723 -37.80 44.33 96.29
C GLU D 723 -38.27 42.87 96.27
N ASN D 724 -37.96 42.12 97.33
CA ASN D 724 -38.41 40.73 97.38
C ASN D 724 -39.92 40.64 97.53
N VAL D 725 -40.50 41.46 98.40
CA VAL D 725 -41.95 41.48 98.55
C VAL D 725 -42.59 42.15 97.34
N LEU D 726 -41.91 43.12 96.72
CA LEU D 726 -42.43 43.73 95.50
C LEU D 726 -42.35 42.76 94.33
N SER D 727 -41.20 42.09 94.17
CA SER D 727 -41.08 41.06 93.14
C SER D 727 -42.02 39.90 93.42
N TYR D 728 -42.33 39.65 94.70
CA TYR D 728 -43.33 38.63 95.03
C TYR D 728 -44.70 39.03 94.51
N TYR D 729 -44.98 40.32 94.40
CA TYR D 729 -46.32 40.76 94.00
C TYR D 729 -46.57 40.56 92.51
N ARG D 730 -45.54 40.71 91.68
CA ARG D 730 -45.72 40.60 90.23
C ARG D 730 -46.17 39.20 89.84
N TYR D 731 -45.39 38.18 90.22
CA TYR D 731 -45.79 36.81 89.95
C TYR D 731 -47.08 36.45 90.69
N GLN D 732 -47.31 37.06 91.86
CA GLN D 732 -48.57 36.87 92.56
C GLN D 732 -49.72 37.47 91.76
N LEU D 733 -49.52 38.65 91.18
CA LEU D 733 -50.55 39.28 90.35
C LEU D 733 -50.71 38.57 89.02
N LYS D 734 -49.60 38.04 88.47
CA LYS D 734 -49.67 37.30 87.22
C LYS D 734 -50.51 36.03 87.37
N LEU D 735 -50.58 35.48 88.59
CA LEU D 735 -51.36 34.27 88.81
C LEU D 735 -52.84 34.50 88.54
N PHE D 736 -53.40 35.57 89.12
CA PHE D 736 -54.82 35.85 88.98
C PHE D 736 -55.24 35.98 87.51
N ALA D 737 -54.33 36.46 86.67
CA ALA D 737 -54.63 36.54 85.24
C ALA D 737 -54.56 35.16 84.59
N ARG D 738 -53.65 34.31 85.05
CA ARG D 738 -53.49 32.99 84.44
C ARG D 738 -54.58 32.02 84.85
N MET D 739 -55.08 32.14 86.09
CA MET D 739 -56.09 31.21 86.58
C MET D 739 -57.38 31.30 85.76
N CYS D 740 -57.68 32.48 85.21
CA CYS D 740 -58.90 32.71 84.45
C CYS D 740 -58.57 33.17 83.04
N LEU D 741 -57.66 32.46 82.36
CA LEU D 741 -57.14 32.88 81.07
C LEU D 741 -58.27 33.12 80.07
N ASP D 742 -58.98 32.05 79.70
CA ASP D 742 -60.09 32.19 78.77
C ASP D 742 -61.36 32.64 79.48
N ARG D 743 -61.87 31.81 80.37
CA ARG D 743 -63.05 32.16 81.15
C ARG D 743 -63.22 31.20 82.32
N GLN D 744 -63.23 31.72 83.56
CA GLN D 744 -63.40 30.89 84.74
C GLN D 744 -63.96 31.77 85.84
N TYR D 745 -65.26 31.64 86.09
CA TYR D 745 -65.94 32.48 87.08
C TYR D 745 -65.72 32.01 88.51
N LEU D 746 -65.09 30.84 88.71
CA LEU D 746 -64.77 30.42 90.07
C LEU D 746 -63.76 31.35 90.73
N ALA D 747 -62.90 31.99 89.92
CA ALA D 747 -61.90 32.93 90.42
C ALA D 747 -62.25 34.38 90.14
N ILE D 748 -62.97 34.66 89.05
CA ILE D 748 -63.34 36.04 88.74
C ILE D 748 -64.30 36.58 89.78
N ASP D 749 -65.27 35.77 90.22
CA ASP D 749 -66.22 36.22 91.22
C ASP D 749 -65.54 36.51 92.55
N GLU D 750 -64.46 35.80 92.86
CA GLU D 750 -63.70 36.03 94.08
C GLU D 750 -62.69 37.16 93.95
N ILE D 751 -62.08 37.31 92.78
CA ILE D 751 -61.03 38.31 92.59
C ILE D 751 -61.61 39.66 92.19
N SER D 752 -62.79 39.69 91.57
CA SER D 752 -63.40 40.96 91.16
C SER D 752 -63.75 41.81 92.37
N GLN D 753 -64.11 41.17 93.50
CA GLN D 753 -64.41 41.93 94.71
C GLN D 753 -63.13 42.51 95.32
N GLN D 754 -62.01 41.82 95.18
CA GLN D 754 -60.76 42.30 95.75
C GLN D 754 -60.19 43.46 94.92
N LEU D 755 -60.08 43.27 93.61
CA LEU D 755 -59.55 44.27 92.69
C LEU D 755 -60.66 44.67 91.72
N GLY D 756 -61.08 45.93 91.79
CA GLY D 756 -62.10 46.45 90.90
C GLY D 756 -61.52 47.16 89.69
N VAL D 757 -62.41 47.79 88.93
CA VAL D 757 -62.00 48.51 87.73
C VAL D 757 -61.33 49.83 88.12
N ASP D 758 -61.97 50.60 89.01
CA ASP D 758 -61.43 51.90 89.39
C ASP D 758 -60.09 51.78 90.12
N LEU D 759 -59.93 50.73 90.91
CA LEU D 759 -58.67 50.55 91.65
C LEU D 759 -57.52 50.29 90.69
N ILE D 760 -57.70 49.38 89.74
CA ILE D 760 -56.62 49.02 88.83
C ILE D 760 -56.28 50.20 87.91
N PHE D 761 -57.19 51.13 87.68
CA PHE D 761 -56.89 52.23 86.77
C PHE D 761 -55.85 53.17 87.36
N LEU D 762 -55.94 53.47 88.66
CA LEU D 762 -55.05 54.45 89.27
C LEU D 762 -53.59 54.01 89.19
N CYS D 763 -53.33 52.72 89.40
CA CYS D 763 -51.95 52.23 89.39
C CYS D 763 -51.40 52.14 87.97
N MET D 764 -52.25 51.90 86.96
CA MET D 764 -51.79 51.97 85.58
C MET D 764 -51.44 53.40 85.19
N ALA D 765 -52.08 54.39 85.81
CA ALA D 765 -51.77 55.79 85.54
C ALA D 765 -50.60 56.30 86.37
N ASP D 766 -50.36 55.71 87.54
CA ASP D 766 -49.27 56.14 88.40
C ASP D 766 -47.93 55.87 87.72
N GLU D 767 -47.20 56.94 87.40
CA GLU D 767 -45.89 56.85 86.80
C GLU D 767 -44.76 56.79 87.84
N MET D 768 -45.09 56.53 89.10
CA MET D 768 -44.12 56.52 90.20
C MET D 768 -43.78 55.10 90.64
N LEU D 769 -43.68 54.16 89.72
CA LEU D 769 -43.35 52.78 90.05
C LEU D 769 -42.60 52.16 88.88
N PRO D 770 -41.83 51.09 89.12
CA PRO D 770 -41.04 50.50 88.02
C PRO D 770 -41.93 50.00 86.88
N PHE D 771 -41.42 50.17 85.66
CA PHE D 771 -42.23 49.93 84.47
C PHE D 771 -42.69 48.48 84.38
N ASP D 772 -41.82 47.53 84.75
CA ASP D 772 -42.19 46.11 84.67
C ASP D 772 -43.40 45.79 85.55
N LEU D 773 -43.54 46.48 86.68
CA LEU D 773 -44.69 46.29 87.56
C LEU D 773 -45.96 46.85 86.95
N ARG D 774 -45.83 47.93 86.18
CA ARG D 774 -46.99 48.56 85.56
C ARG D 774 -47.68 47.67 84.54
N ALA D 775 -46.98 46.66 84.01
CA ALA D 775 -47.51 45.86 82.90
C ALA D 775 -48.44 44.75 83.37
N SER D 776 -48.25 44.25 84.59
CA SER D 776 -49.05 43.12 85.06
C SER D 776 -50.46 43.51 85.45
N PHE D 777 -50.74 44.80 85.63
CA PHE D 777 -52.07 45.24 86.05
C PHE D 777 -53.04 45.23 84.86
N CYS D 778 -52.65 45.86 83.76
CA CYS D 778 -53.45 45.73 82.53
C CYS D 778 -53.55 44.29 82.06
N HIS D 779 -52.58 43.45 82.44
CA HIS D 779 -52.64 42.03 82.12
C HIS D 779 -53.73 41.32 82.90
N LEU D 780 -54.13 41.85 84.06
CA LEU D 780 -55.20 41.23 84.83
C LEU D 780 -56.56 41.48 84.19
N MET D 781 -56.90 42.75 83.95
CA MET D 781 -58.23 43.08 83.46
C MET D 781 -58.51 42.51 82.08
N LEU D 782 -57.48 42.15 81.33
CA LEU D 782 -57.68 41.42 80.08
C LEU D 782 -58.41 40.11 80.32
N HIS D 783 -58.17 39.47 81.46
CA HIS D 783 -58.72 38.16 81.77
C HIS D 783 -59.83 38.20 82.81
N VAL D 784 -60.06 39.34 83.48
CA VAL D 784 -61.01 39.44 84.59
C VAL D 784 -62.28 40.16 84.17
N HIS D 785 -62.17 41.43 83.78
CA HIS D 785 -63.34 42.30 83.62
C HIS D 785 -63.87 42.36 82.20
N VAL D 786 -63.01 42.34 81.18
CA VAL D 786 -63.49 42.39 79.81
C VAL D 786 -64.12 41.06 79.41
N ASP D 787 -63.60 39.94 79.91
CA ASP D 787 -64.12 38.62 79.59
C ASP D 787 -65.18 38.26 80.62
N ARG D 788 -66.41 38.67 80.36
CA ARG D 788 -67.54 38.42 81.26
C ARG D 788 -68.75 38.02 80.42
N ASP D 789 -69.87 37.79 81.10
CA ASP D 789 -71.07 37.26 80.44
C ASP D 789 -71.63 38.19 79.36
N PRO D 790 -71.94 39.47 79.65
CA PRO D 790 -72.65 40.25 78.63
C PRO D 790 -71.82 40.55 77.39
N GLN D 791 -70.51 40.74 77.53
CA GLN D 791 -69.67 41.05 76.39
C GLN D 791 -69.30 39.76 75.65
N GLU D 792 -69.54 39.74 74.34
CA GLU D 792 -69.32 38.57 73.51
C GLU D 792 -68.65 38.99 72.21
N LEU D 793 -68.16 37.98 71.49
CA LEU D 793 -67.46 38.21 70.23
C LEU D 793 -68.39 38.82 69.19
N VAL D 794 -67.80 39.57 68.26
CA VAL D 794 -68.53 40.24 67.19
C VAL D 794 -67.99 39.73 65.87
N THR D 795 -68.89 39.22 65.02
CA THR D 795 -68.52 38.87 63.65
C THR D 795 -68.62 40.13 62.79
N PRO D 796 -67.53 40.60 62.17
CA PRO D 796 -67.67 41.83 61.38
C PRO D 796 -68.48 41.63 60.11
N VAL D 797 -68.27 40.54 59.39
CA VAL D 797 -68.98 40.26 58.15
C VAL D 797 -70.26 39.53 58.52
N LYS D 798 -71.37 40.26 58.53
CA LYS D 798 -72.69 39.71 58.83
C LYS D 798 -73.42 39.54 57.50
N PHE D 799 -73.28 38.35 56.90
CA PHE D 799 -74.00 38.05 55.66
C PHE D 799 -75.50 38.12 55.87
N ALA D 800 -76.00 37.46 56.91
CA ALA D 800 -77.43 37.46 57.21
C ALA D 800 -77.88 38.88 57.56
N ARG D 801 -78.77 39.43 56.76
CA ARG D 801 -79.26 40.79 56.93
C ARG D 801 -80.74 40.85 56.59
N LEU D 802 -81.48 41.64 57.35
CA LEU D 802 -82.92 41.78 57.15
C LEU D 802 -83.21 42.86 56.12
N TRP D 803 -84.28 42.66 55.36
CA TRP D 803 -84.68 43.59 54.31
C TRP D 803 -85.39 44.81 54.87
N THR D 804 -86.05 44.68 56.03
CA THR D 804 -86.87 45.74 56.61
C THR D 804 -86.14 46.48 57.73
N GLU D 805 -84.81 46.61 57.61
CA GLU D 805 -83.99 47.24 58.66
C GLU D 805 -82.92 48.19 58.12
N ILE D 806 -82.61 48.16 56.83
CA ILE D 806 -81.38 48.76 56.33
C ILE D 806 -81.63 50.20 55.91
N PRO D 807 -80.66 51.14 56.10
CA PRO D 807 -80.89 52.51 55.61
C PRO D 807 -80.92 52.61 54.09
N THR D 808 -81.07 53.84 53.59
CA THR D 808 -81.01 54.13 52.16
C THR D 808 -79.66 54.66 51.72
N ALA D 809 -78.99 55.42 52.58
CA ALA D 809 -77.64 55.91 52.33
C ALA D 809 -76.84 55.77 53.62
N ILE D 810 -75.52 55.62 53.47
CA ILE D 810 -74.63 55.32 54.59
C ILE D 810 -73.44 56.27 54.57
N THR D 811 -72.89 56.52 55.75
CA THR D 811 -71.68 57.31 55.92
C THR D 811 -70.81 56.64 56.97
N ILE D 812 -69.64 57.23 57.23
CA ILE D 812 -68.72 56.67 58.22
C ILE D 812 -69.35 56.70 59.60
N LYS D 813 -70.18 57.70 59.88
CA LYS D 813 -70.84 57.83 61.18
C LYS D 813 -72.23 57.20 61.20
N ASP D 814 -72.96 57.27 60.09
CA ASP D 814 -74.33 56.78 60.07
C ASP D 814 -74.38 55.25 60.20
N TYR D 815 -73.35 54.55 59.73
CA TYR D 815 -73.36 53.10 59.79
C TYR D 815 -73.37 52.58 61.22
N ASP D 816 -72.78 53.34 62.15
CA ASP D 816 -72.70 52.95 63.55
C ASP D 816 -73.90 53.45 64.36
N SER D 817 -75.04 53.68 63.71
CA SER D 817 -76.22 54.15 64.43
C SER D 817 -76.80 53.06 65.32
N ASN D 818 -76.83 51.82 64.84
CA ASN D 818 -77.42 50.74 65.61
C ASN D 818 -76.52 50.29 66.75
N LEU D 819 -75.20 50.26 66.52
CA LEU D 819 -74.27 49.83 67.55
C LEU D 819 -74.12 50.85 68.67
N ASN D 820 -74.60 52.07 68.49
CA ASN D 820 -74.49 53.11 69.50
C ASN D 820 -75.43 52.91 70.69
N ALA D 821 -76.33 51.93 70.62
CA ALA D 821 -77.30 51.71 71.69
C ALA D 821 -76.69 50.95 72.86
N SER D 822 -76.26 49.70 72.61
CA SER D 822 -75.71 48.87 73.66
C SER D 822 -74.24 49.15 73.96
N ARG D 823 -73.61 50.06 73.19
CA ARG D 823 -72.19 50.34 73.37
C ARG D 823 -71.96 51.37 74.46
N ASP D 824 -72.88 52.33 74.61
CA ASP D 824 -72.73 53.35 75.64
C ASP D 824 -73.05 52.82 77.03
N ASP D 825 -73.85 51.76 77.13
CA ASP D 825 -74.21 51.20 78.42
C ASP D 825 -72.97 50.64 79.14
N LYS D 826 -72.17 49.85 78.43
CA LYS D 826 -70.94 49.32 78.98
C LYS D 826 -69.79 50.33 78.95
N LYS D 827 -69.94 51.41 78.18
CA LYS D 827 -68.91 52.45 78.13
C LYS D 827 -68.69 53.11 79.49
N ASN D 828 -69.69 53.09 80.38
CA ASN D 828 -69.62 53.85 81.62
C ASN D 828 -68.46 53.39 82.49
N LYS D 829 -68.32 52.07 82.68
CA LYS D 829 -67.24 51.56 83.52
C LYS D 829 -65.93 51.48 82.76
N PHE D 830 -65.97 51.12 81.48
CA PHE D 830 -64.80 51.15 80.61
C PHE D 830 -64.65 52.51 79.93
N ALA D 831 -64.67 53.57 80.73
CA ALA D 831 -64.59 54.94 80.22
C ALA D 831 -63.18 55.49 80.29
N ASN D 832 -62.58 55.51 81.48
CA ASN D 832 -61.26 56.11 81.65
C ASN D 832 -60.16 55.23 81.09
N THR D 833 -60.37 53.92 81.06
CA THR D 833 -59.37 53.02 80.49
C THR D 833 -59.22 53.21 78.99
N MET D 834 -60.28 53.68 78.32
CA MET D 834 -60.21 53.91 76.88
C MET D 834 -59.20 55.00 76.55
N GLU D 835 -59.33 56.15 77.20
CA GLU D 835 -58.41 57.26 76.95
C GLU D 835 -56.97 56.91 77.29
N PHE D 836 -56.75 55.95 78.20
CA PHE D 836 -55.38 55.54 78.51
C PHE D 836 -54.68 54.91 77.31
N VAL D 837 -55.44 54.31 76.39
CA VAL D 837 -54.83 53.73 75.20
C VAL D 837 -54.42 54.84 74.23
N GLU D 838 -55.36 55.71 73.87
CA GLU D 838 -55.06 56.78 72.92
C GLU D 838 -54.03 57.74 73.49
N ASP D 839 -54.13 58.06 74.79
CA ASP D 839 -53.15 58.95 75.40
C ASP D 839 -51.76 58.33 75.44
N TYR D 840 -51.69 57.00 75.57
CA TYR D 840 -50.39 56.34 75.71
C TYR D 840 -49.72 56.14 74.36
N LEU D 841 -50.41 55.53 73.41
CA LEU D 841 -49.79 55.19 72.13
C LEU D 841 -49.37 56.43 71.35
N ASN D 842 -50.00 57.57 71.59
CA ASN D 842 -49.58 58.80 70.93
C ASN D 842 -48.19 59.22 71.38
N ASN D 843 -47.84 58.97 72.65
CA ASN D 843 -46.49 59.27 73.11
C ASN D 843 -45.45 58.38 72.45
N VAL D 844 -45.83 57.14 72.11
CA VAL D 844 -44.89 56.23 71.46
C VAL D 844 -44.58 56.70 70.06
N VAL D 845 -45.53 57.34 69.37
CA VAL D 845 -45.30 57.83 68.02
C VAL D 845 -44.34 59.01 68.04
N SER D 846 -44.46 59.88 69.05
CA SER D 846 -43.58 61.04 69.13
C SER D 846 -42.12 60.64 69.35
N GLU D 847 -41.89 59.48 69.98
CA GLU D 847 -40.54 59.01 70.21
C GLU D 847 -39.98 58.39 68.94
N ALA D 848 -38.71 58.69 68.66
CA ALA D 848 -38.08 58.19 67.45
C ALA D 848 -37.70 56.72 67.57
N VAL D 849 -37.08 56.34 68.69
CA VAL D 849 -36.72 54.97 68.99
C VAL D 849 -37.66 54.48 70.08
N PRO D 850 -38.88 54.03 69.76
CA PRO D 850 -39.81 53.59 70.82
C PRO D 850 -39.33 52.33 71.51
N PHE D 851 -38.89 51.35 70.73
CA PHE D 851 -38.43 50.07 71.26
C PHE D 851 -36.98 50.22 71.74
N ALA D 852 -36.83 50.92 72.87
CA ALA D 852 -35.53 51.21 73.46
C ALA D 852 -35.31 50.47 74.77
N ASN D 853 -36.20 50.65 75.74
CA ASN D 853 -36.06 50.03 77.05
C ASN D 853 -36.73 48.67 77.07
N GLU D 854 -36.15 47.74 77.83
CA GLU D 854 -36.70 46.39 77.92
C GLU D 854 -38.03 46.39 78.67
N GLU D 855 -38.08 47.08 79.80
CA GLU D 855 -39.32 47.12 80.60
C GLU D 855 -40.41 47.93 79.89
N LYS D 856 -40.02 48.97 79.16
CA LYS D 856 -40.98 49.72 78.36
C LYS D 856 -41.66 48.82 77.34
N ASN D 857 -40.93 47.85 76.79
CA ASN D 857 -41.47 46.98 75.76
C ASN D 857 -42.36 45.88 76.33
N LYS D 858 -42.20 45.56 77.62
CA LYS D 858 -43.07 44.56 78.23
C LYS D 858 -44.51 45.05 78.33
N LEU D 859 -44.71 46.36 78.49
CA LEU D 859 -46.05 46.93 78.43
C LEU D 859 -46.51 47.12 76.99
N THR D 860 -45.58 47.46 76.09
CA THR D 860 -45.93 47.65 74.69
C THR D 860 -46.53 46.37 74.10
N PHE D 861 -46.16 45.21 74.65
CA PHE D 861 -46.81 43.98 74.26
C PHE D 861 -48.24 43.90 74.80
N GLU D 862 -48.46 44.41 76.01
CA GLU D 862 -49.68 44.05 76.74
C GLU D 862 -50.85 44.96 76.40
N VAL D 863 -50.69 46.28 76.51
CA VAL D 863 -51.79 47.19 76.21
C VAL D 863 -52.23 47.03 74.75
N VAL D 864 -51.29 46.70 73.86
CA VAL D 864 -51.67 46.27 72.52
C VAL D 864 -52.54 45.02 72.62
N SER D 865 -52.15 44.07 73.49
CA SER D 865 -52.95 42.87 73.70
C SER D 865 -54.26 43.17 74.41
N LEU D 866 -54.35 44.31 75.11
CA LEU D 866 -55.64 44.76 75.60
C LEU D 866 -56.49 45.29 74.45
N ALA D 867 -55.97 46.30 73.74
CA ALA D 867 -56.66 46.83 72.57
C ALA D 867 -56.89 45.75 71.51
N HIS D 868 -56.03 44.73 71.49
CA HIS D 868 -56.30 43.52 70.72
C HIS D 868 -57.66 42.96 71.07
N ASN D 869 -57.91 42.73 72.37
CA ASN D 869 -59.16 42.11 72.81
C ASN D 869 -60.31 43.11 72.89
N LEU D 870 -60.01 44.38 73.18
CA LEU D 870 -61.09 45.36 73.34
C LEU D 870 -61.89 45.56 72.06
N ILE D 871 -61.24 45.41 70.90
CA ILE D 871 -61.90 45.74 69.64
C ILE D 871 -62.86 44.64 69.20
N TYR D 872 -62.64 43.39 69.65
CA TYR D 872 -63.54 42.31 69.25
C TYR D 872 -64.93 42.49 69.85
N PHE D 873 -65.02 42.98 71.08
CA PHE D 873 -66.30 43.15 71.76
C PHE D 873 -66.98 44.49 71.40
N GLY D 874 -66.58 45.14 70.32
CA GLY D 874 -67.29 46.28 69.80
C GLY D 874 -67.32 47.48 70.71
N PHE D 875 -66.14 47.95 71.13
CA PHE D 875 -66.02 49.16 71.94
C PHE D 875 -65.76 50.41 71.11
N TYR D 876 -65.03 50.28 70.00
CA TYR D 876 -64.71 51.40 69.13
C TYR D 876 -65.68 51.43 67.95
N SER D 877 -66.23 52.61 67.67
CA SER D 877 -67.01 52.79 66.46
C SER D 877 -66.11 52.72 65.24
N PHE D 878 -66.74 52.56 64.07
CA PHE D 878 -65.97 52.47 62.83
C PHE D 878 -65.17 53.74 62.57
N SER D 879 -65.72 54.89 62.94
CA SER D 879 -65.01 56.15 62.74
C SER D 879 -63.76 56.23 63.62
N GLU D 880 -63.86 55.73 64.86
CA GLU D 880 -62.72 55.81 65.78
C GLU D 880 -61.58 54.90 65.35
N LEU D 881 -61.89 53.80 64.65
CA LEU D 881 -60.84 52.86 64.25
C LEU D 881 -59.92 53.47 63.20
N LEU D 882 -60.49 54.17 62.22
CA LEU D 882 -59.66 54.80 61.19
C LEU D 882 -58.73 55.85 61.79
N ARG D 883 -59.16 56.49 62.88
CA ARG D 883 -58.26 57.40 63.60
C ARG D 883 -57.19 56.64 64.37
N LEU D 884 -57.49 55.41 64.79
CA LEU D 884 -56.52 54.64 65.57
C LEU D 884 -55.32 54.23 64.72
N THR D 885 -55.56 53.79 63.48
CA THR D 885 -54.50 53.17 62.69
C THR D 885 -53.38 54.16 62.36
N ARG D 886 -53.73 55.44 62.17
CA ARG D 886 -52.70 56.44 61.90
C ARG D 886 -51.74 56.59 63.08
N THR D 887 -52.24 56.42 64.29
CA THR D 887 -51.39 56.43 65.48
C THR D 887 -50.71 55.09 65.72
N LEU D 888 -51.21 54.01 65.11
CA LEU D 888 -50.69 52.68 65.36
C LEU D 888 -49.54 52.31 64.43
N LEU D 889 -49.61 52.70 63.15
CA LEU D 889 -48.57 52.35 62.21
C LEU D 889 -47.28 53.10 62.46
N GLY D 890 -47.34 54.27 63.11
CA GLY D 890 -46.14 55.01 63.43
C GLY D 890 -45.22 54.32 64.43
N ILE D 891 -45.70 53.28 65.10
CA ILE D 891 -44.87 52.57 66.07
C ILE D 891 -43.81 51.74 65.37
N ILE D 892 -44.17 51.14 64.23
CA ILE D 892 -43.34 50.12 63.59
C ILE D 892 -42.79 50.59 62.24
N ASP D 893 -42.70 51.92 62.04
CA ASP D 893 -42.18 52.46 60.79
C ASP D 893 -40.69 52.73 60.93
N CYS D 894 -39.92 52.26 59.95
CA CYS D 894 -38.46 52.42 59.92
C CYS D 894 -37.82 51.85 61.19
N ASP D 961 -34.91 39.76 71.44
CA ASP D 961 -35.98 40.74 71.32
C ASP D 961 -37.27 40.10 70.84
N ILE D 962 -37.62 38.95 71.42
CA ILE D 962 -38.81 38.22 70.99
C ILE D 962 -40.07 38.99 71.36
N VAL D 963 -40.04 39.75 72.45
CA VAL D 963 -41.19 40.58 72.82
C VAL D 963 -41.42 41.66 71.77
N VAL D 964 -40.36 42.16 71.15
CA VAL D 964 -40.50 43.17 70.10
C VAL D 964 -41.11 42.55 68.85
N MET D 965 -40.96 41.24 68.65
CA MET D 965 -41.50 40.59 67.47
C MET D 965 -42.96 40.19 67.68
N GLU D 966 -43.28 39.56 68.82
CA GLU D 966 -44.62 39.04 69.03
C GLU D 966 -45.63 40.15 69.30
N THR D 967 -45.19 41.30 69.82
CA THR D 967 -46.10 42.42 69.98
C THR D 967 -46.61 42.93 68.64
N LYS D 968 -45.79 42.82 67.59
CA LYS D 968 -46.20 43.28 66.27
C LYS D 968 -47.28 42.39 65.67
N LEU D 969 -47.29 41.09 66.01
CA LEU D 969 -48.32 40.19 65.50
C LEU D 969 -49.71 40.66 65.90
N LYS D 970 -49.87 41.11 67.15
CA LYS D 970 -51.17 41.58 67.60
C LYS D 970 -51.57 42.87 66.89
N ILE D 971 -50.59 43.64 66.40
CA ILE D 971 -50.91 44.80 65.58
C ILE D 971 -51.44 44.35 64.22
N LEU D 972 -50.86 43.29 63.65
CA LEU D 972 -51.36 42.77 62.38
C LEU D 972 -52.81 42.32 62.50
N GLU D 973 -53.13 41.61 63.58
CA GLU D 973 -54.48 41.09 63.74
C GLU D 973 -55.48 42.21 63.97
N ILE D 974 -55.07 43.31 64.60
CA ILE D 974 -55.89 44.50 64.61
C ILE D 974 -55.98 45.09 63.21
N LEU D 975 -54.84 45.13 62.50
CA LEU D 975 -54.86 45.55 61.10
C LEU D 975 -55.61 44.54 60.23
N GLN D 976 -55.74 43.30 60.69
CA GLN D 976 -56.56 42.34 59.97
C GLN D 976 -58.04 42.61 60.21
N PHE D 977 -58.42 42.87 61.46
CA PHE D 977 -59.84 43.03 61.79
C PHE D 977 -60.42 44.30 61.21
N ILE D 978 -59.66 45.41 61.28
CA ILE D 978 -60.17 46.69 60.79
C ILE D 978 -60.44 46.65 59.28
N LEU D 979 -59.75 45.78 58.54
CA LEU D 979 -60.02 45.65 57.12
C LEU D 979 -61.24 44.77 56.84
N ASN D 980 -61.59 43.88 57.76
CA ASN D 980 -62.79 43.07 57.57
C ASN D 980 -64.06 43.89 57.78
N VAL D 981 -64.09 44.70 58.85
CA VAL D 981 -65.25 45.56 59.07
C VAL D 981 -65.37 46.60 57.96
N ARG D 982 -64.25 46.98 57.35
CA ARG D 982 -64.29 47.88 56.20
C ARG D 982 -65.07 47.25 55.05
N LEU D 983 -64.82 45.96 54.79
CA LEU D 983 -65.61 45.24 53.79
C LEU D 983 -67.09 45.29 54.11
N ASP D 984 -67.44 45.19 55.40
CA ASP D 984 -68.84 45.28 55.80
C ASP D 984 -69.42 46.64 55.43
N TYR D 985 -68.63 47.69 55.59
CA TYR D 985 -69.09 49.02 55.16
C TYR D 985 -69.12 49.12 53.64
N ARG D 986 -68.20 48.45 52.95
CA ARG D 986 -68.16 48.51 51.49
C ARG D 986 -69.37 47.78 50.88
N ILE D 987 -69.60 46.53 51.30
CA ILE D 987 -70.68 45.74 50.72
C ILE D 987 -72.03 46.37 51.07
N SER D 988 -72.11 47.07 52.20
CA SER D 988 -73.35 47.74 52.56
C SER D 988 -73.69 48.85 51.57
N TYR D 989 -72.67 49.48 50.97
CA TYR D 989 -72.93 50.53 49.99
C TYR D 989 -73.57 49.95 48.74
N LEU D 990 -72.95 48.91 48.16
CA LEU D 990 -73.51 48.27 46.98
C LEU D 990 -74.89 47.69 47.28
N LEU D 991 -75.12 47.26 48.52
CA LEU D 991 -76.48 46.91 48.93
C LEU D 991 -77.35 48.15 49.07
N SER D 992 -76.80 49.23 49.63
CA SER D 992 -77.58 50.44 49.86
C SER D 992 -78.04 51.05 48.54
N VAL D 993 -77.28 50.86 47.47
CA VAL D 993 -77.72 51.30 46.15
C VAL D 993 -78.77 50.34 45.59
N PHE D 994 -78.70 49.05 45.94
CA PHE D 994 -79.71 48.09 45.50
C PHE D 994 -81.06 48.43 46.11
N LYS D 995 -81.10 48.73 47.42
CA LYS D 995 -82.35 49.16 48.04
C LYS D 995 -82.77 50.53 47.53
N LYS D 996 -81.82 51.36 47.09
CA LYS D 996 -82.16 52.68 46.59
C LYS D 996 -82.95 52.61 45.29
N GLU D 997 -82.43 51.86 44.31
CA GLU D 997 -83.02 51.86 42.99
C GLU D 997 -84.33 51.08 42.93
N PHE D 998 -84.45 49.99 43.68
CA PHE D 998 -85.63 49.15 43.58
C PHE D 998 -86.88 49.88 44.06
N VAL D 999 -86.75 50.71 45.09
CA VAL D 999 -87.90 51.45 45.59
C VAL D 999 -88.39 52.46 44.56
N GLU D 1000 -87.47 53.10 43.83
CA GLU D 1000 -87.85 54.09 42.85
C GLU D 1000 -88.46 53.45 41.60
N VAL D 1001 -88.00 52.25 41.24
CA VAL D 1001 -88.55 51.57 40.06
C VAL D 1001 -89.85 50.87 40.40
N PHE D 1002 -89.84 50.04 41.46
CA PHE D 1002 -91.02 49.33 41.95
C PHE D 1002 -91.28 49.78 43.38
N PRO D 1003 -91.90 50.95 43.59
CA PRO D 1003 -92.26 51.32 44.96
C PRO D 1003 -93.39 50.47 45.52
N MET D 1004 -94.31 50.00 44.68
CA MET D 1004 -95.40 49.15 45.11
C MET D 1004 -94.93 47.71 45.27
N ASN D 1022 -87.63 49.71 35.03
CA ASN D 1022 -86.43 48.95 34.70
C ASN D 1022 -85.23 49.47 35.50
N MET D 1023 -84.52 48.54 36.15
CA MET D 1023 -83.35 48.91 36.93
C MET D 1023 -82.15 49.13 36.00
N ASN D 1024 -81.54 50.30 36.10
CA ASN D 1024 -80.35 50.61 35.32
C ASN D 1024 -79.12 50.06 36.03
N LEU D 1025 -78.18 49.55 35.24
CA LEU D 1025 -76.92 49.03 35.74
C LEU D 1025 -75.76 49.99 35.53
N ASP D 1026 -75.96 51.08 34.79
CA ASP D 1026 -74.92 52.10 34.67
C ASP D 1026 -74.78 52.88 35.97
N ARG D 1027 -75.90 53.22 36.61
CA ARG D 1027 -75.85 53.97 37.86
C ARG D 1027 -75.22 53.13 38.97
N ILE D 1028 -75.54 51.85 39.03
CA ILE D 1028 -74.99 50.99 40.07
C ILE D 1028 -73.49 50.82 39.88
N GLY D 1029 -73.04 50.73 38.63
CA GLY D 1029 -71.64 50.50 38.34
C GLY D 1029 -70.78 51.74 38.49
N GLU D 1030 -71.26 52.88 38.01
CA GLU D 1030 -70.54 54.13 38.20
C GLU D 1030 -70.39 54.46 39.68
N GLN D 1031 -71.43 54.19 40.48
CA GLN D 1031 -71.35 54.39 41.92
C GLN D 1031 -70.46 53.36 42.61
N ALA D 1032 -70.18 52.22 41.96
CA ALA D 1032 -69.35 51.20 42.56
C ALA D 1032 -67.86 51.51 42.40
N GLU D 1033 -67.47 51.99 41.22
CA GLU D 1033 -66.05 52.24 40.95
C GLU D 1033 -65.50 53.34 41.84
N ALA D 1034 -66.32 54.33 42.17
CA ALA D 1034 -65.89 55.47 42.99
C ALA D 1034 -66.05 55.22 44.49
N MET D 1035 -66.09 53.96 44.91
CA MET D 1035 -66.24 53.59 46.32
C MET D 1035 -65.05 52.84 46.88
N PHE D 1036 -64.46 51.93 46.09
CA PHE D 1036 -63.43 51.04 46.62
C PHE D 1036 -62.21 51.80 47.08
N GLY D 1037 -61.66 52.66 46.23
CA GLY D 1037 -60.51 53.46 46.58
C GLY D 1037 -59.75 53.98 45.39
N VAL D 1038 -59.32 55.24 45.47
CA VAL D 1038 -58.55 55.89 44.41
C VAL D 1038 -57.08 55.78 44.77
N GLY D 1039 -56.70 56.34 45.91
CA GLY D 1039 -55.31 56.30 46.37
C GLY D 1039 -54.38 57.09 45.49
N SER D 1043 -64.69 56.36 49.87
CA SER D 1043 -63.91 57.31 49.10
C SER D 1043 -62.77 57.88 49.93
N MET D 1044 -63.13 58.76 50.89
CA MET D 1044 -62.11 59.37 51.73
C MET D 1044 -61.52 58.40 52.75
N LEU D 1045 -62.15 57.26 52.98
CA LEU D 1045 -61.63 56.29 53.93
C LEU D 1045 -60.28 55.77 53.47
N GLU D 1046 -59.34 55.66 54.41
CA GLU D 1046 -58.02 55.11 54.15
C GLU D 1046 -57.31 54.97 55.48
N VAL D 1047 -56.44 53.96 55.55
CA VAL D 1047 -55.65 53.72 56.76
C VAL D 1047 -54.76 54.93 57.05
N ASP D 1048 -53.95 55.31 56.06
CA ASP D 1048 -53.01 56.42 56.19
C ASP D 1048 -53.61 57.69 55.58
N ASP D 1049 -53.19 58.83 56.12
CA ASP D 1049 -53.49 60.11 55.49
C ASP D 1049 -52.92 60.17 54.08
N GLU D 1050 -51.67 59.75 53.92
CA GLU D 1050 -51.03 59.73 52.61
C GLU D 1050 -51.69 58.66 51.73
N GLY D 1051 -51.27 58.62 50.47
CA GLY D 1051 -51.84 57.68 49.52
C GLY D 1051 -51.32 56.27 49.71
N GLY D 1052 -51.66 55.66 50.85
CA GLY D 1052 -51.25 54.29 51.14
C GLY D 1052 -49.76 54.09 51.22
N ARG D 1053 -48.98 55.15 51.43
CA ARG D 1053 -47.53 55.02 51.49
C ARG D 1053 -47.10 54.26 52.74
N MET D 1054 -47.64 54.65 53.90
CA MET D 1054 -47.27 53.99 55.15
C MET D 1054 -47.62 52.51 55.12
N PHE D 1055 -48.81 52.17 54.60
CA PHE D 1055 -49.24 50.78 54.62
C PHE D 1055 -48.30 49.88 53.83
N LEU D 1056 -47.66 50.42 52.79
CA LEU D 1056 -46.65 49.66 52.05
C LEU D 1056 -45.28 49.77 52.71
N ARG D 1057 -44.92 50.95 53.22
CA ARG D 1057 -43.65 51.10 53.92
C ARG D 1057 -43.56 50.21 55.15
N VAL D 1058 -44.69 49.84 55.74
CA VAL D 1058 -44.68 48.94 56.89
C VAL D 1058 -44.46 47.51 56.44
N LEU D 1059 -45.41 46.96 55.67
CA LEU D 1059 -45.44 45.52 55.40
C LEU D 1059 -44.20 45.05 54.65
N ILE D 1060 -43.64 45.89 53.78
CA ILE D 1060 -42.41 45.54 53.09
C ILE D 1060 -41.24 45.46 54.06
N HIS D 1061 -41.35 46.08 55.25
CA HIS D 1061 -40.29 46.07 56.24
C HIS D 1061 -40.40 44.90 57.20
N LEU D 1062 -41.60 44.39 57.45
CA LEU D 1062 -41.78 43.34 58.46
C LEU D 1062 -41.28 41.99 57.99
N THR D 1063 -41.38 41.70 56.69
CA THR D 1063 -40.93 40.42 56.17
C THR D 1063 -39.44 40.20 56.42
N MET D 1064 -38.66 41.29 56.50
CA MET D 1064 -37.22 41.18 56.67
C MET D 1064 -36.84 40.51 57.98
N HIS D 1065 -37.71 40.57 58.99
CA HIS D 1065 -37.36 40.08 60.32
C HIS D 1065 -37.21 38.57 60.34
N ASP D 1066 -36.33 38.08 61.22
CA ASP D 1066 -36.07 36.65 61.31
C ASP D 1066 -37.26 35.88 61.87
N TYR D 1067 -38.07 36.53 62.71
CA TYR D 1067 -39.22 35.88 63.32
C TYR D 1067 -40.24 35.52 62.24
N ALA D 1068 -40.43 34.22 62.01
CA ALA D 1068 -41.16 33.70 60.85
C ALA D 1068 -42.66 34.02 60.83
N PRO D 1069 -43.41 33.92 61.94
CA PRO D 1069 -44.87 34.08 61.85
C PRO D 1069 -45.34 35.43 61.29
N LEU D 1070 -44.51 36.46 61.30
CA LEU D 1070 -44.93 37.74 60.73
C LEU D 1070 -45.08 37.62 59.21
N VAL D 1071 -44.23 36.83 58.57
CA VAL D 1071 -44.32 36.66 57.12
C VAL D 1071 -45.65 36.02 56.73
N SER D 1072 -46.13 35.09 57.55
CA SER D 1072 -47.41 34.44 57.29
C SER D 1072 -48.56 35.43 57.40
N GLY D 1073 -48.46 36.41 58.31
CA GLY D 1073 -49.49 37.38 58.51
C GLY D 1073 -49.30 38.64 57.69
N ALA D 1074 -48.04 38.98 57.39
CA ALA D 1074 -47.75 40.19 56.65
C ALA D 1074 -48.12 40.05 55.18
N LEU D 1075 -47.73 38.92 54.57
CA LEU D 1075 -48.04 38.71 53.15
C LEU D 1075 -49.54 38.60 52.93
N GLN D 1076 -50.27 38.01 53.90
CA GLN D 1076 -51.70 37.82 53.75
C GLN D 1076 -52.44 39.14 53.53
N LEU D 1077 -51.89 40.24 54.05
CA LEU D 1077 -52.48 41.56 53.86
C LEU D 1077 -51.97 42.24 52.59
N LEU D 1078 -50.71 41.99 52.22
CA LEU D 1078 -50.15 42.65 51.04
C LEU D 1078 -50.87 42.21 49.77
N PHE D 1079 -51.27 40.94 49.72
CA PHE D 1079 -51.98 40.40 48.57
C PHE D 1079 -53.48 40.64 48.62
N LYS D 1080 -54.01 41.22 49.72
CA LYS D 1080 -55.41 41.58 49.84
C LYS D 1080 -55.67 43.07 49.67
N HIS D 1081 -54.69 43.92 49.96
CA HIS D 1081 -54.90 45.36 49.83
C HIS D 1081 -55.14 45.77 48.39
N PHE D 1082 -54.62 45.01 47.43
CA PHE D 1082 -54.89 45.22 46.01
C PHE D 1082 -56.03 44.35 45.51
N SER D 1083 -56.04 43.06 45.87
CA SER D 1083 -57.14 42.17 45.50
C SER D 1083 -58.32 42.42 46.44
N GLN D 1084 -58.92 43.60 46.29
CA GLN D 1084 -60.06 44.02 47.08
C GLN D 1084 -61.38 43.80 46.35
N ARG D 1085 -61.43 44.19 45.07
CA ARG D 1085 -62.64 43.96 44.29
C ARG D 1085 -62.88 42.48 44.06
N GLN D 1086 -61.83 41.66 44.10
CA GLN D 1086 -61.99 40.21 44.03
C GLN D 1086 -62.82 39.72 45.21
N GLU D 1087 -62.34 39.98 46.43
CA GLU D 1087 -63.06 39.51 47.62
C GLU D 1087 -64.37 40.25 47.82
N ALA D 1088 -64.45 41.50 47.37
CA ALA D 1088 -65.70 42.26 47.50
C ALA D 1088 -66.81 41.59 46.71
N MET D 1089 -66.48 40.99 45.57
CA MET D 1089 -67.47 40.28 44.76
C MET D 1089 -67.70 38.86 45.27
N HIS D 1090 -66.68 38.23 45.85
CA HIS D 1090 -66.87 36.91 46.43
C HIS D 1090 -67.86 36.95 47.58
N THR D 1091 -67.85 38.02 48.37
CA THR D 1091 -68.81 38.17 49.45
C THR D 1091 -70.18 38.56 48.94
N PHE D 1092 -70.25 39.31 47.84
CA PHE D 1092 -71.53 39.70 47.26
C PHE D 1092 -72.32 38.50 46.75
N LYS D 1093 -71.65 37.37 46.52
CA LYS D 1093 -72.36 36.14 46.16
C LYS D 1093 -73.01 35.48 47.37
N GLN D 1094 -72.40 35.61 48.55
CA GLN D 1094 -72.84 34.90 49.74
C GLN D 1094 -73.77 35.71 50.64
N VAL D 1095 -73.99 36.99 50.32
CA VAL D 1095 -74.92 37.79 51.11
C VAL D 1095 -76.34 37.27 50.88
N GLN D 1096 -77.18 37.39 51.92
CA GLN D 1096 -78.57 36.96 51.87
C GLN D 1096 -79.48 38.07 52.37
N LEU D 1097 -80.72 38.06 51.89
CA LEU D 1097 -81.72 39.09 52.18
C LEU D 1097 -82.99 38.38 52.65
N LEU D 1098 -83.25 38.44 53.95
CA LEU D 1098 -84.41 37.77 54.54
C LEU D 1098 -85.62 38.68 54.45
N ILE D 1099 -86.66 38.22 53.74
CA ILE D 1099 -87.87 39.00 53.48
C ILE D 1099 -89.11 38.33 54.08
N SER D 1100 -89.26 37.03 53.83
CA SER D 1100 -90.45 36.32 54.28
C SER D 1100 -90.53 36.28 55.80
N ALA D 1101 -91.75 36.39 56.34
CA ALA D 1101 -91.93 36.40 57.78
C ALA D 1101 -91.46 35.10 58.41
N GLN D 1102 -91.52 33.98 57.68
CA GLN D 1102 -90.97 32.73 58.18
C GLN D 1102 -89.47 32.85 58.39
N ASP D 1103 -88.79 33.62 57.54
CA ASP D 1103 -87.35 33.80 57.67
C ASP D 1103 -87.01 34.91 58.66
N VAL D 1104 -87.76 36.02 58.62
CA VAL D 1104 -87.54 37.10 59.58
C VAL D 1104 -87.82 36.61 60.99
N GLU D 1105 -88.83 35.76 61.15
CA GLU D 1105 -89.07 35.13 62.46
C GLU D 1105 -87.92 34.21 62.83
N ASN D 1106 -87.35 33.50 61.85
CA ASN D 1106 -86.22 32.62 62.12
C ASN D 1106 -84.99 33.42 62.53
N TYR D 1107 -84.82 34.63 61.98
CA TYR D 1107 -83.65 35.44 62.30
C TYR D 1107 -83.63 35.85 63.77
N LYS D 1108 -84.80 35.94 64.40
CA LYS D 1108 -84.90 36.42 65.78
C LYS D 1108 -84.80 35.28 66.79
N VAL D 1109 -85.46 34.15 66.53
CA VAL D 1109 -85.41 33.03 67.48
C VAL D 1109 -84.02 32.42 67.51
N ILE D 1110 -83.31 32.40 66.37
CA ILE D 1110 -81.99 31.79 66.35
C ILE D 1110 -81.00 32.64 67.14
N LYS D 1111 -81.16 33.96 67.12
CA LYS D 1111 -80.31 34.84 67.90
C LYS D 1111 -80.78 34.93 69.35
N SER D 1112 -82.09 35.03 69.56
CA SER D 1112 -82.62 35.16 70.91
C SER D 1112 -82.30 33.93 71.75
N GLU D 1113 -82.18 32.76 71.13
CA GLU D 1113 -81.92 31.52 71.84
C GLU D 1113 -80.42 31.23 71.97
N LEU D 1114 -79.67 31.39 70.88
CA LEU D 1114 -78.23 31.14 70.94
C LEU D 1114 -77.52 32.16 71.81
N ASP D 1115 -78.08 33.37 71.95
CA ASP D 1115 -77.51 34.34 72.87
C ASP D 1115 -77.57 33.82 74.30
N ARG D 1116 -78.65 33.13 74.67
CA ARG D 1116 -78.72 32.50 75.98
C ARG D 1116 -77.85 31.25 76.05
N LEU D 1117 -77.69 30.55 74.92
CA LEU D 1117 -76.89 29.33 74.91
C LEU D 1117 -75.43 29.63 75.20
N ARG D 1118 -74.92 30.75 74.68
CA ARG D 1118 -73.52 31.12 74.93
C ARG D 1118 -73.27 31.36 76.41
N THR D 1119 -74.30 31.80 77.15
CA THR D 1119 -74.12 32.10 78.57
C THR D 1119 -74.09 30.85 79.43
N MET D 1120 -74.81 29.80 79.02
CA MET D 1120 -74.94 28.59 79.83
C MET D 1120 -73.84 27.57 79.58
N VAL D 1121 -73.46 27.37 78.30
CA VAL D 1121 -72.39 26.43 78.00
C VAL D 1121 -71.06 26.92 78.57
N GLU D 1122 -70.92 28.23 78.75
CA GLU D 1122 -69.67 28.82 79.23
C GLU D 1122 -69.64 28.91 80.76
N LYS D 1123 -70.73 29.36 81.36
CA LYS D 1123 -70.89 29.31 82.82
C LYS D 1123 -71.18 27.87 83.23
N SER D 1124 -70.12 27.06 83.16
CA SER D 1124 -70.21 25.60 83.27
C SER D 1124 -69.37 25.08 84.43
N GLU D 1125 -69.24 25.88 85.49
CA GLU D 1125 -68.51 25.48 86.69
C GLU D 1125 -69.28 25.81 87.97
N LEU D 1126 -70.52 26.29 87.86
CA LEU D 1126 -71.34 26.65 89.01
C LEU D 1126 -72.61 25.81 89.15
N TRP D 1127 -73.02 25.08 88.11
CA TRP D 1127 -74.26 24.32 88.14
C TRP D 1127 -74.15 22.92 87.53
N VAL D 1128 -73.01 22.54 86.99
CA VAL D 1128 -72.90 21.25 86.31
C VAL D 1128 -72.68 20.13 87.33
N ASP D 1129 -71.55 20.15 88.03
CA ASP D 1129 -71.16 19.11 88.96
C ASP D 1129 -70.22 19.73 89.98
N LYS D 1130 -69.85 18.94 90.99
CA LYS D 1130 -68.92 19.37 92.03
C LYS D 1130 -67.48 18.96 91.67
N SER D 1166 -80.20 20.71 88.14
CA SER D 1166 -80.57 22.12 88.19
C SER D 1166 -81.54 22.47 87.07
N GLU D 1167 -81.94 23.74 87.01
CA GLU D 1167 -82.91 24.18 86.01
C GLU D 1167 -82.25 24.39 84.65
N ASN D 1168 -80.95 24.69 84.61
CA ASN D 1168 -80.27 24.96 83.35
C ASN D 1168 -80.22 23.73 82.44
N TYR D 1169 -80.31 22.52 83.01
CA TYR D 1169 -80.34 21.32 82.18
C TYR D 1169 -81.55 21.31 81.25
N GLN D 1170 -82.70 21.75 81.75
CA GLN D 1170 -83.90 21.81 80.92
C GLN D 1170 -83.77 22.85 79.82
N ILE D 1171 -83.06 23.94 80.08
CA ILE D 1171 -82.91 25.00 79.09
C ILE D 1171 -82.07 24.53 77.92
N VAL D 1172 -81.03 23.74 78.18
CA VAL D 1172 -80.19 23.22 77.11
C VAL D 1172 -80.98 22.24 76.24
N LYS D 1173 -81.80 21.40 76.86
CA LYS D 1173 -82.63 20.47 76.09
C LYS D 1173 -83.70 21.20 75.29
N GLY D 1174 -84.22 22.31 75.80
CA GLY D 1174 -85.24 23.05 75.08
C GLY D 1174 -84.70 23.72 73.83
N ILE D 1175 -83.49 24.26 73.91
CA ILE D 1175 -82.89 24.93 72.75
C ILE D 1175 -82.57 23.91 71.67
N LEU D 1176 -81.87 22.83 72.03
CA LEU D 1176 -81.47 21.83 71.05
C LEU D 1176 -82.68 21.10 70.46
N GLU D 1177 -83.70 20.84 71.27
CA GLU D 1177 -84.94 20.28 70.74
C GLU D 1177 -85.63 21.25 69.79
N ARG D 1178 -85.47 22.56 70.03
CA ARG D 1178 -86.05 23.54 69.12
C ARG D 1178 -85.26 23.63 67.83
N LEU D 1179 -83.93 23.55 67.91
CA LEU D 1179 -83.09 23.70 66.72
C LEU D 1179 -83.12 22.44 65.85
N ASN D 1180 -83.29 21.26 66.45
CA ASN D 1180 -83.42 20.04 65.65
C ASN D 1180 -84.68 20.07 64.82
N LYS D 1181 -85.75 20.69 65.32
CA LYS D 1181 -86.97 20.86 64.56
C LYS D 1181 -86.90 22.04 63.60
N MET D 1182 -85.94 22.94 63.77
CA MET D 1182 -85.78 24.08 62.87
C MET D 1182 -85.47 23.60 61.45
N CYS D 1183 -84.52 22.67 61.33
CA CYS D 1183 -84.09 22.21 60.01
C CYS D 1183 -85.24 21.53 59.26
N GLY D 1184 -86.01 20.70 59.96
CA GLY D 1184 -87.15 20.06 59.36
C GLY D 1184 -86.79 19.10 58.23
N VAL D 1185 -87.84 18.67 57.53
CA VAL D 1185 -87.73 17.72 56.41
C VAL D 1185 -87.87 18.49 55.12
N GLY D 1186 -87.04 18.16 54.14
CA GLY D 1186 -87.09 18.80 52.85
C GLY D 1186 -85.78 18.67 52.12
N GLU D 1187 -85.79 19.14 50.87
CA GLU D 1187 -84.61 19.13 50.00
C GLU D 1187 -84.15 20.55 49.68
N GLN D 1188 -85.03 21.40 49.15
CA GLN D 1188 -84.66 22.78 48.87
C GLN D 1188 -84.74 23.63 50.13
N MET D 1189 -85.77 23.41 50.96
CA MET D 1189 -85.85 24.11 52.23
C MET D 1189 -84.69 23.74 53.16
N ARG D 1190 -84.14 22.54 52.99
CA ARG D 1190 -83.03 22.11 53.83
C ARG D 1190 -81.76 22.92 53.53
N LYS D 1191 -81.48 23.15 52.25
CA LYS D 1191 -80.28 23.90 51.88
C LYS D 1191 -80.31 25.32 52.42
N LYS D 1192 -81.49 25.93 52.46
CA LYS D 1192 -81.61 27.31 52.95
C LYS D 1192 -81.28 27.40 54.43
N GLN D 1193 -81.80 26.47 55.23
CA GLN D 1193 -81.63 26.56 56.68
C GLN D 1193 -80.23 26.16 57.10
N GLN D 1194 -79.60 25.21 56.40
CA GLN D 1194 -78.20 24.90 56.68
C GLN D 1194 -77.30 26.09 56.34
N ARG D 1195 -77.69 26.89 55.35
CA ARG D 1195 -76.91 28.07 54.99
C ARG D 1195 -77.06 29.17 56.02
N LEU D 1196 -78.24 29.29 56.64
CA LEU D 1196 -78.47 30.36 57.60
C LEU D 1196 -77.64 30.18 58.86
N LEU D 1197 -77.46 28.93 59.30
CA LEU D 1197 -76.65 28.68 60.48
C LEU D 1197 -75.19 29.01 60.25
N LYS D 1198 -74.69 28.82 59.03
CA LYS D 1198 -73.30 29.17 58.74
C LYS D 1198 -73.07 30.67 58.91
N ASN D 1199 -74.04 31.49 58.51
CA ASN D 1199 -73.87 32.93 58.55
C ASN D 1199 -74.08 33.49 59.95
N MET D 1200 -75.00 32.90 60.73
CA MET D 1200 -75.19 33.31 62.11
C MET D 1200 -74.11 32.78 63.05
N ASP D 1201 -73.21 31.93 62.56
CA ASP D 1201 -72.05 31.47 63.33
C ASP D 1201 -72.49 30.64 64.52
N ALA D 1202 -73.30 29.61 64.26
CA ALA D 1202 -73.77 28.71 65.30
C ALA D 1202 -72.84 27.54 65.54
N HIS D 1203 -72.03 27.17 64.54
CA HIS D 1203 -71.16 26.00 64.69
C HIS D 1203 -70.08 26.22 65.74
N LYS D 1204 -69.60 27.45 65.90
CA LYS D 1204 -68.59 27.73 66.92
C LYS D 1204 -69.15 27.56 68.32
N VAL D 1205 -70.45 27.78 68.49
CA VAL D 1205 -71.08 27.59 69.80
C VAL D 1205 -71.22 26.10 70.12
N MET D 1206 -71.35 25.25 69.09
CA MET D 1206 -71.64 23.84 69.32
C MET D 1206 -70.38 23.01 69.56
N LEU D 1207 -69.22 23.48 69.12
CA LEU D 1207 -67.99 22.73 69.35
C LEU D 1207 -67.41 22.99 70.73
N ASP D 1208 -67.56 24.22 71.24
CA ASP D 1208 -67.16 24.52 72.61
C ASP D 1208 -68.11 23.88 73.63
N LEU D 1209 -69.25 23.36 73.18
CA LEU D 1209 -70.13 22.53 73.99
C LEU D 1209 -69.59 21.12 74.21
N LEU D 1210 -68.44 20.78 73.61
CA LEU D 1210 -67.73 19.54 73.90
C LEU D 1210 -66.42 19.78 74.65
N GLN D 1211 -66.09 21.02 74.99
CA GLN D 1211 -64.91 21.36 75.80
C GLN D 1211 -65.33 21.55 77.26
N ILE D 1212 -66.28 20.76 77.73
CA ILE D 1212 -66.81 20.85 79.08
C ILE D 1212 -65.95 19.91 79.93
N PRO D 1213 -65.75 20.17 81.24
CA PRO D 1213 -64.98 19.20 82.05
C PRO D 1213 -65.59 17.81 82.06
N TYR D 1214 -66.92 17.71 82.10
CA TYR D 1214 -67.64 16.47 81.84
C TYR D 1214 -67.24 15.39 82.86
N ASP D 1215 -67.62 15.64 84.11
CA ASP D 1215 -67.46 14.66 85.17
C ASP D 1215 -68.19 13.38 84.77
N LYS D 1216 -67.43 12.32 84.47
CA LYS D 1216 -68.03 11.11 83.93
C LYS D 1216 -68.88 10.40 84.98
N GLY D 1217 -70.12 10.08 84.61
CA GLY D 1217 -71.05 9.43 85.50
C GLY D 1217 -72.46 9.98 85.39
N ASP D 1218 -72.57 11.25 85.04
CA ASP D 1218 -73.88 11.88 84.91
C ASP D 1218 -74.56 11.43 83.63
N ALA D 1219 -75.87 11.24 83.71
CA ALA D 1219 -76.69 10.88 82.55
C ALA D 1219 -77.32 12.09 81.88
N LYS D 1220 -77.63 13.15 82.63
CA LYS D 1220 -78.21 14.34 82.04
C LYS D 1220 -77.28 14.97 81.01
N MET D 1221 -75.97 14.84 81.20
CA MET D 1221 -75.03 15.28 80.18
C MET D 1221 -75.07 14.37 78.96
N MET D 1222 -75.24 13.07 79.17
CA MET D 1222 -75.37 12.17 78.03
C MET D 1222 -76.65 12.42 77.23
N GLU D 1223 -77.66 13.02 77.85
CA GLU D 1223 -78.87 13.37 77.11
C GLU D 1223 -78.59 14.44 76.07
N ILE D 1224 -78.04 15.58 76.50
CA ILE D 1224 -77.85 16.71 75.58
C ILE D 1224 -76.82 16.39 74.51
N LEU D 1225 -75.82 15.55 74.82
CA LEU D 1225 -74.75 15.30 73.85
C LEU D 1225 -75.25 14.52 72.64
N ARG D 1226 -76.32 13.75 72.80
CA ARG D 1226 -76.93 13.08 71.64
C ARG D 1226 -77.56 14.10 70.71
N TYR D 1227 -78.21 15.13 71.27
CA TYR D 1227 -78.80 16.17 70.44
C TYR D 1227 -77.72 16.97 69.72
N THR D 1228 -76.54 17.14 70.33
CA THR D 1228 -75.45 17.82 69.65
C THR D 1228 -74.98 17.03 68.45
N HIS D 1229 -74.61 15.77 68.66
CA HIS D 1229 -74.21 14.89 67.56
C HIS D 1229 -75.36 14.56 66.63
N GLN D 1230 -76.61 14.81 67.05
CA GLN D 1230 -77.75 14.70 66.14
C GLN D 1230 -77.92 15.97 65.31
N PHE D 1231 -77.56 17.13 65.87
CA PHE D 1231 -77.77 18.39 65.17
C PHE D 1231 -76.67 18.67 64.15
N LEU D 1232 -75.41 18.38 64.50
CA LEU D 1232 -74.31 18.64 63.57
C LEU D 1232 -74.43 17.80 62.31
N GLN D 1233 -75.06 16.62 62.41
CA GLN D 1233 -75.35 15.83 61.21
C GLN D 1233 -76.30 16.56 60.28
N LYS D 1234 -77.26 17.30 60.86
CA LYS D 1234 -78.17 18.11 60.07
C LYS D 1234 -77.50 19.36 59.50
N PHE D 1235 -76.25 19.65 59.88
CA PHE D 1235 -75.54 20.85 59.46
C PHE D 1235 -74.62 20.62 58.27
N CYS D 1236 -74.15 19.40 58.05
CA CYS D 1236 -73.13 19.12 57.05
C CYS D 1236 -73.45 17.85 56.27
N ALA D 1237 -74.74 17.63 56.00
CA ALA D 1237 -75.15 16.42 55.27
C ALA D 1237 -74.98 16.60 53.77
N GLY D 1238 -75.72 17.54 53.19
CA GLY D 1238 -75.72 17.76 51.76
C GLY D 1238 -75.20 19.13 51.38
N ASN D 1239 -74.21 19.62 52.13
CA ASN D 1239 -73.59 20.91 51.88
C ASN D 1239 -72.10 20.77 52.15
N PRO D 1240 -71.30 20.44 51.14
CA PRO D 1240 -69.84 20.34 51.37
C PRO D 1240 -69.20 21.63 51.83
N GLY D 1241 -69.84 22.78 51.61
CA GLY D 1241 -69.31 24.03 52.14
C GLY D 1241 -69.22 24.02 53.65
N ASN D 1242 -70.20 23.38 54.31
CA ASN D 1242 -70.16 23.24 55.76
C ASN D 1242 -69.21 22.12 56.19
N GLN D 1243 -69.01 21.12 55.33
CA GLN D 1243 -68.15 19.99 55.69
C GLN D 1243 -66.70 20.42 55.87
N ALA D 1244 -66.27 21.45 55.14
CA ALA D 1244 -64.89 21.92 55.27
C ALA D 1244 -64.65 22.60 56.61
N LEU D 1245 -65.68 23.22 57.20
CA LEU D 1245 -65.48 23.93 58.46
C LEU D 1245 -65.24 22.96 59.62
N LEU D 1246 -66.10 21.95 59.75
CA LEU D 1246 -65.95 21.00 60.85
C LEU D 1246 -64.69 20.16 60.69
N HIS D 1247 -64.20 19.98 59.46
CA HIS D 1247 -62.97 19.23 59.26
C HIS D 1247 -61.78 19.93 59.88
N LYS D 1248 -61.81 21.26 59.95
CA LYS D 1248 -60.71 22.00 60.58
C LYS D 1248 -60.71 21.81 62.09
N HIS D 1249 -61.87 21.52 62.68
CA HIS D 1249 -62.00 21.27 64.12
C HIS D 1249 -62.06 19.77 64.42
N LEU D 1250 -61.29 18.98 63.67
CA LEU D 1250 -61.27 17.53 63.82
C LEU D 1250 -60.60 17.06 65.11
N HIS D 1251 -59.99 17.96 65.88
CA HIS D 1251 -59.11 17.58 66.98
C HIS D 1251 -59.87 17.07 68.22
N LEU D 1252 -61.19 16.89 68.16
CA LEU D 1252 -61.93 16.24 69.24
C LEU D 1252 -62.99 15.27 68.78
N PHE D 1253 -63.16 15.04 67.48
CA PHE D 1253 -64.12 14.06 66.98
C PHE D 1253 -63.56 12.63 66.98
N LEU D 1254 -62.31 12.42 67.40
CA LEU D 1254 -61.68 11.11 67.39
C LEU D 1254 -61.63 10.47 68.78
N THR D 1255 -62.36 11.02 69.75
CA THR D 1255 -62.23 10.51 71.11
C THR D 1255 -62.91 9.14 71.23
N PRO D 1256 -62.48 8.31 72.17
CA PRO D 1256 -63.20 7.04 72.41
C PRO D 1256 -64.62 7.30 72.88
N GLY D 1257 -65.58 6.79 72.11
CA GLY D 1257 -66.99 6.94 72.43
C GLY D 1257 -67.89 6.52 71.30
N LEU D 1258 -69.12 6.13 71.63
CA LEU D 1258 -70.01 5.52 70.64
C LEU D 1258 -70.52 6.54 69.62
N LEU D 1259 -70.66 7.81 70.02
CA LEU D 1259 -71.35 8.80 69.20
C LEU D 1259 -70.41 9.67 68.37
N GLU D 1260 -69.13 9.77 68.75
CA GLU D 1260 -68.22 10.63 68.01
C GLU D 1260 -67.94 10.07 66.62
N ALA D 1261 -67.71 8.76 66.52
CA ALA D 1261 -67.56 8.14 65.22
C ALA D 1261 -68.86 8.20 64.42
N GLU D 1262 -70.00 8.19 65.11
CA GLU D 1262 -71.28 8.35 64.42
C GLU D 1262 -71.39 9.74 63.77
N THR D 1263 -70.77 10.74 64.39
CA THR D 1263 -70.71 12.07 63.77
C THR D 1263 -69.80 12.06 62.55
N MET D 1264 -68.73 11.25 62.58
CA MET D 1264 -67.82 11.18 61.45
C MET D 1264 -68.46 10.53 60.22
N GLN D 1265 -69.58 9.83 60.40
CA GLN D 1265 -70.21 9.16 59.26
C GLN D 1265 -70.70 10.17 58.22
N HIS D 1266 -71.21 11.32 58.67
CA HIS D 1266 -71.86 12.28 57.80
C HIS D 1266 -70.94 13.41 57.35
N ILE D 1267 -69.76 13.58 57.96
CA ILE D 1267 -68.84 14.62 57.54
C ILE D 1267 -68.28 14.29 56.16
N PHE D 1268 -67.74 13.09 55.99
CA PHE D 1268 -67.14 12.65 54.74
C PHE D 1268 -68.15 11.98 53.81
N LEU D 1269 -69.44 12.15 54.04
CA LEU D 1269 -70.47 11.49 53.26
C LEU D 1269 -70.58 12.17 51.90
N ASN D 1270 -70.21 11.45 50.84
CA ASN D 1270 -70.31 11.94 49.46
C ASN D 1270 -69.51 13.23 49.28
N ASN D 1271 -68.19 13.12 49.47
CA ASN D 1271 -67.28 14.23 49.24
C ASN D 1271 -65.97 13.65 48.72
N TYR D 1272 -65.82 13.64 47.40
CA TYR D 1272 -64.60 13.15 46.77
C TYR D 1272 -63.39 14.00 47.11
N GLN D 1273 -63.60 15.26 47.49
CA GLN D 1273 -62.48 16.15 47.82
C GLN D 1273 -61.76 15.68 49.08
N LEU D 1274 -62.48 15.64 50.21
CA LEU D 1274 -61.83 15.35 51.48
C LEU D 1274 -61.41 13.89 51.57
N CYS D 1275 -62.18 12.99 50.95
CA CYS D 1275 -61.86 11.56 51.02
C CYS D 1275 -60.53 11.25 50.33
N SER D 1276 -60.14 12.07 49.36
CA SER D 1276 -58.88 11.86 48.64
C SER D 1276 -57.66 12.42 49.37
N GLU D 1277 -57.84 13.06 50.52
CA GLU D 1277 -56.74 13.69 51.24
C GLU D 1277 -56.86 13.42 52.74
N ILE D 1278 -57.15 12.17 53.10
CA ILE D 1278 -57.26 11.79 54.51
C ILE D 1278 -55.86 11.59 55.09
N SER D 1279 -55.66 12.02 56.32
CA SER D 1279 -54.37 11.89 56.98
C SER D 1279 -54.20 10.46 57.50
N GLU D 1280 -53.00 10.18 58.02
CA GLU D 1280 -52.64 8.83 58.43
C GLU D 1280 -53.21 8.44 59.80
N PRO D 1281 -53.16 9.30 60.83
CA PRO D 1281 -53.67 8.85 62.14
C PRO D 1281 -55.16 8.57 62.19
N VAL D 1282 -55.94 9.09 61.23
CA VAL D 1282 -57.39 8.88 61.26
C VAL D 1282 -57.72 7.41 61.11
N LEU D 1283 -57.24 6.80 60.03
CA LEU D 1283 -57.54 5.39 59.78
C LEU D 1283 -56.91 4.50 60.84
N GLN D 1284 -55.68 4.81 61.24
CA GLN D 1284 -54.98 3.97 62.22
C GLN D 1284 -55.63 4.04 63.59
N HIS D 1285 -56.30 5.14 63.92
CA HIS D 1285 -56.89 5.27 65.26
C HIS D 1285 -58.10 4.38 65.41
N PHE D 1286 -59.01 4.38 64.42
CA PHE D 1286 -60.19 3.53 64.50
C PHE D 1286 -59.80 2.06 64.48
N VAL D 1287 -58.75 1.70 63.73
CA VAL D 1287 -58.24 0.34 63.77
C VAL D 1287 -57.58 0.06 65.10
N HIS D 1288 -56.75 0.99 65.57
CA HIS D 1288 -56.17 0.85 66.91
C HIS D 1288 -57.25 0.86 67.98
N LEU D 1289 -58.35 1.59 67.74
CA LEU D 1289 -59.49 1.52 68.63
C LEU D 1289 -60.19 0.18 68.50
N LEU D 1290 -60.41 -0.27 67.26
CA LEU D 1290 -61.10 -1.54 67.04
C LEU D 1290 -60.32 -2.71 67.61
N ALA D 1291 -58.98 -2.62 67.60
CA ALA D 1291 -58.17 -3.61 68.29
C ALA D 1291 -58.15 -3.38 69.80
N THR D 1292 -58.34 -2.13 70.24
CA THR D 1292 -58.39 -1.84 71.66
C THR D 1292 -59.68 -2.36 72.29
N HIS D 1293 -60.81 -1.84 71.83
CA HIS D 1293 -62.12 -2.21 72.37
C HIS D 1293 -62.70 -3.41 71.64
N GLY D 1294 -62.91 -3.28 70.33
CA GLY D 1294 -63.50 -4.36 69.56
C GLY D 1294 -64.90 -4.72 70.00
N ARG D 1295 -65.65 -3.76 70.55
CA ARG D 1295 -66.99 -3.99 71.05
C ARG D 1295 -68.07 -3.61 70.04
N HIS D 1296 -68.04 -2.38 69.55
CA HIS D 1296 -69.12 -1.82 68.75
C HIS D 1296 -68.78 -1.86 67.26
N VAL D 1297 -69.82 -1.63 66.45
CA VAL D 1297 -69.72 -1.72 65.00
C VAL D 1297 -69.67 -0.35 64.33
N GLN D 1298 -70.10 0.70 65.01
CA GLN D 1298 -70.27 2.00 64.35
C GLN D 1298 -68.94 2.62 63.94
N TYR D 1299 -67.84 2.24 64.60
CA TYR D 1299 -66.52 2.67 64.14
C TYR D 1299 -66.21 2.10 62.77
N LEU D 1300 -66.69 0.89 62.48
CA LEU D 1300 -66.46 0.25 61.20
C LEU D 1300 -67.32 0.85 60.09
N ASP D 1301 -68.44 1.50 60.44
CA ASP D 1301 -69.28 2.13 59.43
C ASP D 1301 -68.55 3.25 58.72
N PHE D 1302 -67.60 3.91 59.40
CA PHE D 1302 -66.87 5.00 58.78
C PHE D 1302 -66.07 4.52 57.59
N LEU D 1303 -65.49 3.32 57.67
CA LEU D 1303 -64.71 2.80 56.56
C LEU D 1303 -65.58 2.39 55.37
N HIS D 1304 -66.87 2.14 55.60
CA HIS D 1304 -67.79 1.82 54.50
C HIS D 1304 -68.22 3.05 53.73
N THR D 1305 -68.17 4.24 54.35
CA THR D 1305 -68.61 5.48 53.72
C THR D 1305 -67.48 6.18 52.97
N VAL D 1306 -66.31 6.31 53.61
CA VAL D 1306 -65.18 7.00 52.99
C VAL D 1306 -64.72 6.27 51.73
N ILE D 1307 -64.85 4.94 51.71
CA ILE D 1307 -64.39 4.17 50.55
C ILE D 1307 -65.29 4.43 49.35
N LYS D 1308 -66.57 4.73 49.58
CA LYS D 1308 -67.52 5.03 48.50
C LYS D 1308 -67.69 6.54 48.40
N ALA D 1309 -67.13 7.13 47.35
CA ALA D 1309 -67.31 8.55 47.08
C ALA D 1309 -68.66 8.76 46.40
N GLU D 1310 -68.87 9.95 45.87
CA GLU D 1310 -70.13 10.25 45.16
C GLU D 1310 -70.29 9.33 43.95
N GLY D 1311 -69.25 9.22 43.12
CA GLY D 1311 -69.29 8.38 41.94
C GLY D 1311 -67.96 7.75 41.60
N LYS D 1312 -67.08 7.61 42.60
CA LYS D 1312 -65.76 7.04 42.40
C LYS D 1312 -65.36 6.25 43.62
N TYR D 1313 -64.30 5.45 43.47
CA TYR D 1313 -63.65 4.73 44.56
C TYR D 1313 -62.20 5.21 44.64
N VAL D 1314 -61.79 5.58 45.85
CA VAL D 1314 -60.51 6.27 46.07
C VAL D 1314 -59.47 5.22 46.45
N LYS D 1315 -58.48 5.00 45.57
CA LYS D 1315 -57.44 4.02 45.83
C LYS D 1315 -56.56 4.40 47.02
N LYS D 1316 -56.53 5.68 47.41
CA LYS D 1316 -55.72 6.09 48.55
C LYS D 1316 -56.13 5.36 49.82
N CYS D 1317 -57.41 4.98 49.93
CA CYS D 1317 -57.92 4.26 51.09
C CYS D 1317 -58.30 2.81 50.80
N GLN D 1318 -58.30 2.39 49.53
CA GLN D 1318 -58.49 0.96 49.25
C GLN D 1318 -57.38 0.14 49.89
N ASP D 1319 -56.12 0.58 49.74
CA ASP D 1319 -54.99 -0.22 50.17
C ASP D 1319 -54.78 -0.10 51.67
N MET D 1320 -54.82 1.13 52.20
CA MET D 1320 -54.44 1.36 53.59
C MET D 1320 -55.38 0.67 54.57
N ILE D 1321 -56.65 0.48 54.18
CA ILE D 1321 -57.56 -0.25 55.06
C ILE D 1321 -57.16 -1.72 55.13
N MET D 1322 -56.69 -2.29 54.02
CA MET D 1322 -56.30 -3.70 54.01
C MET D 1322 -55.01 -3.92 54.77
N THR D 1323 -54.08 -2.96 54.69
CA THR D 1323 -52.80 -3.11 55.39
C THR D 1323 -53.00 -3.10 56.90
N GLU D 1324 -53.87 -2.22 57.40
CA GLU D 1324 -54.10 -2.11 58.83
C GLU D 1324 -55.00 -3.22 59.37
N LEU D 1325 -55.69 -3.96 58.51
CA LEU D 1325 -56.55 -5.07 58.91
C LEU D 1325 -55.94 -6.43 58.66
N THR D 1326 -55.00 -6.55 57.72
CA THR D 1326 -54.39 -7.84 57.41
C THR D 1326 -53.59 -8.38 58.59
N ASN D 1327 -52.83 -7.51 59.25
CA ASN D 1327 -51.94 -7.88 60.35
C ASN D 1327 -52.43 -7.25 61.67
N ALA D 1328 -53.75 -7.17 61.84
CA ALA D 1328 -54.30 -6.53 63.02
C ALA D 1328 -54.33 -7.49 64.20
N GLY D 1329 -55.05 -8.59 64.07
CA GLY D 1329 -55.16 -9.56 65.15
C GLY D 1329 -56.33 -10.49 64.94
N ASP D 1330 -56.94 -10.88 66.06
CA ASP D 1330 -58.08 -11.80 66.06
C ASP D 1330 -59.40 -11.08 66.26
N ASP D 1331 -59.47 -10.16 67.22
CA ASP D 1331 -60.71 -9.43 67.47
C ASP D 1331 -61.10 -8.54 66.28
N VAL D 1332 -60.11 -8.08 65.52
CA VAL D 1332 -60.38 -7.20 64.39
C VAL D 1332 -60.99 -7.97 63.23
N VAL D 1333 -60.49 -9.17 62.95
CA VAL D 1333 -60.97 -10.02 61.86
C VAL D 1333 -61.72 -11.18 62.51
N VAL D 1334 -63.04 -11.13 62.50
CA VAL D 1334 -63.90 -12.12 63.15
C VAL D 1334 -64.52 -12.96 62.03
N PHE D 1335 -63.86 -14.07 61.69
CA PHE D 1335 -64.37 -15.06 60.75
C PHE D 1335 -64.59 -16.38 61.49
N TYR D 1336 -65.31 -17.28 60.82
CA TYR D 1336 -65.66 -18.58 61.41
C TYR D 1336 -65.64 -19.61 60.28
N ASN D 1337 -64.51 -20.32 60.15
CA ASN D 1337 -64.32 -21.31 59.09
C ASN D 1337 -64.16 -22.73 59.61
N ASP D 1338 -63.41 -22.95 60.69
CA ASP D 1338 -63.25 -24.28 61.25
C ASP D 1338 -64.58 -24.80 61.79
N LYS D 1339 -64.59 -26.09 62.15
CA LYS D 1339 -65.82 -26.72 62.62
C LYS D 1339 -66.26 -26.13 63.96
N ALA D 1340 -65.32 -26.01 64.91
CA ALA D 1340 -65.65 -25.41 66.20
C ALA D 1340 -66.06 -23.95 66.02
N SER D 1341 -65.35 -23.22 65.15
CA SER D 1341 -65.70 -21.83 64.90
C SER D 1341 -67.02 -21.72 64.15
N LEU D 1342 -67.27 -22.61 63.17
CA LEU D 1342 -68.56 -22.64 62.50
C LEU D 1342 -69.68 -22.94 63.49
N ALA D 1343 -69.42 -23.81 64.46
CA ALA D 1343 -70.46 -24.18 65.42
C ALA D 1343 -70.88 -22.99 66.26
N HIS D 1344 -69.98 -22.05 66.51
CA HIS D 1344 -70.34 -20.85 67.27
C HIS D 1344 -71.20 -19.91 66.45
N LEU D 1345 -70.88 -19.75 65.16
CA LEU D 1345 -71.63 -18.83 64.31
C LEU D 1345 -72.96 -19.43 63.87
N LEU D 1346 -72.99 -20.74 63.61
CA LEU D 1346 -74.24 -21.37 63.20
C LEU D 1346 -75.26 -21.33 64.33
N ASP D 1347 -74.82 -21.52 65.57
CA ASP D 1347 -75.72 -21.37 66.71
C ASP D 1347 -76.22 -19.93 66.83
N MET D 1348 -75.44 -18.97 66.35
CA MET D 1348 -75.86 -17.58 66.35
C MET D 1348 -76.88 -17.30 65.25
N MET D 1349 -76.76 -17.99 64.11
CA MET D 1349 -77.75 -17.83 63.03
C MET D 1349 -79.12 -18.33 63.46
N LYS D 1350 -79.17 -19.38 64.29
CA LYS D 1350 -80.45 -19.93 64.71
C LYS D 1350 -81.24 -18.93 65.56
N ALA D 1351 -80.59 -18.38 66.60
CA ALA D 1351 -81.27 -17.42 67.46
C ALA D 1351 -81.58 -16.11 66.74
N ALA D 1352 -80.84 -15.79 65.67
CA ALA D 1352 -81.02 -14.55 64.91
C ALA D 1352 -81.83 -14.79 63.64
N ARG D 1353 -82.83 -15.68 63.69
CA ARG D 1353 -83.61 -16.00 62.50
C ARG D 1353 -84.32 -14.78 61.95
N ASP D 1354 -84.88 -13.95 62.83
CA ASP D 1354 -85.61 -12.74 62.44
C ASP D 1354 -85.29 -11.62 63.40
N GLY D 1355 -85.32 -10.39 62.89
CA GLY D 1355 -85.08 -9.22 63.70
C GLY D 1355 -83.66 -9.12 64.21
N VAL D 1356 -82.71 -8.90 63.31
CA VAL D 1356 -81.31 -8.77 63.69
C VAL D 1356 -81.13 -7.51 64.52
N GLU D 1357 -80.30 -7.60 65.56
CA GLU D 1357 -80.02 -6.46 66.42
C GLU D 1357 -78.93 -5.57 65.82
N ASP D 1358 -78.93 -4.31 66.24
CA ASP D 1358 -77.91 -3.37 65.78
C ASP D 1358 -76.60 -3.62 66.51
N HIS D 1359 -76.61 -3.55 67.84
CA HIS D 1359 -75.43 -3.83 68.65
C HIS D 1359 -75.38 -5.33 68.93
N SER D 1360 -74.65 -6.06 68.11
CA SER D 1360 -74.55 -7.50 68.25
C SER D 1360 -73.35 -7.99 67.44
N PRO D 1361 -72.76 -9.13 67.80
CA PRO D 1361 -71.62 -9.64 67.01
C PRO D 1361 -72.00 -10.08 65.62
N LEU D 1362 -73.27 -10.43 65.36
CA LEU D 1362 -73.68 -10.81 64.02
C LEU D 1362 -73.62 -9.61 63.07
N MET D 1363 -74.11 -8.46 63.51
CA MET D 1363 -74.03 -7.25 62.70
C MET D 1363 -72.58 -6.85 62.44
N TYR D 1364 -71.67 -7.17 63.37
CA TYR D 1364 -70.26 -6.89 63.15
C TYR D 1364 -69.71 -7.69 61.99
N HIS D 1365 -70.14 -8.96 61.86
CA HIS D 1365 -69.64 -9.82 60.79
C HIS D 1365 -70.26 -9.48 59.44
N ILE D 1366 -71.51 -9.02 59.42
CA ILE D 1366 -72.16 -8.69 58.16
C ILE D 1366 -71.47 -7.50 57.51
N SER D 1367 -71.29 -6.42 58.28
CA SER D 1367 -70.67 -5.22 57.72
C SER D 1367 -69.18 -5.41 57.46
N LEU D 1368 -68.53 -6.31 58.21
CA LEU D 1368 -67.11 -6.57 57.99
C LEU D 1368 -66.88 -7.20 56.63
N VAL D 1369 -67.70 -8.21 56.28
CA VAL D 1369 -67.61 -8.80 54.95
C VAL D 1369 -68.02 -7.78 53.89
N ASP D 1370 -68.92 -6.86 54.24
CA ASP D 1370 -69.34 -5.84 53.28
C ASP D 1370 -68.18 -4.90 52.95
N LEU D 1371 -67.36 -4.55 53.94
CA LEU D 1371 -66.23 -3.67 53.69
C LEU D 1371 -65.20 -4.35 52.79
N LEU D 1372 -64.77 -5.56 53.18
CA LEU D 1372 -63.80 -6.29 52.36
C LEU D 1372 -64.38 -6.61 50.99
N ALA D 1373 -65.70 -6.79 50.88
CA ALA D 1373 -66.33 -7.00 49.59
C ALA D 1373 -66.47 -5.69 48.81
N ALA D 1374 -66.62 -4.56 49.52
CA ALA D 1374 -66.81 -3.29 48.86
C ALA D 1374 -65.50 -2.65 48.43
N CYS D 1375 -64.41 -2.96 49.13
CA CYS D 1375 -63.12 -2.33 48.83
C CYS D 1375 -62.54 -2.87 47.53
N ALA D 1376 -62.56 -4.20 47.35
CA ALA D 1376 -61.93 -4.85 46.21
C ALA D 1376 -62.88 -5.04 45.03
N GLU D 1377 -63.89 -4.17 44.89
CA GLU D 1377 -64.82 -4.30 43.78
C GLU D 1377 -64.14 -4.00 42.45
N GLY D 1378 -63.33 -2.94 42.41
CA GLY D 1378 -62.62 -2.60 41.20
C GLY D 1378 -61.43 -3.51 40.95
N LYS D 1379 -60.77 -3.28 39.82
CA LYS D 1379 -59.60 -4.06 39.41
C LYS D 1379 -58.39 -3.51 40.16
N ASN D 1380 -58.07 -4.16 41.29
CA ASN D 1380 -56.93 -3.78 42.13
C ASN D 1380 -56.26 -5.09 42.58
N VAL D 1381 -55.19 -5.47 41.90
CA VAL D 1381 -54.51 -6.72 42.19
C VAL D 1381 -53.92 -6.71 43.60
N TYR D 1382 -53.61 -5.53 44.13
CA TYR D 1382 -53.00 -5.45 45.45
C TYR D 1382 -53.96 -5.95 46.53
N THR D 1383 -55.15 -5.34 46.62
CA THR D 1383 -56.10 -5.73 47.66
C THR D 1383 -56.70 -7.11 47.39
N GLU D 1384 -56.78 -7.53 46.13
CA GLU D 1384 -57.46 -8.77 45.80
C GLU D 1384 -56.64 -10.02 46.13
N ILE D 1385 -55.31 -9.95 46.01
CA ILE D 1385 -54.48 -11.06 46.47
C ILE D 1385 -54.67 -11.27 47.96
N LYS D 1386 -54.84 -10.16 48.70
CA LYS D 1386 -55.09 -10.26 50.14
C LYS D 1386 -56.43 -10.90 50.43
N CYS D 1387 -57.50 -10.36 49.83
CA CYS D 1387 -58.86 -10.81 50.16
C CYS D 1387 -59.05 -12.29 49.94
N THR D 1388 -58.36 -12.88 48.96
CA THR D 1388 -58.40 -14.33 48.79
C THR D 1388 -57.76 -15.03 49.98
N SER D 1389 -56.80 -14.38 50.64
CA SER D 1389 -56.13 -14.97 51.79
C SER D 1389 -56.91 -14.74 53.08
N LEU D 1390 -57.65 -13.64 53.18
CA LEU D 1390 -58.42 -13.38 54.40
C LEU D 1390 -59.54 -14.38 54.57
N LEU D 1391 -60.13 -14.85 53.46
CA LEU D 1391 -61.25 -15.79 53.50
C LEU D 1391 -61.24 -16.65 52.23
N PRO D 1392 -61.04 -18.00 52.32
CA PRO D 1392 -61.05 -18.81 51.10
C PRO D 1392 -62.44 -18.98 50.51
N LEU D 1393 -62.53 -19.70 49.39
CA LEU D 1393 -63.81 -19.89 48.71
C LEU D 1393 -64.58 -21.06 49.28
N GLU D 1394 -63.89 -22.17 49.58
CA GLU D 1394 -64.58 -23.41 49.94
C GLU D 1394 -65.33 -23.28 51.27
N ASP D 1395 -64.84 -22.43 52.18
CA ASP D 1395 -65.51 -22.26 53.46
C ASP D 1395 -66.80 -21.46 53.32
N VAL D 1396 -66.90 -20.62 52.29
CA VAL D 1396 -68.11 -19.82 52.09
C VAL D 1396 -69.24 -20.67 51.53
N VAL D 1397 -68.91 -21.64 50.66
CA VAL D 1397 -69.93 -22.47 50.03
C VAL D 1397 -70.62 -23.36 51.06
N SER D 1398 -69.89 -23.78 52.09
CA SER D 1398 -70.50 -24.64 53.11
C SER D 1398 -71.58 -23.92 53.88
N VAL D 1399 -71.47 -22.60 54.02
CA VAL D 1399 -72.47 -21.83 54.75
C VAL D 1399 -73.72 -21.62 53.92
N VAL D 1400 -73.57 -21.35 52.62
CA VAL D 1400 -74.70 -21.06 51.76
C VAL D 1400 -75.55 -22.31 51.54
N THR D 1401 -74.92 -23.49 51.51
CA THR D 1401 -75.63 -24.73 51.16
C THR D 1401 -76.21 -25.38 52.42
N HIS D 1402 -77.06 -24.62 53.10
CA HIS D 1402 -77.79 -25.09 54.27
C HIS D 1402 -79.28 -24.77 54.15
N GLU D 1403 -79.61 -23.67 53.48
CA GLU D 1403 -81.00 -23.21 53.32
C GLU D 1403 -81.68 -22.98 54.67
N ASP D 1404 -80.88 -22.56 55.67
CA ASP D 1404 -81.38 -22.18 56.98
C ASP D 1404 -80.78 -20.87 57.46
N CYS D 1405 -79.95 -20.21 56.65
CA CYS D 1405 -79.29 -18.98 57.07
C CYS D 1405 -80.24 -17.80 56.92
N ILE D 1406 -79.76 -16.61 57.29
CA ILE D 1406 -80.54 -15.38 57.23
C ILE D 1406 -80.43 -14.79 55.84
N THR D 1407 -81.50 -14.16 55.38
CA THR D 1407 -81.54 -13.62 54.03
C THR D 1407 -80.52 -12.50 53.85
N GLU D 1408 -80.39 -11.62 54.85
CA GLU D 1408 -79.41 -10.54 54.77
C GLU D 1408 -77.99 -11.08 54.69
N VAL D 1409 -77.71 -12.16 55.42
CA VAL D 1409 -76.36 -12.73 55.40
C VAL D 1409 -76.03 -13.29 54.03
N LYS D 1410 -77.05 -13.78 53.30
CA LYS D 1410 -76.81 -14.31 51.96
C LYS D 1410 -76.38 -13.21 51.00
N MET D 1411 -76.75 -11.95 51.28
CA MET D 1411 -76.35 -10.86 50.41
C MET D 1411 -74.82 -10.68 50.41
N ALA D 1412 -74.24 -10.53 51.61
CA ALA D 1412 -72.84 -10.11 51.72
C ALA D 1412 -71.89 -11.15 51.14
N TYR D 1413 -72.14 -12.43 51.41
CA TYR D 1413 -71.27 -13.47 50.88
C TYR D 1413 -71.36 -13.54 49.36
N VAL D 1414 -72.55 -13.40 48.80
CA VAL D 1414 -72.68 -13.29 47.35
C VAL D 1414 -72.07 -11.98 46.88
N ASN D 1415 -72.22 -10.91 47.67
CA ASN D 1415 -71.54 -9.66 47.37
C ASN D 1415 -70.03 -9.82 47.43
N PHE D 1416 -69.54 -10.72 48.28
CA PHE D 1416 -68.09 -10.94 48.39
C PHE D 1416 -67.56 -11.77 47.22
N VAL D 1417 -68.25 -12.86 46.87
CA VAL D 1417 -67.75 -13.74 45.82
C VAL D 1417 -67.91 -13.10 44.45
N ASN D 1418 -68.96 -12.30 44.26
CA ASN D 1418 -69.18 -11.64 42.97
C ASN D 1418 -68.07 -10.63 42.67
N HIS D 1419 -67.62 -9.90 43.69
CA HIS D 1419 -66.75 -8.75 43.49
C HIS D 1419 -65.30 -8.98 43.91
N CYS D 1420 -64.96 -10.18 44.40
CA CYS D 1420 -63.59 -10.50 44.79
C CYS D 1420 -62.98 -11.60 43.93
N TYR D 1421 -63.63 -12.77 43.85
CA TYR D 1421 -63.02 -13.90 43.15
C TYR D 1421 -63.22 -13.83 41.64
N VAL D 1422 -64.32 -13.22 41.19
CA VAL D 1422 -64.55 -13.08 39.75
C VAL D 1422 -63.49 -12.19 39.14
N ASP D 1423 -63.28 -11.01 39.73
CA ASP D 1423 -62.27 -10.08 39.26
C ASP D 1423 -60.90 -10.48 39.81
N ALA D 1460 -63.17 -24.93 40.85
CA ALA D 1460 -63.86 -24.43 39.66
C ALA D 1460 -65.34 -24.81 39.70
N ASP D 1461 -65.62 -26.07 40.00
CA ASP D 1461 -67.00 -26.54 40.05
C ASP D 1461 -67.74 -26.02 41.27
N PRO D 1462 -67.03 -25.61 42.33
CA PRO D 1462 -67.67 -25.11 43.53
C PRO D 1462 -68.41 -23.80 43.30
N THR D 1463 -68.00 -23.02 42.28
CA THR D 1463 -68.68 -21.76 42.01
C THR D 1463 -70.11 -21.98 41.55
N LEU D 1464 -70.37 -23.08 40.83
CA LEU D 1464 -71.72 -23.39 40.38
C LEU D 1464 -72.59 -23.96 41.50
N GLU D 1465 -71.98 -24.48 42.57
CA GLU D 1465 -72.76 -25.01 43.69
C GLU D 1465 -73.60 -23.92 44.33
N LYS D 1466 -73.04 -22.71 44.47
CA LYS D 1466 -73.80 -21.59 45.00
C LYS D 1466 -74.92 -21.19 44.05
N TYR D 1467 -74.67 -21.30 42.74
CA TYR D 1467 -75.71 -21.00 41.77
C TYR D 1467 -76.85 -22.02 41.83
N VAL D 1468 -76.55 -23.25 42.24
CA VAL D 1468 -77.59 -24.27 42.37
C VAL D 1468 -78.60 -23.89 43.45
N LEU D 1469 -78.11 -23.59 44.65
CA LEU D 1469 -79.00 -23.17 45.72
C LEU D 1469 -79.65 -21.83 45.41
N SER D 1470 -78.97 -20.98 44.64
CA SER D 1470 -79.57 -19.70 44.25
C SER D 1470 -80.78 -19.90 43.35
N VAL D 1471 -80.77 -20.95 42.52
CA VAL D 1471 -81.93 -21.25 41.68
C VAL D 1471 -83.12 -21.67 42.52
N VAL D 1472 -82.90 -22.60 43.46
CA VAL D 1472 -83.98 -23.01 44.35
C VAL D 1472 -84.39 -21.87 45.27
N LEU D 1473 -83.43 -21.07 45.74
CA LEU D 1473 -83.76 -19.93 46.58
C LEU D 1473 -84.57 -18.88 45.83
N ASP D 1474 -84.32 -18.73 44.53
CA ASP D 1474 -85.09 -17.78 43.73
C ASP D 1474 -86.55 -18.19 43.64
N THR D 1475 -86.84 -19.49 43.61
CA THR D 1475 -88.22 -19.96 43.56
C THR D 1475 -88.92 -19.83 44.92
N ILE D 1476 -88.16 -19.73 46.01
CA ILE D 1476 -88.77 -19.61 47.33
C ILE D 1476 -89.57 -18.31 47.43
N ASN D 1477 -89.05 -17.21 46.90
CA ASN D 1477 -89.76 -15.95 46.91
C ASN D 1477 -90.84 -15.90 45.83
N ALA D 1478 -90.61 -16.57 44.70
CA ALA D 1478 -91.61 -16.60 43.63
C ALA D 1478 -92.87 -17.34 44.08
N PHE D 1479 -92.74 -18.28 45.01
CA PHE D 1479 -93.91 -19.00 45.52
C PHE D 1479 -94.84 -18.08 46.30
N PHE D 1480 -94.29 -17.08 46.97
CA PHE D 1480 -95.11 -16.15 47.74
C PHE D 1480 -95.87 -15.20 46.82
N TRP D 1513 -91.06 -9.19 55.73
CA TRP D 1513 -90.31 -10.44 55.81
C TRP D 1513 -89.93 -10.94 54.42
N LEU D 1514 -90.95 -11.16 53.58
CA LEU D 1514 -90.69 -11.64 52.22
C LEU D 1514 -89.98 -10.58 51.38
N GLN D 1515 -90.17 -9.30 51.70
CA GLN D 1515 -89.51 -8.24 50.93
C GLN D 1515 -88.00 -8.29 51.09
N GLN D 1516 -87.52 -8.77 52.23
CA GLN D 1516 -86.08 -8.86 52.45
C GLN D 1516 -85.46 -9.90 51.51
N GLN D 1517 -86.09 -11.06 51.39
CA GLN D 1517 -85.58 -12.09 50.49
C GLN D 1517 -85.65 -11.66 49.03
N HIS D 1518 -86.59 -10.77 48.70
CA HIS D 1518 -86.68 -10.27 47.33
C HIS D 1518 -85.44 -9.48 46.93
N LYS D 1519 -84.76 -8.86 47.89
CA LYS D 1519 -83.53 -8.14 47.58
C LYS D 1519 -82.44 -9.09 47.10
N GLY D 1520 -82.39 -10.30 47.65
CA GLY D 1520 -81.43 -11.28 47.20
C GLY D 1520 -81.71 -11.75 45.78
N SER D 1521 -82.97 -11.70 45.36
CA SER D 1521 -83.33 -12.12 44.01
C SER D 1521 -82.69 -11.19 42.97
N VAL D 1522 -82.98 -9.89 43.08
CA VAL D 1522 -82.38 -8.94 42.15
C VAL D 1522 -80.88 -8.85 42.33
N GLU D 1523 -80.39 -8.99 43.57
CA GLU D 1523 -78.95 -8.95 43.80
C GLU D 1523 -78.27 -10.17 43.20
N ALA D 1524 -78.76 -11.37 43.49
CA ALA D 1524 -78.18 -12.58 42.94
C ALA D 1524 -78.40 -12.69 41.43
N CYS D 1525 -79.48 -12.08 40.93
CA CYS D 1525 -79.72 -12.08 39.49
C CYS D 1525 -78.61 -11.35 38.75
N ILE D 1526 -78.12 -10.24 39.32
CA ILE D 1526 -77.00 -9.53 38.72
C ILE D 1526 -75.72 -10.35 38.77
N ARG D 1527 -75.60 -11.24 39.76
CA ARG D 1527 -74.41 -12.09 39.85
C ARG D 1527 -74.42 -13.23 38.85
N THR D 1528 -75.60 -13.77 38.54
CA THR D 1528 -75.68 -14.85 37.55
C THR D 1528 -75.22 -14.39 36.19
N LEU D 1529 -75.51 -13.14 35.83
CA LEU D 1529 -75.05 -12.58 34.56
C LEU D 1529 -73.59 -12.16 34.63
N ALA D 1530 -73.17 -11.54 35.73
CA ALA D 1530 -71.81 -11.04 35.83
C ALA D 1530 -70.81 -12.17 36.03
N MET D 1531 -71.16 -13.16 36.87
CA MET D 1531 -70.25 -14.27 37.11
C MET D 1531 -70.04 -15.09 35.86
N VAL D 1532 -71.11 -15.29 35.08
CA VAL D 1532 -71.00 -16.05 33.84
C VAL D 1532 -70.30 -15.24 32.75
N ALA D 1533 -70.74 -13.98 32.55
CA ALA D 1533 -70.22 -13.17 31.46
C ALA D 1533 -68.76 -12.79 31.61
N LYS D 1534 -68.15 -13.04 32.78
CA LYS D 1534 -66.74 -12.70 32.97
C LYS D 1534 -65.86 -13.49 32.01
N GLY D 1535 -65.85 -14.81 32.14
CA GLY D 1535 -65.05 -15.68 31.28
C GLY D 1535 -65.48 -17.13 31.43
N ARG D 1536 -68.48 -29.38 33.13
CA ARG D 1536 -68.96 -28.95 31.83
C ARG D 1536 -70.45 -29.22 31.69
N ALA D 1537 -70.82 -30.49 31.51
CA ALA D 1537 -72.22 -30.85 31.36
C ALA D 1537 -73.00 -30.59 32.64
N ILE D 1538 -72.34 -30.70 33.80
CA ILE D 1538 -73.02 -30.42 35.06
C ILE D 1538 -73.40 -28.95 35.16
N LEU D 1539 -72.48 -28.06 34.82
CA LEU D 1539 -72.78 -26.63 34.83
C LEU D 1539 -73.65 -26.24 33.63
N LEU D 1540 -73.55 -26.96 32.52
CA LEU D 1540 -74.37 -26.64 31.35
C LEU D 1540 -75.83 -26.99 31.60
N PRO D 1541 -76.08 -28.17 32.14
CA PRO D 1541 -77.45 -28.57 32.44
C PRO D 1541 -78.07 -27.69 33.53
N MET D 1542 -77.25 -27.19 34.45
CA MET D 1542 -77.74 -26.31 35.51
C MET D 1542 -77.83 -24.86 35.08
N ASP D 1543 -77.10 -24.47 34.02
CA ASP D 1543 -77.14 -23.08 33.57
C ASP D 1543 -78.52 -22.70 33.05
N LEU D 1544 -79.26 -23.66 32.48
CA LEU D 1544 -80.59 -23.37 31.97
C LEU D 1544 -81.58 -23.17 33.11
N ASP D 1545 -81.33 -23.77 34.28
CA ASP D 1545 -82.24 -23.62 35.41
C ASP D 1545 -82.28 -22.19 35.92
N ALA D 1546 -81.17 -21.46 35.83
CA ALA D 1546 -81.14 -20.07 36.28
C ALA D 1546 -82.09 -19.21 35.45
N HIS D 1547 -82.16 -19.46 34.15
CA HIS D 1547 -83.03 -18.70 33.25
C HIS D 1547 -84.40 -19.33 33.10
N ILE D 1548 -84.53 -20.64 33.32
CA ILE D 1548 -85.83 -21.29 33.16
C ILE D 1548 -86.85 -20.74 34.14
N SER D 1549 -86.44 -20.54 35.40
CA SER D 1549 -87.34 -19.97 36.40
C SER D 1549 -87.43 -18.46 36.29
N SER D 1550 -86.38 -17.80 35.79
CA SER D 1550 -86.41 -16.35 35.66
C SER D 1550 -87.45 -15.91 34.64
N MET D 1551 -87.52 -16.60 33.50
CA MET D 1551 -88.51 -16.25 32.49
C MET D 1551 -89.92 -16.59 32.93
N LEU D 1552 -90.08 -17.65 33.73
CA LEU D 1552 -91.40 -18.04 34.22
C LEU D 1552 -91.97 -16.96 35.14
N SER D 1553 -91.16 -16.51 36.11
CA SER D 1553 -91.61 -15.46 37.02
C SER D 1553 -91.74 -14.12 36.31
N SER D 1554 -90.95 -13.90 35.26
CA SER D 1554 -91.00 -12.64 34.51
C SER D 1554 -92.34 -12.50 33.80
N GLY D 1555 -90.81 -3.58 40.29
CA GLY D 1555 -91.21 -4.15 39.01
C GLY D 1555 -90.25 -3.72 37.91
N ALA D 1556 -89.68 -2.52 38.05
CA ALA D 1556 -88.72 -2.03 37.07
C ALA D 1556 -87.47 -2.92 37.03
N SER D 1557 -86.98 -3.33 38.20
CA SER D 1557 -85.82 -4.20 38.25
C SER D 1557 -86.16 -5.61 37.78
N CYS D 1558 -87.42 -6.03 37.94
CA CYS D 1558 -87.83 -7.35 37.48
C CYS D 1558 -87.76 -7.45 35.96
N ALA D 1559 -88.30 -6.44 35.27
CA ALA D 1559 -88.23 -6.43 33.81
C ALA D 1559 -86.78 -6.30 33.34
N ALA D 1560 -86.00 -5.47 34.03
CA ALA D 1560 -84.59 -5.35 33.68
C ALA D 1560 -83.82 -6.62 34.01
N ALA D 1561 -84.11 -7.23 35.15
CA ALA D 1561 -83.47 -8.51 35.49
C ALA D 1561 -83.97 -9.62 34.59
N ALA D 1562 -85.24 -9.54 34.16
CA ALA D 1562 -85.75 -10.52 33.22
C ALA D 1562 -85.02 -10.45 31.88
N GLN D 1563 -84.68 -9.23 31.45
CA GLN D 1563 -83.91 -9.08 30.21
C GLN D 1563 -82.45 -9.44 30.43
N ARG D 1564 -81.86 -9.00 31.55
CA ARG D 1564 -80.48 -9.34 31.85
C ARG D 1564 -80.30 -10.83 32.06
N ASN D 1565 -81.23 -11.46 32.79
CA ASN D 1565 -81.21 -12.91 32.93
C ASN D 1565 -81.44 -13.58 31.59
N ALA D 1566 -82.38 -13.05 30.80
CA ALA D 1566 -82.61 -13.58 29.46
C ALA D 1566 -81.51 -13.20 28.48
N SER D 1567 -80.73 -12.15 28.77
CA SER D 1567 -79.59 -11.82 27.93
C SER D 1567 -78.53 -12.90 28.01
N SER D 1568 -78.15 -13.30 29.22
CA SER D 1568 -77.24 -14.42 29.37
C SER D 1568 -77.91 -15.73 28.97
N TYR D 1569 -79.22 -15.84 29.13
CA TYR D 1569 -79.94 -17.01 28.64
C TYR D 1569 -79.96 -17.03 27.12
N LYS D 1570 -80.15 -15.86 26.50
CA LYS D 1570 -80.10 -15.75 25.05
C LYS D 1570 -78.78 -16.27 24.50
N ALA D 1571 -77.71 -16.18 25.28
CA ALA D 1571 -76.42 -16.76 24.94
C ALA D 1571 -76.24 -18.15 25.53
N THR D 1572 -77.32 -18.93 25.63
CA THR D 1572 -77.21 -20.35 25.97
C THR D 1572 -76.61 -21.17 24.85
N THR D 1573 -76.46 -20.60 23.66
CA THR D 1573 -75.71 -21.23 22.58
C THR D 1573 -75.26 -20.17 21.59
N ARG D 1574 -91.72 -25.13 23.96
CA ARG D 1574 -92.65 -24.01 23.89
C ARG D 1574 -92.07 -22.80 24.64
N ALA D 1575 -91.92 -22.94 25.96
CA ALA D 1575 -91.33 -21.87 26.75
C ALA D 1575 -89.88 -21.63 26.39
N PHE D 1576 -89.19 -22.65 25.86
CA PHE D 1576 -87.81 -22.48 25.44
C PHE D 1576 -87.70 -21.49 24.28
N PRO D 1577 -88.64 -21.54 23.34
CA PRO D 1577 -88.60 -20.64 22.20
C PRO D 1577 -89.16 -19.26 22.54
N ARG D 1578 -90.05 -19.16 23.52
CA ARG D 1578 -90.68 -17.89 23.84
C ARG D 1578 -89.70 -16.88 24.41
N VAL D 1579 -88.56 -17.32 24.97
CA VAL D 1579 -87.60 -16.38 25.52
C VAL D 1579 -87.00 -15.49 24.43
N THR D 1580 -86.77 -16.05 23.24
CA THR D 1580 -86.23 -15.27 22.15
C THR D 1580 -87.20 -14.18 21.72
N PRO D 1581 -88.50 -14.50 21.67
CA PRO D 1581 -89.50 -13.47 21.39
C PRO D 1581 -89.51 -12.39 22.46
N THR D 1582 -89.21 -12.76 23.70
CA THR D 1582 -89.05 -11.76 24.76
C THR D 1582 -87.70 -11.04 24.64
N ALA D 1583 -86.69 -11.71 24.09
CA ALA D 1583 -85.38 -11.08 23.91
C ALA D 1583 -85.36 -10.12 22.73
N ASN D 1584 -86.09 -10.45 21.67
CA ASN D 1584 -86.12 -9.58 20.50
C ASN D 1584 -86.83 -8.26 20.81
N GLN D 1585 -87.96 -8.32 21.52
CA GLN D 1585 -88.70 -7.12 21.89
C GLN D 1585 -87.88 -6.27 22.87
N TRP D 1586 -94.28 42.15 50.85
CA TRP D 1586 -93.06 42.32 50.07
C TRP D 1586 -92.94 41.24 49.00
N ASP D 1587 -92.54 41.65 47.80
CA ASP D 1587 -92.35 40.70 46.72
C ASP D 1587 -91.06 39.90 46.95
N TYR D 1588 -91.16 38.57 46.83
CA TYR D 1588 -90.04 37.68 47.06
C TYR D 1588 -89.37 37.22 45.77
N LYS D 1589 -90.16 36.89 44.74
CA LYS D 1589 -89.62 36.42 43.47
C LYS D 1589 -89.28 37.56 42.51
N ASN D 1590 -89.09 38.77 43.00
CA ASN D 1590 -88.65 39.91 42.21
C ASN D 1590 -87.50 40.66 42.89
N ILE D 1591 -86.75 39.97 43.75
CA ILE D 1591 -85.63 40.54 44.49
C ILE D 1591 -84.38 39.74 44.19
N ILE D 1592 -84.42 38.45 44.50
CA ILE D 1592 -83.25 37.59 44.34
C ILE D 1592 -82.92 37.43 42.85
N GLU D 1593 -83.93 37.41 41.99
CA GLU D 1593 -83.67 37.29 40.56
C GLU D 1593 -83.03 38.56 40.01
N LYS D 1594 -83.47 39.72 40.50
CA LYS D 1594 -82.84 40.98 40.09
C LYS D 1594 -81.45 41.12 40.70
N LEU D 1595 -81.23 40.53 41.87
CA LEU D 1595 -79.91 40.57 42.48
C LEU D 1595 -78.90 39.78 41.65
N GLN D 1596 -79.34 38.64 41.08
CA GLN D 1596 -78.44 37.83 40.27
C GLN D 1596 -78.15 38.46 38.92
N ASP D 1597 -79.05 39.30 38.41
CA ASP D 1597 -78.74 40.09 37.23
C ASP D 1597 -77.57 41.04 37.51
N ILE D 1598 -77.44 41.50 38.76
CA ILE D 1598 -76.37 42.42 39.13
C ILE D 1598 -75.07 41.68 39.40
N ILE D 1599 -75.12 40.40 39.79
CA ILE D 1599 -73.90 39.62 39.98
C ILE D 1599 -73.15 39.49 38.65
N THR D 1600 -73.86 39.04 37.61
CA THR D 1600 -73.24 38.91 36.29
C THR D 1600 -72.79 40.26 35.75
N ALA D 1601 -73.55 41.31 36.00
CA ALA D 1601 -73.22 42.62 35.46
C ALA D 1601 -71.98 43.21 36.12
N LEU D 1602 -71.98 43.27 37.45
CA LEU D 1602 -70.83 43.85 38.16
C LEU D 1602 -69.57 43.05 37.92
N GLU D 1603 -69.67 41.72 37.95
CA GLU D 1603 -68.49 40.88 37.74
C GLU D 1603 -67.88 41.12 36.35
N GLU D 1604 -68.73 41.37 35.35
CA GLU D 1604 -68.23 41.73 34.03
C GLU D 1604 -67.82 43.19 33.97
N ARG D 1605 -68.54 44.07 34.68
CA ARG D 1605 -68.13 45.46 34.78
C ARG D 1605 -66.78 45.58 35.48
N LEU D 1606 -66.56 44.78 36.51
CA LEU D 1606 -65.34 44.80 37.30
C LEU D 1606 -64.31 43.77 36.83
N LYS D 1607 -64.54 43.14 35.67
CA LYS D 1607 -63.66 42.07 35.22
C LYS D 1607 -62.22 42.53 35.00
N PRO D 1608 -61.94 43.55 34.18
CA PRO D 1608 -60.55 43.99 34.03
C PRO D 1608 -60.00 44.68 35.27
N LEU D 1609 -60.86 45.12 36.18
CA LEU D 1609 -60.37 45.82 37.37
C LEU D 1609 -59.66 44.88 38.32
N VAL D 1610 -60.03 43.60 38.33
CA VAL D 1610 -59.41 42.64 39.25
C VAL D 1610 -57.94 42.46 38.91
N GLN D 1611 -57.65 42.05 37.67
CA GLN D 1611 -56.26 41.79 37.29
C GLN D 1611 -55.45 43.06 37.26
N ALA D 1612 -56.08 44.22 37.06
CA ALA D 1612 -55.36 45.48 37.10
C ALA D 1612 -54.76 45.72 38.48
N GLU D 1613 -55.45 45.28 39.53
CA GLU D 1613 -54.92 45.44 40.87
C GLU D 1613 -53.67 44.59 41.09
N LEU D 1614 -53.59 43.43 40.42
CA LEU D 1614 -52.40 42.60 40.50
C LEU D 1614 -51.31 43.08 39.55
N SER D 1615 -51.66 43.80 38.49
CA SER D 1615 -50.64 44.39 37.62
C SER D 1615 -49.83 45.45 38.34
N VAL D 1616 -50.48 46.22 39.23
CA VAL D 1616 -49.78 47.19 40.06
C VAL D 1616 -49.12 46.56 41.28
N LEU D 1617 -49.31 45.26 41.49
CA LEU D 1617 -48.56 44.55 42.53
C LEU D 1617 -47.16 44.21 42.05
N VAL D 1618 -47.07 43.60 40.88
CA VAL D 1618 -45.82 42.97 40.44
C VAL D 1618 -44.72 44.01 40.23
N ASP D 1619 -45.08 45.21 39.78
CA ASP D 1619 -44.08 46.25 39.60
C ASP D 1619 -43.53 46.74 40.93
N VAL D 1620 -44.34 46.67 42.00
CA VAL D 1620 -43.83 46.95 43.33
C VAL D 1620 -42.85 45.87 43.75
N LEU D 1621 -43.04 44.64 43.28
CA LEU D 1621 -42.10 43.56 43.54
C LEU D 1621 -40.91 43.59 42.59
N HIS D 1622 -41.00 44.36 41.51
CA HIS D 1622 -39.83 44.69 40.69
C HIS D 1622 -39.21 46.03 41.09
N TRP D 1623 -39.98 46.91 41.71
CA TRP D 1623 -39.47 48.16 42.28
C TRP D 1623 -39.90 48.30 43.74
N PRO D 1624 -39.38 47.43 44.64
CA PRO D 1624 -39.57 47.64 46.09
C PRO D 1624 -38.47 48.52 46.69
N GLU D 1625 -38.20 49.65 46.05
CA GLU D 1625 -37.09 50.53 46.39
C GLU D 1625 -37.49 51.98 46.61
N LEU D 1626 -38.46 52.49 45.85
CA LEU D 1626 -38.78 53.90 45.85
C LEU D 1626 -39.78 54.31 46.94
N LEU D 1627 -39.93 53.49 47.99
CA LEU D 1627 -40.72 53.86 49.16
C LEU D 1627 -39.86 54.41 50.28
N PHE D 1628 -38.71 53.78 50.53
CA PHE D 1628 -37.75 54.27 51.51
C PHE D 1628 -36.74 55.19 50.84
N LEU D 1629 -36.36 56.25 51.54
CA LEU D 1629 -35.39 57.19 51.01
C LEU D 1629 -33.97 56.63 51.19
N GLU D 1630 -33.02 57.24 50.51
CA GLU D 1630 -31.66 56.72 50.44
C GLU D 1630 -30.78 57.26 51.58
N GLY D 1631 -31.29 57.14 52.81
CA GLY D 1631 -30.57 57.55 53.99
C GLY D 1631 -30.78 56.60 55.16
N SER D 1632 -31.09 55.34 54.85
CA SER D 1632 -31.32 54.34 55.89
C SER D 1632 -30.97 52.97 55.31
N GLU D 1633 -31.26 51.91 56.08
CA GLU D 1633 -30.94 50.56 55.66
C GLU D 1633 -32.02 49.92 54.81
N ALA D 1634 -33.29 50.29 55.02
CA ALA D 1634 -34.38 49.68 54.26
C ALA D 1634 -34.23 49.93 52.76
N TYR D 1635 -33.61 51.04 52.38
CA TYR D 1635 -33.37 51.32 50.97
C TYR D 1635 -32.22 50.47 50.43
N GLN D 1636 -31.10 50.45 51.15
CA GLN D 1636 -29.91 49.75 50.65
C GLN D 1636 -30.15 48.24 50.56
N ARG D 1637 -30.93 47.69 51.50
CA ARG D 1637 -31.19 46.25 51.47
C ARG D 1637 -32.01 45.86 50.25
N CYS D 1638 -32.87 46.76 49.76
CA CYS D 1638 -33.68 46.47 48.58
C CYS D 1638 -32.91 46.73 47.29
N GLU D 1639 -31.95 47.65 47.30
CA GLU D 1639 -31.14 47.90 46.12
C GLU D 1639 -30.26 46.70 45.80
N SER D 1640 -29.59 46.16 46.81
CA SER D 1640 -28.72 45.00 46.63
C SER D 1640 -29.49 43.71 46.42
N GLY D 1641 -30.82 43.71 46.57
CA GLY D 1641 -31.61 42.52 46.42
C GLY D 1641 -31.71 41.70 47.68
N GLY D 1642 -32.13 42.33 48.77
CA GLY D 1642 -32.30 41.66 50.05
C GLY D 1642 -33.73 41.24 50.30
N PHE D 1643 -34.68 41.80 49.56
CA PHE D 1643 -36.09 41.52 49.79
C PHE D 1643 -36.45 40.10 49.36
N LEU D 1644 -36.25 39.78 48.08
CA LEU D 1644 -36.59 38.46 47.59
C LEU D 1644 -35.69 37.39 48.17
N SER D 1645 -34.49 37.75 48.64
CA SER D 1645 -33.66 36.80 49.37
C SER D 1645 -34.37 36.28 50.61
N LYS D 1646 -35.23 37.11 51.21
CA LYS D 1646 -36.00 36.73 52.38
C LYS D 1646 -37.32 36.04 52.04
N LEU D 1647 -37.90 36.37 50.88
CA LEU D 1647 -39.21 35.85 50.54
C LEU D 1647 -39.15 34.44 49.97
N ILE D 1648 -38.08 34.10 49.25
CA ILE D 1648 -37.93 32.75 48.71
C ILE D 1648 -37.39 31.81 49.78
N GLN D 1649 -36.38 32.26 50.53
CA GLN D 1649 -35.79 31.41 51.57
C GLN D 1649 -36.78 31.11 52.67
N HIS D 1650 -37.80 31.97 52.87
CA HIS D 1650 -38.88 31.67 53.80
C HIS D 1650 -40.00 30.88 53.15
N THR D 1651 -40.16 30.98 51.84
CA THR D 1651 -41.17 30.17 51.14
C THR D 1651 -40.93 28.69 51.36
N LYS D 1652 -39.66 28.29 51.45
CA LYS D 1652 -39.34 26.89 51.74
C LYS D 1652 -39.73 26.50 53.16
N ASP D 1653 -39.77 27.47 54.08
CA ASP D 1653 -40.03 27.14 55.48
C ASP D 1653 -41.49 26.77 55.71
N LEU D 1654 -42.42 27.39 54.97
CA LEU D 1654 -43.85 27.12 55.11
C LEU D 1654 -44.33 26.00 54.20
N MET D 1655 -43.45 25.07 53.83
CA MET D 1655 -43.79 24.02 52.88
C MET D 1655 -44.94 23.14 53.38
N GLU D 1656 -45.08 23.02 54.71
CA GLU D 1656 -46.17 22.25 55.30
C GLU D 1656 -46.97 23.01 56.35
N SER D 1657 -46.48 24.14 56.87
CA SER D 1657 -47.22 24.90 57.87
C SER D 1657 -48.47 25.50 57.26
N GLU D 1658 -48.30 26.34 56.23
CA GLU D 1658 -49.40 27.00 55.52
C GLU D 1658 -49.19 26.74 54.03
N GLU D 1659 -49.70 25.61 53.55
CA GLU D 1659 -49.49 25.23 52.16
C GLU D 1659 -50.24 26.13 51.18
N LYS D 1660 -51.22 26.91 51.64
CA LYS D 1660 -52.00 27.74 50.74
C LYS D 1660 -51.15 28.85 50.11
N LEU D 1661 -50.22 29.41 50.89
CA LEU D 1661 -49.49 30.59 50.42
C LEU D 1661 -48.57 30.28 49.25
N CYS D 1662 -48.08 29.04 49.14
CA CYS D 1662 -47.23 28.68 48.01
C CYS D 1662 -47.95 28.87 46.68
N ILE D 1663 -49.26 28.64 46.65
CA ILE D 1663 -50.03 28.80 45.44
C ILE D 1663 -50.30 30.26 45.11
N LYS D 1664 -50.23 31.15 46.11
CA LYS D 1664 -50.45 32.58 45.89
C LYS D 1664 -49.16 33.28 45.48
N VAL D 1665 -48.06 33.02 46.18
CA VAL D 1665 -46.81 33.72 45.91
C VAL D 1665 -46.25 33.32 44.55
N LEU D 1666 -46.48 32.07 44.12
CA LEU D 1666 -45.87 31.57 42.89
C LEU D 1666 -46.68 31.96 41.66
N ARG D 1667 -48.01 32.01 41.78
CA ARG D 1667 -48.82 32.40 40.63
C ARG D 1667 -48.51 33.83 40.20
N THR D 1668 -48.35 34.73 41.18
CA THR D 1668 -47.98 36.10 40.85
C THR D 1668 -46.53 36.19 40.41
N LEU D 1669 -45.66 35.34 40.95
CA LEU D 1669 -44.26 35.32 40.53
C LEU D 1669 -44.12 34.93 39.06
N GLN D 1670 -45.11 34.23 38.50
CA GLN D 1670 -45.11 34.00 37.06
C GLN D 1670 -45.32 35.30 36.30
N GLN D 1671 -46.16 36.19 36.83
CA GLN D 1671 -46.48 37.43 36.13
C GLN D 1671 -45.30 38.39 36.05
N MET D 1672 -44.29 38.22 36.91
CA MET D 1672 -43.11 39.07 36.82
C MET D 1672 -42.39 38.90 35.49
N LEU D 1673 -42.44 37.70 34.92
CA LEU D 1673 -41.83 37.43 33.62
C LEU D 1673 -42.82 37.49 32.47
N LEU D 1674 -44.11 37.58 32.74
CA LEU D 1674 -45.09 37.75 31.68
C LEU D 1674 -44.91 39.10 31.01
N LYS D 1675 -45.21 39.15 29.72
CA LYS D 1675 -45.04 40.38 28.96
C LYS D 1675 -46.03 41.43 29.43
N LYS D 1676 -45.72 42.69 29.09
CA LYS D 1676 -46.60 43.81 29.44
C LYS D 1676 -47.92 43.67 28.71
N THR D 1677 -49.00 43.55 29.47
CA THR D 1677 -50.33 43.37 28.90
C THR D 1677 -50.91 44.73 28.49
N LYS D 1678 -52.19 44.74 28.12
CA LYS D 1678 -52.87 45.96 27.71
C LYS D 1678 -54.32 45.85 28.14
N TYR D 1679 -54.92 46.99 28.45
CA TYR D 1679 -56.32 47.07 28.87
C TYR D 1679 -57.01 48.19 28.09
N GLY D 1680 -58.31 48.36 28.37
CA GLY D 1680 -59.07 49.41 27.74
C GLY D 1680 -58.71 50.78 28.26
N ASP D 1681 -59.60 51.76 28.07
CA ASP D 1681 -59.33 53.12 28.51
C ASP D 1681 -59.41 53.28 30.03
N ARG D 1682 -59.92 52.29 30.76
CA ARG D 1682 -60.05 52.39 32.21
C ARG D 1682 -58.80 51.86 32.91
N GLY D 1683 -58.43 50.61 32.63
CA GLY D 1683 -57.29 50.02 33.32
C GLY D 1683 -55.98 50.74 33.00
N ASN D 1684 -55.82 51.19 31.76
CA ASN D 1684 -54.62 51.93 31.39
C ASN D 1684 -54.57 53.28 32.11
N GLN D 1685 -55.69 54.00 32.13
CA GLN D 1685 -55.74 55.24 32.91
C GLN D 1685 -55.63 54.95 34.40
N LEU D 1686 -56.23 53.85 34.85
CA LEU D 1686 -56.14 53.48 36.26
C LEU D 1686 -54.70 53.15 36.64
N ARG D 1687 -54.10 52.18 35.95
CA ARG D 1687 -52.78 51.67 36.30
C ARG D 1687 -51.71 52.76 36.33
N LYS D 1688 -51.91 53.87 35.61
CA LYS D 1688 -50.92 54.94 35.60
C LYS D 1688 -50.81 55.62 36.96
N MET D 1689 -51.96 55.97 37.56
CA MET D 1689 -51.95 56.83 38.73
C MET D 1689 -51.66 56.09 40.03
N LEU D 1690 -51.89 54.77 40.08
CA LEU D 1690 -51.61 54.03 41.30
C LEU D 1690 -50.12 54.04 41.64
N LEU D 1691 -49.27 54.16 40.62
CA LEU D 1691 -47.83 54.28 40.85
C LEU D 1691 -47.42 55.67 41.29
N GLN D 1692 -48.19 56.71 40.95
CA GLN D 1692 -47.82 58.07 41.30
C GLN D 1692 -47.81 58.27 42.81
N ASN D 1693 -48.82 57.76 43.51
CA ASN D 1693 -48.93 57.96 44.94
C ASN D 1693 -48.05 56.99 45.74
N TYR D 1694 -47.60 55.89 45.13
CA TYR D 1694 -46.74 54.94 45.81
C TYR D 1694 -45.27 55.21 45.52
N LEU D 1695 -44.89 55.18 44.24
CA LEU D 1695 -43.47 55.16 43.86
C LEU D 1695 -42.87 56.54 43.65
N GLN D 1696 -43.69 57.57 43.42
CA GLN D 1696 -43.28 58.95 43.14
C GLN D 1696 -42.63 59.13 41.77
N ASN D 1697 -42.42 58.05 41.02
CA ASN D 1697 -41.70 58.12 39.74
C ASN D 1697 -42.44 57.31 38.67
N ASP D 1717 -38.83 43.57 23.66
CA ASP D 1717 -39.59 43.11 24.82
C ASP D 1717 -38.86 41.97 25.52
N TRP D 1718 -38.31 41.05 24.71
CA TRP D 1718 -37.56 39.94 25.27
C TRP D 1718 -36.32 40.42 26.01
N SER D 1719 -35.72 41.53 25.56
CA SER D 1719 -34.56 42.07 26.25
C SER D 1719 -34.91 42.56 27.65
N ALA D 1720 -36.08 43.18 27.79
CA ALA D 1720 -36.51 43.66 29.10
C ALA D 1720 -36.71 42.51 30.07
N ILE D 1721 -37.12 41.35 29.58
CA ILE D 1721 -37.35 40.20 30.46
C ILE D 1721 -36.02 39.69 31.00
N ALA D 1722 -34.95 39.78 30.22
CA ALA D 1722 -33.67 39.18 30.62
C ALA D 1722 -33.14 39.80 31.89
N ALA D 1723 -33.21 41.12 32.02
CA ALA D 1723 -32.81 41.77 33.26
C ALA D 1723 -33.79 41.46 34.38
N THR D 1724 -35.07 41.33 34.07
CA THR D 1724 -36.07 40.88 35.03
C THR D 1724 -35.86 39.43 35.45
N GLN D 1725 -35.15 38.65 34.64
CA GLN D 1725 -35.13 37.20 34.76
C GLN D 1725 -33.87 36.68 35.45
N CYS D 1726 -32.69 37.15 35.03
CA CYS D 1726 -31.45 36.70 35.68
C CYS D 1726 -31.40 37.13 37.14
N ARG D 1727 -32.12 38.19 37.50
CA ARG D 1727 -32.14 38.65 38.88
C ARG D 1727 -32.79 37.63 39.80
N LEU D 1728 -33.72 36.82 39.29
CA LEU D 1728 -34.34 35.79 40.12
C LEU D 1728 -33.33 34.71 40.48
N ASP D 1729 -32.44 34.37 39.53
CA ASP D 1729 -31.38 33.41 39.84
C ASP D 1729 -30.43 33.96 40.89
N LYS D 1730 -30.18 35.27 40.86
CA LYS D 1730 -29.35 35.90 41.88
C LYS D 1730 -29.96 35.74 43.27
N GLU D 1731 -31.29 35.71 43.36
CA GLU D 1731 -31.99 35.63 44.63
C GLU D 1731 -32.31 34.20 45.05
N GLY D 1732 -31.70 33.21 44.40
CA GLY D 1732 -31.94 31.82 44.76
C GLY D 1732 -33.31 31.31 44.38
N ALA D 1733 -33.87 31.78 43.27
CA ALA D 1733 -35.17 31.32 42.82
C ALA D 1733 -35.10 29.90 42.29
N THR D 1734 -34.04 29.59 41.53
CA THR D 1734 -33.90 28.25 40.97
C THR D 1734 -33.68 27.20 42.06
N LYS D 1735 -33.06 27.60 43.18
CA LYS D 1735 -32.86 26.66 44.28
C LYS D 1735 -34.19 26.17 44.85
N LEU D 1736 -35.21 27.03 44.84
CA LEU D 1736 -36.52 26.61 45.32
C LEU D 1736 -37.13 25.56 44.41
N VAL D 1737 -37.10 25.81 43.10
CA VAL D 1737 -37.70 24.90 42.14
C VAL D 1737 -37.04 23.54 42.20
N CYS D 1738 -35.73 23.52 42.48
CA CYS D 1738 -35.02 22.26 42.60
C CYS D 1738 -35.35 21.52 43.89
N ASP D 1739 -35.82 22.23 44.92
CA ASP D 1739 -36.11 21.65 46.23
C ASP D 1739 -37.53 21.98 46.68
N LEU D 1740 -38.48 21.98 45.73
CA LEU D 1740 -39.89 22.15 46.02
C LEU D 1740 -40.77 21.14 45.29
N ILE D 1741 -40.20 20.35 44.38
CA ILE D 1741 -40.98 19.50 43.48
C ILE D 1741 -40.84 18.04 43.85
N THR D 1742 -39.70 17.67 44.45
CA THR D 1742 -39.48 16.32 44.93
C THR D 1742 -39.73 16.16 46.42
N SER D 1743 -39.59 17.21 47.20
CA SER D 1743 -39.72 17.13 48.65
C SER D 1743 -41.13 17.36 49.15
N THR D 1744 -42.09 17.61 48.26
CA THR D 1744 -43.48 17.85 48.62
C THR D 1744 -44.30 16.59 48.33
N LYS D 1745 -45.62 16.70 48.51
CA LYS D 1745 -46.54 15.62 48.21
C LYS D 1745 -47.81 16.09 47.51
N ASN D 1746 -47.95 17.36 47.19
CA ASN D 1746 -49.19 17.92 46.67
C ASN D 1746 -49.16 17.95 45.14
N GLU D 1747 -50.33 18.20 44.57
CA GLU D 1747 -50.52 18.29 43.13
C GLU D 1747 -50.37 19.71 42.61
N LYS D 1748 -50.95 20.68 43.33
CA LYS D 1748 -50.95 22.05 42.85
C LYS D 1748 -49.58 22.69 42.99
N ILE D 1749 -48.86 22.36 44.06
CA ILE D 1749 -47.50 22.88 44.24
C ILE D 1749 -46.59 22.37 43.13
N PHE D 1750 -46.62 21.06 42.89
CA PHE D 1750 -45.83 20.48 41.81
C PHE D 1750 -46.28 20.98 40.45
N GLN D 1751 -47.55 21.37 40.32
CA GLN D 1751 -48.04 21.92 39.06
C GLN D 1751 -47.47 23.31 38.83
N GLU D 1752 -47.74 24.23 39.75
CA GLU D 1752 -47.29 25.61 39.58
C GLU D 1752 -45.79 25.77 39.73
N SER D 1753 -45.11 24.81 40.35
CA SER D 1753 -43.66 24.88 40.46
C SER D 1753 -43.01 24.70 39.09
N ILE D 1754 -43.26 23.56 38.46
CA ILE D 1754 -42.88 23.39 37.05
C ILE D 1754 -43.68 24.36 36.19
N GLY D 1755 -44.91 24.68 36.60
CA GLY D 1755 -45.66 25.72 35.93
C GLY D 1755 -44.94 27.05 35.94
N LEU D 1756 -44.29 27.37 37.06
CA LEU D 1756 -43.40 28.52 37.11
C LEU D 1756 -42.14 28.27 36.31
N ALA D 1757 -41.60 27.06 36.41
CA ALA D 1757 -40.28 26.77 35.83
C ALA D 1757 -40.26 26.95 34.33
N ILE D 1758 -41.41 26.78 33.66
CA ILE D 1758 -41.44 27.03 32.22
C ILE D 1758 -41.48 28.53 31.94
N HIS D 1759 -42.09 29.32 32.83
CA HIS D 1759 -42.08 30.77 32.64
C HIS D 1759 -40.67 31.34 32.77
N LEU D 1760 -39.80 30.68 33.53
CA LEU D 1760 -38.42 31.11 33.65
C LEU D 1760 -37.73 31.08 32.30
N LEU D 1761 -37.58 29.89 31.73
CA LEU D 1761 -36.82 29.70 30.50
C LEU D 1761 -37.62 29.98 29.23
N ASP D 1762 -38.71 30.74 29.33
CA ASP D 1762 -39.44 31.16 28.13
C ASP D 1762 -38.57 32.10 27.32
N GLY D 1763 -38.04 31.60 26.20
CA GLY D 1763 -37.11 32.32 25.37
C GLY D 1763 -35.77 31.63 25.19
N GLY D 1764 -35.44 30.68 26.06
CA GLY D 1764 -34.22 29.92 25.92
C GLY D 1764 -32.98 30.70 26.32
N ASN D 1765 -32.90 31.06 27.60
CA ASN D 1765 -31.73 31.75 28.11
C ASN D 1765 -30.63 30.75 28.49
N THR D 1766 -29.39 31.20 28.35
CA THR D 1766 -28.23 30.34 28.60
C THR D 1766 -27.74 30.41 30.03
N GLU D 1767 -27.91 31.55 30.70
CA GLU D 1767 -27.35 31.72 32.03
C GLU D 1767 -28.03 30.82 33.04
N ILE D 1768 -29.34 30.62 32.91
CA ILE D 1768 -30.07 29.80 33.87
C ILE D 1768 -29.82 28.33 33.61
N GLN D 1769 -29.64 27.93 32.34
CA GLN D 1769 -29.30 26.55 32.05
C GLN D 1769 -27.98 26.16 32.70
N LYS D 1770 -27.03 27.09 32.75
CA LYS D 1770 -25.75 26.83 33.40
C LYS D 1770 -25.92 26.72 34.91
N SER D 1771 -26.60 27.70 35.52
CA SER D 1771 -26.83 27.66 36.96
C SER D 1771 -27.70 26.48 37.34
N PHE D 1772 -28.72 26.19 36.53
CA PHE D 1772 -29.55 25.02 36.77
C PHE D 1772 -28.75 23.73 36.62
N HIS D 1773 -27.71 23.75 35.78
CA HIS D 1773 -26.83 22.59 35.66
C HIS D 1773 -25.94 22.46 36.88
N ASN D 1774 -25.51 23.59 37.44
CA ASN D 1774 -24.62 23.55 38.61
C ASN D 1774 -25.33 22.98 39.83
N LEU D 1775 -26.61 23.32 40.01
CA LEU D 1775 -27.35 22.83 41.17
C LEU D 1775 -27.50 21.32 41.13
N MET D 1776 -27.77 20.76 39.95
CA MET D 1776 -27.92 19.33 39.78
C MET D 1776 -26.60 18.61 39.54
N MET D 1777 -25.47 19.29 39.76
CA MET D 1777 -24.15 18.69 39.71
C MET D 1777 -23.48 18.62 41.07
N SER D 1778 -23.53 19.72 41.84
CA SER D 1778 -22.86 19.76 43.13
C SER D 1778 -23.69 19.07 44.20
N ASP D 1779 -24.98 19.38 44.27
CA ASP D 1779 -25.84 18.81 45.31
C ASP D 1779 -26.09 17.33 45.05
N LYS D 1780 -26.37 16.60 46.13
CA LYS D 1780 -26.69 15.19 46.04
C LYS D 1780 -28.11 14.95 45.55
N LYS D 1781 -28.98 15.95 45.59
CA LYS D 1781 -30.38 15.77 45.23
C LYS D 1781 -30.61 15.60 43.74
N SER D 1782 -29.56 15.60 42.91
CA SER D 1782 -29.74 15.38 41.47
C SER D 1782 -30.34 14.01 41.19
N GLU D 1783 -30.07 13.02 42.03
CA GLU D 1783 -30.69 11.72 41.87
C GLU D 1783 -32.17 11.78 42.21
N ARG D 1784 -32.52 12.44 43.33
CA ARG D 1784 -33.92 12.60 43.66
C ARG D 1784 -34.65 13.45 42.64
N PHE D 1785 -33.93 14.36 41.98
CA PHE D 1785 -34.55 15.22 40.97
C PHE D 1785 -35.16 14.40 39.85
N PHE D 1786 -34.35 13.54 39.22
CA PHE D 1786 -34.83 12.68 38.15
C PHE D 1786 -35.63 11.49 38.65
N LYS D 1787 -35.78 11.33 39.97
CA LYS D 1787 -36.54 10.20 40.50
C LYS D 1787 -38.04 10.41 40.28
N VAL D 1788 -38.56 11.57 40.70
CA VAL D 1788 -39.99 11.83 40.61
C VAL D 1788 -40.42 11.93 39.15
N LEU D 1789 -39.62 12.60 38.32
CA LEU D 1789 -40.00 12.79 36.93
C LEU D 1789 -40.06 11.45 36.19
N HIS D 1790 -39.12 10.54 36.48
CA HIS D 1790 -39.23 9.21 35.91
C HIS D 1790 -40.47 8.49 36.39
N ASP D 1791 -40.93 8.81 37.60
CA ASP D 1791 -42.13 8.18 38.15
C ASP D 1791 -43.40 8.83 37.62
N ARG D 1792 -43.46 10.17 37.68
CA ARG D 1792 -44.65 10.88 37.20
C ARG D 1792 -44.85 10.65 35.71
N MET D 1793 -43.78 10.71 34.93
CA MET D 1793 -43.90 10.42 33.50
C MET D 1793 -44.34 8.98 33.27
N LYS D 1794 -43.79 8.05 34.06
CA LYS D 1794 -44.25 6.67 34.01
C LYS D 1794 -45.63 6.49 34.62
N ARG D 1795 -46.03 7.40 35.52
CA ARG D 1795 -47.36 7.32 36.10
C ARG D 1795 -48.43 7.65 35.07
N ALA D 1796 -48.17 8.63 34.21
CA ALA D 1796 -49.12 8.98 33.17
C ALA D 1796 -49.31 7.84 32.17
N GLN D 1797 -48.29 7.00 32.00
CA GLN D 1797 -48.43 5.81 31.17
C GLN D 1797 -49.52 4.89 31.72
N GLN D 1798 -49.69 4.85 33.04
CA GLN D 1798 -50.69 3.97 33.63
C GLN D 1798 -52.11 4.43 33.29
N GLU D 1799 -52.41 5.71 33.49
CA GLU D 1799 -53.76 6.19 33.26
C GLU D 1799 -54.09 6.20 31.78
N THR D 1800 -53.13 6.56 30.93
CA THR D 1800 -53.36 6.54 29.49
C THR D 1800 -53.68 5.13 29.00
N LYS D 1801 -52.89 4.16 29.45
CA LYS D 1801 -53.13 2.77 29.05
C LYS D 1801 -54.42 2.23 29.64
N SER D 1802 -54.89 2.78 30.76
CA SER D 1802 -56.09 2.29 31.40
C SER D 1802 -57.35 2.82 30.74
N THR D 1803 -57.32 4.05 30.22
CA THR D 1803 -58.49 4.67 29.61
C THR D 1803 -58.65 4.31 28.13
N VAL D 1804 -58.00 3.25 27.66
CA VAL D 1804 -58.12 2.82 26.28
C VAL D 1804 -59.53 2.26 26.07
N MET D 1863 -59.37 11.87 28.41
CA MET D 1863 -59.38 12.70 29.61
C MET D 1863 -58.61 12.01 30.74
N GLY D 1864 -58.17 12.79 31.71
CA GLY D 1864 -57.42 12.27 32.83
C GLY D 1864 -56.61 13.35 33.50
N THR D 1865 -56.23 13.08 34.74
CA THR D 1865 -55.43 14.01 35.53
C THR D 1865 -53.93 13.86 35.31
N SER D 1866 -53.45 12.63 35.11
CA SER D 1866 -52.05 12.42 34.73
C SER D 1866 -51.81 12.60 33.24
N VAL D 1867 -52.87 12.76 32.45
CA VAL D 1867 -52.71 13.19 31.06
C VAL D 1867 -52.42 14.69 31.02
N LEU D 1868 -53.16 15.47 31.81
CA LEU D 1868 -53.01 16.92 31.78
C LEU D 1868 -51.64 17.37 32.28
N ILE D 1869 -51.02 16.60 33.18
CA ILE D 1869 -49.78 17.05 33.79
C ILE D 1869 -48.57 16.89 32.87
N MET D 1870 -48.67 16.10 31.80
CA MET D 1870 -47.50 15.81 30.97
C MET D 1870 -47.09 16.96 30.09
N GLN D 1871 -47.88 18.05 30.00
CA GLN D 1871 -47.53 19.14 29.11
C GLN D 1871 -46.37 19.97 29.65
N PRO D 1872 -46.46 20.56 30.86
CA PRO D 1872 -45.37 21.45 31.29
C PRO D 1872 -44.04 20.74 31.52
N ILE D 1873 -44.03 19.47 31.91
CA ILE D 1873 -42.76 18.80 32.15
C ILE D 1873 -41.99 18.60 30.85
N LEU D 1874 -42.66 18.08 29.82
CA LEU D 1874 -42.01 17.98 28.53
C LEU D 1874 -41.75 19.36 27.92
N ARG D 1875 -42.54 20.36 28.30
CA ARG D 1875 -42.18 21.74 27.98
C ARG D 1875 -40.96 22.17 28.77
N PHE D 1876 -40.86 21.74 30.03
CA PHE D 1876 -39.69 22.08 30.83
C PHE D 1876 -38.43 21.48 30.23
N LEU D 1877 -38.44 20.17 29.98
CA LEU D 1877 -37.28 19.52 29.37
C LEU D 1877 -37.00 20.09 27.99
N GLN D 1878 -38.01 20.58 27.29
CA GLN D 1878 -37.79 21.26 26.02
C GLN D 1878 -36.99 22.54 26.22
N LEU D 1879 -37.41 23.35 27.19
CA LEU D 1879 -36.76 24.65 27.42
C LEU D 1879 -35.36 24.50 28.00
N LEU D 1880 -34.96 23.31 28.43
CA LEU D 1880 -33.60 23.12 28.93
C LEU D 1880 -32.61 23.00 27.78
N CYS D 1881 -32.99 22.36 26.68
CA CYS D 1881 -32.09 22.06 25.58
C CYS D 1881 -32.18 23.09 24.45
N GLU D 1882 -32.71 24.27 24.72
CA GLU D 1882 -32.79 25.30 23.69
C GLU D 1882 -31.38 25.76 23.30
N ASN D 1883 -31.26 26.19 22.05
CA ASN D 1883 -30.02 26.75 21.51
C ASN D 1883 -28.86 25.77 21.61
N HIS D 1884 -29.16 24.47 21.64
CA HIS D 1884 -28.16 23.41 21.54
C HIS D 1884 -27.14 23.48 22.69
N ASN D 1885 -27.66 23.33 23.91
CA ASN D 1885 -26.81 23.15 25.08
C ASN D 1885 -26.39 21.69 25.12
N ARG D 1886 -25.18 21.41 24.63
CA ARG D 1886 -24.71 20.03 24.51
C ARG D 1886 -24.63 19.34 25.87
N ASP D 1887 -24.40 20.11 26.94
CA ASP D 1887 -24.25 19.51 28.26
C ASP D 1887 -25.53 18.84 28.71
N LEU D 1888 -26.65 19.57 28.69
CA LEU D 1888 -27.89 19.05 29.23
C LEU D 1888 -28.48 17.96 28.36
N GLN D 1889 -28.19 17.98 27.05
CA GLN D 1889 -28.73 16.94 26.17
C GLN D 1889 -28.20 15.56 26.55
N ASN D 1890 -26.97 15.50 27.05
CA ASN D 1890 -26.41 14.25 27.54
C ASN D 1890 -26.69 14.01 29.01
N PHE D 1891 -26.83 15.07 29.80
CA PHE D 1891 -27.04 14.91 31.24
C PHE D 1891 -28.41 14.32 31.54
N LEU D 1892 -29.42 14.63 30.73
CA LEU D 1892 -30.75 14.07 30.96
C LEU D 1892 -30.77 12.55 30.75
N ARG D 1893 -29.83 12.01 29.98
CA ARG D 1893 -29.73 10.57 29.78
C ARG D 1893 -28.84 9.93 30.85
N CYS D 1894 -27.59 10.37 30.94
CA CYS D 1894 -26.58 9.77 31.82
C CYS D 1894 -26.14 10.80 32.83
N GLN D 1895 -26.53 10.60 34.09
CA GLN D 1895 -26.09 11.44 35.20
C GLN D 1895 -24.93 10.77 35.92
N ASN D 1896 -24.36 11.50 36.88
CA ASN D 1896 -23.21 11.03 37.64
C ASN D 1896 -23.61 10.28 38.91
N ASN D 1897 -24.84 9.78 38.98
CA ASN D 1897 -25.35 9.10 40.16
C ASN D 1897 -25.48 7.60 39.88
N LYS D 1898 -25.99 6.86 40.87
CA LYS D 1898 -26.06 5.40 40.77
C LYS D 1898 -27.18 4.97 39.83
N THR D 1899 -28.42 5.29 40.19
CA THR D 1899 -29.59 4.86 39.42
C THR D 1899 -29.93 5.94 38.41
N ASN D 1900 -29.08 6.05 37.39
CA ASN D 1900 -29.24 7.09 36.38
C ASN D 1900 -30.39 6.73 35.46
N TYR D 1901 -31.29 7.70 35.24
CA TYR D 1901 -32.51 7.48 34.48
C TYR D 1901 -32.37 8.08 33.08
N ASN D 1902 -33.06 7.46 32.13
CA ASN D 1902 -33.01 7.84 30.71
C ASN D 1902 -34.38 8.40 30.34
N LEU D 1903 -34.52 9.72 30.48
CA LEU D 1903 -35.77 10.40 30.12
C LEU D 1903 -36.04 10.36 28.62
N VAL D 1904 -34.99 10.19 27.80
CA VAL D 1904 -35.17 10.20 26.34
C VAL D 1904 -36.06 9.04 25.91
N CYS D 1905 -35.66 7.81 26.25
CA CYS D 1905 -36.44 6.65 25.86
C CYS D 1905 -37.78 6.62 26.57
N GLU D 1906 -37.85 7.16 27.79
CA GLU D 1906 -39.14 7.22 28.49
C GLU D 1906 -40.09 8.16 27.78
N THR D 1907 -39.58 9.24 27.21
CA THR D 1907 -40.41 10.14 26.41
C THR D 1907 -40.96 9.40 25.20
N LEU D 1908 -40.11 8.64 24.52
CA LEU D 1908 -40.57 7.81 23.40
C LEU D 1908 -41.53 6.73 23.89
N GLN D 1909 -41.25 6.17 25.07
CA GLN D 1909 -42.15 5.19 25.65
C GLN D 1909 -43.53 5.78 25.87
N PHE D 1910 -43.59 7.04 26.30
CA PHE D 1910 -44.88 7.71 26.45
C PHE D 1910 -45.51 8.00 25.10
N LEU D 1911 -44.69 8.21 24.06
CA LEU D 1911 -45.22 8.45 22.73
C LEU D 1911 -45.78 7.17 22.12
N ASP D 1912 -45.01 6.09 22.18
CA ASP D 1912 -45.41 4.84 21.54
C ASP D 1912 -46.69 4.29 22.17
N ILE D 1913 -46.86 4.46 23.48
CA ILE D 1913 -47.98 3.85 24.19
C ILE D 1913 -49.28 4.63 24.01
N MET D 1914 -49.19 5.92 23.69
CA MET D 1914 -50.38 6.77 23.62
C MET D 1914 -51.36 6.26 22.58
N CYS D 1915 -50.97 6.27 21.31
CA CYS D 1915 -51.76 5.65 20.26
C CYS D 1915 -51.56 4.14 20.35
N GLY D 1916 -52.11 3.40 19.38
CA GLY D 1916 -51.87 1.97 19.34
C GLY D 1916 -50.40 1.69 19.10
N SER D 1917 -49.71 1.22 20.16
CA SER D 1917 -48.27 1.02 20.06
C SER D 1917 -47.93 -0.08 19.07
N THR D 1918 -48.80 -1.09 18.94
CA THR D 1918 -48.56 -2.25 18.09
C THR D 1918 -49.64 -2.48 17.06
N THR D 1919 -50.86 -1.99 17.27
CA THR D 1919 -51.93 -2.02 16.29
C THR D 1919 -52.18 -0.68 15.63
N GLY D 1920 -51.80 0.42 16.28
CA GLY D 1920 -51.96 1.73 15.66
C GLY D 1920 -51.07 1.90 14.44
N GLY D 1921 -49.81 1.44 14.54
CA GLY D 1921 -48.91 1.49 13.41
C GLY D 1921 -49.42 0.74 12.19
N LEU D 1922 -50.33 -0.22 12.39
CA LEU D 1922 -50.98 -0.92 11.29
C LEU D 1922 -52.17 -0.13 10.72
N GLY D 1923 -52.36 1.13 11.13
CA GLY D 1923 -53.33 2.00 10.51
C GLY D 1923 -54.59 2.27 11.32
N LEU D 1924 -54.44 2.53 12.62
CA LEU D 1924 -55.56 2.84 13.51
C LEU D 1924 -55.22 4.05 14.39
N LEU D 1925 -54.74 5.12 13.78
CA LEU D 1925 -54.40 6.32 14.53
C LEU D 1925 -55.61 7.19 14.83
N GLY D 1926 -56.63 7.14 13.97
CA GLY D 1926 -57.74 8.07 14.06
C GLY D 1926 -58.57 7.95 15.32
N LEU D 1927 -58.57 6.78 15.96
CA LEU D 1927 -59.40 6.59 17.15
C LEU D 1927 -58.70 7.08 18.42
N TYR D 1928 -57.36 6.93 18.48
CA TYR D 1928 -56.63 7.38 19.66
C TYR D 1928 -56.44 8.90 19.65
N ILE D 1929 -56.15 9.47 18.49
CA ILE D 1929 -56.02 10.92 18.39
C ILE D 1929 -57.39 11.57 18.59
N ASN D 1930 -57.39 12.75 19.18
CA ASN D 1930 -58.62 13.45 19.51
C ASN D 1930 -58.31 14.93 19.61
N GLU D 1931 -59.36 15.75 19.60
CA GLU D 1931 -59.17 17.21 19.67
C GLU D 1931 -58.55 17.65 20.98
N ASP D 1932 -58.65 16.84 22.04
CA ASP D 1932 -58.11 17.22 23.35
C ASP D 1932 -56.67 16.74 23.54
N ASN D 1933 -56.35 15.53 23.09
CA ASN D 1933 -55.01 14.99 23.25
C ASN D 1933 -54.05 15.41 22.14
N VAL D 1934 -54.54 16.02 21.06
CA VAL D 1934 -53.65 16.48 19.99
C VAL D 1934 -52.75 17.59 20.49
N GLY D 1935 -53.26 18.46 21.36
CA GLY D 1935 -52.44 19.53 21.90
C GLY D 1935 -51.29 19.04 22.75
N LEU D 1936 -51.40 17.83 23.30
CA LEU D 1936 -50.34 17.28 24.14
C LEU D 1936 -49.24 16.64 23.29
N VAL D 1937 -49.63 15.81 22.32
CA VAL D 1937 -48.67 15.01 21.57
C VAL D 1937 -47.73 15.87 20.73
N ILE D 1938 -48.09 17.12 20.44
CA ILE D 1938 -47.18 18.01 19.73
C ILE D 1938 -45.90 18.22 20.53
N GLN D 1939 -46.05 18.60 21.80
CA GLN D 1939 -44.89 18.84 22.65
C GLN D 1939 -44.10 17.56 22.90
N THR D 1940 -44.76 16.40 22.79
CA THR D 1940 -44.04 15.13 22.95
C THR D 1940 -43.02 14.93 21.85
N LEU D 1941 -43.28 15.48 20.66
CA LEU D 1941 -42.33 15.37 19.55
C LEU D 1941 -41.28 16.47 19.62
N GLU D 1942 -41.70 17.70 19.91
CA GLU D 1942 -40.79 18.84 19.92
C GLU D 1942 -39.67 18.63 20.93
N THR D 1943 -39.99 18.08 22.09
CA THR D 1943 -38.97 17.80 23.09
C THR D 1943 -37.97 16.77 22.57
N LEU D 1944 -38.42 15.81 21.76
CA LEU D 1944 -37.51 14.85 21.18
C LEU D 1944 -36.61 15.49 20.13
N THR D 1945 -37.12 16.51 19.43
CA THR D 1945 -36.29 17.25 18.49
C THR D 1945 -35.08 17.84 19.21
N GLU D 1946 -35.33 18.70 20.18
CA GLU D 1946 -34.26 19.41 20.86
C GLU D 1946 -33.41 18.50 21.74
N TYR D 1947 -33.86 17.27 22.02
CA TYR D 1947 -32.96 16.29 22.61
C TYR D 1947 -31.87 15.90 21.63
N CYS D 1948 -32.18 15.89 20.33
CA CYS D 1948 -31.23 15.49 19.29
C CYS D 1948 -31.30 16.39 18.07
N GLN D 1949 -31.77 17.64 18.22
CA GLN D 1949 -31.76 18.57 17.10
C GLN D 1949 -30.35 18.85 16.63
N GLY D 1950 -29.37 18.84 17.54
CA GLY D 1950 -28.00 19.07 17.19
C GLY D 1950 -27.40 17.86 16.50
N PRO D 1951 -26.09 17.88 16.27
CA PRO D 1951 -25.43 16.70 15.73
C PRO D 1951 -25.64 15.49 16.63
N CYS D 1952 -25.18 15.60 17.88
CA CYS D 1952 -25.65 14.82 19.03
C CYS D 1952 -25.93 13.36 18.70
N HIS D 1953 -24.88 12.67 18.24
CA HIS D 1953 -25.04 11.31 17.74
C HIS D 1953 -25.51 10.31 18.80
N GLU D 1954 -25.47 10.66 20.09
CA GLU D 1954 -25.86 9.73 21.13
C GLU D 1954 -27.38 9.61 21.21
N ASN D 1955 -28.07 10.73 21.43
CA ASN D 1955 -29.52 10.68 21.59
C ASN D 1955 -30.21 10.21 20.31
N GLN D 1956 -29.59 10.42 19.15
CA GLN D 1956 -30.18 9.97 17.90
C GLN D 1956 -30.32 8.45 17.88
N THR D 1957 -29.23 7.75 18.22
CA THR D 1957 -29.24 6.29 18.17
C THR D 1957 -30.19 5.70 19.21
N CYS D 1958 -30.27 6.31 20.39
CA CYS D 1958 -31.03 5.73 21.48
C CYS D 1958 -32.53 5.75 21.20
N ILE D 1959 -33.01 6.74 20.46
CA ILE D 1959 -34.41 6.75 20.04
C ILE D 1959 -34.67 5.68 18.99
N VAL D 1960 -33.64 5.25 18.26
CA VAL D 1960 -33.79 4.36 17.12
C VAL D 1960 -33.47 2.92 17.53
N THR D 1961 -32.53 2.76 18.47
CA THR D 1961 -32.14 1.46 18.97
C THR D 1961 -33.00 0.99 20.14
N HIS D 1962 -34.19 1.56 20.31
CA HIS D 1962 -35.11 1.17 21.37
C HIS D 1962 -35.98 0.03 20.87
N GLU D 1963 -36.11 -1.02 21.70
CA GLU D 1963 -36.88 -2.19 21.29
C GLU D 1963 -38.35 -1.86 21.06
N SER D 1964 -38.87 -0.80 21.67
CA SER D 1964 -40.25 -0.41 21.45
C SER D 1964 -40.52 -0.09 19.99
N ASN D 1965 -39.53 0.43 19.28
CA ASN D 1965 -39.65 0.77 17.86
C ASN D 1965 -40.79 1.76 17.64
N GLY D 1966 -40.90 2.74 18.53
CA GLY D 1966 -41.89 3.80 18.37
C GLY D 1966 -41.64 4.72 17.19
N ILE D 1967 -40.46 4.64 16.58
CA ILE D 1967 -40.18 5.42 15.38
C ILE D 1967 -41.13 5.08 14.24
N ASP D 1968 -41.71 3.87 14.25
CA ASP D 1968 -42.74 3.54 13.27
C ASP D 1968 -43.94 4.47 13.39
N ILE D 1969 -44.25 4.92 14.60
CA ILE D 1969 -45.37 5.85 14.79
C ILE D 1969 -45.06 7.18 14.13
N ILE D 1970 -43.78 7.59 14.11
CA ILE D 1970 -43.40 8.82 13.44
C ILE D 1970 -43.71 8.75 11.95
N THR D 1971 -43.49 7.57 11.35
CA THR D 1971 -43.84 7.38 9.95
C THR D 1971 -45.35 7.41 9.76
N ALA D 1972 -46.10 6.85 10.71
CA ALA D 1972 -47.55 6.80 10.58
C ALA D 1972 -48.18 8.19 10.60
N LEU D 1973 -47.56 9.13 11.33
CA LEU D 1973 -48.13 10.47 11.40
C LEU D 1973 -48.00 11.20 10.07
N ILE D 1974 -47.04 10.81 9.24
CA ILE D 1974 -46.90 11.39 7.90
C ILE D 1974 -47.79 10.66 6.89
N LEU D 1975 -47.70 9.33 6.86
CA LEU D 1975 -48.40 8.55 5.85
C LEU D 1975 -49.90 8.46 6.15
N ASN D 1976 -50.25 7.90 7.29
CA ASN D 1976 -51.66 7.67 7.63
C ASN D 1976 -52.32 9.00 7.97
N ASP D 1977 -53.02 9.58 7.00
CA ASP D 1977 -53.85 10.74 7.28
C ASP D 1977 -54.98 10.34 8.22
N ILE D 1978 -55.47 11.32 8.98
CA ILE D 1978 -56.42 11.09 10.06
C ILE D 1978 -57.80 11.45 9.53
N SER D 1979 -58.56 10.45 9.12
CA SER D 1979 -59.90 10.69 8.57
C SER D 1979 -60.86 11.33 9.57
N PRO D 1980 -60.90 10.93 10.86
CA PRO D 1980 -61.84 11.61 11.77
C PRO D 1980 -61.58 13.10 11.94
N LEU D 1981 -60.34 13.55 11.77
CA LEU D 1981 -59.97 14.94 12.01
C LEU D 1981 -59.88 15.77 10.73
N CYS D 1982 -59.90 15.13 9.55
CA CYS D 1982 -59.96 15.90 8.32
C CYS D 1982 -61.30 16.61 8.18
N LYS D 1983 -62.38 15.97 8.63
CA LYS D 1983 -63.69 16.63 8.65
C LYS D 1983 -63.67 17.82 9.60
N TYR D 1984 -63.20 17.59 10.83
CA TYR D 1984 -63.00 18.65 11.81
C TYR D 1984 -61.68 19.36 11.50
N ARG D 1985 -61.18 20.15 12.45
CA ARG D 1985 -59.99 20.98 12.27
C ARG D 1985 -58.83 20.22 11.66
N MET D 1986 -58.37 20.69 10.50
CA MET D 1986 -57.22 20.13 9.81
C MET D 1986 -55.92 20.83 10.17
N ASP D 1987 -56.00 22.06 10.68
CA ASP D 1987 -54.79 22.82 10.98
C ASP D 1987 -53.94 22.13 12.04
N LEU D 1988 -54.58 21.55 13.06
CA LEU D 1988 -53.82 20.85 14.09
C LEU D 1988 -53.16 19.60 13.55
N VAL D 1989 -53.75 18.98 12.53
CA VAL D 1989 -53.13 17.82 11.90
C VAL D 1989 -51.85 18.24 11.18
N LEU D 1990 -51.91 19.36 10.48
CA LEU D 1990 -50.75 19.82 9.70
C LEU D 1990 -49.59 20.17 10.62
N GLN D 1991 -49.88 20.60 11.85
CA GLN D 1991 -48.79 20.86 12.81
C GLN D 1991 -48.01 19.59 13.08
N LEU D 1992 -48.71 18.46 13.24
CA LEU D 1992 -48.03 17.20 13.55
C LEU D 1992 -47.07 16.81 12.43
N LYS D 1993 -47.55 16.80 11.20
CA LYS D 1993 -46.68 16.47 10.08
C LYS D 1993 -45.57 17.50 9.91
N ASP D 1994 -45.84 18.75 10.25
CA ASP D 1994 -44.80 19.77 10.23
C ASP D 1994 -43.81 19.56 11.37
N ASN D 1995 -44.32 19.36 12.59
CA ASN D 1995 -43.45 19.08 13.72
C ASN D 1995 -42.72 17.76 13.55
N ALA D 1996 -43.38 16.77 12.95
CA ALA D 1996 -42.75 15.47 12.75
C ALA D 1996 -41.67 15.55 11.68
N SER D 1997 -41.89 16.36 10.64
CA SER D 1997 -40.89 16.51 9.59
C SER D 1997 -39.59 17.07 10.15
N LYS D 1998 -39.68 18.01 11.09
CA LYS D 1998 -38.48 18.53 11.73
C LYS D 1998 -37.74 17.46 12.50
N LEU D 1999 -38.47 16.47 13.04
CA LEU D 1999 -37.85 15.43 13.85
C LEU D 1999 -36.96 14.54 12.98
N LEU D 2000 -37.53 13.96 11.92
CA LEU D 2000 -36.78 13.01 11.12
C LEU D 2000 -35.59 13.65 10.41
N LEU D 2001 -35.62 14.97 10.19
CA LEU D 2001 -34.44 15.65 9.66
C LEU D 2001 -33.35 15.75 10.70
N ALA D 2002 -33.72 15.86 11.99
CA ALA D 2002 -32.72 15.99 13.04
C ALA D 2002 -31.87 14.73 13.18
N LEU D 2003 -32.42 13.57 12.82
CA LEU D 2003 -31.72 12.31 13.01
C LEU D 2003 -30.60 12.10 11.99
N MET D 2004 -30.48 12.97 10.98
CA MET D 2004 -29.55 12.76 9.87
C MET D 2004 -28.82 14.05 9.48
N GLU D 2005 -28.71 15.00 10.40
CA GLU D 2005 -28.06 16.26 10.07
C GLU D 2005 -26.58 16.04 9.77
N SER D 2006 -25.84 15.52 10.76
CA SER D 2006 -24.39 15.36 10.65
C SER D 2006 -23.97 13.92 10.37
N ARG D 2007 -24.87 12.95 10.52
CA ARG D 2007 -24.52 11.56 10.27
C ARG D 2007 -24.48 11.32 8.76
N HIS D 2008 -23.28 11.08 8.24
CA HIS D 2008 -23.11 10.68 6.85
C HIS D 2008 -23.46 9.21 6.63
N ASP D 2009 -23.50 8.40 7.68
CA ASP D 2009 -23.73 6.97 7.55
C ASP D 2009 -25.20 6.72 7.19
N SER D 2010 -25.51 5.44 6.94
CA SER D 2010 -26.84 5.00 6.57
C SER D 2010 -27.62 4.43 7.76
N GLU D 2011 -27.13 4.64 8.99
CA GLU D 2011 -27.76 4.02 10.15
C GLU D 2011 -29.16 4.56 10.37
N ASN D 2012 -29.28 5.86 10.63
CA ASN D 2012 -30.60 6.46 10.84
C ASN D 2012 -31.44 6.41 9.58
N ALA D 2013 -30.80 6.47 8.41
CA ALA D 2013 -31.55 6.52 7.16
C ALA D 2013 -32.15 5.15 6.84
N GLU D 2014 -31.31 4.11 6.81
CA GLU D 2014 -31.76 2.79 6.37
C GLU D 2014 -32.84 2.23 7.29
N ARG D 2015 -32.75 2.50 8.60
CA ARG D 2015 -33.76 1.99 9.51
C ARG D 2015 -35.12 2.60 9.23
N ILE D 2016 -35.17 3.87 8.88
CA ILE D 2016 -36.45 4.55 8.67
C ILE D 2016 -37.08 4.12 7.35
N LEU D 2017 -36.26 3.77 6.35
CA LEU D 2017 -36.79 3.37 5.06
C LEU D 2017 -37.56 2.06 5.15
N ILE D 2018 -37.20 1.18 6.09
CA ILE D 2018 -37.93 -0.06 6.27
C ILE D 2018 -39.36 0.23 6.69
N SER D 2019 -39.55 1.26 7.51
CA SER D 2019 -40.89 1.65 7.93
C SER D 2019 -41.60 2.49 6.87
N LEU D 2020 -40.88 3.44 6.28
CA LEU D 2020 -41.46 4.25 5.22
C LEU D 2020 -41.68 3.41 3.97
N ARG D 2021 -42.42 3.98 3.02
CA ARG D 2021 -42.58 3.43 1.70
C ARG D 2021 -42.57 4.58 0.70
N PRO D 2022 -41.66 4.60 -0.29
CA PRO D 2022 -41.45 5.84 -1.05
C PRO D 2022 -42.65 6.25 -1.91
N GLN D 2023 -43.38 5.29 -2.46
CA GLN D 2023 -44.50 5.63 -3.35
C GLN D 2023 -45.61 6.38 -2.64
N GLU D 2024 -45.71 6.25 -1.32
CA GLU D 2024 -46.75 6.93 -0.56
C GLU D 2024 -46.34 8.32 -0.08
N LEU D 2025 -45.04 8.62 -0.06
CA LEU D 2025 -44.61 9.96 0.33
C LEU D 2025 -45.04 11.00 -0.69
N VAL D 2026 -44.87 10.69 -1.99
CA VAL D 2026 -45.35 11.60 -3.03
C VAL D 2026 -46.86 11.75 -2.96
N ASP D 2027 -47.56 10.70 -2.53
CA ASP D 2027 -49.02 10.76 -2.45
C ASP D 2027 -49.48 11.80 -1.43
N VAL D 2028 -48.77 11.90 -0.31
CA VAL D 2028 -49.16 12.85 0.73
C VAL D 2028 -48.62 14.25 0.42
N ILE D 2029 -47.45 14.33 -0.22
CA ILE D 2029 -46.94 15.64 -0.64
C ILE D 2029 -47.89 16.26 -1.66
N LYS D 2030 -48.31 15.48 -2.65
CA LYS D 2030 -49.27 15.97 -3.63
C LYS D 2030 -50.59 16.33 -2.98
N LYS D 2031 -51.05 15.50 -2.04
CA LYS D 2031 -52.25 15.84 -1.28
C LYS D 2031 -52.07 17.16 -0.55
N ALA D 2032 -50.86 17.43 -0.05
CA ALA D 2032 -50.58 18.73 0.54
C ALA D 2032 -50.43 19.81 -0.52
N TYR D 2033 -49.93 19.44 -1.70
CA TYR D 2033 -49.81 20.41 -2.78
C TYR D 2033 -51.17 20.92 -3.23
N LEU D 2034 -52.21 20.09 -3.13
CA LEU D 2034 -53.56 20.44 -3.54
C LEU D 2034 -54.42 20.97 -2.39
N GLN D 2035 -53.97 20.84 -1.15
CA GLN D 2035 -54.77 21.22 0.01
C GLN D 2035 -54.83 22.73 0.23
N GLU D 2036 -54.01 23.52 -0.48
CA GLU D 2036 -53.96 24.96 -0.24
C GLU D 2036 -55.28 25.66 -0.51
N GLU D 2037 -56.17 25.06 -1.29
CA GLU D 2037 -57.47 25.67 -1.55
C GLU D 2037 -58.26 25.88 -0.25
N GLU D 2038 -58.04 25.03 0.75
CA GLU D 2038 -58.68 25.17 2.06
C GLU D 2038 -57.66 25.63 3.10
N VAL D 2044 -50.68 29.38 8.93
CA VAL D 2044 -50.06 28.18 8.41
C VAL D 2044 -50.79 27.73 7.15
N SER D 2045 -50.06 27.12 6.23
CA SER D 2045 -50.62 26.57 4.99
C SER D 2045 -49.94 25.24 4.70
N PRO D 2046 -50.61 24.35 3.94
CA PRO D 2046 -49.94 23.09 3.59
C PRO D 2046 -48.72 23.26 2.71
N ARG D 2047 -48.55 24.42 2.06
CA ARG D 2047 -47.39 24.62 1.20
C ARG D 2047 -46.09 24.46 1.97
N GLU D 2048 -46.03 24.99 3.20
CA GLU D 2048 -44.86 24.81 4.04
C GLU D 2048 -44.77 23.38 4.55
N VAL D 2049 -45.90 22.68 4.65
CA VAL D 2049 -45.90 21.35 5.24
C VAL D 2049 -45.18 20.37 4.33
N GLY D 2050 -45.69 20.21 3.11
CA GLY D 2050 -45.12 19.21 2.21
C GLY D 2050 -43.71 19.52 1.80
N HIS D 2051 -43.34 20.81 1.78
CA HIS D 2051 -41.98 21.16 1.41
C HIS D 2051 -40.98 20.64 2.42
N ASN D 2052 -41.30 20.76 3.71
CA ASN D 2052 -40.45 20.15 4.73
C ASN D 2052 -40.40 18.65 4.58
N ILE D 2053 -41.50 18.03 4.11
CA ILE D 2053 -41.49 16.61 3.82
C ILE D 2053 -40.67 16.35 2.56
N TYR D 2054 -40.71 17.26 1.60
CA TYR D 2054 -39.92 17.12 0.39
C TYR D 2054 -38.43 17.15 0.70
N ILE D 2055 -38.04 17.90 1.72
CA ILE D 2055 -36.64 17.91 2.15
C ILE D 2055 -36.26 16.54 2.72
N LEU D 2056 -37.20 15.90 3.41
CA LEU D 2056 -36.91 14.62 4.03
C LEU D 2056 -36.60 13.55 3.00
N ALA D 2057 -37.20 13.63 1.82
CA ALA D 2057 -36.98 12.62 0.81
C ALA D 2057 -35.62 12.78 0.15
N LEU D 2058 -35.19 14.03 -0.08
CA LEU D 2058 -33.91 14.25 -0.76
C LEU D 2058 -32.75 13.73 0.07
N GLN D 2059 -32.78 13.98 1.39
CA GLN D 2059 -31.75 13.41 2.25
C GLN D 2059 -31.81 11.89 2.28
N LEU D 2060 -33.01 11.33 2.13
CA LEU D 2060 -33.18 9.89 2.08
C LEU D 2060 -32.95 9.33 0.69
N SER D 2061 -33.18 10.14 -0.35
CA SER D 2061 -33.07 9.63 -1.71
C SER D 2061 -31.65 9.26 -2.11
N ARG D 2062 -30.65 9.70 -1.33
CA ARG D 2062 -29.28 9.25 -1.55
C ARG D 2062 -29.19 7.73 -1.44
N HIS D 2063 -29.72 7.19 -0.35
CA HIS D 2063 -29.63 5.76 -0.05
C HIS D 2063 -30.83 4.98 -0.57
N ASN D 2064 -31.51 5.51 -1.60
CA ASN D 2064 -32.58 4.76 -2.26
C ASN D 2064 -32.74 5.37 -3.65
N LYS D 2065 -32.38 4.61 -4.68
CA LYS D 2065 -32.40 5.12 -6.05
C LYS D 2065 -33.82 5.33 -6.57
N GLN D 2066 -34.82 4.74 -5.91
CA GLN D 2066 -36.20 4.94 -6.34
C GLN D 2066 -36.60 6.40 -6.18
N LEU D 2067 -36.29 7.00 -5.04
CA LEU D 2067 -36.66 8.40 -4.82
C LEU D 2067 -35.92 9.34 -5.77
N GLN D 2068 -34.74 8.93 -6.24
CA GLN D 2068 -34.01 9.75 -7.22
C GLN D 2068 -34.82 9.94 -8.49
N HIS D 2069 -35.58 8.93 -8.89
CA HIS D 2069 -36.38 8.98 -10.11
C HIS D 2069 -37.80 9.48 -9.87
N LEU D 2070 -38.39 9.18 -8.71
CA LEU D 2070 -39.75 9.62 -8.42
C LEU D 2070 -39.84 11.14 -8.34
N LEU D 2071 -38.79 11.77 -7.80
CA LEU D 2071 -38.81 13.20 -7.52
C LEU D 2071 -38.31 14.05 -8.68
N LYS D 2072 -38.35 13.51 -9.90
CA LYS D 2072 -38.05 14.30 -11.10
C LYS D 2072 -39.37 14.80 -11.68
N PRO D 2073 -39.64 16.13 -11.65
CA PRO D 2073 -40.92 16.60 -12.22
C PRO D 2073 -41.04 16.32 -13.71
N VAL D 2074 -41.99 15.45 -14.06
CA VAL D 2074 -42.27 15.12 -15.46
C VAL D 2074 -41.02 14.54 -16.11
N GLU D 2111 -48.48 23.95 -13.54
CA GLU D 2111 -48.86 23.70 -12.16
C GLU D 2111 -48.70 22.22 -11.83
N ASP D 2112 -47.44 21.80 -11.67
CA ASP D 2112 -47.11 20.44 -11.27
C ASP D 2112 -46.74 20.40 -9.79
N PRO D 2113 -46.89 19.25 -9.13
CA PRO D 2113 -46.61 19.23 -7.69
C PRO D 2113 -45.14 19.32 -7.35
N LEU D 2114 -44.29 18.57 -8.05
CA LEU D 2114 -42.88 18.52 -7.69
C LEU D 2114 -42.09 19.67 -8.28
N ALA D 2115 -42.52 20.20 -9.43
CA ALA D 2115 -41.81 21.32 -10.05
C ALA D 2115 -41.83 22.54 -9.15
N TYR D 2116 -42.94 22.76 -8.44
CA TYR D 2116 -43.01 23.88 -7.51
C TYR D 2116 -42.06 23.69 -6.34
N TYR D 2117 -41.92 22.46 -5.85
CA TYR D 2117 -40.98 22.15 -4.77
C TYR D 2117 -39.58 21.83 -5.27
N GLU D 2118 -39.33 21.91 -6.58
CA GLU D 2118 -37.99 21.75 -7.13
C GLU D 2118 -37.30 23.09 -7.34
N ASN D 2119 -38.05 24.10 -7.77
CA ASN D 2119 -37.48 25.41 -8.05
C ASN D 2119 -37.35 26.27 -6.80
N HIS D 2120 -38.09 25.97 -5.73
CA HIS D 2120 -38.03 26.72 -4.49
C HIS D 2120 -37.18 26.02 -3.42
N THR D 2121 -36.17 25.28 -3.85
CA THR D 2121 -35.18 24.67 -2.97
C THR D 2121 -33.80 25.20 -3.30
N SER D 2122 -32.79 24.64 -2.64
CA SER D 2122 -31.41 25.05 -2.85
C SER D 2122 -30.51 23.94 -2.34
N GLN D 2123 -29.21 24.21 -2.31
CA GLN D 2123 -28.23 23.18 -2.02
C GLN D 2123 -26.90 23.84 -1.67
N ILE D 2124 -26.38 23.59 -0.47
CA ILE D 2124 -25.19 24.27 0.04
C ILE D 2124 -24.25 23.23 0.63
N GLU D 2125 -22.95 23.47 0.47
CA GLU D 2125 -21.91 22.79 1.23
C GLU D 2125 -21.36 23.78 2.26
N ILE D 2126 -21.15 23.29 3.48
CA ILE D 2126 -20.86 24.15 4.62
C ILE D 2126 -19.81 23.49 5.51
N VAL D 2127 -19.08 24.34 6.24
CA VAL D 2127 -17.95 23.94 7.08
C VAL D 2127 -18.32 24.17 8.54
N ARG D 2128 -17.76 23.36 9.41
CA ARG D 2128 -17.93 23.47 10.86
C ARG D 2128 -16.57 23.56 11.54
N GLN D 2129 -16.57 23.57 12.87
CA GLN D 2129 -15.35 23.77 13.63
C GLN D 2129 -14.32 22.68 13.36
N ASP D 2130 -14.76 21.43 13.33
CA ASP D 2130 -13.84 20.30 13.18
C ASP D 2130 -13.38 20.06 11.74
N ARG D 2131 -13.70 20.96 10.81
CA ARG D 2131 -13.33 20.81 9.41
C ARG D 2131 -13.92 19.53 8.81
N SER D 2132 -15.06 19.10 9.34
CA SER D 2132 -15.82 17.95 8.81
C SER D 2132 -17.07 18.52 8.16
N MET D 2133 -16.97 18.83 6.87
CA MET D 2133 -18.03 19.53 6.16
C MET D 2133 -19.26 18.64 6.01
N GLU D 2134 -20.36 19.25 5.57
CA GLU D 2134 -21.63 18.56 5.43
C GLU D 2134 -22.47 19.32 4.40
N GLN D 2135 -23.76 19.03 4.36
CA GLN D 2135 -24.64 19.52 3.31
C GLN D 2135 -26.04 19.65 3.87
N ILE D 2136 -26.75 20.70 3.45
CA ILE D 2136 -28.07 21.03 3.99
C ILE D 2136 -29.02 21.42 2.86
N VAL D 2137 -30.30 21.54 3.23
CA VAL D 2137 -31.36 21.97 2.33
C VAL D 2137 -32.36 22.76 3.16
N PHE D 2138 -33.04 23.71 2.52
CA PHE D 2138 -34.00 24.54 3.23
C PHE D 2138 -34.93 25.20 2.22
N PRO D 2139 -36.06 25.77 2.69
CA PRO D 2139 -36.92 26.54 1.78
C PRO D 2139 -36.39 27.95 1.57
N VAL D 2140 -36.37 28.37 0.31
CA VAL D 2140 -36.15 29.79 0.03
C VAL D 2140 -37.38 30.58 0.47
N PRO D 2141 -37.24 31.68 1.21
CA PRO D 2141 -38.43 32.48 1.53
C PRO D 2141 -39.05 33.09 0.28
N GLY D 2142 -40.33 33.43 0.41
CA GLY D 2142 -41.04 34.05 -0.70
C GLY D 2142 -40.63 35.48 -0.98
N ILE D 2143 -39.91 36.12 -0.05
CA ILE D 2143 -39.52 37.51 -0.25
C ILE D 2143 -38.38 37.62 -1.25
N CYS D 2144 -37.49 36.63 -1.29
CA CYS D 2144 -36.30 36.74 -2.14
C CYS D 2144 -36.61 36.51 -3.62
N GLN D 2145 -37.77 35.95 -3.96
CA GLN D 2145 -38.12 35.80 -5.37
C GLN D 2145 -38.24 37.16 -6.04
N PHE D 2146 -38.64 38.20 -5.30
CA PHE D 2146 -38.65 39.56 -5.80
C PHE D 2146 -37.21 40.05 -5.85
N LEU D 2147 -36.49 39.60 -6.87
CA LEU D 2147 -35.12 40.03 -7.11
C LEU D 2147 -34.91 40.21 -8.60
N THR D 2148 -34.13 41.22 -8.96
CA THR D 2148 -33.95 41.64 -10.34
C THR D 2148 -32.74 40.96 -10.96
N GLU D 2149 -32.92 40.40 -12.16
CA GLU D 2149 -31.79 39.88 -12.92
C GLU D 2149 -30.76 40.97 -13.19
N GLU D 2150 -31.20 42.22 -13.31
CA GLU D 2150 -30.28 43.33 -13.52
C GLU D 2150 -29.32 43.46 -12.34
N THR D 2151 -29.83 43.33 -11.13
CA THR D 2151 -28.97 43.34 -9.95
C THR D 2151 -28.04 42.15 -9.93
N LYS D 2152 -28.47 41.02 -10.49
CA LYS D 2152 -27.65 39.81 -10.47
C LYS D 2152 -26.39 40.00 -11.32
N HIS D 2153 -26.55 40.52 -12.53
CA HIS D 2153 -25.40 40.66 -13.42
C HIS D 2153 -24.47 41.76 -12.95
N ARG D 2154 -25.02 42.83 -12.38
CA ARG D 2154 -24.19 43.91 -11.85
C ARG D 2154 -23.32 43.40 -10.71
N LEU D 2155 -23.84 42.48 -9.91
CA LEU D 2155 -23.11 41.99 -8.75
C LEU D 2155 -22.08 40.94 -9.14
N PHE D 2156 -22.41 40.10 -10.12
CA PHE D 2156 -21.53 39.00 -10.51
C PHE D 2156 -20.22 39.49 -11.11
N THR D 2157 -20.16 40.73 -11.60
CA THR D 2157 -18.96 41.29 -12.21
C THR D 2157 -18.33 42.40 -11.39
N THR D 2158 -19.14 43.25 -10.75
CA THR D 2158 -18.60 44.35 -9.95
C THR D 2158 -17.79 43.86 -8.75
N THR D 2159 -18.01 42.62 -8.31
CA THR D 2159 -17.30 42.10 -7.16
C THR D 2159 -15.80 42.05 -7.43
N GLU D 2160 -15.03 42.45 -6.43
CA GLU D 2160 -13.58 42.52 -6.52
C GLU D 2160 -12.95 41.36 -5.75
N GLN D 2161 -11.72 41.02 -6.14
CA GLN D 2161 -10.95 39.96 -5.52
C GLN D 2161 -10.03 40.57 -4.48
N ASP D 2162 -10.13 40.10 -3.23
CA ASP D 2162 -9.34 40.64 -2.14
C ASP D 2162 -7.90 40.14 -2.24
N GLU D 2163 -7.10 40.44 -1.22
CA GLU D 2163 -5.69 40.05 -1.25
C GLU D 2163 -5.54 38.54 -1.17
N GLN D 2164 -6.24 37.90 -0.23
CA GLN D 2164 -6.13 36.46 -0.07
C GLN D 2164 -6.69 35.70 -1.27
N GLY D 2165 -7.58 36.32 -2.05
CA GLY D 2165 -8.10 35.70 -3.25
C GLY D 2165 -9.41 34.97 -3.02
N SER D 2166 -10.38 35.65 -2.42
CA SER D 2166 -11.71 35.09 -2.20
C SER D 2166 -12.73 36.20 -2.37
N LYS D 2167 -13.60 36.05 -3.35
CA LYS D 2167 -14.66 37.03 -3.59
C LYS D 2167 -15.85 36.75 -2.67
N VAL D 2168 -15.58 36.85 -1.37
CA VAL D 2168 -16.52 36.47 -0.32
C VAL D 2168 -16.77 37.63 0.64
N SER D 2169 -15.69 38.27 1.11
CA SER D 2169 -15.83 39.33 2.10
C SER D 2169 -16.63 40.50 1.55
N ASP D 2170 -16.28 40.94 0.34
CA ASP D 2170 -17.07 41.98 -0.30
C ASP D 2170 -18.49 41.50 -0.60
N PHE D 2171 -18.64 40.20 -0.85
CA PHE D 2171 -19.98 39.65 -1.13
C PHE D 2171 -20.84 39.65 0.12
N PHE D 2172 -20.26 39.31 1.26
CA PHE D 2172 -21.05 39.15 2.48
C PHE D 2172 -21.47 40.49 3.06
N ASP D 2173 -20.64 41.52 2.91
CA ASP D 2173 -20.97 42.82 3.48
C ASP D 2173 -22.20 43.43 2.81
N GLN D 2174 -22.45 43.10 1.55
CA GLN D 2174 -23.58 43.64 0.81
C GLN D 2174 -24.87 42.88 1.06
N SER D 2175 -24.86 41.85 1.92
CA SER D 2175 -26.07 41.06 2.14
C SER D 2175 -27.18 41.90 2.74
N SER D 2176 -26.87 42.70 3.76
CA SER D 2176 -27.88 43.50 4.42
C SER D 2176 -28.49 44.51 3.47
N PHE D 2177 -27.68 45.06 2.56
CA PHE D 2177 -28.21 46.03 1.60
C PHE D 2177 -29.17 45.36 0.62
N LEU D 2178 -28.91 44.11 0.25
CA LEU D 2178 -29.79 43.41 -0.68
C LEU D 2178 -31.13 43.10 -0.03
N HIS D 2179 -31.12 42.70 1.25
CA HIS D 2179 -32.36 42.29 1.90
C HIS D 2179 -33.34 43.45 1.98
N ASN D 2180 -32.85 44.66 2.23
CA ASN D 2180 -33.75 45.81 2.24
C ASN D 2180 -34.21 46.17 0.84
N GLU D 2181 -33.37 45.90 -0.17
CA GLU D 2181 -33.82 46.07 -1.55
C GLU D 2181 -34.93 45.10 -1.89
N MET D 2182 -34.84 43.87 -1.38
CA MET D 2182 -35.90 42.89 -1.58
C MET D 2182 -37.21 43.37 -0.97
N GLU D 2183 -37.13 43.94 0.24
CA GLU D 2183 -38.33 44.44 0.90
C GLU D 2183 -38.97 45.57 0.11
N TRP D 2184 -38.16 46.38 -0.58
CA TRP D 2184 -38.70 47.45 -1.38
C TRP D 2184 -39.48 46.91 -2.57
N GLN D 2185 -39.08 45.76 -3.10
CA GLN D 2185 -39.77 45.20 -4.26
C GLN D 2185 -41.15 44.70 -3.89
N ARG D 2186 -41.30 44.12 -2.69
CA ARG D 2186 -42.63 43.71 -2.24
C ARG D 2186 -43.53 44.92 -2.07
N LYS D 2187 -43.01 45.97 -1.43
CA LYS D 2187 -43.76 47.21 -1.30
C LYS D 2187 -44.01 47.86 -2.66
N LEU D 2188 -43.20 47.54 -3.67
CA LEU D 2188 -43.33 48.19 -4.97
C LEU D 2188 -44.52 47.64 -5.76
N ARG D 2189 -44.68 46.31 -5.78
CA ARG D 2189 -45.74 45.72 -6.58
C ARG D 2189 -47.13 46.10 -6.09
N SER D 2190 -47.26 46.53 -4.84
CA SER D 2190 -48.53 47.06 -4.36
C SER D 2190 -48.93 48.35 -5.07
N MET D 2191 -47.95 49.06 -5.64
CA MET D 2191 -48.19 50.28 -6.40
C MET D 2191 -47.75 50.04 -7.83
N PRO D 2192 -48.64 49.55 -8.71
CA PRO D 2192 -48.23 49.30 -10.11
C PRO D 2192 -47.78 50.54 -10.85
N LEU D 2193 -48.12 51.74 -10.36
CA LEU D 2193 -47.80 52.96 -11.09
C LEU D 2193 -46.29 53.16 -11.19
N ILE D 2194 -45.56 52.95 -10.09
CA ILE D 2194 -44.11 53.03 -10.14
C ILE D 2194 -43.54 51.83 -10.85
N TYR D 2195 -44.18 50.66 -10.70
CA TYR D 2195 -43.75 49.48 -11.45
C TYR D 2195 -44.01 49.66 -12.94
N TRP D 2196 -45.03 50.44 -13.29
CA TRP D 2196 -45.25 50.82 -14.69
C TRP D 2196 -44.14 51.72 -15.21
N PHE D 2197 -43.40 52.39 -14.31
CA PHE D 2197 -42.19 53.12 -14.67
C PHE D 2197 -40.95 52.23 -14.58
N SER D 2198 -40.70 51.65 -13.41
CA SER D 2198 -39.42 51.02 -13.13
C SER D 2198 -39.18 49.79 -14.00
N ARG D 2199 -40.24 49.13 -14.47
CA ARG D 2199 -40.04 47.97 -15.32
C ARG D 2199 -39.40 48.36 -16.64
N ARG D 2200 -39.57 49.60 -17.08
CA ARG D 2200 -38.97 50.12 -18.31
C ARG D 2200 -38.08 51.30 -17.93
N MET D 2201 -36.76 51.05 -17.90
CA MET D 2201 -35.76 52.05 -17.56
C MET D 2201 -34.99 52.53 -18.77
N THR D 2202 -34.64 51.62 -19.69
CA THR D 2202 -33.85 52.00 -20.85
C THR D 2202 -34.58 53.00 -21.74
N LEU D 2203 -35.91 52.94 -21.78
CA LEU D 2203 -36.68 53.80 -22.68
C LEU D 2203 -36.55 55.26 -22.28
N TRP D 2204 -36.96 55.59 -21.05
CA TRP D 2204 -36.98 56.99 -20.63
C TRP D 2204 -35.59 57.59 -20.59
N GLY D 2205 -34.57 56.79 -20.28
CA GLY D 2205 -33.21 57.28 -20.32
C GLY D 2205 -32.67 57.40 -21.72
N SER D 2206 -33.21 56.62 -22.67
CA SER D 2206 -32.75 56.68 -24.04
C SER D 2206 -33.27 57.94 -24.74
N ILE D 2207 -34.58 58.16 -24.69
CA ILE D 2207 -35.18 59.26 -25.44
C ILE D 2207 -34.69 60.60 -24.92
N SER D 2208 -34.40 60.70 -23.62
CA SER D 2208 -33.84 61.92 -23.08
C SER D 2208 -32.50 62.23 -23.72
N PHE D 2209 -31.69 61.21 -23.96
CA PHE D 2209 -30.44 61.41 -24.70
C PHE D 2209 -30.72 61.72 -26.16
N ASN D 2210 -31.73 61.08 -26.74
CA ASN D 2210 -32.05 61.32 -28.14
C ASN D 2210 -32.51 62.75 -28.35
N LEU D 2211 -33.49 63.20 -27.55
CA LEU D 2211 -34.02 64.55 -27.71
C LEU D 2211 -32.95 65.62 -27.60
N ALA D 2212 -31.92 65.36 -26.80
CA ALA D 2212 -30.86 66.35 -26.63
C ALA D 2212 -30.07 66.55 -27.92
N VAL D 2213 -29.78 65.47 -28.64
CA VAL D 2213 -28.93 65.58 -29.82
C VAL D 2213 -29.72 66.03 -31.04
N PHE D 2214 -31.04 65.87 -31.05
CA PHE D 2214 -31.83 66.46 -32.13
C PHE D 2214 -31.79 67.98 -32.05
N ILE D 2215 -31.94 68.53 -30.84
CA ILE D 2215 -32.15 69.97 -30.71
C ILE D 2215 -30.85 70.72 -30.96
N ASN D 2216 -29.72 70.17 -30.50
CA ASN D 2216 -28.45 70.84 -30.74
C ASN D 2216 -28.16 70.98 -32.22
N ILE D 2217 -28.70 70.06 -33.04
CA ILE D 2217 -28.65 70.25 -34.48
C ILE D 2217 -29.55 71.41 -34.89
N ILE D 2218 -30.71 71.55 -34.25
CA ILE D 2218 -31.58 72.70 -34.51
C ILE D 2218 -30.90 73.98 -34.07
N ILE D 2219 -30.23 73.95 -32.91
CA ILE D 2219 -29.47 75.10 -32.46
C ILE D 2219 -28.31 75.38 -33.42
N ALA D 2220 -27.74 74.33 -34.02
CA ALA D 2220 -26.51 74.48 -34.79
C ALA D 2220 -26.77 75.04 -36.17
N PHE D 2221 -27.73 74.48 -36.90
CA PHE D 2221 -27.92 74.85 -38.29
C PHE D 2221 -28.41 76.29 -38.45
N PHE D 2222 -29.12 76.84 -37.45
CA PHE D 2222 -29.38 78.28 -37.43
C PHE D 2222 -29.70 78.71 -36.00
N TYR D 2223 -28.75 79.41 -35.38
CA TYR D 2223 -28.96 79.99 -34.05
C TYR D 2223 -29.65 81.36 -34.07
N PRO D 2224 -29.20 82.34 -34.85
CA PRO D 2224 -29.75 83.69 -34.71
C PRO D 2224 -31.12 83.84 -35.34
N TYR D 2225 -31.82 84.90 -34.92
CA TYR D 2225 -33.15 85.22 -35.42
C TYR D 2225 -33.31 86.73 -35.57
N LEU D 2238 -40.05 82.06 -43.04
CA LEU D 2238 -39.70 81.30 -44.23
C LEU D 2238 -38.22 80.94 -44.22
N ILE D 2239 -37.87 79.90 -43.46
CA ILE D 2239 -36.49 79.44 -43.33
C ILE D 2239 -36.43 77.92 -43.35
N SER D 2240 -37.34 77.26 -44.09
CA SER D 2240 -37.40 75.81 -44.16
C SER D 2240 -37.28 75.27 -45.57
N LEU D 2241 -37.50 76.08 -46.60
CA LEU D 2241 -37.41 75.59 -47.98
C LEU D 2241 -35.97 75.53 -48.46
N LEU D 2242 -35.16 76.54 -48.13
CA LEU D 2242 -33.77 76.62 -48.57
C LEU D 2242 -32.78 76.18 -47.51
N PHE D 2243 -33.20 76.02 -46.25
CA PHE D 2243 -32.30 75.64 -45.19
C PHE D 2243 -31.77 74.23 -45.41
N TRP D 2244 -30.74 73.88 -44.65
CA TRP D 2244 -30.10 72.57 -44.77
C TRP D 2244 -30.78 71.50 -43.92
N ILE D 2245 -31.48 71.91 -42.85
CA ILE D 2245 -32.15 70.93 -42.00
C ILE D 2245 -33.24 70.20 -42.77
N LEU D 2246 -33.97 70.92 -43.63
CA LEU D 2246 -35.05 70.30 -44.38
C LEU D 2246 -34.49 69.29 -45.38
N ILE D 2247 -33.47 69.69 -46.15
CA ILE D 2247 -32.86 68.76 -47.10
C ILE D 2247 -32.15 67.63 -46.39
N CYS D 2248 -31.60 67.88 -45.19
CA CYS D 2248 -30.95 66.83 -44.43
C CYS D 2248 -31.96 65.90 -43.78
N PHE D 2249 -33.18 66.39 -43.50
CA PHE D 2249 -34.19 65.55 -42.88
C PHE D 2249 -34.61 64.41 -43.80
N SER D 2250 -34.75 64.70 -45.10
CA SER D 2250 -35.12 63.67 -46.05
C SER D 2250 -34.05 62.58 -46.16
N ILE D 2251 -32.80 62.94 -45.92
CA ILE D 2251 -31.72 61.96 -45.98
C ILE D 2251 -31.85 60.93 -44.86
N ALA D 2252 -31.96 61.40 -43.61
CA ALA D 2252 -32.14 60.48 -42.49
C ALA D 2252 -33.52 59.82 -42.53
N ALA D 2253 -34.50 60.48 -43.16
CA ALA D 2253 -35.82 59.87 -43.29
C ALA D 2253 -35.76 58.62 -44.16
N LEU D 2254 -35.02 58.69 -45.27
CA LEU D 2254 -34.83 57.50 -46.10
C LEU D 2254 -34.06 56.43 -45.35
N PHE D 2255 -33.00 56.83 -44.64
CA PHE D 2255 -32.29 55.88 -43.79
C PHE D 2255 -33.17 55.38 -42.66
N THR D 2256 -34.04 56.25 -42.14
CA THR D 2256 -35.01 55.82 -41.13
C THR D 2256 -35.99 54.81 -41.71
N LYS D 2257 -36.46 55.06 -42.93
CA LYS D 2257 -37.34 54.09 -43.60
C LYS D 2257 -36.57 52.85 -44.02
N ARG D 2258 -35.27 52.99 -44.30
CA ARG D 2258 -34.47 51.84 -44.70
C ARG D 2258 -34.22 50.91 -43.53
N TYR D 2259 -34.05 51.46 -42.33
CA TYR D 2259 -33.80 50.66 -41.14
C TYR D 2259 -35.02 49.82 -40.78
N SER D 2260 -36.84 52.32 -35.22
CA SER D 2260 -37.88 51.92 -34.28
C SER D 2260 -38.46 53.15 -33.57
N ILE D 2261 -37.66 53.75 -32.69
CA ILE D 2261 -38.09 54.93 -31.96
C ILE D 2261 -37.68 56.21 -32.69
N ARG D 2262 -36.51 56.20 -33.33
CA ARG D 2262 -36.04 57.39 -34.02
C ARG D 2262 -36.92 57.84 -35.18
N PRO D 2263 -37.45 56.96 -36.04
CA PRO D 2263 -38.23 57.47 -37.19
C PRO D 2263 -39.48 58.23 -36.81
N LEU D 2264 -40.23 57.78 -35.81
CA LEU D 2264 -41.49 58.44 -35.47
C LEU D 2264 -41.27 59.77 -34.77
N ILE D 2265 -40.10 60.00 -34.18
CA ILE D 2265 -39.84 61.27 -33.50
C ILE D 2265 -39.45 62.34 -34.52
N VAL D 2266 -38.58 61.98 -35.47
CA VAL D 2266 -38.10 62.96 -36.45
C VAL D 2266 -39.23 63.38 -37.39
N ALA D 2267 -40.23 62.52 -37.60
CA ALA D 2267 -41.32 62.85 -38.50
C ALA D 2267 -42.16 63.99 -37.93
N LEU D 2268 -42.33 64.04 -36.61
CA LEU D 2268 -43.09 65.13 -35.98
C LEU D 2268 -42.39 66.46 -36.16
N ILE D 2269 -41.06 66.47 -36.16
CA ILE D 2269 -40.31 67.73 -36.22
C ILE D 2269 -40.55 68.43 -37.56
N LEU D 2270 -40.57 67.65 -38.65
CA LEU D 2270 -40.79 68.25 -39.97
C LEU D 2270 -42.17 68.89 -40.06
N ARG D 2271 -43.18 68.25 -39.49
CA ARG D 2271 -44.52 68.83 -39.49
C ARG D 2271 -44.60 70.06 -38.60
N SER D 2272 -43.79 70.12 -37.54
CA SER D 2272 -43.79 71.28 -36.68
C SER D 2272 -43.24 72.50 -37.41
N ILE D 2273 -42.16 72.31 -38.17
CA ILE D 2273 -41.58 73.41 -38.93
C ILE D 2273 -42.52 73.86 -40.04
N TYR D 2274 -43.19 72.90 -40.70
CA TYR D 2274 -44.04 73.23 -41.83
C TYR D 2274 -45.29 73.98 -41.39
N TYR D 2275 -45.77 73.71 -40.17
CA TYR D 2275 -46.96 74.38 -39.64
C TYR D 2275 -46.62 75.62 -38.83
N LEU D 2276 -45.70 75.52 -37.88
CA LEU D 2276 -45.35 76.61 -36.98
C LEU D 2276 -43.98 77.17 -37.34
N GLY D 2277 -43.61 78.23 -36.63
CA GLY D 2277 -42.29 78.83 -36.78
C GLY D 2277 -41.24 78.03 -36.04
N ILE D 2278 -40.39 78.72 -35.28
CA ILE D 2278 -39.31 78.10 -34.51
C ILE D 2278 -39.48 78.36 -33.02
N GLY D 2279 -39.74 79.61 -32.65
CA GLY D 2279 -39.99 80.00 -31.27
C GLY D 2279 -40.90 79.07 -30.49
N PRO D 2280 -42.03 78.65 -31.08
CA PRO D 2280 -42.89 77.69 -30.38
C PRO D 2280 -42.21 76.34 -30.11
N THR D 2281 -41.56 75.76 -31.11
CA THR D 2281 -41.14 74.36 -31.02
C THR D 2281 -39.86 74.14 -30.22
N LEU D 2282 -39.17 75.20 -29.80
CA LEU D 2282 -38.03 75.03 -28.91
C LEU D 2282 -38.45 75.02 -27.44
N ASN D 2283 -39.50 75.76 -27.10
CA ASN D 2283 -39.99 75.75 -25.72
C ASN D 2283 -40.61 74.41 -25.34
N ILE D 2284 -41.04 73.60 -26.31
CA ILE D 2284 -41.73 72.34 -26.03
C ILE D 2284 -40.75 71.18 -25.98
N LEU D 2285 -39.68 71.23 -26.78
CA LEU D 2285 -38.72 70.14 -26.78
C LEU D 2285 -37.88 70.13 -25.50
N GLY D 2286 -37.37 71.29 -25.11
CA GLY D 2286 -36.70 71.39 -23.81
C GLY D 2286 -37.64 71.09 -22.67
N ALA D 2287 -38.90 71.52 -22.79
CA ALA D 2287 -39.90 71.17 -21.78
C ALA D 2287 -40.21 69.68 -21.82
N LEU D 2288 -40.30 69.11 -23.02
CA LEU D 2288 -40.48 67.67 -23.14
C LEU D 2288 -39.28 66.93 -22.58
N ASN D 2289 -38.08 67.50 -22.72
CA ASN D 2289 -36.89 66.94 -22.09
C ASN D 2289 -37.05 66.89 -20.58
N LEU D 2290 -37.67 67.92 -20.00
CA LEU D 2290 -37.88 67.95 -18.56
C LEU D 2290 -38.79 66.80 -18.11
N THR D 2291 -39.86 66.54 -18.87
CA THR D 2291 -40.81 65.51 -18.48
C THR D 2291 -40.22 64.11 -18.55
N ASN D 2292 -39.11 63.93 -19.29
CA ASN D 2292 -38.53 62.59 -19.39
C ASN D 2292 -37.77 62.23 -18.13
N LYS D 2293 -36.94 63.14 -17.61
CA LYS D 2293 -36.05 62.79 -16.52
C LYS D 2293 -36.79 62.71 -15.19
N ILE D 2294 -37.81 63.55 -14.99
CA ILE D 2294 -38.63 63.46 -13.79
C ILE D 2294 -39.32 62.10 -13.70
N VAL D 2295 -39.51 61.42 -14.83
CA VAL D 2295 -39.90 60.01 -14.81
C VAL D 2295 -38.69 59.13 -14.53
N PHE D 2296 -37.53 59.49 -15.06
CA PHE D 2296 -36.34 58.67 -14.90
C PHE D 2296 -35.87 58.68 -13.45
N VAL D 2297 -35.83 59.86 -12.83
CA VAL D 2297 -35.30 59.98 -11.48
C VAL D 2297 -36.17 59.23 -10.49
N VAL D 2298 -37.49 59.42 -10.57
CA VAL D 2298 -38.40 58.76 -9.64
C VAL D 2298 -38.37 57.25 -9.83
N SER D 2299 -38.19 56.79 -11.07
CA SER D 2299 -38.05 55.36 -11.31
C SER D 2299 -36.69 54.85 -10.89
N PHE D 2300 -35.65 55.67 -11.08
CA PHE D 2300 -34.29 55.26 -10.73
C PHE D 2300 -34.17 54.98 -9.25
N VAL D 2301 -34.68 55.89 -8.42
CA VAL D 2301 -34.68 55.65 -6.97
C VAL D 2301 -35.57 54.47 -6.64
N GLY D 2302 -36.64 54.27 -7.39
CA GLY D 2302 -37.53 53.14 -7.12
C GLY D 2302 -36.92 51.81 -7.51
N ASN D 2303 -36.12 51.78 -8.58
CA ASN D 2303 -35.53 50.54 -9.04
C ASN D 2303 -34.35 50.14 -8.18
N ARG D 2304 -33.42 51.07 -7.95
CA ARG D 2304 -32.20 50.76 -7.19
C ARG D 2304 -32.42 50.87 -5.69
N GLY D 2305 -33.40 51.66 -5.26
CA GLY D 2305 -33.59 51.88 -3.84
C GLY D 2305 -32.42 52.62 -3.24
N THR D 2306 -32.25 53.89 -3.61
CA THR D 2306 -31.10 54.65 -3.18
C THR D 2306 -31.28 55.23 -1.78
N PHE D 2307 -32.50 55.65 -1.42
CA PHE D 2307 -32.77 56.20 -0.09
C PHE D 2307 -33.11 55.13 0.93
N ILE D 2308 -32.79 53.87 0.64
CA ILE D 2308 -32.93 52.81 1.64
C ILE D 2308 -31.98 53.04 2.79
N ARG D 2309 -30.73 53.40 2.50
CA ARG D 2309 -29.76 53.65 3.54
C ARG D 2309 -30.09 54.91 4.34
N GLY D 2310 -30.78 55.86 3.72
CA GLY D 2310 -31.16 57.08 4.41
C GLY D 2310 -31.42 58.20 3.43
N TYR D 2311 -32.17 59.19 3.91
CA TYR D 2311 -32.49 60.35 3.07
C TYR D 2311 -31.23 61.12 2.72
N LYS D 2312 -30.28 61.22 3.65
CA LYS D 2312 -29.03 61.91 3.42
C LYS D 2312 -27.96 61.02 2.78
N ALA D 2313 -28.30 59.78 2.43
CA ALA D 2313 -27.36 58.90 1.76
C ALA D 2313 -27.34 59.12 0.24
N MET D 2314 -28.43 59.63 -0.32
CA MET D 2314 -28.47 59.88 -1.76
C MET D 2314 -27.45 60.93 -2.18
N VAL D 2315 -27.19 61.91 -1.31
CA VAL D 2315 -26.31 63.02 -1.66
C VAL D 2315 -24.89 62.54 -1.92
N MET D 2316 -24.49 61.41 -1.34
CA MET D 2316 -23.16 60.86 -1.60
C MET D 2316 -23.13 60.06 -2.89
N ASP D 2317 -24.27 59.48 -3.30
CA ASP D 2317 -24.33 58.72 -4.54
C ASP D 2317 -24.09 59.65 -5.72
N MET D 2318 -22.94 59.48 -6.39
CA MET D 2318 -22.59 60.38 -7.49
C MET D 2318 -23.54 60.23 -8.66
N GLU D 2319 -24.13 59.05 -8.84
CA GLU D 2319 -25.05 58.84 -9.96
C GLU D 2319 -26.28 59.75 -9.82
N PHE D 2320 -26.88 59.77 -8.64
CA PHE D 2320 -28.05 60.62 -8.42
C PHE D 2320 -27.70 62.09 -8.57
N LEU D 2321 -26.44 62.47 -8.32
CA LEU D 2321 -26.04 63.86 -8.50
C LEU D 2321 -25.89 64.22 -9.96
N TYR D 2322 -25.40 63.29 -10.78
CA TYR D 2322 -25.23 63.60 -12.20
C TYR D 2322 -26.56 63.80 -12.89
N HIS D 2323 -27.61 63.14 -12.43
CA HIS D 2323 -28.90 63.19 -13.12
C HIS D 2323 -29.71 64.41 -12.72
N VAL D 2324 -29.56 64.90 -11.50
CA VAL D 2324 -30.25 66.12 -11.11
C VAL D 2324 -29.60 67.34 -11.75
N GLY D 2325 -28.27 67.31 -11.94
CA GLY D 2325 -27.63 68.39 -12.68
C GLY D 2325 -28.02 68.40 -14.14
N TYR D 2326 -28.26 67.21 -14.70
CA TYR D 2326 -28.77 67.11 -16.07
C TYR D 2326 -30.12 67.82 -16.21
N ILE D 2327 -30.88 67.92 -15.11
CA ILE D 2327 -32.14 68.63 -15.14
C ILE D 2327 -31.91 70.14 -15.10
N LEU D 2328 -31.02 70.58 -14.20
CA LEU D 2328 -30.78 72.02 -14.03
C LEU D 2328 -30.31 72.65 -15.33
N THR D 2329 -29.49 71.93 -16.10
CA THR D 2329 -29.12 72.40 -17.43
C THR D 2329 -30.34 72.48 -18.33
N SER D 2330 -31.27 71.54 -18.18
CA SER D 2330 -32.49 71.56 -19.00
C SER D 2330 -33.43 72.66 -18.54
N VAL D 2331 -33.53 72.85 -17.22
CA VAL D 2331 -34.38 73.92 -16.69
C VAL D 2331 -33.77 75.28 -17.01
N LEU D 2332 -32.46 75.42 -16.78
CA LEU D 2332 -31.80 76.70 -16.99
C LEU D 2332 -31.83 77.10 -18.46
N GLY D 2333 -31.75 76.13 -19.37
CA GLY D 2333 -31.74 76.44 -20.78
C GLY D 2333 -33.10 76.76 -21.37
N LEU D 2334 -34.17 76.37 -20.70
CA LEU D 2334 -35.51 76.66 -21.21
C LEU D 2334 -35.91 78.10 -21.01
N PHE D 2335 -35.48 78.72 -19.90
CA PHE D 2335 -35.89 80.06 -19.54
C PHE D 2335 -34.79 81.10 -19.72
N ALA D 2336 -33.59 80.82 -19.24
CA ALA D 2336 -32.54 81.84 -19.23
C ALA D 2336 -32.01 82.09 -20.64
N HIS D 2337 -31.51 81.05 -21.30
CA HIS D 2337 -30.79 81.20 -22.55
C HIS D 2337 -30.65 79.85 -23.21
N GLU D 2338 -30.88 79.81 -24.52
CA GLU D 2338 -31.10 78.53 -25.21
C GLU D 2338 -29.87 77.63 -25.23
N LEU D 2339 -28.67 78.17 -25.01
CA LEU D 2339 -27.44 77.43 -25.29
C LEU D 2339 -26.93 76.60 -24.11
N PHE D 2340 -27.66 76.55 -22.99
CA PHE D 2340 -27.24 75.66 -21.91
C PHE D 2340 -27.45 74.19 -22.26
N TYR D 2341 -28.28 73.89 -23.25
CA TYR D 2341 -28.57 72.51 -23.61
C TYR D 2341 -27.37 71.78 -24.21
N SER D 2342 -26.31 72.51 -24.58
CA SER D 2342 -25.13 71.86 -25.13
C SER D 2342 -24.48 70.93 -24.11
N ILE D 2343 -24.63 71.24 -22.82
CA ILE D 2343 -24.07 70.40 -21.77
C ILE D 2343 -24.72 69.02 -21.75
N LEU D 2344 -25.93 68.89 -22.30
CA LEU D 2344 -26.65 67.61 -22.22
C LEU D 2344 -25.94 66.50 -22.96
N LEU D 2345 -25.04 66.81 -23.89
CA LEU D 2345 -24.44 65.77 -24.71
C LEU D 2345 -23.45 64.91 -23.95
N PHE D 2346 -22.97 65.36 -22.80
CA PHE D 2346 -22.08 64.53 -21.99
C PHE D 2346 -22.80 63.34 -21.37
N ASP D 2347 -24.13 63.24 -21.51
CA ASP D 2347 -24.84 62.03 -21.14
C ASP D 2347 -24.45 60.85 -22.02
N LEU D 2348 -23.81 61.11 -23.17
CA LEU D 2348 -23.28 60.03 -24.01
C LEU D 2348 -22.32 59.15 -23.24
N ILE D 2349 -21.53 59.74 -22.35
CA ILE D 2349 -20.54 58.98 -21.61
C ILE D 2349 -21.22 58.01 -20.66
N TYR D 2350 -22.31 58.44 -20.02
CA TYR D 2350 -23.08 57.56 -19.14
C TYR D 2350 -24.08 56.71 -19.91
N ARG D 2351 -24.57 57.20 -21.03
CA ARG D 2351 -25.52 56.44 -21.83
C ARG D 2351 -24.92 55.15 -22.37
N GLU D 2352 -23.59 55.06 -22.46
CA GLU D 2352 -22.94 53.94 -23.11
C GLU D 2352 -21.64 53.60 -22.37
N GLU D 2353 -21.30 52.31 -22.38
CA GLU D 2353 -20.15 51.79 -21.65
C GLU D 2353 -18.93 51.55 -22.52
N THR D 2354 -19.12 51.39 -23.83
CA THR D 2354 -17.99 51.16 -24.72
C THR D 2354 -17.01 52.32 -24.70
N LEU D 2355 -17.51 53.55 -24.63
CA LEU D 2355 -16.64 54.72 -24.62
C LEU D 2355 -15.97 54.91 -23.27
N PHE D 2356 -16.71 54.65 -22.18
CA PHE D 2356 -16.24 55.08 -20.87
C PHE D 2356 -14.94 54.40 -20.47
N ASN D 2357 -14.68 53.20 -21.01
CA ASN D 2357 -13.41 52.54 -20.73
C ASN D 2357 -12.23 53.32 -21.26
N VAL D 2358 -12.44 54.16 -22.29
CA VAL D 2358 -11.35 54.97 -22.82
C VAL D 2358 -10.89 55.99 -21.78
N ILE D 2359 -11.79 56.88 -21.35
CA ILE D 2359 -11.40 57.96 -20.45
C ILE D 2359 -11.04 57.46 -19.05
N LYS D 2360 -11.29 56.19 -18.72
CA LYS D 2360 -10.65 55.60 -17.55
C LYS D 2360 -9.14 55.77 -17.61
N SER D 2361 -8.57 55.70 -18.82
CA SER D 2361 -7.13 55.80 -18.97
C SER D 2361 -6.62 57.17 -18.54
N VAL D 2362 -7.19 58.23 -19.10
CA VAL D 2362 -6.80 59.58 -18.70
C VAL D 2362 -7.16 59.84 -17.24
N THR D 2363 -8.14 59.12 -16.70
CA THR D 2363 -8.56 59.29 -15.31
C THR D 2363 -7.74 58.45 -14.35
N ARG D 2364 -7.38 57.23 -14.75
CA ARG D 2364 -6.73 56.29 -13.83
C ARG D 2364 -5.37 56.81 -13.41
N ASN D 2365 -4.44 56.90 -14.35
CA ASN D 2365 -3.13 57.49 -14.10
C ASN D 2365 -3.12 58.98 -14.44
N GLY D 2366 -4.11 59.70 -13.91
CA GLY D 2366 -4.17 61.13 -14.14
C GLY D 2366 -3.12 61.90 -13.38
N ARG D 2367 -2.72 61.40 -12.21
CA ARG D 2367 -1.69 62.06 -11.42
C ARG D 2367 -0.36 62.11 -12.17
N SER D 2368 -0.12 61.15 -13.06
CA SER D 2368 1.12 61.12 -13.83
C SER D 2368 1.07 61.98 -15.09
N ILE D 2369 -0.07 62.59 -15.39
CA ILE D 2369 -0.21 63.43 -16.59
C ILE D 2369 0.01 64.91 -16.25
N LEU D 2370 -0.66 65.40 -15.20
CA LEU D 2370 -0.55 66.81 -14.87
C LEU D 2370 0.87 67.17 -14.45
N LEU D 2371 1.48 66.36 -13.60
CA LEU D 2371 2.87 66.60 -13.21
C LEU D 2371 3.78 66.49 -14.43
N THR D 2372 3.48 65.56 -15.35
CA THR D 2372 4.20 65.50 -16.61
C THR D 2372 3.98 66.77 -17.41
N ALA D 2373 2.76 67.31 -17.37
CA ALA D 2373 2.50 68.57 -18.04
C ALA D 2373 3.21 69.72 -17.35
N LEU D 2374 3.37 69.65 -16.03
CA LEU D 2374 4.15 70.66 -15.33
C LEU D 2374 5.64 70.51 -15.64
N LEU D 2375 6.10 69.29 -15.91
CA LEU D 2375 7.48 69.11 -16.33
C LEU D 2375 7.76 69.85 -17.63
N ALA D 2376 6.74 70.01 -18.48
CA ALA D 2376 6.85 70.93 -19.61
C ALA D 2376 6.87 72.37 -19.13
N LEU D 2377 6.06 72.68 -18.12
CA LEU D 2377 5.99 74.04 -17.61
C LEU D 2377 7.26 74.44 -16.86
N ILE D 2378 7.99 73.47 -16.30
CA ILE D 2378 9.21 73.81 -15.58
C ILE D 2378 10.36 74.01 -16.56
N LEU D 2379 10.39 73.27 -17.66
CA LEU D 2379 11.50 73.40 -18.60
C LEU D 2379 11.35 74.66 -19.44
N VAL D 2380 10.14 74.98 -19.87
CA VAL D 2380 9.91 76.24 -20.57
C VAL D 2380 10.26 77.42 -19.69
N TYR D 2381 10.07 77.28 -18.38
CA TYR D 2381 10.48 78.32 -17.45
C TYR D 2381 11.98 78.55 -17.47
N LEU D 2382 12.77 77.55 -17.87
CA LEU D 2382 14.21 77.70 -18.00
C LEU D 2382 14.60 78.30 -19.34
N PHE D 2383 14.11 77.72 -20.45
CA PHE D 2383 14.46 78.22 -21.76
C PHE D 2383 13.96 79.64 -21.97
N SER D 2384 12.85 80.00 -21.34
CA SER D 2384 12.36 81.38 -21.43
C SER D 2384 13.35 82.35 -20.79
N ILE D 2385 13.97 81.95 -19.67
CA ILE D 2385 14.92 82.82 -19.01
C ILE D 2385 16.17 82.99 -19.86
N VAL D 2386 16.55 81.95 -20.59
CA VAL D 2386 17.69 82.04 -21.50
C VAL D 2386 17.41 83.07 -22.60
N GLY D 2387 16.14 83.23 -22.98
CA GLY D 2387 15.78 84.18 -23.99
C GLY D 2387 15.80 85.61 -23.49
N PHE D 2388 15.28 85.83 -22.29
CA PHE D 2388 15.20 87.18 -21.74
C PHE D 2388 16.57 87.81 -21.55
N LEU D 2389 17.62 87.00 -21.38
CA LEU D 2389 18.96 87.52 -21.13
C LEU D 2389 19.75 87.75 -22.41
N PHE D 2390 19.75 86.77 -23.31
CA PHE D 2390 20.55 86.83 -24.53
C PHE D 2390 19.72 87.11 -25.78
N LEU D 2391 18.57 86.47 -25.94
CA LEU D 2391 17.77 86.58 -27.16
C LEU D 2391 16.55 87.47 -26.95
N LYS D 2392 16.72 88.57 -26.19
CA LYS D 2392 15.60 89.45 -25.88
C LYS D 2392 15.03 90.08 -27.14
N ASP D 2393 15.89 90.70 -27.95
CA ASP D 2393 15.43 91.41 -29.14
C ASP D 2393 14.85 90.48 -30.21
N ASP D 2394 15.05 89.16 -30.08
CA ASP D 2394 14.68 88.24 -31.13
C ASP D 2394 13.27 87.70 -31.00
N PHE D 2395 12.65 87.78 -29.81
CA PHE D 2395 11.27 87.34 -29.61
C PHE D 2395 10.35 88.40 -30.20
N ILE D 2396 10.24 88.38 -31.53
CA ILE D 2396 9.38 89.25 -32.31
C ILE D 2396 8.16 88.44 -32.74
N LEU D 2397 7.03 89.13 -32.90
CA LEU D 2397 5.79 88.50 -33.34
C LEU D 2397 5.06 89.41 -34.32
N GLU D 2398 4.59 88.82 -35.40
CA GLU D 2398 3.68 89.53 -36.30
C GLU D 2398 2.35 89.74 -35.59
N VAL D 2399 1.68 90.84 -35.95
CA VAL D 2399 0.45 91.25 -35.27
C VAL D 2399 -0.49 91.88 -36.30
N ASP D 2400 -1.78 91.63 -36.13
CA ASP D 2400 -2.84 92.24 -36.93
C ASP D 2400 -3.64 93.15 -36.01
N ARG D 2401 -3.50 94.46 -36.21
CA ARG D 2401 -4.07 95.43 -35.29
C ARG D 2401 -5.59 95.49 -35.44
N LEU D 2402 -6.21 96.35 -34.62
CA LEU D 2402 -7.65 96.51 -34.56
C LEU D 2402 -7.97 97.99 -34.31
N PRO D 2403 -8.61 98.71 -35.25
CA PRO D 2403 -8.86 100.11 -34.94
C PRO D 2403 -9.92 100.31 -33.85
N ASP D 2449 2.77 99.85 -38.14
CA ASP D 2449 3.10 99.20 -36.88
C ASP D 2449 2.51 97.79 -36.85
N SER D 2450 3.03 96.92 -37.71
CA SER D 2450 2.60 95.53 -37.80
C SER D 2450 3.61 94.58 -37.17
N THR D 2451 4.30 95.04 -36.12
CA THR D 2451 5.26 94.24 -35.38
C THR D 2451 5.12 94.55 -33.90
N GLU D 2452 5.80 93.76 -33.08
CA GLU D 2452 5.71 93.93 -31.63
C GLU D 2452 6.81 93.10 -30.97
N ARG D 2453 7.42 93.68 -29.94
CA ARG D 2453 8.32 92.95 -29.06
C ARG D 2453 7.50 92.36 -27.91
N ALA D 2454 7.79 91.10 -27.57
CA ALA D 2454 6.99 90.35 -26.61
C ALA D 2454 7.87 89.58 -25.64
N CYS D 2455 8.98 90.19 -25.19
CA CYS D 2455 9.75 89.64 -24.09
C CYS D 2455 10.33 90.74 -23.21
N ASP D 2456 9.69 91.92 -23.18
CA ASP D 2456 10.17 92.99 -22.33
C ASP D 2456 10.11 92.63 -20.85
N THR D 2457 9.23 91.70 -20.47
CA THR D 2457 9.13 91.20 -19.11
C THR D 2457 9.06 89.68 -19.15
N LEU D 2458 9.59 89.05 -18.10
CA LEU D 2458 9.71 87.60 -18.07
C LEU D 2458 8.36 86.90 -18.16
N LEU D 2459 7.28 87.55 -17.74
CA LEU D 2459 5.97 86.93 -17.85
C LEU D 2459 5.61 86.66 -19.29
N MET D 2460 5.66 87.70 -20.14
CA MET D 2460 5.36 87.50 -21.56
C MET D 2460 6.39 86.61 -22.23
N CYS D 2461 7.63 86.58 -21.71
CA CYS D 2461 8.64 85.69 -22.28
C CYS D 2461 8.24 84.22 -22.15
N ILE D 2462 7.37 83.89 -21.18
CA ILE D 2462 6.82 82.55 -21.07
C ILE D 2462 5.62 82.38 -21.99
N VAL D 2463 4.76 83.40 -22.08
CA VAL D 2463 3.51 83.28 -22.81
C VAL D 2463 3.76 83.04 -24.29
N THR D 2464 4.77 83.73 -24.85
CA THR D 2464 5.08 83.55 -26.26
C THR D 2464 5.53 82.13 -26.54
N VAL D 2465 6.39 81.58 -25.69
CA VAL D 2465 6.84 80.20 -25.87
C VAL D 2465 5.75 79.24 -25.41
N MET D 2466 4.94 79.63 -24.43
CA MET D 2466 3.83 78.79 -24.00
C MET D 2466 2.84 78.59 -25.14
N ASN D 2467 2.57 79.64 -25.91
CA ASN D 2467 1.75 79.49 -27.11
C ASN D 2467 2.58 78.98 -28.28
N HIS D 2468 3.48 79.82 -28.79
CA HIS D 2468 4.09 79.55 -30.07
C HIS D 2468 5.25 78.55 -30.00
N GLY D 2469 5.57 78.05 -28.81
CA GLY D 2469 6.66 77.10 -28.66
C GLY D 2469 6.15 75.66 -28.64
N LEU D 2470 4.96 75.46 -28.08
CA LEU D 2470 4.40 74.12 -27.92
C LEU D 2470 3.54 73.73 -29.12
N ARG D 2471 2.50 74.51 -29.40
CA ARG D 2471 1.50 74.10 -30.38
C ARG D 2471 1.99 74.27 -31.80
N ASN D 2472 2.93 75.18 -32.04
CA ASN D 2472 3.33 75.50 -33.42
C ASN D 2472 3.88 74.28 -34.15
N GLY D 2473 4.46 73.33 -33.42
CA GLY D 2473 5.03 72.17 -34.05
C GLY D 2473 6.41 72.51 -34.55
N GLY D 2474 7.40 71.71 -34.15
CA GLY D 2474 8.78 72.06 -34.39
C GLY D 2474 9.36 73.04 -33.41
N GLY D 2475 8.70 73.26 -32.28
CA GLY D 2475 9.25 74.15 -31.28
C GLY D 2475 8.96 75.61 -31.58
N VAL D 2476 9.92 76.46 -31.22
CA VAL D 2476 9.69 77.90 -31.17
C VAL D 2476 10.26 78.64 -32.38
N GLY D 2477 11.25 78.08 -33.06
CA GLY D 2477 11.96 78.83 -34.08
C GLY D 2477 11.14 79.18 -35.31
N ASP D 2478 9.91 78.67 -35.43
CA ASP D 2478 9.08 79.02 -36.57
C ASP D 2478 8.70 80.49 -36.56
N ILE D 2479 8.08 80.96 -35.48
CA ILE D 2479 7.62 82.34 -35.39
C ILE D 2479 8.79 83.32 -35.38
N LEU D 2480 9.93 82.91 -34.84
CA LEU D 2480 11.01 83.86 -34.58
C LEU D 2480 11.65 84.33 -35.88
N ARG D 2481 12.12 85.56 -35.87
CA ARG D 2481 12.79 86.11 -37.04
C ARG D 2481 14.04 85.30 -37.33
N LYS D 2482 14.14 84.84 -38.57
CA LYS D 2482 15.16 83.87 -38.96
C LYS D 2482 16.47 84.61 -39.21
N PRO D 2483 17.49 84.44 -38.37
CA PRO D 2483 18.72 85.21 -38.55
C PRO D 2483 19.57 84.66 -39.69
N SER D 2484 20.67 85.35 -39.95
CA SER D 2484 21.66 84.93 -40.94
C SER D 2484 22.78 84.14 -40.28
N LYS D 2485 23.69 83.67 -41.11
CA LYS D 2485 24.89 82.99 -40.61
C LYS D 2485 25.97 83.98 -40.23
N ASP D 2486 25.99 85.16 -40.84
CA ASP D 2486 27.03 86.14 -40.59
C ASP D 2486 27.01 86.67 -39.16
N GLU D 2487 25.86 86.60 -38.48
CA GLU D 2487 25.77 87.06 -37.11
C GLU D 2487 26.64 86.20 -36.20
N SER D 2488 26.90 86.72 -35.00
CA SER D 2488 27.79 86.07 -34.05
C SER D 2488 27.07 85.04 -33.19
N LEU D 2489 25.85 85.35 -32.75
CA LEU D 2489 25.11 84.46 -31.87
C LEU D 2489 24.36 83.36 -32.64
N PHE D 2490 24.64 83.18 -33.92
CA PHE D 2490 23.93 82.16 -34.69
C PHE D 2490 24.14 80.74 -34.17
N PRO D 2491 25.35 80.31 -33.77
CA PRO D 2491 25.46 78.93 -33.25
C PRO D 2491 24.63 78.69 -32.00
N ALA D 2492 24.77 79.53 -30.98
CA ALA D 2492 23.95 79.38 -29.79
C ALA D 2492 22.47 79.58 -30.10
N ARG D 2493 22.17 80.39 -31.12
CA ARG D 2493 20.78 80.58 -31.53
C ARG D 2493 20.20 79.30 -32.08
N VAL D 2494 20.99 78.54 -32.85
CA VAL D 2494 20.53 77.26 -33.35
C VAL D 2494 20.21 76.33 -32.18
N VAL D 2495 21.16 76.20 -31.24
CA VAL D 2495 21.05 75.23 -30.16
C VAL D 2495 19.84 75.54 -29.28
N TYR D 2496 19.39 76.80 -29.24
CA TYR D 2496 18.19 77.12 -28.49
C TYR D 2496 16.96 76.44 -29.08
N ASP D 2497 16.96 76.19 -30.39
CA ASP D 2497 15.83 75.51 -31.01
C ASP D 2497 15.92 74.00 -30.86
N LEU D 2498 17.13 73.45 -30.95
CA LEU D 2498 17.29 72.00 -30.89
C LEU D 2498 16.89 71.46 -29.52
N LEU D 2499 17.45 72.03 -28.46
CA LEU D 2499 17.16 71.54 -27.13
C LEU D 2499 15.72 71.83 -26.72
N PHE D 2500 15.06 72.77 -27.36
CA PHE D 2500 13.62 72.96 -27.22
C PHE D 2500 12.84 72.00 -28.12
N PHE D 2501 13.51 71.10 -28.83
CA PHE D 2501 12.88 70.16 -29.73
C PHE D 2501 13.08 68.70 -29.36
N PHE D 2502 14.27 68.33 -28.87
CA PHE D 2502 14.55 66.96 -28.47
C PHE D 2502 14.34 66.71 -26.98
N ILE D 2503 14.02 67.75 -26.20
CA ILE D 2503 13.81 67.63 -24.77
C ILE D 2503 12.33 67.67 -24.41
N VAL D 2504 11.54 68.48 -25.11
CA VAL D 2504 10.15 68.74 -24.75
C VAL D 2504 9.19 68.25 -25.83
N ILE D 2505 9.50 68.48 -27.10
CA ILE D 2505 8.55 68.14 -28.16
C ILE D 2505 8.46 66.63 -28.35
N ILE D 2506 9.57 66.02 -28.76
CA ILE D 2506 9.54 64.58 -29.02
C ILE D 2506 9.29 63.80 -27.74
N ILE D 2507 9.74 64.32 -26.60
CA ILE D 2507 9.63 63.60 -25.35
C ILE D 2507 8.36 63.98 -24.60
N VAL D 2508 8.30 65.23 -24.12
CA VAL D 2508 7.40 65.54 -23.01
C VAL D 2508 5.96 65.62 -23.48
N LEU D 2509 5.71 66.31 -24.60
CA LEU D 2509 4.36 66.34 -25.15
C LEU D 2509 3.90 64.94 -25.54
N ASN D 2510 4.84 64.08 -25.93
CA ASN D 2510 4.51 62.71 -26.29
C ASN D 2510 4.62 61.73 -25.12
N LEU D 2511 5.32 62.10 -24.05
CA LEU D 2511 5.22 61.32 -22.81
C LEU D 2511 3.79 61.32 -22.31
N ILE D 2512 3.10 62.44 -22.48
CA ILE D 2512 1.68 62.52 -22.12
C ILE D 2512 0.91 61.45 -22.87
N PHE D 2513 1.23 61.24 -24.13
CA PHE D 2513 0.59 60.20 -24.92
C PHE D 2513 1.15 58.81 -24.64
N GLY D 2514 2.37 58.72 -24.12
CA GLY D 2514 2.94 57.42 -23.85
C GLY D 2514 2.17 56.64 -22.80
N VAL D 2515 1.87 57.29 -21.68
CA VAL D 2515 1.14 56.64 -20.60
C VAL D 2515 -0.25 56.22 -21.05
N ILE D 2516 -0.86 56.98 -21.97
CA ILE D 2516 -2.24 56.72 -22.35
C ILE D 2516 -2.35 55.40 -23.11
N ILE D 2517 -1.29 54.98 -23.80
CA ILE D 2517 -1.24 53.63 -24.35
C ILE D 2517 -1.04 52.62 -23.23
N ASP D 2518 0.06 52.77 -22.50
CA ASP D 2518 0.43 51.82 -21.45
C ASP D 2518 -0.64 51.69 -20.39
N THR D 2519 -1.52 52.69 -20.27
CA THR D 2519 -2.65 52.56 -19.37
C THR D 2519 -3.69 51.60 -19.92
N PHE D 2520 -3.86 51.55 -21.24
CA PHE D 2520 -4.79 50.60 -21.83
C PHE D 2520 -4.35 49.17 -21.52
N ALA D 2521 -3.07 48.87 -21.76
CA ALA D 2521 -2.57 47.53 -21.52
C ALA D 2521 -2.73 47.10 -20.07
N ASP D 2522 -2.74 48.07 -19.15
CA ASP D 2522 -3.02 47.74 -17.76
C ASP D 2522 -4.46 47.26 -17.59
N LEU D 2523 -5.39 47.82 -18.36
CA LEU D 2523 -6.78 47.41 -18.25
C LEU D 2523 -6.97 46.00 -18.78
N ARG D 2524 -6.39 45.69 -19.94
CA ARG D 2524 -6.56 44.37 -20.52
C ARG D 2524 -5.89 43.31 -19.67
N SER D 2525 -4.72 43.62 -19.11
CA SER D 2525 -4.12 42.73 -18.13
C SER D 2525 -4.97 42.63 -16.87
N GLU D 2526 -5.81 43.63 -16.60
CA GLU D 2526 -6.76 43.58 -15.50
C GLU D 2526 -8.12 43.02 -15.94
N LYS D 2527 -8.50 43.21 -17.19
CA LYS D 2527 -9.82 42.82 -17.67
C LYS D 2527 -9.85 41.36 -18.08
N GLN D 2528 -8.88 40.92 -18.88
CA GLN D 2528 -8.78 39.50 -19.21
C GLN D 2528 -8.63 38.67 -17.95
N LYS D 2529 -7.78 39.12 -17.03
CA LYS D 2529 -7.60 38.42 -15.77
C LYS D 2529 -8.89 38.40 -14.95
N LYS D 2530 -9.75 39.40 -15.14
CA LYS D 2530 -11.02 39.44 -14.41
C LYS D 2530 -12.06 38.54 -15.07
N GLU D 2531 -12.19 38.64 -16.39
CA GLU D 2531 -13.20 37.86 -17.10
C GLU D 2531 -12.80 36.40 -17.27
N GLU D 2532 -11.52 36.08 -17.18
CA GLU D 2532 -11.08 34.70 -17.34
C GLU D 2532 -11.42 33.85 -16.11
N ILE D 2533 -11.41 34.44 -14.92
CA ILE D 2533 -11.65 33.65 -13.72
C ILE D 2533 -13.13 33.33 -13.59
N LEU D 2534 -14.01 34.21 -14.06
CA LEU D 2534 -15.44 33.94 -13.94
C LEU D 2534 -15.85 32.72 -14.78
N LYS D 2535 -15.21 32.54 -15.93
CA LYS D 2535 -15.48 31.36 -16.75
C LYS D 2535 -14.73 30.14 -16.23
N THR D 2536 -13.59 30.36 -15.57
CA THR D 2536 -12.74 29.28 -15.08
C THR D 2536 -12.95 29.02 -13.60
N THR D 2537 -12.76 30.05 -12.78
CA THR D 2537 -12.80 29.95 -11.34
C THR D 2537 -14.22 30.11 -10.82
N CYS D 2538 -14.53 29.45 -9.72
CA CYS D 2538 -15.82 29.60 -9.09
C CYS D 2538 -15.87 30.90 -8.31
N PHE D 2539 -17.09 31.40 -8.09
CA PHE D 2539 -17.26 32.61 -7.30
C PHE D 2539 -16.90 32.39 -5.84
N ILE D 2540 -16.86 31.14 -5.36
CA ILE D 2540 -16.69 30.85 -3.94
C ILE D 2540 -15.46 30.00 -3.69
N CYS D 2541 -15.45 28.78 -4.24
CA CYS D 2541 -14.45 27.80 -3.84
C CYS D 2541 -13.07 28.08 -4.43
N GLY D 2542 -12.97 28.89 -5.47
CA GLY D 2542 -11.69 29.19 -6.05
C GLY D 2542 -11.09 28.12 -6.93
N LEU D 2543 -11.75 26.97 -7.05
CA LEU D 2543 -11.20 25.88 -7.85
C LEU D 2543 -11.31 26.18 -9.34
N GLU D 2544 -10.40 25.60 -10.10
CA GLU D 2544 -10.36 25.76 -11.54
C GLU D 2544 -11.20 24.67 -12.22
N ARG D 2545 -11.31 24.76 -13.54
CA ARG D 2545 -12.02 23.74 -14.31
C ARG D 2545 -11.20 22.47 -14.51
N ASP D 2546 -9.86 22.56 -14.40
CA ASP D 2546 -9.02 21.42 -14.69
C ASP D 2546 -9.28 20.26 -13.74
N LYS D 2547 -9.71 20.55 -12.52
CA LYS D 2547 -10.05 19.48 -11.57
C LYS D 2547 -11.27 18.73 -12.04
N PHE D 2548 -12.40 19.43 -12.19
CA PHE D 2548 -13.63 18.83 -12.69
C PHE D 2548 -13.50 18.62 -14.20
N ASP D 2549 -12.76 17.57 -14.55
CA ASP D 2549 -12.48 17.18 -15.92
C ASP D 2549 -12.87 15.74 -16.22
N ASN D 2550 -12.71 14.84 -15.25
CA ASN D 2550 -13.03 13.42 -15.42
C ASN D 2550 -14.13 12.92 -14.51
N LYS D 2551 -14.53 13.70 -13.51
CA LYS D 2551 -15.52 13.23 -12.55
C LYS D 2551 -16.93 13.35 -13.14
N THR D 2552 -17.88 12.70 -12.46
CA THR D 2552 -19.24 12.63 -12.97
C THR D 2552 -19.91 14.00 -12.99
N VAL D 2553 -19.57 14.87 -12.05
CA VAL D 2553 -20.17 16.20 -11.99
C VAL D 2553 -19.53 17.10 -13.03
N SER D 2554 -20.35 17.91 -13.68
CA SER D 2554 -19.87 18.92 -14.60
C SER D 2554 -19.59 20.21 -13.84
N PHE D 2555 -18.66 21.00 -14.38
CA PHE D 2555 -18.34 22.29 -13.77
C PHE D 2555 -19.56 23.21 -13.75
N GLU D 2556 -20.42 23.10 -14.76
CA GLU D 2556 -21.63 23.92 -14.77
C GLU D 2556 -22.57 23.53 -13.63
N GLU D 2557 -22.65 22.23 -13.33
CA GLU D 2557 -23.46 21.80 -12.20
C GLU D 2557 -22.90 22.34 -10.89
N HIS D 2558 -21.58 22.48 -10.80
CA HIS D 2558 -20.96 23.01 -9.58
C HIS D 2558 -21.36 24.46 -9.37
N ILE D 2559 -21.32 25.27 -10.44
CA ILE D 2559 -21.72 26.67 -10.34
C ILE D 2559 -23.23 26.79 -10.15
N LYS D 2560 -24.01 25.79 -10.56
CA LYS D 2560 -25.46 25.90 -10.57
C LYS D 2560 -26.11 25.39 -9.29
N LEU D 2561 -25.63 24.28 -8.75
CA LEU D 2561 -26.28 23.60 -7.62
C LEU D 2561 -25.43 23.61 -6.35
N GLU D 2562 -24.21 23.10 -6.40
CA GLU D 2562 -23.47 22.84 -5.17
C GLU D 2562 -22.96 24.13 -4.53
N HIS D 2563 -22.07 24.84 -5.23
CA HIS D 2563 -21.50 26.09 -4.75
C HIS D 2563 -22.04 27.29 -5.51
N ASN D 2564 -23.32 27.25 -5.86
CA ASN D 2564 -23.96 28.41 -6.47
C ASN D 2564 -23.96 29.57 -5.49
N MET D 2565 -23.44 30.71 -5.94
CA MET D 2565 -23.29 31.86 -5.06
C MET D 2565 -24.64 32.32 -4.50
N TRP D 2566 -25.70 32.19 -5.30
CA TRP D 2566 -26.98 32.75 -4.89
C TRP D 2566 -27.64 31.92 -3.81
N ASN D 2567 -27.48 30.59 -3.87
CA ASN D 2567 -28.06 29.74 -2.85
C ASN D 2567 -27.48 30.02 -1.47
N TYR D 2568 -26.24 30.52 -1.41
CA TYR D 2568 -25.70 30.95 -0.13
C TYR D 2568 -26.48 32.13 0.42
N LEU D 2569 -26.86 33.07 -0.45
CA LEU D 2569 -27.52 34.29 0.01
C LEU D 2569 -28.91 34.00 0.56
N TYR D 2570 -29.66 33.12 -0.11
CA TYR D 2570 -30.97 32.74 0.39
C TYR D 2570 -30.89 32.17 1.79
N PHE D 2571 -29.80 31.47 2.11
CA PHE D 2571 -29.63 30.91 3.45
C PHE D 2571 -29.43 32.02 4.48
N ILE D 2572 -28.66 33.04 4.14
CA ILE D 2572 -28.36 34.08 5.11
C ILE D 2572 -29.58 34.95 5.37
N VAL D 2573 -30.48 35.06 4.38
CA VAL D 2573 -31.73 35.77 4.61
C VAL D 2573 -32.64 34.98 5.55
N LEU D 2574 -32.52 33.65 5.54
CA LEU D 2574 -33.35 32.81 6.39
C LEU D 2574 -33.09 33.07 7.87
N VAL D 2575 -31.85 33.43 8.21
CA VAL D 2575 -31.48 33.55 9.61
C VAL D 2575 -32.14 34.78 10.23
N ARG D 2576 -32.03 35.93 9.57
CA ARG D 2576 -32.52 37.17 10.14
C ARG D 2576 -34.04 37.21 10.28
N VAL D 2577 -34.76 36.37 9.53
CA VAL D 2577 -36.21 36.41 9.52
C VAL D 2577 -36.81 35.37 10.47
N LYS D 2578 -36.16 34.21 10.59
CA LYS D 2578 -36.69 33.15 11.43
C LYS D 2578 -36.46 33.43 12.90
N ASN D 2579 -37.36 32.92 13.74
CA ASN D 2579 -37.18 33.00 15.18
C ASN D 2579 -35.89 32.31 15.61
N LYS D 2580 -35.40 32.69 16.79
CA LYS D 2580 -34.15 32.15 17.29
C LYS D 2580 -34.30 30.70 17.75
N THR D 2581 -35.48 30.33 18.25
CA THR D 2581 -35.65 29.00 18.83
C THR D 2581 -35.72 27.92 17.77
N ASP D 2582 -36.27 28.22 16.59
CA ASP D 2582 -36.49 27.23 15.57
C ASP D 2582 -35.28 27.00 14.67
N TYR D 2583 -34.13 27.57 15.00
CA TYR D 2583 -32.92 27.26 14.26
C TYR D 2583 -32.57 25.78 14.42
N THR D 2584 -32.20 25.14 13.33
CA THR D 2584 -31.76 23.75 13.36
C THR D 2584 -30.32 23.72 13.89
N GLY D 2585 -29.70 22.54 13.83
CA GLY D 2585 -28.34 22.38 14.27
C GLY D 2585 -27.37 23.27 13.51
N PRO D 2586 -27.32 23.11 12.19
CA PRO D 2586 -26.46 24.00 11.38
C PRO D 2586 -26.85 25.46 11.49
N GLU D 2587 -28.15 25.77 11.40
CA GLU D 2587 -28.60 27.16 11.41
C GLU D 2587 -28.21 27.86 12.71
N SER D 2588 -28.32 27.15 13.84
CA SER D 2588 -27.91 27.75 15.11
C SER D 2588 -26.42 28.02 15.15
N TYR D 2589 -25.63 27.27 14.39
CA TYR D 2589 -24.18 27.49 14.39
C TYR D 2589 -23.80 28.72 13.57
N VAL D 2590 -24.48 28.93 12.45
CA VAL D 2590 -24.08 30.00 11.53
C VAL D 2590 -24.31 31.36 12.16
N ALA D 2591 -25.42 31.54 12.87
CA ALA D 2591 -25.73 32.82 13.47
C ALA D 2591 -24.69 33.20 14.53
N GLN D 2592 -24.13 32.21 15.22
CA GLN D 2592 -23.03 32.50 16.14
C GLN D 2592 -21.81 32.99 15.38
N MET D 2593 -21.65 32.58 14.13
CA MET D 2593 -20.50 32.96 13.33
C MET D 2593 -20.70 34.28 12.60
N ILE D 2594 -21.95 34.73 12.44
CA ILE D 2594 -22.20 35.99 11.75
C ILE D 2594 -21.87 37.17 12.67
N LYS D 2595 -22.46 37.19 13.87
CA LYS D 2595 -22.26 38.32 14.77
C LYS D 2595 -20.81 38.45 15.20
N ASN D 2596 -20.09 37.34 15.29
CA ASN D 2596 -18.66 37.38 15.56
C ASN D 2596 -17.85 37.84 14.35
N LYS D 2597 -18.48 37.97 13.18
CA LYS D 2597 -17.83 38.46 11.97
C LYS D 2597 -16.64 37.58 11.59
N ASN D 2598 -16.97 36.32 11.26
CA ASN D 2598 -16.01 35.36 10.76
C ASN D 2598 -16.61 34.66 9.54
N LEU D 2599 -15.73 34.25 8.63
CA LEU D 2599 -16.14 33.67 7.35
C LEU D 2599 -15.47 32.33 7.10
N ASP D 2600 -15.09 31.61 8.16
CA ASP D 2600 -14.48 30.30 7.99
C ASP D 2600 -15.50 29.23 7.62
N TRP D 2601 -16.80 29.53 7.71
CA TRP D 2601 -17.82 28.51 7.44
C TRP D 2601 -18.14 28.37 5.96
N PHE D 2602 -17.77 29.35 5.14
CA PHE D 2602 -17.81 29.13 3.70
C PHE D 2602 -16.69 28.16 3.31
N PRO D 2603 -16.90 27.31 2.32
CA PRO D 2603 -15.82 26.42 1.90
C PRO D 2603 -14.71 27.20 1.23
N ARG D 2604 -13.55 26.55 1.10
CA ARG D 2604 -12.38 27.18 0.50
C ARG D 2604 -11.49 26.07 -0.05
N MET D 2605 -11.51 25.90 -1.37
CA MET D 2605 -10.68 24.92 -2.05
C MET D 2605 -11.00 23.50 -1.59
N ARG D 2606 -12.29 23.19 -1.46
CA ARG D 2606 -12.73 21.83 -1.19
C ARG D 2606 -14.18 21.70 -1.63
N ALA D 2607 -14.64 20.46 -1.69
CA ALA D 2607 -16.01 20.15 -2.07
C ALA D 2607 -16.26 18.67 -1.82
N MET D 2608 -17.50 18.24 -2.05
CA MET D 2608 -17.90 16.86 -1.83
C MET D 2608 -17.73 15.97 -3.04
N SER D 2609 -17.65 16.54 -4.25
CA SER D 2609 -17.61 15.73 -5.45
C SER D 2609 -16.27 15.02 -5.66
N LEU D 2610 -15.22 15.45 -4.97
CA LEU D 2610 -13.90 14.85 -5.13
C LEU D 2610 -13.64 13.76 -4.08
N VAL D 2611 -13.70 14.12 -2.81
CA VAL D 2611 -13.33 13.28 -1.66
C VAL D 2611 -12.10 12.41 -1.93
ZN ZN E . 8.56 30.48 4.12
C1 I3P F . 62.48 -3.00 48.81
C2 I3P F . 61.19 -2.79 49.61
C3 I3P F . 60.81 -4.01 50.46
C4 I3P F . 60.60 -5.28 49.61
C5 I3P F . 61.56 -5.35 48.41
C6 I3P F . 62.81 -4.49 48.59
O1 I3P F . 63.55 -2.39 49.50
O2 I3P F . 61.36 -1.68 50.46
O3 I3P F . 61.83 -4.25 51.40
O4 I3P F . 59.29 -5.29 49.14
O5 I3P F . 61.96 -6.68 48.24
O6 I3P F . 63.61 -4.60 47.44
P1 I3P F . 64.21 -1.03 48.88
O11 I3P F . 65.49 -0.70 49.62
O12 I3P F . 64.51 -1.24 47.41
O13 I3P F . 63.24 0.12 49.03
P4 I3P F . 58.47 -6.72 49.13
O41 I3P F . 58.12 -7.11 50.55
O42 I3P F . 59.33 -7.79 48.51
O43 I3P F . 57.19 -6.57 48.33
P5 I3P F . 62.16 -7.26 46.72
O51 I3P F . 63.27 -8.28 46.70
O52 I3P F . 60.88 -7.91 46.24
O53 I3P F . 62.51 -6.12 45.78
H1 I3P F . 62.38 -2.57 47.94
H2 I3P F . 60.46 -2.61 48.99
H3 I3P F . 59.98 -3.82 50.93
H4 I3P F . 60.76 -6.06 50.17
H5 I3P F . 61.08 -5.06 47.62
H6 I3P F . 63.31 -4.81 49.36
HO2 I3P F . 60.60 -1.30 50.59
HO3 I3P F . 61.49 -4.27 52.18
HO6 I3P F . 64.43 -4.67 47.67
CA CA G . 28.62 26.86 27.19
CA CA H . 84.63 14.48 65.90
ZN ZN I . 19.26 17.77 -18.45
C1 I3P J . 40.59 -52.48 -43.68
C2 I3P J . 41.39 -52.10 -42.42
C3 I3P J . 41.51 -53.26 -41.42
C4 I3P J . 40.14 -53.76 -40.95
C5 I3P J . 39.07 -53.69 -42.04
C6 I3P J . 39.65 -53.67 -43.44
O1 I3P J . 41.48 -52.80 -44.72
O2 I3P J . 42.69 -51.72 -42.83
O3 I3P J . 42.20 -54.32 -42.03
O4 I3P J . 39.73 -52.96 -39.86
O5 I3P J . 38.23 -54.83 -41.91
O6 I3P J . 38.59 -53.59 -44.38
P1 I3P J . 41.63 -51.77 -45.98
O11 I3P J . 42.42 -52.42 -47.09
O12 I3P J . 40.26 -51.40 -46.49
O13 I3P J . 42.34 -50.51 -45.53
P4 I3P J . 39.01 -53.69 -38.57
O41 I3P J . 40.04 -54.48 -37.80
O42 I3P J . 37.93 -54.62 -39.05
O43 I3P J . 38.40 -52.64 -37.67
P5 I3P J . 36.62 -54.66 -42.21
O51 I3P J . 36.09 -55.94 -42.80
O52 I3P J . 35.91 -54.37 -40.91
O53 I3P J . 36.40 -53.52 -43.16
H1 I3P J . 40.06 -51.71 -43.95
H2 I3P J . 40.96 -51.35 -41.99
H3 I3P J . 42.02 -52.96 -40.66
H4 I3P J . 40.22 -54.68 -40.64
H5 I3P J . 38.53 -52.89 -41.90
H6 I3P J . 40.14 -54.49 -43.60
HO2 I3P J . 42.99 -51.15 -42.28
HO3 I3P J . 42.85 -54.55 -41.55
HO6 I3P J . 38.75 -54.11 -45.03
CA CA K . 37.22 -4.49 -29.86
CA CA L . 64.01 -56.71 -66.52
ZN ZN M . -6.80 13.56 -28.07
C1 I3P N . -63.89 -38.99 -25.90
C2 I3P N . -62.62 -39.62 -26.46
C3 I3P N . -62.34 -41.01 -25.90
C4 I3P N . -62.17 -41.00 -24.37
C5 I3P N . -63.09 -39.98 -23.68
C6 I3P N . -64.30 -39.59 -24.55
O1 I3P N . -64.94 -39.17 -26.81
O2 I3P N . -62.76 -39.73 -27.87
O3 I3P N . -63.40 -41.88 -26.25
O4 I3P N . -60.84 -40.68 -24.06
O5 I3P N . -63.56 -40.54 -22.49
O6 I3P N . -65.07 -38.64 -23.84
P1 I3P N . -65.51 -37.87 -27.64
O11 I3P N . -66.80 -38.24 -28.34
O12 I3P N . -65.79 -36.74 -26.67
O13 I3P N . -64.49 -37.43 -28.65
P4 I3P N . -60.11 -41.51 -22.84
O41 I3P N . -59.82 -42.92 -23.28
O42 I3P N . -61.00 -41.53 -21.63
O43 I3P N . -58.80 -40.83 -22.49
P5 I3P N . -63.75 -39.56 -21.18
O51 I3P N . -64.91 -40.03 -20.34
O52 I3P N . -62.49 -39.60 -20.34
O53 I3P N . -64.00 -38.14 -21.64
H1 I3P N . -63.74 -38.03 -25.78
H2 I3P N . -61.86 -39.04 -26.27
H3 I3P N . -61.52 -41.36 -26.30
H4 I3P N . -62.39 -41.88 -24.03
H5 I3P N . -62.57 -39.18 -23.49
H6 I3P N . -64.84 -40.38 -24.70
HO2 I3P N . -61.99 -39.67 -28.24
HO3 I3P N . -63.08 -42.56 -26.64
HO6 I3P N . -65.89 -38.82 -23.93
CA CA O . -27.76 -6.59 -38.18
CA CA P . -85.60 -42.54 -50.48
ZN ZN Q . -17.26 26.18 -5.37
C1 I3P R . -42.41 10.66 66.42
C2 I3P R . -43.21 9.85 65.39
C3 I3P R . -43.42 8.39 65.83
C4 I3P R . -42.10 7.65 66.03
C5 I3P R . -41.00 8.54 66.62
C6 I3P R . -41.55 9.77 67.34
O1 I3P R . -43.30 11.40 67.21
O2 I3P R . -44.47 10.46 65.23
O3 I3P R . -44.16 8.36 67.02
O4 I3P R . -41.65 7.14 64.80
O5 I3P R . -40.24 7.79 67.54
O6 I3P R . -40.48 10.54 67.82
P1 I3P R . -43.36 13.04 67.02
O11 I3P R . -44.17 13.64 68.14
O12 I3P R . -41.96 13.59 67.04
O13 I3P R . -44.00 13.37 65.69
P4 I3P R . -41.02 5.63 64.73
O41 I3P R . -42.11 4.61 64.94
O42 I3P R . -39.98 5.48 65.83
O43 I3P R . -40.37 5.41 63.40
P5 I3P R . -38.62 8.04 67.63
O51 I3P R . -38.16 7.83 69.04
O52 I3P R . -37.92 7.06 66.71
O53 I3P R . -38.31 9.45 67.20
H1 I3P R . -41.83 11.27 65.95
H2 I3P R . -42.74 9.86 64.55
H3 I3P R . -43.93 7.93 65.13
H4 I3P R . -42.25 6.90 66.64
H5 I3P R . -40.42 8.83 65.89
H6 I3P R . -42.09 9.48 68.08
HO2 I3P R . -44.74 10.33 64.44
HO3 I3P R . -44.78 7.78 66.96
HO6 I3P R . -40.64 10.80 68.61
CA CA S . -36.34 24.70 18.76
CA CA T . -65.58 28.77 81.35
#